data_5W7G
#
_entry.id   5W7G
#
loop_
_entity.id
_entity.type
_entity.pdbx_description
1 polymer ORF140
2 polymer ORF132
3 polymer 'DNA (253-MER)'
#
loop_
_entity_poly.entity_id
_entity_poly.type
_entity_poly.pdbx_seq_one_letter_code
_entity_poly.pdbx_strand_id
1 'polypeptide(L)'
;MAKLNRKLRQDSTDRYKTKLYLWRNLGGLIPEDMAISVTESITADWKQYNDMMSKVRNETLDILKTNKVATEDYIGYIAF
AEELAHQVWKNKNSSPDPNTANEASKTDLESKYSDVYGLDVTVLDAIYNAVIPIIMGGGS
;
A,C,E,G,I,K,M,O,Q,S,U,W,Y,a,c,e,g,i,k,m,o
2 'polypeptide(L)'
;MVNKKYRQDSKDRYQYKQYIYRSIGGIVPPEMAETVTANQTAQWEAGFTPYHKLRLAIKEICKTDGIPNIKWGMYIAFGE
KLLKSYLKMKAGSASSDMIAEYINNAISAFSSRTGISQETAQKIADFITSNY
;
B,D,F,H,J,L,N,P,R,T,V,X,Z,b,d,f,h,j,l,n,p
3 'polydeoxyribonucleotide'
;(DA)(DT)(DA)(DT)(DA)(DT)(DA)(DT)(DA)(DT)(DA)(DT)(DA)(DT)(DA)(DT)(DA)(DT)(DA)(DT)
(DA)(DT)(DA)(DT)(DA)(DT)(DA)(DT)(DA)(DT)(DA)(DT)(DA)(DT)(DA)(DT)(DA)(DT)(DA)(DT)
(DA)(DT)(DA)(DT)(DA)(DT)(DA)(DT)(DA)(DT)(DA)(DT)(DA)(DT)(DA)(DT)(DA)(DT)(DA)(DT)
(DA)(DT)(DA)(DT)(DA)(DT)(DA)(DT)(DA)(DT)(DA)(DT)(DA)(DT)(DA)(DT)(DA)(DT)(DA)(DT)
(DA)(DT)(DA)(DT)(DA)(DT)(DA)(DT)(DA)(DT)(DA)(DT)(DA)(DT)(DA)(DT)(DA)(DT)(DA)(DT)
(DA)(DT)(DA)(DT)(DA)(DT)(DA)(DT)(DA)(DT)(DA)(DT)(DA)(DT)(DA)(DT)(DA)(DT)(DA)(DT)
(DA)(DT)(DA)(DT)(DA)(DT)(DA)(DT)(DA)(DT)(DA)(DT)(DA)(DT)(DA)(DT)(DA)(DT)(DA)(DT)
(DA)(DT)(DA)(DT)(DA)(DT)(DA)(DT)(DA)(DT)(DA)(DT)(DA)(DT)(DA)(DT)(DA)(DT)(DA)(DT)
(DA)(DT)(DA)(DT)(DA)(DT)(DA)(DT)(DA)(DT)(DA)(DT)(DA)(DT)(DA)(DT)(DA)(DT)(DA)(DT)
(DA)(DT)(DA)(DT)(DA)(DT)(DA)(DT)(DA)(DT)(DA)(DT)(DA)(DT)(DA)(DT)(DA)(DT)(DA)(DT)
(DA)(DT)(DA)(DT)(DA)(DT)(DA)(DT)(DA)(DT)(DA)(DT)(DA)(DT)(DA)(DT)(DA)(DT)(DA)(DT)
(DA)(DT)(DA)(DT)(DA)(DT)(DA)(DT)(DA)(DT)(DA)(DT)(DA)(DT)(DA)(DT)(DA)(DT)(DA)(DT)
(DA)(DT)(DA)(DT)(DA)(DT)(DA)(DT)(DA)(DT)(DA)(DT)
;
q,r
#
loop_
_chem_comp.id
_chem_comp.type
_chem_comp.name
_chem_comp.formula
DA DNA linking 2'-DEOXYADENOSINE-5'-MONOPHOSPHATE 'C10 H14 N5 O6 P'
DT DNA linking THYMIDINE-5'-MONOPHOSPHATE 'C10 H15 N2 O8 P'
#
# COMPACT_ATOMS: atom_id res chain seq x y z
N ARG A 6 -28.47 -6.74 33.51
CA ARG A 6 -27.37 -7.34 32.74
C ARG A 6 -26.11 -7.50 33.58
N LYS A 7 -25.50 -6.38 33.92
CA LYS A 7 -24.19 -6.38 34.59
C LYS A 7 -24.17 -7.24 35.85
N LEU A 8 -25.28 -7.31 36.58
CA LEU A 8 -25.29 -8.01 37.86
C LEU A 8 -25.38 -9.53 37.71
N ARG A 9 -25.53 -10.02 36.48
CA ARG A 9 -25.53 -11.47 36.29
C ARG A 9 -24.48 -11.85 35.25
N GLN A 10 -24.16 -10.92 34.36
CA GLN A 10 -23.26 -11.17 33.25
C GLN A 10 -21.79 -10.90 33.59
N ASP A 11 -21.52 -9.82 34.31
CA ASP A 11 -20.13 -9.38 34.52
C ASP A 11 -19.41 -10.31 35.44
N SER A 12 -20.16 -11.14 36.13
CA SER A 12 -19.63 -12.11 37.06
C SER A 12 -18.63 -13.02 36.37
N THR A 13 -18.77 -13.15 35.06
CA THR A 13 -17.88 -13.99 34.29
C THR A 13 -16.45 -13.49 34.42
N ASP A 14 -16.28 -12.17 34.33
CA ASP A 14 -14.95 -11.57 34.29
C ASP A 14 -14.39 -11.40 35.68
N ARG A 15 -15.27 -11.17 36.63
CA ARG A 15 -14.82 -11.00 38.01
C ARG A 15 -14.36 -12.34 38.56
N TYR A 16 -15.14 -13.37 38.29
CA TYR A 16 -14.76 -14.72 38.67
C TYR A 16 -13.46 -15.07 37.95
N LYS A 17 -13.41 -14.80 36.64
CA LYS A 17 -12.21 -15.02 35.84
C LYS A 17 -11.00 -14.37 36.48
N THR A 18 -11.16 -13.11 36.89
CA THR A 18 -10.07 -12.36 37.49
C THR A 18 -9.39 -13.17 38.57
N LYS A 19 -10.16 -13.66 39.54
CA LYS A 19 -9.53 -14.41 40.62
C LYS A 19 -8.99 -15.73 40.18
N LEU A 20 -9.73 -16.45 39.38
CA LEU A 20 -9.32 -17.79 39.09
C LEU A 20 -7.95 -17.75 38.42
N TYR A 21 -7.75 -16.76 37.56
CA TYR A 21 -6.45 -16.58 36.96
C TYR A 21 -5.41 -16.21 38.00
N LEU A 22 -5.70 -15.21 38.83
CA LEU A 22 -4.74 -14.74 39.80
C LEU A 22 -4.38 -15.83 40.80
N TRP A 23 -5.36 -16.64 41.19
CA TRP A 23 -5.12 -17.70 42.13
C TRP A 23 -3.98 -18.55 41.61
N ARG A 24 -4.08 -18.92 40.35
CA ARG A 24 -3.08 -19.75 39.71
C ARG A 24 -1.80 -18.97 39.40
N ASN A 25 -1.94 -17.71 38.99
CA ASN A 25 -0.81 -16.88 38.60
C ASN A 25 0.19 -16.76 39.74
N LEU A 26 -0.32 -16.71 40.96
CA LEU A 26 0.51 -16.56 42.13
C LEU A 26 1.23 -17.86 42.50
N GLY A 27 0.93 -18.93 41.75
CA GLY A 27 1.57 -20.21 41.94
C GLY A 27 2.76 -20.38 41.00
N GLY A 28 2.99 -19.39 40.13
CA GLY A 28 4.09 -19.45 39.17
C GLY A 28 3.78 -20.37 37.99
N LEU A 29 2.49 -20.61 37.76
CA LEU A 29 2.02 -21.48 36.70
C LEU A 29 2.11 -20.84 35.32
N ILE A 30 1.99 -21.66 34.28
CA ILE A 30 2.09 -21.21 32.89
C ILE A 30 0.87 -20.39 32.45
N PRO A 31 1.06 -19.15 31.97
CA PRO A 31 0.03 -18.24 31.50
C PRO A 31 -1.00 -18.89 30.58
N GLU A 32 -0.53 -19.74 29.67
CA GLU A 32 -1.42 -20.39 28.73
C GLU A 32 -2.28 -21.44 29.40
N ASP A 33 -1.67 -22.30 30.20
CA ASP A 33 -2.44 -23.33 30.90
C ASP A 33 -3.44 -22.69 31.81
N MET A 34 -3.05 -21.60 32.43
CA MET A 34 -3.95 -20.92 33.33
C MET A 34 -5.11 -20.37 32.56
N ALA A 35 -4.83 -19.67 31.48
CA ALA A 35 -5.90 -19.07 30.71
C ALA A 35 -6.90 -20.13 30.30
N ILE A 36 -6.42 -21.32 29.94
CA ILE A 36 -7.28 -22.41 29.56
C ILE A 36 -8.09 -22.95 30.74
N SER A 37 -7.41 -23.23 31.85
CA SER A 37 -8.10 -23.76 33.03
C SER A 37 -9.14 -22.78 33.54
N VAL A 38 -8.80 -21.51 33.51
CA VAL A 38 -9.69 -20.49 33.96
C VAL A 38 -10.90 -20.42 33.04
N THR A 39 -10.66 -20.39 31.74
CA THR A 39 -11.75 -20.33 30.79
C THR A 39 -12.78 -21.41 31.07
N GLU A 40 -12.31 -22.63 31.31
CA GLU A 40 -13.22 -23.71 31.58
C GLU A 40 -13.96 -23.49 32.89
N SER A 41 -13.24 -23.00 33.90
CA SER A 41 -13.82 -22.72 35.21
C SER A 41 -14.89 -21.65 35.16
N ILE A 42 -14.62 -20.55 34.47
CA ILE A 42 -15.56 -19.45 34.43
C ILE A 42 -16.78 -19.85 33.65
N THR A 43 -16.59 -20.70 32.65
CA THR A 43 -17.71 -21.21 31.88
C THR A 43 -18.58 -22.07 32.74
N ALA A 44 -17.98 -23.04 33.43
CA ALA A 44 -18.74 -23.96 34.25
C ALA A 44 -19.46 -23.19 35.33
N ASP A 45 -18.75 -22.27 35.97
CA ASP A 45 -19.33 -21.47 37.02
C ASP A 45 -20.51 -20.67 36.53
N TRP A 46 -20.26 -19.80 35.56
CA TRP A 46 -21.29 -18.90 35.10
C TRP A 46 -22.46 -19.67 34.52
N LYS A 47 -22.17 -20.60 33.63
CA LYS A 47 -23.22 -21.35 32.96
C LYS A 47 -24.09 -22.10 33.93
N GLN A 48 -23.47 -22.95 34.73
CA GLN A 48 -24.24 -23.81 35.59
C GLN A 48 -24.99 -22.99 36.61
N TYR A 49 -24.31 -22.01 37.19
CA TYR A 49 -24.94 -21.23 38.22
C TYR A 49 -26.13 -20.47 37.71
N ASN A 50 -25.92 -19.63 36.71
CA ASN A 50 -27.00 -18.78 36.25
C ASN A 50 -28.12 -19.56 35.64
N ASP A 51 -27.83 -20.65 34.95
CA ASP A 51 -28.90 -21.39 34.33
C ASP A 51 -29.87 -21.93 35.38
N MET A 52 -29.35 -22.69 36.33
CA MET A 52 -30.18 -23.26 37.37
C MET A 52 -30.77 -22.19 38.28
N MET A 53 -29.91 -21.29 38.76
CA MET A 53 -30.33 -20.27 39.68
C MET A 53 -31.34 -19.32 39.08
N SER A 54 -31.12 -18.86 37.85
CA SER A 54 -32.01 -17.87 37.28
C SER A 54 -33.38 -18.43 37.10
N LYS A 55 -33.47 -19.67 36.62
CA LYS A 55 -34.79 -20.23 36.42
C LYS A 55 -35.58 -20.27 37.73
N VAL A 56 -34.94 -20.72 38.80
CA VAL A 56 -35.61 -20.78 40.09
C VAL A 56 -35.84 -19.39 40.65
N ARG A 57 -34.79 -18.58 40.69
CA ARG A 57 -34.85 -17.26 41.25
C ARG A 57 -35.88 -16.40 40.54
N ASN A 58 -35.96 -16.51 39.23
CA ASN A 58 -36.90 -15.71 38.46
C ASN A 58 -38.32 -16.10 38.79
N GLU A 59 -38.60 -17.40 38.77
CA GLU A 59 -39.95 -17.86 39.11
C GLU A 59 -40.24 -17.50 40.54
N THR A 60 -39.24 -17.64 41.39
CA THR A 60 -39.39 -17.37 42.81
C THR A 60 -39.69 -15.91 43.04
N LEU A 61 -38.93 -15.05 42.39
CA LEU A 61 -39.09 -13.62 42.56
C LEU A 61 -40.47 -13.17 42.07
N ASP A 62 -40.89 -13.65 40.90
CA ASP A 62 -42.16 -13.24 40.33
C ASP A 62 -43.35 -13.73 41.15
N ILE A 63 -43.29 -14.97 41.63
CA ILE A 63 -44.36 -15.53 42.43
C ILE A 63 -44.48 -14.83 43.76
N LEU A 64 -43.35 -14.65 44.43
CA LEU A 64 -43.36 -14.00 45.71
C LEU A 64 -43.84 -12.56 45.59
N LYS A 65 -43.43 -11.87 44.54
CA LYS A 65 -43.87 -10.51 44.33
C LYS A 65 -45.37 -10.47 44.09
N THR A 66 -45.87 -11.43 43.30
CA THR A 66 -47.29 -11.54 43.02
C THR A 66 -48.08 -11.72 44.32
N ASN A 67 -47.52 -12.50 45.23
CA ASN A 67 -48.17 -12.83 46.48
C ASN A 67 -47.93 -11.80 47.59
N LYS A 68 -47.38 -10.64 47.22
CA LYS A 68 -47.17 -9.52 48.14
C LYS A 68 -46.16 -9.84 49.23
N VAL A 69 -45.11 -10.53 48.86
CA VAL A 69 -44.00 -10.85 49.74
C VAL A 69 -43.05 -9.65 49.83
N ALA A 70 -42.68 -9.26 51.07
CA ALA A 70 -41.81 -8.10 51.27
C ALA A 70 -40.40 -8.46 50.87
N THR A 71 -39.60 -7.47 50.51
CA THR A 71 -38.26 -7.78 50.00
C THR A 71 -37.39 -8.52 51.01
N GLU A 72 -37.63 -8.25 52.29
CA GLU A 72 -36.90 -8.93 53.36
C GLU A 72 -37.35 -10.37 53.55
N ASP A 73 -38.43 -10.75 52.90
CA ASP A 73 -38.95 -12.09 53.03
C ASP A 73 -38.39 -13.03 51.95
N TYR A 74 -38.00 -12.46 50.83
CA TYR A 74 -37.58 -13.27 49.68
C TYR A 74 -36.44 -14.22 50.06
N ILE A 75 -35.49 -13.75 50.87
CA ILE A 75 -34.40 -14.64 51.30
C ILE A 75 -34.87 -15.99 51.76
N GLY A 76 -35.91 -16.04 52.56
CA GLY A 76 -36.32 -17.32 53.09
C GLY A 76 -36.79 -18.17 51.97
N TYR A 77 -37.62 -17.58 51.13
CA TYR A 77 -38.27 -18.32 50.07
C TYR A 77 -37.30 -18.66 48.96
N ILE A 78 -36.30 -17.81 48.77
CA ILE A 78 -35.27 -18.07 47.78
C ILE A 78 -34.31 -19.14 48.27
N ALA A 79 -33.85 -19.02 49.52
CA ALA A 79 -32.97 -20.02 50.07
C ALA A 79 -33.66 -21.38 50.00
N PHE A 80 -34.95 -21.41 50.33
CA PHE A 80 -35.73 -22.61 50.13
C PHE A 80 -35.90 -22.90 48.66
N ALA A 81 -36.14 -21.88 47.85
CA ALA A 81 -36.40 -22.12 46.46
C ALA A 81 -35.33 -22.98 45.84
N GLU A 82 -34.08 -22.64 46.10
CA GLU A 82 -33.00 -23.39 45.53
C GLU A 82 -32.85 -24.72 46.22
N GLU A 83 -32.81 -24.72 47.55
CA GLU A 83 -32.67 -25.98 48.27
C GLU A 83 -33.69 -27.00 47.79
N LEU A 84 -34.94 -26.56 47.71
CA LEU A 84 -36.04 -27.40 47.29
C LEU A 84 -35.86 -27.83 45.86
N ALA A 85 -35.51 -26.88 45.01
CA ALA A 85 -35.34 -27.16 43.59
C ALA A 85 -34.27 -28.22 43.38
N HIS A 86 -33.23 -28.19 44.22
CA HIS A 86 -32.18 -29.16 44.13
C HIS A 86 -32.67 -30.53 44.55
N GLN A 87 -33.45 -30.57 45.63
CA GLN A 87 -34.04 -31.82 46.07
C GLN A 87 -34.97 -32.38 44.98
N VAL A 88 -35.62 -31.49 44.23
CA VAL A 88 -36.46 -31.94 43.12
C VAL A 88 -35.63 -32.70 42.11
N TRP A 89 -34.48 -32.15 41.72
CA TRP A 89 -33.59 -32.86 40.81
C TRP A 89 -33.15 -34.17 41.41
N LYS A 90 -32.73 -34.11 42.66
CA LYS A 90 -32.22 -35.27 43.34
C LYS A 90 -33.17 -36.42 43.18
N ASN A 91 -34.46 -36.14 43.37
CA ASN A 91 -35.48 -37.15 43.24
C ASN A 91 -35.73 -37.54 41.80
N LYS A 92 -35.81 -36.57 40.90
CA LYS A 92 -36.02 -36.90 39.49
C LYS A 92 -34.92 -37.83 38.99
N ASN A 93 -33.71 -37.63 39.52
CA ASN A 93 -32.57 -38.46 39.18
C ASN A 93 -32.53 -39.81 39.92
N SER A 94 -32.71 -39.78 41.24
CA SER A 94 -32.47 -40.97 42.07
C SER A 94 -33.69 -41.79 42.50
N SER A 95 -34.88 -41.20 42.49
CA SER A 95 -36.02 -41.88 43.10
C SER A 95 -37.15 -42.12 42.07
N PRO A 96 -38.06 -43.07 42.36
CA PRO A 96 -39.31 -43.32 41.68
C PRO A 96 -40.20 -42.08 41.68
N ASP A 97 -40.98 -41.90 40.62
CA ASP A 97 -41.87 -40.75 40.53
C ASP A 97 -42.70 -40.53 41.82
N PRO A 98 -43.34 -41.59 42.41
CA PRO A 98 -44.08 -41.53 43.66
C PRO A 98 -43.26 -40.95 44.81
N ASN A 99 -41.94 -41.14 44.77
CA ASN A 99 -41.09 -40.63 45.82
C ASN A 99 -40.76 -39.18 45.56
N THR A 100 -40.71 -38.79 44.30
CA THR A 100 -40.47 -37.41 43.95
C THR A 100 -41.65 -36.59 44.46
N ALA A 101 -42.85 -37.08 44.19
CA ALA A 101 -44.05 -36.41 44.64
C ALA A 101 -44.13 -36.41 46.17
N ASN A 102 -43.84 -37.55 46.78
CA ASN A 102 -43.89 -37.65 48.23
C ASN A 102 -42.89 -36.72 48.87
N GLU A 103 -41.65 -36.78 48.41
CA GLU A 103 -40.61 -35.97 48.98
C GLU A 103 -40.95 -34.51 48.87
N ALA A 104 -41.48 -34.09 47.72
CA ALA A 104 -41.81 -32.68 47.57
C ALA A 104 -42.76 -32.23 48.68
N SER A 105 -43.79 -33.04 48.95
CA SER A 105 -44.76 -32.73 50.00
C SER A 105 -44.15 -32.83 51.39
N LYS A 106 -43.34 -33.86 51.61
CA LYS A 106 -42.73 -34.07 52.91
C LYS A 106 -41.71 -32.98 53.21
N THR A 107 -41.03 -32.50 52.18
CA THR A 107 -40.08 -31.42 52.34
C THR A 107 -40.80 -30.14 52.65
N ASP A 108 -41.89 -29.86 51.96
CA ASP A 108 -42.68 -28.69 52.32
C ASP A 108 -42.97 -28.74 53.80
N LEU A 109 -43.35 -29.92 54.30
CA LEU A 109 -43.55 -30.08 55.73
C LEU A 109 -42.27 -29.78 56.50
N GLU A 110 -41.16 -30.40 56.08
CA GLU A 110 -39.86 -30.19 56.74
C GLU A 110 -39.55 -28.73 56.89
N SER A 111 -39.79 -27.98 55.83
CA SER A 111 -39.47 -26.57 55.77
C SER A 111 -40.11 -25.78 56.90
N LYS A 112 -41.11 -26.38 57.56
CA LYS A 112 -41.79 -25.78 58.69
C LYS A 112 -40.82 -25.50 59.84
N TYR A 113 -39.64 -26.15 59.80
CA TYR A 113 -38.62 -25.88 60.80
C TYR A 113 -38.30 -24.39 60.84
N SER A 114 -38.53 -23.72 59.70
CA SER A 114 -38.30 -22.30 59.59
C SER A 114 -39.61 -21.55 59.59
N ASP A 115 -39.59 -20.39 60.20
CA ASP A 115 -40.73 -19.48 60.24
C ASP A 115 -41.19 -19.03 58.86
N VAL A 116 -40.31 -19.22 57.90
CA VAL A 116 -40.53 -18.87 56.53
C VAL A 116 -41.63 -19.68 55.88
N TYR A 117 -41.65 -20.97 56.16
CA TYR A 117 -42.53 -21.87 55.45
C TYR A 117 -44.00 -21.52 55.53
N GLY A 118 -44.66 -21.59 54.38
CA GLY A 118 -46.08 -21.36 54.27
C GLY A 118 -46.53 -21.61 52.84
N LEU A 119 -47.75 -21.18 52.50
CA LEU A 119 -48.31 -21.39 51.17
C LEU A 119 -47.31 -21.04 50.08
N ASP A 120 -46.59 -19.94 50.27
CA ASP A 120 -45.64 -19.49 49.27
C ASP A 120 -44.68 -20.61 48.88
N VAL A 121 -44.25 -21.40 49.85
CA VAL A 121 -43.30 -22.47 49.58
C VAL A 121 -43.96 -23.58 48.79
N THR A 122 -45.16 -23.97 49.20
CA THR A 122 -45.84 -25.07 48.54
C THR A 122 -46.13 -24.72 47.07
N VAL A 123 -46.47 -23.46 46.83
CA VAL A 123 -46.71 -23.00 45.46
C VAL A 123 -45.42 -23.07 44.66
N LEU A 124 -44.36 -22.54 45.23
CA LEU A 124 -43.09 -22.49 44.55
C LEU A 124 -42.57 -23.86 44.17
N ASP A 125 -42.66 -24.82 45.09
CA ASP A 125 -42.11 -26.13 44.79
C ASP A 125 -42.90 -26.80 43.67
N ALA A 126 -44.22 -26.66 43.70
CA ALA A 126 -45.03 -27.24 42.65
C ALA A 126 -44.57 -26.74 41.29
N ILE A 127 -44.22 -25.46 41.23
CA ILE A 127 -43.72 -24.87 40.00
C ILE A 127 -42.40 -25.48 39.61
N TYR A 128 -41.46 -25.59 40.55
CA TYR A 128 -40.14 -26.12 40.23
C TYR A 128 -40.26 -27.53 39.66
N ASN A 129 -41.10 -28.35 40.29
CA ASN A 129 -41.26 -29.73 39.86
C ASN A 129 -41.78 -29.80 38.44
N ALA A 130 -42.79 -28.97 38.16
CA ALA A 130 -43.42 -28.97 36.85
C ALA A 130 -42.63 -28.21 35.78
N VAL A 131 -41.81 -27.24 36.18
CA VAL A 131 -41.24 -26.32 35.21
C VAL A 131 -39.72 -26.41 34.98
N ILE A 132 -38.93 -26.52 36.04
CA ILE A 132 -37.51 -26.22 35.90
C ILE A 132 -36.59 -27.45 35.88
N PRO A 133 -35.76 -27.61 34.83
CA PRO A 133 -34.77 -28.66 34.65
C PRO A 133 -33.52 -28.37 35.49
N ILE A 134 -33.67 -28.52 36.80
CA ILE A 134 -32.64 -28.14 37.78
C ILE A 134 -31.35 -28.92 37.64
N ILE A 135 -30.23 -28.20 37.71
CA ILE A 135 -28.90 -28.78 37.68
C ILE A 135 -28.45 -29.18 39.08
N MET A 136 -27.96 -30.40 39.21
CA MET A 136 -27.43 -30.90 40.48
C MET A 136 -26.69 -32.21 40.28
N ARG B 7 -3.18 -42.10 59.00
CA ARG B 7 -3.10 -41.00 58.04
C ARG B 7 -3.90 -39.76 58.49
N GLN B 8 -5.18 -39.96 58.81
CA GLN B 8 -6.07 -38.86 59.18
C GLN B 8 -5.77 -38.32 60.57
N ASP B 9 -4.83 -38.95 61.24
CA ASP B 9 -4.44 -38.55 62.57
C ASP B 9 -3.58 -37.30 62.56
N SER B 10 -2.91 -37.01 61.45
CA SER B 10 -2.08 -35.82 61.39
C SER B 10 -1.92 -35.22 60.01
N LYS B 11 -2.07 -36.03 58.97
CA LYS B 11 -1.72 -35.56 57.63
C LYS B 11 -2.61 -34.37 57.21
N ASP B 12 -3.77 -34.27 57.82
CA ASP B 12 -4.73 -33.26 57.39
C ASP B 12 -4.24 -31.87 57.68
N ARG B 13 -3.93 -31.60 58.93
CA ARG B 13 -3.47 -30.27 59.31
C ARG B 13 -2.16 -29.92 58.64
N TYR B 14 -1.29 -30.91 58.45
CA TYR B 14 -0.01 -30.64 57.84
C TYR B 14 -0.15 -30.15 56.41
N GLN B 15 -0.93 -30.86 55.62
CA GLN B 15 -1.06 -30.48 54.24
C GLN B 15 -2.08 -29.41 54.02
N TYR B 16 -3.14 -29.43 54.79
CA TYR B 16 -4.14 -28.40 54.61
C TYR B 16 -3.46 -27.04 54.72
N LYS B 17 -2.57 -26.88 55.71
CA LYS B 17 -1.82 -25.64 55.80
C LYS B 17 -1.09 -25.36 54.48
N GLN B 18 -0.45 -26.38 53.92
CA GLN B 18 0.25 -26.21 52.64
C GLN B 18 -0.69 -25.73 51.56
N TYR B 19 -1.90 -26.26 51.54
CA TYR B 19 -2.88 -25.80 50.56
C TYR B 19 -3.09 -24.33 50.61
N ILE B 20 -3.39 -23.82 51.80
CA ILE B 20 -3.68 -22.43 51.92
C ILE B 20 -2.50 -21.59 51.50
N TYR B 21 -1.32 -21.99 51.92
CA TYR B 21 -0.14 -21.24 51.54
C TYR B 21 -0.13 -21.03 50.04
N ARG B 22 -0.41 -22.09 49.29
CA ARG B 22 -0.49 -22.01 47.84
C ARG B 22 -1.57 -21.02 47.39
N SER B 23 -2.76 -21.09 48.00
CA SER B 23 -3.86 -20.19 47.65
C SER B 23 -3.54 -18.74 47.93
N ILE B 24 -2.84 -18.49 49.03
CA ILE B 24 -2.48 -17.14 49.40
C ILE B 24 -1.61 -16.52 48.32
N GLY B 25 -0.63 -17.28 47.86
CA GLY B 25 0.20 -16.86 46.74
C GLY B 25 1.59 -16.45 47.19
N GLY B 26 2.55 -16.56 46.26
CA GLY B 26 3.95 -16.28 46.57
C GLY B 26 4.25 -14.78 46.65
N ILE B 27 3.24 -13.97 46.36
CA ILE B 27 3.39 -12.52 46.39
C ILE B 27 3.16 -11.97 47.78
N VAL B 28 2.59 -12.79 48.66
CA VAL B 28 2.26 -12.33 50.00
C VAL B 28 3.39 -12.66 50.98
N PRO B 29 3.93 -11.65 51.68
CA PRO B 29 5.00 -11.78 52.66
C PRO B 29 4.64 -12.88 53.68
N PRO B 30 5.66 -13.64 54.13
CA PRO B 30 5.51 -14.82 54.99
C PRO B 30 4.86 -14.52 56.33
N GLU B 31 4.97 -13.29 56.82
CA GLU B 31 4.34 -12.89 58.07
C GLU B 31 2.83 -12.89 57.93
N MET B 32 2.37 -12.88 56.69
CA MET B 32 0.96 -12.99 56.40
C MET B 32 0.65 -14.36 55.85
N ALA B 33 1.51 -14.85 54.98
CA ALA B 33 1.21 -16.12 54.32
C ALA B 33 1.06 -17.25 55.33
N GLU B 34 2.04 -17.40 56.22
CA GLU B 34 2.00 -18.50 57.17
C GLU B 34 1.03 -18.25 58.31
N THR B 35 0.97 -17.02 58.77
CA THR B 35 0.15 -16.71 59.93
C THR B 35 -1.33 -16.86 59.61
N VAL B 36 -1.70 -16.47 58.40
CA VAL B 36 -3.06 -16.65 57.94
C VAL B 36 -3.34 -18.12 57.74
N THR B 37 -2.41 -18.82 57.12
CA THR B 37 -2.52 -20.24 56.89
C THR B 37 -2.79 -20.99 58.17
N ALA B 38 -1.96 -20.75 59.17
CA ALA B 38 -2.08 -21.46 60.43
C ALA B 38 -3.43 -21.21 61.06
N ASN B 39 -3.90 -19.96 60.99
CA ASN B 39 -5.18 -19.62 61.59
C ASN B 39 -6.33 -20.31 60.91
N GLN B 40 -6.35 -20.26 59.59
CA GLN B 40 -7.41 -20.86 58.82
C GLN B 40 -7.44 -22.36 59.04
N THR B 41 -6.27 -22.97 59.15
CA THR B 41 -6.18 -24.40 59.40
C THR B 41 -6.80 -24.74 60.73
N ALA B 42 -6.48 -23.96 61.76
CA ALA B 42 -7.04 -24.21 63.07
C ALA B 42 -8.56 -24.22 62.99
N GLN B 43 -9.12 -23.31 62.20
CA GLN B 43 -10.55 -23.29 61.99
C GLN B 43 -11.01 -24.55 61.28
N TRP B 44 -10.20 -25.05 60.34
CA TRP B 44 -10.55 -26.29 59.65
C TRP B 44 -10.64 -27.42 60.63
N GLU B 45 -9.64 -27.52 61.49
CA GLU B 45 -9.61 -28.60 62.44
C GLU B 45 -10.84 -28.59 63.32
N ALA B 46 -11.15 -27.42 63.89
CA ALA B 46 -12.29 -27.27 64.79
C ALA B 46 -13.61 -27.45 64.06
N GLY B 47 -13.72 -26.87 62.87
CA GLY B 47 -14.94 -26.93 62.09
C GLY B 47 -15.24 -28.32 61.57
N PHE B 48 -14.19 -29.00 61.13
CA PHE B 48 -14.27 -30.33 60.56
C PHE B 48 -14.64 -31.39 61.59
N THR B 49 -13.92 -31.38 62.72
CA THR B 49 -14.06 -32.42 63.73
C THR B 49 -15.51 -32.89 64.01
N PRO B 50 -16.47 -31.99 64.34
CA PRO B 50 -17.85 -32.35 64.67
C PRO B 50 -18.46 -33.33 63.69
N TYR B 51 -18.18 -33.15 62.40
CA TYR B 51 -18.75 -34.02 61.38
C TYR B 51 -17.96 -35.29 61.28
N HIS B 52 -16.67 -35.17 61.52
CA HIS B 52 -15.78 -36.31 61.49
C HIS B 52 -16.20 -37.28 62.58
N LYS B 53 -16.50 -36.74 63.77
CA LYS B 53 -16.94 -37.55 64.88
C LYS B 53 -18.20 -38.32 64.54
N LEU B 54 -19.15 -37.64 63.90
CA LEU B 54 -20.38 -38.31 63.47
C LEU B 54 -20.09 -39.45 62.54
N ARG B 55 -19.27 -39.21 61.53
CA ARG B 55 -18.96 -40.23 60.54
C ARG B 55 -18.33 -41.45 61.19
N LEU B 56 -17.40 -41.22 62.12
CA LEU B 56 -16.76 -42.32 62.81
C LEU B 56 -17.77 -43.07 63.67
N ALA B 57 -18.65 -42.33 64.34
CA ALA B 57 -19.69 -42.95 65.15
C ALA B 57 -20.61 -43.81 64.29
N ILE B 58 -20.96 -43.29 63.12
CA ILE B 58 -21.86 -43.99 62.21
C ILE B 58 -21.25 -45.31 61.79
N LYS B 59 -19.96 -45.29 61.45
CA LYS B 59 -19.27 -46.51 61.08
C LYS B 59 -19.49 -47.59 62.13
N GLU B 60 -19.28 -47.24 63.39
CA GLU B 60 -19.44 -48.18 64.49
C GLU B 60 -20.89 -48.62 64.67
N ILE B 61 -21.83 -47.71 64.43
CA ILE B 61 -23.23 -48.07 64.58
C ILE B 61 -23.61 -49.15 63.59
N CYS B 62 -23.18 -49.00 62.34
CA CYS B 62 -23.53 -50.00 61.34
C CYS B 62 -22.94 -51.36 61.68
N LYS B 63 -21.70 -51.39 62.16
CA LYS B 63 -21.11 -52.66 62.58
C LYS B 63 -21.90 -53.26 63.73
N THR B 64 -22.30 -52.40 64.67
CA THR B 64 -23.06 -52.81 65.84
C THR B 64 -24.39 -53.41 65.42
N ASP B 65 -25.07 -52.74 64.51
CA ASP B 65 -26.36 -53.19 64.02
C ASP B 65 -26.20 -54.42 63.12
N GLY B 66 -25.08 -54.50 62.40
CA GLY B 66 -24.85 -55.59 61.48
C GLY B 66 -25.52 -55.29 60.15
N ILE B 67 -25.36 -54.06 59.71
CA ILE B 67 -26.03 -53.59 58.52
C ILE B 67 -25.01 -53.15 57.44
N PRO B 68 -25.44 -53.04 56.17
CA PRO B 68 -24.64 -52.83 54.96
C PRO B 68 -23.65 -51.67 55.01
N ASN B 69 -22.45 -51.87 54.45
CA ASN B 69 -21.42 -50.84 54.38
C ASN B 69 -21.76 -49.83 53.32
N ILE B 70 -22.35 -50.28 52.22
CA ILE B 70 -22.62 -49.36 51.12
C ILE B 70 -23.50 -48.22 51.54
N LYS B 71 -24.39 -48.53 52.46
CA LYS B 71 -25.39 -47.58 52.90
C LYS B 71 -24.80 -46.47 53.73
N TRP B 72 -23.51 -46.57 54.02
CA TRP B 72 -22.82 -45.49 54.70
C TRP B 72 -22.91 -44.22 53.90
N GLY B 73 -22.97 -44.33 52.59
CA GLY B 73 -23.10 -43.12 51.79
C GLY B 73 -24.30 -42.32 52.30
N MET B 74 -25.37 -43.01 52.67
CA MET B 74 -26.56 -42.34 53.17
C MET B 74 -26.58 -42.17 54.67
N TYR B 75 -26.05 -43.13 55.41
CA TYR B 75 -26.03 -42.95 56.86
C TYR B 75 -25.24 -41.69 57.15
N ILE B 76 -24.14 -41.51 56.41
CA ILE B 76 -23.31 -40.34 56.52
C ILE B 76 -24.05 -39.11 56.03
N ALA B 77 -24.59 -39.15 54.81
CA ALA B 77 -25.31 -38.01 54.28
C ALA B 77 -26.42 -37.57 55.22
N PHE B 78 -27.15 -38.54 55.71
CA PHE B 78 -28.27 -38.33 56.62
C PHE B 78 -27.77 -37.65 57.88
N GLY B 79 -26.73 -38.24 58.49
CA GLY B 79 -26.16 -37.70 59.72
C GLY B 79 -25.62 -36.29 59.53
N GLU B 80 -24.83 -36.09 58.48
CA GLU B 80 -24.22 -34.80 58.21
C GLU B 80 -25.28 -33.74 57.95
N LYS B 81 -26.32 -34.09 57.21
CA LYS B 81 -27.38 -33.14 56.94
C LYS B 81 -28.04 -32.72 58.23
N LEU B 82 -28.33 -33.69 59.08
CA LEU B 82 -28.96 -33.37 60.34
C LEU B 82 -28.06 -32.53 61.22
N LEU B 83 -26.76 -32.82 61.26
CA LEU B 83 -25.93 -31.98 62.12
C LEU B 83 -25.98 -30.54 61.66
N LYS B 84 -25.93 -30.32 60.35
CA LYS B 84 -26.07 -28.95 59.85
C LYS B 84 -27.34 -28.35 60.41
N SER B 85 -28.42 -29.13 60.39
CA SER B 85 -29.70 -28.70 60.92
C SER B 85 -29.61 -28.39 62.42
N TYR B 86 -28.89 -29.22 63.17
CA TYR B 86 -28.76 -29.00 64.61
C TYR B 86 -27.98 -27.76 64.91
N LEU B 87 -27.01 -27.44 64.07
CA LEU B 87 -26.28 -26.21 64.23
C LEU B 87 -27.19 -25.01 63.98
N LYS B 88 -28.04 -25.14 62.94
CA LYS B 88 -29.01 -24.10 62.62
C LYS B 88 -30.02 -23.89 63.74
N MET B 89 -30.36 -24.96 64.46
CA MET B 89 -31.30 -24.90 65.58
C MET B 89 -30.82 -23.96 66.67
N LYS B 90 -29.53 -23.66 66.69
CA LYS B 90 -29.00 -22.78 67.71
C LYS B 90 -29.34 -21.34 67.39
N ALA B 91 -29.89 -21.14 66.19
CA ALA B 91 -30.42 -19.86 65.77
C ALA B 91 -31.95 -19.90 65.80
N GLY B 92 -32.51 -21.01 65.32
CA GLY B 92 -33.96 -21.17 65.19
C GLY B 92 -34.69 -21.29 66.51
N SER B 93 -34.06 -21.90 67.50
CA SER B 93 -34.70 -22.21 68.77
C SER B 93 -35.82 -23.19 68.55
N ALA B 94 -36.60 -23.44 69.60
CA ALA B 94 -37.69 -24.42 69.48
C ALA B 94 -37.19 -25.67 68.80
N SER B 95 -36.03 -26.16 69.24
CA SER B 95 -35.38 -27.27 68.57
C SER B 95 -36.27 -28.49 68.53
N SER B 96 -37.10 -28.66 69.55
CA SER B 96 -37.97 -29.82 69.59
C SER B 96 -38.78 -29.95 68.30
N ASP B 97 -39.23 -28.83 67.77
CA ASP B 97 -40.06 -28.84 66.58
C ASP B 97 -39.21 -28.91 65.34
N MET B 98 -38.09 -28.21 65.35
CA MET B 98 -37.22 -28.23 64.19
C MET B 98 -36.69 -29.65 63.97
N ILE B 99 -36.35 -30.31 65.07
CA ILE B 99 -35.83 -31.66 65.03
C ILE B 99 -36.82 -32.58 64.41
N ALA B 100 -38.06 -32.51 64.88
CA ALA B 100 -39.10 -33.36 64.35
C ALA B 100 -39.27 -33.12 62.86
N GLU B 101 -39.26 -31.85 62.44
CA GLU B 101 -39.48 -31.56 61.03
C GLU B 101 -38.35 -32.05 60.15
N TYR B 102 -37.12 -31.90 60.59
CA TYR B 102 -36.00 -32.39 59.81
C TYR B 102 -36.07 -33.88 59.64
N ILE B 103 -36.40 -34.56 60.73
CA ILE B 103 -36.55 -36.00 60.71
C ILE B 103 -37.73 -36.41 59.83
N ASN B 104 -38.85 -35.69 59.94
CA ASN B 104 -40.04 -36.03 59.18
C ASN B 104 -39.73 -36.31 57.72
N ASN B 105 -39.03 -35.39 57.05
CA ASN B 105 -38.71 -35.61 55.64
C ASN B 105 -37.47 -36.45 55.47
N ALA B 106 -36.49 -36.25 56.34
CA ALA B 106 -35.25 -37.00 56.22
C ALA B 106 -35.54 -38.48 56.23
N ILE B 107 -36.54 -38.88 57.01
CA ILE B 107 -36.97 -40.27 57.07
C ILE B 107 -37.99 -40.61 55.98
N SER B 108 -39.06 -39.80 55.85
CA SER B 108 -40.19 -40.11 54.98
C SER B 108 -39.82 -40.25 53.52
N ALA B 109 -38.94 -39.38 53.04
CA ALA B 109 -38.54 -39.44 51.64
C ALA B 109 -37.51 -40.54 51.48
N PHE B 110 -37.96 -41.75 51.68
CA PHE B 110 -37.06 -42.88 51.82
C PHE B 110 -36.07 -42.98 50.68
N SER B 111 -36.58 -42.96 49.46
CA SER B 111 -35.77 -43.24 48.30
C SER B 111 -34.70 -42.20 48.02
N SER B 112 -34.79 -41.02 48.64
CA SER B 112 -33.84 -39.96 48.35
C SER B 112 -33.17 -39.35 49.58
N ARG B 113 -33.79 -39.51 50.75
CA ARG B 113 -33.22 -38.94 51.96
C ARG B 113 -32.64 -40.01 52.88
N THR B 114 -33.05 -41.26 52.68
CA THR B 114 -32.55 -42.33 53.51
C THR B 114 -31.88 -43.36 52.64
N GLY B 115 -32.69 -44.18 51.99
CA GLY B 115 -32.18 -45.31 51.20
C GLY B 115 -31.80 -46.44 52.16
N ILE B 116 -32.06 -46.16 53.43
CA ILE B 116 -31.73 -46.99 54.57
C ILE B 116 -32.96 -47.20 55.40
N SER B 117 -33.03 -48.32 56.11
CA SER B 117 -34.18 -48.56 56.96
C SER B 117 -34.47 -47.37 57.84
N GLN B 118 -35.75 -47.01 57.91
CA GLN B 118 -36.17 -45.90 58.73
C GLN B 118 -35.79 -46.12 60.19
N GLU B 119 -35.72 -47.40 60.59
CA GLU B 119 -35.39 -47.73 61.97
C GLU B 119 -33.97 -47.33 62.28
N THR B 120 -33.07 -47.58 61.33
CA THR B 120 -31.67 -47.28 61.54
C THR B 120 -31.42 -45.81 61.26
N ALA B 121 -32.21 -45.23 60.37
CA ALA B 121 -32.10 -43.82 60.07
C ALA B 121 -32.46 -43.02 61.31
N GLN B 122 -33.51 -43.45 62.00
CA GLN B 122 -33.90 -42.78 63.22
C GLN B 122 -32.83 -42.94 64.28
N LYS B 123 -32.23 -44.12 64.38
CA LYS B 123 -31.17 -44.31 65.35
C LYS B 123 -30.07 -43.29 65.10
N ILE B 124 -29.71 -43.09 63.84
CA ILE B 124 -28.72 -42.09 63.51
C ILE B 124 -29.23 -40.71 63.89
N ALA B 125 -30.50 -40.42 63.60
CA ALA B 125 -31.05 -39.14 63.98
C ALA B 125 -30.89 -38.91 65.49
N ASP B 126 -31.04 -39.98 66.26
CA ASP B 126 -30.93 -39.89 67.72
C ASP B 126 -29.47 -39.69 68.15
N PHE B 127 -28.57 -40.42 67.50
CA PHE B 127 -27.15 -40.29 67.82
C PHE B 127 -26.64 -38.90 67.48
N ILE B 128 -27.10 -38.38 66.36
CA ILE B 128 -26.74 -37.03 65.93
C ILE B 128 -27.29 -36.00 66.91
N THR B 129 -28.55 -36.19 67.33
CA THR B 129 -29.17 -35.28 68.28
C THR B 129 -28.31 -35.10 69.52
N SER B 130 -27.71 -36.19 69.99
CA SER B 130 -26.89 -36.17 71.21
C SER B 130 -25.65 -35.28 71.05
N ASN B 131 -25.34 -34.89 69.81
CA ASN B 131 -24.18 -34.06 69.54
C ASN B 131 -24.46 -32.58 69.79
N TYR B 132 -25.71 -32.27 70.17
CA TYR B 132 -26.15 -30.91 70.50
C TYR B 132 -26.29 -30.05 69.25
N ARG C 6 -19.94 20.15 32.14
CA ARG C 6 -19.55 18.92 31.45
C ARG C 6 -18.47 18.15 32.20
N LYS C 7 -17.27 18.72 32.24
CA LYS C 7 -16.11 18.03 32.79
C LYS C 7 -16.33 17.51 34.21
N LEU C 8 -17.11 18.22 35.01
CA LEU C 8 -17.29 17.84 36.40
C LEU C 8 -18.23 16.68 36.61
N ARG C 9 -18.88 16.20 35.54
CA ARG C 9 -19.74 15.03 35.68
C ARG C 9 -19.33 13.97 34.69
N GLN C 10 -18.71 14.40 33.59
CA GLN C 10 -18.35 13.52 32.49
C GLN C 10 -16.97 12.90 32.66
N ASP C 11 -15.98 13.69 33.09
CA ASP C 11 -14.59 13.24 33.08
C ASP C 11 -14.37 12.18 34.14
N SER C 12 -15.30 12.08 35.05
CA SER C 12 -15.24 11.12 36.13
C SER C 12 -15.10 9.72 35.60
N THR C 13 -15.54 9.51 34.36
CA THR C 13 -15.46 8.21 33.74
C THR C 13 -14.00 7.77 33.63
N ASP C 14 -13.13 8.70 33.23
CA ASP C 14 -11.74 8.38 32.96
C ASP C 14 -10.92 8.36 34.23
N ARG C 15 -11.31 9.19 35.18
CA ARG C 15 -10.58 9.26 36.43
C ARG C 15 -10.87 8.00 37.24
N TYR C 16 -12.14 7.61 37.28
CA TYR C 16 -12.53 6.38 37.91
C TYR C 16 -11.83 5.22 37.20
N LYS C 17 -11.90 5.23 35.86
CA LYS C 17 -11.22 4.23 35.04
C LYS C 17 -9.75 4.11 35.43
N THR C 18 -9.09 5.25 35.55
CA THR C 18 -7.68 5.28 35.89
C THR C 18 -7.37 4.38 37.07
N LYS C 19 -8.08 4.59 38.18
CA LYS C 19 -7.80 3.76 39.34
C LYS C 19 -8.20 2.34 39.17
N LEU C 20 -9.37 2.11 38.62
CA LEU C 20 -9.85 0.75 38.60
C LEU C 20 -8.87 -0.12 37.85
N TYR C 21 -8.31 0.42 36.77
CA TYR C 21 -7.28 -0.30 36.05
C TYR C 21 -6.04 -0.47 36.90
N LEU C 22 -5.54 0.60 37.49
CA LEU C 22 -4.32 0.54 38.27
C LEU C 22 -4.46 -0.40 39.46
N TRP C 23 -5.62 -0.41 40.08
CA TRP C 23 -5.86 -1.27 41.22
C TRP C 23 -5.52 -2.69 40.83
N ARG C 24 -6.07 -3.10 39.69
CA ARG C 24 -5.87 -4.43 39.18
C ARG C 24 -4.46 -4.63 38.60
N ASN C 25 -3.93 -3.60 37.93
CA ASN C 25 -2.63 -3.68 37.29
C ASN C 25 -1.54 -4.01 38.28
N LEU C 26 -1.69 -3.52 39.50
CA LEU C 26 -0.70 -3.73 40.54
C LEU C 26 -0.81 -5.13 41.14
N GLY C 27 -1.80 -5.89 40.67
CA GLY C 27 -1.98 -7.27 41.10
C GLY C 27 -1.31 -8.25 40.14
N GLY C 28 -0.74 -7.72 39.05
CA GLY C 28 -0.08 -8.56 38.04
C GLY C 28 -1.08 -9.26 37.13
N LEU C 29 -2.28 -8.71 37.05
CA LEU C 29 -3.37 -9.26 36.25
C LEU C 29 -3.19 -9.00 34.77
N ILE C 30 -3.97 -9.72 33.95
CA ILE C 30 -3.89 -9.62 32.49
C ILE C 30 -4.49 -8.30 31.98
N PRO C 31 -3.72 -7.49 31.21
CA PRO C 31 -4.12 -6.22 30.62
C PRO C 31 -5.47 -6.25 29.95
N GLU C 32 -5.77 -7.33 29.23
CA GLU C 32 -7.03 -7.43 28.53
C GLU C 32 -8.20 -7.65 29.49
N ASP C 33 -8.04 -8.60 30.41
CA ASP C 33 -9.10 -8.86 31.37
C ASP C 33 -9.36 -7.63 32.20
N MET C 34 -8.31 -6.91 32.53
CA MET C 34 -8.47 -5.72 33.31
C MET C 34 -9.22 -4.69 32.53
N ALA C 35 -8.81 -4.45 31.30
CA ALA C 35 -9.48 -3.44 30.49
C ALA C 35 -10.97 -3.73 30.42
N ILE C 36 -11.31 -5.02 30.29
CA ILE C 36 -12.71 -5.43 30.24
C ILE C 36 -13.43 -5.20 31.56
N SER C 37 -12.84 -5.67 32.65
CA SER C 37 -13.45 -5.53 33.97
C SER C 37 -13.62 -4.06 34.32
N VAL C 38 -12.63 -3.26 33.98
CA VAL C 38 -12.69 -1.85 34.26
C VAL C 38 -13.79 -1.21 33.44
N THR C 39 -13.83 -1.51 32.15
CA THR C 39 -14.85 -0.94 31.29
C THR C 39 -16.23 -1.14 31.90
N GLU C 40 -16.50 -2.36 32.37
CA GLU C 40 -17.81 -2.63 32.93
C GLU C 40 -18.01 -1.83 34.22
N SER C 41 -16.95 -1.73 35.03
CA SER C 41 -17.01 -0.99 36.28
C SER C 41 -17.26 0.49 36.07
N ILE C 42 -16.55 1.10 35.13
CA ILE C 42 -16.68 2.53 34.91
C ILE C 42 -18.05 2.84 34.34
N THR C 43 -18.57 1.91 33.55
CA THR C 43 -19.90 2.08 33.01
C THR C 43 -20.93 2.02 34.10
N ALA C 44 -20.86 0.99 34.93
CA ALA C 44 -21.83 0.84 36.00
C ALA C 44 -21.76 2.03 36.94
N ASP C 45 -20.55 2.41 37.29
CA ASP C 45 -20.34 3.54 38.18
C ASP C 45 -20.92 4.80 37.61
N TRP C 46 -20.43 5.22 36.44
CA TRP C 46 -20.83 6.48 35.88
C TRP C 46 -22.31 6.50 35.59
N LYS C 47 -22.79 5.46 34.90
CA LYS C 47 -24.18 5.41 34.50
C LYS C 47 -25.11 5.46 35.67
N GLN C 48 -24.94 4.53 36.61
CA GLN C 48 -25.88 4.43 37.69
C GLN C 48 -25.82 5.65 38.55
N TYR C 49 -24.60 6.10 38.85
CA TYR C 49 -24.46 7.24 39.72
C TYR C 49 -25.07 8.48 39.13
N ASN C 50 -24.63 8.88 37.95
CA ASN C 50 -25.09 10.14 37.41
C ASN C 50 -26.55 10.11 37.06
N ASP C 51 -27.07 8.98 36.63
CA ASP C 51 -28.47 8.94 36.27
C ASP C 51 -29.34 9.24 37.48
N MET C 52 -29.17 8.46 38.53
CA MET C 52 -29.96 8.64 39.73
C MET C 52 -29.65 9.97 40.42
N MET C 53 -28.36 10.23 40.62
CA MET C 53 -27.93 11.42 41.32
C MET C 53 -28.32 12.69 40.60
N SER C 54 -28.11 12.75 39.29
CA SER C 54 -28.36 13.98 38.58
C SER C 54 -29.83 14.33 38.63
N LYS C 55 -30.69 13.35 38.45
CA LYS C 55 -32.11 13.66 38.48
C LYS C 55 -32.50 14.28 39.81
N VAL C 56 -32.03 13.68 40.91
CA VAL C 56 -32.37 14.23 42.23
C VAL C 56 -31.65 15.52 42.48
N ARG C 57 -30.34 15.54 42.25
CA ARG C 57 -29.53 16.72 42.51
C ARG C 57 -29.99 17.91 41.70
N ASN C 58 -30.38 17.69 40.46
CA ASN C 58 -30.82 18.77 39.61
C ASN C 58 -32.12 19.36 40.11
N GLU C 59 -33.09 18.50 40.41
CA GLU C 59 -34.35 18.98 40.95
C GLU C 59 -34.11 19.64 42.29
N THR C 60 -33.22 19.05 43.07
CA THR C 60 -32.92 19.55 44.38
C THR C 60 -32.28 20.91 44.30
N LEU C 61 -31.30 21.05 43.42
CA LEU C 61 -30.59 22.29 43.27
C LEU C 61 -31.52 23.41 42.81
N ASP C 62 -32.35 23.12 41.80
CA ASP C 62 -33.26 24.13 41.26
C ASP C 62 -34.32 24.56 42.26
N ILE C 63 -34.89 23.61 42.99
CA ILE C 63 -35.91 23.92 43.98
C ILE C 63 -35.34 24.72 45.13
N LEU C 64 -34.21 24.28 45.64
CA LEU C 64 -33.61 24.97 46.76
C LEU C 64 -33.19 26.38 46.35
N LYS C 65 -32.67 26.53 45.14
CA LYS C 65 -32.29 27.86 44.67
C LYS C 65 -33.51 28.75 44.53
N THR C 66 -34.60 28.18 44.02
CA THR C 66 -35.86 28.89 43.88
C THR C 66 -36.34 29.40 45.24
N ASN C 67 -36.16 28.58 46.26
CA ASN C 67 -36.63 28.88 47.60
C ASN C 67 -35.63 29.70 48.42
N LYS C 68 -34.61 30.25 47.76
CA LYS C 68 -33.63 31.13 48.40
C LYS C 68 -32.78 30.42 49.45
N VAL C 69 -32.40 29.19 49.15
CA VAL C 69 -31.54 28.40 50.00
C VAL C 69 -30.08 28.79 49.75
N ALA C 70 -29.33 29.05 50.83
CA ALA C 70 -27.93 29.48 50.71
C ALA C 70 -27.08 28.30 50.30
N THR C 71 -25.94 28.55 49.66
CA THR C 71 -25.15 27.44 49.13
C THR C 71 -24.68 26.48 50.22
N GLU C 72 -24.47 26.99 51.42
CA GLU C 72 -24.07 26.17 52.55
C GLU C 72 -25.20 25.34 53.10
N ASP C 73 -26.42 25.59 52.62
CA ASP C 73 -27.58 24.87 53.10
C ASP C 73 -27.87 23.64 52.22
N TYR C 74 -27.45 23.69 50.96
CA TYR C 74 -27.80 22.65 50.01
C TYR C 74 -27.35 21.27 50.49
N ILE C 75 -26.17 21.18 51.10
CA ILE C 75 -25.72 19.89 51.65
C ILE C 75 -26.78 19.16 52.43
N GLY C 76 -27.49 19.86 53.30
CA GLY C 76 -28.44 19.16 54.13
C GLY C 76 -29.52 18.60 53.26
N TYR C 77 -30.00 19.46 52.39
CA TYR C 77 -31.15 19.12 51.58
C TYR C 77 -30.78 18.12 50.50
N ILE C 78 -29.55 18.16 50.05
CA ILE C 78 -29.06 17.21 49.06
C ILE C 78 -28.80 15.86 49.72
N ALA C 79 -28.12 15.86 50.86
CA ALA C 79 -27.89 14.61 51.56
C ALA C 79 -29.23 13.94 51.84
N PHE C 80 -30.21 14.74 52.27
CA PHE C 80 -31.56 14.22 52.41
C PHE C 80 -32.13 13.89 51.06
N ALA C 81 -31.91 14.72 50.07
CA ALA C 81 -32.53 14.51 48.77
C ALA C 81 -32.28 13.11 48.29
N GLU C 82 -31.03 12.67 48.38
CA GLU C 82 -30.71 11.34 47.90
C GLU C 82 -31.22 10.30 48.87
N GLU C 83 -30.93 10.45 50.15
CA GLU C 83 -31.38 9.46 51.13
C GLU C 83 -32.88 9.22 50.97
N LEU C 84 -33.64 10.29 50.88
CA LEU C 84 -35.08 10.23 50.76
C LEU C 84 -35.46 9.58 49.45
N ALA C 85 -34.81 10.01 48.37
CA ALA C 85 -35.09 9.50 47.05
C ALA C 85 -34.89 7.99 47.00
N HIS C 86 -33.89 7.52 47.73
CA HIS C 86 -33.61 6.10 47.78
C HIS C 86 -34.71 5.38 48.54
N GLN C 87 -35.14 5.96 49.65
CA GLN C 87 -36.24 5.38 50.41
C GLN C 87 -37.51 5.33 49.55
N VAL C 88 -37.67 6.33 48.66
CA VAL C 88 -38.81 6.32 47.76
C VAL C 88 -38.78 5.08 46.87
N TRP C 89 -37.62 4.78 46.28
CA TRP C 89 -37.49 3.57 45.49
C TRP C 89 -37.77 2.35 46.34
N LYS C 90 -37.15 2.31 47.51
CA LYS C 90 -37.28 1.18 48.39
C LYS C 90 -38.73 0.82 48.57
N ASN C 91 -39.55 1.84 48.78
CA ASN C 91 -40.98 1.63 48.97
C ASN C 91 -41.67 1.28 47.67
N LYS C 92 -41.36 1.97 46.58
CA LYS C 92 -41.98 1.64 45.31
C LYS C 92 -41.73 0.18 44.96
N ASN C 93 -40.56 -0.32 45.34
CA ASN C 93 -40.18 -1.69 45.09
C ASN C 93 -40.78 -2.67 46.11
N SER C 94 -40.65 -2.37 47.41
CA SER C 94 -40.98 -3.34 48.46
C SER C 94 -42.33 -3.21 49.16
N SER C 95 -42.95 -2.02 49.11
CA SER C 95 -44.13 -1.81 49.93
C SER C 95 -45.36 -1.46 49.08
N PRO C 96 -46.58 -1.63 49.64
CA PRO C 96 -47.86 -1.17 49.12
C PRO C 96 -47.85 0.34 48.91
N ASP C 97 -48.58 0.81 47.90
CA ASP C 97 -48.65 2.24 47.63
C ASP C 97 -48.94 3.08 48.89
N PRO C 98 -49.93 2.70 49.76
CA PRO C 98 -50.25 3.37 51.00
C PRO C 98 -49.04 3.49 51.93
N ASN C 99 -48.11 2.55 51.83
CA ASN C 99 -46.93 2.59 52.68
C ASN C 99 -45.90 3.50 52.08
N THR C 100 -45.88 3.60 50.75
CA THR C 100 -44.96 4.51 50.10
C THR C 100 -45.33 5.92 50.49
N ALA C 101 -46.63 6.22 50.42
CA ALA C 101 -47.13 7.53 50.81
C ALA C 101 -46.89 7.79 52.29
N ASN C 102 -47.20 6.80 53.13
CA ASN C 102 -47.01 6.95 54.56
C ASN C 102 -45.56 7.17 54.89
N GLU C 103 -44.69 6.31 54.37
CA GLU C 103 -43.28 6.41 54.67
C GLU C 103 -42.74 7.76 54.25
N ALA C 104 -43.15 8.26 53.09
CA ALA C 104 -42.64 9.54 52.65
C ALA C 104 -42.93 10.62 53.70
N SER C 105 -44.16 10.62 54.21
CA SER C 105 -44.56 11.59 55.24
C SER C 105 -43.86 11.34 56.57
N LYS C 106 -43.75 10.07 56.95
CA LYS C 106 -43.13 9.73 58.21
C LYS C 106 -41.64 10.01 58.18
N THR C 107 -41.03 9.84 57.02
CA THR C 107 -39.62 10.15 56.87
C THR C 107 -39.40 11.64 56.94
N ASP C 108 -40.25 12.41 56.29
CA ASP C 108 -40.15 13.85 56.41
C ASP C 108 -40.12 14.20 57.90
N LEU C 109 -40.99 13.57 58.68
CA LEU C 109 -40.97 13.77 60.11
C LEU C 109 -39.63 13.32 60.70
N GLU C 110 -39.17 12.11 60.35
CA GLU C 110 -37.89 11.60 60.84
C GLU C 110 -36.77 12.58 60.64
N SER C 111 -36.75 13.18 59.46
CA SER C 111 -35.70 14.10 59.05
C SER C 111 -35.54 15.25 60.03
N LYS C 112 -36.55 15.47 60.88
CA LYS C 112 -36.54 16.51 61.90
C LYS C 112 -35.39 16.30 62.86
N TYR C 113 -34.82 15.08 62.89
CA TYR C 113 -33.66 14.82 63.73
C TYR C 113 -32.55 15.82 63.39
N SER C 114 -32.57 16.32 62.16
CA SER C 114 -31.60 17.29 61.72
C SER C 114 -32.22 18.66 61.65
N ASP C 115 -31.42 19.66 61.98
CA ASP C 115 -31.80 21.07 61.89
C ASP C 115 -32.18 21.50 60.49
N VAL C 116 -31.77 20.69 59.54
CA VAL C 116 -32.01 20.92 58.14
C VAL C 116 -33.48 20.84 57.76
N TYR C 117 -34.18 19.88 58.34
CA TYR C 117 -35.53 19.59 57.92
C TYR C 117 -36.49 20.76 58.03
N GLY C 118 -37.29 20.93 56.98
CA GLY C 118 -38.31 21.96 56.92
C GLY C 118 -39.09 21.83 55.63
N LEU C 119 -39.88 22.86 55.29
CA LEU C 119 -40.71 22.84 54.09
C LEU C 119 -39.92 22.37 52.88
N ASP C 120 -38.68 22.84 52.76
CA ASP C 120 -37.85 22.49 51.62
C ASP C 120 -37.81 20.98 51.42
N VAL C 121 -37.72 20.23 52.51
CA VAL C 121 -37.63 18.77 52.41
C VAL C 121 -38.94 18.18 51.93
N THR C 122 -40.04 18.64 52.52
CA THR C 122 -41.34 18.09 52.17
C THR C 122 -41.65 18.34 50.70
N VAL C 123 -41.25 19.51 50.20
CA VAL C 123 -41.45 19.83 48.79
C VAL C 123 -40.62 18.90 47.93
N LEU C 124 -39.35 18.76 48.28
CA LEU C 124 -38.45 17.94 47.51
C LEU C 124 -38.89 16.49 47.41
N ASP C 125 -39.32 15.92 48.53
CA ASP C 125 -39.69 14.52 48.49
C ASP C 125 -40.91 14.31 47.62
N ALA C 126 -41.89 15.21 47.71
CA ALA C 126 -43.08 15.09 46.89
C ALA C 126 -42.68 15.02 45.42
N ILE C 127 -41.69 15.81 45.05
CA ILE C 127 -41.19 15.82 43.68
C ILE C 127 -40.55 14.49 43.33
N TYR C 128 -39.69 13.98 44.19
CA TYR C 128 -39.00 12.73 43.92
C TYR C 128 -40.00 11.61 43.69
N ASN C 129 -41.02 11.54 44.54
CA ASN C 129 -42.02 10.48 44.45
C ASN C 129 -42.75 10.56 43.12
N ALA C 130 -43.13 11.77 42.73
CA ALA C 130 -43.90 11.97 41.52
C ALA C 130 -43.03 11.95 40.24
N VAL C 131 -41.76 12.28 40.35
CA VAL C 131 -40.96 12.53 39.16
C VAL C 131 -39.84 11.53 38.84
N ILE C 132 -39.08 11.11 39.84
CA ILE C 132 -37.79 10.48 39.52
C ILE C 132 -37.77 8.95 39.72
N PRO C 133 -37.39 8.19 38.67
CA PRO C 133 -37.23 6.74 38.66
C PRO C 133 -35.91 6.35 39.32
N ILE C 134 -35.86 6.51 40.63
CA ILE C 134 -34.63 6.31 41.42
C ILE C 134 -34.08 4.90 41.36
N ILE C 135 -32.76 4.82 41.19
CA ILE C 135 -32.03 3.57 41.19
C ILE C 135 -31.63 3.17 42.60
N MET C 136 -31.90 1.93 42.97
CA MET C 136 -31.52 1.39 44.27
C MET C 136 -31.71 -0.12 44.32
N ARG D 7 -14.94 -19.40 62.95
CA ARG D 7 -14.43 -18.71 61.76
C ARG D 7 -14.28 -17.20 61.99
N GLN D 8 -15.35 -16.55 62.44
CA GLN D 8 -15.36 -15.09 62.62
C GLN D 8 -14.55 -14.65 63.82
N ASP D 9 -14.03 -15.61 64.55
CA ASP D 9 -13.23 -15.36 65.72
C ASP D 9 -11.82 -14.88 65.37
N SER D 10 -11.35 -15.21 64.16
CA SER D 10 -10.02 -14.77 63.78
C SER D 10 -9.81 -14.58 62.29
N LYS D 11 -10.60 -15.28 61.47
CA LYS D 11 -10.31 -15.29 60.04
C LYS D 11 -10.42 -13.89 59.43
N ASP D 12 -11.17 -13.02 60.09
CA ASP D 12 -11.45 -11.71 59.51
C ASP D 12 -10.21 -10.86 59.45
N ARG D 13 -9.57 -10.67 60.58
CA ARG D 13 -8.38 -9.83 60.62
C ARG D 13 -7.25 -10.44 59.79
N TYR D 14 -7.16 -11.76 59.76
CA TYR D 14 -6.10 -12.40 59.01
C TYR D 14 -6.21 -12.13 57.52
N GLN D 15 -7.39 -12.32 56.97
CA GLN D 15 -7.55 -12.14 55.55
C GLN D 15 -7.80 -10.71 55.18
N TYR D 16 -8.50 -9.98 56.01
CA TYR D 16 -8.74 -8.61 55.69
C TYR D 16 -7.41 -7.92 55.43
N LYS D 17 -6.42 -8.19 56.28
CA LYS D 17 -5.09 -7.64 56.04
C LYS D 17 -4.60 -8.04 54.64
N GLN D 18 -4.79 -9.31 54.28
CA GLN D 18 -4.39 -9.76 52.94
C GLN D 18 -5.06 -8.97 51.86
N TYR D 19 -6.33 -8.66 52.04
CA TYR D 19 -7.05 -7.85 51.07
C TYR D 19 -6.36 -6.55 50.80
N ILE D 20 -6.08 -5.82 51.86
CA ILE D 20 -5.50 -4.52 51.69
C ILE D 20 -4.17 -4.62 51.00
N TYR D 21 -3.36 -5.59 51.41
CA TYR D 21 -2.07 -5.76 50.79
C TYR D 21 -2.24 -5.80 49.28
N ARG D 22 -3.21 -6.58 48.81
CA ARG D 22 -3.52 -6.66 47.38
C ARG D 22 -3.91 -5.29 46.80
N SER D 23 -4.77 -4.56 47.51
CA SER D 23 -5.20 -3.23 47.05
C SER D 23 -4.06 -2.23 46.97
N ILE D 24 -3.15 -2.31 47.93
CA ILE D 24 -2.02 -1.40 47.96
C ILE D 24 -1.19 -1.58 46.71
N GLY D 25 -0.93 -2.84 46.35
CA GLY D 25 -0.23 -3.14 45.11
C GLY D 25 1.19 -3.59 45.34
N GLY D 26 1.72 -4.38 44.41
CA GLY D 26 3.05 -4.95 44.54
C GLY D 26 4.16 -3.94 44.24
N ILE D 27 3.76 -2.73 43.85
CA ILE D 27 4.71 -1.67 43.54
C ILE D 27 5.12 -0.91 44.79
N VAL D 28 4.36 -1.09 45.87
CA VAL D 28 4.62 -0.34 47.09
C VAL D 28 5.53 -1.15 48.04
N PRO D 29 6.66 -0.58 48.46
CA PRO D 29 7.63 -1.19 49.36
C PRO D 29 6.93 -1.70 50.61
N PRO D 30 7.39 -2.84 51.16
CA PRO D 30 6.77 -3.58 52.26
C PRO D 30 6.67 -2.77 53.54
N GLU D 31 7.56 -1.79 53.74
CA GLU D 31 7.52 -0.93 54.91
C GLU D 31 6.29 -0.06 54.90
N MET D 32 5.68 0.07 53.72
CA MET D 32 4.45 0.78 53.57
C MET D 32 3.31 -0.19 53.37
N ALA D 33 3.55 -1.22 52.56
CA ALA D 33 2.46 -2.12 52.23
C ALA D 33 1.89 -2.80 53.47
N GLU D 34 2.76 -3.38 54.31
CA GLU D 34 2.29 -4.10 55.47
C GLU D 34 1.87 -3.16 56.60
N THR D 35 2.62 -2.09 56.78
CA THR D 35 2.37 -1.18 57.89
C THR D 35 1.04 -0.48 57.73
N VAL D 36 0.73 -0.10 56.49
CA VAL D 36 -0.55 0.50 56.18
C VAL D 36 -1.65 -0.52 56.34
N THR D 37 -1.43 -1.72 55.82
CA THR D 37 -2.37 -2.81 55.93
C THR D 37 -2.76 -3.07 57.37
N ALA D 38 -1.77 -3.23 58.22
CA ALA D 38 -2.03 -3.55 59.61
C ALA D 38 -2.84 -2.46 60.29
N ASN D 39 -2.53 -1.21 59.96
CA ASN D 39 -3.22 -0.09 60.57
C ASN D 39 -4.68 -0.04 60.15
N GLN D 40 -4.91 -0.16 58.85
CA GLN D 40 -6.25 -0.11 58.32
C GLN D 40 -7.10 -1.25 58.87
N THR D 41 -6.48 -2.42 59.03
CA THR D 41 -7.17 -3.56 59.59
C THR D 41 -7.61 -3.28 61.00
N ALA D 42 -6.71 -2.72 61.80
CA ALA D 42 -7.05 -2.40 63.17
C ALA D 42 -8.27 -1.51 63.22
N GLN D 43 -8.36 -0.57 62.27
CA GLN D 43 -9.53 0.28 62.19
C GLN D 43 -10.76 -0.55 61.80
N TRP D 44 -10.58 -1.55 60.96
CA TRP D 44 -11.70 -2.41 60.58
C TRP D 44 -12.21 -3.13 61.80
N GLU D 45 -11.32 -3.68 62.57
CA GLU D 45 -11.71 -4.43 63.75
C GLU D 45 -12.52 -3.55 64.69
N ALA D 46 -11.99 -2.37 65.00
CA ALA D 46 -12.64 -1.45 65.92
C ALA D 46 -13.94 -0.91 65.36
N GLY D 47 -13.93 -0.55 64.08
CA GLY D 47 -15.10 0.03 63.42
C GLY D 47 -16.21 -0.96 63.26
N PHE D 48 -15.85 -2.18 62.91
CA PHE D 48 -16.78 -3.27 62.66
C PHE D 48 -17.48 -3.74 63.93
N THR D 49 -16.69 -4.01 64.96
CA THR D 49 -17.19 -4.61 66.19
C THR D 49 -18.56 -4.08 66.68
N PRO D 50 -18.76 -2.75 66.87
CA PRO D 50 -20.00 -2.17 67.38
C PRO D 50 -21.24 -2.71 66.69
N TYR D 51 -21.16 -2.91 65.38
CA TYR D 51 -22.30 -3.39 64.62
C TYR D 51 -22.42 -4.89 64.75
N HIS D 52 -21.28 -5.52 64.86
CA HIS D 52 -21.22 -6.96 65.02
C HIS D 52 -21.90 -7.33 66.34
N LYS D 53 -21.61 -6.57 67.38
CA LYS D 53 -22.19 -6.79 68.69
C LYS D 53 -23.70 -6.69 68.62
N LEU D 54 -24.21 -5.68 67.92
CA LEU D 54 -25.64 -5.53 67.74
C LEU D 54 -26.25 -6.74 67.07
N ARG D 55 -25.65 -7.17 65.96
CA ARG D 55 -26.18 -8.30 65.22
C ARG D 55 -26.25 -9.54 66.07
N LEU D 56 -25.19 -9.78 66.86
CA LEU D 56 -25.17 -10.94 67.73
C LEU D 56 -26.25 -10.83 68.80
N ALA D 57 -26.39 -9.62 69.36
CA ALA D 57 -27.42 -9.38 70.37
C ALA D 57 -28.80 -9.63 69.80
N ILE D 58 -29.03 -9.16 68.57
CA ILE D 58 -30.31 -9.32 67.90
C ILE D 58 -30.66 -10.78 67.75
N LYS D 59 -29.68 -11.57 67.32
CA LYS D 59 -29.90 -13.00 67.18
C LYS D 59 -30.49 -13.58 68.47
N GLU D 60 -29.86 -13.26 69.59
CA GLU D 60 -30.32 -13.76 70.88
C GLU D 60 -31.70 -13.22 71.25
N ILE D 61 -31.98 -11.96 70.90
CA ILE D 61 -33.27 -11.39 71.23
C ILE D 61 -34.39 -12.15 70.54
N CYS D 62 -34.20 -12.46 69.26
CA CYS D 62 -35.23 -13.18 68.54
C CYS D 62 -35.48 -14.56 69.13
N LYS D 63 -34.41 -15.26 69.51
CA LYS D 63 -34.58 -16.55 70.16
C LYS D 63 -35.32 -16.40 71.47
N THR D 64 -34.98 -15.35 72.22
CA THR D 64 -35.59 -15.06 73.50
C THR D 64 -37.07 -14.80 73.35
N ASP D 65 -37.42 -13.99 72.36
CA ASP D 65 -38.79 -13.65 72.07
C ASP D 65 -39.54 -14.84 71.46
N GLY D 66 -38.83 -15.66 70.70
CA GLY D 66 -39.45 -16.80 70.04
C GLY D 66 -40.07 -16.34 68.74
N ILE D 67 -39.34 -15.52 68.01
CA ILE D 67 -39.82 -14.90 66.79
C ILE D 67 -38.97 -15.32 65.58
N PRO D 68 -39.50 -15.15 64.34
CA PRO D 68 -38.97 -15.62 63.06
C PRO D 68 -37.51 -15.29 62.78
N ASN D 69 -36.77 -16.25 62.19
CA ASN D 69 -35.38 -16.06 61.81
C ASN D 69 -35.27 -15.20 60.57
N ILE D 70 -36.21 -15.35 59.65
CA ILE D 70 -36.12 -14.62 58.40
C ILE D 70 -36.11 -13.13 58.62
N LYS D 71 -36.81 -12.71 59.65
CA LYS D 71 -36.98 -11.32 59.94
C LYS D 71 -35.72 -10.68 60.45
N TRP D 72 -34.68 -11.48 60.66
CA TRP D 72 -33.39 -10.95 61.02
C TRP D 72 -32.89 -10.00 59.97
N GLY D 73 -33.26 -10.23 58.71
CA GLY D 73 -32.82 -9.30 57.69
C GLY D 73 -33.23 -7.89 58.08
N MET D 74 -34.41 -7.74 58.69
CA MET D 74 -34.88 -6.43 59.10
C MET D 74 -34.50 -6.09 60.52
N TYR D 75 -34.49 -7.06 61.43
CA TYR D 75 -34.09 -6.73 62.79
C TYR D 75 -32.68 -6.17 62.73
N ILE D 76 -31.84 -6.79 61.88
CA ILE D 76 -30.49 -6.34 61.66
C ILE D 76 -30.48 -4.99 60.97
N ALA D 77 -31.17 -4.87 59.83
CA ALA D 77 -31.20 -3.60 59.11
C ALA D 77 -31.66 -2.47 60.01
N PHE D 78 -32.70 -2.73 60.77
CA PHE D 78 -33.28 -1.78 61.68
C PHE D 78 -32.26 -1.36 62.73
N GLY D 79 -31.64 -2.35 63.37
CA GLY D 79 -30.65 -2.11 64.39
C GLY D 79 -29.44 -1.34 63.85
N GLU D 80 -28.91 -1.81 62.73
CA GLU D 80 -27.73 -1.18 62.12
C GLU D 80 -28.02 0.25 61.72
N LYS D 81 -29.20 0.50 61.16
CA LYS D 81 -29.57 1.85 60.76
C LYS D 81 -29.60 2.74 61.96
N LEU D 82 -30.22 2.27 63.03
CA LEU D 82 -30.30 3.07 64.23
C LEU D 82 -28.92 3.32 64.83
N LEU D 83 -28.04 2.32 64.84
CA LEU D 83 -26.74 2.60 65.42
C LEU D 83 -26.05 3.71 64.66
N LYS D 84 -26.14 3.68 63.33
CA LYS D 84 -25.57 4.77 62.55
C LYS D 84 -26.14 6.08 63.05
N SER D 85 -27.44 6.11 63.28
CA SER D 85 -28.10 7.28 63.81
C SER D 85 -27.57 7.67 65.18
N TYR D 86 -27.32 6.69 66.04
CA TYR D 86 -26.82 6.98 67.39
C TYR D 86 -25.43 7.55 67.34
N LEU D 87 -24.64 7.10 66.37
CA LEU D 87 -23.31 7.66 66.20
C LEU D 87 -23.42 9.12 65.75
N LYS D 88 -24.36 9.39 64.85
CA LYS D 88 -24.61 10.74 64.37
C LYS D 88 -25.08 11.67 65.49
N MET D 89 -25.82 11.12 66.44
CA MET D 89 -26.32 11.88 67.59
C MET D 89 -25.20 12.48 68.42
N LYS D 90 -23.98 11.95 68.26
CA LYS D 90 -22.86 12.46 69.02
C LYS D 90 -22.39 13.77 68.40
N ALA D 91 -22.94 14.09 67.24
CA ALA D 91 -22.71 15.37 66.58
C ALA D 91 -23.95 16.25 66.73
N GLY D 92 -25.12 15.64 66.56
CA GLY D 92 -26.40 16.36 66.57
C GLY D 92 -26.79 16.89 67.94
N SER D 93 -26.44 16.16 69.00
CA SER D 93 -26.89 16.47 70.34
C SER D 93 -28.38 16.34 70.44
N ALA D 94 -28.95 16.75 71.56
CA ALA D 94 -30.40 16.61 71.76
C ALA D 94 -30.84 15.23 71.34
N SER D 95 -30.11 14.21 71.80
CA SER D 95 -30.36 12.86 71.35
C SER D 95 -31.76 12.41 71.65
N SER D 96 -32.33 12.91 72.73
CA SER D 96 -33.68 12.52 73.10
C SER D 96 -34.65 12.73 71.94
N ASP D 97 -34.47 13.81 71.19
CA ASP D 97 -35.38 14.13 70.12
C ASP D 97 -34.97 13.39 68.86
N MET D 98 -33.68 13.28 68.62
CA MET D 98 -33.22 12.58 67.44
C MET D 98 -33.65 11.13 67.51
N ILE D 99 -33.54 10.54 68.70
CA ILE D 99 -33.89 9.16 68.92
C ILE D 99 -35.34 8.95 68.60
N ALA D 100 -36.19 9.79 69.14
CA ALA D 100 -37.61 9.68 68.89
C ALA D 100 -37.90 9.76 67.40
N GLU D 101 -37.26 10.70 66.71
CA GLU D 101 -37.53 10.89 65.29
C GLU D 101 -37.09 9.70 64.46
N TYR D 102 -35.92 9.13 64.77
CA TYR D 102 -35.45 7.98 64.02
C TYR D 102 -36.40 6.82 64.21
N ILE D 103 -36.84 6.63 65.44
CA ILE D 103 -37.78 5.58 65.76
C ILE D 103 -39.13 5.83 65.09
N ASN D 104 -39.59 7.09 65.11
CA ASN D 104 -40.89 7.42 64.54
C ASN D 104 -41.08 6.81 63.16
N ASN D 105 -40.13 7.04 62.26
CA ASN D 105 -40.27 6.48 60.91
C ASN D 105 -39.79 5.05 60.84
N ALA D 106 -38.73 4.73 61.56
CA ALA D 106 -38.18 3.39 61.52
C ALA D 106 -39.26 2.39 61.89
N ILE D 107 -40.14 2.78 62.81
CA ILE D 107 -41.27 1.95 63.22
C ILE D 107 -42.48 2.15 62.30
N SER D 108 -42.89 3.41 62.09
CA SER D 108 -44.14 3.71 61.40
C SER D 108 -44.20 3.18 59.98
N ALA D 109 -43.10 3.28 59.25
CA ALA D 109 -43.09 2.80 57.88
C ALA D 109 -42.93 1.30 57.89
N PHE D 110 -43.94 0.62 58.39
CA PHE D 110 -43.83 -0.78 58.71
C PHE D 110 -43.33 -1.61 57.55
N SER D 111 -43.94 -1.45 56.41
CA SER D 111 -43.69 -2.33 55.27
C SER D 111 -42.29 -2.18 54.69
N SER D 112 -41.58 -1.10 55.03
CA SER D 112 -40.28 -0.87 54.44
C SER D 112 -39.15 -0.61 55.45
N ARG D 113 -39.51 -0.21 56.67
CA ARG D 113 -38.49 0.05 57.68
C ARG D 113 -38.46 -1.00 58.76
N THR D 114 -39.54 -1.77 58.88
CA THR D 114 -39.59 -2.81 59.89
C THR D 114 -39.81 -4.15 59.23
N GLY D 115 -41.06 -4.40 58.83
CA GLY D 115 -41.44 -5.70 58.29
C GLY D 115 -41.59 -6.68 59.45
N ILE D 116 -41.39 -6.14 60.64
CA ILE D 116 -41.38 -6.84 61.91
C ILE D 116 -42.33 -6.15 62.86
N SER D 117 -42.87 -6.89 63.81
CA SER D 117 -43.78 -6.29 64.76
C SER D 117 -43.16 -5.05 65.37
N GLN D 118 -43.95 -4.00 65.46
CA GLN D 118 -43.50 -2.75 66.04
C GLN D 118 -43.04 -2.95 67.47
N GLU D 119 -43.64 -3.94 68.14
CA GLU D 119 -43.29 -4.22 69.52
C GLU D 119 -41.86 -4.72 69.64
N THR D 120 -41.48 -5.57 68.71
CA THR D 120 -40.14 -6.14 68.73
C THR D 120 -39.17 -5.17 68.12
N ALA D 121 -39.64 -4.36 67.17
CA ALA D 121 -38.82 -3.35 66.56
C ALA D 121 -38.40 -2.33 67.60
N GLN D 122 -39.35 -1.96 68.46
CA GLN D 122 -39.04 -1.03 69.53
C GLN D 122 -38.06 -1.64 70.51
N LYS D 123 -38.24 -2.93 70.83
CA LYS D 123 -37.31 -3.57 71.73
C LYS D 123 -35.91 -3.45 71.18
N ILE D 124 -35.75 -3.69 69.88
CA ILE D 124 -34.45 -3.53 69.27
C ILE D 124 -34.01 -2.09 69.36
N ALA D 125 -34.90 -1.14 69.11
CA ALA D 125 -34.54 0.26 69.22
C ALA D 125 -34.00 0.55 70.62
N ASP D 126 -34.57 -0.09 71.64
CA ASP D 126 -34.15 0.10 73.01
C ASP D 126 -32.79 -0.55 73.27
N PHE D 127 -32.60 -1.76 72.75
CA PHE D 127 -31.33 -2.46 72.92
C PHE D 127 -30.21 -1.70 72.24
N ILE D 128 -30.50 -1.16 71.07
CA ILE D 128 -29.52 -0.39 70.32
C ILE D 128 -29.19 0.89 71.09
N THR D 129 -30.21 1.55 71.63
CA THR D 129 -30.02 2.77 72.41
C THR D 129 -28.97 2.57 73.49
N SER D 130 -29.02 1.42 74.15
CA SER D 130 -28.13 1.12 75.26
C SER D 130 -26.67 1.05 74.82
N ASN D 131 -26.43 1.00 73.51
CA ASN D 131 -25.08 0.92 72.97
C ASN D 131 -24.42 2.30 72.90
N TYR D 132 -25.16 3.34 73.29
CA TYR D 132 -24.69 4.73 73.33
C TYR D 132 -24.54 5.31 71.94
N ARG E 6 1.92 36.13 24.12
CA ARG E 6 1.40 34.84 23.68
C ARG E 6 1.98 33.69 24.51
N LYS E 7 3.26 33.43 24.33
CA LYS E 7 3.91 32.27 24.93
C LYS E 7 3.71 32.18 26.44
N LEU E 8 3.64 33.32 27.12
CA LEU E 8 3.57 33.31 28.58
C LEU E 8 2.18 32.98 29.11
N ARG E 9 1.19 32.85 28.23
CA ARG E 9 -0.14 32.46 28.70
C ARG E 9 -0.62 31.23 27.94
N GLN E 10 -0.09 31.06 26.72
CA GLN E 10 -0.51 29.99 25.83
C GLN E 10 0.27 28.69 26.02
N ASP E 11 1.59 28.79 26.19
CA ASP E 11 2.44 27.61 26.19
C ASP E 11 2.23 26.78 27.43
N SER E 12 1.60 27.38 28.41
CA SER E 12 1.31 26.74 29.67
C SER E 12 0.52 25.47 29.46
N THR E 13 -0.19 25.41 28.33
CA THR E 13 -0.98 24.24 28.01
C THR E 13 -0.10 23.02 27.90
N ASP E 14 1.04 23.17 27.24
CA ASP E 14 1.92 22.05 26.95
C ASP E 14 2.81 21.72 28.12
N ARG E 15 3.17 22.74 28.88
CA ARG E 15 4.03 22.53 30.03
C ARG E 15 3.23 21.81 31.12
N TYR E 16 2.01 22.27 31.33
CA TYR E 16 1.11 21.61 32.26
C TYR E 16 0.88 20.18 31.77
N LYS E 17 0.57 20.04 30.48
CA LYS E 17 0.38 18.74 29.86
C LYS E 17 1.56 17.82 30.15
N THR E 18 2.77 18.34 29.96
CA THR E 18 3.97 17.56 30.18
C THR E 18 3.93 16.84 31.50
N LYS E 19 3.70 17.58 32.59
CA LYS E 19 3.69 16.92 33.88
C LYS E 19 2.52 16.01 34.07
N LEU E 20 1.35 16.44 33.67
CA LEU E 20 0.19 15.66 34.00
C LEU E 20 0.33 14.27 33.38
N TYR E 21 0.87 14.23 32.17
CA TYR E 21 1.15 12.95 31.56
C TYR E 21 2.20 12.19 32.33
N LEU E 22 3.32 12.82 32.62
CA LEU E 22 4.41 12.14 33.31
C LEU E 22 4.00 11.64 34.68
N TRP E 23 3.19 12.43 35.38
CA TRP E 23 2.74 12.03 36.71
C TRP E 23 2.11 10.66 36.61
N ARG E 24 1.23 10.51 35.64
CA ARG E 24 0.53 9.26 35.43
C ARG E 24 1.43 8.19 34.79
N ASN E 25 2.30 8.60 33.89
CA ASN E 25 3.18 7.67 33.17
C ASN E 25 4.04 6.89 34.13
N LEU E 26 4.44 7.55 35.21
CA LEU E 26 5.31 6.93 36.19
C LEU E 26 4.55 5.97 37.10
N GLY E 27 3.23 5.89 36.90
CA GLY E 27 2.39 4.96 37.64
C GLY E 27 2.19 3.66 36.87
N GLY E 28 2.73 3.59 35.64
CA GLY E 28 2.58 2.39 34.82
C GLY E 28 1.21 2.31 34.15
N LEU E 29 0.54 3.45 34.05
CA LEU E 29 -0.79 3.54 33.48
C LEU E 29 -0.79 3.46 31.96
N ILE E 30 -1.97 3.23 31.39
CA ILE E 30 -2.14 3.07 29.95
C ILE E 30 -1.97 4.40 29.19
N PRO E 31 -1.05 4.47 28.21
CA PRO E 31 -0.75 5.63 27.38
C PRO E 31 -1.99 6.33 26.85
N GLU E 32 -2.97 5.56 26.40
CA GLU E 32 -4.18 6.13 25.84
C GLU E 32 -5.04 6.78 26.91
N ASP E 33 -5.28 6.07 28.01
CA ASP E 33 -6.09 6.62 29.08
C ASP E 33 -5.44 7.87 29.62
N MET E 34 -4.12 7.84 29.70
CA MET E 34 -3.41 9.00 30.21
C MET E 34 -3.59 10.15 29.27
N ALA E 35 -3.36 9.93 27.99
CA ALA E 35 -3.47 11.01 27.03
C ALA E 35 -4.85 11.65 27.14
N ILE E 36 -5.88 10.84 27.34
CA ILE E 36 -7.24 11.34 27.48
C ILE E 36 -7.42 12.13 28.77
N SER E 37 -7.01 11.55 29.90
CA SER E 37 -7.16 12.21 31.18
C SER E 37 -6.40 13.52 31.20
N VAL E 38 -5.22 13.51 30.62
CA VAL E 38 -4.40 14.70 30.58
C VAL E 38 -5.08 15.75 29.72
N THR E 39 -5.53 15.37 28.54
CA THR E 39 -6.19 16.31 27.66
C THR E 39 -7.29 17.06 28.39
N GLU E 40 -8.11 16.33 29.14
CA GLU E 40 -9.19 16.97 29.85
C GLU E 40 -8.65 17.89 30.94
N SER E 41 -7.59 17.45 31.62
CA SER E 41 -6.97 18.23 32.68
C SER E 41 -6.37 19.53 32.16
N ILE E 42 -5.63 19.46 31.06
CA ILE E 42 -4.96 20.65 30.53
C ILE E 42 -6.00 21.62 30.01
N THR E 43 -7.10 21.09 29.50
CA THR E 43 -8.17 21.94 29.01
C THR E 43 -8.80 22.67 30.17
N ALA E 44 -9.18 21.92 31.21
CA ALA E 44 -9.83 22.52 32.36
C ALA E 44 -8.92 23.54 32.99
N ASP E 45 -7.67 23.18 33.15
CA ASP E 45 -6.69 24.08 33.74
C ASP E 45 -6.54 25.34 32.95
N TRP E 46 -6.13 25.21 31.70
CA TRP E 46 -5.84 26.36 30.89
C TRP E 46 -7.08 27.22 30.71
N LYS E 47 -8.18 26.60 30.32
CA LYS E 47 -9.40 27.33 30.04
C LYS E 47 -9.89 28.09 31.24
N GLN E 48 -10.10 27.39 32.35
CA GLN E 48 -10.70 28.01 33.49
C GLN E 48 -9.79 29.06 34.05
N TYR E 49 -8.50 28.73 34.14
CA TYR E 49 -7.57 29.67 34.71
C TYR E 49 -7.46 30.93 33.92
N ASN E 50 -7.11 30.82 32.65
CA ASN E 50 -6.87 32.02 31.87
C ASN E 50 -8.12 32.82 31.65
N ASP E 51 -9.26 32.17 31.53
CA ASP E 51 -10.47 32.93 31.30
C ASP E 51 -10.76 33.85 32.46
N MET E 52 -10.87 33.28 33.65
CA MET E 52 -11.17 34.06 34.84
C MET E 52 -10.03 35.01 35.18
N MET E 53 -8.81 34.48 35.22
CA MET E 53 -7.65 35.26 35.60
C MET E 53 -7.38 36.40 34.64
N SER E 54 -7.44 36.14 33.33
CA SER E 54 -7.07 37.18 32.39
C SER E 54 -8.02 38.33 32.47
N LYS E 55 -9.31 38.04 32.58
CA LYS E 55 -10.26 39.14 32.65
C LYS E 55 -9.96 40.04 33.84
N VAL E 56 -9.72 39.45 35.01
CA VAL E 56 -9.42 40.24 36.18
C VAL E 56 -8.05 40.88 36.08
N ARG E 57 -7.04 40.09 35.76
CA ARG E 57 -5.68 40.56 35.68
C ARG E 57 -5.53 41.68 34.67
N ASN E 58 -6.21 41.56 33.53
CA ASN E 58 -6.10 42.57 32.50
C ASN E 58 -6.70 43.87 32.96
N GLU E 59 -7.91 43.81 33.51
CA GLU E 59 -8.54 45.02 34.01
C GLU E 59 -7.72 45.58 35.15
N THR E 60 -7.19 44.69 35.97
CA THR E 60 -6.42 45.08 37.12
C THR E 60 -5.13 45.76 36.70
N LEU E 61 -4.46 45.18 35.73
CA LEU E 61 -3.21 45.72 35.25
C LEU E 61 -3.41 47.09 34.62
N ASP E 62 -4.42 47.22 33.77
CA ASP E 62 -4.68 48.48 33.08
C ASP E 62 -5.08 49.60 34.04
N ILE E 63 -5.94 49.28 35.01
CA ILE E 63 -6.39 50.27 35.97
C ILE E 63 -5.26 50.72 36.87
N LEU E 64 -4.50 49.77 37.38
CA LEU E 64 -3.42 50.10 38.26
C LEU E 64 -2.35 50.92 37.51
N LYS E 65 -2.08 50.56 36.26
CA LYS E 65 -1.12 51.32 35.47
C LYS E 65 -1.62 52.73 35.25
N THR E 66 -2.91 52.86 34.95
CA THR E 66 -3.53 54.16 34.76
C THR E 66 -3.37 55.03 35.99
N ASN E 67 -3.49 54.41 37.15
CA ASN E 67 -3.44 55.11 38.42
C ASN E 67 -2.01 55.28 38.97
N LYS E 68 -1.01 55.01 38.13
CA LYS E 68 0.40 55.21 38.46
C LYS E 68 0.88 54.29 39.58
N VAL E 69 0.42 53.05 39.55
CA VAL E 69 0.83 52.03 40.48
C VAL E 69 2.17 51.43 40.03
N ALA E 70 3.12 51.33 40.98
CA ALA E 70 4.46 50.82 40.65
C ALA E 70 4.39 49.32 40.45
N THR E 71 5.31 48.75 39.70
CA THR E 71 5.22 47.33 39.37
C THR E 71 5.24 46.43 40.61
N GLU E 72 5.94 46.89 41.64
CA GLU E 72 6.02 46.15 42.90
C GLU E 72 4.73 46.24 43.70
N ASP E 73 3.82 47.10 43.27
CA ASP E 73 2.58 47.28 43.99
C ASP E 73 1.47 46.37 43.44
N TYR E 74 1.59 45.99 42.17
CA TYR E 74 0.54 45.24 41.51
C TYR E 74 0.20 43.96 42.26
N ILE E 75 1.21 43.27 42.77
CA ILE E 75 0.94 42.05 43.55
C ILE E 75 -0.17 42.21 44.56
N GLY E 76 -0.17 43.30 45.30
CA GLY E 76 -1.16 43.43 46.33
C GLY E 76 -2.51 43.53 45.70
N TYR E 77 -2.58 44.37 44.70
CA TYR E 77 -3.84 44.67 44.07
C TYR E 77 -4.33 43.52 43.22
N ILE E 78 -3.41 42.74 42.68
CA ILE E 78 -3.76 41.56 41.91
C ILE E 78 -4.19 40.44 42.82
N ALA E 79 -3.42 40.18 43.88
CA ALA E 79 -3.81 39.16 44.82
C ALA E 79 -5.21 39.46 45.36
N PHE E 80 -5.46 40.74 45.67
CA PHE E 80 -6.80 41.16 46.01
C PHE E 80 -7.72 41.04 44.82
N ALA E 81 -7.24 41.45 43.65
CA ALA E 81 -8.11 41.46 42.48
C ALA E 81 -8.81 40.13 42.31
N GLU E 82 -8.06 39.06 42.41
CA GLU E 82 -8.64 37.76 42.22
C GLU E 82 -9.45 37.36 43.44
N GLU E 83 -8.87 37.49 44.63
CA GLU E 83 -9.61 37.12 45.82
C GLU E 83 -10.99 37.79 45.84
N LEU E 84 -10.99 39.08 45.58
CA LEU E 84 -12.21 39.88 45.57
C LEU E 84 -13.13 39.42 44.47
N ALA E 85 -12.58 39.22 43.28
CA ALA E 85 -13.36 38.81 42.14
C ALA E 85 -14.05 37.48 42.42
N HIS E 86 -13.39 36.61 43.15
CA HIS E 86 -13.96 35.32 43.50
C HIS E 86 -15.11 35.51 44.49
N GLN E 87 -14.90 36.38 45.47
CA GLN E 87 -15.97 36.68 46.41
C GLN E 87 -17.17 37.29 45.68
N VAL E 88 -16.90 38.05 44.61
CA VAL E 88 -17.99 38.61 43.81
C VAL E 88 -18.85 37.49 43.23
N TRP E 89 -18.20 36.47 42.65
CA TRP E 89 -18.95 35.33 42.14
C TRP E 89 -19.69 34.65 43.26
N LYS E 90 -19.00 34.41 44.35
CA LYS E 90 -19.57 33.71 45.48
C LYS E 90 -20.90 34.32 45.84
N ASN E 91 -20.94 35.65 45.88
CA ASN E 91 -22.15 36.36 46.22
C ASN E 91 -23.18 36.32 45.09
N LYS E 92 -22.73 36.52 43.85
CA LYS E 92 -23.67 36.47 42.74
C LYS E 92 -24.37 35.11 42.70
N ASN E 93 -23.65 34.08 43.09
CA ASN E 93 -24.17 32.73 43.13
C ASN E 93 -25.01 32.44 44.40
N SER E 94 -24.48 32.78 45.58
CA SER E 94 -25.09 32.35 46.84
C SER E 94 -25.96 33.36 47.59
N SER E 95 -25.79 34.66 47.32
CA SER E 95 -26.45 35.65 48.16
C SER E 95 -27.41 36.54 47.36
N PRO E 96 -28.36 37.22 48.03
CA PRO E 96 -29.22 38.27 47.51
C PRO E 96 -28.41 39.44 46.97
N ASP E 97 -28.92 40.09 45.94
CA ASP E 97 -28.21 41.23 45.36
C ASP E 97 -27.72 42.24 46.42
N PRO E 98 -28.55 42.65 47.41
CA PRO E 98 -28.19 43.54 48.51
C PRO E 98 -26.97 43.04 49.28
N ASN E 99 -26.78 41.73 49.33
CA ASN E 99 -25.66 41.17 50.05
C ASN E 99 -24.43 41.19 49.18
N THR E 100 -24.61 41.09 47.88
CA THR E 100 -23.49 41.16 46.97
C THR E 100 -22.90 42.56 47.06
N ALA E 101 -23.78 43.56 47.02
CA ALA E 101 -23.35 44.94 47.14
C ALA E 101 -22.73 45.21 48.50
N ASN E 102 -23.38 44.72 49.56
CA ASN E 102 -22.87 44.93 50.91
C ASN E 102 -21.52 44.28 51.07
N GLU E 103 -21.41 43.01 50.69
CA GLU E 103 -20.17 42.29 50.84
C GLU E 103 -19.05 42.98 50.10
N ALA E 104 -19.33 43.45 48.89
CA ALA E 104 -18.27 44.11 48.13
C ALA E 104 -17.70 45.27 48.93
N SER E 105 -18.56 46.08 49.53
CA SER E 105 -18.13 47.22 50.33
C SER E 105 -17.46 46.79 51.62
N LYS E 106 -18.02 45.78 52.27
CA LYS E 106 -17.48 45.30 53.53
C LYS E 106 -16.13 44.63 53.33
N THR E 107 -15.97 43.98 52.19
CA THR E 107 -14.68 43.36 51.87
C THR E 107 -13.65 44.42 51.58
N ASP E 108 -14.03 45.45 50.84
CA ASP E 108 -13.09 46.54 50.64
C ASP E 108 -12.58 47.00 52.00
N LEU E 109 -13.49 47.14 52.96
CA LEU E 109 -13.09 47.47 54.31
C LEU E 109 -12.15 46.40 54.88
N GLU E 110 -12.54 45.12 54.77
CA GLU E 110 -11.72 44.02 55.28
C GLU E 110 -10.30 44.10 54.76
N SER E 111 -10.17 44.39 53.48
CA SER E 111 -8.89 44.44 52.81
C SER E 111 -7.92 45.39 53.48
N LYS E 112 -8.44 46.28 54.34
CA LYS E 112 -7.64 47.23 55.08
C LYS E 112 -6.65 46.52 56.00
N TYR E 113 -6.88 45.21 56.25
CA TYR E 113 -5.94 44.43 57.03
C TYR E 113 -4.55 44.51 56.41
N SER E 114 -4.51 44.75 55.10
CA SER E 114 -3.28 44.88 54.37
C SER E 114 -3.00 46.32 54.04
N ASP E 115 -1.73 46.69 54.07
CA ASP E 115 -1.25 48.00 53.71
C ASP E 115 -1.59 48.38 52.27
N VAL E 116 -1.91 47.37 51.49
CA VAL E 116 -2.23 47.51 50.10
C VAL E 116 -3.53 48.27 49.88
N TYR E 117 -4.52 48.01 50.70
CA TYR E 117 -5.85 48.53 50.46
C TYR E 117 -5.93 50.04 50.37
N GLY E 118 -6.67 50.51 49.37
CA GLY E 118 -6.91 51.92 49.16
C GLY E 118 -7.86 52.11 47.99
N LEU E 119 -7.96 53.34 47.50
CA LEU E 119 -8.88 53.66 46.39
C LEU E 119 -8.75 52.65 45.26
N ASP E 120 -7.52 52.26 44.95
CA ASP E 120 -7.27 51.34 43.87
C ASP E 120 -8.14 50.10 44.00
N VAL E 121 -8.28 49.59 45.22
CA VAL E 121 -9.06 48.39 45.45
C VAL E 121 -10.53 48.63 45.22
N THR E 122 -11.04 49.73 45.76
CA THR E 122 -12.45 50.02 45.64
C THR E 122 -12.85 50.20 44.19
N VAL E 123 -11.96 50.83 43.40
CA VAL E 123 -12.21 50.99 41.98
C VAL E 123 -12.24 49.65 41.29
N LEU E 124 -11.25 48.83 41.56
CA LEU E 124 -11.13 47.54 40.93
C LEU E 124 -12.32 46.64 41.20
N ASP E 125 -12.80 46.61 42.44
CA ASP E 125 -13.89 45.70 42.75
C ASP E 125 -15.15 46.16 42.04
N ALA E 126 -15.39 47.46 42.01
CA ALA E 126 -16.58 47.96 41.32
C ALA E 126 -16.58 47.47 39.88
N ILE E 127 -15.41 47.45 39.26
CA ILE E 127 -15.27 46.97 37.89
C ILE E 127 -15.60 45.49 37.82
N TYR E 128 -15.02 44.69 38.71
CA TYR E 128 -15.25 43.25 38.66
C TYR E 128 -16.73 42.93 38.77
N ASN E 129 -17.41 43.61 39.69
CA ASN E 129 -18.83 43.36 39.90
C ASN E 129 -19.63 43.67 38.66
N ALA E 130 -19.32 44.80 38.04
CA ALA E 130 -20.05 45.25 36.87
C ALA E 130 -19.63 44.55 35.58
N VAL E 131 -18.39 44.06 35.51
CA VAL E 131 -17.85 43.61 34.23
C VAL E 131 -17.58 42.12 34.06
N ILE E 132 -17.02 41.46 35.08
CA ILE E 132 -16.41 40.16 34.81
C ILE E 132 -17.22 38.97 35.34
N PRO E 133 -17.56 37.99 34.47
CA PRO E 133 -18.26 36.75 34.78
C PRO E 133 -17.30 35.74 35.39
N ILE E 134 -16.91 36.01 36.63
CA ILE E 134 -15.89 35.23 37.35
C ILE E 134 -16.26 33.78 37.56
N ILE E 135 -15.29 32.91 37.32
CA ILE E 135 -15.42 31.48 37.55
C ILE E 135 -15.05 31.12 38.98
N MET E 136 -15.91 30.35 39.65
CA MET E 136 -15.66 29.88 40.99
C MET E 136 -16.66 28.80 41.39
N ARG F 7 -10.62 6.10 62.57
CA ARG F 7 -10.07 6.17 61.23
C ARG F 7 -9.03 7.31 61.09
N GLN F 8 -9.43 8.53 61.46
CA GLN F 8 -8.58 9.72 61.31
C GLN F 8 -7.45 9.74 62.32
N ASP F 9 -7.44 8.77 63.21
CA ASP F 9 -6.42 8.65 64.23
C ASP F 9 -5.10 8.15 63.67
N SER F 10 -5.15 7.43 62.54
CA SER F 10 -3.90 6.94 61.96
C SER F 10 -3.93 6.76 60.45
N LYS F 11 -5.10 6.57 59.87
CA LYS F 11 -5.15 6.19 58.47
C LYS F 11 -4.57 7.28 57.58
N ASP F 12 -4.55 8.51 58.07
CA ASP F 12 -4.14 9.62 57.24
C ASP F 12 -2.67 9.55 56.90
N ARG F 13 -1.81 9.48 57.90
CA ARG F 13 -0.39 9.43 57.65
C ARG F 13 0.00 8.17 56.90
N TYR F 14 -0.69 7.06 57.17
CA TYR F 14 -0.35 5.82 56.50
C TYR F 14 -0.57 5.90 55.01
N GLN F 15 -1.73 6.37 54.61
CA GLN F 15 -2.04 6.42 53.19
C GLN F 15 -1.49 7.64 52.52
N TYR F 16 -1.48 8.75 53.22
CA TYR F 16 -0.95 9.94 52.61
C TYR F 16 0.46 9.65 52.11
N LYS F 17 1.27 8.97 52.92
CA LYS F 17 2.59 8.58 52.47
C LYS F 17 2.48 7.78 51.16
N GLN F 18 1.54 6.83 51.11
CA GLN F 18 1.35 6.05 49.88
C GLN F 18 1.05 6.94 48.70
N TYR F 19 0.24 7.96 48.91
CA TYR F 19 -0.06 8.89 47.84
C TYR F 19 1.18 9.47 47.23
N ILE F 20 2.02 10.03 48.07
CA ILE F 20 3.19 10.69 47.57
C ILE F 20 4.07 9.71 46.82
N TYR F 21 4.25 8.53 47.37
CA TYR F 21 5.06 7.54 46.71
C TYR F 21 4.61 7.40 45.27
N ARG F 22 3.30 7.30 45.06
CA ARG F 22 2.73 7.23 43.72
C ARG F 22 3.08 8.46 42.87
N SER F 23 2.94 9.65 43.46
CA SER F 23 3.28 10.89 42.74
C SER F 23 4.74 10.99 42.36
N ILE F 24 5.61 10.52 43.24
CA ILE F 24 7.03 10.57 42.98
C ILE F 24 7.34 9.76 41.73
N GLY F 25 6.78 8.56 41.66
CA GLY F 25 6.92 7.73 40.48
C GLY F 25 7.84 6.55 40.69
N GLY F 26 7.63 5.49 39.92
CA GLY F 26 8.40 4.26 40.07
C GLY F 26 9.80 4.37 39.48
N ILE F 27 10.10 5.50 38.86
CA ILE F 27 11.40 5.73 38.25
C ILE F 27 12.40 6.27 39.26
N VAL F 28 11.91 6.72 40.41
CA VAL F 28 12.77 7.32 41.41
C VAL F 28 13.22 6.26 42.44
N PRO F 29 14.54 6.10 42.63
CA PRO F 29 15.14 5.16 43.56
C PRO F 29 14.52 5.35 44.95
N PRO F 30 14.34 4.25 45.70
CA PRO F 30 13.65 4.19 46.99
C PRO F 30 14.28 5.06 48.06
N GLU F 31 15.58 5.33 47.95
CA GLU F 31 16.27 6.19 48.90
C GLU F 31 15.78 7.62 48.79
N MET F 32 15.14 7.91 47.67
CA MET F 32 14.53 9.20 47.46
C MET F 32 13.02 9.07 47.56
N ALA F 33 12.48 8.01 46.99
CA ALA F 33 11.03 7.90 46.96
C ALA F 33 10.44 7.87 48.36
N GLU F 34 10.96 7.02 49.23
CA GLU F 34 10.40 6.89 50.57
C GLU F 34 10.81 8.02 51.48
N THR F 35 12.05 8.47 51.36
CA THR F 35 12.59 9.47 52.25
C THR F 35 11.90 10.81 52.03
N VAL F 36 11.62 11.12 50.77
CA VAL F 36 10.88 12.32 50.43
C VAL F 36 9.45 12.20 50.90
N THR F 37 8.86 11.03 50.65
CA THR F 37 7.49 10.75 51.07
C THR F 37 7.31 10.98 52.55
N ALA F 38 8.18 10.37 53.35
CA ALA F 38 8.06 10.47 54.79
C ALA F 38 8.17 11.91 55.25
N ASN F 39 9.07 12.67 54.64
CA ASN F 39 9.27 14.05 55.02
C ASN F 39 8.05 14.89 54.71
N GLN F 40 7.54 14.76 53.50
CA GLN F 40 6.40 15.52 53.08
C GLN F 40 5.17 15.20 53.93
N THR F 41 5.04 13.94 54.30
CA THR F 41 3.95 13.52 55.15
C THR F 41 4.03 14.20 56.50
N ALA F 42 5.23 14.22 57.07
CA ALA F 42 5.40 14.86 58.37
C ALA F 42 4.93 16.30 58.30
N GLN F 43 5.22 16.96 57.18
CA GLN F 43 4.75 18.33 56.99
C GLN F 43 3.23 18.35 56.90
N TRP F 44 2.63 17.33 56.28
CA TRP F 44 1.17 17.27 56.20
C TRP F 44 0.59 17.18 57.58
N GLU F 45 1.15 16.31 58.39
CA GLU F 45 0.63 16.12 59.72
C GLU F 45 0.66 17.42 60.51
N ALA F 46 1.82 18.08 60.50
CA ALA F 46 2.00 19.32 61.24
C ALA F 46 1.17 20.45 60.67
N GLY F 47 1.13 20.56 59.36
CA GLY F 47 0.41 21.62 58.67
C GLY F 47 -1.09 21.48 58.82
N PHE F 48 -1.56 20.25 58.72
CA PHE F 48 -2.97 19.92 58.80
C PHE F 48 -3.56 20.13 60.19
N THR F 49 -2.88 19.59 61.19
CA THR F 49 -3.38 19.58 62.56
C THR F 49 -4.07 20.88 63.02
N PRO F 50 -3.45 22.08 62.92
CA PRO F 50 -4.00 23.35 63.37
C PRO F 50 -5.44 23.56 62.91
N TYR F 51 -5.74 23.18 61.69
CA TYR F 51 -7.07 23.38 61.15
C TYR F 51 -7.99 22.28 61.62
N HIS F 52 -7.42 21.11 61.77
CA HIS F 52 -8.16 19.97 62.26
C HIS F 52 -8.66 20.26 63.65
N LYS F 53 -7.78 20.83 64.48
CA LYS F 53 -8.13 21.19 65.85
C LYS F 53 -9.29 22.15 65.87
N LEU F 54 -9.25 23.16 65.00
CA LEU F 54 -10.35 24.11 64.91
C LEU F 54 -11.65 23.42 64.57
N ARG F 55 -11.63 22.57 63.56
CA ARG F 55 -12.84 21.90 63.12
C ARG F 55 -13.44 21.06 64.24
N LEU F 56 -12.59 20.35 64.97
CA LEU F 56 -13.06 19.54 66.08
C LEU F 56 -13.64 20.42 67.18
N ALA F 57 -12.97 21.54 67.46
CA ALA F 57 -13.46 22.49 68.47
C ALA F 57 -14.81 23.04 68.06
N ILE F 58 -14.97 23.38 66.78
CA ILE F 58 -16.21 23.93 66.26
C ILE F 58 -17.34 22.96 66.47
N LYS F 59 -17.11 21.69 66.16
CA LYS F 59 -18.12 20.67 66.37
C LYS F 59 -18.67 20.73 67.79
N GLU F 60 -17.77 20.78 68.76
CA GLU F 60 -18.17 20.83 70.16
C GLU F 60 -18.89 22.13 70.51
N ILE F 61 -18.47 23.24 69.90
CA ILE F 61 -19.11 24.51 70.18
C ILE F 61 -20.56 24.48 69.77
N CYS F 62 -20.84 23.94 68.59
CA CYS F 62 -22.22 23.89 68.13
C CYS F 62 -23.08 23.03 69.03
N LYS F 63 -22.55 21.89 69.48
CA LYS F 63 -23.30 21.07 70.40
C LYS F 63 -23.55 21.80 71.71
N THR F 64 -22.53 22.53 72.17
CA THR F 64 -22.62 23.30 73.41
C THR F 64 -23.68 24.37 73.30
N ASP F 65 -23.67 25.08 72.18
CA ASP F 65 -24.64 26.13 71.93
C ASP F 65 -26.04 25.56 71.66
N GLY F 66 -26.08 24.37 71.05
CA GLY F 66 -27.36 23.75 70.71
C GLY F 66 -27.85 24.32 69.39
N ILE F 67 -26.92 24.43 68.45
CA ILE F 67 -27.20 25.04 67.17
C ILE F 67 -27.00 24.04 66.02
N PRO F 68 -27.56 24.31 64.81
CA PRO F 68 -27.65 23.45 63.64
C PRO F 68 -26.36 22.80 63.18
N ASN F 69 -26.42 21.52 62.76
CA ASN F 69 -25.28 20.79 62.25
C ASN F 69 -24.94 21.23 60.84
N ILE F 70 -25.96 21.55 60.05
CA ILE F 70 -25.71 21.90 58.66
C ILE F 70 -24.81 23.09 58.55
N LYS F 71 -24.94 23.99 59.51
CA LYS F 71 -24.23 25.24 59.48
C LYS F 71 -22.74 25.06 59.74
N TRP F 72 -22.33 23.83 60.04
CA TRP F 72 -20.93 23.52 60.19
C TRP F 72 -20.20 23.84 58.92
N GLY F 73 -20.86 23.71 57.78
CA GLY F 73 -20.19 24.04 56.54
C GLY F 73 -19.62 25.45 56.63
N MET F 74 -20.37 26.36 57.27
CA MET F 74 -19.93 27.73 57.41
C MET F 74 -19.15 27.98 58.69
N TYR F 75 -19.51 27.31 59.78
CA TYR F 75 -18.74 27.54 61.00
C TYR F 75 -17.31 27.12 60.71
N ILE F 76 -17.15 26.02 59.97
CA ILE F 76 -15.87 25.54 59.55
C ILE F 76 -15.22 26.50 58.58
N ALA F 77 -15.93 26.85 57.50
CA ALA F 77 -15.37 27.77 56.51
C ALA F 77 -14.91 29.07 57.16
N PHE F 78 -15.74 29.58 58.04
CA PHE F 78 -15.49 30.81 58.75
C PHE F 78 -14.23 30.66 59.59
N GLY F 79 -14.19 29.60 60.39
CA GLY F 79 -13.05 29.34 61.26
C GLY F 79 -11.76 29.16 60.48
N GLU F 80 -11.82 28.32 59.45
CA GLU F 80 -10.64 28.03 58.63
C GLU F 80 -10.13 29.28 57.94
N LYS F 81 -11.04 30.10 57.42
CA LYS F 81 -10.64 31.33 56.76
C LYS F 81 -9.92 32.21 57.74
N LEU F 82 -10.47 32.36 58.93
CA LEU F 82 -9.86 33.21 59.91
C LEU F 82 -8.50 32.67 60.33
N LEU F 83 -8.35 31.36 60.51
CA LEU F 83 -7.05 30.87 60.90
C LEU F 83 -6.01 31.23 59.86
N LYS F 84 -6.36 31.08 58.58
CA LYS F 84 -5.43 31.49 57.54
C LYS F 84 -5.04 32.94 57.77
N SER F 85 -6.02 33.77 58.10
CA SER F 85 -5.78 35.17 58.39
C SER F 85 -4.87 35.35 59.60
N TYR F 86 -5.06 34.54 60.64
CA TYR F 86 -4.24 34.66 61.83
C TYR F 86 -2.81 34.26 61.56
N LEU F 87 -2.62 33.31 60.66
CA LEU F 87 -1.28 32.94 60.26
C LEU F 87 -0.62 34.09 59.51
N LYS F 88 -1.40 34.74 58.64
CA LYS F 88 -0.91 35.89 57.89
C LYS F 88 -0.55 37.06 58.81
N MET F 89 -1.26 37.21 59.91
CA MET F 89 -1.00 38.26 60.90
C MET F 89 0.39 38.17 61.47
N LYS F 90 1.03 37.01 61.35
CA LYS F 90 2.37 36.85 61.88
C LYS F 90 3.37 37.51 60.96
N ALA F 91 2.89 37.94 59.80
CA ALA F 91 3.67 38.72 58.86
C ALA F 91 3.21 40.17 58.89
N GLY F 92 1.89 40.37 58.95
CA GLY F 92 1.29 41.71 58.90
C GLY F 92 1.53 42.54 60.14
N SER F 93 1.60 41.91 61.30
CA SER F 93 1.69 42.61 62.58
C SER F 93 0.43 43.40 62.81
N ALA F 94 0.44 44.22 63.86
CA ALA F 94 -0.75 45.00 64.19
C ALA F 94 -1.99 44.11 64.13
N SER F 95 -1.89 42.94 64.75
CA SER F 95 -2.94 41.94 64.63
C SER F 95 -4.26 42.48 65.12
N SER F 96 -4.22 43.36 66.10
CA SER F 96 -5.45 43.91 66.65
C SER F 96 -6.33 44.49 65.56
N ASP F 97 -5.72 45.14 64.58
CA ASP F 97 -6.47 45.78 63.52
C ASP F 97 -6.81 44.79 62.44
N MET F 98 -5.88 43.90 62.13
CA MET F 98 -6.14 42.91 61.11
C MET F 98 -7.30 42.03 61.53
N ILE F 99 -7.31 41.66 62.81
CA ILE F 99 -8.34 40.81 63.38
C ILE F 99 -9.68 41.46 63.21
N ALA F 100 -9.78 42.72 63.61
CA ALA F 100 -11.02 43.43 63.50
C ALA F 100 -11.50 43.47 62.06
N GLU F 101 -10.58 43.73 61.13
CA GLU F 101 -10.97 43.85 59.74
C GLU F 101 -11.46 42.53 59.16
N TYR F 102 -10.79 41.44 59.49
CA TYR F 102 -11.21 40.13 59.00
C TYR F 102 -12.60 39.81 59.52
N ILE F 103 -12.82 40.09 60.79
CA ILE F 103 -14.11 39.86 61.40
C ILE F 103 -15.16 40.78 60.78
N ASN F 104 -14.81 42.05 60.57
CA ASN F 104 -15.77 43.01 60.03
C ASN F 104 -16.54 42.45 58.85
N ASN F 105 -15.83 41.94 57.85
CA ASN F 105 -16.52 41.40 56.67
C ASN F 105 -16.97 39.98 56.88
N ALA F 106 -16.15 39.19 57.58
CA ALA F 106 -16.49 37.80 57.81
C ALA F 106 -17.85 37.70 58.46
N ILE F 107 -18.16 38.66 59.34
CA ILE F 107 -19.45 38.73 60.00
C ILE F 107 -20.48 39.48 59.17
N SER F 108 -20.13 40.69 58.70
CA SER F 108 -21.09 41.59 58.06
C SER F 108 -21.72 41.01 56.80
N ALA F 109 -20.92 40.34 55.99
CA ALA F 109 -21.46 39.76 54.76
C ALA F 109 -22.18 38.48 55.11
N PHE F 110 -23.27 38.62 55.82
CA PHE F 110 -23.93 37.49 56.43
C PHE F 110 -24.21 36.37 55.46
N SER F 111 -24.85 36.71 54.36
CA SER F 111 -25.36 35.72 53.43
C SER F 111 -24.28 34.92 52.72
N SER F 112 -23.03 35.39 52.77
CA SER F 112 -21.96 34.70 52.04
C SER F 112 -20.73 34.39 52.88
N ARG F 113 -20.54 35.07 54.00
CA ARG F 113 -19.38 34.82 54.83
C ARG F 113 -19.75 34.12 56.13
N THR F 114 -21.03 34.16 56.50
CA THR F 114 -21.46 33.52 57.72
C THR F 114 -22.53 32.50 57.39
N GLY F 115 -23.74 32.98 57.16
CA GLY F 115 -24.90 32.11 56.95
C GLY F 115 -25.35 31.58 58.31
N ILE F 116 -24.66 32.05 59.33
CA ILE F 116 -24.81 31.67 60.72
C ILE F 116 -24.98 32.91 61.57
N SER F 117 -25.65 32.78 62.69
CA SER F 117 -25.85 33.93 63.55
C SER F 117 -24.53 34.63 63.82
N GLN F 118 -24.55 35.94 63.72
CA GLN F 118 -23.36 36.74 63.97
C GLN F 118 -22.84 36.50 65.38
N GLU F 119 -23.75 36.16 66.30
CA GLU F 119 -23.35 35.93 67.67
C GLU F 119 -22.48 34.70 67.79
N THR F 120 -22.84 33.66 67.06
CA THR F 120 -22.09 32.42 67.10
C THR F 120 -20.88 32.53 66.21
N ALA F 121 -20.98 33.31 65.15
CA ALA F 121 -19.86 33.53 64.26
C ALA F 121 -18.75 34.23 65.02
N GLN F 122 -19.12 35.21 65.83
CA GLN F 122 -18.15 35.92 66.65
C GLN F 122 -17.52 34.98 67.66
N LYS F 123 -18.33 34.12 68.27
CA LYS F 123 -17.78 33.17 69.23
C LYS F 123 -16.70 32.35 68.56
N ILE F 124 -16.96 31.90 67.34
CA ILE F 124 -15.96 31.16 66.60
C ILE F 124 -14.75 32.05 66.34
N ALA F 125 -14.99 33.29 65.94
CA ALA F 125 -13.87 34.20 65.72
C ALA F 125 -13.00 34.30 66.97
N ASP F 126 -13.64 34.27 68.14
CA ASP F 126 -12.92 34.36 69.40
C ASP F 126 -12.16 33.08 69.71
N PHE F 127 -12.79 31.93 69.45
CA PHE F 127 -12.15 30.64 69.68
C PHE F 127 -10.95 30.48 68.76
N ILE F 128 -11.10 30.92 67.52
CA ILE F 128 -10.02 30.84 66.56
C ILE F 128 -8.88 31.76 66.97
N THR F 129 -9.21 32.97 67.44
CA THR F 129 -8.22 33.92 67.90
C THR F 129 -7.28 33.29 68.92
N SER F 130 -7.86 32.50 69.83
CA SER F 130 -7.09 31.88 70.90
C SER F 130 -6.05 30.89 70.38
N ASN F 131 -6.14 30.53 69.10
CA ASN F 131 -5.22 29.59 68.49
C ASN F 131 -3.91 30.27 68.06
N TYR F 132 -3.84 31.59 68.26
CA TYR F 132 -2.66 32.41 67.96
C TYR F 132 -2.47 32.60 66.46
N ARG G 6 26.94 34.62 11.07
CA ARG G 6 25.70 33.85 10.99
C ARG G 6 25.66 32.71 12.01
N LYS G 7 26.51 31.72 11.79
CA LYS G 7 26.47 30.49 12.59
C LYS G 7 26.56 30.74 14.09
N LEU G 8 27.29 31.78 14.50
CA LEU G 8 27.50 32.02 15.92
C LEU G 8 26.31 32.67 16.62
N ARG G 9 25.28 33.03 15.86
CA ARG G 9 24.09 33.58 16.50
C ARG G 9 22.85 32.78 16.08
N GLN G 10 22.94 32.17 14.90
CA GLN G 10 21.82 31.45 14.30
C GLN G 10 21.75 29.99 14.73
N ASP G 11 22.89 29.30 14.77
CA ASP G 11 22.90 27.86 14.96
C ASP G 11 22.50 27.50 16.38
N SER G 12 22.52 28.48 17.24
CA SER G 12 22.17 28.32 18.63
C SER G 12 20.77 27.76 18.76
N THR G 13 19.95 27.98 17.75
CA THR G 13 18.59 27.48 17.76
C THR G 13 18.58 25.97 17.86
N ASP G 14 19.45 25.32 17.10
CA ASP G 14 19.47 23.87 17.00
C ASP G 14 20.22 23.24 18.14
N ARG G 15 21.23 23.94 18.63
CA ARG G 15 22.02 23.42 19.73
C ARG G 15 21.18 23.47 21.00
N TYR G 16 20.50 24.60 21.20
CA TYR G 16 19.60 24.74 22.32
C TYR G 16 18.50 23.68 22.19
N LYS G 17 17.93 23.58 20.98
CA LYS G 17 16.91 22.57 20.69
C LYS G 17 17.39 21.19 21.08
N THR G 18 18.61 20.85 20.70
CA THR G 18 19.18 19.55 20.98
C THR G 18 18.99 19.18 22.44
N LYS G 19 19.43 20.04 23.34
CA LYS G 19 19.30 19.72 24.76
C LYS G 19 17.88 19.72 25.23
N LEU G 20 17.11 20.71 24.83
CA LEU G 20 15.80 20.82 25.41
C LEU G 20 15.01 19.56 25.12
N TYR G 21 15.18 19.03 23.91
CA TYR G 21 14.55 17.77 23.58
C TYR G 21 15.11 16.64 24.43
N LEU G 22 16.43 16.52 24.48
CA LEU G 22 17.04 15.42 25.22
C LEU G 22 16.70 15.47 26.70
N TRP G 23 16.63 16.67 27.25
CA TRP G 23 16.31 16.80 28.66
C TRP G 23 15.00 16.08 28.92
N ARG G 24 14.01 16.37 28.08
CA ARG G 24 12.71 15.76 28.22
C ARG G 24 12.69 14.29 27.78
N ASN G 25 13.44 13.96 26.73
CA ASN G 25 13.48 12.61 26.18
C ASN G 25 13.92 11.60 27.23
N LEU G 26 14.81 12.03 28.10
CA LEU G 26 15.35 11.16 29.13
C LEU G 26 14.37 10.98 30.28
N GLY G 27 13.23 11.68 30.20
CA GLY G 27 12.17 11.55 31.19
C GLY G 27 11.11 10.54 30.75
N GLY G 28 11.27 9.99 29.54
CA GLY G 28 10.31 9.02 29.02
C GLY G 28 9.05 9.68 28.49
N LEU G 29 9.14 10.97 28.19
CA LEU G 29 8.02 11.77 27.71
C LEU G 29 7.67 11.48 26.26
N ILE G 30 6.50 11.93 25.84
CA ILE G 30 5.99 11.71 24.48
C ILE G 30 6.73 12.55 23.44
N PRO G 31 7.32 11.92 22.40
CA PRO G 31 8.06 12.55 21.32
C PRO G 31 7.36 13.77 20.72
N GLU G 32 6.06 13.68 20.55
CA GLU G 32 5.31 14.78 19.97
C GLU G 32 5.19 15.96 20.92
N ASP G 33 4.81 15.68 22.17
CA ASP G 33 4.69 16.75 23.14
C ASP G 33 6.02 17.43 23.33
N MET G 34 7.08 16.63 23.33
CA MET G 34 8.39 17.19 23.51
C MET G 34 8.74 18.08 22.35
N ALA G 35 8.54 17.59 21.14
CA ALA G 35 8.88 18.38 19.98
C ALA G 35 8.17 19.72 20.03
N ILE G 36 6.92 19.72 20.49
CA ILE G 36 6.15 20.95 20.61
C ILE G 36 6.70 21.86 21.70
N SER G 37 6.93 21.31 22.90
CA SER G 37 7.42 22.10 24.01
C SER G 37 8.78 22.69 23.68
N VAL G 38 9.61 21.89 23.02
CA VAL G 38 10.92 22.33 22.65
C VAL G 38 10.82 23.45 21.63
N THR G 39 10.01 23.26 20.61
CA THR G 39 9.86 24.27 19.59
C THR G 39 9.54 25.62 20.21
N GLU G 40 8.61 25.63 21.17
CA GLU G 40 8.26 26.89 21.81
C GLU G 40 9.42 27.45 22.60
N SER G 41 10.15 26.56 23.29
CA SER G 41 11.30 26.95 24.09
C SER G 41 12.42 27.55 23.25
N ILE G 42 12.75 26.91 22.13
CA ILE G 42 13.85 27.37 21.31
C ILE G 42 13.49 28.68 20.67
N THR G 43 12.21 28.85 20.36
CA THR G 43 11.74 30.09 19.79
C THR G 43 11.87 31.21 20.80
N ALA G 44 11.34 30.98 22.00
CA ALA G 44 11.39 32.01 23.03
C ALA G 44 12.82 32.35 23.35
N ASP G 45 13.65 31.34 23.49
CA ASP G 45 15.05 31.54 23.79
C ASP G 45 15.75 32.34 22.72
N TRP G 46 15.75 31.83 21.51
CA TRP G 46 16.48 32.46 20.44
C TRP G 46 15.95 33.85 20.16
N LYS G 47 14.64 33.96 20.00
CA LYS G 47 14.03 35.23 19.66
C LYS G 47 14.30 36.29 20.70
N GLN G 48 13.94 36.01 21.95
CA GLN G 48 14.05 37.02 22.96
C GLN G 48 15.48 37.37 23.20
N TYR G 49 16.34 36.36 23.27
CA TYR G 49 17.72 36.62 23.54
C TYR G 49 18.38 37.46 22.48
N ASN G 50 18.35 36.97 21.24
CA ASN G 50 19.08 37.67 20.20
C ASN G 50 18.50 39.03 19.90
N ASP G 51 17.19 39.18 20.01
CA ASP G 51 16.60 40.47 19.70
C ASP G 51 17.12 41.54 20.66
N MET G 52 16.94 41.31 21.94
CA MET G 52 17.38 42.26 22.94
C MET G 52 18.90 42.38 22.98
N MET G 53 19.57 41.23 23.04
CA MET G 53 21.02 41.22 23.15
C MET G 53 21.70 41.82 21.94
N SER G 54 21.25 41.47 20.73
CA SER G 54 21.95 41.94 19.55
C SER G 54 21.86 43.44 19.45
N LYS G 55 20.69 43.99 19.73
CA LYS G 55 20.57 45.43 19.60
C LYS G 55 21.55 46.14 20.53
N VAL G 56 21.64 45.68 21.78
CA VAL G 56 22.56 46.29 22.72
C VAL G 56 24.00 45.96 22.38
N ARG G 57 24.28 44.69 22.17
CA ARG G 57 25.62 44.24 21.89
C ARG G 57 26.19 44.89 20.64
N ASN G 58 25.36 45.05 19.61
CA ASN G 58 25.82 45.64 18.38
C ASN G 58 26.17 47.09 18.58
N GLU G 59 25.27 47.85 19.21
CA GLU G 59 25.56 49.25 19.48
C GLU G 59 26.76 49.35 20.39
N THR G 60 26.83 48.45 21.35
CA THR G 60 27.89 48.45 22.32
C THR G 60 29.22 48.17 21.66
N LEU G 61 29.25 47.16 20.80
CA LEU G 61 30.45 46.78 20.12
C LEU G 61 30.96 47.90 19.22
N ASP G 62 30.05 48.49 18.44
CA ASP G 62 30.43 49.55 17.50
C ASP G 62 30.93 50.80 18.21
N ILE G 63 30.26 51.19 19.29
CA ILE G 63 30.65 52.38 20.03
C ILE G 63 31.99 52.18 20.71
N LEU G 64 32.15 51.04 21.36
CA LEU G 64 33.38 50.78 22.07
C LEU G 64 34.53 50.69 21.09
N LYS G 65 34.31 50.07 19.93
CA LYS G 65 35.36 49.99 18.92
C LYS G 65 35.72 51.38 18.41
N THR G 66 34.70 52.21 18.20
CA THR G 66 34.90 53.58 17.76
C THR G 66 35.78 54.34 18.75
N ASN G 67 35.55 54.09 20.03
CA ASN G 67 36.24 54.78 21.10
C ASN G 67 37.58 54.14 21.48
N LYS G 68 38.06 53.21 20.65
CA LYS G 68 39.36 52.57 20.84
C LYS G 68 39.44 51.71 22.09
N VAL G 69 38.35 51.00 22.36
CA VAL G 69 38.29 50.08 23.48
C VAL G 69 38.93 48.75 23.08
N ALA G 70 39.82 48.23 23.94
CA ALA G 70 40.54 46.98 23.64
C ALA G 70 39.58 45.82 23.79
N THR G 71 39.85 44.70 23.12
CA THR G 71 38.90 43.60 23.13
C THR G 71 38.66 43.04 24.52
N GLU G 72 39.67 43.12 25.37
CA GLU G 72 39.56 42.67 26.75
C GLU G 72 38.74 43.61 27.61
N ASP G 73 38.41 44.77 27.08
CA ASP G 73 37.66 45.76 27.82
C ASP G 73 36.15 45.62 27.57
N TYR G 74 35.78 45.08 26.42
CA TYR G 74 34.39 45.02 26.01
C TYR G 74 33.54 44.31 27.06
N ILE G 75 34.04 43.24 27.65
CA ILE G 75 33.29 42.55 28.70
C ILE G 75 32.69 43.47 29.73
N GLY G 76 33.46 44.43 30.20
CA GLY G 76 32.94 45.27 31.25
C GLY G 76 31.80 46.06 30.71
N TYR G 77 32.02 46.64 29.55
CA TYR G 77 31.06 47.54 28.98
C TYR G 77 29.86 46.81 28.44
N ILE G 78 30.05 45.57 28.02
CA ILE G 78 28.95 44.74 27.56
C ILE G 78 28.13 44.23 28.74
N ALA G 79 28.80 43.73 29.76
CA ALA G 79 28.10 43.27 30.94
C ALA G 79 27.25 44.41 31.50
N PHE G 80 27.84 45.61 31.53
CA PHE G 80 27.07 46.80 31.87
C PHE G 80 26.05 47.10 30.81
N ALA G 81 26.42 46.97 29.55
CA ALA G 81 25.52 47.33 28.48
C ALA G 81 24.17 46.68 28.66
N GLU G 82 24.19 45.39 28.93
CA GLU G 82 22.93 44.69 29.09
C GLU G 82 22.30 45.02 30.42
N GLU G 83 23.06 44.95 31.51
CA GLU G 83 22.49 45.27 32.81
C GLU G 83 21.79 46.61 32.78
N LEU G 84 22.47 47.60 32.23
CA LEU G 84 21.94 48.95 32.13
C LEU G 84 20.73 48.99 31.24
N ALA G 85 20.83 48.34 30.10
CA ALA G 85 19.74 48.32 29.13
C ALA G 85 18.49 47.73 29.75
N HIS G 86 18.67 46.73 30.61
CA HIS G 86 17.54 46.11 31.29
C HIS G 86 16.93 47.08 32.28
N GLN G 87 17.78 47.78 33.03
CA GLN G 87 17.28 48.78 33.96
C GLN G 87 16.53 49.88 33.20
N VAL G 88 16.96 50.18 31.97
CA VAL G 88 16.25 51.16 31.16
C VAL G 88 14.83 50.71 30.91
N TRP G 89 14.64 49.44 30.51
CA TRP G 89 13.30 48.92 30.34
C TRP G 89 12.53 48.97 31.63
N LYS G 90 13.17 48.52 32.70
CA LYS G 90 12.54 48.47 33.99
C LYS G 90 11.89 49.78 34.31
N ASN G 91 12.62 50.87 34.04
CA ASN G 91 12.12 52.19 34.31
C ASN G 91 11.06 52.61 33.30
N LYS G 92 11.29 52.35 32.02
CA LYS G 92 10.29 52.71 31.02
C LYS G 92 8.96 52.05 31.34
N ASN G 93 9.02 50.85 31.90
CA ASN G 93 7.84 50.10 32.29
C ASN G 93 7.25 50.55 33.63
N SER G 94 8.09 50.68 34.66
CA SER G 94 7.61 50.86 36.03
C SER G 94 7.65 52.29 36.60
N SER G 95 8.46 53.18 36.04
CA SER G 95 8.66 54.46 36.68
C SER G 95 8.24 55.63 35.77
N PRO G 96 8.00 56.82 36.34
CA PRO G 96 7.82 58.10 35.67
C PRO G 96 9.02 58.46 34.82
N ASP G 97 8.79 59.15 33.71
CA ASP G 97 9.89 59.55 32.84
C ASP G 97 11.07 60.20 33.59
N PRO G 98 10.83 61.15 34.53
CA PRO G 98 11.84 61.79 35.37
C PRO G 98 12.67 60.77 36.13
N ASN G 99 12.09 59.63 36.47
CA ASN G 99 12.81 58.62 37.22
C ASN G 99 13.64 57.78 36.27
N THR G 100 13.17 57.63 35.04
CA THR G 100 13.94 56.89 34.06
C THR G 100 15.22 57.66 33.79
N ALA G 101 15.08 58.97 33.59
CA ALA G 101 16.23 59.83 33.37
C ALA G 101 17.14 59.85 34.58
N ASN G 102 16.55 59.99 35.77
CA ASN G 102 17.33 60.03 36.98
C ASN G 102 18.08 58.74 37.19
N GLU G 103 17.37 57.62 37.10
CA GLU G 103 17.98 56.34 37.32
C GLU G 103 19.12 56.11 36.35
N ALA G 104 18.94 56.48 35.09
CA ALA G 104 20.00 56.27 34.13
C ALA G 104 21.29 56.95 34.61
N SER G 105 21.17 58.20 35.06
CA SER G 105 22.32 58.95 35.55
C SER G 105 22.86 58.39 36.86
N LYS G 106 21.96 58.00 37.76
CA LYS G 106 22.37 57.48 39.06
C LYS G 106 23.02 56.12 38.89
N THR G 107 22.56 55.33 37.93
CA THR G 107 23.16 54.05 37.65
C THR G 107 24.54 54.23 37.07
N ASP G 108 24.69 55.16 36.14
CA ASP G 108 26.02 55.44 35.63
C ASP G 108 26.95 55.69 36.80
N LEU G 109 26.48 56.47 37.78
CA LEU G 109 27.26 56.67 38.99
C LEU G 109 27.51 55.34 39.70
N GLU G 110 26.44 54.55 39.93
CA GLU G 110 26.57 53.26 40.60
C GLU G 110 27.65 52.41 39.98
N SER G 111 27.68 52.39 38.66
CA SER G 111 28.60 51.57 37.88
C SER G 111 30.05 51.83 38.26
N LYS G 112 30.30 52.97 38.93
CA LYS G 112 31.62 53.34 39.39
C LYS G 112 32.18 52.31 40.35
N TYR G 113 31.31 51.45 40.91
CA TYR G 113 31.77 50.38 41.77
C TYR G 113 32.80 49.53 41.04
N SER G 114 32.71 49.52 39.72
CA SER G 114 33.63 48.78 38.89
C SER G 114 34.61 49.71 38.22
N ASP G 115 35.83 49.24 38.07
CA ASP G 115 36.90 49.95 37.39
C ASP G 115 36.57 50.26 35.93
N VAL G 116 35.59 49.54 35.43
CA VAL G 116 35.13 49.65 34.07
C VAL G 116 34.49 50.99 33.78
N TYR G 117 33.71 51.50 34.72
CA TYR G 117 32.89 52.66 34.47
C TYR G 117 33.68 53.90 34.04
N GLY G 118 33.17 54.57 33.03
CA GLY G 118 33.73 55.80 32.52
C GLY G 118 32.85 56.36 31.41
N LEU G 119 33.37 57.33 30.66
CA LEU G 119 32.62 57.97 29.59
C LEU G 119 31.92 56.95 28.70
N ASP G 120 32.63 55.86 28.39
CA ASP G 120 32.08 54.84 27.53
C ASP G 120 30.71 54.38 28.00
N VAL G 121 30.54 54.24 29.32
CA VAL G 121 29.28 53.77 29.87
C VAL G 121 28.20 54.82 29.70
N THR G 122 28.53 56.06 30.02
CA THR G 122 27.54 57.13 29.95
C THR G 122 27.05 57.30 28.51
N VAL G 123 27.95 57.16 27.56
CA VAL G 123 27.58 57.25 26.15
C VAL G 123 26.65 56.11 25.79
N LEU G 124 27.03 54.90 26.17
CA LEU G 124 26.26 53.74 25.83
C LEU G 124 24.85 53.78 26.38
N ASP G 125 24.71 54.19 27.63
CA ASP G 125 23.38 54.17 28.21
C ASP G 125 22.49 55.19 27.52
N ALA G 126 23.02 56.37 27.21
CA ALA G 126 22.23 57.37 26.52
C ALA G 126 21.66 56.79 25.23
N ILE G 127 22.48 55.99 24.55
CA ILE G 127 22.05 55.34 23.32
C ILE G 127 20.92 54.35 23.59
N TYR G 128 21.10 53.49 24.59
CA TYR G 128 20.10 52.49 24.90
C TYR G 128 18.75 53.13 25.19
N ASN G 129 18.78 54.21 25.97
CA ASN G 129 17.54 54.88 26.35
C ASN G 129 16.83 55.43 25.13
N ALA G 130 17.61 56.06 24.26
CA ALA G 130 17.05 56.69 23.07
C ALA G 130 16.74 55.70 21.93
N VAL G 131 17.44 54.57 21.88
CA VAL G 131 17.36 53.72 20.70
C VAL G 131 16.69 52.35 20.87
N ILE G 132 16.97 51.63 21.94
CA ILE G 132 16.66 50.21 21.94
C ILE G 132 15.44 49.82 22.78
N PRO G 133 14.43 49.14 22.18
CA PRO G 133 13.23 48.62 22.81
C PRO G 133 13.54 47.33 23.57
N ILE G 134 14.25 47.47 24.68
CA ILE G 134 14.76 46.36 25.47
C ILE G 134 13.67 45.46 26.04
N ILE G 135 13.91 44.14 25.93
CA ILE G 135 13.03 43.13 26.48
C ILE G 135 13.41 42.82 27.93
N MET G 136 12.42 42.82 28.80
CA MET G 136 12.61 42.48 30.21
C MET G 136 11.27 42.28 30.90
N ARG H 7 7.26 23.63 56.13
CA ARG H 7 7.50 23.17 54.76
C ARG H 7 8.93 23.44 54.31
N GLN H 8 9.39 24.70 54.42
CA GLN H 8 10.71 25.10 53.94
C GLN H 8 11.83 24.58 54.82
N ASP H 9 11.45 23.93 55.91
CA ASP H 9 12.40 23.37 56.85
C ASP H 9 13.06 22.10 56.33
N SER H 10 12.39 21.41 55.39
CA SER H 10 12.99 20.20 54.85
C SER H 10 12.58 19.86 53.42
N LYS H 11 11.42 20.34 52.99
CA LYS H 11 10.89 19.88 51.72
C LYS H 11 11.81 20.26 50.56
N ASP H 12 12.62 21.29 50.76
CA ASP H 12 13.42 21.81 49.67
C ASP H 12 14.48 20.83 49.25
N ARG H 13 15.32 20.41 50.18
CA ARG H 13 16.38 19.48 49.84
C ARG H 13 15.82 18.15 49.36
N TYR H 14 14.70 17.72 49.92
CA TYR H 14 14.14 16.44 49.52
C TYR H 14 13.72 16.43 48.07
N GLN H 15 12.97 17.44 47.67
CA GLN H 15 12.49 17.47 46.31
C GLN H 15 13.49 18.02 45.34
N TYR H 16 14.27 18.98 45.77
CA TYR H 16 15.25 19.53 44.87
C TYR H 16 16.11 18.39 44.34
N LYS H 17 16.53 17.48 45.23
CA LYS H 17 17.27 16.32 44.77
C LYS H 17 16.47 15.57 43.69
N GLN H 18 15.17 15.38 43.92
CA GLN H 18 14.34 14.71 42.92
C GLN H 18 14.38 15.43 41.59
N TYR H 19 14.35 16.75 41.63
CA TYR H 19 14.44 17.51 40.40
C TYR H 19 15.64 17.15 39.58
N ILE H 20 16.79 17.21 40.21
CA ILE H 20 18.01 16.96 39.49
C ILE H 20 18.00 15.56 38.91
N TYR H 21 17.58 14.60 39.71
CA TYR H 21 17.54 13.23 39.23
C TYR H 21 16.82 13.20 37.88
N ARG H 22 15.67 13.88 37.81
CA ARG H 22 14.92 13.97 36.56
C ARG H 22 15.74 14.62 35.44
N SER H 23 16.42 15.72 35.74
CA SER H 23 17.25 16.41 34.75
C SER H 23 18.40 15.56 34.25
N ILE H 24 19.00 14.79 35.14
CA ILE H 24 20.11 13.94 34.77
C ILE H 24 19.66 12.95 33.72
N GLY H 25 18.51 12.33 33.96
CA GLY H 25 17.92 11.43 32.98
C GLY H 25 18.03 9.97 33.39
N GLY H 26 17.10 9.16 32.89
CA GLY H 26 17.05 7.74 33.26
C GLY H 26 18.11 6.91 32.55
N ILE H 27 18.88 7.55 31.67
CA ILE H 27 19.93 6.87 30.93
C ILE H 27 21.23 6.83 31.72
N VAL H 28 21.30 7.64 32.77
CA VAL H 28 22.53 7.73 33.54
C VAL H 28 22.49 6.78 34.74
N PRO H 29 23.49 5.88 34.87
CA PRO H 29 23.62 4.91 35.94
C PRO H 29 23.51 5.61 37.29
N PRO H 30 22.88 4.95 38.29
CA PRO H 30 22.54 5.50 39.60
C PRO H 30 23.75 5.95 40.40
N GLU H 31 24.92 5.38 40.13
CA GLU H 31 26.15 5.78 40.82
C GLU H 31 26.55 7.18 40.41
N MET H 32 25.99 7.65 39.31
CA MET H 32 26.18 9.00 38.86
C MET H 32 24.94 9.81 39.10
N ALA H 33 23.78 9.22 38.83
CA ALA H 33 22.56 9.98 38.92
C ALA H 33 22.34 10.52 40.34
N GLU H 34 22.44 9.65 41.34
CA GLU H 34 22.18 10.07 42.71
C GLU H 34 23.34 10.83 43.31
N THR H 35 24.55 10.43 43.00
CA THR H 35 25.72 11.03 43.60
C THR H 35 25.89 12.47 43.14
N VAL H 36 25.60 12.70 41.87
CA VAL H 36 25.63 14.05 41.33
C VAL H 36 24.51 14.86 41.92
N THR H 37 23.32 14.27 41.98
CA THR H 37 22.16 14.92 42.54
C THR H 37 22.43 15.41 43.95
N ALA H 38 22.92 14.52 44.80
CA ALA H 38 23.16 14.86 46.19
C ALA H 38 24.16 16.01 46.30
N ASN H 39 25.20 15.97 45.47
CA ASN H 39 26.21 17.01 45.51
C ASN H 39 25.66 18.36 45.11
N GLN H 40 24.94 18.39 44.01
CA GLN H 40 24.38 19.63 43.51
C GLN H 40 23.40 20.21 44.50
N THR H 41 22.64 19.34 45.15
CA THR H 41 21.69 19.79 46.16
C THR H 41 22.40 20.44 47.31
N ALA H 42 23.48 19.83 47.78
CA ALA H 42 24.24 20.41 48.88
C ALA H 42 24.68 21.82 48.52
N GLN H 43 25.06 22.03 47.26
CA GLN H 43 25.42 23.35 46.81
C GLN H 43 24.21 24.27 46.83
N TRP H 44 23.03 23.74 46.50
CA TRP H 44 21.81 24.55 46.54
C TRP H 44 21.57 25.02 47.94
N GLU H 45 21.66 24.10 48.90
CA GLU H 45 21.41 24.44 50.27
C GLU H 45 22.33 25.56 50.73
N ALA H 46 23.63 25.39 50.49
CA ALA H 46 24.63 26.36 50.92
C ALA H 46 24.49 27.68 50.17
N GLY H 47 24.26 27.60 48.87
CA GLY H 47 24.16 28.78 48.02
C GLY H 47 22.91 29.58 48.31
N PHE H 48 21.82 28.88 48.53
CA PHE H 48 20.52 29.46 48.78
C PHE H 48 20.44 30.18 50.13
N THR H 49 20.86 29.48 51.18
CA THR H 49 20.72 29.96 52.54
C THR H 49 21.01 31.47 52.75
N PRO H 50 22.17 32.03 52.33
CA PRO H 50 22.54 33.42 52.54
C PRO H 50 21.42 34.39 52.15
N TYR H 51 20.72 34.09 51.06
CA TYR H 51 19.67 34.98 50.59
C TYR H 51 18.41 34.72 51.37
N HIS H 52 18.22 33.47 51.75
CA HIS H 52 17.07 33.08 52.52
C HIS H 52 17.11 33.80 53.86
N LYS H 53 18.29 33.84 54.47
CA LYS H 53 18.48 34.52 55.73
C LYS H 53 18.11 35.98 55.63
N LEU H 54 18.54 36.63 54.55
CA LEU H 54 18.19 38.03 54.34
C LEU H 54 16.70 38.22 54.26
N ARG H 55 16.03 37.39 53.46
CA ARG H 55 14.60 37.52 53.29
C ARG H 55 13.87 37.37 54.60
N LEU H 56 14.28 36.41 55.41
CA LEU H 56 13.66 36.19 56.70
C LEU H 56 13.91 37.38 57.61
N ALA H 57 15.13 37.91 57.59
CA ALA H 57 15.47 39.08 58.38
C ALA H 57 14.64 40.27 57.97
N ILE H 58 14.45 40.46 56.67
CA ILE H 58 13.68 41.56 56.13
C ILE H 58 12.25 41.50 56.64
N LYS H 59 11.66 40.32 56.60
CA LYS H 59 10.31 40.14 57.11
C LYS H 59 10.19 40.71 58.51
N GLU H 60 11.12 40.34 59.38
CA GLU H 60 11.10 40.81 60.76
C GLU H 60 11.34 42.32 60.86
N ILE H 61 12.19 42.86 59.98
CA ILE H 61 12.45 44.30 60.03
C ILE H 61 11.19 45.08 59.74
N CYS H 62 10.44 44.66 58.74
CA CYS H 62 9.22 45.38 58.41
C CYS H 62 8.21 45.33 59.54
N LYS H 63 8.07 44.18 60.19
CA LYS H 63 7.18 44.09 61.34
C LYS H 63 7.66 45.01 62.45
N THR H 64 8.97 45.03 62.66
CA THR H 64 9.59 45.87 63.69
C THR H 64 9.32 47.34 63.43
N ASP H 65 9.51 47.75 62.19
CA ASP H 65 9.29 49.12 61.78
C ASP H 65 7.81 49.46 61.75
N GLY H 66 6.98 48.47 61.43
CA GLY H 66 5.54 48.68 61.33
C GLY H 66 5.21 49.24 59.96
N ILE H 67 5.83 48.66 58.95
CA ILE H 67 5.71 49.12 57.58
C ILE H 67 5.07 48.05 56.68
N PRO H 68 4.55 48.44 55.49
CA PRO H 68 3.75 47.66 54.55
C PRO H 68 4.33 46.30 54.16
N ASN H 69 3.47 45.28 54.05
CA ASN H 69 3.86 43.94 53.62
C ASN H 69 4.11 43.90 52.13
N ILE H 70 3.33 44.66 51.37
CA ILE H 70 3.46 44.59 49.92
C ILE H 70 4.83 44.98 49.47
N LYS H 71 5.43 45.89 50.21
CA LYS H 71 6.71 46.45 49.86
C LYS H 71 7.83 45.46 50.03
N TRP H 72 7.52 44.29 50.57
CA TRP H 72 8.50 43.23 50.68
C TRP H 72 9.02 42.87 49.31
N GLY H 73 8.19 43.01 48.29
CA GLY H 73 8.67 42.70 46.95
C GLY H 73 9.95 43.49 46.68
N MET H 74 9.99 44.74 47.16
CA MET H 74 11.16 45.57 46.96
C MET H 74 12.17 45.48 48.08
N TYR H 75 11.72 45.33 49.32
CA TYR H 75 12.68 45.21 50.40
C TYR H 75 13.54 43.99 50.10
N ILE H 76 12.88 42.92 49.62
CA ILE H 76 13.57 41.71 49.22
C ILE H 76 14.44 41.95 48.01
N ALA H 77 13.86 42.50 46.93
CA ALA H 77 14.65 42.76 45.73
C ALA H 77 15.88 43.61 46.04
N PHE H 78 15.67 44.63 46.83
CA PHE H 78 16.71 45.55 47.23
C PHE H 78 17.79 44.80 47.99
N GLY H 79 17.39 44.04 49.00
CA GLY H 79 18.32 43.27 49.81
C GLY H 79 19.08 42.25 49.00
N GLU H 80 18.37 41.47 48.19
CA GLU H 80 18.98 40.44 47.38
C GLU H 80 19.96 41.03 46.38
N LYS H 81 19.60 42.14 45.76
CA LYS H 81 20.50 42.79 44.82
C LYS H 81 21.77 43.19 45.51
N LEU H 82 21.63 43.81 46.68
CA LEU H 82 22.80 44.23 47.40
C LEU H 82 23.66 43.06 47.82
N LEU H 83 23.06 41.96 48.28
CA LEU H 83 23.90 40.85 48.68
C LEU H 83 24.74 40.36 47.50
N LYS H 84 24.14 40.29 46.32
CA LYS H 84 24.90 39.92 45.14
C LYS H 84 26.08 40.86 45.01
N SER H 85 25.83 42.15 45.21
CA SER H 85 26.87 43.15 45.17
C SER H 85 27.95 42.91 46.22
N TYR H 86 27.54 42.53 47.43
CA TYR H 86 28.49 42.29 48.51
C TYR H 86 29.35 41.09 48.22
N LEU H 87 28.79 40.10 47.55
CA LEU H 87 29.57 38.95 47.16
C LEU H 87 30.60 39.37 46.11
N LYS H 88 30.19 40.23 45.18
CA LYS H 88 31.08 40.74 44.15
C LYS H 88 32.22 41.58 44.75
N MET H 89 31.94 42.27 45.85
CA MET H 89 32.94 43.08 46.55
C MET H 89 34.12 42.26 47.02
N LYS H 90 33.95 40.95 47.11
CA LYS H 90 35.02 40.09 47.57
C LYS H 90 36.02 39.89 46.44
N ALA H 91 35.65 40.35 45.25
CA ALA H 91 36.53 40.38 44.10
C ALA H 91 37.01 41.81 43.85
N GLY H 92 36.08 42.75 43.96
CA GLY H 92 36.34 44.17 43.66
C GLY H 92 37.27 44.86 44.66
N SER H 93 37.17 44.46 45.93
CA SER H 93 37.90 45.14 47.00
C SER H 93 37.39 46.55 47.14
N ALA H 94 38.07 47.34 47.97
CA ALA H 94 37.63 48.71 48.21
C ALA H 94 36.12 48.74 48.44
N SER H 95 35.64 47.84 49.30
CA SER H 95 34.21 47.66 49.49
C SER H 95 33.56 48.94 49.95
N SER H 96 34.30 49.75 50.70
CA SER H 96 33.73 50.99 51.20
C SER H 96 33.13 51.82 50.07
N ASP H 97 33.81 51.83 48.92
CA ASP H 97 33.38 52.65 47.82
C ASP H 97 32.32 51.92 47.00
N MET H 98 32.50 50.63 46.85
CA MET H 98 31.53 49.85 46.10
C MET H 98 30.18 49.91 46.80
N ILE H 99 30.21 49.80 48.13
CA ILE H 99 29.01 49.81 48.93
C ILE H 99 28.28 51.11 48.74
N ALA H 100 29.00 52.21 48.84
CA ALA H 100 28.39 53.50 48.66
C ALA H 100 27.76 53.63 47.29
N GLU H 101 28.46 53.15 46.26
CA GLU H 101 27.94 53.29 44.91
C GLU H 101 26.68 52.46 44.68
N TYR H 102 26.66 51.24 45.21
CA TYR H 102 25.49 50.40 45.05
C TYR H 102 24.30 51.04 45.72
N ILE H 103 24.53 51.57 46.92
CA ILE H 103 23.49 52.24 47.66
C ILE H 103 23.05 53.51 46.94
N ASN H 104 24.00 54.28 46.41
CA ASN H 104 23.68 55.53 45.75
C ASN H 104 22.52 55.39 44.78
N ASN H 105 22.61 54.43 43.87
CA ASN H 105 21.51 54.25 42.90
C ASN H 105 20.39 53.41 43.46
N ALA H 106 20.72 52.40 44.26
CA ALA H 106 19.72 51.54 44.82
C ALA H 106 18.69 52.36 45.58
N ILE H 107 19.17 53.42 46.23
CA ILE H 107 18.31 54.34 46.96
C ILE H 107 17.75 55.44 46.06
N SER H 108 18.63 56.12 45.31
CA SER H 108 18.24 57.32 44.56
C SER H 108 17.17 57.06 43.51
N ALA H 109 17.26 55.94 42.82
CA ALA H 109 16.27 55.64 41.79
C ALA H 109 15.03 55.10 42.47
N PHE H 110 14.38 55.96 43.21
CA PHE H 110 13.33 55.55 44.11
C PHE H 110 12.27 54.70 43.44
N SER H 111 11.75 55.20 42.34
CA SER H 111 10.59 54.59 41.70
C SER H 111 10.86 53.21 41.11
N SER H 112 12.14 52.85 40.95
CA SER H 112 12.47 51.57 40.32
C SER H 112 13.42 50.70 41.12
N ARG H 113 14.18 51.28 42.04
CA ARG H 113 15.13 50.50 42.82
C ARG H 113 14.68 50.35 44.26
N THR H 114 13.76 51.19 44.71
CA THR H 114 13.28 51.11 46.07
C THR H 114 11.79 50.90 46.06
N GLY H 115 11.05 51.97 45.82
CA GLY H 115 9.59 51.94 45.90
C GLY H 115 9.19 51.98 47.37
N ILE H 116 10.21 52.09 48.20
CA ILE H 116 10.15 52.05 49.65
C ILE H 116 10.88 53.26 50.21
N SER H 117 10.48 53.71 51.38
CA SER H 117 11.15 54.85 51.98
C SER H 117 12.65 54.66 51.98
N GLN H 118 13.37 55.69 51.59
CA GLN H 118 14.81 55.64 51.56
C GLN H 118 15.36 55.34 52.94
N GLU H 119 14.63 55.73 53.98
CA GLU H 119 15.08 55.51 55.35
C GLU H 119 15.10 54.02 55.67
N THR H 120 14.08 53.32 55.21
CA THR H 120 13.97 51.90 55.47
C THR H 120 14.83 51.13 54.49
N ALA H 121 14.99 51.68 53.29
CA ALA H 121 15.84 51.06 52.30
C ALA H 121 17.27 51.05 52.80
N GLN H 122 17.69 52.16 53.39
CA GLN H 122 19.03 52.25 53.95
C GLN H 122 19.19 51.27 55.10
N LYS H 123 18.17 51.16 55.94
CA LYS H 123 18.25 50.22 57.04
C LYS H 123 18.52 48.83 56.50
N ILE H 124 17.82 48.46 55.43
CA ILE H 124 18.06 47.17 54.81
C ILE H 124 19.48 47.12 54.26
N ALA H 125 19.92 48.19 53.62
CA ALA H 125 21.28 48.21 53.12
C ALA H 125 22.28 47.95 54.24
N ASP H 126 21.99 48.46 55.43
CA ASP H 126 22.86 48.28 56.59
C ASP H 126 22.79 46.84 57.10
N PHE H 127 21.59 46.29 57.17
CA PHE H 127 21.40 44.91 57.63
C PHE H 127 22.09 43.94 56.69
N ILE H 128 21.98 44.21 55.40
CA ILE H 128 22.61 43.37 54.39
C ILE H 128 24.13 43.48 54.51
N THR H 129 24.64 44.70 54.71
CA THR H 129 26.07 44.92 54.86
C THR H 129 26.65 44.00 55.94
N SER H 130 25.92 43.83 57.04
CA SER H 130 26.39 43.03 58.17
C SER H 130 26.55 41.57 57.80
N ASN H 131 26.03 41.17 56.64
CA ASN H 131 26.11 39.78 56.19
C ASN H 131 27.45 39.48 55.53
N TYR H 132 28.31 40.51 55.42
CA TYR H 132 29.66 40.41 54.85
C TYR H 132 29.62 40.25 53.34
N ARG I 6 43.52 16.71 -3.14
CA ARG I 6 42.07 16.82 -2.95
C ARG I 6 41.60 16.08 -1.71
N LYS I 7 41.66 14.76 -1.76
CA LYS I 7 41.10 13.93 -0.70
C LYS I 7 41.59 14.29 0.70
N LEU I 8 42.85 14.72 0.80
CA LEU I 8 43.44 14.97 2.11
C LEU I 8 42.98 16.29 2.73
N ARG I 9 42.22 17.09 2.00
CA ARG I 9 41.70 18.32 2.58
C ARG I 9 40.19 18.37 2.45
N GLN I 10 39.68 17.67 1.43
CA GLN I 10 38.25 17.70 1.10
C GLN I 10 37.45 16.64 1.84
N ASP I 11 37.98 15.42 1.95
CA ASP I 11 37.19 14.30 2.47
C ASP I 11 36.94 14.45 3.95
N SER I 12 37.70 15.34 4.57
CA SER I 12 37.59 15.61 5.98
C SER I 12 36.19 16.02 6.34
N THR I 13 35.46 16.54 5.37
CA THR I 13 34.09 16.96 5.58
C THR I 13 33.24 15.78 6.03
N ASP I 14 33.42 14.64 5.37
CA ASP I 14 32.58 13.48 5.59
C ASP I 14 33.05 12.69 6.79
N ARG I 15 34.35 12.71 7.03
CA ARG I 15 34.89 11.97 8.15
C ARG I 15 34.51 12.69 9.44
N TYR I 16 34.64 14.01 9.44
CA TYR I 16 34.22 14.81 10.57
C TYR I 16 32.71 14.62 10.76
N LYS I 17 31.96 14.72 9.65
CA LYS I 17 30.52 14.48 9.67
C LYS I 17 30.18 13.16 10.33
N THR I 18 30.89 12.11 9.93
CA THR I 18 30.66 10.78 10.47
C THR I 18 30.59 10.81 11.97
N LYS I 19 31.60 11.35 12.63
CA LYS I 19 31.59 11.36 14.08
C LYS I 19 30.55 12.27 14.64
N LEU I 20 30.42 13.46 14.09
CA LEU I 20 29.55 14.41 14.73
C LEU I 20 28.15 13.84 14.79
N TYR I 21 27.74 13.16 13.72
CA TYR I 21 26.47 12.49 13.74
C TYR I 21 26.43 11.39 14.77
N LEU I 22 27.42 10.50 14.75
CA LEU I 22 27.43 9.38 15.67
C LEU I 22 27.46 9.81 17.12
N TRP I 23 28.20 10.88 17.40
CA TRP I 23 28.29 11.38 18.76
C TRP I 23 26.89 11.62 19.27
N ARG I 24 26.10 12.32 18.47
CA ARG I 24 24.73 12.64 18.83
C ARG I 24 23.80 11.42 18.74
N ASN I 25 24.02 10.57 17.73
CA ASN I 25 23.17 9.41 17.51
C ASN I 25 23.15 8.50 18.72
N LEU I 26 24.28 8.42 19.40
CA LEU I 26 24.41 7.55 20.55
C LEU I 26 23.74 8.15 21.79
N GLY I 27 23.21 9.37 21.64
CA GLY I 27 22.49 10.03 22.71
C GLY I 27 20.99 9.80 22.59
N GLY I 28 20.57 9.11 21.53
CA GLY I 28 19.14 8.85 21.31
C GLY I 28 18.41 10.06 20.74
N LEU I 29 19.16 10.97 20.15
CA LEU I 29 18.62 12.20 19.59
C LEU I 29 17.90 11.99 18.26
N ILE I 30 17.14 13.00 17.85
CA ILE I 30 16.34 12.94 16.63
C ILE I 30 17.21 13.01 15.36
N PRO I 31 17.13 12.02 14.45
CA PRO I 31 17.86 11.93 13.20
C PRO I 31 17.89 13.22 12.41
N GLU I 32 16.76 13.92 12.35
CA GLU I 32 16.67 15.15 11.59
C GLU I 32 17.44 16.28 12.27
N ASP I 33 17.21 16.46 13.57
CA ASP I 33 17.93 17.51 14.29
C ASP I 33 19.41 17.28 14.22
N MET I 34 19.79 16.02 14.31
CA MET I 34 21.20 15.70 14.26
C MET I 34 21.75 16.04 12.91
N ALA I 35 21.08 15.60 11.86
CA ALA I 35 21.57 15.86 10.52
C ALA I 35 21.78 17.36 10.33
N ILE I 36 20.87 18.17 10.86
CA ILE I 36 20.98 19.62 10.77
C ILE I 36 22.15 20.15 11.58
N SER I 37 22.25 19.75 12.85
CA SER I 37 23.31 20.23 13.71
C SER I 37 24.67 19.83 13.16
N VAL I 38 24.75 18.63 12.64
CA VAL I 38 25.98 18.14 12.08
C VAL I 38 26.34 18.94 10.84
N THR I 39 25.38 19.13 9.95
CA THR I 39 25.64 19.89 8.75
C THR I 39 26.28 21.23 9.08
N GLU I 40 25.73 21.92 10.07
CA GLU I 40 26.27 23.21 10.43
C GLU I 40 27.68 23.07 10.99
N SER I 41 27.89 22.03 11.80
CA SER I 41 29.19 21.75 12.41
C SER I 41 30.26 21.46 11.38
N ILE I 42 29.94 20.59 10.41
CA ILE I 42 30.92 20.19 9.43
C ILE I 42 31.26 21.35 8.53
N THR I 43 30.27 22.21 8.30
CA THR I 43 30.50 23.39 7.49
C THR I 43 31.43 24.33 8.21
N ALA I 44 31.12 24.63 9.47
CA ALA I 44 31.93 25.56 10.23
C ALA I 44 33.34 25.02 10.36
N ASP I 45 33.46 23.74 10.66
CA ASP I 45 34.75 23.11 10.80
C ASP I 45 35.55 23.19 9.53
N TRP I 46 35.01 22.61 8.47
CA TRP I 46 35.75 22.52 7.23
C TRP I 46 36.07 23.90 6.69
N LYS I 47 35.06 24.75 6.61
CA LYS I 47 35.22 26.07 6.04
C LYS I 47 36.25 26.89 6.79
N GLN I 48 36.05 27.05 8.09
CA GLN I 48 36.89 27.92 8.84
C GLN I 48 38.29 27.38 8.88
N TYR I 49 38.42 26.08 9.10
CA TYR I 49 39.72 25.49 9.22
C TYR I 49 40.52 25.62 7.95
N ASN I 50 39.98 25.08 6.85
CA ASN I 50 40.75 25.06 5.63
C ASN I 50 41.00 26.43 5.08
N ASP I 51 40.06 27.36 5.25
CA ASP I 51 40.28 28.68 4.71
C ASP I 51 41.48 29.34 5.35
N MET I 52 41.45 29.45 6.67
CA MET I 52 42.55 30.08 7.39
C MET I 52 43.84 29.27 7.29
N MET I 53 43.73 27.96 7.55
CA MET I 53 44.90 27.10 7.55
C MET I 53 45.55 27.02 6.19
N SER I 54 44.76 26.84 5.13
CA SER I 54 45.36 26.63 3.82
C SER I 54 46.11 27.85 3.40
N LYS I 55 45.55 29.03 3.62
CA LYS I 55 46.25 30.23 3.20
C LYS I 55 47.62 30.32 3.87
N VAL I 56 47.66 30.08 5.17
CA VAL I 56 48.94 30.14 5.88
C VAL I 56 49.83 28.98 5.51
N ARG I 57 49.29 27.77 5.58
CA ARG I 57 50.06 26.57 5.30
C ARG I 57 50.63 26.58 3.90
N ASN I 58 49.86 27.06 2.93
CA ASN I 58 50.32 27.08 1.55
C ASN I 58 51.47 28.05 1.40
N GLU I 59 51.31 29.26 1.92
CA GLU I 59 52.38 30.24 1.84
C GLU I 59 53.58 29.74 2.62
N THR I 60 53.31 29.10 3.74
CA THR I 60 54.35 28.61 4.61
C THR I 60 55.12 27.50 3.92
N LEU I 61 54.40 26.57 3.32
CA LEU I 61 55.01 25.45 2.65
C LEU I 61 55.88 25.92 1.48
N ASP I 62 55.33 26.82 0.65
CA ASP I 62 56.06 27.30 -0.51
C ASP I 62 57.32 28.09 -0.15
N ILE I 63 57.21 28.95 0.86
CA ILE I 63 58.34 29.76 1.29
C ILE I 63 59.42 28.90 1.89
N LEU I 64 59.04 27.99 2.78
CA LEU I 64 60.01 27.15 3.42
C LEU I 64 60.69 26.25 2.40
N LYS I 65 59.93 25.74 1.43
CA LYS I 65 60.53 24.90 0.39
C LYS I 65 61.50 25.72 -0.44
N THR I 66 61.13 26.95 -0.76
CA THR I 66 61.99 27.86 -1.52
C THR I 66 63.30 28.07 -0.78
N ASN I 67 63.22 28.18 0.53
CA ASN I 67 64.38 28.46 1.36
C ASN I 67 65.16 27.21 1.78
N LYS I 68 64.85 26.07 1.14
CA LYS I 68 65.57 24.81 1.37
C LYS I 68 65.37 24.26 2.78
N VAL I 69 64.17 24.39 3.28
CA VAL I 69 63.80 23.84 4.58
C VAL I 69 63.48 22.35 4.44
N ALA I 70 64.06 21.52 5.32
CA ALA I 70 63.86 20.08 5.26
C ALA I 70 62.46 19.75 5.74
N THR I 71 61.92 18.62 5.31
CA THR I 71 60.53 18.30 5.65
C THR I 71 60.29 18.21 7.15
N GLU I 72 61.31 17.78 7.88
CA GLU I 72 61.23 17.68 9.33
C GLU I 72 61.28 19.03 10.01
N ASP I 73 61.58 20.07 9.26
CA ASP I 73 61.69 21.41 9.81
C ASP I 73 60.35 22.16 9.71
N TYR I 74 59.53 21.80 8.75
CA TYR I 74 58.30 22.53 8.48
C TYR I 74 57.41 22.62 9.71
N ILE I 75 57.33 21.54 10.48
CA ILE I 75 56.54 21.59 11.73
C ILE I 75 56.78 22.82 12.56
N GLY I 76 58.03 23.19 12.74
CA GLY I 76 58.30 24.30 13.62
C GLY I 76 57.73 25.54 13.01
N TYR I 77 58.01 25.69 11.72
CA TYR I 77 57.65 26.90 11.03
C TYR I 77 56.16 26.98 10.77
N ILE I 78 55.53 25.82 10.62
CA ILE I 78 54.09 25.76 10.44
C ILE I 78 53.37 26.01 11.76
N ALA I 79 53.83 25.35 12.82
CA ALA I 79 53.22 25.57 14.13
C ALA I 79 53.32 27.05 14.47
N PHE I 80 54.47 27.66 14.18
CA PHE I 80 54.61 29.10 14.31
C PHE I 80 53.75 29.79 13.29
N ALA I 81 53.72 29.30 12.06
CA ALA I 81 53.00 29.99 11.02
C ALA I 81 51.60 30.30 11.44
N GLU I 82 50.92 29.31 11.99
CA GLU I 82 49.55 29.52 12.40
C GLU I 82 49.50 30.35 13.66
N GLU I 83 50.27 29.98 14.68
CA GLU I 83 50.25 30.75 15.92
C GLU I 83 50.44 32.23 15.63
N LEU I 84 51.45 32.54 14.83
CA LEU I 84 51.78 33.90 14.47
C LEU I 84 50.66 34.53 13.69
N ALA I 85 50.15 33.80 12.71
CA ALA I 85 49.09 34.30 11.86
C ALA I 85 47.86 34.67 12.69
N HIS I 86 47.60 33.90 13.73
CA HIS I 86 46.49 34.17 14.62
C HIS I 86 46.75 35.43 15.41
N GLN I 87 47.97 35.58 15.92
CA GLN I 87 48.32 36.80 16.63
C GLN I 87 48.19 38.01 15.71
N VAL I 88 48.47 37.82 14.41
CA VAL I 88 48.31 38.90 13.45
C VAL I 88 46.86 39.37 13.42
N TRP I 89 45.92 38.42 13.33
CA TRP I 89 44.51 38.79 13.38
C TRP I 89 44.18 39.47 14.68
N LYS I 90 44.64 38.87 15.77
CA LYS I 90 44.35 39.39 17.10
C LYS I 90 44.64 40.85 17.15
N ASN I 91 45.79 41.24 16.61
CA ASN I 91 46.20 42.63 16.59
C ASN I 91 45.40 43.45 15.60
N LYS I 92 45.18 42.93 14.40
CA LYS I 92 44.40 43.67 13.42
C LYS I 92 43.02 43.99 13.97
N ASN I 93 42.49 43.08 14.78
CA ASN I 93 41.21 43.24 15.42
C ASN I 93 41.26 44.14 16.68
N SER I 94 42.20 43.87 17.59
CA SER I 94 42.18 44.50 18.91
C SER I 94 43.13 45.68 19.14
N SER I 95 44.18 45.82 18.33
CA SER I 95 45.19 46.81 18.64
C SER I 95 45.36 47.86 17.52
N PRO I 96 45.95 49.02 17.83
CA PRO I 96 46.40 50.05 16.91
C PRO I 96 47.40 49.49 15.92
N ASP I 97 47.39 50.02 14.69
CA ASP I 97 48.32 49.57 13.67
C ASP I 97 49.78 49.48 14.17
N PRO I 98 50.32 50.51 14.89
CA PRO I 98 51.65 50.52 15.49
C PRO I 98 51.90 49.32 16.40
N ASN I 99 50.83 48.82 17.02
CA ASN I 99 50.98 47.69 17.92
C ASN I 99 50.98 46.40 17.14
N THR I 100 50.28 46.39 16.00
CA THR I 100 50.28 45.22 15.15
C THR I 100 51.69 45.02 14.63
N ALA I 101 52.28 46.11 14.15
CA ALA I 101 53.64 46.08 13.64
C ALA I 101 54.63 45.71 14.75
N ASN I 102 54.47 46.34 15.92
CA ASN I 102 55.35 46.07 17.03
C ASN I 102 55.26 44.64 17.47
N GLU I 103 54.03 44.16 17.69
CA GLU I 103 53.82 42.81 18.14
C GLU I 103 54.42 41.82 17.17
N ALA I 104 54.24 42.05 15.87
CA ALA I 104 54.79 41.12 14.91
C ALA I 104 56.29 40.95 15.12
N SER I 105 57.00 42.07 15.29
CA SER I 105 58.44 42.05 15.51
C SER I 105 58.80 41.46 16.87
N LYS I 106 58.05 41.82 17.90
CA LYS I 106 58.32 41.33 19.24
C LYS I 106 58.04 39.84 19.34
N THR I 107 57.04 39.37 18.61
CA THR I 107 56.73 37.95 18.60
C THR I 107 57.81 37.20 17.88
N ASP I 108 58.29 37.72 16.75
CA ASP I 108 59.41 37.07 16.09
C ASP I 108 60.52 36.87 17.12
N LEU I 109 60.78 37.90 17.92
CA LEU I 109 61.75 37.76 18.99
C LEU I 109 61.34 36.67 19.97
N GLU I 110 60.09 36.70 20.44
CA GLU I 110 59.58 35.69 21.37
C GLU I 110 59.84 34.30 20.87
N SER I 111 59.58 34.09 19.60
CA SER I 111 59.71 32.78 18.97
C SER I 111 61.09 32.17 19.16
N LYS I 112 62.06 33.01 19.53
CA LYS I 112 63.42 32.58 19.80
C LYS I 112 63.47 31.56 20.92
N TYR I 113 62.39 31.49 21.72
CA TYR I 113 62.31 30.48 22.78
C TYR I 113 62.51 29.09 22.17
N SER I 114 62.17 28.95 20.89
CA SER I 114 62.32 27.71 20.19
C SER I 114 63.52 27.77 19.26
N ASP I 115 64.19 26.65 19.13
CA ASP I 115 65.32 26.48 18.22
C ASP I 115 64.95 26.72 16.77
N VAL I 116 63.66 26.67 16.51
CA VAL I 116 63.09 26.84 15.20
C VAL I 116 63.29 28.25 14.66
N TYR I 117 63.13 29.24 15.51
CA TYR I 117 63.09 30.61 15.07
C TYR I 117 64.34 31.06 14.32
N GLY I 118 64.12 31.76 13.23
CA GLY I 118 65.18 32.33 12.42
C GLY I 118 64.57 33.13 11.28
N LEU I 119 65.39 33.50 10.29
CA LEU I 119 64.94 34.30 9.16
C LEU I 119 63.64 33.79 8.59
N ASP I 120 63.52 32.47 8.47
CA ASP I 120 62.34 31.87 7.91
C ASP I 120 61.07 32.39 8.57
N VAL I 121 61.11 32.57 9.90
CA VAL I 121 59.95 33.02 10.63
C VAL I 121 59.64 34.47 10.32
N THR I 122 60.68 35.30 10.31
CA THR I 122 60.49 36.72 10.08
C THR I 122 59.91 36.96 8.69
N VAL I 123 60.37 36.17 7.72
CA VAL I 123 59.85 36.27 6.36
C VAL I 123 58.39 35.88 6.34
N LEU I 124 58.09 34.75 6.94
CA LEU I 124 56.74 34.23 6.94
C LEU I 124 55.73 35.18 7.57
N ASP I 125 56.09 35.78 8.71
CA ASP I 125 55.14 36.64 9.38
C ASP I 125 54.87 37.88 8.54
N ALA I 126 55.92 38.43 7.94
CA ALA I 126 55.72 39.60 7.10
C ALA I 126 54.68 39.31 6.03
N ILE I 127 54.75 38.11 5.47
CA ILE I 127 53.79 37.68 4.46
C ILE I 127 52.39 37.60 5.03
N TYR I 128 52.24 36.95 6.19
CA TYR I 128 50.92 36.81 6.78
C TYR I 128 50.28 38.15 7.02
N ASN I 129 51.05 39.10 7.54
CA ASN I 129 50.52 40.42 7.85
C ASN I 129 50.03 41.11 6.58
N ALA I 130 50.84 41.03 5.54
CA ALA I 130 50.52 41.69 4.28
C ALA I 130 49.49 40.94 3.43
N VAL I 131 49.39 39.63 3.59
CA VAL I 131 48.63 38.83 2.64
C VAL I 131 47.34 38.18 3.16
N ILE I 132 47.36 37.59 4.34
CA ILE I 132 46.31 36.66 4.68
C ILE I 132 45.26 37.19 5.69
N PRO I 133 43.96 37.16 5.32
CA PRO I 133 42.82 37.56 6.14
C PRO I 133 42.49 36.45 7.15
N ILE I 134 43.35 36.30 8.15
CA ILE I 134 43.28 35.23 9.12
C ILE I 134 42.00 35.24 9.96
N ILE I 135 41.43 34.05 10.13
CA ILE I 135 40.25 33.84 10.95
C ILE I 135 40.66 33.58 12.41
N MET I 136 40.03 34.28 13.33
CA MET I 136 40.27 34.09 14.76
C MET I 136 39.22 34.83 15.57
N ARG J 7 30.28 25.94 44.59
CA ARG J 7 29.94 25.24 43.35
C ARG J 7 31.16 24.53 42.73
N GLN J 8 32.26 25.27 42.53
CA GLN J 8 33.45 24.73 41.86
C GLN J 8 34.22 23.77 42.77
N ASP J 9 33.76 23.64 43.99
CA ASP J 9 34.38 22.76 44.96
C ASP J 9 34.08 21.29 44.68
N SER J 10 32.97 21.01 43.97
CA SER J 10 32.66 19.62 43.68
C SER J 10 31.86 19.40 42.41
N LYS J 11 31.12 20.41 41.97
CA LYS J 11 30.19 20.19 40.87
C LYS J 11 30.92 19.80 39.58
N ASP J 12 32.20 20.15 39.49
CA ASP J 12 32.92 19.94 38.26
C ASP J 12 33.13 18.46 37.98
N ARG J 13 33.73 17.76 38.92
CA ARG J 13 33.98 16.34 38.72
C ARG J 13 32.69 15.55 38.60
N TYR J 14 31.65 15.97 39.32
CA TYR J 14 30.40 15.24 39.28
C TYR J 14 29.77 15.29 37.90
N GLN J 15 29.68 16.48 37.33
CA GLN J 15 29.05 16.60 36.04
C GLN J 15 29.98 16.30 34.90
N TYR J 16 31.23 16.65 35.03
CA TYR J 16 32.14 16.38 33.97
C TYR J 16 32.08 14.89 33.64
N LYS J 17 32.06 14.04 34.68
CA LYS J 17 31.90 12.62 34.44
C LYS J 17 30.64 12.35 33.61
N GLN J 18 29.54 13.01 33.98
CA GLN J 18 28.30 12.84 33.23
C GLN J 18 28.47 13.21 31.77
N TYR J 19 29.21 14.27 31.51
CA TYR J 19 29.48 14.66 30.14
C TYR J 19 30.08 13.54 29.34
N ILE J 20 31.15 12.99 29.85
CA ILE J 20 31.84 11.96 29.11
C ILE J 20 30.93 10.79 28.87
N TYR J 21 30.20 10.38 29.89
CA TYR J 21 29.29 9.26 29.73
C TYR J 21 28.44 9.47 28.48
N ARG J 22 27.89 10.69 28.35
CA ARG J 22 27.10 11.05 27.18
C ARG J 22 27.91 10.91 25.88
N SER J 23 29.14 11.42 25.87
CA SER J 23 30.01 11.33 24.69
C SER J 23 30.35 9.90 24.31
N ILE J 24 30.56 9.07 25.31
CA ILE J 24 30.89 7.68 25.05
C ILE J 24 29.75 7.01 24.29
N GLY J 25 28.54 7.24 24.74
CA GLY J 25 27.37 6.76 24.04
C GLY J 25 26.70 5.60 24.75
N GLY J 26 25.39 5.43 24.53
CA GLY J 26 24.61 4.40 25.21
C GLY J 26 24.85 3.01 24.63
N ILE J 27 25.65 2.94 23.57
CA ILE J 27 25.97 1.67 22.93
C ILE J 27 27.14 0.97 23.60
N VAL J 28 27.87 1.70 24.44
CA VAL J 28 29.05 1.15 25.07
C VAL J 28 28.70 0.59 26.46
N PRO J 29 29.01 -0.70 26.71
CA PRO J 29 28.77 -1.40 27.96
C PRO J 29 29.35 -0.58 29.12
N PRO J 30 28.66 -0.60 30.28
CA PRO J 30 28.95 0.21 31.46
C PRO J 30 30.34 -0.04 32.04
N GLU J 31 30.89 -1.24 31.83
CA GLU J 31 32.23 -1.55 32.30
C GLU J 31 33.27 -0.74 31.57
N MET J 32 32.87 -0.18 30.43
CA MET J 32 33.71 0.70 29.68
C MET J 32 33.23 2.12 29.83
N ALA J 33 31.93 2.31 29.78
CA ALA J 33 31.40 3.66 29.79
C ALA J 33 31.80 4.41 31.06
N GLU J 34 31.57 3.79 32.22
CA GLU J 34 31.87 4.47 33.48
C GLU J 34 33.35 4.46 33.80
N THR J 35 34.03 3.38 33.50
CA THR J 35 35.42 3.23 33.86
C THR J 35 36.28 4.21 33.08
N VAL J 36 35.95 4.40 31.81
CA VAL J 36 36.63 5.36 30.98
C VAL J 36 36.31 6.76 31.45
N THR J 37 35.03 7.01 31.73
CA THR J 37 34.60 8.29 32.22
C THR J 37 35.35 8.71 33.47
N ALA J 38 35.41 7.83 34.45
CA ALA J 38 36.07 8.14 35.70
C ALA J 38 37.54 8.46 35.48
N ASN J 39 38.18 7.71 34.60
CA ASN J 39 39.60 7.93 34.33
C ASN J 39 39.84 9.27 33.68
N GLN J 40 39.08 9.57 32.66
CA GLN J 40 39.23 10.81 31.93
C GLN J 40 38.97 12.00 32.85
N THR J 41 37.99 11.86 33.73
CA THR J 41 37.69 12.91 34.68
C THR J 41 38.85 13.17 35.59
N ALA J 42 39.46 12.10 36.11
CA ALA J 42 40.60 12.26 36.98
C ALA J 42 41.69 13.06 36.29
N GLN J 43 41.87 12.81 34.99
CA GLN J 43 42.83 13.59 34.22
C GLN J 43 42.38 15.05 34.12
N TRP J 44 41.07 15.28 34.02
CA TRP J 44 40.57 16.66 33.97
C TRP J 44 40.91 17.36 35.25
N GLU J 45 40.66 16.71 36.37
CA GLU J 45 40.91 17.33 37.64
C GLU J 45 42.38 17.73 37.78
N ALA J 46 43.27 16.78 37.48
CA ALA J 46 44.70 17.01 37.60
C ALA J 46 45.20 18.04 36.59
N GLY J 47 44.72 17.93 35.35
CA GLY J 47 45.14 18.80 34.27
C GLY J 47 44.66 20.23 34.46
N PHE J 48 43.43 20.35 34.93
CA PHE J 48 42.77 21.62 35.14
C PHE J 48 43.37 22.41 36.29
N THR J 49 43.52 21.75 37.43
CA THR J 49 43.95 22.41 38.66
C THR J 49 45.07 23.45 38.50
N PRO J 50 46.24 23.15 37.88
CA PRO J 50 47.37 24.06 37.74
C PRO J 50 46.95 25.43 37.23
N TYR J 51 46.02 25.47 36.29
CA TYR J 51 45.58 26.73 35.72
C TYR J 51 44.58 27.40 36.62
N HIS J 52 43.80 26.57 37.28
CA HIS J 52 42.80 27.05 38.22
C HIS J 52 43.50 27.78 39.35
N LYS J 53 44.59 27.18 39.84
CA LYS J 53 45.37 27.78 40.91
C LYS J 53 45.89 29.15 40.50
N LEU J 54 46.40 29.26 39.27
CA LEU J 54 46.87 30.54 38.78
C LEU J 54 45.77 31.57 38.78
N ARG J 55 44.61 31.21 38.23
CA ARG J 55 43.51 32.14 38.14
C ARG J 55 43.09 32.65 39.51
N LEU J 56 43.03 31.74 40.48
CA LEU J 56 42.66 32.12 41.83
C LEU J 56 43.72 33.04 42.43
N ALA J 57 44.99 32.72 42.19
CA ALA J 57 46.08 33.54 42.68
C ALA J 57 46.01 34.94 42.07
N ILE J 58 45.71 35.01 40.79
CA ILE J 58 45.63 36.28 40.08
C ILE J 58 44.55 37.15 40.68
N LYS J 59 43.40 36.56 40.96
CA LYS J 59 42.32 37.30 41.59
C LYS J 59 42.82 38.01 42.84
N GLU J 60 43.52 37.28 43.70
CA GLU J 60 44.04 37.86 44.93
C GLU J 60 45.11 38.92 44.66
N ILE J 61 45.92 38.72 43.63
CA ILE J 61 46.96 39.70 43.33
C ILE J 61 46.34 41.03 42.98
N CYS J 62 45.31 41.02 42.14
CA CYS J 62 44.69 42.27 41.76
C CYS J 62 44.07 42.99 42.94
N LYS J 63 43.43 42.24 43.84
CA LYS J 63 42.89 42.87 45.04
C LYS J 63 44.01 43.46 45.88
N THR J 64 45.11 42.72 45.99
CA THR J 64 46.28 43.15 46.75
C THR J 64 46.85 44.44 46.18
N ASP J 65 47.00 44.47 44.87
CA ASP J 65 47.52 45.64 44.18
C ASP J 65 46.52 46.79 44.19
N GLY J 66 45.23 46.46 44.16
CA GLY J 66 44.19 47.48 44.13
C GLY J 66 43.98 47.93 42.69
N ILE J 67 43.94 46.95 41.80
CA ILE J 67 43.85 47.21 40.38
C ILE J 67 42.55 46.62 39.79
N PRO J 68 42.12 47.07 38.58
CA PRO J 68 40.86 46.80 37.91
C PRO J 68 40.47 45.33 37.79
N ASN J 69 39.18 45.02 37.97
CA ASN J 69 38.65 43.68 37.83
C ASN J 69 38.54 43.29 36.37
N ILE J 70 38.19 44.25 35.53
CA ILE J 70 37.98 43.92 34.12
C ILE J 70 39.22 43.34 33.50
N LYS J 71 40.36 43.81 33.96
CA LYS J 71 41.63 43.44 33.39
C LYS J 71 41.99 42.02 33.70
N TRP J 72 41.19 41.35 34.52
CA TRP J 72 41.37 39.94 34.78
C TRP J 72 41.32 39.15 33.50
N GLY J 73 40.54 39.62 32.53
CA GLY J 73 40.49 38.91 31.28
C GLY J 73 41.91 38.73 30.74
N MET J 74 42.75 39.76 30.92
CA MET J 74 44.12 39.69 30.45
C MET J 74 45.09 39.18 31.48
N TYR J 75 44.88 39.50 32.75
CA TYR J 75 45.79 38.96 33.75
C TYR J 75 45.72 37.45 33.67
N ILE J 76 44.51 36.93 33.50
CA ILE J 76 44.27 35.51 33.33
C ILE J 76 44.88 35.02 32.03
N ALA J 77 44.53 35.64 30.91
CA ALA J 77 45.06 35.22 29.62
C ALA J 77 46.59 35.20 29.63
N PHE J 78 47.16 36.24 30.20
CA PHE J 78 48.58 36.40 30.30
C PHE J 78 49.18 35.26 31.12
N GLY J 79 48.61 35.04 32.30
CA GLY J 79 49.08 34.00 33.19
C GLY J 79 48.95 32.62 32.57
N GLU J 80 47.79 32.32 32.02
CA GLU J 80 47.52 31.03 31.42
C GLU J 80 48.46 30.76 30.24
N LYS J 81 48.68 31.79 29.41
CA LYS J 81 49.58 31.62 28.29
C LYS J 81 50.96 31.28 28.77
N LEU J 82 51.42 32.00 29.78
CA LEU J 82 52.74 31.75 30.29
C LEU J 82 52.83 30.36 30.90
N LEU J 83 51.82 29.92 31.64
CA LEU J 83 51.95 28.58 32.22
C LEU J 83 52.10 27.55 31.11
N LYS J 84 51.35 27.69 30.03
CA LYS J 84 51.53 26.78 28.92
C LYS J 84 52.98 26.80 28.49
N SER J 85 53.55 27.98 28.42
CA SER J 85 54.95 28.15 28.06
C SER J 85 55.87 27.46 29.07
N TYR J 86 55.56 27.58 30.36
CA TYR J 86 56.39 26.97 31.39
C TYR J 86 56.34 25.46 31.30
N LEU J 87 55.20 24.92 30.92
CA LEU J 87 55.09 23.49 30.73
C LEU J 87 55.95 23.07 29.54
N LYS J 88 55.93 23.86 28.48
CA LYS J 88 56.74 23.60 27.30
C LYS J 88 58.23 23.67 27.61
N MET J 89 58.62 24.52 28.55
CA MET J 89 60.01 24.66 28.96
C MET J 89 60.59 23.37 29.51
N LYS J 90 59.71 22.45 29.93
CA LYS J 90 60.18 21.19 30.47
C LYS J 90 60.64 20.29 29.34
N ALA J 91 60.38 20.72 28.12
CA ALA J 91 60.88 20.05 26.93
C ALA J 91 62.02 20.86 26.33
N GLY J 92 61.84 22.18 26.29
CA GLY J 92 62.80 23.09 25.66
C GLY J 92 64.11 23.23 26.40
N SER J 93 64.07 23.14 27.74
CA SER J 93 65.24 23.39 28.57
C SER J 93 65.67 24.83 28.43
N ALA J 94 66.81 25.16 29.00
CA ALA J 94 67.29 26.55 28.96
C ALA J 94 66.14 27.49 29.28
N SER J 95 65.42 27.19 30.36
CA SER J 95 64.21 27.93 30.69
C SER J 95 64.52 29.39 30.90
N SER J 96 65.69 29.70 31.40
CA SER J 96 66.05 31.09 31.65
C SER J 96 65.84 31.94 30.41
N ASP J 97 66.16 31.39 29.24
CA ASP J 97 66.06 32.15 28.01
C ASP J 97 64.65 32.09 27.47
N MET J 98 64.02 30.93 27.59
CA MET J 98 62.65 30.80 27.11
C MET J 98 61.75 31.74 27.87
N ILE J 99 61.97 31.83 29.19
CA ILE J 99 61.18 32.66 30.06
C ILE J 99 61.29 34.09 29.63
N ALA J 100 62.51 34.56 29.43
CA ALA J 100 62.73 35.91 29.02
C ALA J 100 62.03 36.20 27.71
N GLU J 101 62.12 35.27 26.76
CA GLU J 101 61.52 35.50 25.45
C GLU J 101 60.00 35.56 25.51
N TYR J 102 59.39 34.68 26.29
CA TYR J 102 57.94 34.70 26.42
C TYR J 102 57.49 36.01 27.03
N ILE J 103 58.20 36.45 28.04
CA ILE J 103 57.90 37.70 28.69
C ILE J 103 58.13 38.87 27.74
N ASN J 104 59.23 38.84 26.99
CA ASN J 104 59.56 39.93 26.08
C ASN J 104 58.37 40.37 25.26
N ASN J 105 57.71 39.44 24.58
CA ASN J 105 56.55 39.82 23.77
C ASN J 105 55.28 39.90 24.59
N ALA J 106 55.13 39.01 25.57
CA ALA J 106 53.93 39.01 26.38
C ALA J 106 53.74 40.38 27.01
N ILE J 107 54.85 41.02 27.37
CA ILE J 107 54.82 42.36 27.93
C ILE J 107 54.83 43.44 26.85
N SER J 108 55.77 43.35 25.90
CA SER J 108 56.00 44.42 24.93
C SER J 108 54.80 44.71 24.06
N ALA J 109 54.09 43.68 23.63
CA ALA J 109 52.93 43.89 22.77
C ALA J 109 51.77 44.29 23.64
N PHE J 110 51.88 45.48 24.23
CA PHE J 110 50.98 45.90 25.28
C PHE J 110 49.52 45.76 24.88
N SER J 111 49.17 46.32 23.75
CA SER J 111 47.78 46.44 23.35
C SER J 111 47.10 45.11 23.07
N SER J 112 47.88 44.04 22.90
CA SER J 112 47.29 42.75 22.55
C SER J 112 47.71 41.59 23.44
N ARG J 113 48.83 41.73 24.15
CA ARG J 113 49.29 40.66 25.01
C ARG J 113 49.13 41.00 26.48
N THR J 114 48.96 42.28 26.80
CA THR J 114 48.80 42.68 28.17
C THR J 114 47.48 43.41 28.33
N GLY J 115 47.46 44.66 27.91
CA GLY J 115 46.29 45.52 28.10
C GLY J 115 46.27 45.99 29.55
N ILE J 116 47.32 45.58 30.26
CA ILE J 116 47.53 45.79 31.67
C ILE J 116 48.90 46.38 31.89
N SER J 117 49.07 47.14 32.95
CA SER J 117 50.37 47.72 33.23
C SER J 117 51.45 46.67 33.17
N GLN J 118 52.55 47.01 32.50
CA GLN J 118 53.67 46.11 32.37
C GLN J 118 54.20 45.72 33.74
N GLU J 119 54.05 46.61 34.72
CA GLU J 119 54.53 46.36 36.06
C GLU J 119 53.77 45.22 36.70
N THR J 120 52.46 45.21 36.49
CA THR J 120 51.62 44.19 37.08
C THR J 120 51.69 42.93 36.24
N ALA J 121 51.88 43.10 34.93
CA ALA J 121 52.02 41.96 34.04
C ALA J 121 53.26 41.18 34.42
N GLN J 122 54.34 41.89 34.72
CA GLN J 122 55.56 41.23 35.14
C GLN J 122 55.36 40.53 36.47
N LYS J 123 54.65 41.15 37.39
CA LYS J 123 54.39 40.51 38.66
C LYS J 123 53.70 39.18 38.43
N ILE J 124 52.73 39.16 37.53
CA ILE J 124 52.06 37.92 37.19
C ILE J 124 53.06 36.96 36.56
N ALA J 125 53.90 37.44 35.66
CA ALA J 125 54.90 36.57 35.07
C ALA J 125 55.77 35.93 36.15
N ASP J 126 56.05 36.67 37.21
CA ASP J 126 56.87 36.17 38.31
C ASP J 126 56.10 35.15 39.14
N PHE J 127 54.83 35.44 39.42
CA PHE J 127 54.00 34.52 40.18
C PHE J 127 53.81 33.21 39.44
N ILE J 128 53.62 33.31 38.13
CA ILE J 128 53.46 32.14 37.29
C ILE J 128 54.75 31.33 37.27
N THR J 129 55.89 32.01 37.15
CA THR J 129 57.19 31.36 37.14
C THR J 129 57.34 30.43 38.34
N SER J 130 56.87 30.89 39.52
CA SER J 130 57.01 30.14 40.76
C SER J 130 56.23 28.81 40.72
N ASN J 131 55.37 28.66 39.72
CA ASN J 131 54.55 27.45 39.58
C ASN J 131 55.33 26.32 38.91
N TYR J 132 56.57 26.61 38.51
CA TYR J 132 57.48 25.66 37.87
C TYR J 132 57.06 25.34 36.45
N ARG K 6 43.81 -9.30 -14.16
CA ARG K 6 42.76 -8.32 -13.90
C ARG K 6 42.20 -8.44 -12.49
N LYS K 7 41.48 -9.54 -12.25
CA LYS K 7 40.76 -9.72 -10.99
C LYS K 7 41.63 -9.54 -9.75
N LEU K 8 42.91 -9.93 -9.83
CA LEU K 8 43.77 -9.90 -8.67
C LEU K 8 44.28 -8.50 -8.32
N ARG K 9 43.99 -7.52 -9.16
CA ARG K 9 44.39 -6.16 -8.83
C ARG K 9 43.17 -5.23 -8.86
N GLN K 10 42.18 -5.61 -9.65
CA GLN K 10 40.99 -4.80 -9.87
C GLN K 10 39.89 -5.04 -8.85
N ASP K 11 39.64 -6.31 -8.51
CA ASP K 11 38.47 -6.66 -7.70
C ASP K 11 38.64 -6.18 -6.27
N SER K 12 39.87 -5.86 -5.94
CA SER K 12 40.21 -5.38 -4.61
C SER K 12 39.40 -4.16 -4.24
N THR K 13 38.93 -3.45 -5.26
CA THR K 13 38.11 -2.28 -5.04
C THR K 13 36.86 -2.64 -4.27
N ASP K 14 36.22 -3.73 -4.68
CA ASP K 14 34.93 -4.12 -4.13
C ASP K 14 35.09 -4.87 -2.83
N ARG K 15 36.18 -5.59 -2.69
CA ARG K 15 36.41 -6.34 -1.48
C ARG K 15 36.76 -5.37 -0.36
N TYR K 16 37.62 -4.41 -0.67
CA TYR K 16 37.96 -3.37 0.28
C TYR K 16 36.68 -2.60 0.62
N LYS K 17 35.92 -2.22 -0.42
CA LYS K 17 34.64 -1.55 -0.24
C LYS K 17 33.74 -2.29 0.72
N THR K 18 33.64 -3.60 0.52
CA THR K 18 32.80 -4.44 1.36
C THR K 18 33.04 -4.18 2.82
N LYS K 19 34.29 -4.27 3.26
CA LYS K 19 34.57 -4.04 4.66
C LYS K 19 34.36 -2.63 5.09
N LEU K 20 34.84 -1.69 4.29
CA LEU K 20 34.81 -0.33 4.77
C LEU K 20 33.38 0.07 5.06
N TYR K 21 32.46 -0.37 4.20
CA TYR K 21 31.06 -0.15 4.46
C TYR K 21 30.60 -0.85 5.72
N LEU K 22 30.88 -2.15 5.82
CA LEU K 22 30.42 -2.92 6.97
C LEU K 22 30.99 -2.39 8.27
N TRP K 23 32.24 -1.94 8.25
CA TRP K 23 32.86 -1.43 9.45
C TRP K 23 31.97 -0.33 10.01
N ARG K 24 31.59 0.58 9.13
CA ARG K 24 30.75 1.70 9.51
C ARG K 24 29.29 1.28 9.76
N ASN K 25 28.79 0.35 8.97
CA ASN K 25 27.40 -0.10 9.07
C ASN K 25 27.10 -0.63 10.45
N LEU K 26 28.08 -1.29 11.04
CA LEU K 26 27.92 -1.88 12.35
C LEU K 26 27.98 -0.85 13.47
N GLY K 27 28.22 0.41 13.10
CA GLY K 27 28.23 1.51 14.03
C GLY K 27 26.86 2.22 14.08
N GLY K 28 25.93 1.78 13.24
CA GLY K 28 24.60 2.38 13.19
C GLY K 28 24.59 3.70 12.43
N LEU K 29 25.61 3.90 11.59
CA LEU K 29 25.77 5.12 10.81
C LEU K 29 24.81 5.19 9.62
N ILE K 30 24.70 6.39 9.04
CA ILE K 30 23.79 6.65 7.93
C ILE K 30 24.28 6.02 6.62
N PRO K 31 23.47 5.17 5.97
CA PRO K 31 23.76 4.48 4.73
C PRO K 31 24.37 5.37 3.65
N GLU K 32 23.84 6.59 3.52
CA GLU K 32 24.34 7.51 2.52
C GLU K 32 25.71 8.05 2.86
N ASP K 33 25.91 8.50 4.10
CA ASP K 33 27.20 9.01 4.51
C ASP K 33 28.24 7.92 4.39
N MET K 34 27.85 6.71 4.73
CA MET K 34 28.78 5.60 4.65
C MET K 34 29.15 5.36 3.22
N ALA K 35 28.16 5.27 2.34
CA ALA K 35 28.45 5.01 0.96
C ALA K 35 29.43 6.04 0.41
N ILE K 36 29.27 7.29 0.82
CA ILE K 36 30.16 8.36 0.39
C ILE K 36 31.56 8.19 0.97
N SER K 37 31.64 8.00 2.28
CA SER K 37 32.94 7.85 2.93
C SER K 37 33.70 6.65 2.39
N VAL K 38 32.97 5.58 2.14
CA VAL K 38 33.57 4.39 1.61
C VAL K 38 34.07 4.64 0.22
N THR K 39 33.24 5.24 -0.63
CA THR K 39 33.64 5.53 -1.98
C THR K 39 34.98 6.25 -2.02
N GLU K 40 35.13 7.25 -1.17
CA GLU K 40 36.37 8.00 -1.15
C GLU K 40 37.52 7.12 -0.67
N SER K 41 37.26 6.28 0.34
CA SER K 41 38.26 5.38 0.88
C SER K 41 38.73 4.35 -0.13
N ILE K 42 37.80 3.73 -0.85
CA ILE K 42 38.17 2.69 -1.80
C ILE K 42 38.92 3.29 -2.95
N THR K 43 38.57 4.53 -3.29
CA THR K 43 39.27 5.22 -4.36
C THR K 43 40.70 5.50 -3.94
N ALA K 44 40.86 6.10 -2.76
CA ALA K 44 42.19 6.44 -2.29
C ALA K 44 43.03 5.20 -2.16
N ASP K 45 42.45 4.16 -1.58
CA ASP K 45 43.15 2.91 -1.40
C ASP K 45 43.59 2.32 -2.71
N TRP K 46 42.63 2.03 -3.57
CA TRP K 46 42.94 1.35 -4.81
C TRP K 46 43.86 2.18 -5.67
N LYS K 47 43.52 3.45 -5.86
CA LYS K 47 44.30 4.31 -6.73
C LYS K 47 45.72 4.45 -6.26
N GLN K 48 45.90 4.87 -5.03
CA GLN K 48 47.23 5.16 -4.55
C GLN K 48 48.05 3.91 -4.49
N TYR K 49 47.45 2.84 -3.99
CA TYR K 49 48.18 1.60 -3.85
C TYR K 49 48.63 1.06 -5.18
N ASN K 50 47.70 0.80 -6.07
CA ASN K 50 48.06 0.16 -7.32
C ASN K 50 48.94 1.02 -8.18
N ASP K 51 48.74 2.33 -8.15
CA ASP K 51 49.56 3.18 -9.00
C ASP K 51 51.03 3.07 -8.60
N MET K 52 51.32 3.35 -7.34
CA MET K 52 52.69 3.29 -6.87
C MET K 52 53.23 1.87 -6.88
N MET K 53 52.47 0.94 -6.33
CA MET K 53 52.90 -0.44 -6.23
C MET K 53 53.11 -1.08 -7.57
N SER K 54 52.18 -0.90 -8.51
CA SER K 54 52.28 -1.60 -9.77
C SER K 54 53.49 -1.14 -10.52
N LYS K 55 53.76 0.16 -10.53
CA LYS K 55 54.92 0.62 -11.26
C LYS K 55 56.19 -0.02 -10.73
N VAL K 56 56.34 -0.07 -9.41
CA VAL K 56 57.54 -0.67 -8.83
C VAL K 56 57.51 -2.18 -8.99
N ARG K 57 56.41 -2.81 -8.62
CA ARG K 57 56.28 -4.24 -8.68
C ARG K 57 56.48 -4.77 -10.08
N ASN K 58 55.95 -4.07 -11.08
CA ASN K 58 56.06 -4.51 -12.45
C ASN K 58 57.50 -4.46 -12.91
N GLU K 59 58.16 -3.32 -12.66
CA GLU K 59 59.56 -3.21 -13.04
C GLU K 59 60.38 -4.22 -12.26
N THR K 60 60.03 -4.39 -11.01
CA THR K 60 60.74 -5.30 -10.13
C THR K 60 60.58 -6.73 -10.61
N LEU K 61 59.37 -7.11 -10.93
CA LEU K 61 59.09 -8.45 -11.38
C LEU K 61 59.82 -8.76 -12.68
N ASP K 62 59.74 -7.84 -13.65
CA ASP K 62 60.36 -8.05 -14.95
C ASP K 62 61.89 -8.13 -14.86
N ILE K 63 62.49 -7.25 -14.06
CA ILE K 63 63.93 -7.23 -13.92
C ILE K 63 64.43 -8.47 -13.22
N LEU K 64 63.78 -8.83 -12.14
CA LEU K 64 64.19 -9.99 -11.38
C LEU K 64 64.03 -11.25 -12.22
N LYS K 65 62.94 -11.34 -13.00
CA LYS K 65 62.75 -12.48 -13.87
C LYS K 65 63.82 -12.54 -14.92
N THR K 66 64.17 -11.39 -15.48
CA THR K 66 65.22 -11.29 -16.48
C THR K 66 66.54 -11.81 -15.93
N ASN K 67 66.79 -11.49 -14.66
CA ASN K 67 68.04 -11.85 -14.00
C ASN K 67 68.03 -13.25 -13.38
N LYS K 68 67.01 -14.05 -13.72
CA LYS K 68 66.91 -15.43 -13.28
C LYS K 68 66.72 -15.57 -11.77
N VAL K 69 65.92 -14.68 -11.21
CA VAL K 69 65.57 -14.71 -9.81
C VAL K 69 64.43 -15.70 -9.58
N ALA K 70 64.60 -16.59 -8.58
CA ALA K 70 63.60 -17.62 -8.29
C ALA K 70 62.39 -17.00 -7.65
N THR K 71 61.23 -17.62 -7.77
CA THR K 71 60.01 -16.99 -7.28
C THR K 71 60.04 -16.72 -5.77
N GLU K 72 60.76 -17.56 -5.04
CA GLU K 72 60.92 -17.39 -3.60
C GLU K 72 61.87 -16.26 -3.25
N ASP K 73 62.55 -15.72 -4.25
CA ASP K 73 63.51 -14.66 -4.01
C ASP K 73 62.86 -13.28 -4.18
N TYR K 74 61.80 -13.20 -4.97
CA TYR K 74 61.18 -11.93 -5.31
C TYR K 74 60.76 -11.16 -4.06
N ILE K 75 60.23 -11.85 -3.06
CA ILE K 75 59.87 -11.17 -1.81
C ILE K 75 60.93 -10.24 -1.29
N GLY K 76 62.17 -10.66 -1.30
CA GLY K 76 63.18 -9.83 -0.71
C GLY K 76 63.32 -8.59 -1.54
N TYR K 77 63.38 -8.81 -2.84
CA TYR K 77 63.65 -7.73 -3.76
C TYR K 77 62.45 -6.83 -3.92
N ILE K 78 61.26 -7.38 -3.75
CA ILE K 78 60.05 -6.59 -3.80
C ILE K 78 59.86 -5.79 -2.52
N ALA K 79 60.06 -6.44 -1.37
CA ALA K 79 59.96 -5.72 -0.12
C ALA K 79 60.94 -4.55 -0.13
N PHE K 80 62.15 -4.81 -0.63
CA PHE K 80 63.10 -3.73 -0.83
C PHE K 80 62.62 -2.80 -1.92
N ALA K 81 62.08 -3.36 -3.00
CA ALA K 81 61.69 -2.52 -4.12
C ALA K 81 60.83 -1.38 -3.67
N GLU K 82 59.83 -1.69 -2.86
CA GLU K 82 58.94 -0.65 -2.41
C GLU K 82 59.61 0.21 -1.36
N GLU K 83 60.22 -0.40 -0.35
CA GLU K 83 60.87 0.39 0.68
C GLU K 83 61.82 1.41 0.06
N LEU K 84 62.64 0.94 -0.87
CA LEU K 84 63.62 1.77 -1.55
C LEU K 84 62.93 2.83 -2.37
N ALA K 85 61.91 2.42 -3.11
CA ALA K 85 61.18 3.34 -3.97
C ALA K 85 60.58 4.48 -3.16
N HIS K 86 60.13 4.16 -1.95
CA HIS K 86 59.57 5.16 -1.07
C HIS K 86 60.65 6.12 -0.59
N GLN K 87 61.80 5.58 -0.24
CA GLN K 87 62.92 6.43 0.16
C GLN K 87 63.33 7.34 -1.01
N VAL K 88 63.20 6.83 -2.24
CA VAL K 88 63.50 7.66 -3.41
C VAL K 88 62.59 8.89 -3.43
N TRP K 89 61.29 8.69 -3.23
CA TRP K 89 60.38 9.83 -3.16
C TRP K 89 60.76 10.74 -2.02
N LYS K 90 60.99 10.14 -0.86
CA LYS K 90 61.31 10.91 0.32
C LYS K 90 62.40 11.90 0.02
N ASN K 91 63.42 11.44 -0.68
CA ASN K 91 64.54 12.29 -1.03
C ASN K 91 64.18 13.28 -2.12
N LYS K 92 63.47 12.83 -3.16
CA LYS K 92 63.08 13.75 -4.22
C LYS K 92 62.27 14.91 -3.64
N ASN K 93 61.48 14.62 -2.61
CA ASN K 93 60.68 15.60 -1.94
C ASN K 93 61.46 16.45 -0.91
N SER K 94 62.24 15.80 -0.05
CA SER K 94 62.84 16.49 1.10
C SER K 94 64.32 16.88 0.98
N SER K 95 65.08 16.26 0.09
CA SER K 95 66.52 16.47 0.10
C SER K 95 67.02 17.05 -1.25
N PRO K 96 68.22 17.67 -1.24
CA PRO K 96 68.98 18.09 -2.41
C PRO K 96 69.27 16.91 -3.33
N ASP K 97 69.34 17.17 -4.63
CA ASP K 97 69.62 16.11 -5.59
C ASP K 97 70.84 15.24 -5.20
N PRO K 98 71.99 15.83 -4.77
CA PRO K 98 73.17 15.12 -4.30
C PRO K 98 72.87 14.16 -3.16
N ASN K 99 71.86 14.48 -2.35
CA ASN K 99 71.49 13.62 -1.25
C ASN K 99 70.61 12.49 -1.72
N THR K 100 69.82 12.75 -2.76
CA THR K 100 69.00 11.71 -3.33
C THR K 100 69.91 10.64 -3.90
N ALA K 101 70.91 11.08 -4.66
CA ALA K 101 71.88 10.17 -5.23
C ALA K 101 72.67 9.45 -4.15
N ASN K 102 73.13 10.20 -3.15
CA ASN K 102 73.90 9.61 -2.06
C ASN K 102 73.09 8.59 -1.31
N GLU K 103 71.89 8.98 -0.90
CA GLU K 103 71.04 8.10 -0.15
C GLU K 103 70.75 6.82 -0.91
N ALA K 104 70.50 6.94 -2.21
CA ALA K 104 70.21 5.74 -2.98
C ALA K 104 71.36 4.73 -2.85
N SER K 105 72.59 5.23 -2.98
CA SER K 105 73.77 4.38 -2.87
C SER K 105 73.99 3.88 -1.45
N LYS K 106 73.79 4.75 -0.48
CA LYS K 106 73.99 4.40 0.91
C LYS K 106 72.94 3.40 1.37
N THR K 107 71.74 3.52 0.84
CA THR K 107 70.68 2.58 1.17
C THR K 107 70.98 1.24 0.57
N ASP K 108 71.43 1.22 -0.68
CA ASP K 108 71.83 -0.05 -1.26
C ASP K 108 72.81 -0.73 -0.31
N LEU K 109 73.75 0.03 0.22
CA LEU K 109 74.66 -0.51 1.22
C LEU K 109 73.88 -0.99 2.45
N GLU K 110 73.00 -0.15 2.98
CA GLU K 110 72.21 -0.52 4.16
C GLU K 110 71.52 -1.85 3.98
N SER K 111 70.95 -2.04 2.80
CA SER K 111 70.17 -3.23 2.48
C SER K 111 70.97 -4.50 2.70
N LYS K 112 72.30 -4.37 2.80
CA LYS K 112 73.19 -5.49 3.05
C LYS K 112 72.86 -6.17 4.36
N TYR K 113 72.12 -5.48 5.24
CA TYR K 113 71.69 -6.08 6.50
C TYR K 113 70.93 -7.37 6.21
N SER K 114 70.35 -7.46 5.02
CA SER K 114 69.62 -8.63 4.60
C SER K 114 70.42 -9.43 3.59
N ASP K 115 70.30 -10.73 3.67
CA ASP K 115 70.93 -11.66 2.74
C ASP K 115 70.49 -11.45 1.30
N VAL K 116 69.38 -10.76 1.16
CA VAL K 116 68.77 -10.46 -0.10
C VAL K 116 69.62 -9.54 -0.96
N TYR K 117 70.22 -8.55 -0.34
CA TYR K 117 70.90 -7.49 -1.08
C TYR K 117 72.00 -7.99 -1.99
N GLY K 118 72.01 -7.46 -3.21
CA GLY K 118 73.02 -7.75 -4.21
C GLY K 118 72.77 -6.91 -5.45
N LEU K 119 73.45 -7.24 -6.54
CA LEU K 119 73.34 -6.49 -7.80
C LEU K 119 71.88 -6.20 -8.14
N ASP K 120 71.02 -7.19 -7.94
CA ASP K 120 69.61 -7.03 -8.26
C ASP K 120 69.04 -5.77 -7.64
N VAL K 121 69.42 -5.49 -6.40
CA VAL K 121 68.90 -4.33 -5.70
C VAL K 121 69.42 -3.04 -6.32
N THR K 122 70.72 -3.01 -6.57
CA THR K 122 71.33 -1.79 -7.10
C THR K 122 70.73 -1.45 -8.47
N VAL K 123 70.46 -2.49 -9.27
CA VAL K 123 69.84 -2.28 -10.57
C VAL K 123 68.44 -1.72 -10.39
N LEU K 124 67.67 -2.35 -9.52
CA LEU K 124 66.30 -1.95 -9.31
C LEU K 124 66.17 -0.52 -8.84
N ASP K 125 67.01 -0.11 -7.89
CA ASP K 125 66.87 1.23 -7.37
C ASP K 125 67.20 2.26 -8.44
N ALA K 126 68.23 2.00 -9.22
CA ALA K 126 68.58 2.93 -10.29
C ALA K 126 67.37 3.16 -11.19
N ILE K 127 66.63 2.09 -11.46
CA ILE K 127 65.44 2.19 -12.28
C ILE K 127 64.38 3.05 -11.60
N TYR K 128 64.12 2.77 -10.32
CA TYR K 128 63.09 3.53 -9.61
C TYR K 128 63.38 5.01 -9.63
N ASN K 129 64.64 5.37 -9.39
CA ASN K 129 65.04 6.78 -9.35
C ASN K 129 64.80 7.44 -10.69
N ALA K 130 65.19 6.75 -11.76
CA ALA K 130 65.08 7.28 -13.10
C ALA K 130 63.67 7.20 -13.69
N VAL K 131 62.86 6.23 -13.23
CA VAL K 131 61.61 5.94 -13.92
C VAL K 131 60.31 6.25 -13.17
N ILE K 132 60.22 5.94 -11.89
CA ILE K 132 58.91 5.87 -11.27
C ILE K 132 58.57 7.06 -10.34
N PRO K 133 57.45 7.77 -10.57
CA PRO K 133 56.93 8.87 -9.79
C PRO K 133 56.22 8.34 -8.54
N ILE K 134 57.02 7.84 -7.60
CA ILE K 134 56.54 7.17 -6.40
C ILE K 134 55.69 8.04 -5.49
N ILE K 135 54.59 7.48 -5.02
CA ILE K 135 53.69 8.13 -4.08
C ILE K 135 54.14 7.87 -2.65
N MET K 136 54.23 8.94 -1.85
CA MET K 136 54.58 8.83 -0.44
C MET K 136 54.33 10.16 0.26
N ARG L 7 47.74 12.43 31.12
CA ARG L 7 46.84 11.91 30.09
C ARG L 7 47.29 10.54 29.56
N GLN L 8 48.55 10.44 29.12
CA GLN L 8 49.07 9.21 28.51
C GLN L 8 49.31 8.12 29.54
N ASP L 9 49.10 8.45 30.79
CA ASP L 9 49.28 7.52 31.88
C ASP L 9 48.15 6.50 31.97
N SER L 10 46.97 6.84 31.44
CA SER L 10 45.87 5.90 31.48
C SER L 10 44.87 6.03 30.35
N LYS L 11 44.77 7.20 29.75
CA LYS L 11 43.68 7.43 28.81
C LYS L 11 43.79 6.51 27.60
N ASP L 12 44.99 6.01 27.33
CA ASP L 12 45.21 5.25 26.13
C ASP L 12 44.49 3.93 26.17
N ARG L 13 44.74 3.14 27.19
CA ARG L 13 44.11 1.84 27.30
C ARG L 13 42.60 1.97 27.46
N TYR L 14 42.15 3.02 28.14
CA TYR L 14 40.72 3.18 28.35
C TYR L 14 39.98 3.40 27.05
N GLN L 15 40.47 4.31 26.24
CA GLN L 15 39.78 4.61 25.01
C GLN L 15 40.14 3.67 23.90
N TYR L 16 41.37 3.22 23.86
CA TYR L 16 41.73 2.31 22.81
C TYR L 16 40.78 1.12 22.84
N LYS L 17 40.47 0.61 24.03
CA LYS L 17 39.49 -0.45 24.14
C LYS L 17 38.18 -0.02 23.50
N GLN L 18 37.74 1.21 23.78
CA GLN L 18 36.50 1.71 23.18
C GLN L 18 36.57 1.70 21.67
N TYR L 19 37.72 2.05 21.12
CA TYR L 19 37.88 2.02 19.68
C TYR L 19 37.57 0.67 19.12
N ILE L 20 38.21 -0.34 19.65
CA ILE L 20 38.04 -1.66 19.11
C ILE L 20 36.59 -2.09 19.21
N TYR L 21 35.97 -1.83 20.36
CA TYR L 21 34.58 -2.19 20.51
C TYR L 21 33.78 -1.68 19.32
N ARG L 22 34.01 -0.41 18.95
CA ARG L 22 33.35 0.17 17.80
C ARG L 22 33.67 -0.59 16.50
N SER L 23 34.94 -0.93 16.30
CA SER L 23 35.35 -1.67 15.09
C SER L 23 34.74 -3.05 15.02
N ILE L 24 34.62 -3.71 16.16
CA ILE L 24 34.04 -5.04 16.20
C ILE L 24 32.62 -4.99 15.70
N GLY L 25 31.85 -4.01 16.18
CA GLY L 25 30.51 -3.81 15.70
C GLY L 25 29.45 -4.22 16.70
N GLY L 26 28.27 -3.60 16.61
CA GLY L 26 27.20 -3.86 17.57
C GLY L 26 26.49 -5.18 17.31
N ILE L 27 26.88 -5.86 16.24
CA ILE L 27 26.28 -7.15 15.87
C ILE L 27 26.94 -8.30 16.59
N VAL L 28 28.11 -8.04 17.18
CA VAL L 28 28.87 -9.10 17.83
C VAL L 28 28.54 -9.15 19.33
N PRO L 29 28.09 -10.32 19.84
CA PRO L 29 27.74 -10.54 21.23
C PRO L 29 28.89 -10.09 22.13
N PRO L 30 28.56 -9.53 23.32
CA PRO L 30 29.49 -8.91 24.26
C PRO L 30 30.56 -9.85 24.77
N GLU L 31 30.28 -11.16 24.79
CA GLU L 31 31.27 -12.14 25.23
C GLU L 31 32.43 -12.22 24.24
N MET L 32 32.19 -11.71 23.05
CA MET L 32 33.23 -11.61 22.05
C MET L 32 33.67 -10.17 21.91
N ALA L 33 32.73 -9.25 21.93
CA ALA L 33 33.08 -7.87 21.67
C ALA L 33 34.07 -7.35 22.72
N GLU L 34 33.76 -7.54 23.99
CA GLU L 34 34.63 -7.01 25.05
C GLU L 34 35.87 -7.85 25.24
N THR L 35 35.74 -9.15 25.14
CA THR L 35 36.84 -10.05 25.42
C THR L 35 37.94 -9.90 24.37
N VAL L 36 37.53 -9.73 23.12
CA VAL L 36 38.46 -9.49 22.06
C VAL L 36 39.10 -8.12 22.22
N THR L 37 38.28 -7.14 22.54
CA THR L 37 38.75 -5.78 22.77
C THR L 37 39.83 -5.74 23.81
N ALA L 38 39.57 -6.33 24.96
CA ALA L 38 40.51 -6.30 26.05
C ALA L 38 41.82 -6.95 25.66
N ASN L 39 41.74 -8.06 24.92
CA ASN L 39 42.93 -8.77 24.51
C ASN L 39 43.78 -7.95 23.56
N GLN L 40 43.14 -7.38 22.55
CA GLN L 40 43.83 -6.60 21.55
C GLN L 40 44.48 -5.38 22.19
N THR L 41 43.78 -4.79 23.16
CA THR L 41 44.33 -3.64 23.86
C THR L 41 45.58 -4.01 24.61
N ALA L 42 45.55 -5.14 25.30
CA ALA L 42 46.72 -5.58 26.04
C ALA L 42 47.92 -5.69 25.10
N GLN L 43 47.66 -6.17 23.87
CA GLN L 43 48.72 -6.24 22.89
C GLN L 43 49.18 -4.83 22.49
N TRP L 44 48.25 -3.87 22.44
CA TRP L 44 48.61 -2.50 22.12
C TRP L 44 49.54 -1.98 23.17
N GLU L 45 49.19 -2.18 24.42
CA GLU L 45 49.98 -1.66 25.51
C GLU L 45 51.40 -2.21 25.44
N ALA L 46 51.53 -3.53 25.30
CA ALA L 46 52.83 -4.19 25.25
C ALA L 46 53.61 -3.81 24.01
N GLY L 47 52.93 -3.78 22.86
CA GLY L 47 53.55 -3.49 21.59
C GLY L 47 54.01 -2.05 21.49
N PHE L 48 53.20 -1.16 22.00
CA PHE L 48 53.43 0.28 21.96
C PHE L 48 54.59 0.70 22.86
N THR L 49 54.56 0.24 24.11
CA THR L 49 55.50 0.68 25.13
C THR L 49 56.97 0.80 24.65
N PRO L 50 57.61 -0.22 24.03
CA PRO L 50 58.99 -0.19 23.60
C PRO L 50 59.35 1.07 22.84
N TYR L 51 58.44 1.53 21.98
CA TYR L 51 58.71 2.71 21.17
C TYR L 51 58.46 3.96 21.97
N HIS L 52 57.49 3.87 22.87
CA HIS L 52 57.15 4.96 23.74
C HIS L 52 58.35 5.28 24.62
N LYS L 53 58.97 4.23 25.15
CA LYS L 53 60.14 4.38 25.99
C LYS L 53 61.25 5.09 25.25
N LEU L 54 61.48 4.70 24.00
CA LEU L 54 62.49 5.38 23.19
C LEU L 54 62.20 6.84 23.04
N ARG L 55 60.96 7.17 22.68
CA ARG L 55 60.60 8.56 22.46
C ARG L 55 60.81 9.39 23.72
N LEU L 56 60.43 8.84 24.86
CA LEU L 56 60.63 9.55 26.12
C LEU L 56 62.11 9.73 26.41
N ALA L 57 62.89 8.69 26.16
CA ALA L 57 64.33 8.76 26.36
C ALA L 57 64.95 9.82 25.47
N ILE L 58 64.50 9.87 24.21
CA ILE L 58 65.01 10.83 23.25
C ILE L 58 64.78 12.24 23.72
N LYS L 59 63.56 12.51 24.21
CA LYS L 59 63.25 13.82 24.74
C LYS L 59 64.30 14.26 25.75
N GLU L 60 64.61 13.37 26.70
CA GLU L 60 65.59 13.68 27.73
C GLU L 60 67.00 13.86 27.15
N ILE L 61 67.34 13.07 26.14
CA ILE L 61 68.67 13.18 25.55
C ILE L 61 68.86 14.56 24.95
N CYS L 62 67.87 15.05 24.22
CA CYS L 62 68.01 16.35 23.61
C CYS L 62 68.15 17.46 24.64
N LYS L 63 67.39 17.37 25.73
CA LYS L 63 67.55 18.35 26.79
C LYS L 63 68.95 18.27 27.40
N THR L 64 69.43 17.04 27.58
CA THR L 64 70.75 16.79 28.14
C THR L 64 71.83 17.38 27.26
N ASP L 65 71.71 17.15 25.96
CA ASP L 65 72.66 17.66 24.98
C ASP L 65 72.52 19.17 24.81
N GLY L 66 71.30 19.68 24.96
CA GLY L 66 71.04 21.09 24.78
C GLY L 66 70.84 21.38 23.30
N ILE L 67 70.09 20.51 22.65
CA ILE L 67 69.89 20.57 21.22
C ILE L 67 68.39 20.80 20.87
N PRO L 68 68.08 21.26 19.63
CA PRO L 68 66.78 21.69 19.14
C PRO L 68 65.62 20.75 19.38
N ASN L 69 64.45 21.30 19.72
CA ASN L 69 63.23 20.53 19.93
C ASN L 69 62.63 20.09 18.61
N ILE L 70 62.74 20.94 17.60
CA ILE L 70 62.11 20.62 16.32
C ILE L 70 62.65 19.34 15.75
N LYS L 71 63.92 19.09 16.02
CA LYS L 71 64.61 17.97 15.45
C LYS L 71 64.15 16.66 16.04
N TRP L 72 63.28 16.73 17.05
CA TRP L 72 62.68 15.54 17.60
C TRP L 72 61.94 14.77 16.54
N GLY L 73 61.39 15.47 15.56
CA GLY L 73 60.71 14.76 14.50
C GLY L 73 61.64 13.70 13.91
N MET L 74 62.92 14.04 13.79
CA MET L 74 63.90 13.12 13.24
C MET L 74 64.58 12.27 14.29
N TYR L 75 64.84 12.81 15.47
CA TYR L 75 65.46 11.98 16.49
C TYR L 75 64.52 10.82 16.76
N ILE L 76 63.22 11.12 16.79
CA ILE L 76 62.20 10.11 16.97
C ILE L 76 62.15 9.18 15.78
N ALA L 77 62.00 9.73 14.57
CA ALA L 77 61.94 8.90 13.38
C ALA L 77 63.14 7.98 13.28
N PHE L 78 64.30 8.53 13.55
CA PHE L 78 65.56 7.82 13.50
C PHE L 78 65.54 6.68 14.50
N GLY L 79 65.20 7.00 15.76
CA GLY L 79 65.14 6.03 16.83
C GLY L 79 64.13 4.92 16.54
N GLU L 80 62.93 5.31 16.15
CA GLU L 80 61.86 4.36 15.88
C GLU L 80 62.23 3.44 14.72
N LYS L 81 62.83 3.99 13.68
CA LYS L 81 63.24 3.18 12.55
C LYS L 81 64.25 2.15 13.00
N LEU L 82 65.22 2.58 13.77
CA LEU L 82 66.22 1.66 14.23
C LEU L 82 65.63 0.60 15.14
N LEU L 83 64.71 0.95 16.03
CA LEU L 83 64.16 -0.10 16.87
C LEU L 83 63.48 -1.17 16.03
N LYS L 84 62.75 -0.75 15.00
CA LYS L 84 62.15 -1.73 14.11
C LYS L 84 63.24 -2.64 13.58
N SER L 85 64.37 -2.05 13.19
CA SER L 85 65.51 -2.80 12.71
C SER L 85 66.05 -3.76 13.77
N TYR L 86 66.11 -3.31 15.02
CA TYR L 86 66.62 -4.15 16.09
C TYR L 86 65.72 -5.32 16.36
N LEU L 87 64.42 -5.11 16.19
CA LEU L 87 63.49 -6.21 16.34
C LEU L 87 63.70 -7.22 15.22
N LYS L 88 63.93 -6.72 14.00
CA LYS L 88 64.20 -7.58 12.85
C LYS L 88 65.49 -8.38 13.04
N MET L 89 66.47 -7.80 13.72
CA MET L 89 67.74 -8.46 13.98
C MET L 89 67.57 -9.75 14.77
N LYS L 90 66.43 -9.90 15.44
CA LYS L 90 66.18 -11.09 16.22
C LYS L 90 65.82 -12.24 15.30
N ALA L 91 65.62 -11.92 14.03
CA ALA L 91 65.41 -12.91 12.99
C ALA L 91 66.67 -13.02 12.13
N GLY L 92 67.27 -11.88 11.81
CA GLY L 92 68.43 -11.81 10.93
C GLY L 92 69.70 -12.39 11.51
N SER L 93 69.87 -12.25 12.82
CA SER L 93 71.11 -12.64 13.50
C SER L 93 72.25 -11.77 13.00
N ALA L 94 73.46 -12.12 13.40
CA ALA L 94 74.62 -11.31 13.01
C ALA L 94 74.32 -9.84 13.20
N SER L 95 73.76 -9.50 14.37
CA SER L 95 73.30 -8.15 14.61
C SER L 95 74.40 -7.15 14.47
N SER L 96 75.63 -7.54 14.79
CA SER L 96 76.74 -6.63 14.70
C SER L 96 76.81 -5.99 13.31
N ASP L 97 76.54 -6.78 12.28
CA ASP L 97 76.65 -6.29 10.92
C ASP L 97 75.38 -5.57 10.52
N MET L 98 74.24 -6.09 10.94
CA MET L 98 72.98 -5.44 10.61
C MET L 98 72.95 -4.06 11.20
N ILE L 99 73.42 -3.94 12.44
CA ILE L 99 73.44 -2.68 13.17
C ILE L 99 74.26 -1.67 12.42
N ALA L 100 75.46 -2.07 12.03
CA ALA L 100 76.33 -1.19 11.31
C ALA L 100 75.67 -0.72 10.02
N GLU L 101 75.03 -1.64 9.30
CA GLU L 101 74.43 -1.28 8.03
C GLU L 101 73.27 -0.31 8.18
N TYR L 102 72.43 -0.53 9.19
CA TYR L 102 71.31 0.36 9.41
C TYR L 102 71.81 1.75 9.74
N ILE L 103 72.83 1.81 10.57
CA ILE L 103 73.43 3.07 10.95
C ILE L 103 74.09 3.72 9.74
N ASN L 104 74.80 2.94 8.94
CA ASN L 104 75.51 3.48 7.79
C ASN L 104 74.65 4.43 6.98
N ASN L 105 73.46 3.99 6.58
CA ASN L 105 72.59 4.88 5.79
C ASN L 105 71.79 5.82 6.66
N ALA L 106 71.35 5.33 7.82
CA ALA L 106 70.55 6.15 8.70
C ALA L 106 71.30 7.43 9.03
N ILE L 107 72.62 7.33 9.14
CA ILE L 107 73.47 8.49 9.40
C ILE L 107 73.88 9.19 8.10
N SER L 108 74.40 8.42 7.13
CA SER L 108 75.00 9.01 5.93
C SER L 108 74.04 9.83 5.10
N ALA L 109 72.81 9.37 4.97
CA ALA L 109 71.84 10.12 4.19
C ALA L 109 71.31 11.26 5.02
N PHE L 110 72.18 12.20 5.31
CA PHE L 110 71.91 13.21 6.30
C PHE L 110 70.59 13.92 6.07
N SER L 111 70.41 14.41 4.86
CA SER L 111 69.29 15.29 4.56
C SER L 111 67.93 14.60 4.63
N SER L 112 67.91 13.26 4.65
CA SER L 112 66.63 12.55 4.64
C SER L 112 66.49 11.50 5.75
N ARG L 113 67.59 11.05 6.31
CA ARG L 113 67.52 10.04 7.36
C ARG L 113 67.87 10.60 8.72
N THR L 114 68.52 11.76 8.76
CA THR L 114 68.89 12.37 10.02
C THR L 114 68.28 13.75 10.09
N GLY L 115 68.89 14.70 9.40
CA GLY L 115 68.49 16.10 9.49
C GLY L 115 69.03 16.68 10.79
N ILE L 116 69.76 15.83 11.50
CA ILE L 116 70.32 16.06 12.80
C ILE L 116 71.80 15.73 12.78
N SER L 117 72.57 16.39 13.63
CA SER L 117 74.00 16.10 13.67
C SER L 117 74.25 14.62 13.76
N GLN L 118 75.19 14.15 12.95
CA GLN L 118 75.55 12.74 12.95
C GLN L 118 76.02 12.30 14.33
N GLU L 119 76.59 13.25 15.08
CA GLU L 119 77.10 12.93 16.41
C GLU L 119 75.96 12.57 17.34
N THR L 120 74.87 13.32 17.25
CA THR L 120 73.73 13.09 18.11
C THR L 120 72.90 11.95 17.57
N ALA L 121 72.91 11.78 16.25
CA ALA L 121 72.20 10.68 15.63
C ALA L 121 72.80 9.37 16.07
N GLN L 122 74.13 9.32 16.13
CA GLN L 122 74.82 8.13 16.59
C GLN L 122 74.51 7.88 18.05
N LYS L 123 74.48 8.94 18.87
CA LYS L 123 74.15 8.75 20.26
C LYS L 123 72.80 8.08 20.39
N ILE L 124 71.84 8.52 19.59
CA ILE L 124 70.54 7.88 19.60
C ILE L 124 70.67 6.45 19.13
N ALA L 125 71.44 6.21 18.09
CA ALA L 125 71.63 4.84 17.62
C ALA L 125 72.16 3.96 18.75
N ASP L 126 73.02 4.53 19.59
CA ASP L 126 73.60 3.79 20.71
C ASP L 126 72.56 3.55 21.81
N PHE L 127 71.76 4.58 22.10
CA PHE L 127 70.72 4.45 23.13
C PHE L 127 69.68 3.43 22.70
N ILE L 128 69.34 3.44 21.43
CA ILE L 128 68.37 2.50 20.90
C ILE L 128 68.95 1.08 20.95
N THR L 129 70.22 0.93 20.60
CA THR L 129 70.88 -0.36 20.65
C THR L 129 70.71 -1.02 22.01
N SER L 130 70.83 -0.22 23.07
CA SER L 130 70.74 -0.73 24.44
C SER L 130 69.36 -1.31 24.75
N ASN L 131 68.39 -1.06 23.89
CA ASN L 131 67.03 -1.55 24.09
C ASN L 131 66.87 -2.99 23.63
N TYR L 132 67.96 -3.56 23.08
CA TYR L 132 68.01 -4.95 22.62
C TYR L 132 67.23 -5.14 21.33
N ARG M 6 27.09 -31.54 -19.04
CA ARG M 6 26.85 -30.10 -18.92
C ARG M 6 26.61 -29.68 -17.49
N LYS M 7 25.47 -30.08 -16.95
CA LYS M 7 25.03 -29.62 -15.63
C LYS M 7 26.07 -29.83 -14.54
N LEU M 8 26.84 -30.91 -14.63
CA LEU M 8 27.78 -31.23 -13.57
C LEU M 8 29.05 -30.40 -13.59
N ARG M 9 29.21 -29.55 -14.60
CA ARG M 9 30.37 -28.67 -14.62
C ARG M 9 29.93 -27.22 -14.76
N GLN M 10 28.76 -27.03 -15.37
CA GLN M 10 28.24 -25.70 -15.67
C GLN M 10 27.41 -25.10 -14.55
N ASP M 11 26.56 -25.92 -13.91
CA ASP M 11 25.59 -25.38 -12.95
C ASP M 11 26.27 -24.91 -11.70
N SER M 12 27.51 -25.34 -11.52
CA SER M 12 28.31 -25.00 -10.37
C SER M 12 28.41 -23.49 -10.23
N THR M 13 28.25 -22.78 -11.34
CA THR M 13 28.31 -21.34 -11.32
C THR M 13 27.25 -20.76 -10.41
N ASP M 14 26.03 -21.30 -10.50
CA ASP M 14 24.89 -20.77 -9.79
C ASP M 14 24.84 -21.27 -8.37
N ARG M 15 25.33 -22.49 -8.16
CA ARG M 15 25.33 -23.05 -6.82
C ARG M 15 26.38 -22.34 -5.98
N TYR M 16 27.56 -22.13 -6.57
CA TYR M 16 28.59 -21.38 -5.91
C TYR M 16 28.08 -19.97 -5.66
N LYS M 17 27.49 -19.35 -6.70
CA LYS M 17 26.88 -18.03 -6.58
C LYS M 17 25.92 -17.96 -5.40
N THR M 18 25.06 -18.96 -5.30
CA THR M 18 24.07 -19.01 -4.23
C THR M 18 24.71 -18.73 -2.88
N LYS M 19 25.74 -19.50 -2.53
CA LYS M 19 26.35 -19.29 -1.24
C LYS M 19 27.08 -17.99 -1.13
N LEU M 20 27.83 -17.64 -2.15
CA LEU M 20 28.68 -16.48 -1.99
C LEU M 20 27.82 -15.28 -1.69
N TYR M 21 26.66 -15.19 -2.35
CA TYR M 21 25.74 -14.14 -2.05
C TYR M 21 25.21 -14.25 -0.63
N LEU M 22 24.72 -15.44 -0.26
CA LEU M 22 24.13 -15.62 1.06
C LEU M 22 25.13 -15.35 2.17
N TRP M 23 26.38 -15.74 1.95
CA TRP M 23 27.40 -15.55 2.95
C TRP M 23 27.44 -14.07 3.31
N ARG M 24 27.47 -13.24 2.28
CA ARG M 24 27.51 -11.80 2.46
C ARG M 24 26.16 -11.23 2.91
N ASN M 25 25.08 -11.77 2.39
CA ASN M 25 23.73 -11.29 2.69
C ASN M 25 23.45 -11.35 4.18
N LEU M 26 23.99 -12.37 4.83
CA LEU M 26 23.76 -12.57 6.25
C LEU M 26 24.61 -11.62 7.09
N GLY M 27 25.45 -10.82 6.43
CA GLY M 27 26.28 -9.83 7.08
C GLY M 27 25.60 -8.46 7.08
N GLY M 28 24.43 -8.36 6.43
CA GLY M 28 23.71 -7.09 6.35
C GLY M 28 24.31 -6.15 5.30
N LEU M 29 25.06 -6.71 4.37
CA LEU M 29 25.73 -5.96 3.33
C LEU M 29 24.78 -5.48 2.23
N ILE M 30 25.26 -4.55 1.42
CA ILE M 30 24.47 -3.96 0.34
C ILE M 30 24.25 -4.92 -0.83
N PRO M 31 22.99 -5.21 -1.21
CA PRO M 31 22.58 -6.10 -2.29
C PRO M 31 23.38 -5.89 -3.57
N GLU M 32 23.62 -4.64 -3.92
CA GLU M 32 24.34 -4.34 -5.15
C GLU M 32 25.82 -4.70 -5.04
N ASP M 33 26.46 -4.29 -3.95
CA ASP M 33 27.87 -4.60 -3.77
C ASP M 33 28.06 -6.09 -3.73
N MET M 34 27.12 -6.78 -3.09
CA MET M 34 27.22 -8.21 -2.99
C MET M 34 27.10 -8.82 -4.36
N ALA M 35 26.09 -8.42 -5.11
CA ALA M 35 25.91 -9.00 -6.42
C ALA M 35 27.16 -8.84 -7.26
N ILE M 36 27.83 -7.69 -7.13
CA ILE M 36 29.07 -7.44 -7.85
C ILE M 36 30.21 -8.32 -7.35
N SER M 37 30.42 -8.36 -6.04
CA SER M 37 31.49 -9.15 -5.48
C SER M 37 31.31 -10.62 -5.80
N VAL M 38 30.07 -11.07 -5.73
CA VAL M 38 29.77 -12.46 -6.02
C VAL M 38 30.03 -12.74 -7.48
N THR M 39 29.56 -11.89 -8.37
CA THR M 39 29.77 -12.09 -9.78
C THR M 39 31.25 -12.32 -10.07
N GLU M 40 32.11 -11.50 -9.49
CA GLU M 40 33.53 -11.64 -9.73
C GLU M 40 34.03 -12.96 -9.16
N SER M 41 33.54 -13.32 -7.97
CA SER M 41 33.93 -14.56 -7.31
C SER M 41 33.53 -15.79 -8.11
N ILE M 42 32.29 -15.83 -8.59
CA ILE M 42 31.81 -17.00 -9.30
C ILE M 42 32.53 -17.14 -10.62
N THR M 43 32.89 -15.99 -11.21
CA THR M 43 33.64 -16.02 -12.44
C THR M 43 35.01 -16.59 -12.21
N ALA M 44 35.71 -16.05 -11.21
CA ALA M 44 37.07 -16.51 -10.94
C ALA M 44 37.06 -17.97 -10.59
N ASP M 45 36.11 -18.37 -9.74
CA ASP M 45 35.99 -19.76 -9.34
C ASP M 45 35.75 -20.65 -10.52
N TRP M 46 34.65 -20.43 -11.22
CA TRP M 46 34.27 -21.31 -12.29
C TRP M 46 35.31 -21.33 -13.38
N LYS M 47 35.73 -20.15 -13.83
CA LYS M 47 36.68 -20.05 -14.92
C LYS M 47 37.98 -20.73 -14.61
N GLN M 48 38.60 -20.34 -13.51
CA GLN M 48 39.92 -20.83 -13.21
C GLN M 48 39.87 -22.30 -12.94
N TYR M 49 38.88 -22.72 -12.17
CA TYR M 49 38.79 -24.12 -11.81
C TYR M 49 38.58 -24.99 -13.01
N ASN M 50 37.52 -24.76 -13.75
CA ASN M 50 37.20 -25.66 -14.83
C ASN M 50 38.22 -25.62 -15.94
N ASP M 51 38.82 -24.47 -16.19
CA ASP M 51 39.79 -24.39 -17.26
C ASP M 51 40.97 -25.31 -16.96
N MET M 52 41.61 -25.09 -15.82
CA MET M 52 42.77 -25.90 -15.46
C MET M 52 42.39 -27.34 -15.19
N MET M 53 41.35 -27.54 -14.39
CA MET M 53 40.93 -28.88 -14.01
C MET M 53 40.47 -29.69 -15.19
N SER M 54 39.65 -29.11 -16.07
CA SER M 54 39.10 -29.91 -17.15
C SER M 54 40.18 -30.37 -18.06
N LYS M 55 41.13 -29.50 -18.38
CA LYS M 55 42.17 -29.93 -19.29
C LYS M 55 42.93 -31.14 -18.73
N VAL M 56 43.28 -31.08 -17.45
CA VAL M 56 44.00 -32.18 -16.84
C VAL M 56 43.09 -33.39 -16.66
N ARG M 57 41.93 -33.17 -16.08
CA ARG M 57 40.99 -34.24 -15.80
C ARG M 57 40.58 -34.96 -17.05
N ASN M 58 40.36 -34.23 -18.13
CA ASN M 58 39.94 -34.84 -19.38
C ASN M 58 41.03 -35.71 -19.94
N GLU M 59 42.25 -35.18 -20.02
CA GLU M 59 43.35 -35.98 -20.51
C GLU M 59 43.58 -37.15 -19.59
N THR M 60 43.44 -36.91 -18.30
CA THR M 60 43.67 -37.93 -17.31
C THR M 60 42.65 -39.03 -17.44
N LEU M 61 41.39 -38.65 -17.57
CA LEU M 61 40.32 -39.61 -17.67
C LEU M 61 40.47 -40.46 -18.93
N ASP M 62 40.75 -39.82 -20.06
CA ASP M 62 40.87 -40.54 -21.33
C ASP M 62 42.06 -41.50 -21.35
N ILE M 63 43.19 -41.06 -20.82
CA ILE M 63 44.39 -41.88 -20.79
C ILE M 63 44.21 -43.06 -19.86
N LEU M 64 43.70 -42.81 -18.68
CA LEU M 64 43.51 -43.87 -17.72
C LEU M 64 42.50 -44.89 -18.25
N LYS M 65 41.45 -44.41 -18.89
CA LYS M 65 40.46 -45.32 -19.46
C LYS M 65 41.08 -46.16 -20.56
N THR M 66 41.91 -45.52 -21.39
CA THR M 66 42.61 -46.21 -22.46
C THR M 66 43.48 -47.33 -21.91
N ASN M 67 44.11 -47.06 -20.77
CA ASN M 67 45.03 -47.99 -20.14
C ASN M 67 44.34 -49.00 -19.22
N LYS M 68 43.00 -49.08 -19.29
CA LYS M 68 42.21 -50.06 -18.53
C LYS M 68 42.28 -49.84 -17.03
N VAL M 69 42.26 -48.59 -16.63
CA VAL M 69 42.23 -48.20 -15.23
C VAL M 69 40.80 -48.29 -14.70
N ALA M 70 40.62 -48.95 -13.54
CA ALA M 70 39.29 -49.13 -12.96
C ALA M 70 38.81 -47.82 -12.38
N THR M 71 37.51 -47.64 -12.28
CA THR M 71 36.98 -46.34 -11.84
C THR M 71 37.46 -45.95 -10.44
N GLU M 72 37.69 -46.94 -9.60
CA GLU M 72 38.20 -46.71 -8.25
C GLU M 72 39.67 -46.33 -8.23
N ASP M 73 40.32 -46.45 -9.37
CA ASP M 73 41.74 -46.14 -9.45
C ASP M 73 41.97 -44.69 -9.88
N TYR M 74 41.01 -44.10 -10.59
CA TYR M 74 41.19 -42.78 -11.16
C TYR M 74 41.53 -41.75 -10.08
N ILE M 75 40.90 -41.84 -8.91
CA ILE M 75 41.24 -40.91 -7.83
C ILE M 75 42.72 -40.74 -7.61
N GLY M 76 43.47 -41.82 -7.61
CA GLY M 76 44.88 -41.68 -7.32
C GLY M 76 45.52 -40.90 -8.41
N TYR M 77 45.20 -41.30 -9.63
CA TYR M 77 45.84 -40.72 -10.78
C TYR M 77 45.38 -39.31 -11.05
N ILE M 78 44.15 -39.01 -10.67
CA ILE M 78 43.61 -37.67 -10.81
C ILE M 78 44.17 -36.76 -9.73
N ALA M 79 44.17 -37.23 -8.49
CA ALA M 79 44.75 -36.43 -7.41
C ALA M 79 46.20 -36.09 -7.76
N PHE M 80 46.93 -37.09 -8.28
CA PHE M 80 48.25 -36.83 -8.80
C PHE M 80 48.18 -35.96 -10.03
N ALA M 81 47.23 -36.22 -10.91
CA ALA M 81 47.19 -35.49 -12.15
C ALA M 81 47.22 -34.01 -11.91
N GLU M 82 46.41 -33.54 -10.98
CA GLU M 82 46.37 -32.13 -10.71
C GLU M 82 47.61 -31.69 -9.94
N GLU M 83 47.94 -32.41 -8.86
CA GLU M 83 49.12 -32.03 -8.09
C GLU M 83 50.33 -31.87 -9.00
N LEU M 84 50.54 -32.87 -9.85
CA LEU M 84 51.66 -32.89 -10.77
C LEU M 84 51.56 -31.74 -11.75
N ALA M 85 50.37 -31.56 -12.31
CA ALA M 85 50.15 -30.52 -13.29
C ALA M 85 50.47 -29.15 -12.71
N HIS M 86 50.16 -28.97 -11.44
CA HIS M 86 50.45 -27.73 -10.76
C HIS M 86 51.95 -27.55 -10.61
N GLN M 87 52.64 -28.61 -10.22
CA GLN M 87 54.09 -28.56 -10.11
C GLN M 87 54.71 -28.25 -11.47
N VAL M 88 54.07 -28.72 -12.55
CA VAL M 88 54.56 -28.41 -13.89
C VAL M 88 54.53 -26.91 -14.12
N TRP M 89 53.41 -26.26 -13.79
CA TRP M 89 53.35 -24.81 -13.90
C TRP M 89 54.39 -24.16 -13.04
N LYS M 90 54.47 -24.61 -11.79
CA LYS M 90 55.39 -24.04 -10.83
C LYS M 90 56.76 -23.94 -11.43
N ASN M 91 57.19 -25.01 -12.09
CA ASN M 91 58.49 -25.05 -12.71
C ASN M 91 58.55 -24.20 -13.97
N LYS M 92 57.53 -24.28 -14.81
CA LYS M 92 57.54 -23.46 -16.02
C LYS M 92 57.66 -21.98 -15.67
N ASN M 93 57.07 -21.60 -14.54
CA ASN M 93 57.12 -20.25 -14.04
C ASN M 93 58.43 -19.91 -13.30
N SER M 94 58.85 -20.77 -12.37
CA SER M 94 59.94 -20.43 -11.45
C SER M 94 61.33 -21.01 -11.77
N SER M 95 61.40 -22.08 -12.55
CA SER M 95 62.67 -22.76 -12.71
C SER M 95 63.16 -22.79 -14.17
N PRO M 96 64.45 -23.02 -14.40
CA PRO M 96 65.08 -23.31 -15.69
C PRO M 96 64.46 -24.54 -16.34
N ASP M 97 64.40 -24.55 -17.66
CA ASP M 97 63.84 -25.69 -18.37
C ASP M 97 64.39 -27.05 -17.89
N PRO M 98 65.74 -27.21 -17.69
CA PRO M 98 66.37 -28.41 -17.17
C PRO M 98 65.79 -28.84 -15.82
N ASN M 99 65.32 -27.87 -15.04
CA ASN M 99 64.76 -28.17 -13.73
C ASN M 99 63.33 -28.60 -13.88
N THR M 100 62.65 -28.08 -14.89
CA THR M 100 61.28 -28.49 -15.14
C THR M 100 61.28 -29.96 -15.53
N ALA M 101 62.19 -30.30 -16.43
CA ALA M 101 62.33 -31.68 -16.86
C ALA M 101 62.76 -32.57 -15.71
N ASN M 102 63.75 -32.12 -14.94
CA ASN M 102 64.24 -32.90 -13.82
C ASN M 102 63.15 -33.11 -12.79
N GLU M 103 62.50 -32.04 -12.39
CA GLU M 103 61.47 -32.12 -11.40
C GLU M 103 60.37 -33.07 -11.83
N ALA M 104 59.97 -33.00 -13.09
CA ALA M 104 58.91 -33.88 -13.54
C ALA M 104 59.28 -35.34 -13.28
N SER M 105 60.52 -35.70 -13.62
CA SER M 105 61.00 -37.07 -13.41
C SER M 105 61.16 -37.40 -11.93
N LYS M 106 61.70 -36.45 -11.17
CA LYS M 106 61.92 -36.67 -9.75
C LYS M 106 60.60 -36.76 -9.00
N THR M 107 59.61 -36.02 -9.45
CA THR M 107 58.29 -36.08 -8.85
C THR M 107 57.64 -37.41 -9.15
N ASP M 108 57.76 -37.87 -10.40
CA ASP M 108 57.24 -39.18 -10.70
C ASP M 108 57.82 -40.18 -9.69
N LEU M 109 59.11 -40.06 -9.43
CA LEU M 109 59.72 -40.90 -8.40
C LEU M 109 59.07 -40.65 -7.04
N GLU M 110 58.95 -39.39 -6.64
CA GLU M 110 58.32 -39.04 -5.36
C GLU M 110 56.99 -39.70 -5.19
N SER M 111 56.19 -39.68 -6.23
CA SER M 111 54.84 -40.20 -6.23
C SER M 111 54.79 -41.66 -5.79
N LYS M 112 55.94 -42.33 -5.82
CA LYS M 112 56.07 -43.71 -5.40
C LYS M 112 55.67 -43.88 -3.93
N TYR M 113 55.64 -42.77 -3.19
CA TYR M 113 55.20 -42.81 -1.80
C TYR M 113 53.80 -43.42 -1.73
N SER M 114 53.05 -43.30 -2.82
CA SER M 114 51.72 -43.86 -2.90
C SER M 114 51.72 -45.10 -3.77
N ASP M 115 50.89 -46.05 -3.39
CA ASP M 115 50.68 -47.29 -4.13
C ASP M 115 50.16 -47.04 -5.54
N VAL M 116 49.66 -45.86 -5.75
CA VAL M 116 49.10 -45.43 -7.01
C VAL M 116 50.13 -45.34 -8.11
N TYR M 117 51.30 -44.82 -7.77
CA TYR M 117 52.29 -44.50 -8.78
C TYR M 117 52.72 -45.67 -9.64
N GLY M 118 52.79 -45.42 -10.94
CA GLY M 118 53.23 -46.38 -11.92
C GLY M 118 53.28 -45.75 -13.30
N LEU M 119 53.41 -46.57 -14.33
CA LEU M 119 53.50 -46.07 -15.71
C LEU M 119 52.44 -45.02 -16.00
N ASP M 120 51.23 -45.26 -15.52
CA ASP M 120 50.14 -44.35 -15.76
C ASP M 120 50.51 -42.92 -15.40
N VAL M 121 51.23 -42.75 -14.29
CA VAL M 121 51.60 -41.42 -13.83
C VAL M 121 52.63 -40.81 -14.75
N THR M 122 53.64 -41.59 -15.11
CA THR M 122 54.71 -41.06 -15.95
C THR M 122 54.16 -40.63 -17.31
N VAL M 123 53.21 -41.39 -17.83
CA VAL M 123 52.58 -41.03 -19.09
C VAL M 123 51.81 -39.74 -18.94
N LEU M 124 51.00 -39.66 -17.90
CA LEU M 124 50.18 -38.49 -17.68
C LEU M 124 50.98 -37.22 -17.53
N ASP M 125 52.07 -37.27 -16.77
CA ASP M 125 52.82 -36.05 -16.54
C ASP M 125 53.47 -35.58 -17.84
N ALA M 126 53.98 -36.52 -18.63
CA ALA M 126 54.59 -36.13 -19.90
C ALA M 126 53.58 -35.35 -20.73
N ILE M 127 52.33 -35.79 -20.71
CA ILE M 127 51.27 -35.11 -21.43
C ILE M 127 51.05 -33.71 -20.88
N TYR M 128 50.94 -33.59 -19.56
CA TYR M 128 50.68 -32.28 -18.96
C TYR M 128 51.76 -31.29 -19.34
N ASN M 129 53.02 -31.73 -19.28
CA ASN M 129 54.13 -30.84 -19.59
C ASN M 129 54.06 -30.36 -21.02
N ALA M 130 53.77 -31.29 -21.93
CA ALA M 130 53.73 -30.98 -23.34
C ALA M 130 52.43 -30.28 -23.79
N VAL M 131 51.34 -30.50 -23.06
CA VAL M 131 50.03 -30.09 -23.57
C VAL M 131 49.32 -28.95 -22.83
N ILE M 132 49.33 -28.97 -21.49
CA ILE M 132 48.35 -28.16 -20.78
C ILE M 132 48.95 -26.90 -20.12
N PRO M 133 48.40 -25.70 -20.43
CA PRO M 133 48.76 -24.41 -19.87
C PRO M 133 48.15 -24.24 -18.48
N ILE M 134 48.68 -24.98 -17.52
CA ILE M 134 48.14 -25.06 -16.17
C ILE M 134 48.14 -23.74 -15.42
N ILE M 135 47.02 -23.46 -14.75
CA ILE M 135 46.87 -22.28 -13.91
C ILE M 135 47.35 -22.56 -12.50
N MET M 136 48.18 -21.66 -11.97
CA MET M 136 48.68 -21.75 -10.61
C MET M 136 49.37 -20.47 -10.20
N ARG N 7 51.39 -10.52 19.77
CA ARG N 7 50.18 -10.53 18.95
C ARG N 7 49.65 -11.95 18.71
N GLN N 8 50.51 -12.83 18.21
CA GLN N 8 50.11 -14.20 17.85
C GLN N 8 49.87 -15.07 19.07
N ASP N 9 50.15 -14.51 20.24
CA ASP N 9 49.97 -15.20 21.49
C ASP N 9 48.51 -15.32 21.89
N SER N 10 47.66 -14.43 21.39
CA SER N 10 46.25 -14.51 21.72
C SER N 10 45.30 -13.96 20.67
N LYS N 11 45.77 -13.05 19.83
CA LYS N 11 44.85 -12.35 18.95
C LYS N 11 44.18 -13.31 17.97
N ASP N 12 44.80 -14.46 17.73
CA ASP N 12 44.31 -15.37 16.71
C ASP N 12 42.98 -15.97 17.11
N ARG N 13 42.94 -16.61 18.26
CA ARG N 13 41.71 -17.23 18.70
C ARG N 13 40.61 -16.21 18.94
N TYR N 14 40.98 -15.02 19.41
CA TYR N 14 39.98 -14.01 19.68
C TYR N 14 39.25 -13.57 18.42
N GLN N 15 40.01 -13.26 17.39
CA GLN N 15 39.40 -12.78 16.18
C GLN N 15 38.92 -13.88 15.29
N TYR N 16 39.64 -14.97 15.26
CA TYR N 16 39.21 -16.06 14.42
C TYR N 16 37.78 -16.42 14.79
N LYS N 17 37.48 -16.49 16.08
CA LYS N 17 36.11 -16.73 16.50
C LYS N 17 35.18 -15.68 15.87
N GLN N 18 35.58 -14.41 15.91
CA GLN N 18 34.77 -13.36 15.31
C GLN N 18 34.52 -13.62 13.83
N TYR N 19 35.54 -14.10 13.14
CA TYR N 19 35.37 -14.42 11.74
C TYR N 19 34.24 -15.38 11.51
N ILE N 20 34.27 -16.48 12.21
CA ILE N 20 33.28 -17.50 12.00
C ILE N 20 31.91 -16.96 12.30
N TYR N 21 31.78 -16.23 13.39
CA TYR N 21 30.49 -15.67 13.74
C TYR N 21 29.91 -14.95 12.53
N ARG N 22 30.74 -14.14 11.87
CA ARG N 22 30.33 -13.43 10.67
C ARG N 22 29.90 -14.40 9.56
N SER N 23 30.68 -15.46 9.33
CA SER N 23 30.35 -16.45 8.30
C SER N 23 29.06 -17.20 8.59
N ILE N 24 28.81 -17.48 9.85
CA ILE N 24 27.61 -18.18 10.23
C ILE N 24 26.39 -17.36 9.84
N GLY N 25 26.44 -16.08 10.14
CA GLY N 25 25.39 -15.17 9.73
C GLY N 25 24.49 -14.73 10.88
N GLY N 26 23.90 -13.55 10.75
CA GLY N 26 23.07 -12.98 11.81
C GLY N 26 21.70 -13.64 11.91
N ILE N 27 21.42 -14.55 10.99
CA ILE N 27 20.14 -15.25 10.97
C ILE N 27 20.15 -16.48 11.87
N VAL N 28 21.35 -16.88 12.31
CA VAL N 28 21.47 -18.08 13.12
C VAL N 28 21.47 -17.72 14.61
N PRO N 29 20.55 -18.31 15.40
CA PRO N 29 20.41 -18.10 16.83
C PRO N 29 21.77 -18.30 17.52
N PRO N 30 22.05 -17.50 18.56
CA PRO N 30 23.32 -17.42 19.28
C PRO N 30 23.74 -18.74 19.91
N GLU N 31 22.78 -19.61 20.24
CA GLU N 31 23.09 -20.91 20.81
C GLU N 31 23.78 -21.79 19.78
N MET N 32 23.66 -21.41 18.52
CA MET N 32 24.34 -22.08 17.46
C MET N 32 25.49 -21.24 16.97
N ALA N 33 25.27 -19.95 16.84
CA ALA N 33 26.28 -19.11 16.27
C ALA N 33 27.58 -19.14 17.08
N GLU N 34 27.47 -18.93 18.38
CA GLU N 34 28.67 -18.89 19.22
C GLU N 34 29.23 -20.26 19.50
N THR N 35 28.35 -21.23 19.72
CA THR N 35 28.77 -22.56 20.10
C THR N 35 29.53 -23.24 18.97
N VAL N 36 29.06 -23.02 17.75
CA VAL N 36 29.74 -23.54 16.59
C VAL N 36 31.05 -22.81 16.39
N THR N 37 31.01 -21.50 16.53
CA THR N 37 32.21 -20.68 16.41
C THR N 37 33.31 -21.16 17.35
N ALA N 38 32.97 -21.31 18.61
CA ALA N 38 33.96 -21.70 19.60
C ALA N 38 34.56 -23.05 19.26
N ASN N 39 33.72 -23.98 18.81
CA ASN N 39 34.19 -25.31 18.47
C ASN N 39 35.15 -25.29 17.30
N GLN N 40 34.76 -24.61 16.24
CA GLN N 40 35.57 -24.53 15.05
C GLN N 40 36.90 -23.86 15.35
N THR N 41 36.88 -22.85 16.20
CA THR N 41 38.10 -22.17 16.59
C THR N 41 39.03 -23.11 17.29
N ALA N 42 38.50 -23.90 18.22
CA ALA N 42 39.33 -24.84 18.95
C ALA N 42 40.04 -25.76 17.97
N GLN N 43 39.33 -26.16 16.92
CA GLN N 43 39.95 -26.98 15.88
C GLN N 43 41.03 -26.20 15.16
N TRP N 44 40.82 -24.90 14.96
CA TRP N 44 41.84 -24.07 14.32
C TRP N 44 43.08 -24.06 15.14
N GLU N 45 42.93 -23.84 16.43
CA GLU N 45 44.07 -23.76 17.32
C GLU N 45 44.88 -25.05 17.26
N ALA N 46 44.19 -26.19 17.41
CA ALA N 46 44.85 -27.48 17.42
C ALA N 46 45.44 -27.83 16.06
N GLY N 47 44.70 -27.56 15.00
CA GLY N 47 45.12 -27.87 13.65
C GLY N 47 46.29 -27.02 13.20
N PHE N 48 46.24 -25.75 13.55
CA PHE N 48 47.24 -24.78 13.17
C PHE N 48 48.57 -25.01 13.86
N THR N 49 48.53 -25.18 15.18
CA THR N 49 49.73 -25.26 16.01
C THR N 49 50.88 -26.09 15.39
N PRO N 50 50.69 -27.36 14.98
CA PRO N 50 51.73 -28.24 14.45
C PRO N 50 52.59 -27.56 13.39
N TYR N 51 51.95 -26.76 12.53
CA TYR N 51 52.68 -26.10 11.46
C TYR N 51 53.35 -24.85 11.98
N HIS N 52 52.69 -24.23 12.93
CA HIS N 52 53.22 -23.04 13.56
C HIS N 52 54.52 -23.39 14.25
N LYS N 53 54.53 -24.52 14.96
CA LYS N 53 55.71 -24.98 15.66
C LYS N 53 56.86 -25.18 14.69
N LEU N 54 56.59 -25.79 13.54
CA LEU N 54 57.61 -25.99 12.54
C LEU N 54 58.18 -24.67 12.08
N ARG N 55 57.32 -23.71 11.75
CA ARG N 55 57.77 -22.42 11.26
C ARG N 55 58.67 -21.73 12.27
N LEU N 56 58.28 -21.78 13.53
CA LEU N 56 59.06 -21.16 14.58
C LEU N 56 60.42 -21.87 14.71
N ALA N 57 60.40 -23.20 14.64
CA ALA N 57 61.62 -23.97 14.71
C ALA N 57 62.55 -23.63 13.56
N ILE N 58 61.98 -23.49 12.37
CA ILE N 58 62.75 -23.16 11.17
C ILE N 58 63.45 -21.84 11.34
N LYS N 59 62.73 -20.85 11.84
CA LYS N 59 63.33 -19.54 12.08
C LYS N 59 64.62 -19.69 12.88
N GLU N 60 64.55 -20.44 13.99
CA GLU N 60 65.70 -20.64 14.84
C GLU N 60 66.81 -21.42 14.14
N ILE N 61 66.45 -22.39 13.30
CA ILE N 61 67.45 -23.16 12.60
C ILE N 61 68.27 -22.28 11.69
N CYS N 62 67.61 -21.40 10.96
CA CYS N 62 68.34 -20.53 10.05
C CYS N 62 69.30 -19.61 10.80
N LYS N 63 68.86 -19.07 11.93
CA LYS N 63 69.75 -18.25 12.74
C LYS N 63 70.93 -19.06 13.23
N THR N 64 70.65 -20.30 13.65
CA THR N 64 71.67 -21.20 14.15
C THR N 64 72.70 -21.51 13.07
N ASP N 65 72.22 -21.80 11.88
CA ASP N 65 73.08 -22.09 10.75
C ASP N 65 73.79 -20.84 10.25
N GLY N 66 73.13 -19.69 10.38
CA GLY N 66 73.70 -18.44 9.89
C GLY N 66 73.43 -18.30 8.41
N ILE N 67 72.19 -18.62 8.03
CA ILE N 67 71.80 -18.64 6.64
C ILE N 67 70.67 -17.63 6.36
N PRO N 68 70.43 -17.25 5.09
CA PRO N 68 69.56 -16.20 4.60
C PRO N 68 68.13 -16.22 5.13
N ASN N 69 67.57 -15.04 5.43
CA ASN N 69 66.20 -14.89 5.91
C ASN N 69 65.23 -15.06 4.76
N ILE N 70 65.60 -14.58 3.58
CA ILE N 70 64.66 -14.64 2.46
C ILE N 70 64.25 -16.05 2.15
N LYS N 71 65.17 -16.97 2.37
CA LYS N 71 64.98 -18.35 2.02
C LYS N 71 63.99 -19.03 2.93
N TRP N 72 63.52 -18.31 3.95
CA TRP N 72 62.47 -18.83 4.81
C TRP N 72 61.24 -19.13 4.00
N GLY N 73 61.01 -18.39 2.93
CA GLY N 73 59.85 -18.68 2.10
C GLY N 73 59.89 -20.15 1.71
N MET N 74 61.07 -20.68 1.42
CA MET N 74 61.22 -22.06 1.02
C MET N 74 61.47 -22.99 2.18
N TYR N 75 62.22 -22.55 3.19
CA TYR N 75 62.45 -23.44 4.32
C TYR N 75 61.09 -23.77 4.91
N ILE N 76 60.22 -22.76 4.97
CA ILE N 76 58.87 -22.92 5.45
C ILE N 76 58.06 -23.78 4.50
N ALA N 77 58.03 -23.42 3.22
CA ALA N 77 57.29 -24.21 2.25
C ALA N 77 57.70 -25.67 2.27
N PHE N 78 58.99 -25.89 2.32
CA PHE N 78 59.58 -27.21 2.34
C PHE N 78 59.11 -27.96 3.58
N GLY N 79 59.25 -27.32 4.74
CA GLY N 79 58.87 -27.93 6.01
C GLY N 79 57.38 -28.23 6.05
N GLU N 80 56.56 -27.25 5.68
CA GLU N 80 55.11 -27.40 5.71
C GLU N 80 54.65 -28.51 4.77
N LYS N 81 55.25 -28.57 3.58
CA LYS N 81 54.90 -29.61 2.64
C LYS N 81 55.19 -30.97 3.22
N LEU N 82 56.37 -31.10 3.81
CA LEU N 82 56.74 -32.37 4.39
C LEU N 82 55.84 -32.74 5.54
N LEU N 83 55.47 -31.79 6.40
CA LEU N 83 54.59 -32.17 7.50
C LEU N 83 53.29 -32.72 6.97
N LYS N 84 52.74 -32.10 5.94
CA LYS N 84 51.53 -32.64 5.33
C LYS N 84 51.77 -34.08 4.95
N SER N 85 52.94 -34.33 4.36
CA SER N 85 53.33 -35.68 3.97
C SER N 85 53.42 -36.61 5.16
N TYR N 86 53.97 -36.12 6.27
CA TYR N 86 54.12 -36.95 7.47
C TYR N 86 52.78 -37.29 8.06
N LEU N 87 51.83 -36.38 7.95
CA LEU N 87 50.49 -36.66 8.41
C LEU N 87 49.86 -37.74 7.53
N LYS N 88 50.09 -37.65 6.22
CA LYS N 88 49.60 -38.65 5.28
C LYS N 88 50.20 -40.03 5.54
N MET N 89 51.45 -40.06 6.00
CA MET N 89 52.14 -41.31 6.31
C MET N 89 51.42 -42.11 7.38
N LYS N 90 50.55 -41.46 8.14
CA LYS N 90 49.83 -42.15 9.19
C LYS N 90 48.71 -42.97 8.58
N ALA N 91 48.49 -42.77 7.28
CA ALA N 91 47.55 -43.56 6.51
C ALA N 91 48.32 -44.53 5.62
N GLY N 92 49.39 -44.02 5.00
CA GLY N 92 50.19 -44.79 4.04
C GLY N 92 50.98 -45.93 4.65
N SER N 93 51.46 -45.75 5.88
CA SER N 93 52.36 -46.70 6.52
C SER N 93 53.66 -46.76 5.76
N ALA N 94 54.51 -47.70 6.13
CA ALA N 94 55.82 -47.81 5.49
C ALA N 94 56.46 -46.43 5.36
N SER N 95 56.44 -45.68 6.46
CA SER N 95 56.87 -44.29 6.43
C SER N 95 58.30 -44.18 5.98
N SER N 96 59.11 -45.17 6.29
CA SER N 96 60.51 -45.13 5.91
C SER N 96 60.66 -44.87 4.41
N ASP N 97 59.79 -45.46 3.61
CA ASP N 97 59.90 -45.33 2.17
C ASP N 97 59.22 -44.06 1.71
N MET N 98 58.10 -43.73 2.33
CA MET N 98 57.40 -42.52 1.95
C MET N 98 58.27 -41.32 2.23
N ILE N 99 58.95 -41.34 3.36
CA ILE N 99 59.82 -40.26 3.78
C ILE N 99 60.91 -40.06 2.76
N ALA N 100 61.57 -41.14 2.39
CA ALA N 100 62.62 -41.06 1.42
C ALA N 100 62.12 -40.47 0.11
N GLU N 101 60.94 -40.92 -0.33
CA GLU N 101 60.42 -40.44 -1.60
C GLU N 101 60.07 -38.97 -1.58
N TYR N 102 59.47 -38.50 -0.48
CA TYR N 102 59.12 -37.09 -0.38
C TYR N 102 60.37 -36.25 -0.42
N ILE N 103 61.39 -36.69 0.31
CA ILE N 103 62.66 -36.00 0.34
C ILE N 103 63.34 -36.05 -1.03
N ASN N 104 63.29 -37.20 -1.69
CA ASN N 104 63.94 -37.36 -2.98
C ASN N 104 63.64 -36.20 -3.92
N ASN N 105 62.37 -35.89 -4.12
CA ASN N 105 62.02 -34.79 -5.01
C ASN N 105 62.09 -33.45 -4.32
N ALA N 106 61.68 -33.41 -3.05
CA ALA N 106 61.69 -32.16 -2.33
C ALA N 106 63.08 -31.55 -2.35
N ILE N 107 64.10 -32.40 -2.31
CA ILE N 107 65.48 -31.97 -2.39
C ILE N 107 65.95 -31.83 -3.85
N SER N 108 65.75 -32.87 -4.66
CA SER N 108 66.33 -32.95 -6.00
C SER N 108 65.87 -31.82 -6.92
N ALA N 109 64.60 -31.46 -6.85
CA ALA N 109 64.09 -30.41 -7.70
C ALA N 109 64.48 -29.07 -7.11
N PHE N 110 65.77 -28.81 -7.10
CA PHE N 110 66.32 -27.72 -6.35
C PHE N 110 65.63 -26.40 -6.64
N SER N 111 65.53 -26.07 -7.90
CA SER N 111 65.07 -24.75 -8.31
C SER N 111 63.61 -24.47 -7.97
N SER N 112 62.83 -25.51 -7.66
CA SER N 112 61.41 -25.32 -7.41
C SER N 112 60.92 -25.91 -6.10
N ARG N 113 61.64 -26.85 -5.52
CA ARG N 113 61.22 -27.46 -4.28
C ARG N 113 62.08 -27.04 -3.11
N THR N 114 63.27 -26.51 -3.39
CA THR N 114 64.15 -26.07 -2.33
C THR N 114 64.47 -24.61 -2.51
N GLY N 115 65.36 -24.32 -3.44
CA GLY N 115 65.86 -22.96 -3.64
C GLY N 115 66.88 -22.64 -2.55
N ILE N 116 67.11 -23.65 -1.72
CA ILE N 116 67.95 -23.63 -0.55
C ILE N 116 68.93 -24.77 -0.61
N SER N 117 70.09 -24.60 0.01
CA SER N 117 71.07 -25.67 0.00
C SER N 117 70.44 -26.98 0.41
N GLN N 118 70.76 -28.03 -0.34
CA GLN N 118 70.25 -29.35 -0.05
C GLN N 118 70.65 -29.79 1.34
N GLU N 119 71.79 -29.29 1.82
CA GLU N 119 72.27 -29.66 3.14
C GLU N 119 71.34 -29.13 4.23
N THR N 120 70.87 -27.90 4.04
CA THR N 120 70.00 -27.29 5.01
C THR N 120 68.58 -27.78 4.82
N ALA N 121 68.23 -28.09 3.57
CA ALA N 121 66.92 -28.61 3.26
C ALA N 121 66.75 -29.95 3.95
N GLN N 122 67.79 -30.78 3.91
CA GLN N 122 67.75 -32.06 4.57
C GLN N 122 67.65 -31.88 6.07
N LYS N 123 68.38 -30.91 6.62
CA LYS N 123 68.28 -30.67 8.05
C LYS N 123 66.85 -30.38 8.42
N ILE N 124 66.17 -29.56 7.62
CA ILE N 124 64.77 -29.29 7.87
C ILE N 124 63.96 -30.57 7.73
N ALA N 125 64.24 -31.37 6.71
CA ALA N 125 63.52 -32.61 6.55
C ALA N 125 63.67 -33.48 7.81
N ASP N 126 64.84 -33.42 8.44
CA ASP N 126 65.09 -34.20 9.64
C ASP N 126 64.34 -33.62 10.84
N PHE N 127 64.35 -32.30 10.96
CA PHE N 127 63.65 -31.63 12.05
C PHE N 127 62.16 -31.88 11.96
N ILE N 128 61.65 -31.83 10.74
CA ILE N 128 60.23 -32.07 10.50
C ILE N 128 59.89 -33.52 10.84
N THR N 129 60.75 -34.46 10.44
CA THR N 129 60.54 -35.88 10.72
C THR N 129 60.30 -36.11 12.20
N SER N 130 61.05 -35.39 13.04
CA SER N 130 60.97 -35.55 14.49
C SER N 130 59.59 -35.16 15.04
N ASN N 131 58.79 -34.48 14.21
CA ASN N 131 57.47 -34.03 14.62
C ASN N 131 56.43 -35.15 14.51
N TYR N 132 56.87 -36.32 14.03
CA TYR N 132 56.03 -37.51 13.88
C TYR N 132 55.04 -37.38 12.74
N ARG O 6 0.12 -39.81 -17.51
CA ARG O 6 0.77 -38.51 -17.71
C ARG O 6 1.11 -37.83 -16.39
N LYS O 7 0.06 -37.40 -15.68
CA LYS O 7 0.23 -36.59 -14.48
C LYS O 7 1.15 -37.23 -13.44
N LEU O 8 1.14 -38.56 -13.35
CA LEU O 8 1.90 -39.23 -12.31
C LEU O 8 3.40 -39.33 -12.62
N ARG O 9 3.82 -38.90 -13.81
CA ARG O 9 5.24 -38.88 -14.11
C ARG O 9 5.68 -37.50 -14.55
N GLN O 10 4.73 -36.74 -15.09
CA GLN O 10 5.01 -35.42 -15.64
C GLN O 10 4.91 -34.30 -14.62
N ASP O 11 3.90 -34.34 -13.76
CA ASP O 11 3.61 -33.20 -12.87
C ASP O 11 4.66 -33.08 -11.80
N SER O 12 5.45 -34.13 -11.64
CA SER O 12 6.50 -34.17 -10.66
C SER O 12 7.47 -33.03 -10.87
N THR O 13 7.52 -32.51 -12.08
CA THR O 13 8.40 -31.41 -12.40
C THR O 13 8.06 -30.20 -11.57
N ASP O 14 6.76 -29.92 -11.44
CA ASP O 14 6.29 -28.71 -10.78
C ASP O 14 6.25 -28.89 -9.29
N ARG O 15 5.99 -30.11 -8.85
CA ARG O 15 5.92 -30.37 -7.43
C ARG O 15 7.33 -30.32 -6.84
N TYR O 16 8.27 -30.94 -7.55
CA TYR O 16 9.65 -30.88 -7.16
C TYR O 16 10.10 -29.41 -7.20
N LYS O 17 9.77 -28.72 -8.30
CA LYS O 17 10.07 -27.29 -8.44
C LYS O 17 9.57 -26.51 -7.23
N THR O 18 8.33 -26.76 -6.84
CA THR O 18 7.72 -26.07 -5.72
C THR O 18 8.64 -26.05 -4.52
N LYS O 19 9.10 -27.22 -4.09
CA LYS O 19 9.96 -27.25 -2.92
C LYS O 19 11.30 -26.64 -3.16
N LEU O 20 11.90 -26.95 -4.28
CA LEU O 20 13.27 -26.52 -4.46
C LEU O 20 13.33 -25.01 -4.38
N TYR O 21 12.32 -24.35 -4.95
CA TYR O 21 12.25 -22.92 -4.82
C TYR O 21 12.03 -22.49 -3.38
N LEU O 22 11.04 -23.09 -2.72
CA LEU O 22 10.73 -22.70 -1.35
C LEU O 22 11.89 -22.94 -0.41
N TRP O 23 12.62 -24.03 -0.62
CA TRP O 23 13.75 -24.34 0.23
C TRP O 23 14.68 -23.14 0.24
N ARG O 24 14.98 -22.65 -0.95
CA ARG O 24 15.87 -21.52 -1.10
C ARG O 24 15.20 -20.20 -0.69
N ASN O 25 13.92 -20.05 -1.00
CA ASN O 25 13.18 -18.82 -0.71
C ASN O 25 13.22 -18.49 0.77
N LEU O 26 13.19 -19.53 1.59
CA LEU O 26 13.17 -19.36 3.03
C LEU O 26 14.56 -19.01 3.57
N GLY O 27 15.55 -18.97 2.68
CA GLY O 27 16.90 -18.58 3.05
C GLY O 27 17.14 -17.10 2.78
N GLY O 28 16.14 -16.41 2.21
CA GLY O 28 16.26 -14.99 1.90
C GLY O 28 17.09 -14.75 0.64
N LEU O 29 17.18 -15.76 -0.21
CA LEU O 29 17.95 -15.71 -1.43
C LEU O 29 17.25 -14.92 -2.53
N ILE O 30 18.00 -14.58 -3.58
CA ILE O 30 17.50 -13.79 -4.70
C ILE O 30 16.54 -14.58 -5.59
N PRO O 31 15.29 -14.10 -5.81
CA PRO O 31 14.26 -14.71 -6.63
C PRO O 31 14.76 -15.20 -7.98
N GLU O 32 15.60 -14.41 -8.62
CA GLU O 32 16.12 -14.77 -9.94
C GLU O 32 17.11 -15.91 -9.86
N ASP O 33 18.07 -15.82 -8.94
CA ASP O 33 19.05 -16.88 -8.80
C ASP O 33 18.37 -18.18 -8.43
N MET O 34 17.35 -18.06 -7.60
CA MET O 34 16.63 -19.24 -7.18
C MET O 34 15.92 -19.84 -8.36
N ALA O 35 15.20 -19.03 -9.11
CA ALA O 35 14.47 -19.55 -10.24
C ALA O 35 15.40 -20.30 -11.18
N ILE O 36 16.60 -19.76 -11.37
CA ILE O 36 17.59 -20.41 -12.22
C ILE O 36 18.10 -21.72 -11.62
N SER O 37 18.51 -21.68 -10.35
CA SER O 37 19.02 -22.89 -9.71
C SER O 37 17.97 -23.98 -9.68
N VAL O 38 16.74 -23.58 -9.42
CA VAL O 38 15.66 -24.53 -9.36
C VAL O 38 15.42 -25.12 -10.73
N THR O 39 15.35 -24.28 -11.75
CA THR O 39 15.14 -24.77 -13.10
C THR O 39 16.12 -25.86 -13.44
N GLU O 40 17.39 -25.65 -13.12
CA GLU O 40 18.40 -26.64 -13.44
C GLU O 40 18.16 -27.91 -12.61
N SER O 41 17.79 -27.74 -11.34
CA SER O 41 17.52 -28.87 -10.46
C SER O 41 16.36 -29.71 -10.92
N ILE O 42 15.26 -29.07 -11.29
CA ILE O 42 14.06 -29.80 -11.68
C ILE O 42 14.31 -30.51 -12.98
N THR O 43 15.12 -29.92 -13.83
CA THR O 43 15.47 -30.54 -15.09
C THR O 43 16.29 -31.78 -14.84
N ALA O 44 17.35 -31.64 -14.05
CA ALA O 44 18.23 -32.76 -13.77
C ALA O 44 17.44 -33.87 -13.11
N ASP O 45 16.63 -33.51 -12.13
CA ASP O 45 15.82 -34.47 -11.41
C ASP O 45 14.88 -35.21 -12.33
N TRP O 46 14.00 -34.47 -12.98
CA TRP O 46 12.99 -35.09 -13.80
C TRP O 46 13.60 -35.88 -14.93
N LYS O 47 14.52 -35.25 -15.66
CA LYS O 47 15.12 -35.88 -16.82
C LYS O 47 15.84 -37.16 -16.45
N GLN O 48 16.77 -37.07 -15.53
CA GLN O 48 17.60 -38.21 -15.24
C GLN O 48 16.77 -39.31 -14.63
N TYR O 49 15.89 -38.93 -13.71
CA TYR O 49 15.10 -39.94 -13.05
C TYR O 49 14.20 -40.67 -13.99
N ASN O 50 13.33 -39.94 -14.69
CA ASN O 50 12.36 -40.61 -15.51
C ASN O 50 12.98 -41.34 -16.67
N ASP O 51 14.07 -40.82 -17.22
CA ASP O 51 14.68 -41.50 -18.35
C ASP O 51 15.16 -42.89 -17.95
N MET O 52 16.02 -42.94 -16.94
CA MET O 52 16.55 -44.21 -16.49
C MET O 52 15.48 -45.09 -15.87
N MET O 53 14.69 -44.52 -14.97
CA MET O 53 13.67 -45.28 -14.27
C MET O 53 12.61 -45.81 -15.19
N SER O 54 12.11 -44.98 -16.11
CA SER O 54 11.00 -45.42 -16.94
C SER O 54 11.42 -46.57 -17.82
N LYS O 55 12.62 -46.49 -18.38
CA LYS O 55 13.03 -47.57 -19.26
C LYS O 55 13.06 -48.89 -18.49
N VAL O 56 13.63 -48.89 -17.29
CA VAL O 56 13.68 -50.10 -16.50
C VAL O 56 12.32 -50.49 -16.00
N ARG O 57 11.62 -49.55 -15.38
CA ARG O 57 10.32 -49.79 -14.79
C ARG O 57 9.32 -50.30 -15.83
N ASN O 58 9.37 -49.73 -17.03
CA ASN O 58 8.44 -50.13 -18.07
C ASN O 58 8.70 -51.55 -18.50
N GLU O 59 9.97 -51.87 -18.78
CA GLU O 59 10.30 -53.23 -19.17
C GLU O 59 9.99 -54.17 -18.03
N THR O 60 10.27 -53.71 -16.82
CA THR O 60 10.06 -54.51 -15.64
C THR O 60 8.59 -54.79 -15.44
N LEU O 61 7.78 -53.77 -15.57
CA LEU O 61 6.35 -53.90 -15.37
C LEU O 61 5.74 -54.84 -16.40
N ASP O 62 6.11 -54.65 -17.67
CA ASP O 62 5.56 -55.47 -18.75
C ASP O 62 5.95 -56.93 -18.64
N ILE O 63 7.23 -57.18 -18.31
CA ILE O 63 7.71 -58.54 -18.19
C ILE O 63 7.08 -59.25 -17.01
N LEU O 64 7.03 -58.58 -15.87
CA LEU O 64 6.47 -59.18 -14.70
C LEU O 64 4.98 -59.44 -14.90
N LYS O 65 4.28 -58.53 -15.55
CA LYS O 65 2.87 -58.74 -15.83
C LYS O 65 2.67 -59.93 -16.75
N THR O 66 3.53 -60.03 -17.77
CA THR O 66 3.50 -61.13 -18.71
C THR O 66 3.66 -62.46 -17.97
N ASN O 67 4.54 -62.47 -16.98
CA ASN O 67 4.86 -63.67 -16.23
C ASN O 67 3.91 -63.93 -15.05
N LYS O 68 2.79 -63.21 -15.01
CA LYS O 68 1.75 -63.41 -13.99
C LYS O 68 2.22 -63.06 -12.58
N VAL O 69 3.00 -62.01 -12.47
CA VAL O 69 3.47 -61.50 -11.20
C VAL O 69 2.37 -60.64 -10.56
N ALA O 70 2.09 -60.90 -9.27
CA ALA O 70 1.03 -60.17 -8.56
C ALA O 70 1.51 -58.76 -8.26
N THR O 71 0.59 -57.82 -8.10
CA THR O 71 0.99 -56.43 -7.94
C THR O 71 1.87 -56.21 -6.70
N GLU O 72 1.65 -57.02 -5.67
CA GLU O 72 2.44 -56.95 -4.46
C GLU O 72 3.84 -57.53 -4.64
N ASP O 73 4.07 -58.17 -5.77
CA ASP O 73 5.36 -58.78 -6.02
C ASP O 73 6.30 -57.83 -6.78
N TYR O 74 5.72 -56.89 -7.52
CA TYR O 74 6.51 -56.02 -8.39
C TYR O 74 7.57 -55.28 -7.60
N ILE O 75 7.25 -54.81 -6.40
CA ILE O 75 8.26 -54.13 -5.58
C ILE O 75 9.58 -54.84 -5.52
N GLY O 76 9.57 -56.14 -5.34
CA GLY O 76 10.82 -56.83 -5.19
C GLY O 76 11.58 -56.76 -6.48
N TYR O 77 10.86 -57.04 -7.54
CA TYR O 77 11.48 -57.13 -8.84
C TYR O 77 11.85 -55.78 -9.38
N ILE O 78 11.11 -54.74 -8.99
CA ILE O 78 11.42 -53.38 -9.38
C ILE O 78 12.59 -52.86 -8.59
N ALA O 79 12.58 -53.05 -7.27
CA ALA O 79 13.69 -52.63 -6.45
C ALA O 79 14.97 -53.27 -6.97
N PHE O 80 14.88 -54.56 -7.31
CA PHE O 80 16.00 -55.22 -7.97
C PHE O 80 16.20 -54.66 -9.36
N ALA O 81 15.12 -54.42 -10.08
CA ALA O 81 15.25 -53.98 -11.45
C ALA O 81 16.18 -52.79 -11.55
N GLU O 82 15.98 -51.82 -10.70
CA GLU O 82 16.81 -50.64 -10.74
C GLU O 82 18.19 -50.93 -10.18
N GLU O 83 18.25 -51.55 -9.00
CA GLU O 83 19.56 -51.85 -8.42
C GLU O 83 20.44 -52.57 -9.43
N LEU O 84 19.88 -53.60 -10.06
CA LEU O 84 20.59 -54.41 -11.03
C LEU O 84 20.96 -53.58 -12.23
N ALA O 85 20.00 -52.80 -12.73
CA ALA O 85 20.22 -51.98 -13.89
C ALA O 85 21.38 -51.01 -13.66
N HIS O 86 21.49 -50.51 -12.45
CA HIS O 86 22.56 -49.61 -12.09
C HIS O 86 23.89 -50.33 -12.09
N GLN O 87 23.91 -51.54 -11.53
CA GLN O 87 25.12 -52.34 -11.55
C GLN O 87 25.52 -52.65 -12.99
N VAL O 88 24.54 -52.80 -13.88
CA VAL O 88 24.85 -53.03 -15.28
C VAL O 88 25.63 -51.85 -15.84
N TRP O 89 25.18 -50.63 -15.58
CA TRP O 89 25.93 -49.46 -16.02
C TRP O 89 27.30 -49.45 -15.40
N LYS O 90 27.34 -49.68 -14.10
CA LYS O 90 28.59 -49.64 -13.36
C LYS O 90 29.63 -50.47 -14.07
N ASN O 91 29.23 -51.65 -14.50
CA ASN O 91 30.13 -52.55 -15.19
C ASN O 91 30.42 -52.09 -16.60
N LYS O 92 29.40 -51.66 -17.34
CA LYS O 92 29.63 -51.18 -18.70
C LYS O 92 30.64 -50.04 -18.68
N ASN O 93 30.59 -49.24 -17.63
CA ASN O 93 31.51 -48.12 -17.45
C ASN O 93 32.89 -48.53 -16.91
N SER O 94 32.92 -49.33 -15.84
CA SER O 94 34.16 -49.59 -15.12
C SER O 94 34.88 -50.93 -15.40
N SER O 95 34.18 -51.92 -15.93
CA SER O 95 34.77 -53.25 -16.01
C SER O 95 34.84 -53.75 -17.47
N PRO O 96 35.71 -54.75 -17.74
CA PRO O 96 35.80 -55.52 -18.97
C PRO O 96 34.49 -56.21 -19.27
N ASP O 97 34.17 -56.37 -20.56
CA ASP O 97 32.94 -57.03 -20.95
C ASP O 97 32.70 -58.37 -20.22
N PRO O 98 33.71 -59.27 -20.09
CA PRO O 98 33.64 -60.52 -19.36
C PRO O 98 33.20 -60.33 -17.91
N ASN O 99 33.52 -59.18 -17.33
CA ASN O 99 33.15 -58.92 -15.96
C ASN O 99 31.74 -58.41 -15.89
N THR O 100 31.29 -57.73 -16.94
CA THR O 100 29.92 -57.27 -16.99
C THR O 100 29.01 -58.48 -17.04
N ALA O 101 29.37 -59.43 -17.90
CA ALA O 101 28.61 -60.66 -18.02
C ALA O 101 28.67 -61.47 -16.73
N ASN O 102 29.87 -61.59 -16.16
CA ASN O 102 30.03 -62.35 -14.93
C ASN O 102 29.24 -61.73 -13.80
N GLU O 103 29.41 -60.43 -13.62
CA GLU O 103 28.73 -59.74 -12.54
C GLU O 103 27.23 -59.89 -12.67
N ALA O 104 26.70 -59.77 -13.88
CA ALA O 104 25.26 -59.90 -14.04
C ALA O 104 24.79 -61.24 -13.49
N SER O 105 25.50 -62.32 -13.83
CA SER O 105 25.15 -63.65 -13.36
C SER O 105 25.38 -63.81 -11.86
N LYS O 106 26.49 -63.27 -11.36
CA LYS O 106 26.82 -63.39 -9.96
C LYS O 106 25.86 -62.57 -9.11
N THR O 107 25.40 -61.45 -9.64
CA THR O 107 24.43 -60.63 -8.94
C THR O 107 23.10 -61.33 -8.89
N ASP O 108 22.68 -61.94 -10.00
CA ASP O 108 21.47 -62.71 -9.96
C ASP O 108 21.56 -63.70 -8.80
N LEU O 109 22.71 -64.34 -8.67
CA LEU O 109 22.91 -65.23 -7.53
C LEU O 109 22.79 -64.45 -6.22
N GLU O 110 23.50 -63.33 -6.10
CA GLU O 110 23.45 -62.52 -4.88
C GLU O 110 22.03 -62.21 -4.47
N SER O 111 21.21 -61.85 -5.44
CA SER O 111 19.83 -61.46 -5.21
C SER O 111 19.06 -62.52 -4.45
N LYS O 112 19.58 -63.75 -4.42
CA LYS O 112 18.98 -64.87 -3.70
C LYS O 112 18.85 -64.55 -2.22
N TYR O 113 19.61 -63.55 -1.74
CA TYR O 113 19.49 -63.13 -0.34
C TYR O 113 18.05 -62.78 -0.04
N SER O 114 17.30 -62.38 -1.07
CA SER O 114 15.91 -62.04 -0.92
C SER O 114 15.04 -63.14 -1.48
N ASP O 115 13.90 -63.34 -0.83
CA ASP O 115 12.89 -64.30 -1.26
C ASP O 115 12.34 -63.99 -2.64
N VAL O 116 12.57 -62.78 -3.08
CA VAL O 116 12.12 -62.28 -4.35
C VAL O 116 12.78 -62.96 -5.52
N TYR O 117 14.07 -63.21 -5.40
CA TYR O 117 14.85 -63.69 -6.53
C TYR O 117 14.36 -64.99 -7.14
N GLY O 118 14.31 -65.01 -8.46
CA GLY O 118 13.93 -66.18 -9.22
C GLY O 118 14.06 -65.89 -10.71
N LEU O 119 13.50 -66.75 -11.54
CA LEU O 119 13.58 -66.61 -13.00
C LEU O 119 13.28 -65.19 -13.44
N ASP O 120 12.27 -64.58 -12.82
CA ASP O 120 11.87 -63.24 -13.18
C ASP O 120 13.06 -62.29 -13.18
N VAL O 121 13.94 -62.43 -12.19
CA VAL O 121 15.08 -61.54 -12.07
C VAL O 121 16.07 -61.79 -13.19
N THR O 122 16.36 -63.06 -13.43
CA THR O 122 17.35 -63.40 -14.44
C THR O 122 16.91 -62.92 -15.82
N VAL O 123 15.61 -63.02 -16.08
CA VAL O 123 15.06 -62.54 -17.35
C VAL O 123 15.21 -61.03 -17.43
N LEU O 124 14.82 -60.34 -16.38
CA LEU O 124 14.86 -58.90 -16.36
C LEU O 124 16.27 -58.35 -16.57
N ASP O 125 17.26 -58.93 -15.90
CA ASP O 125 18.59 -58.39 -16.02
C ASP O 125 19.12 -58.58 -17.43
N ALA O 126 18.86 -59.74 -18.02
CA ALA O 126 19.31 -59.97 -19.38
C ALA O 126 18.78 -58.87 -20.30
N ILE O 127 17.53 -58.46 -20.07
CA ILE O 127 16.94 -57.39 -20.85
C ILE O 127 17.66 -56.08 -20.61
N TYR O 128 17.90 -55.73 -19.35
CA TYR O 128 18.55 -54.46 -19.04
C TYR O 128 19.91 -54.38 -19.72
N ASN O 129 20.67 -55.46 -19.66
CA ASN O 129 22.01 -55.48 -20.24
C ASN O 129 21.95 -55.25 -21.73
N ALA O 130 21.01 -55.93 -22.38
CA ALA O 130 20.88 -55.86 -23.82
C ALA O 130 20.16 -54.59 -24.32
N VAL O 131 19.30 -54.01 -23.49
CA VAL O 131 18.40 -52.98 -23.97
C VAL O 131 18.61 -51.56 -23.45
N ILE O 132 18.86 -51.39 -22.15
CA ILE O 132 18.69 -50.07 -21.57
C ILE O 132 20.01 -49.33 -21.26
N PRO O 133 20.20 -48.11 -21.79
CA PRO O 133 21.33 -47.22 -21.56
C PRO O 133 21.21 -46.53 -20.20
N ILE O 134 21.40 -47.30 -19.14
CA ILE O 134 21.18 -46.85 -17.77
C ILE O 134 22.08 -45.72 -17.34
N ILE O 135 21.47 -44.73 -16.67
CA ILE O 135 22.18 -43.60 -16.11
C ILE O 135 22.69 -43.91 -14.71
N MET O 136 23.97 -43.62 -14.46
CA MET O 136 24.58 -43.81 -13.15
C MET O 136 25.94 -43.14 -13.10
N ARG P 7 39.03 -32.38 13.62
CA ARG P 7 37.90 -31.78 12.92
C ARG P 7 36.62 -32.62 13.05
N GLN P 8 36.70 -33.90 12.69
CA GLN P 8 35.54 -34.79 12.69
C GLN P 8 35.09 -35.18 14.09
N ASP P 9 35.85 -34.73 15.07
CA ASP P 9 35.56 -35.01 16.46
C ASP P 9 34.39 -34.18 16.98
N SER P 10 34.14 -33.03 16.35
CA SER P 10 33.02 -32.20 16.81
C SER P 10 32.38 -31.35 15.73
N LYS P 11 33.11 -31.03 14.69
CA LYS P 11 32.61 -30.05 13.73
C LYS P 11 31.33 -30.54 13.04
N ASP P 12 31.13 -31.84 13.02
CA ASP P 12 30.02 -32.40 12.28
C ASP P 12 28.69 -32.03 12.91
N ARG P 13 28.52 -32.35 14.17
CA ARG P 13 27.26 -32.06 14.84
C ARG P 13 27.01 -30.56 14.92
N TYR P 14 28.08 -29.78 15.08
CA TYR P 14 27.91 -28.35 15.19
C TYR P 14 27.34 -27.74 13.92
N GLN P 15 27.92 -28.09 12.79
CA GLN P 15 27.47 -27.50 11.55
C GLN P 15 26.29 -28.22 10.97
N TYR P 16 26.23 -29.52 11.13
CA TYR P 16 25.11 -30.23 10.60
C TYR P 16 23.83 -29.61 11.14
N LYS P 17 23.81 -29.30 12.44
CA LYS P 17 22.65 -28.62 13.00
C LYS P 17 22.38 -27.33 12.23
N GLN P 18 23.44 -26.55 11.94
CA GLN P 18 23.27 -25.32 11.19
C GLN P 18 22.64 -25.57 9.83
N TYR P 19 23.04 -26.66 9.18
CA TYR P 19 22.45 -27.00 7.91
C TYR P 19 20.96 -27.12 7.98
N ILE P 20 20.49 -27.92 8.92
CA ILE P 20 19.08 -28.16 9.01
C ILE P 20 18.35 -26.87 9.29
N TYR P 21 18.88 -26.07 10.20
CA TYR P 21 18.24 -24.80 10.50
C TYR P 21 17.95 -24.05 9.20
N ARG P 22 18.95 -23.99 8.32
CA ARG P 22 18.79 -23.36 7.02
C ARG P 22 17.67 -24.02 6.20
N SER P 23 17.65 -25.36 6.15
CA SER P 23 16.62 -26.08 5.41
C SER P 23 15.22 -25.86 5.95
N ILE P 24 15.10 -25.77 7.26
CA ILE P 24 13.82 -25.55 7.88
C ILE P 24 13.24 -24.23 7.40
N GLY P 25 14.07 -23.19 7.41
CA GLY P 25 13.66 -21.90 6.88
C GLY P 25 13.43 -20.88 7.96
N GLY P 26 13.59 -19.60 7.61
CA GLY P 26 13.47 -18.52 8.58
C GLY P 26 12.00 -18.20 8.92
N ILE P 27 11.09 -18.88 8.26
CA ILE P 27 9.66 -18.67 8.49
C ILE P 27 9.16 -19.52 9.65
N VAL P 28 9.96 -20.49 10.07
CA VAL P 28 9.54 -21.40 11.12
C VAL P 28 10.03 -20.92 12.49
N PRO P 29 9.12 -20.74 13.46
CA PRO P 29 9.40 -20.28 14.81
C PRO P 29 10.50 -21.15 15.42
N PRO P 30 11.39 -20.55 16.24
CA PRO P 30 12.58 -21.15 16.81
C PRO P 30 12.29 -22.36 17.69
N GLU P 31 11.10 -22.43 18.28
CA GLU P 31 10.71 -23.57 19.10
C GLU P 31 10.55 -24.81 18.26
N MET P 32 10.43 -24.61 16.95
CA MET P 32 10.39 -25.70 16.02
C MET P 32 11.70 -25.78 15.27
N ALA P 33 12.23 -24.64 14.88
CA ALA P 33 13.41 -24.66 14.04
C ALA P 33 14.58 -25.34 14.75
N GLU P 34 14.87 -24.95 15.98
CA GLU P 34 16.00 -25.51 16.69
C GLU P 34 15.73 -26.89 17.23
N THR P 35 14.51 -27.10 17.72
CA THR P 35 14.18 -28.36 18.37
C THR P 35 14.17 -29.49 17.36
N VAL P 36 13.68 -29.21 16.16
CA VAL P 36 13.70 -30.18 15.09
C VAL P 36 15.13 -30.42 14.65
N THR P 37 15.88 -29.35 14.49
CA THR P 37 17.28 -29.42 14.11
C THR P 37 18.06 -30.32 15.03
N ALA P 38 17.95 -30.08 16.32
CA ALA P 38 18.71 -30.84 17.29
C ALA P 38 18.35 -32.31 17.22
N ASN P 39 17.07 -32.61 17.05
CA ASN P 39 16.62 -33.98 16.99
C ASN P 39 17.17 -34.71 15.77
N GLN P 40 17.04 -34.08 14.62
CA GLN P 40 17.50 -34.66 13.39
C GLN P 40 19.00 -34.89 13.43
N THR P 41 19.72 -33.95 14.03
CA THR P 41 21.16 -34.10 14.16
C THR P 41 21.51 -35.31 14.99
N ALA P 42 20.82 -35.48 16.10
CA ALA P 42 21.08 -36.62 16.96
C ALA P 42 20.93 -37.91 16.17
N GLN P 43 19.93 -37.94 15.28
CA GLN P 43 19.76 -39.10 14.42
C GLN P 43 20.94 -39.23 13.46
N TRP P 44 21.47 -38.10 12.98
CA TRP P 44 22.62 -38.14 12.09
C TRP P 44 23.79 -38.76 12.81
N GLU P 45 24.03 -38.32 14.02
CA GLU P 45 25.16 -38.82 14.77
C GLU P 45 25.06 -40.32 14.95
N ALA P 46 23.90 -40.80 15.40
CA ALA P 46 23.69 -42.21 15.65
C ALA P 46 23.69 -43.03 14.36
N GLY P 47 23.06 -42.51 13.33
CA GLY P 47 22.95 -43.19 12.06
C GLY P 47 24.27 -43.29 11.34
N PHE P 48 25.03 -42.20 11.39
CA PHE P 48 26.31 -42.07 10.74
C PHE P 48 27.39 -42.96 11.36
N THR P 49 27.51 -42.89 12.68
CA THR P 49 28.58 -43.56 13.41
C THR P 49 28.91 -44.99 12.91
N PRO P 50 27.94 -45.94 12.81
CA PRO P 50 28.18 -47.32 12.41
C PRO P 50 29.05 -47.44 11.17
N TYR P 51 28.82 -46.56 10.20
CA TYR P 51 29.58 -46.61 8.96
C TYR P 51 30.92 -45.95 9.13
N HIS P 52 30.94 -44.94 9.97
CA HIS P 52 32.15 -44.22 10.27
C HIS P 52 33.14 -45.18 10.93
N LYS P 53 32.62 -45.98 11.86
CA LYS P 53 33.45 -46.96 12.56
C LYS P 53 34.07 -47.94 11.58
N LEU P 54 33.27 -48.41 10.62
CA LEU P 54 33.79 -49.31 9.60
C LEU P 54 34.91 -48.68 8.82
N ARG P 55 34.69 -47.46 8.35
CA ARG P 55 35.70 -46.78 7.55
C ARG P 55 37.00 -46.61 8.32
N LEU P 56 36.91 -46.25 9.58
CA LEU P 56 38.09 -46.09 10.40
C LEU P 56 38.79 -47.43 10.59
N ALA P 57 38.00 -48.49 10.82
CA ALA P 57 38.56 -49.82 10.97
C ALA P 57 39.27 -50.25 9.70
N ILE P 58 38.67 -49.97 8.56
CA ILE P 58 39.22 -50.34 7.27
C ILE P 58 40.58 -49.69 7.07
N LYS P 59 40.67 -48.40 7.40
CA LYS P 59 41.93 -47.70 7.29
C LYS P 59 43.04 -48.47 8.00
N GLU P 60 42.76 -48.87 9.24
CA GLU P 60 43.74 -49.60 10.03
C GLU P 60 44.05 -50.98 9.45
N ILE P 61 43.03 -51.63 8.88
CA ILE P 61 43.26 -52.95 8.30
C ILE P 61 44.25 -52.87 7.15
N CYS P 62 44.08 -51.87 6.29
CA CYS P 62 44.99 -51.76 5.16
C CYS P 62 46.42 -51.49 5.61
N LYS P 63 46.59 -50.64 6.62
CA LYS P 63 47.92 -50.42 7.15
C LYS P 63 48.50 -51.70 7.73
N THR P 64 47.66 -52.45 8.43
CA THR P 64 48.05 -53.72 9.05
C THR P 64 48.50 -54.70 8.00
N ASP P 65 47.72 -54.82 6.93
CA ASP P 65 48.01 -55.72 5.83
C ASP P 65 49.20 -55.22 5.01
N GLY P 66 49.35 -53.90 4.92
CA GLY P 66 50.42 -53.31 4.13
C GLY P 66 50.00 -53.24 2.68
N ILE P 67 48.76 -52.82 2.48
CA ILE P 67 48.16 -52.79 1.16
C ILE P 67 47.77 -51.34 0.75
N PRO P 68 47.55 -51.08 -0.56
CA PRO P 68 47.37 -49.79 -1.20
C PRO P 68 46.32 -48.89 -0.57
N ASN P 69 46.60 -47.58 -0.51
CA ASN P 69 45.68 -46.58 0.02
C ASN P 69 44.59 -46.28 -0.98
N ILE P 70 44.92 -46.30 -2.26
CA ILE P 70 43.93 -45.93 -3.25
C ILE P 70 42.73 -46.85 -3.21
N LYS P 71 42.99 -48.10 -2.86
CA LYS P 71 41.98 -49.11 -2.88
C LYS P 71 40.98 -48.93 -1.76
N TRP P 72 41.21 -47.95 -0.90
CA TRP P 72 40.24 -47.61 0.12
C TRP P 72 38.94 -47.23 -0.49
N GLY P 73 38.97 -46.66 -1.69
CA GLY P 73 37.72 -46.30 -2.33
C GLY P 73 36.82 -47.54 -2.40
N MET P 74 37.42 -48.70 -2.64
CA MET P 74 36.66 -49.94 -2.73
C MET P 74 36.57 -50.67 -1.42
N TYR P 75 37.61 -50.64 -0.60
CA TYR P 75 37.50 -51.32 0.68
C TYR P 75 36.35 -50.68 1.45
N ILE P 76 36.24 -49.35 1.35
CA ILE P 76 35.17 -48.61 1.95
C ILE P 76 33.84 -48.95 1.27
N ALA P 77 33.78 -48.82 -0.05
CA ALA P 77 32.53 -49.12 -0.76
C ALA P 77 32.04 -50.52 -0.44
N PHE P 78 32.96 -51.46 -0.45
CA PHE P 78 32.68 -52.85 -0.16
C PHE P 78 32.13 -53.00 1.24
N GLY P 79 32.83 -52.42 2.21
CA GLY P 79 32.42 -52.49 3.60
C GLY P 79 31.06 -51.84 3.83
N GLU P 80 30.90 -50.63 3.31
CA GLU P 80 29.66 -49.88 3.48
C GLU P 80 28.48 -50.61 2.86
N LYS P 81 28.69 -51.18 1.67
CA LYS P 81 27.63 -51.92 1.02
C LYS P 81 27.21 -53.09 1.86
N LEU P 82 28.19 -53.82 2.38
CA LEU P 82 27.87 -54.95 3.19
C LEU P 82 27.17 -54.55 4.48
N LEU P 83 27.58 -53.46 5.12
CA LEU P 83 26.88 -53.10 6.34
C LEU P 83 25.43 -52.82 6.05
N LYS P 84 25.13 -52.14 4.95
CA LYS P 84 23.74 -51.93 4.57
C LYS P 84 23.05 -53.27 4.50
N SER P 85 23.71 -54.25 3.90
CA SER P 85 23.19 -55.60 3.79
C SER P 85 22.97 -56.23 5.16
N TYR P 86 23.90 -56.02 6.08
CA TYR P 86 23.77 -56.59 7.42
C TYR P 86 22.62 -55.97 8.18
N LEU P 87 22.35 -54.70 7.93
CA LEU P 87 21.21 -54.06 8.54
C LEU P 87 19.92 -54.67 7.99
N LYS P 88 19.91 -54.91 6.67
CA LYS P 88 18.76 -55.53 6.02
C LYS P 88 18.51 -56.95 6.53
N MET P 89 19.58 -57.65 6.89
CA MET P 89 19.48 -59.02 7.42
C MET P 89 18.66 -59.08 8.70
N LYS P 90 18.48 -57.94 9.37
CA LYS P 90 17.72 -57.92 10.58
C LYS P 90 16.23 -57.97 10.26
N ALA P 91 15.92 -57.85 8.98
CA ALA P 91 14.57 -58.02 8.48
C ALA P 91 14.46 -59.38 7.76
N GLY P 92 15.48 -59.69 6.97
CA GLY P 92 15.50 -60.91 6.15
C GLY P 92 15.61 -62.20 6.94
N SER P 93 16.33 -62.17 8.05
CA SER P 93 16.63 -63.37 8.82
C SER P 93 17.49 -64.30 8.00
N ALA P 94 17.71 -65.50 8.51
CA ALA P 94 18.56 -66.46 7.81
C ALA P 94 19.82 -65.77 7.33
N SER P 95 20.45 -65.01 8.23
CA SER P 95 21.58 -64.18 7.86
C SER P 95 22.70 -65.00 7.29
N SER P 96 22.85 -66.24 7.75
CA SER P 96 23.91 -67.09 7.27
C SER P 96 23.90 -67.18 5.74
N ASP P 97 22.70 -67.24 5.17
CA ASP P 97 22.59 -67.39 3.73
C ASP P 97 22.68 -66.05 3.04
N MET P 98 22.09 -65.02 3.66
CA MET P 98 22.14 -63.70 3.07
C MET P 98 23.58 -63.23 2.99
N ILE P 99 24.33 -63.51 4.06
CA ILE P 99 25.73 -63.12 4.16
C ILE P 99 26.51 -63.73 3.04
N ALA P 100 26.34 -65.04 2.87
CA ALA P 100 27.05 -65.74 1.83
C ALA P 100 26.73 -65.16 0.47
N GLU P 101 25.45 -64.86 0.23
CA GLU P 101 25.06 -64.35 -1.09
C GLU P 101 25.62 -62.97 -1.36
N TYR P 102 25.61 -62.10 -0.36
CA TYR P 102 26.16 -60.77 -0.55
C TYR P 102 27.64 -60.85 -0.87
N ILE P 103 28.33 -61.71 -0.15
CA ILE P 103 29.75 -61.91 -0.36
C ILE P 103 30.00 -62.55 -1.73
N ASN P 104 29.17 -63.53 -2.11
CA ASN P 104 29.36 -64.21 -3.38
C ASN P 104 29.60 -63.24 -4.53
N ASN P 105 28.72 -62.26 -4.69
CA ASN P 105 28.89 -61.31 -5.79
C ASN P 105 29.84 -60.19 -5.42
N ALA P 106 29.79 -59.75 -4.17
CA ALA P 106 30.64 -58.66 -3.74
C ALA P 106 32.10 -59.01 -4.02
N ILE P 107 32.43 -60.29 -3.86
CA ILE P 107 33.77 -60.78 -4.14
C ILE P 107 33.95 -61.16 -5.61
N SER P 108 33.03 -61.97 -6.15
CA SER P 108 33.18 -62.56 -7.49
C SER P 108 33.29 -61.53 -8.59
N ALA P 109 32.48 -60.47 -8.52
CA ALA P 109 32.52 -59.45 -9.54
C ALA P 109 33.71 -58.54 -9.29
N PHE P 110 34.88 -59.11 -9.44
CA PHE P 110 36.09 -58.47 -8.99
C PHE P 110 36.24 -57.05 -9.53
N SER P 111 36.10 -56.90 -10.82
CA SER P 111 36.41 -55.65 -11.48
C SER P 111 35.46 -54.51 -11.11
N SER P 112 34.31 -54.82 -10.51
CA SER P 112 33.33 -53.78 -10.21
C SER P 112 32.86 -53.77 -8.75
N ARG P 113 33.01 -54.88 -8.05
CA ARG P 113 32.57 -54.93 -6.66
C ARG P 113 33.73 -54.95 -5.68
N THR P 114 34.92 -55.29 -6.16
CA THR P 114 36.08 -55.33 -5.30
C THR P 114 37.13 -54.37 -5.83
N GLY P 115 37.83 -54.81 -6.87
CA GLY P 115 38.96 -54.06 -7.41
C GLY P 115 40.16 -54.27 -6.49
N ILE P 116 39.93 -55.09 -5.48
CA ILE P 116 40.84 -55.41 -4.41
C ILE P 116 40.97 -56.91 -4.30
N SER P 117 42.10 -57.38 -3.81
CA SER P 117 42.29 -58.81 -3.65
C SER P 117 41.11 -59.42 -2.91
N GLN P 118 40.63 -60.54 -3.43
CA GLN P 118 39.52 -61.24 -2.82
C GLN P 118 39.86 -61.63 -1.39
N GLU P 119 41.15 -61.84 -1.12
CA GLU P 119 41.58 -62.25 0.21
C GLU P 119 41.35 -61.13 1.21
N THR P 120 41.64 -59.91 0.79
CA THR P 120 41.48 -58.77 1.66
C THR P 120 40.03 -58.34 1.68
N ALA P 121 39.34 -58.55 0.56
CA ALA P 121 37.93 -58.22 0.49
C ALA P 121 37.16 -59.08 1.47
N GLN P 122 37.52 -60.36 1.54
CA GLN P 122 36.88 -61.26 2.48
C GLN P 122 37.19 -60.84 3.91
N LYS P 123 38.44 -60.45 4.17
CA LYS P 123 38.77 -60.00 5.51
C LYS P 123 37.86 -58.86 5.91
N ILE P 124 37.63 -57.93 5.00
CA ILE P 124 36.72 -56.84 5.28
C ILE P 124 35.32 -57.39 5.50
N ALA P 125 34.89 -58.32 4.67
CA ALA P 125 33.57 -58.91 4.84
C ALA P 125 33.44 -59.50 6.25
N ASP P 126 34.53 -60.07 6.76
CA ASP P 126 34.52 -60.67 8.09
C ASP P 126 34.49 -59.61 9.18
N PHE P 127 35.27 -58.54 8.99
CA PHE P 127 35.30 -57.45 9.96
C PHE P 127 33.95 -56.76 10.03
N ILE P 128 33.33 -56.59 8.88
CA ILE P 128 32.01 -55.97 8.81
C ILE P 128 30.98 -56.87 9.48
N THR P 129 31.06 -58.17 9.24
CA THR P 129 30.15 -59.13 9.85
C THR P 129 30.11 -58.96 11.36
N SER P 130 31.28 -58.75 11.96
CA SER P 130 31.39 -58.61 13.41
C SER P 130 30.63 -57.40 13.96
N ASN P 131 30.21 -56.51 13.06
CA ASN P 131 29.49 -55.31 13.46
C ASN P 131 28.00 -55.58 13.68
N TYR P 132 27.60 -56.84 13.44
CA TYR P 132 26.22 -57.30 13.63
C TYR P 132 25.29 -56.76 12.56
N ARG Q 6 -25.83 -30.03 -12.14
CA ARG Q 6 -24.61 -29.43 -12.66
C ARG Q 6 -23.71 -28.90 -11.56
N LYS Q 7 -24.15 -27.84 -10.90
CA LYS Q 7 -23.33 -27.14 -9.92
C LYS Q 7 -22.75 -28.06 -8.84
N LEU Q 8 -23.50 -29.08 -8.45
CA LEU Q 8 -23.07 -29.93 -7.35
C LEU Q 8 -21.99 -30.94 -7.74
N ARG Q 9 -21.64 -31.01 -9.02
CA ARG Q 9 -20.56 -31.90 -9.42
C ARG Q 9 -19.51 -31.13 -10.19
N GLN Q 10 -19.93 -30.02 -10.81
CA GLN Q 10 -19.07 -29.23 -11.67
C GLN Q 10 -18.30 -28.14 -10.93
N ASP Q 11 -18.97 -27.45 -10.00
CA ASP Q 11 -18.38 -26.26 -9.38
C ASP Q 11 -17.26 -26.64 -8.45
N SER Q 12 -17.20 -27.91 -8.11
CA SER Q 12 -16.20 -28.45 -7.23
C SER Q 12 -14.81 -28.15 -7.76
N THR Q 13 -14.72 -27.95 -9.07
CA THR Q 13 -13.45 -27.64 -9.69
C THR Q 13 -12.87 -26.37 -9.12
N ASP Q 14 -13.72 -25.35 -8.96
CA ASP Q 14 -13.28 -24.03 -8.56
C ASP Q 14 -13.13 -23.93 -7.06
N ARG Q 15 -13.94 -24.68 -6.35
CA ARG Q 15 -13.87 -24.65 -4.90
C ARG Q 15 -12.61 -25.37 -4.45
N TYR Q 16 -12.34 -26.52 -5.06
CA TYR Q 16 -11.13 -27.25 -4.80
C TYR Q 16 -9.94 -26.36 -5.20
N LYS Q 17 -10.02 -25.77 -6.40
CA LYS Q 17 -9.00 -24.83 -6.88
C LYS Q 17 -8.72 -23.76 -5.85
N THR Q 18 -9.78 -23.17 -5.32
CA THR Q 18 -9.65 -22.10 -4.34
C THR Q 18 -8.67 -22.46 -3.25
N LYS Q 19 -8.89 -23.61 -2.60
CA LYS Q 19 -7.99 -23.98 -1.53
C LYS Q 19 -6.62 -24.34 -2.01
N LEU Q 20 -6.53 -25.09 -3.06
CA LEU Q 20 -5.23 -25.59 -3.43
C LEU Q 20 -4.31 -24.43 -3.71
N TYR Q 21 -4.84 -23.38 -4.33
CA TYR Q 21 -4.07 -22.18 -4.53
C TYR Q 21 -3.72 -21.52 -3.20
N LEU Q 22 -4.71 -21.31 -2.35
CA LEU Q 22 -4.49 -20.63 -1.08
C LEU Q 22 -3.51 -21.38 -0.20
N TRP Q 23 -3.58 -22.70 -0.22
CA TRP Q 23 -2.70 -23.51 0.59
C TRP Q 23 -1.27 -23.12 0.26
N ARG Q 24 -0.98 -23.07 -1.03
CA ARG Q 24 0.35 -22.73 -1.49
C ARG Q 24 0.64 -21.23 -1.35
N ASN Q 25 -0.35 -20.39 -1.58
CA ASN Q 25 -0.18 -18.94 -1.52
C ASN Q 25 0.32 -18.50 -0.16
N LEU Q 26 -0.14 -19.19 0.88
CA LEU Q 26 0.22 -18.85 2.24
C LEU Q 26 1.63 -19.33 2.58
N GLY Q 27 2.28 -20.00 1.63
CA GLY Q 27 3.65 -20.46 1.79
C GLY Q 27 4.63 -19.46 1.18
N GLY Q 28 4.11 -18.39 0.56
CA GLY Q 28 4.96 -17.39 -0.08
C GLY Q 28 5.51 -17.86 -1.43
N LEU Q 29 4.85 -18.84 -2.02
CA LEU Q 29 5.25 -19.43 -3.28
C LEU Q 29 4.93 -18.53 -4.48
N ILE Q 30 5.52 -18.86 -5.63
CA ILE Q 30 5.36 -18.08 -6.86
C ILE Q 30 3.96 -18.26 -7.47
N PRO Q 31 3.20 -17.17 -7.69
CA PRO Q 31 1.87 -17.15 -8.27
C PRO Q 31 1.73 -18.02 -9.52
N GLU Q 32 2.73 -17.98 -10.39
CA GLU Q 32 2.68 -18.75 -11.61
C GLU Q 32 2.83 -20.24 -11.36
N ASP Q 33 3.83 -20.62 -10.57
CA ASP Q 33 4.03 -22.03 -10.26
C ASP Q 33 2.82 -22.58 -9.56
N MET Q 34 2.23 -21.77 -8.70
CA MET Q 34 1.07 -22.22 -7.98
C MET Q 34 -0.07 -22.44 -8.93
N ALA Q 35 -0.33 -21.46 -9.78
CA ALA Q 35 -1.43 -21.58 -10.71
C ALA Q 35 -1.29 -22.87 -11.52
N ILE Q 36 -0.06 -23.19 -11.91
CA ILE Q 36 0.21 -24.40 -12.67
C ILE Q 36 -0.02 -25.65 -11.84
N SER Q 37 0.56 -25.70 -10.65
CA SER Q 37 0.42 -26.87 -9.78
C SER Q 37 -1.03 -27.10 -9.43
N VAL Q 38 -1.75 -26.03 -9.18
CA VAL Q 38 -3.14 -26.12 -8.83
C VAL Q 38 -3.93 -26.63 -10.01
N THR Q 39 -3.70 -26.06 -11.18
CA THR Q 39 -4.41 -26.50 -12.37
C THR Q 39 -4.32 -28.01 -12.53
N GLU Q 40 -3.12 -28.55 -12.36
CA GLU Q 40 -2.95 -29.98 -12.51
C GLU Q 40 -3.70 -30.73 -11.42
N SER Q 41 -3.64 -30.20 -10.20
CA SER Q 41 -4.32 -30.81 -9.05
C SER Q 41 -5.84 -30.84 -9.22
N ILE Q 42 -6.42 -29.72 -9.65
CA ILE Q 42 -7.87 -29.64 -9.78
C ILE Q 42 -8.33 -30.53 -10.90
N THR Q 43 -7.50 -30.66 -11.92
CA THR Q 43 -7.82 -31.54 -13.02
C THR Q 43 -7.82 -32.97 -12.57
N ALA Q 44 -6.75 -33.39 -11.91
CA ALA Q 44 -6.64 -34.76 -11.45
C ALA Q 44 -7.76 -35.09 -10.49
N ASP Q 45 -8.01 -34.17 -9.56
CA ASP Q 45 -9.06 -34.36 -8.59
C ASP Q 45 -10.41 -34.51 -9.26
N TRP Q 46 -10.82 -33.48 -9.99
CA TRP Q 46 -12.14 -33.47 -10.56
C TRP Q 46 -12.32 -34.62 -11.53
N LYS Q 47 -11.38 -34.77 -12.45
CA LYS Q 47 -11.48 -35.79 -13.48
C LYS Q 47 -11.56 -37.17 -12.89
N GLN Q 48 -10.58 -37.53 -12.08
CA GLN Q 48 -10.51 -38.89 -11.60
C GLN Q 48 -11.69 -39.18 -10.70
N TYR Q 49 -12.00 -38.24 -9.83
CA TYR Q 49 -13.08 -38.46 -8.89
C TYR Q 49 -14.40 -38.64 -9.58
N ASN Q 50 -14.81 -37.64 -10.35
CA ASN Q 50 -16.13 -37.71 -10.93
C ASN Q 50 -16.27 -38.81 -11.94
N ASP Q 51 -15.21 -39.12 -12.68
CA ASP Q 51 -15.33 -40.17 -13.67
C ASP Q 51 -15.65 -41.50 -13.00
N MET Q 52 -14.80 -41.92 -12.08
CA MET Q 52 -15.01 -43.18 -11.39
C MET Q 52 -16.26 -43.16 -10.52
N MET Q 53 -16.39 -42.11 -9.70
CA MET Q 53 -17.50 -42.01 -8.77
C MET Q 53 -18.83 -41.92 -9.48
N SER Q 54 -18.94 -41.09 -10.52
CA SER Q 54 -20.22 -40.89 -11.14
C SER Q 54 -20.71 -42.17 -11.76
N LYS Q 55 -19.83 -42.90 -12.42
CA LYS Q 55 -20.28 -44.12 -13.05
C LYS Q 55 -20.86 -45.08 -12.03
N VAL Q 56 -20.17 -45.24 -10.90
CA VAL Q 56 -20.67 -46.14 -9.86
C VAL Q 56 -21.88 -45.56 -9.17
N ARG Q 57 -21.78 -44.31 -8.74
CA ARG Q 57 -22.85 -43.64 -8.02
C ARG Q 57 -24.13 -43.59 -8.83
N ASN Q 58 -24.00 -43.33 -10.14
CA ASN Q 58 -25.18 -43.23 -10.98
C ASN Q 58 -25.86 -44.57 -11.10
N GLU Q 59 -25.08 -45.62 -11.40
CA GLU Q 59 -25.67 -46.94 -11.49
C GLU Q 59 -26.22 -47.34 -10.15
N THR Q 60 -25.51 -46.99 -9.09
CA THR Q 60 -25.91 -47.35 -7.76
C THR Q 60 -27.20 -46.65 -7.39
N LEU Q 61 -27.29 -45.37 -7.67
CA LEU Q 61 -28.46 -44.59 -7.35
C LEU Q 61 -29.69 -45.12 -8.11
N ASP Q 62 -29.53 -45.37 -9.40
CA ASP Q 62 -30.65 -45.82 -10.22
C ASP Q 62 -31.15 -47.21 -9.82
N ILE Q 63 -30.22 -48.12 -9.53
CA ILE Q 63 -30.57 -49.47 -9.14
C ILE Q 63 -31.26 -49.49 -7.80
N LEU Q 64 -30.69 -48.78 -6.84
CA LEU Q 64 -31.25 -48.75 -5.52
C LEU Q 64 -32.63 -48.11 -5.54
N LYS Q 65 -32.79 -47.05 -6.33
CA LYS Q 65 -34.09 -46.40 -6.45
C LYS Q 65 -35.10 -47.35 -7.06
N THR Q 66 -34.67 -48.08 -8.09
CA THR Q 66 -35.52 -49.07 -8.75
C THR Q 66 -36.00 -50.12 -7.76
N ASN Q 67 -35.11 -50.51 -6.85
CA ASN Q 67 -35.39 -51.55 -5.88
C ASN Q 67 -36.07 -51.03 -4.60
N LYS Q 68 -36.54 -49.78 -4.64
CA LYS Q 68 -37.29 -49.18 -3.53
C LYS Q 68 -36.44 -48.99 -2.28
N VAL Q 69 -35.20 -48.62 -2.46
CA VAL Q 69 -34.30 -48.32 -1.38
C VAL Q 69 -34.55 -46.90 -0.86
N ALA Q 70 -34.68 -46.74 0.47
CA ALA Q 70 -34.97 -45.45 1.07
C ALA Q 70 -33.73 -44.58 1.01
N THR Q 71 -33.90 -43.26 1.03
CA THR Q 71 -32.75 -42.38 0.85
C THR Q 71 -31.69 -42.56 1.93
N GLU Q 72 -32.12 -42.94 3.12
CA GLU Q 72 -31.21 -43.19 4.23
C GLU Q 72 -30.47 -44.50 4.08
N ASP Q 73 -30.86 -45.30 3.11
CA ASP Q 73 -30.23 -46.59 2.90
C ASP Q 73 -29.08 -46.49 1.89
N TYR Q 74 -29.15 -45.52 0.99
CA TYR Q 74 -28.20 -45.42 -0.10
C TYR Q 74 -26.76 -45.35 0.41
N ILE Q 75 -26.53 -44.63 1.50
CA ILE Q 75 -25.18 -44.59 2.07
C ILE Q 75 -24.51 -45.93 2.18
N GLY Q 76 -25.23 -46.93 2.66
CA GLY Q 76 -24.59 -48.19 2.87
C GLY Q 76 -24.19 -48.76 1.54
N TYR Q 77 -25.14 -48.69 0.62
CA TYR Q 77 -24.95 -49.32 -0.67
C TYR Q 77 -23.98 -48.54 -1.52
N ILE Q 78 -23.91 -47.24 -1.32
CA ILE Q 78 -22.97 -46.40 -2.03
C ILE Q 78 -21.57 -46.57 -1.46
N ALA Q 79 -21.44 -46.54 -0.14
CA ALA Q 79 -20.15 -46.75 0.47
C ALA Q 79 -19.59 -48.10 0.02
N PHE Q 80 -20.46 -49.12 -0.01
CA PHE Q 80 -20.09 -50.38 -0.59
C PHE Q 80 -19.87 -50.26 -2.08
N ALA Q 81 -20.73 -49.52 -2.76
CA ALA Q 81 -20.64 -49.44 -4.20
C ALA Q 81 -19.25 -49.08 -4.64
N GLU Q 82 -18.68 -48.06 -4.00
CA GLU Q 82 -17.36 -47.64 -4.39
C GLU Q 82 -16.32 -48.62 -3.87
N GLU Q 83 -16.39 -48.98 -2.60
CA GLU Q 83 -15.41 -49.91 -2.06
C GLU Q 83 -15.31 -51.15 -2.95
N LEU Q 84 -16.47 -51.70 -3.27
CA LEU Q 84 -16.55 -52.90 -4.09
C LEU Q 84 -16.01 -52.64 -5.48
N ALA Q 85 -16.42 -51.52 -6.06
CA ALA Q 85 -16.00 -51.16 -7.40
C ALA Q 85 -14.48 -51.05 -7.48
N HIS Q 86 -13.88 -50.55 -6.41
CA HIS Q 86 -12.44 -50.43 -6.35
C HIS Q 86 -11.80 -51.81 -6.29
N GLN Q 87 -12.35 -52.69 -5.47
CA GLN Q 87 -11.85 -54.05 -5.40
C GLN Q 87 -11.98 -54.74 -6.76
N VAL Q 88 -13.02 -54.38 -7.52
CA VAL Q 88 -13.18 -54.94 -8.86
C VAL Q 88 -11.99 -54.55 -9.73
N TRP Q 89 -11.61 -53.28 -9.71
CA TRP Q 89 -10.43 -52.87 -10.45
C TRP Q 89 -9.20 -53.59 -9.96
N LYS Q 90 -9.05 -53.62 -8.65
CA LYS Q 90 -7.89 -54.23 -8.04
C LYS Q 90 -7.68 -55.60 -8.62
N ASN Q 91 -8.75 -56.36 -8.74
CA ASN Q 91 -8.68 -57.70 -9.27
C ASN Q 91 -8.45 -57.71 -10.78
N LYS Q 92 -9.17 -56.85 -11.51
CA LYS Q 92 -8.97 -56.80 -12.95
C LYS Q 92 -7.51 -56.50 -13.27
N ASN Q 93 -6.88 -55.70 -12.42
CA ASN Q 93 -5.49 -55.34 -12.58
C ASN Q 93 -4.52 -56.41 -12.07
N SER Q 94 -4.75 -56.91 -10.85
CA SER Q 94 -3.75 -57.76 -10.17
C SER Q 94 -4.00 -59.28 -10.20
N SER Q 95 -5.22 -59.72 -10.43
CA SER Q 95 -5.53 -61.13 -10.27
C SER Q 95 -6.02 -61.78 -11.57
N PRO Q 96 -5.95 -63.12 -11.68
CA PRO Q 96 -6.57 -63.94 -12.70
C PRO Q 96 -8.07 -63.76 -12.75
N ASP Q 97 -8.65 -63.87 -13.94
CA ASP Q 97 -10.10 -63.70 -14.08
C ASP Q 97 -10.91 -64.52 -13.04
N PRO Q 98 -10.59 -65.82 -12.80
CA PRO Q 98 -11.21 -66.67 -11.79
C PRO Q 98 -11.18 -66.06 -10.40
N ASN Q 99 -10.15 -65.26 -10.12
CA ASN Q 99 -10.02 -64.64 -8.81
C ASN Q 99 -10.86 -63.39 -8.76
N THR Q 100 -11.03 -62.73 -9.89
CA THR Q 100 -11.88 -61.55 -9.95
C THR Q 100 -13.30 -61.98 -9.65
N ALA Q 101 -13.73 -63.05 -10.31
CA ALA Q 101 -15.05 -63.59 -10.08
C ALA Q 101 -15.21 -64.09 -8.66
N ASN Q 102 -14.22 -64.83 -8.16
CA ASN Q 102 -14.27 -65.35 -6.81
C ASN Q 102 -14.34 -64.23 -5.79
N GLU Q 103 -13.43 -63.28 -5.92
CA GLU Q 103 -13.37 -62.19 -4.98
C GLU Q 103 -14.68 -61.44 -4.95
N ALA Q 104 -15.27 -61.19 -6.12
CA ALA Q 104 -16.51 -60.45 -6.14
C ALA Q 104 -17.56 -61.15 -5.26
N SER Q 105 -17.67 -62.47 -5.40
CA SER Q 105 -18.61 -63.25 -4.61
C SER Q 105 -18.23 -63.31 -3.14
N LYS Q 106 -16.94 -63.48 -2.87
CA LYS Q 106 -16.46 -63.58 -1.51
C LYS Q 106 -16.61 -62.25 -0.79
N THR Q 107 -16.44 -61.15 -1.52
CA THR Q 107 -16.61 -59.83 -0.95
C THR Q 107 -18.07 -59.59 -0.65
N ASP Q 108 -18.95 -59.96 -1.56
CA ASP Q 108 -20.37 -59.85 -1.26
C ASP Q 108 -20.63 -60.52 0.09
N LEU Q 109 -20.05 -61.70 0.28
CA LEU Q 109 -20.17 -62.37 1.56
C LEU Q 109 -19.57 -61.51 2.68
N GLU Q 110 -18.34 -61.03 2.49
CA GLU Q 110 -17.69 -60.18 3.48
C GLU Q 110 -18.56 -59.04 3.92
N SER Q 111 -19.21 -58.40 2.97
CA SER Q 111 -20.04 -57.23 3.20
C SER Q 111 -21.12 -57.51 4.23
N LYS Q 112 -21.39 -58.79 4.51
CA LYS Q 112 -22.37 -59.21 5.50
C LYS Q 112 -22.00 -58.68 6.88
N TYR Q 113 -20.73 -58.28 7.07
CA TYR Q 113 -20.31 -57.68 8.33
C TYR Q 113 -21.21 -56.50 8.66
N SER Q 114 -21.78 -55.89 7.63
CA SER Q 114 -22.67 -54.77 7.79
C SER Q 114 -24.11 -55.18 7.56
N ASP Q 115 -25.00 -54.58 8.32
CA ASP Q 115 -26.43 -54.78 8.20
C ASP Q 115 -26.96 -54.41 6.82
N VAL Q 116 -26.18 -53.64 6.12
CA VAL Q 116 -26.50 -53.16 4.80
C VAL Q 116 -26.59 -54.26 3.77
N TYR Q 117 -25.66 -55.21 3.84
CA TYR Q 117 -25.54 -56.20 2.80
C TYR Q 117 -26.78 -57.02 2.54
N GLY Q 118 -27.09 -57.18 1.26
CA GLY Q 118 -28.22 -57.99 0.81
C GLY Q 118 -28.23 -58.04 -0.70
N LEU Q 119 -29.34 -58.51 -1.28
CA LEU Q 119 -29.47 -58.64 -2.73
C LEU Q 119 -28.99 -57.39 -3.45
N ASP Q 120 -29.33 -56.23 -2.92
CA ASP Q 120 -28.96 -54.97 -3.55
C ASP Q 120 -27.46 -54.93 -3.84
N VAL Q 121 -26.65 -55.43 -2.92
CA VAL Q 121 -25.21 -55.39 -3.09
C VAL Q 121 -24.77 -56.34 -4.19
N THR Q 122 -25.32 -57.55 -4.17
CA THR Q 122 -24.91 -58.56 -5.14
C THR Q 122 -25.27 -58.09 -6.56
N VAL Q 123 -26.41 -57.43 -6.69
CA VAL Q 123 -26.82 -56.89 -7.98
C VAL Q 123 -25.85 -55.81 -8.42
N LEU Q 124 -25.57 -54.89 -7.53
CA LEU Q 124 -24.71 -53.77 -7.84
C LEU Q 124 -23.32 -54.20 -8.26
N ASP Q 125 -22.73 -55.16 -7.56
CA ASP Q 125 -21.37 -55.55 -7.89
C ASP Q 125 -21.34 -56.21 -9.25
N ALA Q 126 -22.32 -57.03 -9.55
CA ALA Q 126 -22.36 -57.68 -10.86
C ALA Q 126 -22.32 -56.62 -11.96
N ILE Q 127 -23.04 -55.53 -11.74
CA ILE Q 127 -23.06 -54.43 -12.68
C ILE Q 127 -21.69 -53.79 -12.81
N TYR Q 128 -21.06 -53.49 -11.68
CA TYR Q 128 -19.76 -52.83 -11.71
C TYR Q 128 -18.76 -53.67 -12.49
N ASN Q 129 -18.75 -54.98 -12.24
CA ASN Q 129 -17.81 -55.86 -12.91
C ASN Q 129 -18.01 -55.85 -14.40
N ALA Q 130 -19.27 -55.93 -14.82
CA ALA Q 130 -19.61 -55.97 -16.22
C ALA Q 130 -19.57 -54.61 -16.93
N VAL Q 131 -19.77 -53.52 -16.18
CA VAL Q 131 -19.99 -52.24 -16.82
C VAL Q 131 -18.90 -51.17 -16.65
N ILE Q 132 -18.36 -51.01 -15.45
CA ILE Q 132 -17.63 -49.78 -15.17
C ILE Q 132 -16.09 -49.95 -15.12
N PRO Q 133 -15.35 -49.16 -15.93
CA PRO Q 133 -13.90 -49.11 -16.00
C PRO Q 133 -13.34 -48.30 -14.83
N ILE Q 134 -13.43 -48.88 -13.63
CA ILE Q 134 -13.08 -48.21 -12.38
C ILE Q 134 -11.62 -47.79 -12.29
N ILE Q 135 -11.42 -46.56 -11.82
CA ILE Q 135 -10.09 -46.00 -11.58
C ILE Q 135 -9.60 -46.37 -10.19
N MET Q 136 -8.37 -46.87 -10.11
CA MET Q 136 -7.73 -47.20 -8.84
C MET Q 136 -6.25 -47.47 -9.04
N ARG R 7 15.51 -43.14 13.50
CA ARG R 7 14.82 -42.08 12.77
C ARG R 7 13.34 -41.96 13.18
N GLN R 8 12.61 -43.07 13.12
CA GLN R 8 11.17 -43.08 13.41
C GLN R 8 10.87 -42.92 14.89
N ASP R 9 11.92 -42.89 15.68
CA ASP R 9 11.80 -42.74 17.12
C ASP R 9 11.44 -41.32 17.52
N SER R 10 11.76 -40.35 16.67
CA SER R 10 11.43 -38.97 17.02
C SER R 10 11.20 -38.05 15.83
N LYS R 11 11.76 -38.37 14.68
CA LYS R 11 11.73 -37.43 13.57
C LYS R 11 10.30 -37.15 13.11
N ASP R 12 9.40 -38.07 13.40
CA ASP R 12 8.04 -37.95 12.89
C ASP R 12 7.32 -36.78 13.51
N ARG R 13 7.24 -36.76 14.83
CA ARG R 13 6.54 -35.69 15.49
C ARG R 13 7.21 -34.35 15.26
N TYR R 14 8.52 -34.34 15.16
CA TYR R 14 9.24 -33.09 14.96
C TYR R 14 8.88 -32.44 13.63
N GLN R 15 8.93 -33.21 12.57
CA GLN R 15 8.66 -32.65 11.27
C GLN R 15 7.19 -32.59 10.95
N TYR R 16 6.44 -33.56 11.40
CA TYR R 16 5.03 -33.53 11.13
C TYR R 16 4.47 -32.20 11.62
N LYS R 17 4.88 -31.76 12.81
CA LYS R 17 4.45 -30.46 13.29
C LYS R 17 4.83 -29.38 12.27
N GLN R 18 6.05 -29.44 11.74
CA GLN R 18 6.47 -28.47 10.73
C GLN R 18 5.56 -28.48 9.52
N TYR R 19 5.14 -29.67 9.11
CA TYR R 19 4.23 -29.76 7.99
C TYR R 19 2.99 -28.95 8.21
N ILE R 20 2.34 -29.18 9.33
CA ILE R 20 1.09 -28.51 9.57
C ILE R 20 1.30 -27.02 9.61
N TYR R 21 2.35 -26.57 10.27
CA TYR R 21 2.62 -25.15 10.34
C TYR R 21 2.55 -24.57 8.92
N ARG R 22 3.22 -25.24 7.98
CA ARG R 22 3.19 -24.81 6.59
C ARG R 22 1.77 -24.78 6.02
N SER R 23 0.99 -25.83 6.28
CA SER R 23 -0.39 -25.90 5.80
C SER R 23 -1.27 -24.81 6.38
N ILE R 24 -1.06 -24.49 7.64
CA ILE R 24 -1.85 -23.46 8.28
C ILE R 24 -1.65 -22.14 7.57
N GLY R 25 -0.40 -21.82 7.28
CA GLY R 25 -0.08 -20.63 6.51
C GLY R 25 0.52 -19.52 7.35
N GLY R 26 1.32 -18.66 6.71
CA GLY R 26 2.01 -17.59 7.42
C GLY R 26 1.10 -16.43 7.79
N ILE R 27 -0.16 -16.51 7.36
CA ILE R 27 -1.13 -15.47 7.65
C ILE R 27 -1.79 -15.67 9.01
N VAL R 28 -1.63 -16.87 9.57
CA VAL R 28 -2.28 -17.19 10.82
C VAL R 28 -1.34 -16.91 12.01
N PRO R 29 -1.77 -16.09 12.98
CA PRO R 29 -1.03 -15.71 14.16
C PRO R 29 -0.53 -16.98 14.88
N PRO R 30 0.68 -16.91 15.47
CA PRO R 30 1.40 -18.03 16.07
C PRO R 30 0.65 -18.69 17.21
N GLU R 31 -0.21 -17.94 17.89
CA GLU R 31 -1.02 -18.50 18.98
C GLU R 31 -2.02 -19.51 18.45
N MET R 32 -2.25 -19.46 17.16
CA MET R 32 -3.10 -20.43 16.49
C MET R 32 -2.25 -21.37 15.69
N ALA R 33 -1.24 -20.84 15.00
CA ALA R 33 -0.47 -21.68 14.11
C ALA R 33 0.21 -22.82 14.86
N GLU R 34 0.91 -22.50 15.94
CA GLU R 34 1.64 -23.53 16.67
C GLU R 34 0.73 -24.38 17.53
N THR R 35 -0.27 -23.76 18.14
CA THR R 35 -1.12 -24.46 19.09
C THR R 35 -1.97 -25.50 18.36
N VAL R 36 -2.44 -25.15 17.17
CA VAL R 36 -3.18 -26.07 16.35
C VAL R 36 -2.27 -27.17 15.86
N THR R 37 -1.08 -26.79 15.40
CA THR R 37 -0.09 -27.74 14.94
C THR R 37 0.20 -28.80 15.98
N ALA R 38 0.52 -28.35 17.20
CA ALA R 38 0.87 -29.27 18.25
C ALA R 38 -0.27 -30.24 18.55
N ASN R 39 -1.50 -29.73 18.53
CA ASN R 39 -2.65 -30.56 18.83
C ASN R 39 -2.86 -31.62 17.77
N GLN R 40 -2.81 -31.20 16.51
CA GLN R 40 -3.03 -32.12 15.42
C GLN R 40 -1.95 -33.18 15.38
N THR R 41 -0.73 -32.80 15.70
CA THR R 41 0.37 -33.75 15.76
C THR R 41 0.12 -34.79 16.80
N ALA R 42 -0.32 -34.36 17.99
CA ALA R 42 -0.60 -35.31 19.05
C ALA R 42 -1.60 -36.35 18.58
N GLN R 43 -2.59 -35.89 17.81
CA GLN R 43 -3.55 -36.83 17.24
C GLN R 43 -2.88 -37.76 16.25
N TRP R 44 -1.89 -37.24 15.49
CA TRP R 44 -1.17 -38.10 14.56
C TRP R 44 -0.46 -39.18 15.30
N GLU R 45 0.22 -38.82 16.36
CA GLU R 45 0.99 -39.78 17.12
C GLU R 45 0.09 -40.90 17.64
N ALA R 46 -1.02 -40.50 18.27
CA ALA R 46 -1.95 -41.46 18.85
C ALA R 46 -2.65 -42.29 17.78
N GLY R 47 -3.07 -41.64 16.71
CA GLY R 47 -3.80 -42.29 15.63
C GLY R 47 -2.93 -43.25 14.85
N PHE R 48 -1.69 -42.84 14.61
CA PHE R 48 -0.73 -43.59 13.84
C PHE R 48 -0.26 -44.85 14.56
N THR R 49 0.15 -44.69 15.83
CA THR R 49 0.76 -45.76 16.60
C THR R 49 0.11 -47.15 16.43
N PRO R 50 -1.22 -47.34 16.60
CA PRO R 50 -1.89 -48.62 16.52
C PRO R 50 -1.51 -49.40 15.26
N TYR R 51 -1.38 -48.71 14.14
CA TYR R 51 -1.04 -49.37 12.90
C TYR R 51 0.43 -49.63 12.81
N HIS R 52 1.19 -48.73 13.39
CA HIS R 52 2.63 -48.85 13.43
C HIS R 52 2.99 -50.09 14.21
N LYS R 53 2.31 -50.30 15.34
CA LYS R 53 2.54 -51.47 16.18
C LYS R 53 2.30 -52.74 15.39
N LEU R 54 1.20 -52.78 14.63
CA LEU R 54 0.90 -53.93 13.81
C LEU R 54 2.01 -54.21 12.82
N ARG R 55 2.43 -53.18 12.11
CA ARG R 55 3.47 -53.35 11.11
C ARG R 55 4.75 -53.89 11.70
N LEU R 56 5.13 -53.38 12.87
CA LEU R 56 6.33 -53.85 13.53
C LEU R 56 6.16 -55.30 13.96
N ALA R 57 4.98 -55.63 14.49
CA ALA R 57 4.69 -57.00 14.89
C ALA R 57 4.77 -57.94 13.70
N ILE R 58 4.22 -57.51 12.57
CA ILE R 58 4.21 -58.31 11.36
C ILE R 58 5.62 -58.63 10.92
N LYS R 59 6.49 -57.63 10.94
CA LYS R 59 7.88 -57.83 10.59
C LYS R 59 8.46 -59.01 11.37
N GLU R 60 8.26 -58.99 12.68
CA GLU R 60 8.77 -60.05 13.55
C GLU R 60 8.11 -61.39 13.26
N ILE R 61 6.83 -61.39 12.93
CA ILE R 61 6.14 -62.65 12.64
C ILE R 61 6.76 -63.32 11.43
N CYS R 62 7.02 -62.56 10.39
CA CYS R 62 7.59 -63.16 9.20
C CYS R 62 8.97 -63.74 9.46
N LYS R 63 9.79 -63.03 10.25
CA LYS R 63 11.09 -63.58 10.61
C LYS R 63 10.93 -64.86 11.42
N THR R 64 9.97 -64.85 12.33
CA THR R 64 9.68 -66.00 13.18
C THR R 64 9.27 -67.20 12.35
N ASP R 65 8.37 -66.96 11.40
CA ASP R 65 7.88 -68.00 10.51
C ASP R 65 8.96 -68.43 9.52
N GLY R 66 9.81 -67.49 9.12
CA GLY R 66 10.85 -67.78 8.14
C GLY R 66 10.26 -67.66 6.74
N ILE R 67 9.48 -66.62 6.55
CA ILE R 67 8.77 -66.41 5.31
C ILE R 67 9.20 -65.11 4.62
N PRO R 68 8.92 -64.95 3.30
CA PRO R 68 9.38 -63.89 2.40
C PRO R 68 9.18 -62.47 2.88
N ASN R 69 10.17 -61.60 2.64
CA ASN R 69 10.11 -60.18 2.99
C ASN R 69 9.20 -59.44 2.04
N ILE R 70 9.21 -59.82 0.77
CA ILE R 70 8.43 -59.08 -0.21
C ILE R 70 6.97 -59.08 0.12
N LYS R 71 6.53 -60.18 0.73
CA LYS R 71 5.14 -60.38 1.02
C LYS R 71 4.66 -59.48 2.13
N TRP R 72 5.57 -58.73 2.73
CA TRP R 72 5.19 -57.75 3.73
C TRP R 72 4.24 -56.74 3.14
N GLY R 73 4.37 -56.47 1.84
CA GLY R 73 3.44 -55.53 1.24
C GLY R 73 2.01 -55.99 1.53
N MET R 74 1.78 -57.30 1.50
CA MET R 74 0.45 -57.84 1.75
C MET R 74 0.21 -58.18 3.20
N TYR R 75 1.23 -58.66 3.91
CA TYR R 75 1.00 -58.96 5.32
C TYR R 75 0.59 -57.66 5.99
N ILE R 76 1.24 -56.57 5.61
CA ILE R 76 0.91 -55.25 6.11
C ILE R 76 -0.46 -54.81 5.63
N ALA R 77 -0.70 -54.85 4.32
CA ALA R 77 -2.00 -54.45 3.79
C ALA R 77 -3.12 -55.22 4.46
N PHE R 78 -2.93 -56.51 4.59
CA PHE R 78 -3.89 -57.41 5.20
C PHE R 78 -4.15 -56.99 6.64
N GLY R 79 -3.07 -56.84 7.40
CA GLY R 79 -3.16 -56.45 8.80
C GLY R 79 -3.83 -55.09 8.97
N GLU R 80 -3.37 -54.10 8.21
CA GLU R 80 -3.90 -52.75 8.30
C GLU R 80 -5.39 -52.72 7.94
N LYS R 81 -5.77 -53.45 6.91
CA LYS R 81 -7.16 -53.50 6.52
C LYS R 81 -8.00 -54.05 7.63
N LEU R 82 -7.53 -55.15 8.22
CA LEU R 82 -8.28 -55.74 9.29
C LEU R 82 -8.36 -54.82 10.51
N LEU R 83 -7.28 -54.12 10.85
CA LEU R 83 -7.40 -53.25 12.01
C LEU R 83 -8.47 -52.20 11.77
N LYS R 84 -8.52 -51.64 10.57
CA LYS R 84 -9.59 -50.70 10.26
C LYS R 84 -10.92 -51.35 10.54
N SER R 85 -11.07 -52.60 10.13
CA SER R 85 -12.27 -53.36 10.37
C SER R 85 -12.55 -53.54 11.86
N TYR R 86 -11.50 -53.80 12.65
CA TYR R 86 -11.67 -54.01 14.08
C TYR R 86 -12.09 -52.73 14.76
N LEU R 87 -11.63 -51.60 14.26
CA LEU R 87 -12.05 -50.33 14.80
C LEU R 87 -13.54 -50.12 14.48
N LYS R 88 -13.94 -50.48 13.27
CA LYS R 88 -15.34 -50.38 12.86
C LYS R 88 -16.25 -51.28 13.70
N MET R 89 -15.73 -52.42 14.12
CA MET R 89 -16.48 -53.36 14.95
C MET R 89 -16.92 -52.74 16.27
N LYS R 90 -16.28 -51.65 16.66
CA LYS R 90 -16.65 -51.00 17.91
C LYS R 90 -17.93 -50.21 17.72
N ALA R 91 -18.36 -50.10 16.47
CA ALA R 91 -19.63 -49.51 16.13
C ALA R 91 -20.62 -50.61 15.74
N GLY R 92 -20.14 -51.57 14.97
CA GLY R 92 -20.98 -52.66 14.44
C GLY R 92 -21.48 -53.64 15.48
N SER R 93 -20.67 -53.89 16.51
CA SER R 93 -20.96 -54.91 17.51
C SER R 93 -20.97 -56.27 16.85
N ALA R 94 -21.38 -57.29 17.60
CA ALA R 94 -21.38 -58.65 17.08
C ALA R 94 -20.07 -58.92 16.36
N SER R 95 -18.95 -58.57 17.02
CA SER R 95 -17.65 -58.65 16.38
C SER R 95 -17.34 -60.04 15.93
N SER R 96 -17.84 -61.04 16.64
CA SER R 96 -17.56 -62.42 16.28
C SER R 96 -17.92 -62.68 14.82
N ASP R 97 -19.02 -62.09 14.36
CA ASP R 97 -19.48 -62.34 13.01
C ASP R 97 -18.77 -61.42 12.04
N MET R 98 -18.55 -60.19 12.44
CA MET R 98 -17.86 -59.25 11.57
C MET R 98 -16.46 -59.75 11.30
N ILE R 99 -15.81 -60.27 12.33
CA ILE R 99 -14.46 -60.78 12.23
C ILE R 99 -14.40 -61.89 11.22
N ALA R 100 -15.31 -62.84 11.36
CA ALA R 100 -15.35 -63.96 10.46
C ALA R 100 -15.53 -63.49 9.03
N GLU R 101 -16.43 -62.53 8.83
CA GLU R 101 -16.71 -62.07 7.47
C GLU R 101 -15.53 -61.35 6.84
N TYR R 102 -14.84 -60.53 7.62
CA TYR R 102 -13.68 -59.83 7.09
C TYR R 102 -12.61 -60.82 6.69
N ILE R 103 -12.41 -61.81 7.54
CA ILE R 103 -11.43 -62.85 7.26
C ILE R 103 -11.86 -63.68 6.06
N ASN R 104 -13.15 -64.02 5.97
CA ASN R 104 -13.63 -64.85 4.88
C ASN R 104 -13.12 -64.38 3.53
N ASN R 105 -13.30 -63.10 3.22
CA ASN R 105 -12.82 -62.60 1.92
C ASN R 105 -11.36 -62.23 1.96
N ALA R 106 -10.91 -61.69 3.08
CA ALA R 106 -9.52 -61.27 3.18
C ALA R 106 -8.61 -62.45 2.89
N ILE R 107 -9.05 -63.64 3.31
CA ILE R 107 -8.31 -64.87 3.04
C ILE R 107 -8.67 -65.47 1.67
N SER R 108 -9.97 -65.65 1.41
CA SER R 108 -10.43 -66.38 0.23
C SER R 108 -9.99 -65.78 -1.08
N ALA R 109 -10.01 -64.46 -1.18
CA ALA R 109 -9.60 -63.81 -2.41
C ALA R 109 -8.09 -63.77 -2.46
N PHE R 110 -7.50 -64.94 -2.56
CA PHE R 110 -6.08 -65.09 -2.38
C PHE R 110 -5.26 -64.14 -3.22
N SER R 111 -5.54 -64.10 -4.50
CA SER R 111 -4.70 -63.39 -5.45
C SER R 111 -4.73 -61.88 -5.27
N SER R 112 -5.72 -61.36 -4.53
CA SER R 112 -5.85 -59.91 -4.40
C SER R 112 -5.94 -59.42 -2.95
N ARG R 113 -6.31 -60.29 -2.02
CA ARG R 113 -6.43 -59.87 -0.63
C ARG R 113 -5.33 -60.45 0.24
N THR R 114 -4.65 -61.49 -0.25
CA THR R 114 -3.59 -62.09 0.51
C THR R 114 -2.31 -62.05 -0.30
N GLY R 115 -2.19 -62.96 -1.26
CA GLY R 115 -0.97 -63.10 -2.04
C GLY R 115 0.05 -63.86 -1.20
N ILE R 116 -0.41 -64.24 -0.01
CA ILE R 116 0.35 -64.89 1.04
C ILE R 116 -0.38 -66.12 1.48
N SER R 117 0.35 -67.11 1.97
CA SER R 117 -0.30 -68.33 2.43
C SER R 117 -1.43 -68.01 3.37
N GLN R 118 -2.55 -68.68 3.15
CA GLN R 118 -3.72 -68.49 4.00
C GLN R 118 -3.40 -68.81 5.45
N GLU R 119 -2.44 -69.71 5.66
CA GLU R 119 -2.07 -70.10 7.01
C GLU R 119 -1.42 -68.94 7.74
N THR R 120 -0.57 -68.20 7.04
CA THR R 120 0.12 -67.08 7.64
C THR R 120 -0.78 -65.88 7.68
N ALA R 121 -1.68 -65.78 6.69
CA ALA R 121 -2.63 -64.70 6.65
C ALA R 121 -3.55 -64.78 7.86
N GLN R 122 -3.97 -66.01 8.18
CA GLN R 122 -4.81 -66.20 9.34
C GLN R 122 -4.06 -65.87 10.60
N LYS R 123 -2.78 -66.25 10.68
CA LYS R 123 -2.00 -65.92 11.86
C LYS R 123 -2.01 -64.43 12.07
N ILE R 124 -1.83 -63.67 10.99
CA ILE R 124 -1.88 -62.23 11.09
C ILE R 124 -3.27 -61.79 11.52
N ALA R 125 -4.31 -62.39 10.95
CA ALA R 125 -5.66 -62.05 11.36
C ALA R 125 -5.83 -62.24 12.87
N ASP R 126 -5.19 -63.27 13.41
CA ASP R 126 -5.28 -63.57 14.84
C ASP R 126 -4.48 -62.55 15.66
N PHE R 127 -3.29 -62.20 15.18
CA PHE R 127 -2.45 -61.22 15.87
C PHE R 127 -3.12 -59.87 15.89
N ILE R 128 -3.75 -59.51 14.78
CA ILE R 128 -4.46 -58.25 14.67
C ILE R 128 -5.66 -58.25 15.61
N THR R 129 -6.39 -59.37 15.66
CA THR R 129 -7.55 -59.49 16.53
C THR R 129 -7.19 -59.13 17.96
N SER R 130 -6.02 -59.56 18.41
CA SER R 130 -5.58 -59.34 19.78
C SER R 130 -5.38 -57.86 20.10
N ASN R 131 -5.38 -57.02 19.06
CA ASN R 131 -5.20 -55.58 19.22
C ASN R 131 -6.50 -54.88 19.62
N TYR R 132 -7.58 -55.66 19.70
CA TYR R 132 -8.91 -55.18 20.09
C TYR R 132 -9.55 -54.34 19.00
N ARG S 6 -39.95 -6.08 -7.16
CA ARG S 6 -38.73 -6.41 -7.90
C ARG S 6 -37.50 -6.37 -7.01
N LYS S 7 -37.12 -5.18 -6.58
CA LYS S 7 -35.87 -4.99 -5.85
C LYS S 7 -35.73 -5.91 -4.64
N LEU S 8 -36.84 -6.21 -3.96
CA LEU S 8 -36.76 -7.00 -2.74
C LEU S 8 -36.55 -8.49 -2.97
N ARG S 9 -36.56 -8.92 -4.22
CA ARG S 9 -36.28 -10.32 -4.49
C ARG S 9 -35.14 -10.46 -5.50
N GLN S 10 -34.97 -9.42 -6.32
CA GLN S 10 -34.00 -9.42 -7.41
C GLN S 10 -32.62 -8.91 -6.98
N ASP S 11 -32.59 -7.84 -6.18
CA ASP S 11 -31.32 -7.16 -5.88
C ASP S 11 -30.45 -8.01 -4.99
N SER S 12 -31.07 -9.00 -4.37
CA SER S 12 -30.40 -9.90 -3.47
C SER S 12 -29.23 -10.57 -4.16
N THR S 13 -29.29 -10.65 -5.49
CA THR S 13 -28.22 -11.25 -6.25
C THR S 13 -26.92 -10.50 -6.03
N ASP S 14 -26.99 -9.18 -6.04
CA ASP S 14 -25.81 -8.34 -5.99
C ASP S 14 -25.35 -8.14 -4.56
N ARG S 15 -26.29 -8.15 -3.63
CA ARG S 15 -25.93 -7.97 -2.24
C ARG S 15 -25.24 -9.23 -1.74
N TYR S 16 -25.81 -10.39 -2.10
CA TYR S 16 -25.19 -11.65 -1.77
C TYR S 16 -23.82 -11.71 -2.44
N LYS S 17 -23.78 -11.36 -3.74
CA LYS S 17 -22.53 -11.30 -4.49
C LYS S 17 -21.49 -10.48 -3.76
N THR S 18 -21.89 -9.29 -3.29
CA THR S 18 -20.99 -8.40 -2.60
C THR S 18 -20.21 -9.13 -1.52
N LYS S 19 -20.91 -9.81 -0.62
CA LYS S 19 -20.20 -10.49 0.44
C LYS S 19 -19.40 -11.66 -0.04
N LEU S 20 -19.97 -12.46 -0.92
CA LEU S 20 -19.28 -13.68 -1.26
C LEU S 20 -17.93 -13.34 -1.85
N TYR S 21 -17.88 -12.29 -2.65
CA TYR S 21 -16.62 -11.82 -3.17
C TYR S 21 -15.72 -11.33 -2.06
N LEU S 22 -16.22 -10.45 -1.20
CA LEU S 22 -15.40 -9.88 -0.15
C LEU S 22 -14.88 -10.94 0.80
N TRP S 23 -15.70 -11.94 1.09
CA TRP S 23 -15.29 -12.99 1.99
C TRP S 23 -13.99 -13.58 1.48
N ARG S 24 -13.98 -13.89 0.20
CA ARG S 24 -12.82 -14.47 -0.44
C ARG S 24 -11.69 -13.46 -0.65
N ASN S 25 -12.06 -12.23 -0.99
CA ASN S 25 -11.09 -11.17 -1.27
C ASN S 25 -10.17 -10.93 -0.09
N LEU S 26 -10.73 -11.07 1.10
CA LEU S 26 -9.98 -10.82 2.32
C LEU S 26 -9.06 -12.00 2.66
N GLY S 27 -9.11 -13.05 1.84
CA GLY S 27 -8.25 -14.20 1.99
C GLY S 27 -7.01 -14.08 1.10
N GLY S 28 -6.94 -13.02 0.29
CA GLY S 28 -5.82 -12.82 -0.61
C GLY S 28 -5.91 -13.71 -1.86
N LEU S 29 -7.11 -14.16 -2.16
CA LEU S 29 -7.37 -15.04 -3.29
C LEU S 29 -7.34 -14.30 -4.63
N ILE S 30 -7.28 -15.07 -5.71
CA ILE S 30 -7.21 -14.53 -7.07
C ILE S 30 -8.55 -13.92 -7.52
N PRO S 31 -8.57 -12.64 -7.93
CA PRO S 31 -9.74 -11.90 -8.39
C PRO S 31 -10.59 -12.67 -9.40
N GLU S 32 -9.94 -13.37 -10.33
CA GLU S 32 -10.66 -14.11 -11.34
C GLU S 32 -11.33 -15.35 -10.77
N ASP S 33 -10.59 -16.13 -9.99
CA ASP S 33 -11.18 -17.32 -9.38
C ASP S 33 -12.32 -16.94 -8.49
N MET S 34 -12.16 -15.83 -7.79
CA MET S 34 -13.21 -15.39 -6.90
C MET S 34 -14.43 -15.01 -7.69
N ALA S 35 -14.24 -14.20 -8.72
CA ALA S 35 -15.38 -13.77 -9.52
C ALA S 35 -16.14 -14.98 -10.03
N ILE S 36 -15.42 -16.02 -10.43
CA ILE S 36 -16.05 -17.25 -10.91
C ILE S 36 -16.79 -17.98 -9.80
N SER S 37 -16.12 -18.20 -8.67
CA SER S 37 -16.73 -18.92 -7.56
C SER S 37 -17.96 -18.20 -7.05
N VAL S 38 -17.86 -16.88 -6.99
CA VAL S 38 -18.96 -16.07 -6.54
C VAL S 38 -20.11 -16.18 -7.51
N THR S 39 -19.83 -16.02 -8.79
CA THR S 39 -20.88 -16.10 -9.79
C THR S 39 -21.70 -17.37 -9.62
N GLU S 40 -21.01 -18.49 -9.42
CA GLU S 40 -21.71 -19.75 -9.26
C GLU S 40 -22.53 -19.74 -7.97
N SER S 41 -21.95 -19.19 -6.90
CA SER S 41 -22.62 -19.10 -5.61
C SER S 41 -23.87 -18.26 -5.66
N ILE S 42 -23.79 -17.08 -6.27
CA ILE S 42 -24.93 -16.17 -6.30
C ILE S 42 -26.02 -16.75 -7.15
N THR S 43 -25.63 -17.50 -8.19
CA THR S 43 -26.59 -18.15 -9.04
C THR S 43 -27.33 -19.21 -8.27
N ALA S 44 -26.57 -20.10 -7.61
CA ALA S 44 -27.18 -21.18 -6.87
C ALA S 44 -28.08 -20.63 -5.79
N ASP S 45 -27.58 -19.64 -5.07
CA ASP S 45 -28.34 -19.02 -4.01
C ASP S 45 -29.63 -18.42 -4.51
N TRP S 46 -29.51 -17.47 -5.42
CA TRP S 46 -30.68 -16.75 -5.88
C TRP S 46 -31.66 -17.68 -6.55
N LYS S 47 -31.17 -18.50 -7.48
CA LYS S 47 -32.03 -19.38 -8.24
C LYS S 47 -32.77 -20.34 -7.35
N GLN S 48 -32.04 -21.10 -6.57
CA GLN S 48 -32.66 -22.15 -5.80
C GLN S 48 -33.59 -21.56 -4.77
N TYR S 49 -33.13 -20.50 -4.10
CA TYR S 49 -33.93 -19.91 -3.08
C TYR S 49 -35.23 -19.35 -3.60
N ASN S 50 -35.14 -18.43 -4.55
CA ASN S 50 -36.34 -17.77 -5.00
C ASN S 50 -37.28 -18.70 -5.71
N ASP S 51 -36.75 -19.68 -6.44
CA ASP S 51 -37.63 -20.57 -7.15
C ASP S 51 -38.52 -21.33 -6.18
N MET S 52 -37.90 -22.04 -5.25
CA MET S 52 -38.65 -22.82 -4.29
C MET S 52 -39.47 -21.94 -3.35
N MET S 53 -38.82 -20.93 -2.79
CA MET S 53 -39.46 -20.06 -1.82
C MET S 53 -40.61 -19.29 -2.43
N SER S 54 -40.42 -18.71 -3.62
CA SER S 54 -41.46 -17.88 -4.17
C SER S 54 -42.70 -18.68 -4.44
N LYS S 55 -42.55 -19.87 -4.99
CA LYS S 55 -43.72 -20.66 -5.29
C LYS S 55 -44.53 -20.92 -4.04
N VAL S 56 -43.86 -21.31 -2.95
CA VAL S 56 -44.56 -21.58 -1.71
C VAL S 56 -45.06 -20.30 -1.08
N ARG S 57 -44.18 -19.31 -0.96
CA ARG S 57 -44.53 -18.05 -0.32
C ARG S 57 -45.67 -17.36 -1.02
N ASN S 58 -45.68 -17.41 -2.35
CA ASN S 58 -46.72 -16.75 -3.12
C ASN S 58 -48.06 -17.42 -2.88
N GLU S 59 -48.09 -18.74 -2.99
CA GLU S 59 -49.33 -19.46 -2.74
C GLU S 59 -49.74 -19.25 -1.30
N THR S 60 -48.77 -19.25 -0.41
CA THR S 60 -49.03 -19.11 1.00
C THR S 60 -49.60 -17.75 1.30
N LEU S 61 -48.99 -16.72 0.74
CA LEU S 61 -49.42 -15.36 0.97
C LEU S 61 -50.83 -15.15 0.45
N ASP S 62 -51.11 -15.61 -0.77
CA ASP S 62 -52.43 -15.42 -1.38
C ASP S 62 -53.53 -16.17 -0.63
N ILE S 63 -53.25 -17.40 -0.23
CA ILE S 63 -54.23 -18.21 0.49
C ILE S 63 -54.52 -17.62 1.85
N LEU S 64 -53.48 -17.28 2.57
CA LEU S 64 -53.65 -16.74 3.90
C LEU S 64 -54.40 -15.40 3.83
N LYS S 65 -54.08 -14.58 2.83
CA LYS S 65 -54.77 -13.31 2.68
C LYS S 65 -56.24 -13.54 2.37
N THR S 66 -56.51 -14.52 1.51
CA THR S 66 -57.87 -14.89 1.15
C THR S 66 -58.66 -15.28 2.39
N ASN S 67 -58.00 -16.00 3.29
CA ASN S 67 -58.63 -16.53 4.49
C ASN S 67 -58.63 -15.53 5.66
N LYS S 68 -58.30 -14.27 5.38
CA LYS S 68 -58.34 -13.20 6.38
C LYS S 68 -57.32 -13.38 7.49
N VAL S 69 -56.14 -13.85 7.12
CA VAL S 69 -55.03 -14.00 8.05
C VAL S 69 -54.33 -12.66 8.25
N ALA S 70 -54.09 -12.28 9.52
CA ALA S 70 -53.47 -11.00 9.83
C ALA S 70 -52.00 -11.06 9.49
N THR S 71 -51.38 -9.92 9.22
CA THR S 71 -50.00 -9.94 8.75
C THR S 71 -49.03 -10.56 9.77
N GLU S 72 -49.36 -10.43 11.05
CA GLU S 72 -48.56 -11.02 12.11
C GLU S 72 -48.74 -12.53 12.21
N ASP S 73 -49.70 -13.07 11.47
CA ASP S 73 -49.98 -14.49 11.51
C ASP S 73 -49.21 -15.23 10.41
N TYR S 74 -48.87 -14.54 9.33
CA TYR S 74 -48.27 -15.18 8.18
C TYR S 74 -46.99 -15.92 8.55
N ILE S 75 -46.18 -15.34 9.42
CA ILE S 75 -44.96 -16.03 9.87
C ILE S 75 -45.17 -17.47 10.23
N GLY S 76 -46.23 -17.77 10.97
CA GLY S 76 -46.39 -19.13 11.41
C GLY S 76 -46.66 -19.98 10.22
N TYR S 77 -47.56 -19.50 9.39
CA TYR S 77 -48.01 -20.28 8.26
C TYR S 77 -46.96 -20.36 7.18
N ILE S 78 -46.12 -19.35 7.08
CA ILE S 78 -45.03 -19.35 6.13
C ILE S 78 -43.90 -20.24 6.61
N ALA S 79 -43.53 -20.11 7.88
CA ALA S 79 -42.48 -20.96 8.43
C ALA S 79 -42.90 -22.43 8.24
N PHE S 80 -44.18 -22.71 8.51
CA PHE S 80 -44.71 -24.02 8.20
C PHE S 80 -44.76 -24.25 6.71
N ALA S 81 -45.16 -23.25 5.96
CA ALA S 81 -45.32 -23.44 4.53
C ALA S 81 -44.09 -24.04 3.92
N GLU S 82 -42.94 -23.48 4.27
CA GLU S 82 -41.71 -23.99 3.70
C GLU S 82 -41.33 -25.31 4.34
N GLU S 83 -41.35 -25.38 5.66
CA GLU S 83 -40.99 -26.64 6.32
C GLU S 83 -41.80 -27.79 5.73
N LEU S 84 -43.10 -27.59 5.62
CA LEU S 84 -44.00 -28.59 5.11
C LEU S 84 -43.69 -28.90 3.66
N ALA S 85 -43.50 -27.85 2.87
CA ALA S 85 -43.21 -28.00 1.46
C ALA S 85 -41.95 -28.83 1.24
N HIS S 86 -40.98 -28.65 2.12
CA HIS S 86 -39.75 -29.41 2.04
C HIS S 86 -40.01 -30.87 2.37
N GLN S 87 -40.80 -31.12 3.40
CA GLN S 87 -41.16 -32.48 3.74
C GLN S 87 -41.91 -33.13 2.58
N VAL S 88 -42.70 -32.34 1.84
CA VAL S 88 -43.40 -32.87 0.68
C VAL S 88 -42.40 -33.40 -0.35
N TRP S 89 -41.36 -32.61 -0.64
CA TRP S 89 -40.33 -33.09 -1.55
C TRP S 89 -39.67 -34.32 -0.99
N LYS S 90 -39.30 -34.26 0.28
CA LYS S 90 -38.61 -35.36 0.92
C LYS S 90 -39.33 -36.65 0.65
N ASN S 91 -40.65 -36.63 0.79
CA ASN S 91 -41.45 -37.80 0.56
C ASN S 91 -41.58 -38.14 -0.91
N LYS S 92 -41.79 -37.14 -1.76
CA LYS S 92 -41.89 -37.42 -3.19
C LYS S 92 -40.62 -38.10 -3.69
N ASN S 93 -39.49 -37.71 -3.09
CA ASN S 93 -38.20 -38.28 -3.42
C ASN S 93 -37.93 -39.65 -2.75
N SER S 94 -38.17 -39.74 -1.43
CA SER S 94 -37.73 -40.91 -0.67
C SER S 94 -38.80 -41.96 -0.34
N SER S 95 -40.07 -41.61 -0.38
CA SER S 95 -41.08 -42.53 0.13
C SER S 95 -42.10 -42.92 -0.96
N PRO S 96 -42.83 -44.04 -0.76
CA PRO S 96 -43.99 -44.47 -1.52
C PRO S 96 -45.09 -43.42 -1.50
N ASP S 97 -45.86 -43.32 -2.58
CA ASP S 97 -46.94 -42.36 -2.65
C ASP S 97 -47.85 -42.37 -1.40
N PRO S 98 -48.29 -43.56 -0.89
CA PRO S 98 -49.08 -43.72 0.33
C PRO S 98 -48.43 -43.06 1.53
N ASN S 99 -47.10 -43.01 1.55
CA ASN S 99 -46.40 -42.42 2.67
C ASN S 99 -46.34 -40.92 2.51
N THR S 100 -46.32 -40.45 1.26
CA THR S 100 -46.33 -39.02 1.02
C THR S 100 -47.65 -38.48 1.51
N ALA S 101 -48.73 -39.16 1.14
CA ALA S 101 -50.06 -38.76 1.58
C ALA S 101 -50.19 -38.86 3.09
N ASN S 102 -49.73 -39.98 3.66
CA ASN S 102 -49.80 -40.17 5.10
C ASN S 102 -49.03 -39.11 5.83
N GLU S 103 -47.77 -38.91 5.43
CA GLU S 103 -46.93 -37.95 6.10
C GLU S 103 -47.53 -36.57 6.05
N ALA S 104 -48.09 -36.19 4.91
CA ALA S 104 -48.68 -34.87 4.81
C ALA S 104 -49.73 -34.67 5.91
N SER S 105 -50.60 -35.67 6.07
CA SER S 105 -51.65 -35.62 7.09
C SER S 105 -51.09 -35.69 8.49
N LYS S 106 -50.10 -36.56 8.70
CA LYS S 106 -49.52 -36.74 10.02
C LYS S 106 -48.73 -35.50 10.42
N THR S 107 -48.11 -34.83 9.45
CA THR S 107 -47.40 -33.61 9.72
C THR S 107 -48.36 -32.50 10.07
N ASP S 108 -49.46 -32.40 9.33
CA ASP S 108 -50.46 -31.42 9.71
C ASP S 108 -50.80 -31.61 11.19
N LEU S 109 -50.97 -32.87 11.59
CA LEU S 109 -51.20 -33.15 13.00
C LEU S 109 -50.00 -32.67 13.85
N GLU S 110 -48.79 -33.04 13.46
CA GLU S 110 -47.59 -32.64 14.19
C GLU S 110 -47.55 -31.15 14.42
N SER S 111 -47.89 -30.39 13.40
CA SER S 111 -47.85 -28.94 13.42
C SER S 111 -48.66 -28.36 14.57
N LYS S 112 -49.55 -29.19 15.15
CA LYS S 112 -50.38 -28.79 16.27
C LYS S 112 -49.52 -28.41 17.47
N TYR S 113 -48.25 -28.82 17.47
CA TYR S 113 -47.33 -28.43 18.53
C TYR S 113 -47.30 -26.91 18.66
N SER S 114 -47.61 -26.23 17.56
CA SER S 114 -47.64 -24.79 17.53
C SER S 114 -49.07 -24.30 17.51
N ASP S 115 -49.30 -23.19 18.18
CA ASP S 115 -50.59 -22.51 18.21
C ASP S 115 -51.07 -22.08 16.84
N VAL S 116 -50.14 -22.03 15.92
CA VAL S 116 -50.36 -21.64 14.56
C VAL S 116 -51.27 -22.60 13.80
N TYR S 117 -51.05 -23.89 14.02
CA TYR S 117 -51.72 -24.90 13.22
C TYR S 117 -53.24 -24.83 13.25
N GLY S 118 -53.83 -24.96 12.06
CA GLY S 118 -55.27 -24.98 11.89
C GLY S 118 -55.61 -25.23 10.43
N LEU S 119 -56.86 -25.01 10.06
CA LEU S 119 -57.33 -25.23 8.69
C LEU S 119 -56.36 -24.63 7.67
N ASP S 120 -55.88 -23.44 7.96
CA ASP S 120 -54.99 -22.76 7.04
C ASP S 120 -53.83 -23.65 6.63
N VAL S 121 -53.28 -24.40 7.58
CA VAL S 121 -52.14 -25.26 7.30
C VAL S 121 -52.55 -26.42 6.41
N THR S 122 -53.67 -27.05 6.74
CA THR S 122 -54.11 -28.22 5.98
C THR S 122 -54.39 -27.84 4.54
N VAL S 123 -54.96 -26.65 4.35
CA VAL S 123 -55.23 -26.16 3.00
C VAL S 123 -53.93 -25.93 2.25
N LEU S 124 -53.00 -25.25 2.90
CA LEU S 124 -51.74 -24.92 2.27
C LEU S 124 -50.96 -26.15 1.86
N ASP S 125 -50.90 -27.17 2.72
CA ASP S 125 -50.10 -28.32 2.38
C ASP S 125 -50.71 -29.06 1.19
N ALA S 126 -52.04 -29.17 1.16
CA ALA S 126 -52.68 -29.84 0.04
C ALA S 126 -52.26 -29.16 -1.26
N ILE S 127 -52.17 -27.84 -1.24
CA ILE S 127 -51.74 -27.09 -2.40
C ILE S 127 -50.31 -27.43 -2.78
N TYR S 128 -49.41 -27.41 -1.80
CA TYR S 128 -48.01 -27.67 -2.07
C TYR S 128 -47.83 -29.03 -2.72
N ASN S 129 -48.52 -30.03 -2.18
CA ASN S 129 -48.40 -31.39 -2.70
C ASN S 129 -48.86 -31.46 -4.15
N ALA S 130 -49.97 -30.82 -4.42
CA ALA S 130 -50.55 -30.86 -5.75
C ALA S 130 -49.88 -29.90 -6.75
N VAL S 131 -49.27 -28.82 -6.26
CA VAL S 131 -48.84 -27.76 -7.15
C VAL S 131 -47.33 -27.54 -7.31
N ILE S 132 -46.57 -27.57 -6.21
CA ILE S 132 -45.24 -27.01 -6.27
C ILE S 132 -44.10 -28.04 -6.31
N PRO S 133 -43.21 -27.98 -7.33
CA PRO S 133 -42.04 -28.81 -7.51
C PRO S 133 -40.91 -28.34 -6.60
N ILE S 134 -41.06 -28.59 -5.30
CA ILE S 134 -40.17 -28.10 -4.27
C ILE S 134 -38.74 -28.62 -4.39
N ILE S 135 -37.79 -27.70 -4.21
CA ILE S 135 -36.37 -28.02 -4.21
C ILE S 135 -35.91 -28.42 -2.81
N MET S 136 -35.20 -29.53 -2.72
CA MET S 136 -34.63 -30.00 -1.46
C MET S 136 -33.64 -31.13 -1.71
N ARG T 7 -9.42 -37.61 17.58
CA ARG T 7 -9.51 -36.46 16.69
C ARG T 7 -10.55 -35.42 17.17
N GLN T 8 -11.78 -35.87 17.42
CA GLN T 8 -12.87 -34.99 17.80
C GLN T 8 -12.74 -34.49 19.23
N ASP T 9 -11.73 -34.97 19.92
CA ASP T 9 -11.47 -34.59 21.28
C ASP T 9 -10.85 -33.20 21.38
N SER T 10 -10.21 -32.73 20.31
CA SER T 10 -9.62 -31.40 20.36
C SER T 10 -9.52 -30.70 19.02
N LYS T 11 -9.47 -31.45 17.94
CA LYS T 11 -9.17 -30.84 16.64
C LYS T 11 -10.25 -29.83 16.24
N ASP T 12 -11.44 -29.97 16.81
CA ASP T 12 -12.55 -29.13 16.38
C ASP T 12 -12.35 -27.69 16.78
N ARG T 13 -12.14 -27.44 18.05
CA ARG T 13 -11.96 -26.08 18.53
C ARG T 13 -10.70 -25.46 17.94
N TYR T 14 -9.66 -26.25 17.73
CA TYR T 14 -8.43 -25.71 17.21
C TYR T 14 -8.60 -25.17 15.80
N GLN T 15 -9.21 -25.96 14.94
CA GLN T 15 -9.36 -25.54 13.57
C GLN T 15 -10.56 -24.66 13.36
N TYR T 16 -11.63 -24.91 14.07
CA TYR T 16 -12.78 -24.09 13.91
C TYR T 16 -12.38 -22.63 14.13
N LYS T 17 -11.57 -22.37 15.16
CA LYS T 17 -11.07 -21.02 15.35
C LYS T 17 -10.36 -20.52 14.09
N GLN T 18 -9.52 -21.37 13.51
CA GLN T 18 -8.83 -21.00 12.27
C GLN T 18 -9.80 -20.63 11.18
N TYR T 19 -10.89 -21.37 11.07
CA TYR T 19 -11.89 -21.05 10.07
C TYR T 19 -12.37 -19.64 10.19
N ILE T 20 -12.80 -19.28 11.38
CA ILE T 20 -13.36 -17.98 11.57
C ILE T 20 -12.35 -16.92 11.25
N TYR T 21 -11.12 -17.09 11.71
CA TYR T 21 -10.09 -16.12 11.43
C TYR T 21 -10.08 -15.82 9.94
N ARG T 22 -10.12 -16.88 9.12
CA ARG T 22 -10.17 -16.71 7.67
C ARG T 22 -11.39 -15.92 7.22
N SER T 23 -12.56 -16.25 7.77
CA SER T 23 -13.80 -15.55 7.42
C SER T 23 -13.78 -14.08 7.80
N ILE T 24 -13.17 -13.78 8.94
CA ILE T 24 -13.10 -12.41 9.40
C ILE T 24 -12.31 -11.58 8.39
N GLY T 25 -11.19 -12.11 7.94
CA GLY T 25 -10.42 -11.46 6.90
C GLY T 25 -9.14 -10.83 7.43
N GLY T 26 -8.14 -10.72 6.54
CA GLY T 26 -6.83 -10.19 6.93
C GLY T 26 -6.83 -8.67 7.11
N ILE T 27 -7.96 -8.05 6.81
CA ILE T 27 -8.09 -6.60 6.93
C ILE T 27 -8.47 -6.19 8.33
N VAL T 28 -8.91 -7.15 9.15
CA VAL T 28 -9.37 -6.85 10.48
C VAL T 28 -8.24 -7.02 11.50
N PRO T 29 -7.92 -5.97 12.29
CA PRO T 29 -6.88 -5.97 13.30
C PRO T 29 -7.07 -7.17 14.24
N PRO T 30 -5.95 -7.76 14.70
CA PRO T 30 -5.89 -8.99 15.48
C PRO T 30 -6.65 -8.90 16.81
N GLU T 31 -6.79 -7.70 17.37
CA GLU T 31 -7.53 -7.52 18.60
C GLU T 31 -9.00 -7.79 18.40
N MET T 32 -9.41 -7.78 17.13
CA MET T 32 -10.76 -8.14 16.77
C MET T 32 -10.78 -9.50 16.13
N ALA T 33 -9.81 -9.78 15.28
CA ALA T 33 -9.85 -11.02 14.54
C ALA T 33 -9.81 -12.23 15.47
N GLU T 34 -8.86 -12.25 16.41
CA GLU T 34 -8.73 -13.39 17.29
C GLU T 34 -9.77 -13.40 18.40
N THR T 35 -10.08 -12.24 18.92
CA THR T 35 -10.99 -12.15 20.05
C THR T 35 -12.39 -12.56 19.65
N VAL T 36 -12.80 -12.17 18.45
CA VAL T 36 -14.07 -12.57 17.91
C VAL T 36 -14.07 -14.06 17.62
N THR T 37 -12.99 -14.52 17.01
CA THR T 37 -12.83 -15.93 16.70
C THR T 37 -13.00 -16.79 17.92
N ALA T 38 -12.26 -16.47 18.97
CA ALA T 38 -12.30 -17.27 20.18
C ALA T 38 -13.70 -17.30 20.77
N ASN T 39 -14.39 -16.17 20.74
CA ASN T 39 -15.73 -16.10 21.29
C ASN T 39 -16.71 -16.96 20.52
N GLN T 40 -16.68 -16.83 19.21
CA GLN T 40 -17.58 -17.56 18.35
C GLN T 40 -17.33 -19.06 18.49
N THR T 41 -16.07 -19.44 18.62
CA THR T 41 -15.73 -20.84 18.80
C THR T 41 -16.33 -21.37 20.08
N ALA T 42 -16.19 -20.61 21.17
CA ALA T 42 -16.74 -21.05 22.43
C ALA T 42 -18.23 -21.33 22.28
N GLN T 43 -18.92 -20.49 21.50
CA GLN T 43 -20.32 -20.73 21.23
C GLN T 43 -20.51 -22.01 20.43
N TRP T 44 -19.58 -22.29 19.50
CA TRP T 44 -19.67 -23.53 18.73
C TRP T 44 -19.58 -24.70 19.65
N GLU T 45 -18.62 -24.68 20.53
CA GLU T 45 -18.40 -25.79 21.43
C GLU T 45 -19.67 -26.06 22.25
N ALA T 46 -20.20 -25.01 22.87
CA ALA T 46 -21.38 -25.13 23.71
C ALA T 46 -22.63 -25.51 22.91
N GLY T 47 -22.79 -24.90 21.76
CA GLY T 47 -23.94 -25.12 20.91
C GLY T 47 -23.96 -26.51 20.31
N PHE T 48 -22.78 -26.95 19.89
CA PHE T 48 -22.58 -28.24 19.24
C PHE T 48 -22.78 -29.40 20.19
N THR T 49 -22.13 -29.34 21.34
CA THR T 49 -22.10 -30.45 22.29
C THR T 49 -23.45 -31.19 22.49
N PRO T 50 -24.58 -30.51 22.81
CA PRO T 50 -25.87 -31.14 23.05
C PRO T 50 -26.25 -32.16 21.98
N TYR T 51 -25.96 -31.85 20.73
CA TYR T 51 -26.32 -32.74 19.64
C TYR T 51 -25.29 -33.84 19.51
N HIS T 52 -24.07 -33.49 19.81
CA HIS T 52 -22.98 -34.43 19.77
C HIS T 52 -23.24 -35.54 20.79
N LYS T 53 -23.69 -35.14 21.97
CA LYS T 53 -24.01 -36.08 23.03
C LYS T 53 -25.08 -37.06 22.58
N LEU T 54 -26.12 -36.53 21.94
CA LEU T 54 -27.18 -37.38 21.41
C LEU T 54 -26.64 -38.40 20.43
N ARG T 55 -25.85 -37.93 19.47
CA ARG T 55 -25.32 -38.82 18.46
C ARG T 55 -24.49 -39.93 19.07
N LEU T 56 -23.67 -39.59 20.05
CA LEU T 56 -22.85 -40.59 20.71
C LEU T 56 -23.73 -41.58 21.47
N ALA T 57 -24.76 -41.07 22.14
CA ALA T 57 -25.69 -41.92 22.87
C ALA T 57 -26.40 -42.86 21.91
N ILE T 58 -26.81 -42.36 20.76
CA ILE T 58 -27.51 -43.16 19.77
C ILE T 58 -26.64 -44.31 19.31
N LYS T 59 -25.38 -44.03 19.03
CA LYS T 59 -24.46 -45.07 18.64
C LYS T 59 -24.51 -46.24 19.61
N GLU T 60 -24.41 -45.92 20.90
CA GLU T 60 -24.43 -46.95 21.94
C GLU T 60 -25.78 -47.66 22.01
N ILE T 61 -26.87 -46.93 21.79
CA ILE T 61 -28.18 -47.56 21.85
C ILE T 61 -28.31 -48.62 20.78
N CYS T 62 -27.87 -48.32 19.57
CA CYS T 62 -27.98 -49.30 18.50
C CYS T 62 -27.16 -50.54 18.79
N LYS T 63 -25.95 -50.37 19.33
CA LYS T 63 -25.15 -51.53 19.71
C LYS T 63 -25.85 -52.33 20.79
N THR T 64 -26.45 -51.63 21.75
CA THR T 64 -27.17 -52.25 22.86
C THR T 64 -28.34 -53.06 22.35
N ASP T 65 -29.10 -52.47 21.44
CA ASP T 65 -30.25 -53.12 20.85
C ASP T 65 -29.84 -54.24 19.89
N GLY T 66 -28.70 -54.06 19.24
CA GLY T 66 -28.22 -55.04 18.27
C GLY T 66 -28.90 -54.79 16.93
N ILE T 67 -28.96 -53.52 16.57
CA ILE T 67 -29.66 -53.11 15.37
C ILE T 67 -28.70 -52.43 14.37
N PRO T 68 -29.09 -52.31 13.07
CA PRO T 68 -28.29 -51.87 11.93
C PRO T 68 -27.55 -50.56 12.09
N ASN T 69 -26.30 -50.50 11.58
CA ASN T 69 -25.49 -49.30 11.61
C ASN T 69 -25.97 -48.30 10.59
N ILE T 70 -26.42 -48.78 9.44
CA ILE T 70 -26.82 -47.86 8.38
C ILE T 70 -27.93 -46.94 8.82
N LYS T 71 -28.78 -47.46 9.69
CA LYS T 71 -29.94 -46.76 10.12
C LYS T 71 -29.61 -45.60 11.04
N TRP T 72 -28.33 -45.47 11.39
CA TRP T 72 -27.88 -44.33 12.15
C TRP T 72 -28.18 -43.06 11.42
N GLY T 73 -28.18 -43.09 10.10
CA GLY T 73 -28.50 -41.88 9.37
C GLY T 73 -29.84 -41.34 9.86
N MET T 74 -30.79 -42.25 10.15
CA MET T 74 -32.10 -41.85 10.61
C MET T 74 -32.20 -41.78 12.11
N TYR T 75 -31.53 -42.66 12.83
CA TYR T 75 -31.61 -42.57 14.28
C TYR T 75 -31.07 -41.21 14.69
N ILE T 76 -30.00 -40.78 14.01
CA ILE T 76 -29.41 -39.49 14.23
C ILE T 76 -30.35 -38.39 13.77
N ALA T 77 -30.82 -38.46 12.52
CA ALA T 77 -31.73 -37.44 12.02
C ALA T 77 -32.94 -37.28 12.91
N PHE T 78 -33.50 -38.39 13.33
CA PHE T 78 -34.66 -38.45 14.18
C PHE T 78 -34.34 -37.76 15.51
N GLY T 79 -33.24 -38.18 16.14
CA GLY T 79 -32.83 -37.63 17.42
C GLY T 79 -32.56 -36.13 17.34
N GLU T 80 -31.78 -35.73 16.34
CA GLU T 80 -31.41 -34.33 16.16
C GLU T 80 -32.65 -33.47 15.92
N LYS T 81 -33.58 -33.96 15.10
CA LYS T 81 -34.78 -33.21 14.84
C LYS T 81 -35.55 -33.01 16.11
N LEU T 82 -35.69 -34.07 16.90
CA LEU T 82 -36.42 -33.94 18.13
C LEU T 82 -35.73 -33.01 19.09
N LEU T 83 -34.40 -33.05 19.20
CA LEU T 83 -33.77 -32.13 20.13
C LEU T 83 -34.08 -30.70 19.76
N LYS T 84 -34.03 -30.39 18.46
CA LYS T 84 -34.40 -29.05 18.03
C LYS T 84 -35.78 -28.72 18.55
N SER T 85 -36.69 -29.69 18.44
CA SER T 85 -38.05 -29.53 18.94
C SER T 85 -38.07 -29.31 20.45
N TYR T 86 -37.23 -30.04 21.19
CA TYR T 86 -37.21 -29.90 22.64
C TYR T 86 -36.69 -28.54 23.05
N LEU T 87 -35.78 -28.00 22.27
CA LEU T 87 -35.28 -26.66 22.54
C LEU T 87 -36.41 -25.65 22.29
N LYS T 88 -37.17 -25.86 21.23
CA LYS T 88 -38.30 -25.00 20.91
C LYS T 88 -39.39 -25.06 21.99
N MET T 89 -39.54 -26.21 22.62
CA MET T 89 -40.51 -26.40 23.71
C MET T 89 -40.26 -25.46 24.87
N LYS T 90 -39.05 -24.93 24.97
CA LYS T 90 -38.72 -24.03 26.06
C LYS T 90 -39.34 -22.67 25.79
N ALA T 91 -39.86 -22.50 24.59
CA ALA T 91 -40.61 -21.31 24.21
C ALA T 91 -42.10 -21.63 24.16
N GLY T 92 -42.42 -22.79 23.59
CA GLY T 92 -43.81 -23.22 23.38
C GLY T 92 -44.56 -23.55 24.67
N SER T 93 -43.86 -24.09 25.65
CA SER T 93 -44.48 -24.60 26.87
C SER T 93 -45.38 -25.76 26.55
N ALA T 94 -46.14 -26.21 27.53
CA ALA T 94 -47.02 -27.36 27.32
C ALA T 94 -46.27 -28.45 26.59
N SER T 95 -45.06 -28.75 27.06
CA SER T 95 -44.18 -29.68 26.36
C SER T 95 -44.82 -31.04 26.22
N SER T 96 -45.65 -31.42 27.17
CA SER T 96 -46.29 -32.72 27.11
C SER T 96 -47.00 -32.92 25.79
N ASP T 97 -47.63 -31.86 25.28
CA ASP T 97 -48.40 -31.97 24.06
C ASP T 97 -47.51 -31.80 22.86
N MET T 98 -46.54 -30.90 22.96
CA MET T 98 -45.63 -30.68 21.86
C MET T 98 -44.85 -31.96 21.59
N ILE T 99 -44.42 -32.62 22.66
CA ILE T 99 -43.65 -33.84 22.57
C ILE T 99 -44.44 -34.88 21.85
N ALA T 100 -45.68 -35.08 22.27
CA ALA T 100 -46.51 -36.07 21.64
C ALA T 100 -46.68 -35.78 20.16
N GLU T 101 -46.89 -34.51 19.81
CA GLU T 101 -47.11 -34.17 18.41
C GLU T 101 -45.88 -34.39 17.55
N TYR T 102 -44.71 -34.04 18.07
CA TYR T 102 -43.49 -34.26 17.31
C TYR T 102 -43.28 -35.72 17.07
N ILE T 103 -43.51 -36.53 18.09
CA ILE T 103 -43.38 -37.96 17.99
C ILE T 103 -44.43 -38.53 17.04
N ASN T 104 -45.67 -38.04 17.13
CA ASN T 104 -46.74 -38.55 16.30
C ASN T 104 -46.32 -38.68 14.84
N ASN T 105 -45.80 -37.60 14.26
CA ASN T 105 -45.39 -37.66 12.85
C ASN T 105 -44.00 -38.24 12.69
N ALA T 106 -43.11 -37.92 13.62
CA ALA T 106 -41.74 -38.41 13.53
C ALA T 106 -41.75 -39.93 13.44
N ILE T 107 -42.69 -40.56 14.15
CA ILE T 107 -42.86 -42.00 14.11
C ILE T 107 -43.75 -42.45 12.95
N SER T 108 -44.94 -41.85 12.82
CA SER T 108 -45.95 -42.31 11.88
C SER T 108 -45.51 -42.28 10.43
N ALA T 109 -44.79 -41.23 10.04
CA ALA T 109 -44.34 -41.14 8.67
C ALA T 109 -43.12 -42.01 8.50
N PHE T 110 -43.33 -43.30 8.61
CA PHE T 110 -42.25 -44.25 8.73
C PHE T 110 -41.22 -44.09 7.63
N SER T 111 -41.67 -44.08 6.40
CA SER T 111 -40.78 -44.15 5.26
C SER T 111 -39.90 -42.90 5.09
N SER T 112 -40.26 -41.80 5.77
CA SER T 112 -39.51 -40.57 5.59
C SER T 112 -39.02 -39.93 6.88
N ARG T 113 -39.63 -40.27 8.01
CA ARG T 113 -39.22 -39.68 9.27
C ARG T 113 -38.50 -40.67 10.16
N THR T 114 -38.64 -41.96 9.87
CA THR T 114 -37.99 -42.97 10.67
C THR T 114 -37.10 -43.81 9.77
N GLY T 115 -37.71 -44.72 9.04
CA GLY T 115 -36.97 -45.68 8.22
C GLY T 115 -36.42 -46.77 9.13
N ILE T 116 -36.78 -46.64 10.41
CA ILE T 116 -36.34 -47.45 11.51
C ILE T 116 -37.54 -47.94 12.27
N SER T 117 -37.42 -49.09 12.92
CA SER T 117 -38.54 -49.60 13.69
C SER T 117 -39.08 -48.55 14.62
N GLN T 118 -40.41 -48.43 14.65
CA GLN T 118 -41.07 -47.46 15.50
C GLN T 118 -40.71 -47.72 16.95
N GLU T 119 -40.41 -48.97 17.29
CA GLU T 119 -40.07 -49.32 18.67
C GLU T 119 -38.76 -48.68 19.07
N THR T 120 -37.79 -48.71 18.16
CA THR T 120 -36.49 -48.15 18.44
C THR T 120 -36.52 -46.65 18.27
N ALA T 121 -37.37 -46.18 17.35
CA ALA T 121 -37.52 -44.76 17.14
C ALA T 121 -38.07 -44.11 18.40
N GLN T 122 -39.03 -44.79 19.03
CA GLN T 122 -39.59 -44.27 20.26
C GLN T 122 -38.55 -44.30 21.36
N LYS T 123 -37.75 -45.34 21.43
CA LYS T 123 -36.70 -45.39 22.43
C LYS T 123 -35.81 -44.17 22.30
N ILE T 124 -35.46 -43.83 21.06
CA ILE T 124 -34.66 -42.65 20.84
C ILE T 124 -35.43 -41.42 21.27
N ALA T 125 -36.71 -41.35 20.93
CA ALA T 125 -37.52 -40.21 21.36
C ALA T 125 -37.46 -40.06 22.88
N ASP T 126 -37.44 -41.18 23.59
CA ASP T 126 -37.40 -41.16 25.05
C ASP T 126 -36.03 -40.72 25.55
N PHE T 127 -34.97 -41.22 24.92
CA PHE T 127 -33.61 -40.85 25.30
C PHE T 127 -33.38 -39.38 25.07
N ILE T 128 -33.88 -38.88 23.95
CA ILE T 128 -33.75 -37.48 23.63
C ILE T 128 -34.53 -36.62 24.62
N THR T 129 -35.74 -37.07 24.97
CA THR T 129 -36.57 -36.35 25.95
C THR T 129 -35.80 -36.08 27.23
N SER T 130 -35.02 -37.07 27.67
CA SER T 130 -34.28 -36.97 28.92
C SER T 130 -33.22 -35.87 28.88
N ASN T 131 -32.94 -35.35 27.68
CA ASN T 131 -31.94 -34.30 27.50
C ASN T 131 -32.51 -32.92 27.83
N TYR T 132 -33.80 -32.87 28.16
CA TYR T 132 -34.51 -31.65 28.54
C TYR T 132 -34.76 -30.75 27.33
N ARG U 6 -36.62 21.97 -6.65
CA ARG U 6 -35.98 20.88 -7.39
C ARG U 6 -34.80 20.29 -6.63
N LYS U 7 -33.73 21.07 -6.50
CA LYS U 7 -32.49 20.58 -5.92
C LYS U 7 -32.66 19.93 -4.56
N LEU U 8 -33.59 20.43 -3.75
CA LEU U 8 -33.73 19.94 -2.39
C LEU U 8 -34.46 18.61 -2.30
N ARG U 9 -34.96 18.09 -3.41
CA ARG U 9 -35.58 16.78 -3.38
C ARG U 9 -34.95 15.86 -4.41
N GLN U 10 -34.39 16.47 -5.46
CA GLN U 10 -33.82 15.74 -6.58
C GLN U 10 -32.35 15.38 -6.38
N ASP U 11 -31.55 16.31 -5.86
CA ASP U 11 -30.10 16.13 -5.82
C ASP U 11 -29.71 15.07 -4.82
N SER U 12 -30.66 14.74 -3.95
CA SER U 12 -30.46 13.75 -2.93
C SER U 12 -30.03 12.43 -3.53
N THR U 13 -30.38 12.22 -4.79
CA THR U 13 -30.02 11.01 -5.48
C THR U 13 -28.51 10.84 -5.54
N ASP U 14 -27.82 11.94 -5.84
CA ASP U 14 -26.38 11.91 -6.06
C ASP U 14 -25.63 11.97 -4.76
N ARG U 15 -26.19 12.65 -3.78
CA ARG U 15 -25.54 12.77 -2.50
C ARG U 15 -25.61 11.43 -1.78
N TYR U 16 -26.79 10.81 -1.84
CA TYR U 16 -26.97 9.49 -1.27
C TYR U 16 -26.03 8.53 -2.02
N LYS U 17 -26.05 8.61 -3.36
CA LYS U 17 -25.16 7.80 -4.19
C LYS U 17 -23.72 7.94 -3.75
N THR U 18 -23.28 9.17 -3.53
CA THR U 18 -21.92 9.44 -3.13
C THR U 18 -21.49 8.55 -1.98
N LYS U 19 -22.27 8.55 -0.90
CA LYS U 19 -21.88 7.72 0.24
C LYS U 19 -22.00 6.26 -0.03
N LEU U 20 -23.07 5.85 -0.65
CA LEU U 20 -23.30 4.43 -0.77
C LEU U 20 -22.14 3.81 -1.52
N TYR U 21 -21.65 4.50 -2.54
CA TYR U 21 -20.48 4.04 -3.24
C TYR U 21 -19.27 4.04 -2.34
N LEU U 22 -19.00 5.17 -1.67
CA LEU U 22 -17.82 5.27 -0.84
C LEU U 22 -17.82 4.25 0.29
N TRP U 23 -18.98 3.98 0.86
CA TRP U 23 -19.09 3.03 1.94
C TRP U 23 -18.49 1.73 1.47
N ARG U 24 -18.91 1.29 0.29
CA ARG U 24 -18.43 0.05 -0.27
C ARG U 24 -16.99 0.16 -0.80
N ASN U 25 -16.65 1.31 -1.37
CA ASN U 25 -15.32 1.52 -1.96
C ASN U 25 -14.23 1.33 -0.93
N LEU U 26 -14.51 1.72 0.30
CA LEU U 26 -13.55 1.62 1.37
C LEU U 26 -13.41 0.20 1.89
N GLY U 27 -14.21 -0.71 1.33
CA GLY U 27 -14.15 -2.12 1.68
C GLY U 27 -13.27 -2.89 0.70
N GLY U 28 -12.76 -2.20 -0.33
CA GLY U 28 -11.92 -2.84 -1.35
C GLY U 28 -12.74 -3.66 -2.35
N LEU U 29 -14.03 -3.34 -2.45
CA LEU U 29 -14.95 -4.04 -3.33
C LEU U 29 -14.77 -3.64 -4.79
N ILE U 30 -15.36 -4.45 -5.68
CA ILE U 30 -15.26 -4.24 -7.12
C ILE U 30 -16.07 -3.03 -7.60
N PRO U 31 -15.45 -2.05 -8.29
CA PRO U 31 -16.04 -0.84 -8.82
C PRO U 31 -17.35 -1.08 -9.55
N GLU U 32 -17.41 -2.14 -10.34
CA GLU U 32 -18.61 -2.43 -11.11
C GLU U 32 -19.74 -2.94 -10.22
N ASP U 33 -19.44 -3.89 -9.35
CA ASP U 33 -20.47 -4.40 -8.46
C ASP U 33 -21.00 -3.30 -7.59
N MET U 34 -20.10 -2.42 -7.16
CA MET U 34 -20.52 -1.32 -6.32
C MET U 34 -21.42 -0.41 -7.08
N ALA U 35 -21.02 -0.01 -8.27
CA ALA U 35 -21.83 0.89 -9.06
C ALA U 35 -23.23 0.33 -9.22
N ILE U 36 -23.33 -0.98 -9.43
CA ILE U 36 -24.62 -1.64 -9.58
C ILE U 36 -25.41 -1.63 -8.28
N SER U 37 -24.78 -2.05 -7.19
CA SER U 37 -25.46 -2.11 -5.90
C SER U 37 -25.93 -0.73 -5.48
N VAL U 38 -25.09 0.26 -5.72
CA VAL U 38 -25.42 1.62 -5.38
C VAL U 38 -26.59 2.10 -6.21
N THR U 39 -26.53 1.88 -7.51
CA THR U 39 -27.61 2.30 -8.39
C THR U 39 -28.94 1.81 -7.87
N GLU U 40 -29.00 0.53 -7.48
CA GLU U 40 -30.25 -0.01 -6.98
C GLU U 40 -30.64 0.65 -5.67
N SER U 41 -29.66 0.89 -4.80
CA SER U 41 -29.90 1.53 -3.52
C SER U 41 -30.42 2.95 -3.66
N ILE U 42 -29.80 3.74 -4.53
CA ILE U 42 -30.20 5.13 -4.68
C ILE U 42 -31.56 5.21 -5.30
N THR U 43 -31.88 4.26 -6.16
CA THR U 43 -33.19 4.20 -6.77
C THR U 43 -34.24 3.90 -5.72
N ALA U 44 -34.01 2.84 -4.95
CA ALA U 44 -34.97 2.44 -3.93
C ALA U 44 -35.15 3.56 -2.93
N ASP U 45 -34.06 4.15 -2.51
CA ASP U 45 -34.10 5.23 -1.56
C ASP U 45 -34.89 6.41 -2.08
N TRP U 46 -34.43 6.96 -3.19
CA TRP U 46 -35.04 8.16 -3.71
C TRP U 46 -36.49 7.93 -4.07
N LYS U 47 -36.73 6.87 -4.83
CA LYS U 47 -38.08 6.57 -5.31
C LYS U 47 -39.04 6.38 -4.18
N GLN U 48 -38.74 5.44 -3.29
CA GLN U 48 -39.68 5.10 -2.26
C GLN U 48 -39.89 6.26 -1.33
N TYR U 49 -38.79 6.91 -0.95
CA TYR U 49 -38.90 8.00 -0.02
C TYR U 49 -39.72 9.14 -0.55
N ASN U 50 -39.30 9.69 -1.69
CA ASN U 50 -39.97 10.87 -2.19
C ASN U 50 -41.40 10.59 -2.60
N ASP U 51 -41.68 9.40 -3.12
CA ASP U 51 -43.03 9.13 -3.55
C ASP U 51 -43.98 9.19 -2.37
N MET U 52 -43.71 8.38 -1.35
CA MET U 52 -44.56 8.35 -0.19
C MET U 52 -44.53 9.65 0.59
N MET U 53 -43.33 10.15 0.85
CA MET U 53 -43.16 11.36 1.64
C MET U 53 -43.75 12.56 0.97
N SER U 54 -43.51 12.75 -0.33
CA SER U 54 -43.97 13.95 -0.98
C SER U 54 -45.46 14.02 -0.97
N LYS U 55 -46.12 12.91 -1.25
CA LYS U 55 -47.57 12.95 -1.27
C LYS U 55 -48.13 13.39 0.07
N VAL U 56 -47.60 12.84 1.16
CA VAL U 56 -48.07 13.21 2.47
C VAL U 56 -47.62 14.61 2.84
N ARG U 57 -46.34 14.89 2.67
CA ARG U 57 -45.76 16.17 3.04
C ARG U 57 -46.42 17.30 2.28
N ASN U 58 -46.72 17.08 1.00
CA ASN U 58 -47.32 18.13 0.19
C ASN U 58 -48.72 18.43 0.67
N GLU U 59 -49.53 17.38 0.87
CA GLU U 59 -50.87 17.59 1.37
C GLU U 59 -50.81 18.20 2.74
N THR U 60 -49.86 17.74 3.53
CA THR U 60 -49.71 18.20 4.90
C THR U 60 -49.32 19.66 4.92
N LEU U 61 -48.36 20.03 4.10
CA LEU U 61 -47.90 21.39 4.04
C LEU U 61 -49.01 22.34 3.60
N ASP U 62 -49.73 21.97 2.54
CA ASP U 62 -50.79 22.82 2.01
C ASP U 62 -51.94 22.99 2.98
N ILE U 63 -52.35 21.90 3.64
CA ILE U 63 -53.45 21.95 4.58
C ILE U 63 -53.09 22.77 5.79
N LEU U 64 -51.92 22.52 6.35
CA LEU U 64 -51.49 23.24 7.51
C LEU U 64 -51.34 24.73 7.21
N LYS U 65 -50.81 25.05 6.04
CA LYS U 65 -50.67 26.45 5.65
C LYS U 65 -52.04 27.10 5.52
N THR U 66 -52.98 26.37 4.91
CA THR U 66 -54.34 26.85 4.76
C THR U 66 -54.95 27.16 6.11
N ASN U 67 -54.66 26.33 7.09
CA ASN U 67 -55.23 26.45 8.42
C ASN U 67 -54.44 27.40 9.33
N LYS U 68 -53.51 28.16 8.76
CA LYS U 68 -52.74 29.17 9.48
C LYS U 68 -51.81 28.56 10.53
N VAL U 69 -51.21 27.45 10.20
CA VAL U 69 -50.23 26.79 11.04
C VAL U 69 -48.87 27.46 10.88
N ALA U 70 -48.22 27.79 12.02
CA ALA U 70 -46.92 28.47 11.98
C ALA U 70 -45.85 27.50 11.55
N THR U 71 -44.76 27.99 10.98
CA THR U 71 -43.74 27.09 10.43
C THR U 71 -43.15 26.17 11.48
N GLU U 72 -43.09 26.64 12.72
CA GLU U 72 -42.58 25.83 13.83
C GLU U 72 -43.56 24.77 14.27
N ASP U 73 -44.77 24.82 13.75
CA ASP U 73 -45.79 23.86 14.13
C ASP U 73 -45.82 22.66 13.18
N TYR U 74 -45.37 22.86 11.95
CA TYR U 74 -45.48 21.84 10.92
C TYR U 74 -44.80 20.54 11.36
N ILE U 75 -43.65 20.63 12.02
CA ILE U 75 -42.98 19.42 12.51
C ILE U 75 -43.91 18.46 13.21
N GLY U 76 -44.77 18.96 14.07
CA GLY U 76 -45.60 18.04 14.81
C GLY U 76 -46.53 17.36 13.87
N TYR U 77 -47.13 18.16 13.01
CA TYR U 77 -48.15 17.66 12.13
C TYR U 77 -47.58 16.82 11.02
N ILE U 78 -46.34 17.12 10.63
CA ILE U 78 -45.65 16.33 9.62
C ILE U 78 -45.17 15.02 10.21
N ALA U 79 -44.54 15.07 11.39
CA ALA U 79 -44.11 13.84 12.03
C ALA U 79 -45.30 12.92 12.21
N PHE U 80 -46.43 13.49 12.63
CA PHE U 80 -47.67 12.73 12.68
C PHE U 80 -48.12 12.38 11.28
N ALA U 81 -48.01 13.31 10.35
CA ALA U 81 -48.52 13.05 9.02
C ALA U 81 -48.00 11.76 8.46
N GLU U 82 -46.71 11.55 8.59
CA GLU U 82 -46.12 10.35 8.06
C GLU U 82 -46.45 9.17 8.95
N GLU U 83 -46.24 9.29 10.25
CA GLU U 83 -46.55 8.18 11.15
C GLU U 83 -47.95 7.67 10.91
N LEU U 84 -48.91 8.58 10.84
CA LEU U 84 -50.31 8.26 10.64
C LEU U 84 -50.50 7.64 9.28
N ALA U 85 -49.90 8.24 8.27
CA ALA U 85 -50.04 7.77 6.90
C ALA U 85 -49.55 6.33 6.78
N HIS U 86 -48.51 6.01 7.52
CA HIS U 86 -47.97 4.67 7.53
C HIS U 86 -48.93 3.70 8.18
N GLN U 87 -49.52 4.12 9.31
CA GLN U 87 -50.51 3.30 9.97
C GLN U 87 -51.71 3.08 9.04
N VAL U 88 -52.03 4.08 8.21
CA VAL U 88 -53.11 3.92 7.25
C VAL U 88 -52.82 2.77 6.30
N TRP U 89 -51.59 2.73 5.76
CA TRP U 89 -51.22 1.60 4.90
C TRP U 89 -51.29 0.32 5.67
N LYS U 90 -50.72 0.32 6.87
CA LYS U 90 -50.66 -0.87 7.69
C LYS U 90 -52.02 -1.51 7.77
N ASN U 91 -53.03 -0.68 8.00
CA ASN U 91 -54.39 -1.16 8.11
C ASN U 91 -54.96 -1.56 6.76
N LYS U 92 -54.74 -0.75 5.73
CA LYS U 92 -55.25 -1.10 4.41
C LYS U 92 -54.72 -2.47 3.98
N ASN U 93 -53.49 -2.77 4.39
CA ASN U 93 -52.84 -4.02 4.09
C ASN U 93 -53.28 -5.17 5.03
N SER U 94 -53.27 -4.92 6.34
CA SER U 94 -53.43 -6.00 7.33
C SER U 94 -54.81 -6.16 7.96
N SER U 95 -55.64 -5.12 7.95
CA SER U 95 -56.88 -5.17 8.72
C SER U 95 -58.12 -5.02 7.83
N PRO U 96 -59.31 -5.44 8.33
CA PRO U 96 -60.62 -5.19 7.77
C PRO U 96 -60.90 -3.71 7.64
N ASP U 97 -61.66 -3.32 6.62
CA ASP U 97 -61.99 -1.92 6.42
C ASP U 97 -62.48 -1.22 7.71
N PRO U 98 -63.41 -1.82 8.50
CA PRO U 98 -63.90 -1.32 9.78
C PRO U 98 -62.77 -1.02 10.76
N ASN U 99 -61.67 -1.77 10.67
CA ASN U 99 -60.57 -1.57 11.56
C ASN U 99 -59.69 -0.44 11.07
N THR U 100 -59.65 -0.26 9.75
CA THR U 100 -58.89 0.85 9.19
C THR U 100 -59.54 2.14 9.64
N ALA U 101 -60.87 2.20 9.52
CA ALA U 101 -61.62 3.36 9.95
C ALA U 101 -61.49 3.57 11.46
N ASN U 102 -61.63 2.49 12.22
CA ASN U 102 -61.53 2.58 13.67
C ASN U 102 -60.16 3.05 14.09
N GLU U 103 -59.13 2.41 13.56
CA GLU U 103 -57.78 2.74 13.93
C GLU U 103 -57.49 4.19 13.61
N ALA U 104 -57.94 4.67 12.46
CA ALA U 104 -57.66 6.06 12.11
C ALA U 104 -58.19 6.99 13.21
N SER U 105 -59.42 6.74 13.66
CA SER U 105 -60.03 7.54 14.71
C SER U 105 -59.35 7.35 16.07
N LYS U 106 -59.02 6.11 16.38
CA LYS U 106 -58.39 5.79 17.65
C LYS U 106 -56.98 6.36 17.71
N THR U 107 -56.30 6.38 16.58
CA THR U 107 -54.97 6.96 16.50
C THR U 107 -55.04 8.46 16.67
N ASP U 108 -56.00 9.09 16.02
CA ASP U 108 -56.17 10.51 16.23
C ASP U 108 -56.27 10.77 17.73
N LEU U 109 -57.04 9.94 18.43
CA LEU U 109 -57.10 10.04 19.88
C LEU U 109 -55.72 9.83 20.49
N GLU U 110 -55.03 8.75 20.11
CA GLU U 110 -53.70 8.46 20.63
C GLU U 110 -52.78 9.63 20.53
N SER U 111 -52.82 10.30 19.39
CA SER U 111 -51.95 11.43 19.09
C SER U 111 -52.06 12.52 20.14
N LYS U 112 -53.12 12.48 20.94
CA LYS U 112 -53.34 13.45 22.01
C LYS U 112 -52.20 13.40 23.03
N TYR U 113 -51.42 12.31 23.01
CA TYR U 113 -50.26 12.22 23.89
C TYR U 113 -49.35 13.42 23.67
N SER U 114 -49.42 13.99 22.47
CA SER U 114 -48.64 15.14 22.12
C SER U 114 -49.50 16.39 22.10
N ASP U 115 -48.92 17.50 22.52
CA ASP U 115 -49.55 18.80 22.50
C ASP U 115 -49.96 19.24 21.09
N VAL U 116 -49.37 18.59 20.12
CA VAL U 116 -49.60 18.86 18.73
C VAL U 116 -51.00 18.53 18.29
N TYR U 117 -51.53 17.42 18.77
CA TYR U 117 -52.79 16.91 18.27
C TYR U 117 -53.96 17.87 18.40
N GLY U 118 -54.73 17.96 17.32
CA GLY U 118 -55.92 18.78 17.27
C GLY U 118 -56.61 18.58 15.92
N LEU U 119 -57.57 19.45 15.62
CA LEU U 119 -58.33 19.37 14.37
C LEU U 119 -57.43 19.13 13.17
N ASP U 120 -56.30 19.82 13.14
CA ASP U 120 -55.37 19.71 12.02
C ASP U 120 -55.04 18.25 11.75
N VAL U 121 -54.85 17.46 12.79
CA VAL U 121 -54.48 16.06 12.62
C VAL U 121 -55.64 15.27 12.06
N THR U 122 -56.82 15.47 12.60
CA THR U 122 -57.98 14.72 12.17
C THR U 122 -58.28 14.99 10.70
N VAL U 123 -58.09 16.25 10.28
CA VAL U 123 -58.30 16.61 8.88
C VAL U 123 -57.27 15.90 8.02
N LEU U 124 -56.02 15.98 8.42
CA LEU U 124 -54.94 15.40 7.65
C LEU U 124 -55.09 13.90 7.46
N ASP U 125 -55.46 13.19 8.51
CA ASP U 125 -55.55 11.75 8.38
C ASP U 125 -56.68 11.37 7.44
N ALA U 126 -57.80 12.07 7.54
CA ALA U 126 -58.92 11.77 6.66
C ALA U 126 -58.46 11.87 5.20
N ILE U 127 -57.63 12.87 4.92
CA ILE U 127 -57.09 13.04 3.58
C ILE U 127 -56.20 11.87 3.20
N TYR U 128 -55.28 11.49 4.08
CA TYR U 128 -54.36 10.40 3.76
C TYR U 128 -55.13 9.13 3.42
N ASN U 129 -56.15 8.82 4.23
CA ASN U 129 -56.92 7.61 4.02
C ASN U 129 -57.60 7.63 2.67
N ALA U 130 -58.19 8.76 2.33
CA ALA U 130 -58.93 8.90 1.09
C ALA U 130 -58.04 9.12 -0.14
N VAL U 131 -56.84 9.68 0.05
CA VAL U 131 -56.06 10.14 -1.09
C VAL U 131 -54.77 9.39 -1.41
N ILE U 132 -53.98 9.06 -0.39
CA ILE U 132 -52.59 8.71 -0.68
C ILE U 132 -52.28 7.20 -0.57
N PRO U 133 -51.73 6.58 -1.64
CA PRO U 133 -51.30 5.20 -1.71
C PRO U 133 -49.95 5.02 -1.03
N ILE U 134 -49.98 5.09 0.30
CA ILE U 134 -48.77 5.09 1.13
C ILE U 134 -47.95 3.82 1.02
N ILE U 135 -46.64 3.99 0.92
CA ILE U 135 -45.68 2.89 0.89
C ILE U 135 -45.27 2.49 2.30
N MET U 136 -45.32 1.20 2.58
CA MET U 136 -44.89 0.66 3.87
C MET U 136 -44.80 -0.86 3.82
N ARG V 7 -25.39 -17.79 22.18
CA ARG V 7 -24.98 -16.95 21.06
C ARG V 7 -25.13 -15.45 21.38
N GLN V 8 -26.32 -15.04 21.81
CA GLN V 8 -26.62 -13.63 22.07
C GLN V 8 -25.95 -13.12 23.33
N ASP V 9 -25.29 -14.02 24.03
CA ASP V 9 -24.59 -13.68 25.25
C ASP V 9 -23.29 -12.93 24.99
N SER V 10 -22.72 -13.10 23.80
CA SER V 10 -21.48 -12.38 23.50
C SER V 10 -21.26 -12.07 22.03
N LYS V 11 -21.87 -12.84 21.14
CA LYS V 11 -21.52 -12.72 19.73
C LYS V 11 -21.88 -11.33 19.19
N ASP V 12 -22.81 -10.65 19.86
CA ASP V 12 -23.30 -9.40 19.34
C ASP V 12 -22.24 -8.33 19.38
N ARG V 13 -21.69 -8.07 20.56
CA ARG V 13 -20.68 -7.04 20.70
C ARG V 13 -19.43 -7.37 19.89
N TYR V 14 -19.09 -8.66 19.79
CA TYR V 14 -17.90 -9.04 19.06
C TYR V 14 -18.01 -8.70 17.59
N GLN V 15 -19.10 -9.08 16.97
CA GLN V 15 -19.25 -8.84 15.56
C GLN V 15 -19.74 -7.46 15.25
N TYR V 16 -20.61 -6.93 16.08
CA TYR V 16 -21.08 -5.61 15.82
C TYR V 16 -19.90 -4.66 15.67
N LYS V 17 -18.91 -4.80 16.56
CA LYS V 17 -17.70 -4.00 16.41
C LYS V 17 -17.09 -4.21 15.01
N GLN V 18 -17.02 -5.47 14.57
CA GLN V 18 -16.48 -5.75 13.24
C GLN V 18 -17.27 -5.03 12.17
N TYR V 19 -18.57 -4.99 12.30
CA TYR V 19 -19.39 -4.26 11.34
C TYR V 19 -18.95 -2.85 11.18
N ILE V 20 -18.86 -2.14 12.29
CA ILE V 20 -18.53 -0.75 12.22
C ILE V 20 -17.17 -0.56 11.59
N TYR V 21 -16.21 -1.37 11.98
CA TYR V 21 -14.88 -1.26 11.42
C TYR V 21 -14.99 -1.23 9.90
N ARG V 22 -15.78 -2.15 9.35
CA ARG V 22 -16.01 -2.20 7.90
C ARG V 22 -16.63 -0.90 7.38
N SER V 23 -17.64 -0.38 8.08
CA SER V 23 -18.29 0.87 7.67
C SER V 23 -17.36 2.07 7.71
N ILE V 24 -16.49 2.09 8.70
CA ILE V 24 -15.56 3.20 8.83
C ILE V 24 -14.67 3.26 7.61
N GLY V 25 -14.15 2.10 7.21
CA GLY V 25 -13.37 2.00 5.99
C GLY V 25 -11.89 1.81 6.26
N GLY V 26 -11.19 1.19 5.31
CA GLY V 26 -9.78 0.88 5.48
C GLY V 26 -8.88 2.10 5.30
N ILE V 27 -9.48 3.22 4.95
CA ILE V 27 -8.74 4.47 4.75
C ILE V 27 -8.54 5.21 6.06
N VAL V 28 -9.27 4.82 7.08
CA VAL V 28 -9.20 5.52 8.36
C VAL V 28 -8.21 4.84 9.30
N PRO V 29 -7.21 5.59 9.81
CA PRO V 29 -6.17 5.12 10.71
C PRO V 29 -6.83 4.40 11.90
N PRO V 30 -6.18 3.33 12.41
CA PRO V 30 -6.68 2.44 13.44
C PRO V 30 -6.98 3.13 14.75
N GLU V 31 -6.30 4.25 15.04
CA GLU V 31 -6.55 5.01 16.26
C GLU V 31 -7.92 5.64 16.23
N MET V 32 -8.49 5.71 15.03
CA MET V 32 -9.84 6.19 14.87
C MET V 32 -10.75 5.03 14.55
N ALA V 33 -10.30 4.12 13.71
CA ALA V 33 -11.18 3.06 13.28
C ALA V 33 -11.66 2.21 14.45
N GLU V 34 -10.73 1.76 15.29
CA GLU V 34 -11.10 0.89 16.40
C GLU V 34 -11.73 1.65 17.55
N THR V 35 -11.21 2.84 17.82
CA THR V 35 -11.67 3.60 18.96
C THR V 35 -13.10 4.06 18.78
N VAL V 36 -13.44 4.45 17.55
CA VAL V 36 -14.79 4.82 17.21
C VAL V 36 -15.69 3.60 17.27
N THR V 37 -15.20 2.51 16.69
CA THR V 37 -15.93 1.26 16.70
C THR V 37 -16.33 0.83 18.09
N ALA V 38 -15.36 0.81 18.99
CA ALA V 38 -15.61 0.36 20.34
C ALA V 38 -16.63 1.24 21.02
N ASN V 39 -16.54 2.55 20.79
CA ASN V 39 -17.46 3.48 21.42
C ASN V 39 -18.89 3.28 20.93
N GLN V 40 -19.04 3.19 19.63
CA GLN V 40 -20.34 3.03 19.03
C GLN V 40 -20.98 1.72 19.48
N THR V 41 -20.16 0.68 19.60
CA THR V 41 -20.65 -0.61 20.07
C THR V 41 -21.17 -0.50 21.47
N ALA V 42 -20.42 0.17 22.34
CA ALA V 42 -20.88 0.33 23.71
C ALA V 42 -22.25 0.98 23.74
N GLN V 43 -22.48 1.93 22.85
CA GLN V 43 -23.79 2.55 22.74
C GLN V 43 -24.82 1.55 22.26
N TRP V 44 -24.41 0.64 21.36
CA TRP V 44 -25.34 -0.39 20.90
C TRP V 44 -25.76 -1.25 22.04
N GLU V 45 -24.79 -1.68 22.83
CA GLU V 45 -25.09 -2.57 23.94
C GLU V 45 -26.09 -1.91 24.90
N ALA V 46 -25.80 -0.68 25.28
CA ALA V 46 -26.65 0.05 26.23
C ALA V 46 -28.01 0.37 25.63
N GLY V 47 -28.02 0.81 24.39
CA GLY V 47 -29.24 1.20 23.70
C GLY V 47 -30.16 0.02 23.42
N PHE V 48 -29.55 -1.08 23.03
CA PHE V 48 -30.25 -2.30 22.67
C PHE V 48 -30.89 -2.97 23.87
N THR V 49 -30.10 -3.16 24.93
CA THR V 49 -30.53 -3.92 26.10
C THR V 49 -31.99 -3.68 26.56
N PRO V 50 -32.45 -2.43 26.80
CA PRO V 50 -33.79 -2.12 27.28
C PRO V 50 -34.88 -2.84 26.50
N TYR V 51 -34.72 -2.93 25.19
CA TYR V 51 -35.72 -3.58 24.36
C TYR V 51 -35.55 -5.07 24.40
N HIS V 52 -34.31 -5.50 24.52
CA HIS V 52 -34.00 -6.89 24.62
C HIS V 52 -34.64 -7.47 25.86
N LYS V 53 -34.53 -6.73 26.97
CA LYS V 53 -35.12 -7.15 28.23
C LYS V 53 -36.62 -7.32 28.09
N LEU V 54 -37.27 -6.38 27.42
CA LEU V 54 -38.70 -6.49 27.19
C LEU V 54 -39.05 -7.74 26.42
N ARG V 55 -38.34 -7.99 25.33
CA ARG V 55 -38.61 -9.14 24.49
C ARG V 55 -38.47 -10.43 25.28
N LEU V 56 -37.43 -10.53 26.09
CA LEU V 56 -37.21 -11.70 26.90
C LEU V 56 -38.33 -11.87 27.93
N ALA V 57 -38.73 -10.74 28.55
CA ALA V 57 -39.82 -10.76 29.51
C ALA V 57 -41.11 -11.23 28.85
N ILE V 58 -41.37 -10.74 27.64
CA ILE V 58 -42.58 -11.08 26.91
C ILE V 58 -42.64 -12.57 26.66
N LYS V 59 -41.52 -13.15 26.23
CA LYS V 59 -41.45 -14.58 26.01
C LYS V 59 -41.97 -15.33 27.23
N GLU V 60 -41.46 -14.97 28.41
CA GLU V 60 -41.86 -15.62 29.64
C GLU V 60 -43.32 -15.37 29.98
N ILE V 61 -43.83 -14.17 29.67
CA ILE V 61 -45.22 -13.88 29.97
C ILE V 61 -46.13 -14.79 29.19
N CYS V 62 -45.85 -14.98 27.91
CA CYS V 62 -46.70 -15.83 27.11
C CYS V 62 -46.69 -17.27 27.60
N LYS V 63 -45.54 -17.77 27.99
CA LYS V 63 -45.48 -19.11 28.56
C LYS V 63 -46.30 -19.19 29.84
N THR V 64 -46.17 -18.14 30.67
CA THR V 64 -46.88 -18.06 31.94
C THR V 64 -48.38 -18.06 31.72
N ASP V 65 -48.84 -17.27 30.75
CA ASP V 65 -50.24 -17.18 30.41
C ASP V 65 -50.72 -18.43 29.71
N GLY V 66 -49.84 -19.07 28.94
CA GLY V 66 -50.21 -20.26 28.18
C GLY V 66 -50.86 -19.84 26.89
N ILE V 67 -50.26 -18.85 26.25
CA ILE V 67 -50.81 -18.27 25.05
C ILE V 67 -49.85 -18.44 23.84
N PRO V 68 -50.35 -18.30 22.59
CA PRO V 68 -49.69 -18.59 21.32
C PRO V 68 -48.31 -17.97 21.13
N ASN V 69 -47.39 -18.72 20.52
CA ASN V 69 -46.05 -18.26 20.22
C ASN V 69 -46.05 -17.32 19.04
N ILE V 70 -46.92 -17.59 18.07
CA ILE V 70 -46.92 -16.77 16.86
C ILE V 70 -47.19 -15.33 17.17
N LYS V 71 -48.00 -15.11 18.19
CA LYS V 71 -48.45 -13.79 18.54
C LYS V 71 -47.35 -12.96 19.14
N TRP V 72 -46.18 -13.57 19.35
CA TRP V 72 -45.03 -12.83 19.81
C TRP V 72 -44.67 -11.74 18.84
N GLY V 73 -44.95 -11.95 17.56
CA GLY V 73 -44.67 -10.91 16.61
C GLY V 73 -45.33 -9.61 17.06
N MET V 74 -46.55 -9.72 17.60
CA MET V 74 -47.27 -8.56 18.07
C MET V 74 -47.03 -8.24 19.52
N TYR V 75 -46.86 -9.24 20.37
CA TYR V 75 -46.58 -8.92 21.77
C TYR V 75 -45.30 -8.11 21.80
N ILE V 76 -44.34 -8.51 20.97
CA ILE V 76 -43.08 -7.81 20.84
C ILE V 76 -43.30 -6.44 20.23
N ALA V 77 -43.96 -6.38 19.07
CA ALA V 77 -44.19 -5.09 18.41
C ALA V 77 -44.90 -4.12 19.35
N PHE V 78 -45.90 -4.62 20.05
CA PHE V 78 -46.69 -3.86 20.97
C PHE V 78 -45.80 -3.33 22.08
N GLY V 79 -45.03 -4.22 22.71
CA GLY V 79 -44.14 -3.86 23.79
C GLY V 79 -43.08 -2.86 23.35
N GLU V 80 -42.43 -3.13 22.23
CA GLU V 80 -41.38 -2.27 21.72
C GLU V 80 -41.91 -0.89 21.38
N LYS V 81 -43.09 -0.83 20.76
CA LYS V 81 -43.68 0.44 20.44
C LYS V 81 -43.93 1.24 21.69
N LEU V 82 -44.49 0.60 22.70
CA LEU V 82 -44.77 1.29 23.92
C LEU V 82 -43.49 1.75 24.59
N LEU V 83 -42.44 0.94 24.60
CA LEU V 83 -41.23 1.41 25.26
C LEU V 83 -40.73 2.69 24.59
N LYS V 84 -40.76 2.73 23.26
CA LYS V 84 -40.38 3.94 22.57
C LYS V 84 -41.20 5.10 23.11
N SER V 85 -42.50 4.87 23.29
CA SER V 85 -43.40 5.86 23.84
C SER V 85 -43.00 6.26 25.25
N TYR V 86 -42.60 5.29 26.07
CA TYR V 86 -42.22 5.58 27.45
C TYR V 86 -40.95 6.40 27.50
N LEU V 87 -40.06 6.17 26.55
CA LEU V 87 -38.86 6.98 26.48
C LEU V 87 -39.23 8.41 26.10
N LYS V 88 -40.17 8.56 25.17
CA LYS V 88 -40.64 9.87 24.75
C LYS V 88 -41.33 10.62 25.90
N MET V 89 -41.98 9.88 26.79
CA MET V 89 -42.65 10.46 27.95
C MET V 89 -41.70 11.22 28.85
N LYS V 90 -40.40 10.93 28.74
CA LYS V 90 -39.42 11.60 29.56
C LYS V 90 -39.19 13.00 29.05
N ALA V 91 -39.75 13.28 27.88
CA ALA V 91 -39.73 14.61 27.30
C ALA V 91 -41.12 15.24 27.44
N GLY V 92 -42.16 14.44 27.17
CA GLY V 92 -43.54 14.90 27.17
C GLY V 92 -44.08 15.26 28.54
N SER V 93 -43.63 14.55 29.58
CA SER V 93 -44.18 14.69 30.92
C SER V 93 -45.63 14.27 30.93
N ALA V 94 -46.31 14.50 32.05
CA ALA V 94 -47.71 14.08 32.17
C ALA V 94 -47.86 12.67 31.65
N SER V 95 -46.98 11.77 32.09
CA SER V 95 -46.94 10.43 31.54
C SER V 95 -48.25 9.71 31.75
N SER V 96 -48.94 10.03 32.83
CA SER V 96 -50.20 9.38 33.12
C SER V 96 -51.15 9.47 31.92
N ASP V 97 -51.14 10.61 31.25
CA ASP V 97 -52.07 10.82 30.15
C ASP V 97 -51.48 10.26 28.87
N MET V 98 -50.18 10.40 28.69
CA MET V 98 -49.55 9.88 27.50
C MET V 98 -49.71 8.36 27.47
N ILE V 99 -49.53 7.74 28.63
CA ILE V 99 -49.62 6.30 28.77
C ILE V 99 -50.98 5.84 28.35
N ALA V 100 -52.01 6.49 28.90
CA ALA V 100 -53.36 6.11 28.58
C ALA V 100 -53.61 6.24 27.07
N GLU V 101 -53.12 7.33 26.47
CA GLU V 101 -53.38 7.54 25.05
C GLU V 101 -52.69 6.50 24.18
N TYR V 102 -51.46 6.16 24.51
CA TYR V 102 -50.75 5.15 23.73
C TYR V 102 -51.47 3.84 23.81
N ILE V 103 -51.90 3.48 25.01
CA ILE V 103 -52.64 2.26 25.21
C ILE V 103 -53.98 2.31 24.49
N ASN V 104 -54.68 3.45 24.56
CA ASN V 104 -55.99 3.57 23.95
C ASN V 104 -56.01 3.02 22.53
N ASN V 105 -55.09 3.47 21.69
CA ASN V 105 -55.08 2.99 20.31
C ASN V 105 -54.32 1.67 20.18
N ALA V 106 -53.25 1.52 20.94
CA ALA V 106 -52.46 0.31 20.86
C ALA V 106 -53.34 -0.89 21.11
N ILE V 107 -54.32 -0.74 22.01
CA ILE V 107 -55.27 -1.79 22.31
C ILE V 107 -56.47 -1.76 21.35
N SER V 108 -57.10 -0.60 21.19
CA SER V 108 -58.37 -0.49 20.45
C SER V 108 -58.27 -0.93 19.00
N ALA V 109 -57.18 -0.58 18.33
CA ALA V 109 -57.02 -0.96 16.95
C ALA V 109 -56.58 -2.40 16.88
N PHE V 110 -57.47 -3.28 17.30
CA PHE V 110 -57.11 -4.66 17.55
C PHE V 110 -56.41 -5.31 16.37
N SER V 111 -57.01 -5.19 15.21
CA SER V 111 -56.55 -5.93 14.05
C SER V 111 -55.18 -5.49 13.53
N SER V 112 -54.71 -4.33 13.97
CA SER V 112 -53.44 -3.82 13.46
C SER V 112 -52.43 -3.42 14.53
N ARG V 113 -52.89 -3.17 15.74
CA ARG V 113 -51.99 -2.78 16.82
C ARG V 113 -51.81 -3.88 17.85
N THR V 114 -52.71 -4.85 17.88
CA THR V 114 -52.61 -5.93 18.83
C THR V 114 -52.55 -7.24 18.08
N GLY V 115 -53.70 -7.70 17.61
CA GLY V 115 -53.81 -9.01 16.98
C GLY V 115 -53.82 -10.08 18.07
N ILE V 116 -53.78 -9.59 19.30
CA ILE V 116 -53.68 -10.35 20.52
C ILE V 116 -54.77 -9.90 21.47
N SER V 117 -55.20 -10.79 22.34
CA SER V 117 -56.24 -10.43 23.29
C SER V 117 -55.90 -9.14 24.00
N GLN V 118 -56.87 -8.25 24.10
CA GLN V 118 -56.70 -6.98 24.76
C GLN V 118 -56.26 -7.20 26.21
N GLU V 119 -56.67 -8.32 26.80
CA GLU V 119 -56.33 -8.61 28.18
C GLU V 119 -54.85 -8.83 28.33
N THR V 120 -54.27 -9.55 27.38
CA THR V 120 -52.86 -9.85 27.43
C THR V 120 -52.06 -8.68 26.92
N ALA V 121 -52.65 -7.92 25.99
CA ALA V 121 -52.00 -6.73 25.48
C ALA V 121 -51.82 -5.73 26.60
N GLN V 122 -52.85 -5.59 27.43
CA GLN V 122 -52.77 -4.68 28.56
C GLN V 122 -51.74 -5.17 29.55
N LYS V 123 -51.68 -6.48 29.79
CA LYS V 123 -50.68 -7.00 30.70
C LYS V 123 -49.30 -6.59 30.22
N ILE V 124 -49.06 -6.70 28.92
CA ILE V 124 -47.78 -6.27 28.38
C ILE V 124 -47.63 -4.77 28.58
N ALA V 125 -48.67 -4.00 28.33
CA ALA V 125 -48.58 -2.56 28.55
C ALA V 125 -48.16 -2.27 29.98
N ASP V 126 -48.65 -3.07 30.93
CA ASP V 126 -48.31 -2.88 32.34
C ASP V 126 -46.87 -3.29 32.63
N PHE V 127 -46.44 -4.40 32.05
CA PHE V 127 -45.07 -4.86 32.23
C PHE V 127 -44.09 -3.87 31.65
N ILE V 128 -44.42 -3.33 30.50
CA ILE V 128 -43.59 -2.34 29.86
C ILE V 128 -43.53 -1.07 30.69
N THR V 129 -44.68 -0.64 31.23
CA THR V 129 -44.74 0.54 32.07
C THR V 129 -43.73 0.47 33.20
N SER V 130 -43.59 -0.71 33.79
CA SER V 130 -42.68 -0.91 34.92
C SER V 130 -41.21 -0.68 34.55
N ASN V 131 -40.93 -0.59 33.25
CA ASN V 131 -39.57 -0.38 32.77
C ASN V 131 -39.18 1.09 32.82
N TYR V 132 -40.12 1.94 33.23
CA TYR V 132 -39.92 3.39 33.37
C TYR V 132 -39.83 4.08 32.01
N ARG W 6 -17.88 42.22 -12.71
CA ARG W 6 -18.13 40.87 -13.25
C ARG W 6 -17.39 39.81 -12.46
N LYS W 7 -16.07 39.80 -12.59
CA LYS W 7 -15.24 38.75 -12.02
C LYS W 7 -15.47 38.53 -10.53
N LEU W 8 -15.78 39.60 -9.79
CA LEU W 8 -15.91 39.48 -8.34
C LEU W 8 -17.23 38.87 -7.90
N ARG W 9 -18.14 38.61 -8.82
CA ARG W 9 -19.38 37.95 -8.46
C ARG W 9 -19.59 36.70 -9.31
N GLN W 10 -19.00 36.71 -10.50
CA GLN W 10 -19.17 35.63 -11.46
C GLN W 10 -18.17 34.50 -11.30
N ASP W 11 -16.90 34.83 -11.06
CA ASP W 11 -15.84 33.83 -11.10
C ASP W 11 -15.94 32.90 -9.91
N SER W 12 -16.71 33.31 -8.92
CA SER W 12 -16.92 32.55 -7.71
C SER W 12 -17.45 31.17 -8.04
N THR W 13 -18.09 31.04 -9.20
CA THR W 13 -18.63 29.78 -9.62
C THR W 13 -17.53 28.74 -9.75
N ASP W 14 -16.42 29.15 -10.35
CA ASP W 14 -15.33 28.23 -10.66
C ASP W 14 -14.43 28.01 -9.47
N ARG W 15 -14.31 29.03 -8.63
CA ARG W 15 -13.48 28.91 -7.45
C ARG W 15 -14.15 27.99 -6.45
N TYR W 16 -15.45 28.19 -6.27
CA TYR W 16 -16.24 27.32 -5.42
C TYR W 16 -16.18 25.91 -6.00
N LYS W 17 -16.41 25.80 -7.31
CA LYS W 17 -16.32 24.52 -8.01
C LYS W 17 -15.00 23.82 -7.71
N THR W 18 -13.92 24.57 -7.81
CA THR W 18 -12.59 24.03 -7.58
C THR W 18 -12.54 23.22 -6.30
N LYS W 19 -12.95 23.83 -5.18
CA LYS W 19 -12.89 23.10 -3.93
C LYS W 19 -13.87 21.99 -3.85
N LEU W 20 -15.09 22.21 -4.28
CA LEU W 20 -16.08 21.20 -4.06
C LEU W 20 -15.66 19.92 -4.74
N TYR W 21 -15.09 20.04 -5.92
CA TYR W 21 -14.54 18.89 -6.59
C TYR W 21 -13.40 18.28 -5.81
N LEU W 22 -12.42 19.10 -5.43
CA LEU W 22 -11.25 18.59 -4.73
C LEU W 22 -11.62 17.94 -3.41
N TRP W 23 -12.58 18.50 -2.71
CA TRP W 23 -13.00 17.97 -1.44
C TRP W 23 -13.36 16.51 -1.64
N ARG W 24 -14.17 16.25 -2.66
CA ARG W 24 -14.60 14.90 -2.96
C ARG W 24 -13.49 14.06 -3.61
N ASN W 25 -12.68 14.68 -4.45
CA ASN W 25 -11.61 13.98 -5.17
C ASN W 25 -10.66 13.32 -4.21
N LEU W 26 -10.42 13.97 -3.08
CA LEU W 26 -9.49 13.46 -2.09
C LEU W 26 -10.09 12.32 -1.28
N GLY W 27 -11.36 12.01 -1.55
CA GLY W 27 -12.05 10.91 -0.89
C GLY W 27 -11.98 9.63 -1.74
N GLY W 28 -11.38 9.73 -2.94
CA GLY W 28 -11.26 8.60 -3.84
C GLY W 28 -12.57 8.30 -4.58
N LEU W 29 -13.43 9.30 -4.65
CA LEU W 29 -14.74 9.18 -5.28
C LEU W 29 -14.66 9.18 -6.80
N ILE W 30 -15.76 8.78 -7.44
CA ILE W 30 -15.85 8.69 -8.89
C ILE W 30 -15.89 10.06 -9.57
N PRO W 31 -14.97 10.36 -10.50
CA PRO W 31 -14.86 11.61 -11.24
C PRO W 31 -16.18 12.10 -11.80
N GLU W 32 -16.99 11.18 -12.33
CA GLU W 32 -18.27 11.56 -12.92
C GLU W 32 -19.27 11.96 -11.86
N ASP W 33 -19.41 11.16 -10.81
CA ASP W 33 -20.36 11.48 -9.76
C ASP W 33 -19.98 12.80 -9.12
N MET W 34 -18.68 13.01 -8.97
CA MET W 34 -18.22 14.23 -8.37
C MET W 34 -18.58 15.40 -9.25
N ALA W 35 -18.26 15.30 -10.53
CA ALA W 35 -18.54 16.40 -11.43
C ALA W 35 -20.02 16.77 -11.36
N ILE W 36 -20.88 15.76 -11.26
CA ILE W 36 -22.32 15.99 -11.16
C ILE W 36 -22.69 16.65 -9.84
N SER W 37 -22.21 16.09 -8.73
CA SER W 37 -22.54 16.63 -7.41
C SER W 37 -22.05 18.05 -7.28
N VAL W 38 -20.86 18.31 -7.80
CA VAL W 38 -20.29 19.62 -7.74
C VAL W 38 -21.11 20.59 -8.58
N THR W 39 -21.44 20.19 -9.80
CA THR W 39 -22.22 21.06 -10.66
C THR W 39 -23.48 21.53 -9.94
N GLU W 40 -24.17 20.62 -9.27
CA GLU W 40 -25.38 20.99 -8.58
C GLU W 40 -25.07 21.93 -7.42
N SER W 41 -23.97 21.65 -6.71
CA SER W 41 -23.55 22.48 -5.59
C SER W 41 -23.19 23.90 -6.00
N ILE W 42 -22.42 24.03 -7.08
CA ILE W 42 -21.96 25.34 -7.50
C ILE W 42 -23.13 26.15 -8.01
N THR W 43 -24.10 25.46 -8.62
CA THR W 43 -25.29 26.11 -9.09
C THR W 43 -26.09 26.64 -7.93
N ALA W 44 -26.36 25.77 -6.95
CA ALA W 44 -27.16 26.16 -5.81
C ALA W 44 -26.48 27.30 -5.08
N ASP W 45 -25.18 27.17 -4.87
CA ASP W 45 -24.42 28.19 -4.19
C ASP W 45 -24.48 29.51 -4.91
N TRP W 46 -24.00 29.53 -6.14
CA TRP W 46 -23.92 30.77 -6.87
C TRP W 46 -25.28 31.39 -7.07
N LYS W 47 -26.23 30.60 -7.55
CA LYS W 47 -27.55 31.10 -7.84
C LYS W 47 -28.22 31.69 -6.62
N GLN W 48 -28.34 30.89 -5.58
CA GLN W 48 -29.09 31.32 -4.42
C GLN W 48 -28.41 32.48 -3.77
N TYR W 49 -27.09 32.40 -3.63
CA TYR W 49 -26.38 33.45 -2.96
C TYR W 49 -26.49 34.76 -3.68
N ASN W 50 -26.06 34.80 -4.93
CA ASN W 50 -26.02 36.06 -5.63
C ASN W 50 -27.39 36.63 -5.87
N ASP W 51 -28.39 35.78 -6.09
CA ASP W 51 -29.72 36.32 -6.33
C ASP W 51 -30.21 37.10 -5.13
N MET W 52 -30.26 36.44 -3.98
CA MET W 52 -30.73 37.08 -2.78
C MET W 52 -29.81 38.20 -2.32
N MET W 53 -28.53 37.90 -2.27
CA MET W 53 -27.54 38.86 -1.78
C MET W 53 -27.46 40.09 -2.66
N SER W 54 -27.41 39.91 -3.98
CA SER W 54 -27.22 41.05 -4.85
C SER W 54 -28.38 41.99 -4.75
N LYS W 55 -29.58 41.47 -4.72
CA LYS W 55 -30.72 42.36 -4.64
C LYS W 55 -30.65 43.23 -3.39
N VAL W 56 -30.34 42.62 -2.25
CA VAL W 56 -30.24 43.38 -1.02
C VAL W 56 -29.02 44.28 -1.02
N ARG W 57 -27.87 43.70 -1.33
CA ARG W 57 -26.62 44.42 -1.32
C ARG W 57 -26.64 45.60 -2.26
N ASN W 58 -27.24 45.44 -3.43
CA ASN W 58 -27.28 46.51 -4.40
C ASN W 58 -28.14 47.64 -3.91
N GLU W 59 -29.34 47.33 -3.41
CA GLU W 59 -30.20 48.36 -2.88
C GLU W 59 -29.55 49.00 -1.67
N THR W 60 -28.89 48.17 -0.87
CA THR W 60 -28.25 48.63 0.33
C THR W 60 -27.10 49.56 0.00
N LEU W 61 -26.29 49.17 -0.96
CA LEU W 61 -25.14 49.96 -1.35
C LEU W 61 -25.58 51.31 -1.91
N ASP W 62 -26.57 51.30 -2.80
CA ASP W 62 -27.03 52.54 -3.44
C ASP W 62 -27.68 53.49 -2.43
N ILE W 63 -28.49 52.96 -1.53
CA ILE W 63 -29.16 53.79 -0.54
C ILE W 63 -28.17 54.39 0.43
N LEU W 64 -27.26 53.57 0.93
CA LEU W 64 -26.29 54.05 1.88
C LEU W 64 -25.38 55.08 1.24
N LYS W 65 -25.01 54.86 -0.02
CA LYS W 65 -24.17 55.83 -0.72
C LYS W 65 -24.92 57.14 -0.90
N THR W 66 -26.19 57.04 -1.24
CA THR W 66 -27.04 58.21 -1.41
C THR W 66 -27.09 59.02 -0.11
N ASN W 67 -27.14 58.32 1.01
CA ASN W 67 -27.28 58.94 2.32
C ASN W 67 -25.93 59.33 2.93
N LYS W 68 -24.86 59.31 2.12
CA LYS W 68 -23.53 59.75 2.55
C LYS W 68 -22.92 58.85 3.64
N VAL W 69 -23.15 57.56 3.51
CA VAL W 69 -22.58 56.58 4.41
C VAL W 69 -21.14 56.28 4.00
N ALA W 70 -20.22 56.30 4.97
CA ALA W 70 -18.80 56.06 4.69
C ALA W 70 -18.58 54.59 4.41
N THR W 71 -17.53 54.25 3.67
CA THR W 71 -17.35 52.86 3.26
C THR W 71 -17.19 51.91 4.44
N GLU W 72 -16.64 52.42 5.53
CA GLU W 72 -16.47 51.64 6.75
C GLU W 72 -17.78 51.44 7.49
N ASP W 73 -18.81 52.13 7.07
CA ASP W 73 -20.10 52.03 7.73
C ASP W 73 -20.99 50.97 7.08
N TYR W 74 -20.75 50.70 5.80
CA TYR W 74 -21.62 49.81 5.04
C TYR W 74 -21.74 48.44 5.71
N ILE W 75 -20.64 47.92 6.24
CA ILE W 75 -20.70 46.63 6.94
C ILE W 75 -21.86 46.52 7.91
N GLY W 76 -22.09 47.54 8.70
CA GLY W 76 -23.13 47.42 9.69
C GLY W 76 -24.45 47.30 9.00
N TYR W 77 -24.64 48.18 8.04
CA TYR W 77 -25.90 48.26 7.37
C TYR W 77 -26.14 47.11 6.44
N ILE W 78 -25.07 46.55 5.89
CA ILE W 78 -25.16 45.38 5.03
C ILE W 78 -25.41 44.14 5.87
N ALA W 79 -24.65 43.97 6.95
CA ALA W 79 -24.86 42.83 7.82
C ALA W 79 -26.31 42.83 8.29
N PHE W 80 -26.81 44.02 8.66
CA PHE W 80 -28.22 44.16 8.96
C PHE W 80 -29.06 43.95 7.73
N ALA W 81 -28.63 44.50 6.60
CA ALA W 81 -29.43 44.42 5.40
C ALA W 81 -29.86 43.01 5.12
N GLU W 82 -28.92 42.09 5.19
CA GLU W 82 -29.24 40.72 4.90
C GLU W 82 -30.00 40.10 6.05
N GLU W 83 -29.52 40.26 7.28
CA GLU W 83 -30.22 39.69 8.42
C GLU W 83 -31.68 40.08 8.40
N LEU W 84 -31.93 41.37 8.21
CA LEU W 84 -33.26 41.92 8.19
C LEU W 84 -34.04 41.36 7.03
N ALA W 85 -33.42 41.35 5.86
CA ALA W 85 -34.06 40.87 4.66
C ALA W 85 -34.52 39.41 4.82
N HIS W 86 -33.72 38.64 5.54
CA HIS W 86 -34.06 37.25 5.80
C HIS W 86 -35.25 37.17 6.73
N GLN W 87 -35.25 38.00 7.77
CA GLN W 87 -36.39 38.04 8.68
C GLN W 87 -37.65 38.45 7.92
N VAL W 88 -37.49 39.31 6.90
CA VAL W 88 -38.64 39.70 6.09
C VAL W 88 -39.24 38.49 5.41
N TRP W 89 -38.40 37.65 4.79
CA TRP W 89 -38.90 36.42 4.19
C TRP W 89 -39.55 35.54 5.23
N LYS W 90 -38.86 35.37 6.35
CA LYS W 90 -39.33 34.51 7.41
C LYS W 90 -40.76 34.83 7.73
N ASN W 91 -41.05 36.12 7.84
CA ASN W 91 -42.38 36.57 8.16
C ASN W 91 -43.34 36.41 6.99
N LYS W 92 -42.89 36.78 5.77
CA LYS W 92 -43.77 36.61 4.61
C LYS W 92 -44.19 35.16 4.48
N ASN W 93 -43.30 34.25 4.85
CA ASN W 93 -43.56 32.83 4.80
C ASN W 93 -44.38 32.31 5.99
N SER W 94 -43.97 32.68 7.21
CA SER W 94 -44.54 32.05 8.42
C SER W 94 -45.60 32.85 9.18
N SER W 95 -45.68 34.16 9.00
CA SER W 95 -46.54 34.96 9.84
C SER W 95 -47.63 35.70 9.04
N PRO W 96 -48.71 36.14 9.71
CA PRO W 96 -49.73 37.05 9.21
C PRO W 96 -49.13 38.37 8.77
N ASP W 97 -49.72 39.00 7.75
CA ASP W 97 -49.22 40.27 7.27
C ASP W 97 -48.97 41.30 8.40
N PRO W 98 -49.90 41.48 9.38
CA PRO W 98 -49.75 42.35 10.54
C PRO W 98 -48.49 42.04 11.34
N ASN W 99 -48.06 40.78 11.33
CA ASN W 99 -46.88 40.40 12.07
C ASN W 99 -45.64 40.70 11.27
N THR W 100 -45.76 40.64 9.95
CA THR W 100 -44.63 40.99 9.10
C THR W 100 -44.33 42.46 9.30
N ALA W 101 -45.37 43.28 9.26
CA ALA W 101 -45.23 44.71 9.48
C ALA W 101 -44.71 45.00 10.89
N ASN W 102 -45.29 44.34 11.88
CA ASN W 102 -44.89 44.55 13.26
C ASN W 102 -43.44 44.16 13.46
N GLU W 103 -43.09 42.96 13.01
CA GLU W 103 -41.74 42.47 13.19
C GLU W 103 -40.74 43.40 12.54
N ALA W 104 -41.05 43.89 11.34
CA ALA W 104 -40.11 44.77 10.68
C ALA W 104 -39.79 45.98 11.57
N SER W 105 -40.83 46.57 12.16
CA SER W 105 -40.65 47.72 13.04
C SER W 105 -39.96 47.34 14.35
N LYS W 106 -40.34 46.20 14.91
CA LYS W 106 -39.77 45.76 16.17
C LYS W 106 -38.31 45.37 15.99
N THR W 107 -37.97 44.82 14.84
CA THR W 107 -36.60 44.48 14.54
C THR W 107 -35.77 45.72 14.36
N ASP W 108 -36.30 46.71 13.66
CA ASP W 108 -35.59 47.97 13.56
C ASP W 108 -35.23 48.44 14.97
N LEU W 109 -36.19 48.33 15.89
CA LEU W 109 -35.90 48.65 17.27
C LEU W 109 -34.80 47.74 17.82
N GLU W 110 -34.94 46.42 17.64
CA GLU W 110 -33.94 45.47 18.12
C GLU W 110 -32.55 45.84 17.68
N SER W 111 -32.42 46.24 16.43
CA SER W 111 -31.14 46.56 15.82
C SER W 111 -30.40 47.63 16.59
N LYS W 112 -31.11 48.35 17.46
CA LYS W 112 -30.54 49.39 18.31
C LYS W 112 -29.46 48.81 19.22
N TYR W 113 -29.45 47.49 19.39
CA TYR W 113 -28.41 46.84 20.18
C TYR W 113 -27.05 47.22 19.62
N SER W 114 -27.01 47.54 18.33
CA SER W 114 -25.79 47.94 17.68
C SER W 114 -25.77 49.43 17.44
N ASP W 115 -24.59 50.02 17.55
CA ASP W 115 -24.36 51.43 17.28
C ASP W 115 -24.71 51.82 15.85
N VAL W 116 -24.80 50.83 15.01
CA VAL W 116 -25.10 50.98 13.62
C VAL W 116 -26.50 51.50 13.36
N TYR W 117 -27.46 51.00 14.12
CA TYR W 117 -28.85 51.28 13.84
C TYR W 117 -29.21 52.76 13.84
N GLY W 118 -29.99 53.14 12.83
CA GLY W 118 -30.49 54.49 12.69
C GLY W 118 -31.41 54.57 11.48
N LEU W 119 -31.73 55.79 11.05
CA LEU W 119 -32.63 56.00 9.92
C LEU W 119 -32.27 55.10 8.74
N ASP W 120 -30.98 54.98 8.47
CA ASP W 120 -30.53 54.19 7.35
C ASP W 120 -31.15 52.80 7.37
N VAL W 121 -31.24 52.20 8.56
CA VAL W 121 -31.78 50.85 8.68
C VAL W 121 -33.27 50.84 8.39
N THR W 122 -33.99 51.79 8.97
CA THR W 122 -35.43 51.82 8.80
C THR W 122 -35.79 52.01 7.33
N VAL W 123 -35.02 52.83 6.64
CA VAL W 123 -35.23 53.05 5.21
C VAL W 123 -34.99 51.75 4.45
N LEU W 124 -33.87 51.13 4.73
CA LEU W 124 -33.48 49.92 4.03
C LEU W 124 -34.50 48.80 4.19
N ASP W 125 -34.99 48.59 5.41
CA ASP W 125 -35.91 47.50 5.61
C ASP W 125 -37.22 47.75 4.87
N ALA W 126 -37.70 48.98 4.89
CA ALA W 126 -38.92 49.29 4.17
C ALA W 126 -38.78 48.90 2.71
N ILE W 127 -37.60 49.15 2.15
CA ILE W 127 -37.33 48.79 0.77
C ILE W 127 -37.36 47.28 0.59
N TYR W 128 -36.68 46.54 1.46
CA TYR W 128 -36.62 45.09 1.34
C TYR W 128 -38.02 44.50 1.35
N ASN W 129 -38.86 44.98 2.27
CA ASN W 129 -40.21 44.45 2.41
C ASN W 129 -41.01 44.68 1.14
N ALA W 130 -40.89 45.89 0.60
CA ALA W 130 -41.64 46.27 -0.58
C ALA W 130 -41.05 45.74 -1.89
N VAL W 131 -39.74 45.49 -1.91
CA VAL W 131 -39.08 45.24 -3.20
C VAL W 131 -38.53 43.82 -3.43
N ILE W 132 -37.88 43.23 -2.43
CA ILE W 132 -37.03 42.08 -2.74
C ILE W 132 -37.63 40.72 -2.31
N PRO W 133 -37.74 39.76 -3.25
CA PRO W 133 -38.21 38.40 -3.05
C PRO W 133 -37.10 37.55 -2.43
N ILE W 134 -36.81 37.80 -1.16
CA ILE W 134 -35.70 37.20 -0.44
C ILE W 134 -35.79 35.68 -0.33
N ILE W 135 -34.66 35.02 -0.56
CA ILE W 135 -34.53 33.59 -0.42
C ILE W 135 -34.15 33.22 1.01
N MET W 136 -34.87 32.25 1.58
CA MET W 136 -34.59 31.75 2.92
C MET W 136 -35.39 30.49 3.20
N ARG X 7 -25.98 8.03 23.39
CA ARG X 7 -25.39 8.30 22.08
C ARG X 7 -24.59 9.61 22.06
N GLN X 8 -25.23 10.71 22.48
CA GLN X 8 -24.60 12.04 22.43
C GLN X 8 -23.53 12.22 23.49
N ASP X 9 -23.37 11.21 24.33
CA ASP X 9 -22.40 11.22 25.38
C ASP X 9 -20.98 11.00 24.87
N SER X 10 -20.85 10.37 23.69
CA SER X 10 -19.52 10.15 23.16
C SER X 10 -19.44 10.06 21.64
N LYS X 11 -20.53 9.69 21.00
CA LYS X 11 -20.47 9.40 19.58
C LYS X 11 -20.07 10.63 18.77
N ASP X 12 -20.29 11.82 19.33
CA ASP X 12 -20.07 13.04 18.59
C ASP X 12 -18.60 13.26 18.30
N ARG X 13 -17.79 13.27 19.35
CA ARG X 13 -16.37 13.51 19.17
C ARG X 13 -15.73 12.40 18.37
N TYR X 14 -16.20 11.17 18.54
CA TYR X 14 -15.61 10.06 17.83
C TYR X 14 -15.78 10.18 16.33
N GLN X 15 -16.99 10.46 15.90
CA GLN X 15 -17.25 10.54 14.48
C GLN X 15 -16.92 11.88 13.90
N TYR X 16 -17.14 12.93 14.66
CA TYR X 16 -16.83 14.23 14.15
C TYR X 16 -15.37 14.24 13.70
N LYS X 17 -14.48 13.66 14.51
CA LYS X 17 -13.09 13.55 14.10
C LYS X 17 -12.99 12.83 12.74
N GLN X 18 -13.73 11.74 12.59
CA GLN X 18 -13.74 11.01 11.32
C GLN X 18 -14.15 11.90 10.17
N TYR X 19 -15.15 12.74 10.40
CA TYR X 19 -15.58 13.66 9.37
C TYR X 19 -14.45 14.50 8.85
N ILE X 20 -13.76 15.16 9.76
CA ILE X 20 -12.71 16.05 9.35
C ILE X 20 -11.65 15.31 8.61
N TYR X 21 -11.26 14.14 9.10
CA TYR X 21 -10.25 13.36 8.42
C TYR X 21 -10.61 13.24 6.95
N ARG X 22 -11.87 12.90 6.68
CA ARG X 22 -12.36 12.80 5.30
C ARG X 22 -12.22 14.13 4.55
N SER X 23 -12.61 15.24 5.19
CA SER X 23 -12.49 16.57 4.56
C SER X 23 -11.06 16.96 4.26
N ILE X 24 -10.15 16.60 5.15
CA ILE X 24 -8.75 16.93 4.96
C ILE X 24 -8.25 16.28 3.69
N GLY X 25 -8.57 15.00 3.52
CA GLY X 25 -8.23 14.29 2.30
C GLY X 25 -7.11 13.29 2.50
N GLY X 26 -7.09 12.26 1.67
CA GLY X 26 -6.11 11.18 1.79
C GLY X 26 -4.73 11.59 1.27
N ILE X 27 -4.63 12.79 0.73
CA ILE X 27 -3.37 13.29 0.19
C ILE X 27 -2.53 13.94 1.28
N VAL X 28 -3.15 14.23 2.43
CA VAL X 28 -2.45 14.91 3.49
C VAL X 28 -1.85 13.90 4.49
N PRO X 29 -0.53 13.96 4.74
CA PRO X 29 0.20 13.10 5.64
C PRO X 29 -0.49 13.09 7.01
N PRO X 30 -0.49 11.92 7.70
CA PRO X 30 -1.20 11.66 8.94
C PRO X 30 -0.79 12.57 10.08
N GLU X 31 0.45 13.08 10.05
CA GLU X 31 0.91 13.99 11.08
C GLU X 31 0.17 15.31 11.02
N MET X 32 -0.47 15.54 9.89
CA MET X 32 -1.31 16.70 9.71
C MET X 32 -2.76 16.30 9.74
N ALA X 33 -3.08 15.19 9.09
CA ALA X 33 -4.47 14.81 8.98
C ALA X 33 -5.11 14.59 10.35
N GLU X 34 -4.47 13.79 11.19
CA GLU X 34 -5.04 13.48 12.49
C GLU X 34 -4.88 14.61 13.48
N THR X 35 -3.74 15.28 13.45
CA THR X 35 -3.45 16.32 14.42
C THR X 35 -4.37 17.50 14.24
N VAL X 36 -4.65 17.84 12.99
CA VAL X 36 -5.58 18.90 12.67
C VAL X 36 -6.99 18.48 13.07
N THR X 37 -7.34 17.25 12.72
CA THR X 37 -8.63 16.69 13.06
C THR X 37 -8.92 16.79 14.54
N ALA X 38 -7.98 16.30 15.35
CA ALA X 38 -8.18 16.29 16.78
C ALA X 38 -8.35 17.69 17.33
N ASN X 39 -7.58 18.64 16.79
CA ASN X 39 -7.67 20.01 17.27
C ASN X 39 -9.01 20.63 16.95
N GLN X 40 -9.44 20.48 15.70
CA GLN X 40 -10.69 21.04 15.27
C GLN X 40 -11.86 20.45 16.04
N THR X 41 -11.77 19.16 16.33
CA THR X 41 -12.80 18.50 17.11
C THR X 41 -12.88 19.09 18.49
N ALA X 42 -11.74 19.29 19.13
CA ALA X 42 -11.75 19.87 20.46
C ALA X 42 -12.47 21.20 20.45
N GLN X 43 -12.27 21.98 19.37
CA GLN X 43 -12.98 23.24 19.24
C GLN X 43 -14.48 22.99 19.08
N TRP X 44 -14.85 21.91 18.38
CA TRP X 44 -16.27 21.59 18.22
C TRP X 44 -16.87 21.31 19.56
N GLU X 45 -16.20 20.50 20.35
CA GLU X 45 -16.72 20.13 21.65
C GLU X 45 -16.96 21.37 22.50
N ALA X 46 -15.95 22.23 22.59
CA ALA X 46 -16.03 23.43 23.40
C ALA X 46 -17.04 24.43 22.86
N GLY X 47 -17.05 24.61 21.54
CA GLY X 47 -17.94 25.55 20.88
C GLY X 47 -19.39 25.13 20.95
N PHE X 48 -19.61 23.84 20.76
CA PHE X 48 -20.93 23.25 20.75
C PHE X 48 -21.60 23.26 22.11
N THR X 49 -20.87 22.79 23.13
CA THR X 49 -21.41 22.61 24.47
C THR X 49 -22.35 23.73 24.95
N PRO X 50 -21.96 25.03 24.95
CA PRO X 50 -22.76 26.13 25.45
C PRO X 50 -24.20 26.11 24.94
N TYR X 51 -24.37 25.75 23.67
CA TYR X 51 -25.70 25.73 23.09
C TYR X 51 -26.41 24.46 23.44
N HIS X 52 -25.64 23.40 23.57
CA HIS X 52 -26.16 22.11 23.95
C HIS X 52 -26.76 22.22 25.34
N LYS X 53 -26.04 22.89 26.24
CA LYS X 53 -26.50 23.08 27.61
C LYS X 53 -27.83 23.82 27.62
N LEU X 54 -27.95 24.86 26.80
CA LEU X 54 -29.20 25.59 26.72
C LEU X 54 -30.33 24.70 26.28
N ARG X 55 -30.11 23.94 25.22
CA ARG X 55 -31.16 23.08 24.70
C ARG X 55 -31.63 22.08 25.73
N LEU X 56 -30.69 21.50 26.46
CA LEU X 56 -31.03 20.54 27.50
C LEU X 56 -31.81 21.24 28.62
N ALA X 57 -31.38 22.43 28.99
CA ALA X 57 -32.07 23.20 30.02
C ALA X 57 -33.50 23.52 29.58
N ILE X 58 -33.65 23.90 28.32
CA ILE X 58 -34.95 24.25 27.77
C ILE X 58 -35.90 23.07 27.87
N LYS X 59 -35.41 21.88 27.50
CA LYS X 59 -36.23 20.69 27.60
C LYS X 59 -36.83 20.56 28.99
N GLU X 60 -35.98 20.71 30.01
CA GLU X 60 -36.45 20.60 31.40
C GLU X 60 -37.41 21.72 31.77
N ILE X 61 -37.19 22.92 31.25
CA ILE X 61 -38.07 24.03 31.58
C ILE X 61 -39.48 23.75 31.09
N CYS X 62 -39.60 23.25 29.87
CA CYS X 62 -40.91 22.98 29.34
C CYS X 62 -41.64 21.91 30.15
N LYS X 63 -40.92 20.86 30.55
CA LYS X 63 -41.54 19.86 31.40
C LYS X 63 -41.97 20.46 32.73
N THR X 64 -41.12 21.32 33.27
CA THR X 64 -41.39 21.99 34.54
C THR X 64 -42.64 22.84 34.45
N ASP X 65 -42.73 23.61 33.37
CA ASP X 65 -43.87 24.48 33.13
C ASP X 65 -45.12 23.68 32.76
N GLY X 66 -44.91 22.55 32.09
CA GLY X 66 -46.03 21.72 31.65
C GLY X 66 -46.56 22.26 30.34
N ILE X 67 -45.65 22.59 29.45
CA ILE X 67 -45.99 23.23 28.19
C ILE X 67 -45.56 22.35 26.99
N PRO X 68 -46.12 22.59 25.79
CA PRO X 68 -46.00 21.80 24.56
C PRO X 68 -44.59 21.43 24.13
N ASN X 69 -44.40 20.20 23.65
CA ASN X 69 -43.12 19.73 23.15
C ASN X 69 -42.82 20.31 21.79
N ILE X 70 -43.84 20.48 20.97
CA ILE X 70 -43.62 20.95 19.62
C ILE X 70 -42.95 22.30 19.60
N LYS X 71 -43.28 23.11 20.61
CA LYS X 71 -42.81 24.46 20.69
C LYS X 71 -41.35 24.54 21.00
N TRP X 72 -40.71 23.39 21.26
CA TRP X 72 -39.29 23.35 21.45
C TRP X 72 -38.58 23.86 20.23
N GLY X 73 -39.16 23.69 19.06
CA GLY X 73 -38.52 24.22 17.88
C GLY X 73 -38.24 25.70 18.07
N MET X 74 -39.16 26.41 18.73
CA MET X 74 -38.98 27.83 18.97
C MET X 74 -38.33 28.13 20.29
N TYR X 75 -38.59 27.36 21.33
CA TYR X 75 -37.93 27.63 22.59
C TYR X 75 -36.43 27.52 22.35
N ILE X 76 -36.05 26.51 21.56
CA ILE X 76 -34.67 26.30 21.18
C ILE X 76 -34.18 27.43 20.29
N ALA X 77 -34.90 27.70 19.19
CA ALA X 77 -34.50 28.77 18.30
C ALA X 77 -34.32 30.09 19.04
N PHE X 78 -35.26 30.39 19.89
CA PHE X 78 -35.28 31.59 20.69
C PHE X 78 -34.05 31.63 21.58
N GLY X 79 -33.83 30.55 22.33
CA GLY X 79 -32.70 30.46 23.23
C GLY X 79 -31.37 30.57 22.50
N GLU X 80 -31.22 29.80 21.43
CA GLU X 80 -29.99 29.78 20.65
C GLU X 80 -29.69 31.14 20.05
N LYS X 81 -30.72 31.81 19.54
CA LYS X 81 -30.53 33.13 18.97
C LYS X 81 -30.03 34.08 20.02
N LEU X 82 -30.66 34.04 21.19
CA LEU X 82 -30.24 34.92 22.25
C LEU X 82 -28.83 34.62 22.71
N LEU X 83 -28.45 33.36 22.81
CA LEU X 83 -27.09 33.09 23.25
C LEU X 83 -26.09 33.71 22.28
N LYS X 84 -26.36 33.58 20.98
CA LYS X 84 -25.49 34.21 20.00
C LYS X 84 -25.38 35.70 20.34
N SER X 85 -26.52 36.31 20.65
CA SER X 85 -26.56 37.70 21.04
C SER X 85 -25.74 37.98 22.29
N TYR X 86 -25.82 37.09 23.27
CA TYR X 86 -25.07 37.27 24.52
C TYR X 86 -23.59 37.17 24.28
N LEU X 87 -23.19 36.33 23.35
CA LEU X 87 -21.78 36.24 23.00
C LEU X 87 -21.33 37.54 22.35
N LYS X 88 -22.19 38.09 21.47
CA LYS X 88 -21.90 39.36 20.81
C LYS X 88 -21.80 40.51 21.80
N MET X 89 -22.57 40.44 22.89
CA MET X 89 -22.54 41.46 23.93
C MET X 89 -21.18 41.61 24.58
N LYS X 90 -20.33 40.59 24.42
CA LYS X 90 -19.00 40.65 25.01
C LYS X 90 -18.12 41.55 24.17
N ALA X 91 -18.63 41.95 23.01
CA ALA X 91 -17.97 42.91 22.15
C ALA X 91 -18.71 44.25 22.25
N GLY X 92 -20.03 44.20 22.24
CA GLY X 92 -20.88 45.39 22.25
C GLY X 92 -20.84 46.19 23.54
N SER X 93 -20.70 45.50 24.67
CA SER X 93 -20.78 46.13 25.98
C SER X 93 -22.18 46.66 26.20
N ALA X 94 -22.37 47.40 27.29
CA ALA X 94 -23.71 47.92 27.60
C ALA X 94 -24.75 46.82 27.42
N SER X 95 -24.46 45.65 27.98
CA SER X 95 -25.29 44.48 27.76
C SER X 95 -26.70 44.73 28.22
N SER X 96 -26.87 45.54 29.25
CA SER X 96 -28.20 45.82 29.77
C SER X 96 -29.13 46.29 28.66
N ASP X 97 -28.61 47.10 27.75
CA ASP X 97 -29.43 47.65 26.70
C ASP X 97 -29.54 46.70 25.54
N MET X 98 -28.45 46.00 25.24
CA MET X 98 -28.47 45.05 24.15
C MET X 98 -29.46 43.94 24.47
N ILE X 99 -29.46 43.51 25.73
CA ILE X 99 -30.33 42.44 26.18
C ILE X 99 -31.76 42.83 26.00
N ALA X 100 -32.10 44.03 26.46
CA ALA X 100 -33.45 44.50 26.32
C ALA X 100 -33.88 44.55 24.87
N GLU X 101 -32.99 45.03 23.99
CA GLU X 101 -33.34 45.16 22.59
C GLU X 101 -33.56 43.81 21.92
N TYR X 102 -32.70 42.84 22.23
CA TYR X 102 -32.85 41.52 21.64
C TYR X 102 -34.17 40.92 22.07
N ILE X 103 -34.48 41.07 23.34
CA ILE X 103 -35.73 40.56 23.88
C ILE X 103 -36.91 41.31 23.27
N ASN X 104 -36.80 42.63 23.13
CA ASN X 104 -37.91 43.43 22.61
C ASN X 104 -38.50 42.81 21.36
N ASN X 105 -37.67 42.50 20.36
CA ASN X 105 -38.21 41.92 19.13
C ASN X 105 -38.38 40.41 19.25
N ALA X 106 -37.46 39.76 19.94
CA ALA X 106 -37.54 38.32 20.07
C ALA X 106 -38.88 37.93 20.66
N ILE X 107 -39.39 38.75 21.57
CA ILE X 107 -40.70 38.54 22.17
C ILE X 107 -41.83 39.14 21.32
N SER X 108 -41.70 40.42 20.94
CA SER X 108 -42.79 41.16 20.30
C SER X 108 -43.24 40.55 18.98
N ALA X 109 -42.30 40.09 18.18
CA ALA X 109 -42.67 39.50 16.90
C ALA X 109 -43.15 38.09 17.14
N PHE X 110 -44.27 37.98 17.80
CA PHE X 110 -44.73 36.72 18.33
C PHE X 110 -44.76 35.62 17.28
N SER X 111 -45.41 35.91 16.16
CA SER X 111 -45.68 34.89 15.16
C SER X 111 -44.44 34.36 14.47
N SER X 112 -43.31 35.05 14.60
CA SER X 112 -42.11 34.63 13.88
C SER X 112 -40.86 34.49 14.77
N ARG X 113 -40.86 35.13 15.92
CA ARG X 113 -39.71 35.04 16.81
C ARG X 113 -39.98 34.20 18.04
N THR X 114 -41.26 33.98 18.35
CA THR X 114 -41.61 33.20 19.51
C THR X 114 -42.45 32.02 19.08
N GLY X 115 -43.72 32.28 18.82
CA GLY X 115 -44.68 31.22 18.51
C GLY X 115 -45.08 30.54 19.80
N ILE X 116 -44.53 31.07 20.89
CA ILE X 116 -44.65 30.58 22.24
C ILE X 116 -45.09 31.71 23.14
N SER X 117 -45.77 31.38 24.22
CA SER X 117 -46.20 32.42 25.14
C SER X 117 -45.06 33.33 25.51
N GLN X 118 -45.32 34.63 25.48
CA GLN X 118 -44.32 35.61 25.82
C GLN X 118 -43.81 35.39 27.25
N GLU X 119 -44.67 34.83 28.10
CA GLU X 119 -44.29 34.59 29.49
C GLU X 119 -43.21 33.54 29.57
N THR X 120 -43.34 32.50 28.76
CA THR X 120 -42.38 31.42 28.77
C THR X 120 -41.16 31.81 27.96
N ALA X 121 -41.38 32.63 26.93
CA ALA X 121 -40.28 33.11 26.11
C ALA X 121 -39.35 33.95 26.96
N GLN X 122 -39.94 34.79 27.81
CA GLN X 122 -39.14 35.61 28.70
C GLN X 122 -38.40 34.74 29.69
N LYS X 123 -39.06 33.71 30.22
CA LYS X 123 -38.37 32.83 31.14
C LYS X 123 -37.13 32.27 30.49
N ILE X 124 -37.26 31.85 29.23
CA ILE X 124 -36.09 31.36 28.51
C ILE X 124 -35.07 32.47 28.35
N ALA X 125 -35.52 33.67 28.02
CA ALA X 125 -34.59 34.78 27.89
C ALA X 125 -33.80 34.97 29.19
N ASP X 126 -34.47 34.75 30.33
CA ASP X 126 -33.82 34.90 31.62
C ASP X 126 -32.84 33.75 31.89
N PHE X 127 -33.24 32.53 31.55
CA PHE X 127 -32.37 31.37 31.73
C PHE X 127 -31.13 31.50 30.87
N ILE X 128 -31.31 31.96 29.65
CA ILE X 128 -30.21 32.16 28.73
C ILE X 128 -29.28 33.25 29.26
N THR X 129 -29.86 34.34 29.77
CA THR X 129 -29.07 35.43 30.33
C THR X 129 -28.07 34.92 31.37
N SER X 130 -28.52 33.98 32.20
CA SER X 130 -27.70 33.44 33.28
C SER X 130 -26.46 32.71 32.74
N ASN X 131 -26.43 32.42 31.45
CA ASN X 131 -25.32 31.71 30.83
C ASN X 131 -24.17 32.64 30.51
N TYR X 132 -24.35 33.95 30.79
CA TYR X 132 -23.34 34.98 30.58
C TYR X 132 -23.13 35.29 29.11
N ARG Y 6 7.44 46.21 -24.59
CA ARG Y 6 6.37 45.23 -24.77
C ARG Y 6 6.52 44.05 -23.82
N LYS Y 7 7.55 43.24 -24.05
CA LYS Y 7 7.71 41.99 -23.32
C LYS Y 7 7.68 42.16 -21.80
N LEU Y 8 8.20 43.28 -21.31
CA LEU Y 8 8.31 43.47 -19.86
C LEU Y 8 6.99 43.83 -19.20
N ARG Y 9 5.93 44.05 -19.98
CA ARG Y 9 4.63 44.31 -19.37
C ARG Y 9 3.59 43.34 -19.90
N GLN Y 10 3.84 42.82 -21.10
CA GLN Y 10 2.90 41.95 -21.78
C GLN Y 10 3.08 40.47 -21.45
N ASP Y 11 4.34 40.02 -21.39
CA ASP Y 11 4.60 38.59 -21.27
C ASP Y 11 4.23 38.07 -19.90
N SER Y 12 4.03 38.99 -18.98
CA SER Y 12 3.67 38.68 -17.62
C SER Y 12 2.40 37.86 -17.58
N THR Y 13 1.59 37.98 -18.63
CA THR Y 13 0.35 37.24 -18.72
C THR Y 13 0.62 35.75 -18.69
N ASP Y 14 1.63 35.33 -19.45
CA ASP Y 14 1.92 33.91 -19.63
C ASP Y 14 2.73 33.36 -18.48
N ARG Y 15 3.57 34.21 -17.91
CA ARG Y 15 4.40 33.78 -16.81
C ARG Y 15 3.53 33.60 -15.57
N TYR Y 16 2.64 34.56 -15.34
CA TYR Y 16 1.69 34.46 -14.26
C TYR Y 16 0.81 33.22 -14.51
N LYS Y 17 0.30 33.09 -15.75
CA LYS Y 17 -0.48 31.93 -16.14
C LYS Y 17 0.22 30.64 -15.80
N THR Y 18 1.51 30.56 -16.14
CA THR Y 18 2.30 29.37 -15.90
C THR Y 18 2.13 28.88 -14.47
N LYS Y 19 2.36 29.76 -13.50
CA LYS Y 19 2.24 29.32 -12.12
C LYS Y 19 0.84 29.04 -11.72
N LEU Y 20 -0.09 29.89 -12.10
CA LEU Y 20 -1.42 29.72 -11.58
C LEU Y 20 -1.94 28.35 -11.98
N TYR Y 21 -1.64 27.95 -13.21
CA TYR Y 21 -2.00 26.61 -13.63
C TYR Y 21 -1.28 25.55 -12.82
N LEU Y 22 0.05 25.67 -12.71
CA LEU Y 22 0.83 24.66 -12.01
C LEU Y 22 0.43 24.55 -10.54
N TRP Y 23 0.11 25.68 -9.93
CA TRP Y 23 -0.29 25.67 -8.53
C TRP Y 23 -1.44 24.70 -8.37
N ARG Y 24 -2.43 24.84 -9.25
CA ARG Y 24 -3.60 24.00 -9.21
C ARG Y 24 -3.33 22.58 -9.73
N ASN Y 25 -2.48 22.47 -10.75
CA ASN Y 25 -2.17 21.19 -11.37
C ASN Y 25 -1.60 20.22 -10.36
N LEU Y 26 -0.83 20.74 -9.42
CA LEU Y 26 -0.17 19.93 -8.42
C LEU Y 26 -1.15 19.50 -7.33
N GLY Y 27 -2.39 19.96 -7.42
CA GLY Y 27 -3.45 19.59 -6.50
C GLY Y 27 -4.27 18.43 -7.04
N GLY Y 28 -3.97 17.99 -8.27
CA GLY Y 28 -4.71 16.89 -8.89
C GLY Y 28 -6.06 17.34 -9.44
N LEU Y 29 -6.20 18.64 -9.67
CA LEU Y 29 -7.43 19.24 -10.15
C LEU Y 29 -7.66 18.99 -11.64
N ILE Y 30 -8.89 19.24 -12.09
CA ILE Y 30 -9.29 19.01 -13.48
C ILE Y 30 -8.68 20.04 -14.44
N PRO Y 31 -7.95 19.60 -15.47
CA PRO Y 31 -7.29 20.42 -16.49
C PRO Y 31 -8.19 21.52 -17.05
N GLU Y 32 -9.45 21.21 -17.30
CA GLU Y 32 -10.37 22.17 -17.85
C GLU Y 32 -10.74 23.25 -16.84
N ASP Y 33 -11.12 22.83 -15.63
CA ASP Y 33 -11.46 23.80 -14.60
C ASP Y 33 -10.29 24.69 -14.30
N MET Y 34 -9.10 24.11 -14.31
CA MET Y 34 -7.93 24.89 -14.04
C MET Y 34 -7.71 25.90 -15.13
N ALA Y 35 -7.77 25.45 -16.37
CA ALA Y 35 -7.54 26.37 -17.47
C ALA Y 35 -8.50 27.55 -17.37
N ILE Y 36 -9.74 27.29 -16.99
CA ILE Y 36 -10.74 28.34 -16.83
C ILE Y 36 -10.40 29.26 -15.67
N SER Y 37 -10.13 28.69 -14.49
CA SER Y 37 -9.83 29.49 -13.32
C SER Y 37 -8.60 30.34 -13.55
N VAL Y 38 -7.61 29.77 -14.20
CA VAL Y 38 -6.38 30.46 -14.49
C VAL Y 38 -6.66 31.60 -15.45
N THR Y 39 -7.37 31.33 -16.52
CA THR Y 39 -7.68 32.35 -17.49
C THR Y 39 -8.27 33.58 -16.81
N GLU Y 40 -9.22 33.35 -15.90
CA GLU Y 40 -9.84 34.48 -15.22
C GLU Y 40 -8.82 35.19 -14.34
N SER Y 41 -7.97 34.42 -13.66
CA SER Y 41 -6.95 34.97 -12.78
C SER Y 41 -5.93 35.81 -13.54
N ILE Y 42 -5.44 35.31 -14.67
CA ILE Y 42 -4.41 36.03 -15.40
C ILE Y 42 -4.99 37.28 -16.00
N THR Y 43 -6.27 37.23 -16.35
CA THR Y 43 -6.95 38.40 -16.88
C THR Y 43 -7.07 39.45 -15.81
N ALA Y 44 -7.58 39.06 -14.64
CA ALA Y 44 -7.78 40.01 -13.56
C ALA Y 44 -6.44 40.60 -13.16
N ASP Y 45 -5.44 39.75 -13.03
CA ASP Y 45 -4.12 40.19 -12.65
C ASP Y 45 -3.55 41.18 -13.64
N TRP Y 46 -3.41 40.74 -14.88
CA TRP Y 46 -2.77 41.56 -15.88
C TRP Y 46 -3.54 42.84 -16.10
N LYS Y 47 -4.85 42.71 -16.32
CA LYS Y 47 -5.67 43.87 -16.62
C LYS Y 47 -5.64 44.89 -15.52
N GLN Y 48 -5.99 44.48 -14.30
CA GLN Y 48 -6.11 45.42 -13.23
C GLN Y 48 -4.78 46.02 -12.90
N TYR Y 49 -3.75 45.19 -12.85
CA TYR Y 49 -2.46 45.68 -12.49
C TYR Y 49 -1.93 46.69 -13.48
N ASN Y 50 -1.81 46.29 -14.74
CA ASN Y 50 -1.19 47.17 -15.70
C ASN Y 50 -2.02 48.41 -15.96
N ASP Y 51 -3.33 48.31 -15.91
CA ASP Y 51 -4.13 49.48 -16.17
C ASP Y 51 -3.86 50.57 -15.14
N MET Y 52 -4.04 50.23 -13.87
CA MET Y 52 -3.82 51.19 -12.81
C MET Y 52 -2.37 51.59 -12.69
N MET Y 53 -1.48 50.58 -12.65
CA MET Y 53 -0.07 50.82 -12.48
C MET Y 53 0.53 51.62 -13.61
N SER Y 54 0.20 51.27 -14.86
CA SER Y 54 0.85 51.94 -15.98
C SER Y 54 0.47 53.39 -16.00
N LYS Y 55 -0.79 53.70 -15.75
CA LYS Y 55 -1.18 55.10 -15.80
C LYS Y 55 -0.38 55.92 -14.79
N VAL Y 56 -0.25 55.40 -13.57
CA VAL Y 56 0.50 56.11 -12.55
C VAL Y 56 1.98 56.08 -12.84
N ARG Y 57 2.51 54.91 -13.10
CA ARG Y 57 3.93 54.72 -13.35
C ARG Y 57 4.40 55.55 -14.53
N ASN Y 58 3.60 55.61 -15.58
CA ASN Y 58 3.98 56.35 -16.76
C ASN Y 58 4.05 57.83 -16.47
N GLU Y 59 3.00 58.36 -15.83
CA GLU Y 59 3.00 59.78 -15.48
C GLU Y 59 4.13 60.04 -14.50
N THR Y 60 4.33 59.11 -13.59
CA THR Y 60 5.34 59.25 -12.58
C THR Y 60 6.72 59.26 -13.18
N LEU Y 61 6.96 58.34 -14.09
CA LEU Y 61 8.25 58.22 -14.73
C LEU Y 61 8.56 59.47 -15.55
N ASP Y 62 7.59 59.94 -16.34
CA ASP Y 62 7.80 61.10 -17.20
C ASP Y 62 8.03 62.38 -16.40
N ILE Y 63 7.26 62.57 -15.33
CA ILE Y 63 7.38 63.76 -14.51
C ILE Y 63 8.71 63.77 -13.77
N LEU Y 64 9.06 62.66 -13.17
CA LEU Y 64 10.29 62.57 -12.44
C LEU Y 64 11.48 62.76 -13.36
N LYS Y 65 11.42 62.19 -14.56
CA LYS Y 65 12.49 62.37 -15.51
C LYS Y 65 12.61 63.83 -15.92
N THR Y 66 11.47 64.46 -16.15
CA THR Y 66 11.43 65.87 -16.50
C THR Y 66 12.10 66.72 -15.43
N ASN Y 67 11.87 66.35 -14.18
CA ASN Y 67 12.38 67.10 -13.04
C ASN Y 67 13.80 66.69 -12.62
N LYS Y 68 14.48 65.92 -13.48
CA LYS Y 68 15.88 65.52 -13.28
C LYS Y 68 16.06 64.61 -12.06
N VAL Y 69 15.12 63.70 -11.87
CA VAL Y 69 15.18 62.71 -10.82
C VAL Y 69 16.09 61.55 -11.26
N ALA Y 70 17.02 61.16 -10.39
CA ALA Y 70 17.97 60.08 -10.72
C ALA Y 70 17.25 58.76 -10.67
N THR Y 71 17.75 57.76 -11.40
CA THR Y 71 17.02 56.49 -11.50
C THR Y 71 16.84 55.81 -10.15
N GLU Y 72 17.78 56.03 -9.25
CA GLU Y 72 17.70 55.48 -7.90
C GLU Y 72 16.69 56.20 -7.02
N ASP Y 73 16.17 57.31 -7.52
CA ASP Y 73 15.22 58.10 -6.76
C ASP Y 73 13.78 57.70 -7.09
N TYR Y 74 13.57 57.17 -8.29
CA TYR Y 74 12.22 56.87 -8.75
C TYR Y 74 11.48 55.95 -7.79
N ILE Y 75 12.16 54.95 -7.24
CA ILE Y 75 11.51 54.07 -6.27
C ILE Y 75 10.71 54.80 -5.22
N GLY Y 76 11.26 55.86 -4.67
CA GLY Y 76 10.56 56.52 -3.59
C GLY Y 76 9.31 57.12 -4.13
N TYR Y 77 9.46 57.79 -5.26
CA TYR Y 77 8.37 58.54 -5.83
C TYR Y 77 7.34 57.63 -6.46
N ILE Y 78 7.78 56.47 -6.94
CA ILE Y 78 6.88 55.48 -7.50
C ILE Y 78 6.14 54.76 -6.39
N ALA Y 79 6.84 54.32 -5.36
CA ALA Y 79 6.19 53.67 -4.24
C ALA Y 79 5.12 54.61 -3.67
N PHE Y 80 5.48 55.89 -3.55
CA PHE Y 80 4.49 56.89 -3.17
C PHE Y 80 3.47 57.05 -4.28
N ALA Y 81 3.90 57.07 -5.52
CA ALA Y 81 2.98 57.33 -6.60
C ALA Y 81 1.78 56.43 -6.53
N GLU Y 82 2.03 55.15 -6.33
CA GLU Y 82 0.93 54.22 -6.28
C GLU Y 82 0.20 54.34 -4.95
N GLU Y 83 0.92 54.34 -3.84
CA GLU Y 83 0.24 54.47 -2.55
C GLU Y 83 -0.70 55.66 -2.54
N LEU Y 84 -0.20 56.79 -3.00
CA LEU Y 84 -0.97 58.02 -3.05
C LEU Y 84 -2.13 57.89 -4.00
N ALA Y 85 -1.87 57.34 -5.17
CA ALA Y 85 -2.89 57.18 -6.19
C ALA Y 85 -4.04 56.33 -5.66
N HIS Y 86 -3.71 55.34 -4.85
CA HIS Y 86 -4.71 54.48 -4.26
C HIS Y 86 -5.53 55.25 -3.25
N GLN Y 87 -4.87 56.04 -2.42
CA GLN Y 87 -5.58 56.88 -1.46
C GLN Y 87 -6.49 57.85 -2.20
N VAL Y 88 -6.08 58.31 -3.39
CA VAL Y 88 -6.93 59.19 -4.18
C VAL Y 88 -8.24 58.49 -4.52
N TRP Y 89 -8.16 57.25 -4.99
CA TRP Y 89 -9.37 56.49 -5.27
C TRP Y 89 -10.18 56.32 -4.01
N LYS Y 90 -9.51 55.93 -2.94
CA LYS Y 90 -10.18 55.67 -1.68
C LYS Y 90 -11.07 56.83 -1.33
N ASN Y 91 -10.55 58.04 -1.50
CA ASN Y 91 -11.30 59.23 -1.18
C ASN Y 91 -12.38 59.51 -2.22
N LYS Y 92 -12.06 59.38 -3.51
CA LYS Y 92 -13.07 59.61 -4.53
C LYS Y 92 -14.26 58.69 -4.31
N ASN Y 93 -13.99 57.49 -3.81
CA ASN Y 93 -15.02 56.51 -3.53
C ASN Y 93 -15.74 56.76 -2.19
N SER Y 94 -14.97 56.97 -1.11
CA SER Y 94 -15.54 56.98 0.25
C SER Y 94 -15.80 58.35 0.89
N SER Y 95 -15.14 59.40 0.41
CA SER Y 95 -15.21 60.67 1.14
C SER Y 95 -15.81 61.79 0.26
N PRO Y 96 -16.30 62.88 0.90
CA PRO Y 96 -16.69 64.14 0.28
C PRO Y 96 -15.54 64.76 -0.49
N ASP Y 97 -15.85 65.47 -1.57
CA ASP Y 97 -14.82 66.11 -2.36
C ASP Y 97 -13.82 66.94 -1.52
N PRO Y 98 -14.27 67.76 -0.54
CA PRO Y 98 -13.43 68.52 0.37
C PRO Y 98 -12.44 67.63 1.13
N ASN Y 99 -12.82 66.38 1.38
CA ASN Y 99 -11.95 65.48 2.10
C ASN Y 99 -10.95 64.87 1.15
N THR Y 100 -11.32 64.71 -0.11
CA THR Y 100 -10.40 64.20 -1.10
C THR Y 100 -9.28 65.20 -1.26
N ALA Y 101 -9.65 66.47 -1.39
CA ALA Y 101 -8.68 67.54 -1.52
C ALA Y 101 -7.83 67.66 -0.26
N ASN Y 102 -8.48 67.62 0.91
CA ASN Y 102 -7.77 67.73 2.16
C ASN Y 102 -6.79 66.59 2.34
N GLU Y 103 -7.28 65.36 2.14
CA GLU Y 103 -6.45 64.20 2.33
C GLU Y 103 -5.26 64.25 1.41
N ALA Y 104 -5.45 64.66 0.16
CA ALA Y 104 -4.32 64.71 -0.76
C ALA Y 104 -3.22 65.58 -0.18
N SER Y 105 -3.59 66.75 0.33
CA SER Y 105 -2.62 67.68 0.92
C SER Y 105 -2.03 67.15 2.22
N LYS Y 106 -2.87 66.55 3.05
CA LYS Y 106 -2.42 66.03 4.34
C LYS Y 106 -1.52 64.83 4.13
N THR Y 107 -1.78 64.04 3.11
CA THR Y 107 -0.94 62.90 2.79
C THR Y 107 0.40 63.37 2.28
N ASP Y 108 0.40 64.38 1.42
CA ASP Y 108 1.68 64.93 0.99
C ASP Y 108 2.50 65.27 2.22
N LEU Y 109 1.85 65.88 3.21
CA LEU Y 109 2.53 66.16 4.47
C LEU Y 109 3.00 64.85 5.12
N GLU Y 110 2.10 63.88 5.25
CA GLU Y 110 2.45 62.59 5.85
C GLU Y 110 3.69 61.99 5.24
N SER Y 111 3.77 62.05 3.92
CA SER Y 111 4.85 61.47 3.15
C SER Y 111 6.20 61.98 3.61
N LYS Y 112 6.22 63.09 4.35
CA LYS Y 112 7.43 63.68 4.90
C LYS Y 112 8.14 62.71 5.82
N TYR Y 113 7.43 61.67 6.29
CA TYR Y 113 8.04 60.65 7.12
C TYR Y 113 9.24 60.06 6.39
N SER Y 114 9.20 60.11 5.07
CA SER Y 114 10.27 59.61 4.25
C SER Y 114 11.09 60.75 3.69
N ASP Y 115 12.38 60.52 3.58
CA ASP Y 115 13.33 61.47 2.97
C ASP Y 115 13.00 61.79 1.53
N VAL Y 116 12.19 60.94 0.94
CA VAL Y 116 11.77 61.05 -0.44
C VAL Y 116 10.90 62.26 -0.69
N TYR Y 117 9.99 62.55 0.24
CA TYR Y 117 8.99 63.55 0.01
C TYR Y 117 9.55 64.94 -0.31
N GLY Y 118 8.95 65.56 -1.31
CA GLY Y 118 9.29 66.91 -1.71
C GLY Y 118 8.37 67.35 -2.84
N LEU Y 119 8.72 68.46 -3.51
CA LEU Y 119 7.90 69.02 -4.58
C LEU Y 119 7.45 67.93 -5.55
N ASP Y 120 8.35 67.02 -5.89
CA ASP Y 120 8.05 65.96 -6.83
C ASP Y 120 6.76 65.24 -6.45
N VAL Y 121 6.58 64.99 -5.15
CA VAL Y 121 5.41 64.26 -4.69
C VAL Y 121 4.16 65.09 -4.86
N THR Y 122 4.23 66.35 -4.45
CA THR Y 122 3.06 67.23 -4.51
C THR Y 122 2.60 67.39 -5.96
N VAL Y 123 3.55 67.48 -6.88
CA VAL Y 123 3.22 67.58 -8.29
C VAL Y 123 2.54 66.32 -8.76
N LEU Y 124 3.13 65.18 -8.43
CA LEU Y 124 2.61 63.91 -8.87
C LEU Y 124 1.20 63.65 -8.39
N ASP Y 125 0.92 63.95 -7.12
CA ASP Y 125 -0.40 63.65 -6.60
C ASP Y 125 -1.44 64.53 -7.28
N ALA Y 126 -1.12 65.80 -7.51
CA ALA Y 126 -2.06 66.68 -8.18
C ALA Y 126 -2.46 66.08 -9.52
N ILE Y 127 -1.48 65.49 -10.21
CA ILE Y 127 -1.74 64.86 -11.49
C ILE Y 127 -2.66 63.66 -11.33
N TYR Y 128 -2.36 62.79 -10.37
CA TYR Y 128 -3.16 61.60 -10.16
C TYR Y 128 -4.62 61.97 -9.91
N ASN Y 129 -4.83 62.97 -9.06
CA ASN Y 129 -6.19 63.37 -8.71
C ASN Y 129 -6.94 63.86 -9.93
N ALA Y 130 -6.27 64.67 -10.73
CA ALA Y 130 -6.88 65.26 -11.91
C ALA Y 130 -6.97 64.31 -13.11
N VAL Y 131 -6.06 63.33 -13.19
CA VAL Y 131 -5.92 62.56 -14.42
C VAL Y 131 -6.33 61.08 -14.36
N ILE Y 132 -5.97 60.36 -13.31
CA ILE Y 132 -6.00 58.91 -13.41
C ILE Y 132 -7.17 58.24 -12.64
N PRO Y 133 -7.99 57.42 -13.34
CA PRO Y 133 -9.10 56.65 -12.80
C PRO Y 133 -8.57 55.40 -12.09
N ILE Y 134 -7.96 55.61 -10.95
CA ILE Y 134 -7.27 54.55 -10.19
C ILE Y 134 -8.19 53.44 -9.72
N ILE Y 135 -7.70 52.21 -9.89
CA ILE Y 135 -8.39 51.00 -9.45
C ILE Y 135 -8.03 50.69 -7.99
N MET Y 136 -9.03 50.44 -7.17
CA MET Y 136 -8.83 50.05 -5.78
C MET Y 136 -10.13 49.57 -5.16
N ARG Z 7 -11.50 28.96 18.80
CA ARG Z 7 -11.13 28.64 17.42
C ARG Z 7 -9.75 29.20 17.04
N GLN Z 8 -9.55 30.51 17.25
CA GLN Z 8 -8.31 31.18 16.86
C GLN Z 8 -7.14 30.83 17.77
N ASP Z 9 -7.43 30.04 18.79
CA ASP Z 9 -6.43 29.62 19.75
C ASP Z 9 -5.53 28.53 19.18
N SER Z 10 -6.00 27.78 18.18
CA SER Z 10 -5.17 26.74 17.61
C SER Z 10 -5.46 26.43 16.15
N LYS Z 11 -6.66 26.70 15.69
CA LYS Z 11 -7.06 26.23 14.37
C LYS Z 11 -6.19 26.85 13.28
N ASP Z 12 -5.59 28.00 13.57
CA ASP Z 12 -4.86 28.74 12.56
C ASP Z 12 -3.62 28.00 12.13
N ARG Z 13 -2.76 27.67 13.08
CA ARG Z 13 -1.52 26.99 12.74
C ARG Z 13 -1.80 25.61 12.16
N TYR Z 14 -2.84 24.94 12.65
CA TYR Z 14 -3.14 23.61 12.15
C TYR Z 14 -3.50 23.61 10.69
N GLN Z 15 -4.39 24.49 10.30
CA GLN Z 15 -4.83 24.51 8.93
C GLN Z 15 -3.91 25.30 8.03
N TYR Z 16 -3.34 26.36 8.55
CA TYR Z 16 -2.45 27.13 7.73
C TYR Z 16 -1.37 26.21 7.18
N LYS Z 17 -0.83 25.34 8.04
CA LYS Z 17 0.14 24.36 7.55
C LYS Z 17 -0.46 23.56 6.40
N GLN Z 18 -1.70 23.11 6.55
CA GLN Z 18 -2.36 22.36 5.48
C GLN Z 18 -2.41 23.15 4.20
N TYR Z 19 -2.68 24.45 4.30
CA TYR Z 19 -2.70 25.28 3.13
C TYR Z 19 -1.42 25.21 2.35
N ILE Z 20 -0.32 25.43 3.04
CA ILE Z 20 0.94 25.46 2.36
C ILE Z 20 1.22 24.13 1.71
N TYR Z 21 0.96 23.05 2.43
CA TYR Z 21 1.19 21.73 1.87
C TYR Z 21 0.55 21.66 0.49
N ARG Z 22 -0.70 22.11 0.41
CA ARG Z 22 -1.41 22.14 -0.87
C ARG Z 22 -0.69 22.99 -1.92
N SER Z 23 -0.24 24.18 -1.52
CA SER Z 23 0.49 25.07 -2.43
C SER Z 23 1.79 24.49 -2.92
N ILE Z 24 2.49 23.79 -2.04
CA ILE Z 24 3.75 23.18 -2.41
C ILE Z 24 3.54 22.19 -3.53
N GLY Z 25 2.52 21.36 -3.38
CA GLY Z 25 2.14 20.43 -4.43
C GLY Z 25 2.52 19.00 -4.10
N GLY Z 26 1.78 18.06 -4.68
CA GLY Z 26 1.98 16.63 -4.40
C GLY Z 26 3.21 16.06 -5.10
N ILE Z 27 3.86 16.88 -5.90
CA ILE Z 27 5.05 16.45 -6.62
C ILE Z 27 6.31 16.61 -5.78
N VAL Z 28 6.19 17.36 -4.68
CA VAL Z 28 7.35 17.63 -3.85
C VAL Z 28 7.45 16.61 -2.71
N PRO Z 29 8.59 15.91 -2.58
CA PRO Z 29 8.85 14.91 -1.56
C PRO Z 29 8.56 15.50 -0.18
N PRO Z 30 8.04 14.67 0.75
CA PRO Z 30 7.55 15.05 2.07
C PRO Z 30 8.62 15.69 2.95
N GLU Z 31 9.89 15.35 2.72
CA GLU Z 31 10.99 15.93 3.48
C GLU Z 31 11.14 17.41 3.17
N MET Z 32 10.54 17.83 2.06
CA MET Z 32 10.50 19.21 1.70
C MET Z 32 9.11 19.76 1.93
N ALA Z 33 8.09 18.99 1.58
CA ALA Z 33 6.75 19.51 1.64
C ALA Z 33 6.38 19.90 3.08
N GLU Z 34 6.60 19.00 4.02
CA GLU Z 34 6.22 19.28 5.40
C GLU Z 34 7.18 20.22 6.10
N THR Z 35 8.46 20.06 5.83
CA THR Z 35 9.48 20.83 6.52
C THR Z 35 9.39 22.30 6.15
N VAL Z 36 9.11 22.56 4.87
CA VAL Z 36 8.91 23.91 4.41
C VAL Z 36 7.62 24.47 4.99
N THR Z 37 6.57 23.66 4.96
CA THR Z 37 5.29 24.05 5.51
C THR Z 37 5.41 24.49 6.94
N ALA Z 38 6.03 23.66 7.76
CA ALA Z 38 6.15 23.95 9.17
C ALA Z 38 6.91 25.24 9.41
N ASN Z 39 7.96 25.46 8.62
CA ASN Z 39 8.76 26.66 8.77
C ASN Z 39 7.98 27.92 8.43
N GLN Z 40 7.31 27.88 7.29
CA GLN Z 40 6.54 29.02 6.82
C GLN Z 40 5.43 29.34 7.80
N THR Z 41 4.81 28.31 8.36
CA THR Z 41 3.77 28.51 9.35
C THR Z 41 4.30 29.22 10.56
N ALA Z 42 5.46 28.78 11.05
CA ALA Z 42 6.05 29.42 12.21
C ALA Z 42 6.22 30.91 11.96
N GLN Z 43 6.61 31.26 10.73
CA GLN Z 43 6.73 32.66 10.37
C GLN Z 43 5.37 33.33 10.38
N TRP Z 44 4.32 32.60 9.97
CA TRP Z 44 2.98 33.17 10.00
C TRP Z 44 2.60 33.50 11.40
N GLU Z 45 2.83 32.56 12.30
CA GLU Z 45 2.45 32.76 13.69
C GLU Z 45 3.13 34.00 14.25
N ALA Z 46 4.44 34.09 14.07
CA ALA Z 46 5.22 35.21 14.59
C ALA Z 46 4.87 36.52 13.91
N GLY Z 47 4.71 36.48 12.60
CA GLY Z 47 4.42 37.66 11.81
C GLY Z 47 3.04 38.21 12.08
N PHE Z 48 2.09 37.29 12.21
CA PHE Z 48 0.69 37.61 12.43
C PHE Z 48 0.43 38.21 13.80
N THR Z 49 0.93 37.55 14.84
CA THR Z 49 0.65 37.90 16.22
C THR Z 49 0.64 39.42 16.52
N PRO Z 50 1.69 40.21 16.19
CA PRO Z 50 1.79 41.63 16.49
C PRO Z 50 0.53 42.40 16.10
N TYR Z 51 -0.07 42.05 14.96
CA TYR Z 51 -1.26 42.74 14.49
C TYR Z 51 -2.48 42.21 15.19
N HIS Z 52 -2.44 40.94 15.49
CA HIS Z 52 -3.52 40.28 16.18
C HIS Z 52 -3.67 40.91 17.56
N LYS Z 53 -2.53 41.14 18.23
CA LYS Z 53 -2.52 41.75 19.53
C LYS Z 53 -3.17 43.12 19.49
N LEU Z 54 -2.82 43.92 18.48
CA LEU Z 54 -3.42 45.22 18.32
C LEU Z 54 -4.92 45.13 18.17
N ARG Z 55 -5.38 44.25 17.30
CA ARG Z 55 -6.81 44.13 17.07
C ARG Z 55 -7.55 43.75 18.33
N LEU Z 56 -6.99 42.84 19.10
CA LEU Z 56 -7.61 42.43 20.36
C LEU Z 56 -7.63 43.59 21.34
N ALA Z 57 -6.52 44.34 21.41
CA ALA Z 57 -6.44 45.50 22.28
C ALA Z 57 -7.48 46.54 21.90
N ILE Z 58 -7.64 46.76 20.59
CA ILE Z 58 -8.59 47.74 20.08
C ILE Z 58 -9.99 47.38 20.51
N LYS Z 59 -10.35 46.10 20.38
CA LYS Z 59 -11.66 45.65 20.82
C LYS Z 59 -11.94 46.11 22.24
N GLU Z 60 -10.99 45.86 23.13
CA GLU Z 60 -11.15 46.24 24.53
C GLU Z 60 -11.21 47.75 24.73
N ILE Z 61 -10.44 48.49 23.92
CA ILE Z 61 -10.45 49.95 24.06
C ILE Z 61 -11.83 50.49 23.75
N CYS Z 62 -12.45 50.01 22.69
CA CYS Z 62 -13.76 50.51 22.34
C CYS Z 62 -14.80 50.20 23.42
N LYS Z 63 -14.73 49.01 23.99
CA LYS Z 63 -15.64 48.69 25.09
C LYS Z 63 -15.39 49.61 26.27
N THR Z 64 -14.10 49.86 26.55
CA THR Z 64 -13.70 50.73 27.66
C THR Z 64 -14.23 52.13 27.46
N ASP Z 65 -14.07 52.65 26.25
CA ASP Z 65 -14.53 53.98 25.91
C ASP Z 65 -16.05 54.04 25.82
N GLY Z 66 -16.67 52.93 25.41
CA GLY Z 66 -18.12 52.89 25.26
C GLY Z 66 -18.49 53.45 23.89
N ILE Z 67 -17.73 53.05 22.89
CA ILE Z 67 -17.90 53.57 21.55
C ILE Z 67 -18.28 52.46 20.55
N PRO Z 68 -18.82 52.82 19.36
CA PRO Z 68 -19.41 51.95 18.35
C PRO Z 68 -18.58 50.77 17.91
N ASN Z 69 -19.23 49.61 17.70
CA ASN Z 69 -18.57 48.40 17.23
C ASN Z 69 -18.27 48.50 15.75
N ILE Z 70 -19.15 49.14 14.99
CA ILE Z 70 -18.96 49.19 13.55
C ILE Z 70 -17.66 49.86 13.19
N LYS Z 71 -17.27 50.82 14.01
CA LYS Z 71 -16.12 51.62 13.74
C LYS Z 71 -14.83 50.86 13.93
N TRP Z 72 -14.94 49.61 14.38
CA TRP Z 72 -13.78 48.75 14.47
C TRP Z 72 -13.15 48.57 13.12
N GLY Z 73 -13.95 48.62 12.06
CA GLY Z 73 -13.37 48.49 10.74
C GLY Z 73 -12.26 49.52 10.58
N MET Z 74 -12.46 50.72 11.12
CA MET Z 74 -11.47 51.78 11.03
C MET Z 74 -10.51 51.80 12.19
N TYR Z 75 -10.97 51.49 13.40
CA TYR Z 75 -10.03 51.48 14.51
C TYR Z 75 -8.94 50.46 14.19
N ILE Z 76 -9.37 49.33 13.62
CA ILE Z 76 -8.46 48.30 13.19
C ILE Z 76 -7.60 48.77 12.04
N ALA Z 77 -8.23 49.27 10.97
CA ALA Z 77 -7.47 49.74 9.82
C ALA Z 77 -6.44 50.78 10.22
N PHE Z 78 -6.86 51.70 11.07
CA PHE Z 78 -6.03 52.77 11.57
C PHE Z 78 -4.85 52.19 12.34
N GLY Z 79 -5.15 51.31 13.29
CA GLY Z 79 -4.13 50.68 14.10
C GLY Z 79 -3.14 49.86 13.26
N GLU Z 80 -3.66 49.02 12.39
CA GLU Z 80 -2.84 48.17 11.55
C GLU Z 80 -1.94 48.99 10.63
N LYS Z 81 -2.49 50.06 10.05
CA LYS Z 81 -1.70 50.91 9.20
C LYS Z 81 -0.56 51.51 9.97
N LEU Z 82 -0.85 52.01 11.16
CA LEU Z 82 0.19 52.61 11.96
C LEU Z 82 1.24 51.58 12.36
N LEU Z 83 0.84 50.37 12.72
CA LEU Z 83 1.87 49.42 13.11
C LEU Z 83 2.82 49.17 11.94
N LYS Z 84 2.28 49.05 10.73
CA LYS Z 84 3.16 48.91 9.58
C LYS Z 84 4.14 50.06 9.56
N SER Z 85 3.64 51.26 9.82
CA SER Z 85 4.48 52.44 9.87
C SER Z 85 5.54 52.34 10.97
N TYR Z 86 5.16 51.81 12.13
CA TYR Z 86 6.09 51.69 13.24
C TYR Z 86 7.18 50.69 12.93
N LEU Z 87 6.84 49.66 12.18
CA LEU Z 87 7.84 48.71 11.76
C LEU Z 87 8.81 49.37 10.79
N LYS Z 88 8.28 50.20 9.89
CA LYS Z 88 9.10 50.94 8.94
C LYS Z 88 10.03 51.92 9.64
N MET Z 89 9.59 52.47 10.76
CA MET Z 89 10.39 53.41 11.54
C MET Z 89 11.69 52.80 12.03
N LYS Z 90 11.76 51.47 12.04
CA LYS Z 90 12.96 50.81 12.50
C LYS Z 90 14.02 50.87 11.42
N ALA Z 91 13.61 51.33 10.24
CA ALA Z 91 14.52 51.58 9.14
C ALA Z 91 14.73 53.10 8.99
N GLY Z 92 13.63 53.85 9.10
CA GLY Z 92 13.64 55.30 8.90
C GLY Z 92 14.36 56.09 9.97
N SER Z 93 14.31 55.60 11.20
CA SER Z 93 14.85 56.34 12.35
C SER Z 93 14.08 57.62 12.54
N ALA Z 94 14.55 58.46 13.45
CA ALA Z 94 13.86 59.71 13.74
C ALA Z 94 12.37 59.44 13.89
N SER Z 95 12.04 58.41 14.68
CA SER Z 95 10.66 57.96 14.79
C SER Z 95 9.77 59.07 15.29
N SER Z 96 10.30 59.95 16.11
CA SER Z 96 9.49 61.03 16.65
C SER Z 96 8.80 61.81 15.54
N ASP Z 97 9.50 62.02 14.43
CA ASP Z 97 8.96 62.80 13.35
C ASP Z 97 8.09 61.94 12.45
N MET Z 98 8.52 60.71 12.23
CA MET Z 98 7.74 59.83 11.39
C MET Z 98 6.39 59.58 12.03
N ILE Z 99 6.38 59.39 13.35
CA ILE Z 99 5.17 59.15 14.10
C ILE Z 99 4.22 60.28 13.92
N ALA Z 100 4.71 61.49 14.14
CA ALA Z 100 3.88 62.66 14.00
C ALA Z 100 3.29 62.75 12.60
N GLU Z 101 4.10 62.47 11.58
CA GLU Z 101 3.62 62.59 10.22
C GLU Z 101 2.55 61.56 9.88
N TYR Z 102 2.74 60.33 10.34
CA TYR Z 102 1.75 59.30 10.08
C TYR Z 102 0.44 59.66 10.73
N ILE Z 103 0.51 60.15 11.96
CA ILE Z 103 -0.66 60.57 12.69
C ILE Z 103 -1.31 61.77 12.02
N ASN Z 104 -0.49 62.73 11.58
CA ASN Z 104 -1.02 63.96 10.97
C ASN Z 104 -2.09 63.65 9.94
N ASN Z 105 -1.80 62.78 8.98
CA ASN Z 105 -2.79 62.47 7.95
C ASN Z 105 -3.76 61.40 8.42
N ALA Z 106 -3.26 60.42 9.17
CA ALA Z 106 -4.12 59.35 9.63
C ALA Z 106 -5.30 59.92 10.39
N ILE Z 107 -5.06 61.00 11.12
CA ILE Z 107 -6.11 61.70 11.85
C ILE Z 107 -6.83 62.74 10.98
N SER Z 108 -6.08 63.62 10.32
CA SER Z 108 -6.65 64.76 9.60
C SER Z 108 -7.61 64.37 8.51
N ALA Z 109 -7.28 63.34 7.75
CA ALA Z 109 -8.16 62.92 6.67
C ALA Z 109 -9.30 62.12 7.25
N PHE Z 110 -10.14 62.79 8.01
CA PHE Z 110 -11.11 62.14 8.83
C PHE Z 110 -11.97 61.15 8.07
N SER Z 111 -12.54 61.61 6.96
CA SER Z 111 -13.52 60.83 6.25
C SER Z 111 -12.98 59.57 5.59
N SER Z 112 -11.65 59.47 5.48
CA SER Z 112 -11.08 58.31 4.79
C SER Z 112 -9.99 57.58 5.59
N ARG Z 113 -9.40 58.25 6.56
CA ARG Z 113 -8.35 57.61 7.36
C ARG Z 113 -8.81 57.28 8.77
N THR Z 114 -9.89 57.91 9.21
CA THR Z 114 -10.39 57.65 10.54
C THR Z 114 -11.82 57.17 10.45
N GLY Z 115 -12.74 58.09 10.23
CA GLY Z 115 -14.17 57.79 10.24
C GLY Z 115 -14.63 57.67 11.68
N ILE Z 116 -13.67 57.90 12.58
CA ILE Z 116 -13.79 57.78 14.01
C ILE Z 116 -13.32 59.04 14.67
N SER Z 117 -13.84 59.35 15.85
CA SER Z 117 -13.42 60.56 16.53
C SER Z 117 -11.92 60.64 16.59
N GLN Z 118 -11.39 61.82 16.30
CA GLN Z 118 -9.96 62.04 16.34
C GLN Z 118 -9.42 61.76 17.73
N GLU Z 119 -10.25 61.95 18.75
CA GLU Z 119 -9.82 61.73 20.12
C GLU Z 119 -9.53 60.26 20.35
N THR Z 120 -10.38 59.39 19.82
CA THR Z 120 -10.22 57.97 20.00
C THR Z 120 -9.20 57.44 19.02
N ALA Z 121 -9.10 58.08 17.86
CA ALA Z 121 -8.11 57.69 16.88
C ALA Z 121 -6.72 57.93 17.44
N GLN Z 122 -6.54 59.06 18.12
CA GLN Z 122 -5.27 59.35 18.74
C GLN Z 122 -4.98 58.35 19.84
N LYS Z 123 -5.99 58.00 20.63
CA LYS Z 123 -5.77 57.02 21.68
C LYS Z 123 -5.22 55.74 21.07
N ILE Z 124 -5.80 55.32 19.96
CA ILE Z 124 -5.29 54.14 19.28
C ILE Z 124 -3.88 54.39 18.80
N ALA Z 125 -3.62 55.56 18.24
CA ALA Z 125 -2.27 55.87 17.80
C ALA Z 125 -1.28 55.72 18.95
N ASP Z 126 -1.72 56.10 20.16
CA ASP Z 126 -0.86 56.00 21.35
C ASP Z 126 -0.68 54.56 21.78
N PHE Z 127 -1.76 53.78 21.76
CA PHE Z 127 -1.70 52.37 22.13
C PHE Z 127 -0.81 51.60 21.17
N ILE Z 128 -0.91 51.93 19.90
CA ILE Z 128 -0.10 51.29 18.88
C ILE Z 128 1.37 51.67 19.08
N THR Z 129 1.63 52.94 19.37
CA THR Z 129 2.98 53.42 19.60
C THR Z 129 3.69 52.56 20.65
N SER Z 130 2.97 52.19 21.70
CA SER Z 130 3.53 51.43 22.81
C SER Z 130 3.98 50.03 22.37
N ASN Z 131 3.60 49.62 21.16
CA ASN Z 131 3.95 48.31 20.64
C ASN Z 131 5.36 48.31 20.03
N TYR Z 132 6.00 49.48 20.03
CA TYR Z 132 7.36 49.68 19.52
C TYR Z 132 7.41 49.59 18.00
N ARG AA 6 27.63 32.63 -38.92
CA ARG AA 6 26.19 32.46 -38.80
C ARG AA 6 25.82 31.58 -37.62
N LYS AA 7 26.13 30.28 -37.74
CA LYS AA 7 25.69 29.30 -36.76
C LYS AA 7 26.06 29.66 -35.33
N LEU AA 8 27.21 30.30 -35.13
CA LEU AA 8 27.68 30.58 -33.78
C LEU AA 8 26.96 31.75 -33.11
N ARG AA 9 26.09 32.45 -33.84
CA ARG AA 9 25.33 33.52 -33.21
C ARG AA 9 23.84 33.29 -33.43
N GLN AA 10 23.51 32.58 -34.50
CA GLN AA 10 22.12 32.35 -34.90
C GLN AA 10 21.50 31.12 -34.25
N ASP AA 11 22.25 30.02 -34.18
CA ASP AA 11 21.67 28.74 -33.77
C ASP AA 11 21.34 28.75 -32.29
N SER AA 12 21.89 29.72 -31.60
CA SER AA 12 21.69 29.88 -30.18
C SER AA 12 20.21 29.99 -29.86
N THR AA 13 19.43 30.43 -30.84
CA THR AA 13 18.00 30.57 -30.66
C THR AA 13 17.37 29.24 -30.33
N ASP AA 14 17.79 28.20 -31.04
CA ASP AA 14 17.19 26.89 -30.92
C ASP AA 14 17.75 26.12 -29.74
N ARG AA 15 19.01 26.37 -29.45
CA ARG AA 15 19.64 25.68 -28.33
C ARG AA 15 19.07 26.23 -27.02
N TYR AA 16 18.95 27.54 -26.95
CA TYR AA 16 18.35 28.18 -25.81
C TYR AA 16 16.90 27.70 -25.71
N LYS AA 17 16.18 27.73 -26.84
CA LYS AA 17 14.81 27.22 -26.91
C LYS AA 17 14.71 25.82 -26.33
N THR AA 18 15.62 24.95 -26.75
CA THR AA 18 15.62 23.58 -26.30
C THR AA 18 15.48 23.49 -24.79
N LYS AA 19 16.36 24.17 -24.07
CA LYS AA 19 16.29 24.09 -22.62
C LYS AA 19 15.08 24.75 -22.06
N LEU AA 20 14.75 25.92 -22.54
CA LEU AA 20 13.69 26.66 -21.90
C LEU AA 20 12.41 25.84 -21.94
N TYR AA 21 12.19 25.16 -23.06
CA TYR AA 21 11.06 24.26 -23.15
C TYR AA 21 11.19 23.11 -22.18
N LEU AA 22 12.34 22.43 -22.20
CA LEU AA 22 12.52 21.27 -21.35
C LEU AA 22 12.42 21.61 -19.88
N TRP AA 23 12.93 22.78 -19.51
CA TRP AA 23 12.88 23.20 -18.12
C TRP AA 23 11.44 23.14 -17.65
N ARG AA 24 10.56 23.73 -18.46
CA ARG AA 24 9.14 23.77 -18.15
C ARG AA 24 8.46 22.41 -18.36
N ASN AA 25 8.87 21.68 -19.38
CA ASN AA 25 8.27 20.39 -19.73
C ASN AA 25 8.37 19.41 -18.57
N LEU AA 26 9.46 19.50 -17.84
CA LEU AA 26 9.71 18.61 -16.72
C LEU AA 26 8.90 19.00 -15.49
N GLY AA 27 8.16 20.10 -15.60
CA GLY AA 27 7.29 20.55 -14.53
C GLY AA 27 5.85 20.05 -14.73
N GLY AA 28 5.62 19.36 -15.86
CA GLY AA 28 4.28 18.85 -16.16
C GLY AA 28 3.34 19.94 -16.68
N LEU AA 29 3.93 21.01 -17.20
CA LEU AA 29 3.20 22.16 -17.70
C LEU AA 29 2.58 21.89 -19.07
N ILE AA 30 1.65 22.76 -19.47
CA ILE AA 30 0.94 22.63 -20.74
C ILE AA 30 1.82 22.95 -21.95
N PRO AA 31 1.95 22.02 -22.92
CA PRO AA 31 2.74 22.13 -24.14
C PRO AA 31 2.55 23.47 -24.85
N GLU AA 32 1.32 23.94 -24.93
CA GLU AA 32 1.03 25.18 -25.63
C GLU AA 32 1.53 26.39 -24.85
N ASP AA 33 1.24 26.44 -23.56
CA ASP AA 33 1.71 27.57 -22.75
C ASP AA 33 3.20 27.61 -22.75
N MET AA 34 3.83 26.44 -22.72
CA MET AA 34 5.26 26.39 -22.72
C MET AA 34 5.80 26.91 -24.02
N ALA AA 35 5.25 26.42 -25.12
CA ALA AA 35 5.75 26.87 -26.42
C ALA AA 35 5.68 28.38 -26.52
N ILE AA 36 4.61 28.96 -25.99
CA ILE AA 36 4.45 30.41 -26.00
C ILE AA 36 5.46 31.11 -25.09
N SER AA 37 5.58 30.65 -23.85
CA SER AA 37 6.50 31.26 -22.92
C SER AA 37 7.93 31.16 -23.41
N VAL AA 38 8.26 30.03 -24.00
CA VAL AA 38 9.58 29.82 -24.53
C VAL AA 38 9.83 30.74 -25.69
N THR AA 39 8.88 30.80 -26.62
CA THR AA 39 9.04 31.68 -27.77
C THR AA 39 9.40 33.09 -27.34
N GLU AA 40 8.70 33.60 -26.34
CA GLU AA 40 8.97 34.95 -25.88
C GLU AA 40 10.36 35.03 -25.25
N SER AA 41 10.73 34.00 -24.49
CA SER AA 41 12.03 33.94 -23.84
C SER AA 41 13.18 33.91 -24.84
N ILE AA 42 13.07 33.06 -25.86
CA ILE AA 42 14.15 32.91 -26.82
C ILE AA 42 14.28 34.17 -27.63
N THR AA 43 13.16 34.85 -27.87
CA THR AA 43 13.19 36.10 -28.59
C THR AA 43 13.90 37.15 -27.78
N ALA AA 44 13.49 37.30 -26.52
CA ALA AA 44 14.09 38.32 -25.67
C ALA AA 44 15.57 38.04 -25.51
N ASP AA 45 15.91 36.79 -25.26
CA ASP AA 45 17.29 36.40 -25.09
C ASP AA 45 18.11 36.71 -26.33
N TRP AA 46 17.73 36.10 -27.44
CA TRP AA 46 18.53 36.24 -28.64
C TRP AA 46 18.60 37.68 -29.10
N LYS AA 47 17.44 38.33 -29.18
CA LYS AA 47 17.38 39.69 -29.66
C LYS AA 47 18.20 40.64 -28.83
N GLN AA 48 17.92 40.68 -27.53
CA GLN AA 48 18.56 41.65 -26.69
C GLN AA 48 20.04 41.37 -26.61
N TYR AA 49 20.39 40.11 -26.45
CA TYR AA 49 21.78 39.76 -26.30
C TYR AA 49 22.58 40.11 -27.53
N ASN AA 50 22.20 39.56 -28.68
CA ASN AA 50 23.01 39.76 -29.86
C ASN AA 50 23.01 41.19 -30.31
N ASP AA 51 21.91 41.90 -30.15
CA ASP AA 51 21.89 43.27 -30.61
C ASP AA 51 22.93 44.11 -29.86
N MET AA 52 22.83 44.12 -28.54
CA MET AA 52 23.76 44.90 -27.74
C MET AA 52 25.18 44.35 -27.82
N MET AA 53 25.32 43.05 -27.64
CA MET AA 53 26.62 42.41 -27.63
C MET AA 53 27.33 42.53 -28.96
N SER AA 54 26.63 42.28 -30.06
CA SER AA 54 27.30 42.27 -31.35
C SER AA 54 27.83 43.63 -31.68
N LYS AA 55 27.05 44.67 -31.41
CA LYS AA 55 27.52 46.00 -31.74
C LYS AA 55 28.82 46.30 -31.00
N VAL AA 56 28.87 45.99 -29.71
CA VAL AA 56 30.06 46.25 -28.94
C VAL AA 56 31.18 45.30 -29.32
N ARG AA 57 30.87 44.01 -29.35
CA ARG AA 57 31.86 42.99 -29.66
C ARG AA 57 32.48 43.20 -31.02
N ASN AA 58 31.67 43.58 -32.00
CA ASN AA 58 32.18 43.78 -33.34
C ASN AA 58 33.12 44.96 -33.39
N GLU AA 59 32.71 46.09 -32.82
CA GLU AA 59 33.58 47.25 -32.79
C GLU AA 59 34.82 46.92 -31.99
N THR AA 60 34.64 46.18 -30.91
CA THR AA 60 35.72 45.83 -30.03
C THR AA 60 36.71 44.93 -30.74
N LEU AA 61 36.20 43.93 -31.42
CA LEU AA 61 37.04 42.99 -32.11
C LEU AA 61 37.84 43.67 -33.22
N ASP AA 62 37.18 44.51 -34.01
CA ASP AA 62 37.84 45.19 -35.12
C ASP AA 62 38.91 46.18 -34.65
N ILE AA 63 38.60 46.93 -33.61
CA ILE AA 63 39.54 47.91 -33.07
C ILE AA 63 40.75 47.23 -32.47
N LEU AA 64 40.51 46.22 -31.66
CA LEU AA 64 41.59 45.53 -31.01
C LEU AA 64 42.47 44.84 -32.04
N LYS AA 65 41.86 44.26 -33.08
CA LYS AA 65 42.64 43.62 -34.13
C LYS AA 65 43.48 44.65 -34.86
N THR AA 66 42.89 45.81 -35.13
CA THR AA 66 43.59 46.91 -35.79
C THR AA 66 44.81 47.32 -34.99
N ASN AA 67 44.67 47.33 -33.67
CA ASN AA 67 45.71 47.76 -32.77
C ASN AA 67 46.70 46.66 -32.39
N LYS AA 68 46.64 45.52 -33.10
CA LYS AA 68 47.57 44.41 -32.91
C LYS AA 68 47.43 43.74 -31.55
N VAL AA 69 46.21 43.61 -31.09
CA VAL AA 69 45.89 42.93 -29.85
C VAL AA 69 45.86 41.42 -30.08
N ALA AA 70 46.56 40.66 -29.21
CA ALA AA 70 46.63 39.20 -29.37
C ALA AA 70 45.31 38.59 -28.97
N THR AA 71 45.01 37.41 -29.49
CA THR AA 71 43.69 36.82 -29.25
C THR AA 71 43.42 36.58 -27.76
N GLU AA 72 44.47 36.31 -27.00
CA GLU AA 72 44.35 36.11 -25.57
C GLU AA 72 44.13 37.41 -24.81
N ASP AA 73 44.25 38.53 -25.50
CA ASP AA 73 44.09 39.82 -24.86
C ASP AA 73 42.64 40.32 -24.99
N TYR AA 74 41.94 39.86 -26.01
CA TYR AA 74 40.60 40.38 -26.30
C TYR AA 74 39.67 40.22 -25.10
N ILE AA 75 39.75 39.10 -24.39
CA ILE AA 75 38.92 38.92 -23.20
C ILE AA 75 38.89 40.11 -22.28
N GLY AA 76 40.05 40.70 -22.03
CA GLY AA 76 40.06 41.79 -21.08
C GLY AA 76 39.30 42.94 -21.65
N TYR AA 77 39.60 43.22 -22.90
CA TYR AA 77 39.04 44.38 -23.55
C TYR AA 77 37.58 44.19 -23.87
N ILE AA 78 37.17 42.96 -24.11
CA ILE AA 78 35.79 42.63 -24.36
C ILE AA 78 34.99 42.66 -23.07
N ALA AA 79 35.51 42.03 -22.02
CA ALA AA 79 34.83 42.05 -20.75
C ALA AA 79 34.62 43.51 -20.32
N PHE AA 80 35.66 44.33 -20.51
CA PHE AA 80 35.51 45.76 -20.30
C PHE AA 80 34.57 46.35 -21.33
N ALA AA 81 34.70 45.93 -22.58
CA ALA AA 81 33.90 46.54 -23.62
C ALA AA 81 32.44 46.55 -23.26
N GLU AA 82 31.95 45.43 -22.78
CA GLU AA 82 30.55 45.35 -22.44
C GLU AA 82 30.29 46.07 -21.13
N GLU AA 83 31.08 45.79 -20.11
CA GLU AA 83 30.86 46.47 -18.83
C GLU AA 83 30.79 47.96 -19.02
N LEU AA 84 31.74 48.51 -19.76
CA LEU AA 84 31.83 49.92 -20.02
C LEU AA 84 30.64 50.39 -20.82
N ALA AA 85 30.31 49.64 -21.86
CA ALA AA 85 29.21 49.97 -22.73
C ALA AA 85 27.90 50.07 -21.95
N HIS AA 86 27.75 49.19 -20.96
CA HIS AA 86 26.58 49.20 -20.12
C HIS AA 86 26.56 50.44 -19.25
N GLN AA 87 27.70 50.79 -18.68
CA GLN AA 87 27.79 52.00 -17.88
C GLN AA 87 27.48 53.22 -18.75
N VAL AA 88 27.84 53.16 -20.03
CA VAL AA 88 27.51 54.26 -20.94
C VAL AA 88 26.00 54.44 -21.02
N TRP AA 89 25.26 53.34 -21.19
CA TRP AA 89 23.80 53.43 -21.20
C TRP AA 89 23.31 53.96 -19.88
N LYS AA 90 23.83 53.39 -18.81
CA LYS AA 90 23.40 53.76 -17.47
C LYS AA 90 23.41 55.25 -17.32
N ASN AA 91 24.48 55.87 -17.79
CA ASN AA 91 24.62 57.32 -17.71
C ASN AA 91 23.72 58.03 -18.70
N LYS AA 92 23.66 57.56 -19.94
CA LYS AA 92 22.78 58.20 -20.91
C LYS AA 92 21.34 58.22 -20.39
N ASN AA 93 20.97 57.18 -19.66
CA ASN AA 93 19.65 57.07 -19.08
C ASN AA 93 19.47 57.87 -17.78
N SER AA 94 20.42 57.73 -16.85
CA SER AA 94 20.23 58.26 -15.49
C SER AA 94 20.93 59.58 -15.15
N SER AA 95 21.96 59.96 -15.90
CA SER AA 95 22.77 61.10 -15.48
C SER AA 95 22.77 62.22 -16.54
N PRO AA 96 23.11 63.46 -16.14
CA PRO AA 96 23.40 64.60 -16.98
C PRO AA 96 24.53 64.31 -17.96
N ASP AA 97 24.46 64.91 -19.14
CA ASP AA 97 25.50 64.69 -20.14
C ASP AA 97 26.93 64.86 -19.58
N PRO AA 98 27.23 65.92 -18.78
CA PRO AA 98 28.51 66.14 -18.12
C PRO AA 98 28.95 64.96 -17.26
N ASN AA 99 27.98 64.22 -16.71
CA ASN AA 99 28.30 63.08 -15.87
C ASN AA 99 28.58 61.87 -16.73
N THR AA 100 27.93 61.81 -17.90
CA THR AA 100 28.19 60.71 -18.81
C THR AA 100 29.63 60.81 -19.28
N ALA AA 101 30.03 62.02 -19.67
CA ALA AA 101 31.39 62.27 -20.10
C ALA AA 101 32.38 62.03 -18.97
N ASN AA 102 32.06 62.54 -17.77
CA ASN AA 102 32.94 62.38 -16.63
C ASN AA 102 33.09 60.92 -16.27
N GLU AA 103 31.98 60.22 -16.15
CA GLU AA 103 32.01 58.82 -15.78
C GLU AA 103 32.81 58.02 -16.77
N ALA AA 104 32.65 58.29 -18.06
CA ALA AA 104 33.40 57.53 -19.04
C ALA AA 104 34.89 57.64 -18.77
N SER AA 105 35.36 58.86 -18.50
CA SER AA 105 36.78 59.09 -18.22
C SER AA 105 37.20 58.50 -16.88
N LYS AA 106 36.35 58.65 -15.88
CA LYS AA 106 36.66 58.14 -14.54
C LYS AA 106 36.66 56.62 -14.53
N THR AA 107 35.79 56.01 -15.33
CA THR AA 107 35.76 54.57 -15.45
C THR AA 107 37.00 54.07 -16.16
N ASP AA 108 37.40 54.75 -17.22
CA ASP AA 108 38.65 54.36 -17.86
C ASP AA 108 39.74 54.32 -16.80
N LEU AA 109 39.77 55.32 -15.92
CA LEU AA 109 40.71 55.30 -14.82
C LEU AA 109 40.47 54.08 -13.93
N GLU AA 110 39.22 53.86 -13.52
CA GLU AA 110 38.88 52.72 -12.66
C GLU AA 110 39.42 51.43 -13.22
N SER AA 111 39.25 51.24 -14.52
CA SER AA 111 39.64 50.04 -15.21
C SER AA 111 41.10 49.68 -14.98
N LYS AA 112 41.89 50.66 -14.51
CA LYS AA 112 43.30 50.48 -14.21
C LYS AA 112 43.49 49.41 -13.14
N TYR AA 113 42.42 49.09 -12.40
CA TYR AA 113 42.49 48.02 -11.41
C TYR AA 113 42.97 46.74 -12.07
N SER AA 114 42.71 46.62 -13.37
CA SER AA 114 43.13 45.48 -14.14
C SER AA 114 44.31 45.81 -15.01
N ASP AA 115 45.20 44.85 -15.17
CA ASP AA 115 46.37 44.95 -16.03
C ASP AA 115 46.01 45.20 -17.48
N VAL AA 116 44.78 44.93 -17.80
CA VAL AA 116 44.23 45.07 -19.12
C VAL AA 116 44.18 46.52 -19.58
N TYR AA 117 43.80 47.41 -18.67
CA TYR AA 117 43.53 48.78 -19.05
C TYR AA 117 44.69 49.50 -19.70
N GLY AA 118 44.38 50.21 -20.79
CA GLY AA 118 45.34 51.01 -21.51
C GLY AA 118 44.64 51.76 -22.63
N LEU AA 119 45.42 52.34 -23.55
CA LEU AA 119 44.87 53.12 -24.65
C LEU AA 119 43.71 52.40 -25.32
N ASP AA 120 43.84 51.10 -25.51
CA ASP AA 120 42.81 50.32 -26.17
C ASP AA 120 41.45 50.56 -25.53
N VAL AA 121 41.41 50.64 -24.20
CA VAL AA 121 40.16 50.83 -23.50
C VAL AA 121 39.59 52.21 -23.76
N THR AA 122 40.46 53.23 -23.65
CA THR AA 122 40.01 54.59 -23.82
C THR AA 122 39.45 54.81 -25.23
N VAL AA 123 40.08 54.18 -26.21
CA VAL AA 123 39.60 54.26 -27.59
C VAL AA 123 38.24 53.61 -27.71
N LEU AA 124 38.13 52.40 -27.17
CA LEU AA 124 36.91 51.65 -27.28
C LEU AA 124 35.73 52.35 -26.64
N ASP AA 125 35.92 52.94 -25.45
CA ASP AA 125 34.79 53.56 -24.79
C ASP AA 125 34.33 54.78 -25.56
N ALA AA 126 35.27 55.56 -26.10
CA ALA AA 126 34.89 56.72 -26.87
C ALA AA 126 33.97 56.30 -28.02
N ILE AA 127 34.28 55.17 -28.62
CA ILE AA 127 33.47 54.64 -29.70
C ILE AA 127 32.08 54.26 -29.21
N TYR AA 128 32.02 53.53 -28.10
CA TYR AA 128 30.73 53.09 -27.58
C TYR AA 128 29.83 54.29 -27.30
N ASN AA 129 30.38 55.32 -26.68
CA ASN AA 129 29.61 56.50 -26.34
C ASN AA 129 29.05 57.17 -27.57
N ALA AA 130 29.89 57.30 -28.59
CA ALA AA 130 29.51 57.97 -29.82
C ALA AA 130 28.67 57.10 -30.76
N VAL AA 131 28.81 55.78 -30.67
CA VAL AA 131 28.25 54.92 -31.70
C VAL AA 131 27.09 54.00 -31.30
N ILE AA 132 27.17 53.36 -30.14
CA ILE AA 132 26.30 52.22 -29.91
C ILE AA 132 25.14 52.49 -28.93
N PRO AA 133 23.88 52.24 -29.35
CA PRO AA 133 22.67 52.37 -28.58
C PRO AA 133 22.50 51.16 -27.64
N ILE AA 134 23.34 51.11 -26.62
CA ILE AA 134 23.43 49.98 -25.70
C ILE AA 134 22.16 49.69 -24.93
N ILE AA 135 21.81 48.41 -24.86
CA ILE AA 135 20.66 47.94 -24.09
C ILE AA 135 21.05 47.67 -22.65
N MET AA 136 20.27 48.18 -21.72
CA MET AA 136 20.47 47.95 -20.29
C MET AA 136 19.28 48.43 -19.48
N ARG BA 7 11.10 36.23 8.53
CA ARG BA 7 10.94 35.58 7.24
C ARG BA 7 12.30 35.14 6.65
N GLN BA 8 13.24 36.08 6.54
CA GLN BA 8 14.53 35.81 5.91
C GLN BA 8 15.44 34.97 6.79
N ASP BA 9 14.97 34.66 7.98
CA ASP BA 9 15.70 33.86 8.93
C ASP BA 9 15.70 32.38 8.56
N SER BA 10 14.70 31.95 7.79
CA SER BA 10 14.65 30.54 7.40
C SER BA 10 13.96 30.26 6.08
N LYS BA 11 13.06 31.14 5.66
CA LYS BA 11 12.24 30.82 4.51
C LYS BA 11 13.07 30.64 3.25
N ASP BA 12 14.26 31.23 3.23
CA ASP BA 12 15.06 31.23 2.03
C ASP BA 12 15.55 29.85 1.68
N ARG BA 13 16.23 29.21 2.60
CA ARG BA 13 16.77 27.88 2.35
C ARG BA 13 15.65 26.88 2.12
N TYR BA 14 14.52 27.05 2.81
CA TYR BA 14 13.44 26.10 2.66
C TYR BA 14 12.87 26.11 1.25
N GLN BA 15 12.58 27.29 0.75
CA GLN BA 15 11.98 27.38 -0.56
C GLN BA 15 12.98 27.33 -1.67
N TYR BA 16 14.14 27.91 -1.45
CA TYR BA 16 15.14 27.87 -2.49
C TYR BA 16 15.37 26.43 -2.89
N LYS BA 17 15.47 25.53 -1.91
CA LYS BA 17 15.59 24.11 -2.23
C LYS BA 17 14.43 23.67 -3.13
N GLN BA 18 13.21 24.09 -2.78
CA GLN BA 18 12.06 23.74 -3.60
C GLN BA 18 12.21 24.21 -5.03
N TYR BA 19 12.75 25.41 -5.19
CA TYR BA 19 12.99 25.93 -6.53
C TYR BA 19 13.82 25.00 -7.35
N ILE BA 20 14.95 24.62 -6.83
CA ILE BA 20 15.85 23.79 -7.59
C ILE BA 20 15.20 22.48 -7.93
N TYR BA 21 14.51 21.88 -6.97
CA TYR BA 21 13.84 20.63 -7.24
C TYR BA 21 13.01 20.76 -8.51
N ARG BA 22 12.25 21.85 -8.61
CA ARG BA 22 11.45 22.12 -9.80
C ARG BA 22 12.32 22.23 -11.06
N SER BA 23 13.43 22.96 -10.97
CA SER BA 23 14.34 23.10 -12.12
C SER BA 23 14.95 21.80 -12.56
N ILE BA 24 15.29 20.95 -11.60
CA ILE BA 24 15.88 19.66 -11.92
C ILE BA 24 14.92 18.85 -12.77
N GLY BA 25 13.66 18.82 -12.36
CA GLY BA 25 12.63 18.16 -13.14
C GLY BA 25 12.17 16.86 -12.52
N GLY BA 26 10.94 16.48 -12.83
CA GLY BA 26 10.34 15.27 -12.24
C GLY BA 26 10.87 13.99 -12.88
N ILE BA 27 11.70 14.13 -13.90
CA ILE BA 27 12.27 12.99 -14.60
C ILE BA 27 13.53 12.48 -13.91
N VAL BA 28 14.06 13.29 -13.00
CA VAL BA 28 15.31 12.92 -12.34
C VAL BA 28 15.03 12.22 -11.00
N PRO BA 29 15.56 11.00 -10.81
CA PRO BA 29 15.40 10.19 -9.61
C PRO BA 29 15.78 11.02 -8.38
N PRO BA 30 15.07 10.81 -7.25
CA PRO BA 30 15.15 11.58 -6.02
C PRO BA 30 16.53 11.56 -5.39
N GLU BA 31 17.31 10.50 -5.64
CA GLU BA 31 18.66 10.41 -5.11
C GLU BA 31 19.57 11.45 -5.76
N MET BA 32 19.11 11.99 -6.88
CA MET BA 32 19.80 13.06 -7.54
C MET BA 32 19.05 14.36 -7.34
N ALA BA 33 17.74 14.29 -7.43
CA ALA BA 33 16.97 15.52 -7.37
C ALA BA 33 17.17 16.25 -6.05
N GLU BA 34 17.02 15.53 -4.94
CA GLU BA 34 17.14 16.17 -3.63
C GLU BA 34 18.58 16.43 -3.24
N THR BA 35 19.46 15.50 -3.57
CA THR BA 35 20.84 15.61 -3.14
C THR BA 35 21.52 16.77 -3.83
N VAL BA 36 21.21 16.97 -5.11
CA VAL BA 36 21.73 18.10 -5.84
C VAL BA 36 21.13 19.38 -5.31
N THR BA 37 19.83 19.36 -5.08
CA THR BA 37 19.13 20.51 -4.53
C THR BA 37 19.75 20.99 -3.25
N ALA BA 38 19.94 20.07 -2.31
CA ALA BA 38 20.47 20.42 -1.02
C ALA BA 38 21.86 21.02 -1.14
N ASN BA 39 22.67 20.46 -2.03
CA ASN BA 39 24.02 20.95 -2.21
C ASN BA 39 24.04 22.35 -2.77
N GLN BA 40 23.27 22.58 -3.82
CA GLN BA 40 23.22 23.86 -4.47
C GLN BA 40 22.70 24.92 -3.51
N THR BA 41 21.74 24.55 -2.69
CA THR BA 41 21.20 25.47 -1.70
C THR BA 41 22.27 25.88 -0.71
N ALA BA 42 23.04 24.91 -0.23
CA ALA BA 42 24.10 25.23 0.71
C ALA BA 42 25.03 26.26 0.11
N GLN BA 43 25.30 26.13 -1.19
CA GLN BA 43 26.13 27.11 -1.87
C GLN BA 43 25.43 28.46 -1.90
N TRP BA 44 24.09 28.46 -2.06
CA TRP BA 44 23.35 29.71 -2.05
C TRP BA 44 23.51 30.39 -0.73
N GLU BA 45 23.33 29.64 0.34
CA GLU BA 45 23.42 30.21 1.66
C GLU BA 45 24.78 30.86 1.88
N ALA BA 46 25.84 30.12 1.58
CA ALA BA 46 27.20 30.60 1.78
C ALA BA 46 27.53 31.77 0.85
N GLY BA 47 27.13 31.65 -0.40
CA GLY BA 47 27.42 32.66 -1.42
C GLY BA 47 26.66 33.95 -1.16
N PHE BA 48 25.41 33.81 -0.76
CA PHE BA 48 24.52 34.93 -0.52
C PHE BA 48 24.92 35.74 0.70
N THR BA 49 25.15 35.05 1.82
CA THR BA 49 25.40 35.70 3.10
C THR BA 49 26.31 36.95 3.04
N PRO BA 50 27.54 36.90 2.47
CA PRO BA 50 28.48 38.00 2.43
C PRO BA 50 27.82 39.31 1.98
N TYR BA 51 26.94 39.23 0.99
CA TYR BA 51 26.30 40.43 0.48
C TYR BA 51 25.15 40.82 1.37
N HIS BA 52 24.51 39.83 1.94
CA HIS BA 52 23.42 40.06 2.85
C HIS BA 52 23.92 40.83 4.06
N LYS BA 53 25.08 40.43 4.56
CA LYS BA 53 25.69 41.09 5.70
C LYS BA 53 25.96 42.55 5.40
N LEU BA 54 26.49 42.82 4.20
CA LEU BA 54 26.72 44.20 3.79
C LEU BA 54 25.45 45.00 3.79
N ARG BA 55 24.41 44.47 3.18
CA ARG BA 55 23.14 45.18 3.08
C ARG BA 55 22.58 45.52 4.46
N LEU BA 56 22.66 44.55 5.37
CA LEU BA 56 22.18 44.78 6.72
C LEU BA 56 23.02 45.84 7.42
N ALA BA 57 24.34 45.78 7.23
CA ALA BA 57 25.23 46.76 7.81
C ALA BA 57 24.92 48.15 7.28
N ILE BA 58 24.68 48.25 5.98
CA ILE BA 58 24.37 49.51 5.34
C ILE BA 58 23.13 50.14 5.94
N LYS BA 59 22.10 49.32 6.13
CA LYS BA 59 20.88 49.80 6.75
C LYS BA 59 21.18 50.52 8.05
N GLU BA 60 21.97 49.88 8.90
CA GLU BA 60 22.33 50.46 10.19
C GLU BA 60 23.18 51.72 10.04
N ILE BA 61 24.06 51.75 9.04
CA ILE BA 61 24.91 52.93 8.84
C ILE BA 61 24.06 54.14 8.53
N CYS BA 62 23.08 53.97 7.65
CA CYS BA 62 22.25 55.11 7.30
C CYS BA 62 21.46 55.63 8.49
N LYS BA 63 20.95 54.72 9.32
CA LYS BA 63 20.25 55.16 10.52
C LYS BA 63 21.21 55.90 11.45
N THR BA 64 22.43 55.37 11.56
CA THR BA 64 23.46 55.96 12.40
C THR BA 64 23.80 57.37 11.94
N ASP BA 65 23.99 57.51 10.63
CA ASP BA 65 24.30 58.79 10.04
C ASP BA 65 23.10 59.74 10.06
N GLY BA 66 21.90 59.18 9.96
CA GLY BA 66 20.69 59.97 9.92
C GLY BA 66 20.46 60.46 8.51
N ILE BA 67 20.63 59.57 7.56
CA ILE BA 67 20.54 59.89 6.15
C ILE BA 67 19.41 59.11 5.46
N PRO BA 68 18.95 59.55 4.27
CA PRO BA 68 17.79 59.08 3.52
C PRO BA 68 17.69 57.58 3.30
N ASN BA 69 16.47 57.02 3.40
CA ASN BA 69 16.21 55.61 3.16
C ASN BA 69 16.24 55.30 1.68
N ILE BA 70 15.74 56.23 0.87
CA ILE BA 70 15.65 55.95 -0.56
C ILE BA 70 16.99 55.67 -1.15
N LYS BA 71 18.02 56.30 -0.60
CA LYS BA 71 19.34 56.22 -1.13
C LYS BA 71 19.97 54.87 -0.87
N TRP BA 72 19.26 54.01 -0.14
CA TRP BA 72 19.71 52.65 0.05
C TRP BA 72 19.85 51.95 -1.27
N GLY BA 73 19.03 52.32 -2.25
CA GLY BA 73 19.17 51.69 -3.55
C GLY BA 73 20.61 51.81 -4.02
N MET BA 74 21.24 52.96 -3.75
CA MET BA 74 22.60 53.19 -4.15
C MET BA 74 23.62 52.79 -3.10
N TYR BA 75 23.31 52.98 -1.82
CA TYR BA 75 24.27 52.57 -0.81
C TYR BA 75 24.49 51.08 -0.98
N ILE BA 76 23.40 50.36 -1.24
CA ILE BA 76 23.45 48.94 -1.49
C ILE BA 76 24.18 48.65 -2.79
N ALA BA 77 23.76 49.27 -3.89
CA ALA BA 77 24.42 49.04 -5.17
C ALA BA 77 25.91 49.28 -5.09
N PHE BA 78 26.25 50.38 -4.44
CA PHE BA 78 27.62 50.80 -4.26
C PHE BA 78 28.39 49.74 -3.48
N GLY BA 79 27.83 49.35 -2.32
CA GLY BA 79 28.44 48.36 -1.47
C GLY BA 79 28.62 47.01 -2.17
N GLU BA 80 27.54 46.54 -2.81
CA GLU BA 80 27.55 45.26 -3.49
C GLU BA 80 28.56 45.25 -4.63
N LYS BA 81 28.61 46.34 -5.38
CA LYS BA 81 29.57 46.43 -6.47
C LYS BA 81 30.97 46.32 -5.95
N LEU BA 82 31.25 47.05 -4.88
CA LEU BA 82 32.58 47.01 -4.32
C LEU BA 82 32.92 45.64 -3.77
N LEU BA 83 31.97 44.96 -3.11
CA LEU BA 83 32.32 43.64 -2.61
C LEU BA 83 32.72 42.72 -3.75
N LYS BA 84 31.98 42.78 -4.86
CA LYS BA 84 32.37 42.00 -6.02
C LYS BA 84 33.81 42.31 -6.37
N SER BA 85 34.15 43.59 -6.35
CA SER BA 85 35.51 44.04 -6.63
C SER BA 85 36.50 43.48 -5.62
N TYR BA 86 36.13 43.45 -4.34
CA TYR BA 86 37.02 42.94 -3.31
C TYR BA 86 37.26 41.45 -3.47
N LEU BA 87 36.25 40.74 -3.94
CA LEU BA 87 36.43 39.33 -4.20
C LEU BA 87 37.40 39.15 -5.37
N LYS BA 88 37.26 39.99 -6.39
CA LYS BA 88 38.16 39.96 -7.54
C LYS BA 88 39.60 40.27 -7.16
N MET BA 89 39.78 41.14 -6.16
CA MET BA 89 41.10 41.50 -5.67
C MET BA 89 41.89 40.31 -5.16
N LYS BA 90 41.19 39.22 -4.85
CA LYS BA 90 41.86 38.05 -4.34
C LYS BA 90 42.54 37.31 -5.49
N ALA BA 91 42.24 37.76 -6.71
CA ALA BA 91 42.90 37.27 -7.91
C ALA BA 91 43.89 38.31 -8.40
N GLY BA 92 43.46 39.58 -8.38
CA GLY BA 92 44.25 40.69 -8.91
C GLY BA 92 45.50 41.03 -8.10
N SER BA 93 45.42 40.85 -6.78
CA SER BA 93 46.48 41.27 -5.88
C SER BA 93 46.64 42.76 -5.92
N ALA BA 94 47.67 43.26 -5.27
CA ALA BA 94 47.88 44.71 -5.21
C ALA BA 94 46.57 45.41 -4.89
N SER BA 95 45.87 44.90 -3.87
CA SER BA 95 44.55 45.38 -3.56
C SER BA 95 44.55 46.86 -3.25
N SER BA 96 45.64 47.35 -2.69
CA SER BA 96 45.71 48.76 -2.35
C SER BA 96 45.39 49.64 -3.55
N ASP BA 97 45.85 49.23 -4.73
CA ASP BA 97 45.66 50.02 -5.91
C ASP BA 97 44.31 49.74 -6.54
N MET BA 98 43.90 48.48 -6.50
CA MET BA 98 42.61 48.13 -7.06
C MET BA 98 41.50 48.83 -6.28
N ILE BA 99 41.66 48.87 -4.96
CA ILE BA 99 40.69 49.50 -4.08
C ILE BA 99 40.55 50.94 -4.43
N ALA BA 100 41.67 51.64 -4.54
CA ALA BA 100 41.65 53.04 -4.86
C ALA BA 100 40.94 53.26 -6.20
N GLU BA 101 41.25 52.44 -7.19
CA GLU BA 101 40.66 52.63 -8.51
C GLU BA 101 39.16 52.40 -8.52
N TYR BA 102 38.70 51.38 -7.81
CA TYR BA 102 37.27 51.11 -7.76
C TYR BA 102 36.55 52.27 -7.11
N ILE BA 103 37.13 52.78 -6.03
CA ILE BA 103 36.57 53.91 -5.33
C ILE BA 103 36.62 55.16 -6.21
N ASN BA 104 37.74 55.38 -6.91
CA ASN BA 104 37.88 56.57 -7.73
C ASN BA 104 36.65 56.84 -8.58
N ASN BA 105 36.21 55.83 -9.34
CA ASN BA 105 35.04 56.04 -10.19
C ASN BA 105 33.74 55.84 -9.44
N ALA BA 106 33.72 54.88 -8.52
CA ALA BA 106 32.52 54.60 -7.77
C ALA BA 106 32.05 55.86 -7.07
N ILE BA 107 33.00 56.67 -6.62
CA ILE BA 107 32.71 57.95 -5.99
C ILE BA 107 32.54 59.09 -7.01
N SER BA 108 33.53 59.23 -7.92
CA SER BA 108 33.58 60.39 -8.82
C SER BA 108 32.38 60.50 -9.74
N ALA BA 109 31.90 59.38 -10.25
CA ALA BA 109 30.75 59.42 -11.14
C ALA BA 109 29.50 59.55 -10.32
N PHE BA 110 29.37 60.69 -9.67
CA PHE BA 110 28.37 60.87 -8.64
C PHE BA 110 26.98 60.49 -9.10
N SER BA 111 26.57 61.04 -10.23
CA SER BA 111 25.20 60.92 -10.68
C SER BA 111 24.79 59.51 -11.07
N SER BA 112 25.76 58.62 -11.25
CA SER BA 112 25.44 57.27 -11.71
C SER BA 112 26.05 56.16 -10.85
N ARG BA 113 27.08 56.45 -10.10
CA ARG BA 113 27.71 55.44 -9.26
C ARG BA 113 27.43 55.64 -7.78
N THR BA 114 27.02 56.84 -7.41
CA THR BA 114 26.73 57.13 -6.02
C THR BA 114 25.29 57.58 -5.90
N GLY BA 115 25.04 58.84 -6.25
CA GLY BA 115 23.73 59.45 -6.07
C GLY BA 115 23.57 59.82 -4.61
N ILE BA 116 24.64 59.57 -3.86
CA ILE BA 116 24.75 59.72 -2.43
C ILE BA 116 25.99 60.54 -2.11
N SER BA 117 25.96 61.25 -1.00
CA SER BA 117 27.12 62.05 -0.64
C SER BA 117 28.38 61.22 -0.70
N GLN BA 118 29.42 61.81 -1.30
CA GLN BA 118 30.69 61.13 -1.41
C GLN BA 118 31.24 60.77 -0.05
N GLU BA 119 30.88 61.56 0.96
CA GLU BA 119 31.35 61.31 2.32
C GLU BA 119 30.80 60.01 2.85
N THR BA 120 29.52 59.76 2.59
CA THR BA 120 28.88 58.57 3.08
C THR BA 120 29.20 57.40 2.17
N ALA BA 121 29.41 57.70 0.89
CA ALA BA 121 29.79 56.66 -0.06
C ALA BA 121 31.14 56.09 0.33
N GLN BA 122 32.07 56.97 0.73
CA GLN BA 122 33.37 56.53 1.17
C GLN BA 122 33.26 55.72 2.44
N LYS BA 123 32.39 56.15 3.37
CA LYS BA 123 32.22 55.39 4.59
C LYS BA 123 31.81 53.97 4.25
N ILE BA 124 30.89 53.83 3.30
CA ILE BA 124 30.48 52.50 2.87
C ILE BA 124 31.67 51.79 2.24
N ALA BA 125 32.44 52.48 1.41
CA ALA BA 125 33.60 51.85 0.81
C ALA BA 125 34.53 51.31 1.90
N ASP BA 126 34.64 52.03 3.02
CA ASP BA 126 35.49 51.61 4.12
C ASP BA 126 34.89 50.42 4.86
N PHE BA 127 33.59 50.45 5.08
CA PHE BA 127 32.91 49.34 5.77
C PHE BA 127 33.00 48.07 4.93
N ILE BA 128 32.85 48.22 3.63
CA ILE BA 128 32.94 47.09 2.73
C ILE BA 128 34.36 46.55 2.72
N THR BA 129 35.35 47.44 2.69
CA THR BA 129 36.75 47.02 2.72
C THR BA 129 37.03 46.08 3.88
N SER BA 130 36.45 46.37 5.04
CA SER BA 130 36.67 45.58 6.24
C SER BA 130 36.17 44.14 6.10
N ASN BA 131 35.38 43.88 5.05
CA ASN BA 131 34.82 42.56 4.81
C ASN BA 131 35.82 41.64 4.11
N TYR BA 132 37.00 42.18 3.79
CA TYR BA 132 38.10 41.45 3.15
C TYR BA 132 37.80 41.15 1.69
N ARG CA 6 33.25 7.87 -51.31
CA ARG CA 6 32.03 8.62 -51.05
C ARG CA 6 31.44 8.30 -49.68
N LYS CA 7 30.95 7.09 -49.52
CA LYS CA 7 30.22 6.69 -48.32
C LYS CA 7 31.00 6.96 -47.03
N LEU CA 8 32.32 6.82 -47.08
CA LEU CA 8 33.12 6.94 -45.86
C LEU CA 8 33.35 8.38 -45.43
N ARG CA 9 32.90 9.34 -46.21
CA ARG CA 9 33.02 10.74 -45.79
C ARG CA 9 31.66 11.41 -45.83
N GLN CA 10 30.78 10.90 -46.70
CA GLN CA 10 29.47 11.50 -46.93
C GLN CA 10 28.40 10.99 -45.97
N ASP CA 11 28.38 9.67 -45.71
CA ASP CA 11 27.27 9.07 -44.98
C ASP CA 11 27.30 9.47 -43.52
N SER CA 12 28.43 10.00 -43.11
CA SER CA 12 28.63 10.45 -41.75
C SER CA 12 27.58 11.46 -41.35
N THR CA 13 27.01 12.13 -42.35
CA THR CA 13 25.99 13.13 -42.10
C THR CA 13 24.79 12.49 -41.43
N ASP CA 14 24.39 11.32 -41.91
CA ASP CA 14 23.18 10.66 -41.45
C ASP CA 14 23.42 9.89 -40.19
N ARG CA 15 24.63 9.37 -40.05
CA ARG CA 15 24.96 8.60 -38.86
C ARG CA 15 25.07 9.55 -37.67
N TYR CA 16 25.75 10.67 -37.89
CA TYR CA 16 25.84 11.70 -36.88
C TYR CA 16 24.43 12.19 -36.56
N LYS CA 17 23.65 12.49 -37.61
CA LYS CA 17 22.26 12.90 -37.46
C LYS CA 17 21.50 11.93 -36.58
N THR CA 18 21.64 10.64 -36.85
CA THR CA 18 20.95 9.62 -36.11
C THR CA 18 21.08 9.83 -34.61
N LYS CA 19 22.30 9.95 -34.13
CA LYS CA 19 22.48 10.13 -32.70
C LYS CA 19 22.00 11.45 -32.21
N LEU CA 20 22.31 12.51 -32.92
CA LEU CA 20 22.01 13.81 -32.38
C LEU CA 20 20.52 13.91 -32.15
N TYR CA 21 19.74 13.36 -33.06
CA TYR CA 21 18.30 13.32 -32.86
C TYR CA 21 17.94 12.45 -31.67
N LEU CA 22 18.47 11.24 -31.61
CA LEU CA 22 18.11 10.32 -30.55
C LEU CA 22 18.52 10.86 -29.18
N TRP CA 23 19.66 11.53 -29.12
CA TRP CA 23 20.13 12.08 -27.86
C TRP CA 23 19.04 12.96 -27.30
N ARG CA 24 18.51 13.83 -28.15
CA ARG CA 24 17.46 14.74 -27.74
C ARG CA 24 16.10 14.05 -27.58
N ASN CA 25 15.81 13.09 -28.46
CA ASN CA 25 14.54 12.39 -28.45
C ASN CA 25 14.29 11.72 -27.11
N LEU CA 26 15.35 11.23 -26.50
CA LEU CA 26 15.26 10.53 -25.24
C LEU CA 26 15.07 11.49 -24.07
N GLY CA 27 15.09 12.79 -24.37
CA GLY CA 27 14.85 13.81 -23.37
C GLY CA 27 13.38 14.25 -23.34
N GLY CA 28 12.58 13.69 -24.26
CA GLY CA 28 11.16 14.04 -24.34
C GLY CA 28 10.94 15.38 -25.03
N LEU CA 29 11.93 15.81 -25.81
CA LEU CA 29 11.88 17.09 -26.51
C LEU CA 29 10.98 17.06 -27.72
N ILE CA 30 10.65 18.24 -28.24
CA ILE CA 30 9.76 18.40 -29.38
C ILE CA 30 10.41 17.95 -30.71
N PRO CA 31 9.80 17.01 -31.44
CA PRO CA 31 10.26 16.46 -32.71
C PRO CA 31 10.73 17.52 -33.69
N GLU CA 32 9.99 18.63 -33.78
CA GLU CA 32 10.34 19.69 -34.71
C GLU CA 32 11.58 20.44 -34.27
N ASP CA 33 11.63 20.84 -33.00
CA ASP CA 33 12.79 21.56 -32.50
C ASP CA 33 14.02 20.70 -32.63
N MET CA 34 13.85 19.42 -32.38
CA MET CA 34 14.97 18.52 -32.48
C MET CA 34 15.45 18.43 -33.90
N ALA CA 35 14.52 18.22 -34.82
CA ALA CA 35 14.91 18.09 -36.21
C ALA CA 35 15.70 19.32 -36.65
N ILE CA 36 15.28 20.49 -36.18
CA ILE CA 36 15.97 21.73 -36.51
C ILE CA 36 17.35 21.80 -35.87
N SER CA 37 17.43 21.54 -34.56
CA SER CA 37 18.71 21.60 -33.86
C SER CA 37 19.68 20.60 -34.44
N VAL CA 38 19.19 19.42 -34.77
CA VAL CA 38 20.02 18.39 -35.33
C VAL CA 38 20.52 18.83 -36.69
N THR CA 39 19.62 19.31 -37.53
CA THR CA 39 20.02 19.75 -38.86
C THR CA 39 21.20 20.71 -38.78
N GLU CA 40 21.11 21.67 -37.87
CA GLU CA 40 22.19 22.64 -37.76
C GLU CA 40 23.47 21.95 -37.27
N SER CA 41 23.32 21.02 -36.33
CA SER CA 41 24.46 20.29 -35.79
C SER CA 41 25.16 19.44 -36.83
N ILE CA 42 24.38 18.70 -37.62
CA ILE CA 42 24.98 17.81 -38.60
C ILE CA 42 25.65 18.61 -39.68
N THR CA 43 25.09 19.77 -39.98
CA THR CA 43 25.69 20.65 -40.96
C THR CA 43 27.01 21.17 -40.47
N ALA CA 44 27.02 21.71 -39.26
CA ALA CA 44 28.24 22.27 -38.70
C ALA CA 44 29.30 21.19 -38.59
N ASP CA 45 28.90 20.03 -38.10
CA ASP CA 45 29.82 18.92 -37.95
C ASP CA 45 30.41 18.51 -39.28
N TRP CA 46 29.55 18.10 -40.20
CA TRP CA 46 30.02 17.57 -41.45
C TRP CA 46 30.81 18.61 -42.22
N LYS CA 47 30.24 19.80 -42.36
CA LYS CA 47 30.88 20.85 -43.13
C LYS CA 47 32.23 21.22 -42.59
N GLN CA 48 32.29 21.59 -41.33
CA GLN CA 48 33.52 22.09 -40.77
C GLN CA 48 34.55 21.01 -40.75
N TYR CA 49 34.15 19.82 -40.33
CA TYR CA 49 35.09 18.74 -40.22
C TYR CA 49 35.69 18.37 -41.55
N ASN CA 50 34.85 18.00 -42.51
CA ASN CA 50 35.37 17.51 -43.76
C ASN CA 50 36.10 18.57 -44.53
N ASP CA 51 35.67 19.83 -44.44
CA ASP CA 51 36.34 20.86 -45.20
C ASP CA 51 37.78 20.99 -44.74
N MET CA 52 37.97 21.25 -43.46
CA MET CA 52 39.31 21.42 -42.92
C MET CA 52 40.12 20.13 -42.99
N MET CA 53 39.52 19.03 -42.52
CA MET CA 53 40.20 17.76 -42.47
C MET CA 53 40.58 17.25 -43.84
N SER CA 54 39.65 17.32 -44.80
CA SER CA 54 39.94 16.73 -46.10
C SER CA 54 41.08 17.45 -46.76
N LYS CA 55 41.10 18.77 -46.68
CA LYS CA 55 42.17 19.49 -47.33
C LYS CA 55 43.52 19.06 -46.78
N VAL CA 56 43.63 18.96 -45.46
CA VAL CA 56 44.89 18.55 -44.86
C VAL CA 56 45.16 17.09 -45.10
N ARG CA 57 44.18 16.25 -44.82
CA ARG CA 57 44.32 14.82 -44.96
C ARG CA 57 44.67 14.42 -46.37
N ASN CA 58 44.06 15.07 -47.35
CA ASN CA 58 44.30 14.74 -48.75
C ASN CA 58 45.72 15.09 -49.13
N GLU CA 59 46.15 16.31 -48.79
CA GLU CA 59 47.52 16.71 -49.09
C GLU CA 59 48.48 15.83 -48.33
N THR CA 60 48.12 15.51 -47.11
CA THR CA 60 48.96 14.70 -46.26
C THR CA 60 49.10 13.31 -46.80
N LEU CA 61 47.98 12.72 -47.21
CA LEU CA 61 47.98 11.38 -47.74
C LEU CA 61 48.80 11.29 -49.02
N ASP CA 62 48.60 12.24 -49.94
CA ASP CA 62 49.30 12.23 -51.22
C ASP CA 62 50.80 12.44 -51.06
N ILE CA 63 51.19 13.36 -50.18
CA ILE CA 63 52.60 13.64 -49.97
C ILE CA 63 53.30 12.47 -49.32
N LEU CA 64 52.69 11.93 -48.29
CA LEU CA 64 53.27 10.82 -47.58
C LEU CA 64 53.39 9.61 -48.49
N LYS CA 65 52.37 9.38 -49.32
CA LYS CA 65 52.42 8.26 -50.26
C LYS CA 65 53.54 8.48 -51.27
N THR CA 66 53.68 9.70 -51.75
CA THR CA 66 54.72 10.06 -52.68
C THR CA 66 56.10 9.76 -52.10
N ASN CA 67 56.24 10.04 -50.80
CA ASN CA 67 57.51 9.89 -50.10
C ASN CA 67 57.74 8.48 -49.56
N LYS CA 68 56.90 7.52 -49.99
CA LYS CA 68 57.05 6.10 -49.62
C LYS CA 68 56.83 5.85 -48.14
N VAL CA 69 55.86 6.54 -47.58
CA VAL CA 69 55.46 6.36 -46.20
C VAL CA 69 54.53 5.15 -46.08
N ALA CA 70 54.82 4.26 -45.12
CA ALA CA 70 54.02 3.04 -44.94
C ALA CA 70 52.70 3.39 -44.32
N THR CA 71 51.68 2.57 -44.53
CA THR CA 71 50.34 2.93 -44.07
C THR CA 71 50.27 3.11 -42.55
N GLU CA 72 51.10 2.36 -41.83
CA GLU CA 72 51.18 2.47 -40.38
C GLU CA 72 51.88 3.73 -39.92
N ASP CA 73 52.48 4.45 -40.85
CA ASP CA 73 53.21 5.66 -40.51
C ASP CA 73 52.31 6.91 -40.63
N TYR CA 74 51.30 6.82 -41.47
CA TYR CA 74 50.46 7.99 -41.77
C TYR CA 74 49.86 8.58 -40.50
N ILE CA 75 49.43 7.74 -39.57
CA ILE CA 75 48.89 8.27 -38.30
C ILE CA 75 49.73 9.35 -37.68
N GLY CA 76 51.04 9.16 -37.65
CA GLY CA 76 51.86 10.14 -36.98
C GLY CA 76 51.79 11.42 -37.74
N TYR CA 77 51.94 11.30 -39.03
CA TYR CA 77 52.03 12.46 -39.88
C TYR CA 77 50.69 13.14 -40.05
N ILE CA 78 49.62 12.36 -39.97
CA ILE CA 78 48.28 12.91 -40.04
C ILE CA 78 47.92 13.58 -38.73
N ALA CA 79 48.16 12.91 -37.61
CA ALA CA 79 47.90 13.51 -36.32
C ALA CA 79 48.63 14.85 -36.22
N PHE CA 80 49.89 14.85 -36.67
CA PHE CA 80 50.63 16.10 -36.77
C PHE CA 80 50.02 16.98 -37.83
N ALA CA 81 49.63 16.41 -38.95
CA ALA CA 81 49.14 17.22 -40.05
C ALA CA 81 48.06 18.15 -39.59
N GLU CA 82 47.11 17.62 -38.85
CA GLU CA 82 46.02 18.44 -38.38
C GLU CA 82 46.47 19.35 -37.26
N GLU CA 83 47.15 18.80 -36.25
CA GLU CA 83 47.61 19.63 -35.15
C GLU CA 83 48.37 20.84 -35.66
N LEU CA 84 49.29 20.59 -36.58
CA LEU CA 84 50.12 21.64 -37.16
C LEU CA 84 49.27 22.60 -37.95
N ALA CA 85 48.38 22.05 -38.77
CA ALA CA 85 47.52 22.87 -39.61
C ALA CA 85 46.69 23.82 -38.77
N HIS CA 86 46.26 23.35 -37.60
CA HIS CA 86 45.50 24.18 -36.70
C HIS CA 86 46.34 25.29 -36.13
N GLN CA 87 47.58 24.95 -35.74
CA GLN CA 87 48.50 25.97 -35.24
C GLN CA 87 48.76 27.00 -36.33
N VAL CA 88 48.78 26.57 -37.59
CA VAL CA 88 48.96 27.51 -38.70
C VAL CA 88 47.84 28.54 -38.70
N TRP CA 89 46.59 28.08 -38.58
CA TRP CA 89 45.48 29.03 -38.49
C TRP CA 89 45.64 29.92 -37.28
N LYS CA 90 45.94 29.31 -36.15
CA LYS CA 90 46.06 30.04 -34.91
C LYS CA 90 46.95 31.24 -35.10
N ASN CA 91 48.07 31.03 -35.78
CA ASN CA 91 49.02 32.09 -36.03
C ASN CA 91 48.52 33.06 -37.09
N LYS CA 92 47.95 32.56 -38.18
CA LYS CA 92 47.42 33.45 -39.20
C LYS CA 92 46.40 34.39 -38.60
N ASN CA 93 45.65 33.90 -37.62
CA ASN CA 93 44.64 34.68 -36.94
C ASN CA 93 45.21 35.59 -35.84
N SER CA 94 46.06 35.04 -34.97
CA SER CA 94 46.49 35.76 -33.76
C SER CA 94 47.86 36.43 -33.78
N SER CA 95 48.75 36.02 -34.67
CA SER CA 95 50.13 36.50 -34.58
C SER CA 95 50.56 37.24 -35.86
N PRO CA 96 51.62 38.06 -35.78
CA PRO CA 96 52.34 38.68 -36.87
C PRO CA 96 52.88 37.65 -37.84
N ASP CA 97 52.94 37.99 -39.12
CA ASP CA 97 53.45 37.06 -40.12
C ASP CA 97 54.80 36.41 -39.72
N PRO CA 98 55.80 37.18 -39.21
CA PRO CA 98 57.08 36.69 -38.71
C PRO CA 98 56.91 35.61 -37.64
N ASN CA 99 55.83 35.68 -36.87
CA ASN CA 99 55.60 34.70 -35.83
C ASN CA 99 54.96 33.47 -36.40
N THR CA 100 54.18 33.64 -37.47
CA THR CA 100 53.59 32.49 -38.13
C THR CA 100 54.71 31.65 -38.71
N ALA CA 101 55.64 32.31 -39.40
CA ALA CA 101 56.77 31.64 -39.98
C ALA CA 101 57.65 31.01 -38.90
N ASN CA 102 57.92 31.77 -37.83
CA ASN CA 102 58.75 31.27 -36.76
C ASN CA 102 58.12 30.07 -36.09
N GLU CA 103 56.84 30.20 -35.72
CA GLU CA 103 56.15 29.13 -35.06
C GLU CA 103 56.14 27.89 -35.90
N ALA CA 104 55.91 28.02 -37.20
CA ALA CA 104 55.89 26.84 -38.05
C ALA CA 104 57.20 26.07 -37.91
N SER CA 105 58.32 26.79 -37.97
CA SER CA 105 59.64 26.17 -37.84
C SER CA 105 59.90 25.63 -36.44
N LYS CA 106 59.50 26.39 -35.43
CA LYS CA 106 59.71 25.99 -34.06
C LYS CA 106 58.85 24.79 -33.70
N THR CA 107 57.66 24.72 -34.28
CA THR CA 107 56.79 23.58 -34.06
C THR CA 107 57.36 22.35 -34.72
N ASP CA 108 57.86 22.49 -35.95
CA ASP CA 108 58.52 21.36 -36.57
C ASP CA 108 59.56 20.81 -35.61
N LEU CA 109 60.32 21.71 -34.99
CA LEU CA 109 61.28 21.29 -33.98
C LEU CA 109 60.57 20.59 -32.82
N GLU CA 110 59.52 21.22 -32.28
CA GLU CA 110 58.76 20.64 -31.17
C GLU CA 110 58.35 19.22 -31.46
N SER CA 111 57.87 18.99 -32.67
CA SER CA 111 57.35 17.71 -33.10
C SER CA 111 58.36 16.59 -32.91
N LYS CA 112 59.63 16.96 -32.73
CA LYS CA 112 60.72 16.01 -32.51
C LYS CA 112 60.47 15.21 -31.24
N TYR CA 113 59.58 15.69 -30.37
CA TYR CA 113 59.21 14.94 -29.17
C TYR CA 113 58.74 13.55 -29.56
N SER CA 114 58.22 13.42 -30.78
CA SER CA 114 57.75 12.17 -31.30
C SER CA 114 58.72 11.61 -32.31
N ASP CA 115 58.84 10.30 -32.31
CA ASP CA 115 59.67 9.56 -33.26
C ASP CA 115 59.25 9.78 -34.70
N VAL CA 116 58.04 10.25 -34.85
CA VAL CA 116 57.43 10.52 -36.13
C VAL CA 116 58.13 11.62 -36.89
N TYR CA 117 58.50 12.67 -36.19
CA TYR CA 117 59.00 13.87 -36.84
C TYR CA 117 60.21 13.66 -37.72
N GLY CA 118 60.16 14.26 -38.91
CA GLY CA 118 61.25 14.22 -39.87
C GLY CA 118 60.89 15.09 -41.07
N LEU CA 119 61.66 14.94 -42.15
CA LEU CA 119 61.45 15.74 -43.37
C LEU CA 119 59.98 15.76 -43.76
N ASP CA 120 59.31 14.63 -43.66
CA ASP CA 120 57.92 14.54 -44.04
C ASP CA 120 57.10 15.63 -43.38
N VAL CA 121 57.37 15.90 -42.10
CA VAL CA 121 56.61 16.90 -41.37
C VAL CA 121 56.89 18.29 -41.89
N THR CA 122 58.18 18.59 -42.08
CA THR CA 122 58.56 19.92 -42.52
C THR CA 122 57.97 20.24 -43.89
N VAL CA 123 57.94 19.22 -44.75
CA VAL CA 123 57.33 19.39 -46.07
C VAL CA 123 55.85 19.66 -45.93
N LEU CA 124 55.17 18.84 -45.14
CA LEU CA 124 53.76 18.96 -44.97
C LEU CA 124 53.32 20.32 -44.43
N ASP CA 125 54.05 20.82 -43.43
CA ASP CA 125 53.63 22.08 -42.84
C ASP CA 125 53.80 23.22 -43.83
N ALA CA 126 54.89 23.20 -44.59
CA ALA CA 126 55.10 24.24 -45.57
C ALA CA 126 53.91 24.30 -46.52
N ILE CA 127 53.40 23.13 -46.88
CA ILE CA 127 52.23 23.05 -47.75
C ILE CA 127 51.01 23.66 -47.07
N TYR CA 128 50.76 23.27 -45.83
CA TYR CA 128 49.58 23.76 -45.13
C TYR CA 128 49.59 25.28 -45.06
N ASN CA 129 50.75 25.85 -44.74
CA ASN CA 129 50.86 27.29 -44.60
C ASN CA 129 50.56 27.98 -45.93
N ALA CA 130 51.12 27.45 -46.99
CA ALA CA 130 50.95 28.03 -48.31
C ALA CA 130 49.60 27.72 -48.97
N VAL CA 131 48.97 26.60 -48.60
CA VAL CA 131 47.83 26.12 -49.37
C VAL CA 131 46.47 26.14 -48.67
N ILE CA 132 46.39 25.73 -47.41
CA ILE CA 132 45.09 25.39 -46.86
C ILE CA 132 44.51 26.43 -45.89
N PRO CA 133 43.27 26.93 -46.15
CA PRO CA 133 42.52 27.86 -45.33
C PRO CA 133 41.89 27.13 -44.14
N ILE CA 134 42.73 26.73 -43.19
CA ILE CA 134 42.34 25.91 -42.05
C ILE CA 134 41.30 26.55 -41.15
N ILE CA 135 40.31 25.75 -40.76
CA ILE CA 135 39.28 26.18 -39.83
C ILE CA 135 39.71 25.92 -38.39
N MET CA 136 39.56 26.93 -37.54
CA MET CA 136 39.88 26.81 -36.12
C MET CA 136 39.34 28.01 -35.35
N ARG DA 7 31.30 27.09 -4.77
CA ARG DA 7 30.55 26.48 -5.87
C ARG DA 7 31.27 25.24 -6.45
N GLN DA 8 32.53 25.41 -6.84
CA GLN DA 8 33.29 24.34 -7.49
C GLN DA 8 33.71 23.25 -6.52
N ASP DA 9 33.38 23.46 -5.25
CA ASP DA 9 33.70 22.52 -4.20
C ASP DA 9 32.78 21.30 -4.23
N SER DA 10 31.59 21.45 -4.81
CA SER DA 10 30.68 20.31 -4.86
C SER DA 10 29.71 20.32 -6.03
N LYS DA 11 29.41 21.50 -6.57
CA LYS DA 11 28.34 21.58 -7.56
C LYS DA 11 28.66 20.77 -8.81
N ASP DA 12 29.95 20.52 -9.04
CA ASP DA 12 30.35 19.88 -10.27
C ASP DA 12 29.89 18.45 -10.33
N ARG DA 13 30.25 17.66 -9.34
CA ARG DA 13 29.87 16.26 -9.34
C ARG DA 13 28.36 16.10 -9.25
N TYR DA 14 27.70 16.99 -8.53
CA TYR DA 14 26.26 16.88 -8.38
C TYR DA 14 25.53 17.03 -9.70
N GLN DA 15 25.88 18.07 -10.44
CA GLN DA 15 25.20 18.32 -11.68
C GLN DA 15 25.76 17.53 -12.82
N TYR DA 16 27.05 17.32 -12.83
CA TYR DA 16 27.62 16.56 -13.90
C TYR DA 16 26.91 15.22 -13.99
N LYS DA 17 26.66 14.59 -12.84
CA LYS DA 17 25.90 13.35 -12.84
C LYS DA 17 24.54 13.57 -13.53
N GLN DA 18 23.87 14.67 -13.19
CA GLN DA 18 22.59 14.99 -13.83
C GLN DA 18 22.71 15.07 -15.33
N TYR DA 19 23.80 15.67 -15.80
CA TYR DA 19 24.02 15.76 -17.22
C TYR DA 19 23.99 14.41 -17.89
N ILE DA 20 24.79 13.50 -17.37
CA ILE DA 20 24.88 12.21 -18.00
C ILE DA 20 23.54 11.52 -17.99
N TYR DA 21 22.84 11.59 -16.86
CA TYR DA 21 21.55 10.96 -16.79
C TYR DA 21 20.71 11.38 -18.00
N ARG DA 22 20.70 12.68 -18.27
CA ARG DA 22 19.99 13.22 -19.43
C ARG DA 22 20.49 12.61 -20.75
N SER DA 23 21.82 12.53 -20.92
CA SER DA 23 22.40 11.95 -22.12
C SER DA 23 22.06 10.48 -22.31
N ILE DA 24 22.03 9.75 -21.22
CA ILE DA 24 21.72 8.34 -21.27
C ILE DA 24 20.32 8.14 -21.84
N GLY DA 25 19.38 8.93 -21.34
CA GLY DA 25 18.03 8.92 -21.88
C GLY DA 25 17.03 8.24 -20.95
N GLY DA 26 15.77 8.64 -21.06
CA GLY DA 26 14.73 8.12 -20.18
C GLY DA 26 14.29 6.71 -20.55
N ILE DA 27 14.84 6.19 -21.64
CA ILE DA 27 14.51 4.84 -22.10
C ILE DA 27 15.35 3.79 -21.41
N VAL DA 28 16.42 4.22 -20.75
CA VAL DA 28 17.34 3.29 -20.12
C VAL DA 28 16.97 3.09 -18.65
N PRO DA 29 16.74 1.82 -18.22
CA PRO DA 29 16.39 1.44 -16.86
C PRO DA 29 17.40 2.05 -15.88
N PRO DA 30 16.92 2.47 -14.69
CA PRO DA 30 17.67 3.18 -13.67
C PRO DA 30 18.89 2.43 -13.16
N GLU DA 31 18.85 1.10 -13.22
CA GLU DA 31 20.00 0.29 -12.79
C GLU DA 31 21.18 0.49 -13.71
N MET DA 32 20.90 1.03 -14.90
CA MET DA 32 21.94 1.38 -15.83
C MET DA 32 22.11 2.88 -15.86
N ALA DA 33 21.01 3.60 -15.85
CA ALA DA 33 21.10 5.04 -16.01
C ALA DA 33 21.94 5.68 -14.90
N GLU DA 34 21.63 5.35 -13.65
CA GLU DA 34 22.34 5.96 -12.54
C GLU DA 34 23.71 5.36 -12.32
N THR DA 35 23.82 4.06 -12.50
CA THR DA 35 25.06 3.37 -12.21
C THR DA 35 26.14 3.79 -13.19
N VAL DA 36 25.76 3.96 -14.45
CA VAL DA 36 26.67 4.44 -15.46
C VAL DA 36 27.03 5.88 -15.19
N THR DA 37 26.02 6.68 -14.86
CA THR DA 37 26.22 8.07 -14.54
C THR DA 37 27.24 8.26 -13.44
N ALA DA 38 27.05 7.54 -12.34
CA ALA DA 38 27.93 7.69 -11.21
C ALA DA 38 29.35 7.32 -11.56
N ASN DA 39 29.51 6.27 -12.36
CA ASN DA 39 30.84 5.82 -12.75
C ASN DA 39 31.54 6.84 -13.61
N GLN DA 40 30.85 7.33 -14.63
CA GLN DA 40 31.42 8.29 -15.54
C GLN DA 40 31.79 9.57 -14.80
N THR DA 41 30.96 9.97 -13.84
CA THR DA 41 31.25 11.14 -13.05
C THR DA 41 32.52 10.97 -12.27
N ALA DA 42 32.69 9.81 -11.64
CA ALA DA 42 33.90 9.56 -10.88
C ALA DA 42 35.11 9.73 -11.76
N GLN DA 43 35.01 9.29 -13.01
CA GLN DA 43 36.09 9.48 -13.96
C GLN DA 43 36.30 10.97 -14.25
N TRP DA 44 35.19 11.74 -14.30
CA TRP DA 44 35.32 13.17 -14.52
C TRP DA 44 36.08 13.80 -13.39
N GLU DA 45 35.73 13.45 -12.18
CA GLU DA 45 36.37 14.03 -11.02
C GLU DA 45 37.88 13.77 -11.06
N ALA DA 46 38.24 12.50 -11.26
CA ALA DA 46 39.65 12.11 -11.28
C ALA DA 46 40.39 12.70 -12.47
N GLY DA 47 39.76 12.68 -13.63
CA GLY DA 47 40.37 13.15 -14.86
C GLY DA 47 40.55 14.66 -14.86
N PHE DA 48 39.55 15.36 -14.34
CA PHE DA 48 39.53 16.81 -14.29
C PHE DA 48 40.55 17.38 -13.32
N THR DA 49 40.54 16.84 -12.09
CA THR DA 49 41.35 17.38 -11.01
C THR DA 49 42.79 17.81 -11.41
N PRO DA 50 43.63 16.97 -12.06
CA PRO DA 50 45.01 17.28 -12.41
C PRO DA 50 45.15 18.64 -13.10
N TYR DA 51 44.19 18.98 -13.97
CA TYR DA 51 44.26 20.22 -14.69
C TYR DA 51 43.75 21.35 -13.83
N HIS DA 52 42.79 21.03 -13.00
CA HIS DA 52 42.21 21.99 -12.09
C HIS DA 52 43.29 22.46 -11.13
N LYS DA 53 44.09 21.51 -10.63
CA LYS DA 53 45.18 21.82 -9.73
C LYS DA 53 46.16 22.78 -10.37
N LEU DA 54 46.50 22.53 -11.63
CA LEU DA 54 47.40 23.42 -12.35
C LEU DA 54 46.84 24.81 -12.44
N ARG DA 55 45.58 24.92 -12.84
CA ARG DA 55 44.96 26.23 -13.00
C ARG DA 55 44.97 27.01 -11.70
N LEU DA 56 44.66 26.33 -10.60
CA LEU DA 56 44.66 26.97 -9.29
C LEU DA 56 46.07 27.42 -8.92
N ALA DA 57 47.06 26.55 -9.19
CA ALA DA 57 48.45 26.88 -8.91
C ALA DA 57 48.88 28.08 -9.71
N ILE DA 58 48.48 28.13 -10.98
CA ILE DA 58 48.84 29.23 -11.87
C ILE DA 58 48.32 30.54 -11.33
N LYS DA 59 47.06 30.54 -10.89
CA LYS DA 59 46.49 31.73 -10.31
C LYS DA 59 47.40 32.30 -9.22
N GLU DA 60 47.83 31.43 -8.32
CA GLU DA 60 48.70 31.85 -7.22
C GLU DA 60 50.07 32.32 -7.71
N ILE DA 61 50.58 31.68 -8.76
CA ILE DA 61 51.89 32.08 -9.28
C ILE DA 61 51.85 33.50 -9.78
N CYS DA 62 50.81 33.84 -10.53
CA CYS DA 62 50.71 35.18 -11.07
C CYS DA 62 50.61 36.23 -9.96
N LYS DA 63 49.84 35.93 -8.92
CA LYS DA 63 49.78 36.86 -7.80
C LYS DA 63 51.14 36.99 -7.14
N THR DA 64 51.83 35.88 -7.00
CA THR DA 64 53.16 35.84 -6.39
C THR DA 64 54.15 36.68 -7.18
N ASP DA 65 54.12 36.50 -8.50
CA ASP DA 65 54.98 37.24 -9.39
C ASP DA 65 54.56 38.71 -9.49
N GLY DA 66 53.27 38.97 -9.37
CA GLY DA 66 52.75 40.32 -9.49
C GLY DA 66 52.56 40.67 -10.96
N ILE DA 67 52.01 39.71 -11.69
CA ILE DA 67 51.86 39.82 -13.12
C ILE DA 67 50.37 39.79 -13.54
N PRO DA 68 50.02 40.25 -14.76
CA PRO DA 68 48.68 40.47 -15.29
C PRO DA 68 47.71 39.31 -15.17
N ASN DA 69 46.44 39.61 -14.85
CA ASN DA 69 45.39 38.62 -14.74
C ASN DA 69 44.93 38.15 -16.11
N ILE DA 70 44.92 39.08 -17.07
CA ILE DA 70 44.40 38.72 -18.39
C ILE DA 70 45.20 37.61 -19.01
N LYS DA 71 46.48 37.58 -18.69
CA LYS DA 71 47.39 36.64 -19.28
C LYS DA 71 47.17 35.23 -18.78
N TRP DA 72 46.26 35.08 -17.83
CA TRP DA 72 45.88 33.77 -17.36
C TRP DA 72 45.34 32.95 -18.49
N GLY DA 73 44.70 33.59 -19.47
CA GLY DA 73 44.20 32.84 -20.60
C GLY DA 73 45.34 32.01 -21.20
N MET DA 74 46.54 32.58 -21.24
CA MET DA 74 47.69 31.89 -21.78
C MET DA 74 48.47 31.12 -20.75
N TYR DA 75 48.58 31.62 -19.53
CA TYR DA 75 49.32 30.87 -18.52
C TYR DA 75 48.61 29.53 -18.37
N ILE DA 76 47.27 29.57 -18.38
CA ILE DA 76 46.46 28.38 -18.30
C ILE DA 76 46.62 27.54 -19.55
N ALA DA 77 46.42 28.14 -20.73
CA ALA DA 77 46.56 27.38 -21.98
C ALA DA 77 47.93 26.71 -22.06
N PHE DA 78 48.95 27.45 -21.70
CA PHE DA 78 50.32 26.99 -21.73
C PHE DA 78 50.47 25.80 -20.79
N GLY DA 79 50.03 25.99 -19.55
CA GLY DA 79 50.12 24.95 -18.53
C GLY DA 79 49.35 23.70 -18.93
N GLU DA 80 48.10 23.87 -19.35
CA GLU DA 80 47.25 22.76 -19.73
C GLU DA 80 47.83 21.99 -20.91
N LYS DA 81 48.35 22.71 -21.89
CA LYS DA 81 48.95 22.07 -23.04
C LYS DA 81 50.11 21.22 -22.61
N LEU DA 82 50.95 21.77 -21.76
CA LEU DA 82 52.10 21.03 -21.30
C LEU DA 82 51.69 19.81 -20.49
N LEU DA 83 50.68 19.94 -19.63
CA LEU DA 83 50.31 18.76 -18.87
C LEU DA 83 49.88 17.64 -19.79
N LYS DA 84 49.12 17.96 -20.83
CA LYS DA 84 48.75 16.95 -21.81
C LYS DA 84 50.01 16.29 -22.33
N SER DA 85 51.01 17.10 -22.63
CA SER DA 85 52.30 16.61 -23.10
C SER DA 85 52.97 15.71 -22.06
N TYR DA 86 52.90 16.09 -20.79
CA TYR DA 86 53.53 15.30 -19.74
C TYR DA 86 52.84 13.96 -19.58
N LEU DA 87 51.54 13.93 -19.80
CA LEU DA 87 50.83 12.67 -19.76
C LEU DA 87 51.27 11.79 -20.93
N LYS DA 88 51.44 12.40 -22.09
CA LYS DA 88 51.91 11.68 -23.27
C LYS DA 88 53.32 11.13 -23.08
N MET DA 89 54.15 11.83 -22.31
CA MET DA 89 55.51 11.40 -22.02
C MET DA 89 55.56 10.06 -21.32
N LYS DA 90 54.44 9.66 -20.71
CA LYS DA 90 54.40 8.40 -20.01
C LYS DA 90 54.30 7.26 -21.01
N ALA DA 91 54.09 7.62 -22.27
CA ALA DA 91 54.09 6.68 -23.37
C ALA DA 91 55.39 6.84 -24.17
N GLY DA 92 55.77 8.10 -24.40
CA GLY DA 92 56.94 8.43 -25.23
C GLY DA 92 58.28 8.06 -24.60
N SER DA 93 58.37 8.15 -23.28
CA SER DA 93 59.63 7.97 -22.57
C SER DA 93 60.59 9.06 -22.96
N ALA DA 94 61.84 8.92 -22.52
CA ALA DA 94 62.84 9.95 -22.81
C ALA DA 94 62.25 11.33 -22.56
N SER DA 95 61.61 11.49 -21.40
CA SER DA 95 60.87 12.70 -21.11
C SER DA 95 61.79 13.90 -21.14
N SER DA 96 63.04 13.72 -20.78
CA SER DA 96 63.97 14.84 -20.77
C SER DA 96 63.98 15.57 -22.12
N ASP DA 97 63.89 14.80 -23.20
CA ASP DA 97 63.96 15.38 -24.52
C ASP DA 97 62.60 15.88 -24.95
N MET DA 98 61.56 15.14 -24.61
CA MET DA 98 60.22 15.55 -24.98
C MET DA 98 59.89 16.88 -24.30
N ILE DA 99 60.29 16.99 -23.04
CA ILE DA 99 60.05 18.18 -22.25
C ILE DA 99 60.68 19.37 -22.90
N ALA DA 100 61.96 19.22 -23.25
CA ALA DA 100 62.67 20.30 -23.88
C ALA DA 100 61.98 20.72 -25.17
N GLU DA 101 61.56 19.74 -25.97
CA GLU DA 101 60.95 20.06 -27.25
C GLU DA 101 59.61 20.79 -27.10
N TYR DA 102 58.80 20.35 -26.15
CA TYR DA 102 57.52 21.00 -25.93
C TYR DA 102 57.74 22.44 -25.50
N ILE DA 103 58.69 22.64 -24.62
CA ILE DA 103 59.02 23.96 -24.15
C ILE DA 103 59.60 24.81 -25.28
N ASN DA 104 60.48 24.21 -26.10
CA ASN DA 104 61.12 24.94 -27.18
C ASN DA 104 60.13 25.77 -27.97
N ASN DA 105 59.05 25.14 -28.45
CA ASN DA 105 58.07 25.89 -29.24
C ASN DA 105 57.07 26.61 -28.35
N ALA DA 106 56.69 25.99 -27.24
CA ALA DA 106 55.71 26.58 -26.36
C ALA DA 106 56.18 27.96 -25.94
N ILE DA 107 57.50 28.10 -25.76
CA ILE DA 107 58.10 29.37 -25.40
C ILE DA 107 58.43 30.22 -26.64
N SER DA 108 59.12 29.63 -27.62
CA SER DA 108 59.65 30.38 -28.76
C SER DA 108 58.57 31.07 -29.59
N ALA DA 109 57.45 30.39 -29.80
CA ALA DA 109 56.38 30.99 -30.60
C ALA DA 109 55.62 31.96 -29.72
N PHE DA 110 56.29 33.03 -29.34
CA PHE DA 110 55.80 33.91 -28.31
C PHE DA 110 54.38 34.38 -28.56
N SER DA 111 54.15 34.90 -29.75
CA SER DA 111 52.90 35.56 -30.06
C SER DA 111 51.69 34.63 -30.09
N SER DA 112 51.93 33.32 -30.14
CA SER DA 112 50.81 32.39 -30.26
C SER DA 112 50.82 31.26 -29.21
N ARG DA 113 51.97 30.98 -28.63
CA ARG DA 113 52.06 29.91 -27.64
C ARG DA 113 52.23 30.44 -26.23
N THR DA 114 52.66 31.70 -26.10
CA THR DA 114 52.86 32.29 -24.80
C THR DA 114 51.99 33.52 -24.67
N GLY DA 115 52.45 34.61 -25.28
CA GLY DA 115 51.78 35.91 -25.14
C GLY DA 115 52.15 36.49 -23.79
N ILE DA 116 53.00 35.76 -23.09
CA ILE DA 116 53.46 36.01 -21.75
C ILE DA 116 54.96 35.96 -21.71
N SER DA 117 55.57 36.69 -20.79
CA SER DA 117 57.02 36.68 -20.70
C SER DA 117 57.54 35.26 -20.68
N GLN DA 118 58.58 35.02 -21.46
CA GLN DA 118 59.20 33.71 -21.53
C GLN DA 118 59.69 33.29 -20.15
N GLU DA 119 60.05 34.27 -19.32
CA GLU DA 119 60.56 33.97 -17.99
C GLU DA 119 59.48 33.35 -17.13
N THR DA 120 58.26 33.88 -17.24
CA THR DA 120 57.16 33.39 -16.45
C THR DA 120 56.58 32.14 -17.09
N ALA DA 121 56.67 32.07 -18.42
CA ALA DA 121 56.20 30.90 -19.13
C ALA DA 121 57.03 29.70 -18.72
N GLN DA 122 58.34 29.91 -18.61
CA GLN DA 122 59.22 28.83 -18.18
C GLN DA 122 58.92 28.44 -16.75
N LYS DA 123 58.65 29.41 -15.88
CA LYS DA 123 58.31 29.09 -14.51
C LYS DA 123 57.11 28.16 -14.49
N ILE DA 124 56.11 28.47 -15.31
CA ILE DA 124 54.96 27.60 -15.40
C ILE DA 124 55.37 26.24 -15.94
N ALA DA 125 56.21 26.21 -16.97
CA ALA DA 125 56.68 24.94 -17.49
C ALA DA 125 57.32 24.11 -16.38
N ASP DA 126 58.02 24.78 -15.47
CA ASP DA 126 58.69 24.08 -14.37
C ASP DA 126 57.68 23.59 -13.33
N PHE DA 127 56.68 24.42 -13.02
CA PHE DA 127 55.65 24.05 -12.06
C PHE DA 127 54.84 22.88 -12.59
N ILE DA 128 54.54 22.91 -13.87
CA ILE DA 128 53.80 21.84 -14.51
C ILE DA 128 54.63 20.55 -14.50
N THR DA 129 55.92 20.66 -14.80
CA THR DA 129 56.81 19.51 -14.78
C THR DA 129 56.72 18.75 -13.47
N SER DA 130 56.64 19.49 -12.36
CA SER DA 130 56.60 18.89 -11.03
C SER DA 130 55.35 18.04 -10.82
N ASN DA 131 54.37 18.16 -11.71
CA ASN DA 131 53.12 17.42 -11.61
C ASN DA 131 53.26 16.00 -12.15
N TYR DA 132 54.46 15.68 -12.67
CA TYR DA 132 54.79 14.36 -13.22
C TYR DA 132 54.10 14.10 -14.54
N ARG EA 6 21.23 -16.74 -58.19
CA ARG EA 6 20.73 -15.38 -58.02
C ARG EA 6 20.35 -15.11 -56.56
N LYS EA 7 19.28 -15.75 -56.11
CA LYS EA 7 18.72 -15.45 -54.80
C LYS EA 7 19.74 -15.54 -53.66
N LEU EA 8 20.71 -16.45 -53.78
CA LEU EA 8 21.65 -16.66 -52.68
C LEU EA 8 22.74 -15.60 -52.59
N ARG EA 9 22.78 -14.68 -53.55
CA ARG EA 9 23.75 -13.59 -53.46
C ARG EA 9 23.04 -12.25 -53.56
N GLN EA 10 21.88 -12.24 -54.20
CA GLN EA 10 21.13 -11.03 -54.46
C GLN EA 10 20.16 -10.66 -53.35
N ASP EA 11 19.45 -11.64 -52.80
CA ASP EA 11 18.37 -11.36 -51.87
C ASP EA 11 18.90 -10.87 -50.55
N SER EA 12 20.19 -11.05 -50.34
CA SER EA 12 20.86 -10.64 -49.13
C SER EA 12 20.68 -9.16 -48.91
N THR EA 13 20.42 -8.42 -49.99
CA THR EA 13 20.21 -6.99 -49.89
C THR EA 13 19.03 -6.69 -49.00
N ASP EA 14 17.94 -7.45 -49.18
CA ASP EA 14 16.69 -7.17 -48.50
C ASP EA 14 16.69 -7.76 -47.10
N ARG EA 15 17.39 -8.87 -46.94
CA ARG EA 15 17.43 -9.51 -45.64
C ARG EA 15 18.30 -8.67 -44.71
N TYR EA 16 19.43 -8.21 -45.23
CA TYR EA 16 20.30 -7.32 -44.47
C TYR EA 16 19.51 -6.04 -44.17
N LYS EA 17 18.85 -5.49 -45.20
CA LYS EA 17 18.00 -4.32 -45.04
C LYS EA 17 17.02 -4.50 -43.91
N THR EA 18 16.34 -5.65 -43.90
CA THR EA 18 15.35 -5.94 -42.90
C THR EA 18 15.86 -5.64 -41.50
N LYS EA 19 17.00 -6.22 -41.15
CA LYS EA 19 17.52 -5.99 -39.81
C LYS EA 19 17.99 -4.59 -39.60
N LEU EA 20 18.70 -4.03 -40.55
CA LEU EA 20 19.31 -2.76 -40.30
C LEU EA 20 18.22 -1.75 -39.98
N TYR EA 21 17.10 -1.84 -40.69
CA TYR EA 21 15.97 -1.00 -40.38
C TYR EA 21 15.42 -1.29 -39.00
N LEU EA 22 15.16 -2.57 -38.71
CA LEU EA 22 14.57 -2.94 -37.43
C LEU EA 22 15.46 -2.56 -36.26
N TRP EA 23 16.76 -2.70 -36.44
CA TRP EA 23 17.69 -2.38 -35.37
C TRP EA 23 17.43 -0.95 -34.94
N ARG EA 24 17.34 -0.06 -35.92
CA ARG EA 24 17.11 1.34 -35.66
C ARG EA 24 15.66 1.63 -35.25
N ASN EA 25 14.71 0.92 -35.86
CA ASN EA 25 13.29 1.12 -35.59
C ASN EA 25 12.97 0.92 -34.12
N LEU EA 26 13.66 -0.02 -33.50
CA LEU EA 26 13.43 -0.34 -32.12
C LEU EA 26 14.05 0.69 -31.18
N GLY EA 27 14.75 1.67 -31.76
CA GLY EA 27 15.35 2.75 -31.00
C GLY EA 27 14.42 3.98 -30.97
N GLY EA 28 13.28 3.90 -31.67
CA GLY EA 28 12.33 5.01 -31.72
C GLY EA 28 12.79 6.11 -32.67
N LEU EA 29 13.67 5.75 -33.59
CA LEU EA 29 14.22 6.70 -34.56
C LEU EA 29 13.24 7.05 -35.67
N ILE EA 30 13.56 8.10 -36.42
CA ILE EA 30 12.72 8.61 -37.50
C ILE EA 30 12.73 7.68 -38.72
N PRO EA 31 11.56 7.20 -39.19
CA PRO EA 31 11.37 6.31 -40.33
C PRO EA 31 12.15 6.74 -41.56
N GLU EA 32 12.19 8.04 -41.84
CA GLU EA 32 12.88 8.54 -43.00
C GLU EA 32 14.39 8.46 -42.84
N ASP EA 33 14.90 8.92 -41.71
CA ASP EA 33 16.33 8.86 -41.47
C ASP EA 33 16.79 7.43 -41.49
N MET EA 34 15.99 6.54 -40.95
CA MET EA 34 16.34 5.15 -40.92
C MET EA 34 16.40 4.62 -42.32
N ALA EA 35 15.36 4.87 -43.09
CA ALA EA 35 15.33 4.35 -44.45
C ALA EA 35 16.58 4.79 -45.21
N ILE EA 36 17.00 6.03 -44.99
CA ILE EA 36 18.20 6.55 -45.64
C ILE EA 36 19.46 5.87 -45.13
N SER EA 37 19.63 5.79 -43.81
CA SER EA 37 20.82 5.18 -43.24
C SER EA 37 20.93 3.73 -43.65
N VAL EA 38 19.79 3.05 -43.67
CA VAL EA 38 19.76 1.66 -44.05
C VAL EA 38 20.13 1.51 -45.50
N THR EA 39 19.53 2.32 -46.36
CA THR EA 39 19.84 2.25 -47.78
C THR EA 39 21.34 2.31 -48.00
N GLU EA 40 22.01 3.25 -47.33
CA GLU EA 40 23.44 3.38 -47.52
C GLU EA 40 24.17 2.15 -46.99
N SER EA 41 23.70 1.62 -45.85
CA SER EA 41 24.29 0.44 -45.25
C SER EA 41 24.17 -0.79 -46.12
N ILE EA 42 22.97 -1.03 -46.66
CA ILE EA 42 22.75 -2.22 -47.46
C ILE EA 42 23.54 -2.14 -48.75
N THR EA 43 23.70 -0.92 -49.26
CA THR EA 43 24.47 -0.71 -50.46
C THR EA 43 25.93 -1.03 -50.19
N ALA EA 44 26.47 -0.44 -49.13
CA ALA EA 44 27.87 -0.65 -48.81
C ALA EA 44 28.13 -2.12 -48.54
N ASP EA 45 27.24 -2.73 -47.77
CA ASP EA 45 27.38 -4.13 -47.45
C ASP EA 45 27.36 -4.99 -48.68
N TRP EA 46 26.26 -4.93 -49.42
CA TRP EA 46 26.09 -5.80 -50.55
C TRP EA 46 27.17 -5.57 -51.59
N LYS EA 47 27.37 -4.30 -51.96
CA LYS EA 47 28.32 -3.95 -53.00
C LYS EA 47 29.71 -4.39 -52.65
N GLN EA 48 30.20 -3.96 -51.51
CA GLN EA 48 31.59 -4.21 -51.18
C GLN EA 48 31.80 -5.69 -50.98
N TYR EA 49 30.87 -6.34 -50.29
CA TYR EA 49 31.04 -7.74 -50.01
C TYR EA 49 31.05 -8.56 -51.26
N ASN EA 50 29.99 -8.49 -52.05
CA ASN EA 50 29.88 -9.36 -53.19
C ASN EA 50 30.92 -9.06 -54.24
N ASP EA 51 31.29 -7.80 -54.40
CA ASP EA 51 32.28 -7.48 -55.41
C ASP EA 51 33.59 -8.18 -55.11
N MET EA 52 34.15 -7.92 -53.93
CA MET EA 52 35.41 -8.50 -53.54
C MET EA 52 35.31 -10.02 -53.39
N MET EA 53 34.30 -10.46 -52.64
CA MET EA 53 34.14 -11.87 -52.36
C MET EA 53 33.87 -12.68 -53.60
N SER EA 54 32.99 -12.21 -54.48
CA SER EA 54 32.63 -13.02 -55.63
C SER EA 54 33.83 -13.23 -56.52
N LYS EA 55 34.60 -12.18 -56.74
CA LYS EA 55 35.74 -12.34 -57.62
C LYS EA 55 36.68 -13.42 -57.09
N VAL EA 56 36.98 -13.37 -55.79
CA VAL EA 56 37.86 -14.37 -55.21
C VAL EA 56 37.20 -15.72 -55.14
N ARG EA 57 35.99 -15.75 -54.60
CA ARG EA 57 35.27 -17.00 -54.43
C ARG EA 57 35.04 -17.71 -55.74
N ASN EA 58 34.73 -16.96 -56.79
CA ASN EA 58 34.48 -17.56 -58.08
C ASN EA 58 35.73 -18.18 -58.65
N GLU EA 59 36.83 -17.43 -58.63
CA GLU EA 59 38.09 -17.97 -59.11
C GLU EA 59 38.51 -19.14 -58.24
N THR EA 60 38.27 -19.01 -56.95
CA THR EA 60 38.64 -20.02 -56.00
C THR EA 60 37.85 -21.29 -56.24
N LEU EA 61 36.56 -21.15 -56.42
CA LEU EA 61 35.69 -22.28 -56.63
C LEU EA 61 36.05 -23.02 -57.92
N ASP EA 62 36.25 -22.26 -59.00
CA ASP EA 62 36.55 -22.87 -60.29
C ASP EA 62 37.89 -23.58 -60.31
N ILE EA 63 38.91 -22.96 -59.69
CA ILE EA 63 40.23 -23.55 -59.65
C ILE EA 63 40.25 -24.80 -58.81
N LEU EA 64 39.65 -24.72 -57.63
CA LEU EA 64 39.63 -25.86 -56.75
C LEU EA 64 38.86 -27.00 -57.37
N LYS EA 65 37.75 -26.70 -58.04
CA LYS EA 65 36.97 -27.74 -58.70
C LYS EA 65 37.78 -28.38 -59.82
N THR EA 66 38.51 -27.55 -60.57
CA THR EA 66 39.36 -28.02 -61.64
C THR EA 66 40.41 -29.00 -61.11
N ASN EA 67 40.93 -28.69 -59.93
CA ASN EA 67 41.98 -29.46 -59.31
C ASN EA 67 41.47 -30.64 -58.47
N LYS EA 68 40.18 -30.97 -58.62
CA LYS EA 68 39.56 -32.12 -57.95
C LYS EA 68 39.53 -31.98 -56.44
N VAL EA 69 39.26 -30.78 -55.97
CA VAL EA 69 39.10 -30.50 -54.55
C VAL EA 69 37.69 -30.89 -54.11
N ALA EA 70 37.61 -31.64 -52.99
CA ALA EA 70 36.31 -32.10 -52.49
C ALA EA 70 35.57 -30.94 -51.86
N THR EA 71 34.25 -31.00 -51.81
CA THR EA 71 33.47 -29.87 -51.33
C THR EA 71 33.81 -29.48 -49.90
N GLU EA 72 34.19 -30.45 -49.09
CA GLU EA 72 34.59 -30.22 -47.72
C GLU EA 72 35.96 -29.57 -47.61
N ASP EA 73 36.68 -29.49 -48.71
CA ASP EA 73 38.00 -28.93 -48.72
C ASP EA 73 37.98 -27.44 -49.04
N TYR EA 74 36.95 -27.00 -49.77
CA TYR EA 74 36.89 -25.63 -50.25
C TYR EA 74 37.00 -24.62 -49.11
N ILE EA 75 36.36 -24.91 -47.98
CA ILE EA 75 36.47 -23.99 -46.83
C ILE EA 75 37.88 -23.56 -46.53
N GLY EA 76 38.82 -24.48 -46.55
CA GLY EA 76 40.16 -24.10 -46.18
C GLY EA 76 40.70 -23.15 -47.20
N TYR EA 77 40.49 -23.52 -48.46
CA TYR EA 77 41.07 -22.77 -49.54
C TYR EA 77 40.35 -21.46 -49.75
N ILE EA 78 39.07 -21.41 -49.42
CA ILE EA 78 38.28 -20.19 -49.51
C ILE EA 78 38.64 -19.26 -48.36
N ALA EA 79 38.68 -19.79 -47.14
CA ALA EA 79 39.05 -18.97 -46.00
C ALA EA 79 40.42 -18.35 -46.26
N PHE EA 80 41.34 -19.16 -46.80
CA PHE EA 80 42.62 -18.63 -47.23
C PHE EA 80 42.43 -17.71 -48.42
N ALA EA 81 41.58 -18.08 -49.35
CA ALA EA 81 41.44 -17.30 -50.56
C ALA EA 81 41.18 -15.85 -50.24
N GLU EA 82 40.27 -15.60 -49.32
CA GLU EA 82 39.96 -14.24 -48.99
C GLU EA 82 41.05 -13.64 -48.13
N GLU EA 83 41.48 -14.34 -47.08
CA GLU EA 83 42.53 -13.81 -46.22
C GLU EA 83 43.72 -13.37 -47.06
N LEU EA 84 44.14 -14.25 -47.96
CA LEU EA 84 45.29 -14.00 -48.82
C LEU EA 84 45.01 -12.84 -49.74
N ALA EA 85 43.83 -12.84 -50.35
CA ALA EA 85 43.45 -11.81 -51.28
C ALA EA 85 43.48 -10.44 -50.61
N HIS EA 86 43.10 -10.40 -49.35
CA HIS EA 86 43.13 -9.17 -48.59
C HIS EA 86 44.56 -8.72 -48.35
N GLN EA 87 45.43 -9.66 -47.99
CA GLN EA 87 46.83 -9.34 -47.81
C GLN EA 87 47.43 -8.84 -49.12
N VAL EA 88 46.94 -9.36 -50.26
CA VAL EA 88 47.41 -8.88 -51.54
C VAL EA 88 47.10 -7.39 -51.70
N TRP EA 89 45.87 -6.98 -51.38
CA TRP EA 89 45.54 -5.57 -51.42
C TRP EA 89 46.40 -4.79 -50.47
N LYS EA 90 46.51 -5.30 -49.25
CA LYS EA 90 47.27 -4.62 -48.22
C LYS EA 90 48.62 -4.24 -48.74
N ASN EA 91 49.26 -5.17 -49.43
CA ASN EA 91 50.59 -4.93 -49.99
C ASN EA 91 50.54 -4.00 -51.20
N LYS EA 92 49.58 -4.21 -52.10
CA LYS EA 92 49.48 -3.33 -53.26
C LYS EA 92 49.30 -1.89 -52.82
N ASN EA 93 48.60 -1.69 -51.70
CA ASN EA 93 48.38 -0.39 -51.13
C ASN EA 93 49.57 0.15 -50.31
N SER EA 94 50.11 -0.68 -49.40
CA SER EA 94 51.09 -0.20 -48.42
C SER EA 94 52.56 -0.49 -48.69
N SER EA 95 52.87 -1.47 -49.53
CA SER EA 95 54.25 -1.91 -49.66
C SER EA 95 54.78 -1.75 -51.10
N PRO EA 96 56.11 -1.72 -51.28
CA PRO EA 96 56.83 -1.80 -52.55
C PRO EA 96 56.48 -3.08 -53.29
N ASP EA 97 56.48 -3.02 -54.62
CA ASP EA 97 56.16 -4.20 -55.42
C ASP EA 97 56.95 -5.45 -54.98
N PRO EA 98 58.29 -5.38 -54.73
CA PRO EA 98 59.12 -6.46 -54.24
C PRO EA 98 58.58 -7.07 -52.95
N ASN EA 99 57.90 -6.26 -52.13
CA ASN EA 99 57.36 -6.76 -50.88
C ASN EA 99 56.04 -7.43 -51.11
N THR EA 100 55.31 -6.98 -52.12
CA THR EA 100 54.06 -7.63 -52.47
C THR EA 100 54.36 -9.03 -52.93
N ALA EA 101 55.34 -9.15 -53.81
CA ALA EA 101 55.76 -10.45 -54.31
C ALA EA 101 56.31 -11.32 -53.19
N ASN EA 102 57.17 -10.74 -52.34
CA ASN EA 102 57.75 -11.48 -51.24
C ASN EA 102 56.69 -11.95 -50.29
N GLU EA 103 55.82 -11.04 -49.86
CA GLU EA 103 54.79 -11.38 -48.91
C GLU EA 103 53.91 -12.48 -49.46
N ALA EA 104 53.55 -12.41 -50.73
CA ALA EA 104 52.70 -13.45 -51.28
C ALA EA 104 53.32 -14.82 -51.08
N SER EA 105 54.62 -14.93 -51.38
CA SER EA 105 55.34 -16.19 -51.22
C SER EA 105 55.51 -16.58 -49.76
N LYS EA 106 55.82 -15.60 -48.92
CA LYS EA 106 56.03 -15.86 -47.50
C LYS EA 106 54.73 -16.25 -46.83
N THR EA 107 53.63 -15.67 -47.28
CA THR EA 107 52.33 -16.02 -46.75
C THR EA 107 51.95 -17.42 -47.16
N ASP EA 108 52.19 -17.77 -48.42
CA ASP EA 108 51.95 -19.14 -48.82
C ASP EA 108 52.66 -20.07 -47.84
N LEU EA 109 53.91 -19.73 -47.51
CA LEU EA 109 54.62 -20.50 -46.50
C LEU EA 109 53.88 -20.47 -45.16
N GLU EA 110 53.50 -19.28 -44.69
CA GLU EA 110 52.79 -19.13 -43.43
C GLU EA 110 51.59 -20.04 -43.36
N SER EA 111 50.84 -20.10 -44.44
CA SER EA 111 49.61 -20.86 -44.53
C SER EA 111 49.83 -22.33 -44.18
N LYS EA 112 51.08 -22.77 -44.19
CA LYS EA 112 51.46 -24.13 -43.83
C LYS EA 112 51.04 -24.46 -42.40
N TYR EA 113 50.77 -23.41 -41.60
CA TYR EA 113 50.29 -23.62 -40.24
C TYR EA 113 49.04 -24.49 -40.27
N SER EA 114 48.32 -24.45 -41.39
CA SER EA 114 47.13 -25.23 -41.56
C SER EA 114 47.39 -26.40 -42.49
N ASP EA 115 46.74 -27.51 -42.20
CA ASP EA 115 46.80 -28.72 -43.03
C ASP EA 115 46.30 -28.49 -44.44
N VAL EA 116 45.58 -27.41 -44.61
CA VAL EA 116 44.99 -27.01 -45.87
C VAL EA 116 46.03 -26.66 -46.91
N TYR EA 117 47.07 -25.95 -46.49
CA TYR EA 117 48.02 -25.39 -47.43
C TYR EA 117 48.69 -26.41 -48.34
N GLY EA 118 48.77 -26.06 -49.61
CA GLY EA 118 49.42 -26.87 -50.62
C GLY EA 118 49.41 -26.15 -51.96
N LEU EA 119 49.72 -26.86 -53.03
CA LEU EA 119 49.78 -26.28 -54.37
C LEU EA 119 48.54 -25.42 -54.66
N ASP EA 120 47.38 -25.92 -54.25
CA ASP EA 120 46.15 -25.21 -54.50
C ASP EA 120 46.24 -23.76 -54.04
N VAL EA 121 46.86 -23.54 -52.88
CA VAL EA 121 46.96 -22.20 -52.34
C VAL EA 121 47.88 -21.34 -53.17
N THR EA 122 49.04 -21.89 -53.52
CA THR EA 122 50.02 -21.13 -54.28
C THR EA 122 49.46 -20.72 -55.64
N VAL EA 123 48.68 -21.61 -56.24
CA VAL EA 123 48.04 -21.30 -57.52
C VAL EA 123 47.04 -20.17 -57.33
N LEU EA 124 46.19 -20.31 -56.33
CA LEU EA 124 45.16 -19.34 -56.09
C LEU EA 124 45.70 -17.95 -55.83
N ASP EA 125 46.74 -17.84 -55.02
CA ASP EA 125 47.25 -16.52 -54.69
C ASP EA 125 47.83 -15.87 -55.92
N ALA EA 126 48.55 -16.63 -56.74
CA ALA EA 126 49.12 -16.07 -57.96
C ALA EA 126 48.02 -15.43 -58.80
N ILE EA 127 46.87 -16.10 -58.85
CA ILE EA 127 45.73 -15.59 -59.58
C ILE EA 127 45.22 -14.29 -58.97
N TYR EA 128 45.04 -14.28 -57.66
CA TYR EA 128 44.52 -13.09 -57.00
C TYR EA 128 45.40 -11.88 -57.28
N ASN EA 129 46.73 -12.08 -57.17
CA ASN EA 129 47.66 -10.99 -57.38
C ASN EA 129 47.56 -10.45 -58.79
N ALA EA 130 47.48 -11.34 -59.76
CA ALA EA 130 47.43 -10.96 -61.16
C ALA EA 130 46.05 -10.50 -61.63
N VAL EA 131 44.99 -10.96 -60.97
CA VAL EA 131 43.65 -10.76 -61.51
C VAL EA 131 42.71 -9.83 -60.75
N ILE EA 132 42.66 -9.93 -59.42
CA ILE EA 132 41.53 -9.36 -58.71
C ILE EA 132 41.85 -8.05 -57.95
N PRO EA 133 41.10 -6.96 -58.22
CA PRO EA 133 41.19 -5.66 -57.58
C PRO EA 133 40.50 -5.70 -56.22
N ILE EA 134 41.12 -6.39 -55.27
CA ILE EA 134 40.55 -6.65 -53.95
C ILE EA 134 40.28 -5.40 -53.13
N ILE EA 135 39.11 -5.38 -52.51
CA ILE EA 135 38.70 -4.31 -51.62
C ILE EA 135 39.18 -4.57 -50.20
N MET EA 136 39.79 -3.56 -49.58
CA MET EA 136 40.25 -3.65 -48.21
C MET EA 136 40.67 -2.28 -47.69
N ARG FA 7 39.64 5.98 -17.17
CA ARG FA 7 38.48 5.79 -18.04
C ARG FA 7 38.25 4.32 -18.38
N GLN FA 8 39.27 3.64 -18.89
CA GLN FA 8 39.15 2.24 -19.34
C GLN FA 8 39.04 1.28 -18.18
N ASP FA 9 39.15 1.81 -16.97
CA ASP FA 9 39.06 1.01 -15.77
C ASP FA 9 37.64 0.59 -15.45
N SER FA 10 36.65 1.35 -15.95
CA SER FA 10 35.27 0.97 -15.68
C SER FA 10 34.28 1.40 -16.74
N LYS FA 11 34.60 2.44 -17.51
CA LYS FA 11 33.60 3.02 -18.40
C LYS FA 11 33.16 2.00 -19.46
N ASP FA 12 34.00 1.02 -19.73
CA ASP FA 12 33.72 0.10 -20.82
C ASP FA 12 32.52 -0.77 -20.51
N ARG FA 13 32.55 -1.48 -19.40
CA ARG FA 13 31.45 -2.35 -19.06
C ARG FA 13 30.18 -1.56 -18.82
N TYR FA 14 30.29 -0.36 -18.27
CA TYR FA 14 29.10 0.43 -17.99
C TYR FA 14 28.36 0.81 -19.26
N GLN FA 15 29.09 1.31 -20.24
CA GLN FA 15 28.43 1.75 -21.44
C GLN FA 15 28.22 0.64 -22.43
N TYR FA 16 29.13 -0.31 -22.48
CA TYR FA 16 28.94 -1.40 -23.39
C TYR FA 16 27.58 -2.04 -23.11
N LYS FA 17 27.26 -2.24 -21.84
CA LYS FA 17 25.94 -2.76 -21.50
C LYS FA 17 24.85 -1.88 -22.12
N GLN FA 18 25.01 -0.55 -21.99
CA GLN FA 18 24.04 0.37 -22.57
C GLN FA 18 23.90 0.16 -24.07
N TYR FA 19 25.00 -0.08 -24.75
CA TYR FA 19 24.96 -0.34 -26.16
C TYR FA 19 24.04 -1.48 -26.51
N ILE FA 20 24.26 -2.60 -25.86
CA ILE FA 20 23.48 -3.77 -26.18
C ILE FA 20 22.02 -3.50 -25.92
N TYR FA 21 21.72 -2.88 -24.79
CA TYR FA 21 20.33 -2.59 -24.47
C TYR FA 21 19.67 -1.92 -25.68
N ARG FA 22 20.37 -0.93 -26.24
CA ARG FA 22 19.86 -0.24 -27.43
C ARG FA 22 19.67 -1.20 -28.61
N SER FA 23 20.65 -2.08 -28.86
CA SER FA 23 20.55 -3.06 -29.94
C SER FA 23 19.41 -4.03 -29.77
N ILE FA 24 19.17 -4.45 -28.53
CA ILE FA 24 18.11 -5.38 -28.25
C ILE FA 24 16.78 -4.78 -28.65
N GLY FA 25 16.57 -3.53 -28.28
CA GLY FA 25 15.38 -2.80 -28.70
C GLY FA 25 14.39 -2.62 -27.57
N GLY FA 26 13.57 -1.56 -27.67
CA GLY FA 26 12.61 -1.22 -26.62
C GLY FA 26 11.39 -2.13 -26.63
N ILE FA 27 11.32 -3.02 -27.61
CA ILE FA 27 10.20 -3.95 -27.73
C ILE FA 27 10.41 -5.20 -26.88
N VAL FA 28 11.65 -5.40 -26.42
CA VAL FA 28 11.97 -6.60 -25.67
C VAL FA 28 11.84 -6.34 -24.16
N PRO FA 29 11.02 -7.14 -23.44
CA PRO FA 29 10.79 -7.05 -22.02
C PRO FA 29 12.13 -7.03 -21.27
N PRO FA 30 12.21 -6.26 -20.17
CA PRO FA 30 13.42 -6.00 -19.40
C PRO FA 30 14.06 -7.25 -18.83
N GLU FA 31 13.27 -8.30 -18.59
CA GLU FA 31 13.80 -9.55 -18.07
C GLU FA 31 14.67 -10.23 -19.10
N MET FA 32 14.54 -9.79 -20.35
CA MET FA 32 15.37 -10.26 -21.42
C MET FA 32 16.36 -9.19 -21.80
N ALA FA 33 15.90 -7.95 -21.87
CA ALA FA 33 16.76 -6.90 -22.35
C ALA FA 33 18.01 -6.75 -21.48
N GLU FA 34 17.81 -6.64 -20.16
CA GLU FA 34 18.94 -6.44 -19.28
C GLU FA 34 19.74 -7.69 -19.03
N THR FA 35 19.05 -8.81 -18.93
CA THR FA 35 19.71 -10.07 -18.58
C THR FA 35 20.62 -10.51 -19.71
N VAL FA 36 20.17 -10.32 -20.95
CA VAL FA 36 20.97 -10.62 -22.10
C VAL FA 36 22.13 -9.66 -22.19
N THR FA 37 21.85 -8.38 -21.98
CA THR FA 37 22.86 -7.35 -21.99
C THR FA 37 23.99 -7.67 -21.04
N ALA FA 38 23.65 -7.97 -19.79
CA ALA FA 38 24.65 -8.22 -18.79
C ALA FA 38 25.51 -9.42 -19.16
N ASN FA 39 24.89 -10.45 -19.72
CA ASN FA 39 25.61 -11.65 -20.09
C ASN FA 39 26.59 -11.38 -21.22
N GLN FA 40 26.12 -10.71 -22.25
CA GLN FA 40 26.95 -10.41 -23.41
C GLN FA 40 28.12 -9.53 -23.01
N THR FA 41 27.87 -8.59 -22.10
CA THR FA 41 28.92 -7.72 -21.62
C THR FA 41 29.99 -8.52 -20.91
N ALA FA 42 29.58 -9.45 -20.06
CA ALA FA 42 30.55 -10.26 -19.34
C ALA FA 42 31.45 -10.97 -20.34
N GLN FA 43 30.87 -11.44 -21.45
CA GLN FA 43 31.67 -12.06 -22.48
C GLN FA 43 32.61 -11.04 -23.11
N TRP FA 44 32.17 -9.79 -23.26
CA TRP FA 44 33.03 -8.75 -23.81
C TRP FA 44 34.22 -8.56 -22.91
N GLU FA 45 33.97 -8.46 -21.62
CA GLU FA 45 35.05 -8.23 -20.68
C GLU FA 45 36.09 -9.33 -20.78
N ALA FA 46 35.63 -10.58 -20.71
CA ALA FA 46 36.51 -11.74 -20.75
C ALA FA 46 37.22 -11.88 -22.09
N GLY FA 47 36.47 -11.68 -23.17
CA GLY FA 47 37.00 -11.82 -24.51
C GLY FA 47 38.00 -10.75 -24.87
N PHE FA 48 37.70 -9.53 -24.44
CA PHE FA 48 38.51 -8.37 -24.71
C PHE FA 48 39.84 -8.39 -23.98
N THR FA 49 39.78 -8.64 -22.67
CA THR FA 49 40.94 -8.56 -21.80
C THR FA 49 42.26 -9.12 -22.39
N PRO FA 50 42.32 -10.38 -22.89
CA PRO FA 50 43.53 -11.00 -23.41
C PRO FA 50 44.27 -10.11 -24.39
N TYR FA 51 43.54 -9.39 -25.24
CA TYR FA 51 44.17 -8.54 -26.23
C TYR FA 51 44.56 -7.23 -25.61
N HIS FA 52 43.77 -6.80 -24.66
CA HIS FA 52 44.03 -5.57 -23.95
C HIS FA 52 45.35 -5.71 -23.20
N LYS FA 53 45.54 -6.86 -22.56
CA LYS FA 53 46.77 -7.14 -21.84
C LYS FA 53 47.97 -7.06 -22.75
N LEU FA 54 47.86 -7.65 -23.95
CA LEU FA 54 48.94 -7.57 -24.92
C LEU FA 54 49.27 -6.14 -25.27
N ARG FA 55 48.25 -5.35 -25.59
CA ARG FA 55 48.48 -3.98 -25.98
C ARG FA 55 49.18 -3.19 -24.90
N LEU FA 56 48.76 -3.40 -23.65
CA LEU FA 56 49.38 -2.70 -22.54
C LEU FA 56 50.83 -3.15 -22.39
N ALA FA 57 51.07 -4.46 -22.53
CA ALA FA 57 52.41 -4.99 -22.43
C ALA FA 57 53.30 -4.41 -23.52
N ILE FA 58 52.76 -4.30 -24.73
CA ILE FA 58 53.50 -3.77 -25.87
C ILE FA 58 53.94 -2.35 -25.60
N LYS FA 59 53.02 -1.54 -25.07
CA LYS FA 59 53.35 -0.17 -24.73
C LYS FA 59 54.61 -0.12 -23.88
N GLU FA 60 54.65 -0.94 -22.82
CA GLU FA 60 55.78 -0.97 -21.93
C GLU FA 60 57.05 -1.49 -22.61
N ILE FA 61 56.90 -2.45 -23.53
CA ILE FA 61 58.06 -2.98 -24.22
C ILE FA 61 58.74 -1.90 -25.04
N CYS FA 62 57.95 -1.12 -25.75
CA CYS FA 62 58.54 -0.08 -26.57
C CYS FA 62 59.27 0.96 -25.73
N LYS FA 63 58.69 1.34 -24.59
CA LYS FA 63 59.38 2.26 -23.70
C LYS FA 63 60.67 1.65 -23.19
N THR FA 64 60.62 0.36 -22.85
CA THR FA 64 61.77 -0.37 -22.36
C THR FA 64 62.89 -0.41 -23.39
N ASP FA 65 62.51 -0.71 -24.62
CA ASP FA 65 63.45 -0.76 -25.72
C ASP FA 65 63.93 0.63 -26.12
N GLY FA 66 63.07 1.63 -25.97
CA GLY FA 66 63.40 2.99 -26.36
C GLY FA 66 63.16 3.16 -27.84
N ILE FA 67 62.04 2.64 -28.29
CA ILE FA 67 61.69 2.63 -29.69
C ILE FA 67 60.40 3.44 -29.97
N PRO FA 68 60.15 3.84 -31.24
CA PRO FA 68 59.11 4.74 -31.71
C PRO FA 68 57.70 4.43 -31.25
N ASN FA 69 56.92 5.46 -30.91
CA ASN FA 69 55.52 5.32 -30.50
C ASN FA 69 54.65 5.04 -31.70
N ILE FA 70 54.96 5.65 -32.83
CA ILE FA 70 54.10 5.48 -34.00
C ILE FA 70 53.97 4.05 -34.41
N LYS FA 71 55.05 3.30 -34.20
CA LYS FA 71 55.13 1.94 -34.62
C LYS FA 71 54.24 1.03 -33.80
N TRP FA 72 53.61 1.58 -32.77
CA TRP FA 72 52.65 0.83 -31.99
C TRP FA 72 51.53 0.36 -32.87
N GLY FA 73 51.21 1.11 -33.92
CA GLY FA 73 50.15 0.66 -34.81
C GLY FA 73 50.47 -0.76 -35.28
N MET FA 74 51.75 -1.03 -35.54
CA MET FA 74 52.17 -2.34 -36.01
C MET FA 74 52.56 -3.27 -34.89
N TYR FA 75 53.17 -2.77 -33.82
CA TYR FA 75 53.52 -3.67 -32.73
C TYR FA 75 52.22 -4.28 -32.22
N ILE FA 76 51.18 -3.45 -32.15
CA ILE FA 76 49.87 -3.89 -31.75
C ILE FA 76 49.27 -4.83 -32.77
N ALA FA 77 49.23 -4.41 -34.04
CA ALA FA 77 48.67 -5.26 -35.10
C ALA FA 77 49.35 -6.61 -35.13
N PHE FA 78 50.67 -6.59 -35.03
CA PHE FA 78 51.49 -7.77 -35.05
C PHE FA 78 51.12 -8.67 -33.88
N GLY FA 79 51.10 -8.09 -32.68
CA GLY FA 79 50.79 -8.83 -31.47
C GLY FA 79 49.38 -9.42 -31.52
N GLU FA 80 48.41 -8.59 -31.87
CA GLU FA 80 47.01 -9.01 -31.92
C GLU FA 80 46.81 -10.13 -32.94
N LYS FA 81 47.45 -10.00 -34.09
CA LYS FA 81 47.34 -11.02 -35.11
C LYS FA 81 47.86 -12.33 -34.59
N LEU FA 82 49.02 -12.28 -33.95
CA LEU FA 82 49.60 -13.49 -33.43
C LEU FA 82 48.74 -14.10 -32.34
N LEU FA 83 48.17 -13.28 -31.45
CA LEU FA 83 47.34 -13.89 -30.41
C LEU FA 83 46.19 -14.64 -31.04
N LYS FA 84 45.56 -14.06 -32.06
CA LYS FA 84 44.50 -14.78 -32.75
C LYS FA 84 45.04 -16.13 -33.20
N SER FA 85 46.25 -16.13 -33.75
CA SER FA 85 46.90 -17.35 -34.19
C SER FA 85 47.11 -18.32 -33.04
N TYR FA 86 47.53 -17.80 -31.88
CA TYR FA 86 47.78 -18.66 -30.72
C TYR FA 86 46.50 -19.28 -30.22
N LEU FA 87 45.40 -18.56 -30.33
CA LEU FA 87 44.12 -19.12 -29.95
C LEU FA 87 43.74 -20.25 -30.92
N LYS FA 88 44.01 -20.03 -32.20
CA LYS FA 88 43.75 -21.03 -33.22
C LYS FA 88 44.59 -22.29 -33.01
N MET FA 89 45.80 -22.12 -32.49
CA MET FA 89 46.70 -23.24 -32.21
C MET FA 89 46.11 -24.22 -31.23
N LYS FA 90 45.11 -23.80 -30.48
CA LYS FA 90 44.49 -24.68 -29.50
C LYS FA 90 43.57 -25.65 -30.21
N ALA FA 91 43.35 -25.41 -31.50
CA ALA FA 91 42.62 -26.31 -32.36
C ALA FA 91 43.59 -27.06 -33.26
N GLY FA 92 44.56 -26.33 -33.81
CA GLY FA 92 45.53 -26.87 -34.76
C GLY FA 92 46.51 -27.88 -34.18
N SER FA 93 46.89 -27.68 -32.92
CA SER FA 93 47.93 -28.48 -32.29
C SER FA 93 49.24 -28.26 -32.98
N ALA FA 94 50.25 -29.04 -32.62
CA ALA FA 94 51.58 -28.87 -33.21
C ALA FA 94 51.94 -27.39 -33.23
N SER FA 95 51.73 -26.72 -32.09
CA SER FA 95 51.90 -25.28 -32.03
C SER FA 95 53.31 -24.88 -32.40
N SER FA 96 54.28 -25.73 -32.11
CA SER FA 96 55.66 -25.40 -32.41
C SER FA 96 55.82 -25.02 -33.89
N ASP FA 97 55.10 -25.72 -34.76
CA ASP FA 97 55.23 -25.47 -36.18
C ASP FA 97 54.34 -24.32 -36.61
N MET FA 98 53.15 -24.25 -36.03
CA MET FA 98 52.25 -23.17 -36.38
C MET FA 98 52.88 -21.84 -35.99
N ILE FA 99 53.50 -21.81 -34.82
CA ILE FA 99 54.15 -20.61 -34.31
C ILE FA 99 55.20 -20.15 -35.25
N ALA FA 100 56.07 -21.06 -35.65
CA ALA FA 100 57.13 -20.72 -36.57
C ALA FA 100 56.57 -20.16 -37.86
N GLU FA 101 55.51 -20.79 -38.38
CA GLU FA 101 54.96 -20.35 -39.66
C GLU FA 101 54.33 -18.96 -39.57
N TYR FA 102 53.63 -18.69 -38.48
CA TYR FA 102 53.02 -17.38 -38.33
C TYR FA 102 54.09 -16.32 -38.25
N ILE FA 103 55.14 -16.61 -37.50
CA ILE FA 103 56.25 -15.70 -37.37
C ILE FA 103 56.97 -15.53 -38.71
N ASN FA 104 57.17 -16.64 -39.43
CA ASN FA 104 57.90 -16.58 -40.70
C ASN FA 104 57.42 -15.44 -41.58
N ASN FA 105 56.11 -15.36 -41.81
CA ASN FA 105 55.60 -14.30 -42.67
C ASN FA 105 55.38 -13.01 -41.91
N ALA FA 106 54.93 -13.12 -40.66
CA ALA FA 106 54.66 -11.95 -39.87
C ALA FA 106 55.91 -11.08 -39.79
N ILE FA 107 57.08 -11.73 -39.74
CA ILE FA 107 58.36 -11.05 -39.74
C ILE FA 107 58.85 -10.73 -41.16
N SER FA 108 58.88 -11.75 -42.03
CA SER FA 108 59.51 -11.62 -43.35
C SER FA 108 58.88 -10.55 -44.22
N ALA FA 109 57.57 -10.44 -44.20
CA ALA FA 109 56.90 -9.45 -45.02
C ALA FA 109 57.01 -8.10 -44.33
N PHE FA 110 58.22 -7.61 -44.24
CA PHE FA 110 58.53 -6.48 -43.41
C PHE FA 110 57.61 -5.30 -43.66
N SER FA 111 57.50 -4.91 -44.91
CA SER FA 111 56.81 -3.68 -45.27
C SER FA 111 55.32 -3.70 -44.99
N SER FA 112 54.74 -4.87 -44.78
CA SER FA 112 53.30 -4.97 -44.59
C SER FA 112 52.87 -5.72 -43.33
N ARG FA 113 53.75 -6.55 -42.77
CA ARG FA 113 53.40 -7.31 -41.58
C ARG FA 113 54.12 -6.80 -40.35
N THR FA 114 55.19 -6.04 -40.54
CA THR FA 114 55.94 -5.52 -39.42
C THR FA 114 55.98 -4.02 -39.50
N GLY FA 115 56.84 -3.50 -40.37
CA GLY FA 115 57.08 -2.07 -40.48
C GLY FA 115 57.97 -1.63 -39.33
N ILE FA 116 58.36 -2.64 -38.54
CA ILE FA 116 59.13 -2.52 -37.33
C ILE FA 116 60.31 -3.45 -37.41
N SER FA 117 61.40 -3.11 -36.72
CA SER FA 117 62.55 -3.98 -36.73
C SER FA 117 62.18 -5.41 -36.43
N GLN FA 118 62.72 -6.32 -37.22
CA GLN FA 118 62.45 -7.73 -37.03
C GLN FA 118 62.87 -8.18 -35.64
N GLU FA 119 63.88 -7.50 -35.08
CA GLU FA 119 64.37 -7.86 -33.76
C GLU FA 119 63.32 -7.58 -32.70
N THR FA 120 62.64 -6.46 -32.84
CA THR FA 120 61.63 -6.08 -31.88
C THR FA 120 60.34 -6.80 -32.17
N ALA FA 121 60.10 -7.10 -33.45
CA ALA FA 121 58.93 -7.84 -33.85
C ALA FA 121 58.98 -9.23 -33.24
N GLN FA 122 60.17 -9.83 -33.28
CA GLN FA 122 60.34 -11.14 -32.69
C GLN FA 122 60.15 -11.08 -31.19
N LYS FA 123 60.66 -10.03 -30.55
CA LYS FA 123 60.47 -9.90 -29.11
C LYS FA 123 58.99 -9.92 -28.79
N ILE FA 124 58.20 -9.19 -29.58
CA ILE FA 124 56.77 -9.19 -29.39
C ILE FA 124 56.22 -10.58 -29.64
N ALA FA 125 56.69 -11.25 -30.69
CA ALA FA 125 56.22 -12.60 -30.95
C ALA FA 125 56.48 -13.50 -29.74
N ASP FA 126 57.59 -13.27 -29.04
CA ASP FA 126 57.95 -14.06 -27.88
C ASP FA 126 57.06 -13.70 -26.68
N PHE FA 127 56.80 -12.41 -26.49
CA PHE FA 127 55.95 -11.96 -25.40
C PHE FA 127 54.53 -12.47 -25.58
N ILE FA 128 54.06 -12.45 -26.82
CA ILE FA 128 52.74 -12.94 -27.14
C ILE FA 128 52.67 -14.44 -26.90
N THR FA 129 53.70 -15.17 -27.31
CA THR FA 129 53.76 -16.61 -27.11
C THR FA 129 53.51 -16.98 -25.66
N SER FA 130 54.08 -16.19 -24.75
CA SER FA 130 53.97 -16.46 -23.31
C SER FA 130 52.53 -16.35 -22.81
N ASN FA 131 51.65 -15.80 -23.64
CA ASN FA 131 50.24 -15.62 -23.27
C ASN FA 131 49.44 -16.91 -23.50
N TYR FA 132 50.11 -17.94 -24.02
CA TYR FA 132 49.52 -19.26 -24.27
C TYR FA 132 48.56 -19.24 -25.45
N ARG GA 6 -3.73 -29.97 -58.44
CA ARG GA 6 -3.31 -28.58 -58.53
C ARG GA 6 -3.18 -27.92 -57.16
N LYS GA 7 -4.30 -27.73 -56.49
CA LYS GA 7 -4.34 -26.99 -55.24
C LYS GA 7 -3.35 -27.51 -54.19
N LEU GA 8 -3.12 -28.82 -54.17
CA LEU GA 8 -2.27 -29.40 -53.13
C LEU GA 8 -0.78 -29.20 -53.37
N ARG GA 9 -0.41 -28.63 -54.51
CA ARG GA 9 1.00 -28.33 -54.74
C ARG GA 9 1.19 -26.87 -55.08
N GLN GA 10 0.13 -26.26 -55.63
CA GLN GA 10 0.18 -24.88 -56.10
C GLN GA 10 -0.17 -23.86 -55.01
N ASP GA 11 -1.19 -24.15 -54.21
CA ASP GA 11 -1.72 -23.14 -53.28
C ASP GA 11 -0.76 -22.88 -52.15
N SER GA 12 0.20 -23.78 -52.01
CA SER GA 12 1.21 -23.68 -50.99
C SER GA 12 1.96 -22.37 -51.08
N THR GA 13 1.96 -21.79 -52.27
CA THR GA 13 2.62 -20.52 -52.49
C THR GA 13 2.03 -19.45 -51.61
N ASP GA 14 0.69 -19.42 -51.52
CA ASP GA 14 -0.02 -18.36 -50.83
C ASP GA 14 -0.08 -18.64 -49.34
N ARG GA 15 -0.13 -19.92 -48.98
CA ARG GA 15 -0.21 -20.27 -47.58
C ARG GA 15 1.15 -19.99 -46.93
N TYR GA 16 2.22 -20.38 -47.62
CA TYR GA 16 3.56 -20.09 -47.16
C TYR GA 16 3.71 -18.57 -47.09
N LYS GA 17 3.31 -17.88 -48.17
CA LYS GA 17 3.33 -16.42 -48.21
C LYS GA 17 2.65 -15.82 -47.00
N THR GA 18 1.47 -16.32 -46.68
CA THR GA 18 0.69 -15.83 -45.56
C THR GA 18 1.55 -15.71 -44.32
N LYS GA 19 2.20 -16.80 -43.93
CA LYS GA 19 3.01 -16.73 -42.72
C LYS GA 19 4.22 -15.88 -42.87
N LEU GA 20 4.91 -16.00 -43.97
CA LEU GA 20 6.18 -15.31 -44.05
C LEU GA 20 5.94 -13.82 -43.89
N TYR GA 21 4.86 -13.33 -44.47
CA TYR GA 21 4.50 -11.94 -44.28
C TYR GA 21 4.16 -11.67 -42.82
N LEU GA 22 3.27 -12.47 -42.24
CA LEU GA 22 2.84 -12.23 -40.87
C LEU GA 22 3.99 -12.32 -39.89
N TRP GA 23 4.92 -13.23 -40.13
CA TRP GA 23 6.06 -13.38 -39.24
C TRP GA 23 6.74 -12.04 -39.12
N ARG GA 24 6.99 -11.41 -40.26
CA ARG GA 24 7.66 -10.13 -40.30
C ARG GA 24 6.73 -8.99 -39.86
N ASN GA 25 5.46 -9.06 -40.22
CA ASN GA 25 4.49 -8.01 -39.91
C ASN GA 25 4.41 -7.77 -38.41
N LEU GA 26 4.54 -8.85 -37.65
CA LEU GA 26 4.45 -8.77 -36.21
C LEU GA 26 5.72 -8.21 -35.57
N GLY GA 27 6.72 -7.92 -36.41
CA GLY GA 27 7.96 -7.31 -35.97
C GLY GA 27 7.91 -5.80 -36.14
N GLY GA 28 6.83 -5.28 -36.71
CA GLY GA 28 6.69 -3.84 -36.94
C GLY GA 28 7.50 -3.37 -38.15
N LEU GA 29 7.82 -4.30 -39.04
CA LEU GA 29 8.61 -4.03 -40.23
C LEU GA 29 7.81 -3.31 -41.32
N ILE GA 30 8.53 -2.77 -42.30
CA ILE GA 30 7.93 -2.02 -43.40
C ILE GA 30 7.17 -2.92 -44.38
N PRO GA 31 5.87 -2.68 -44.63
CA PRO GA 31 4.99 -3.41 -45.53
C PRO GA 31 5.63 -3.71 -46.88
N GLU GA 32 6.33 -2.74 -47.44
CA GLU GA 32 6.96 -2.91 -48.74
C GLU GA 32 8.14 -3.86 -48.68
N ASP GA 33 9.03 -3.64 -47.72
CA ASP GA 33 10.19 -4.52 -47.58
C ASP GA 33 9.75 -5.93 -47.32
N MET GA 34 8.70 -6.07 -46.52
CA MET GA 34 8.20 -7.38 -46.22
C MET GA 34 7.66 -8.03 -47.46
N ALA GA 35 6.83 -7.32 -48.19
CA ALA GA 35 6.24 -7.90 -49.39
C ALA GA 35 7.34 -8.40 -50.31
N ILE GA 36 8.43 -7.64 -50.42
CA ILE GA 36 9.56 -8.02 -51.25
C ILE GA 36 10.28 -9.25 -50.71
N SER GA 37 10.62 -9.23 -49.41
CA SER GA 37 11.33 -10.34 -48.81
C SER GA 37 10.51 -11.62 -48.89
N VAL GA 38 9.21 -11.48 -48.67
CA VAL GA 38 8.33 -12.61 -48.73
C VAL GA 38 8.26 -13.15 -50.13
N THR GA 39 8.07 -12.27 -51.10
CA THR GA 39 8.00 -12.70 -52.49
C THR GA 39 9.20 -13.57 -52.84
N GLU GA 40 10.39 -13.14 -52.45
CA GLU GA 40 11.57 -13.92 -52.76
C GLU GA 40 11.55 -15.26 -52.02
N SER GA 41 11.11 -15.23 -50.77
CA SER GA 41 11.02 -16.44 -49.95
C SER GA 41 10.06 -17.46 -50.52
N ILE GA 42 8.86 -17.01 -50.90
CA ILE GA 42 7.85 -17.93 -51.40
C ILE GA 42 8.27 -18.50 -52.72
N THR GA 43 8.99 -17.70 -53.51
CA THR GA 43 9.49 -18.18 -54.77
C THR GA 43 10.52 -19.25 -54.55
N ALA GA 44 11.51 -18.97 -53.69
CA ALA GA 44 12.56 -19.92 -53.44
C ALA GA 44 11.99 -21.20 -52.87
N ASP GA 45 11.08 -21.06 -51.91
CA ASP GA 45 10.45 -22.20 -51.29
C ASP GA 45 9.70 -23.03 -52.31
N TRP GA 46 8.72 -22.44 -52.96
CA TRP GA 46 7.87 -23.18 -53.85
C TRP GA 46 8.66 -23.77 -54.99
N LYS GA 47 9.47 -22.94 -55.64
CA LYS GA 47 10.22 -23.37 -56.80
C LYS GA 47 11.15 -24.51 -56.47
N GLN GA 48 12.03 -24.30 -55.50
CA GLN GA 48 13.04 -25.29 -55.22
C GLN GA 48 12.41 -26.56 -54.72
N TYR GA 49 11.45 -26.42 -53.82
CA TYR GA 49 10.83 -27.59 -53.25
C TYR GA 49 10.12 -28.42 -54.29
N ASN GA 50 9.17 -27.83 -54.98
CA ASN GA 50 8.36 -28.61 -55.89
C ASN GA 50 9.17 -29.14 -57.05
N ASP GA 51 10.15 -28.39 -57.51
CA ASP GA 51 10.91 -28.87 -58.65
C ASP GA 51 11.63 -30.17 -58.30
N MET GA 52 12.45 -30.12 -57.25
CA MET GA 52 13.20 -31.29 -56.85
C MET GA 52 12.28 -32.40 -56.34
N MET GA 53 11.37 -32.04 -55.44
CA MET GA 53 10.49 -33.02 -54.84
C MET GA 53 9.58 -33.68 -55.84
N SER GA 54 8.97 -32.90 -56.74
CA SER GA 54 8.00 -33.48 -57.65
C SER GA 54 8.67 -34.48 -58.55
N LYS GA 55 9.83 -34.14 -59.06
CA LYS GA 55 10.49 -35.07 -59.96
C LYS GA 55 10.73 -36.41 -59.27
N VAL GA 56 11.24 -36.37 -58.05
CA VAL GA 56 11.50 -37.61 -57.32
C VAL GA 56 10.21 -38.27 -56.90
N ARG GA 57 9.32 -37.52 -56.28
CA ARG GA 57 8.07 -38.03 -55.78
C ARG GA 57 7.23 -38.64 -56.88
N ASN GA 58 7.21 -38.01 -58.04
CA ASN GA 58 6.41 -38.51 -59.14
C ASN GA 58 6.96 -39.82 -59.64
N GLU GA 59 8.27 -39.89 -59.88
CA GLU GA 59 8.87 -41.13 -60.32
C GLU GA 59 8.70 -42.19 -59.24
N THR GA 60 8.84 -41.76 -58.00
CA THR GA 60 8.74 -42.67 -56.88
C THR GA 60 7.34 -43.23 -56.77
N LEU GA 61 6.36 -42.36 -56.87
CA LEU GA 61 4.97 -42.77 -56.75
C LEU GA 61 4.59 -43.73 -57.87
N ASP GA 62 4.97 -43.41 -59.11
CA ASP GA 62 4.62 -44.24 -60.25
C ASP GA 62 5.29 -45.61 -60.20
N ILE GA 63 6.56 -45.64 -59.83
CA ILE GA 63 7.30 -46.89 -59.75
C ILE GA 63 6.76 -47.78 -58.65
N LEU GA 64 6.55 -47.20 -57.49
CA LEU GA 64 6.06 -47.97 -56.37
C LEU GA 64 4.67 -48.49 -56.65
N LYS GA 65 3.82 -47.68 -57.29
CA LYS GA 65 2.49 -48.13 -57.64
C LYS GA 65 2.56 -49.27 -58.64
N THR GA 66 3.46 -49.15 -59.62
CA THR GA 66 3.66 -50.19 -60.61
C THR GA 66 4.05 -51.50 -59.95
N ASN GA 67 4.87 -51.40 -58.91
CA ASN GA 67 5.39 -52.57 -58.22
C ASN GA 67 4.47 -53.08 -57.10
N LYS GA 68 3.23 -52.58 -57.07
CA LYS GA 68 2.21 -53.04 -56.12
C LYS GA 68 2.55 -52.69 -54.68
N VAL GA 69 3.11 -51.52 -54.48
CA VAL GA 69 3.42 -51.01 -53.16
C VAL GA 69 2.16 -50.42 -52.53
N ALA GA 70 1.88 -50.80 -51.26
CA ALA GA 70 0.68 -50.33 -50.57
C ALA GA 70 0.87 -48.88 -50.17
N THR GA 71 -0.22 -48.14 -50.01
CA THR GA 71 -0.09 -46.71 -49.74
C THR GA 71 0.68 -46.41 -48.46
N GLU GA 72 0.58 -47.31 -47.49
CA GLU GA 72 1.31 -47.17 -46.24
C GLU GA 72 2.79 -47.47 -46.37
N ASP GA 73 3.19 -47.97 -47.52
CA ASP GA 73 4.57 -48.32 -47.75
C ASP GA 73 5.34 -47.16 -48.40
N TYR GA 74 4.62 -46.31 -49.13
CA TYR GA 74 5.26 -45.26 -49.90
C TYR GA 74 6.14 -44.37 -49.02
N ILE GA 75 5.69 -44.05 -47.81
CA ILE GA 75 6.52 -43.25 -46.91
C ILE GA 75 7.95 -43.71 -46.83
N GLY GA 76 8.18 -45.00 -46.71
CA GLY GA 76 9.54 -45.44 -46.54
C GLY GA 76 10.30 -45.15 -47.78
N TYR GA 77 9.69 -45.49 -48.90
CA TYR GA 77 10.36 -45.38 -50.17
C TYR GA 77 10.50 -43.95 -50.61
N ILE GA 78 9.56 -43.11 -50.20
CA ILE GA 78 9.62 -41.69 -50.51
C ILE GA 78 10.65 -41.01 -49.63
N ALA GA 79 10.62 -41.29 -48.33
CA ALA GA 79 11.60 -40.70 -47.44
C ALA GA 79 13.00 -41.06 -47.92
N PHE GA 80 13.17 -42.32 -48.33
CA PHE GA 80 14.40 -42.72 -48.98
C PHE GA 80 14.55 -42.05 -50.32
N ALA GA 81 13.48 -41.97 -51.08
CA ALA GA 81 13.58 -41.43 -52.42
C ALA GA 81 14.27 -40.09 -52.42
N GLU GA 82 13.85 -39.22 -51.51
CA GLU GA 82 14.44 -37.91 -51.46
C GLU GA 82 15.83 -37.98 -50.85
N GLU GA 83 15.97 -38.63 -49.70
CA GLU GA 83 17.29 -38.73 -49.07
C GLU GA 83 18.32 -39.21 -50.07
N LEU GA 84 17.98 -40.28 -50.78
CA LEU GA 84 18.87 -40.88 -51.76
C LEU GA 84 19.13 -39.93 -52.89
N ALA GA 85 18.07 -39.31 -53.40
CA ALA GA 85 18.17 -38.39 -54.50
C ALA GA 85 19.10 -37.24 -54.17
N HIS GA 86 19.08 -36.80 -52.92
CA HIS GA 86 19.95 -35.74 -52.46
C HIS GA 86 21.39 -36.21 -52.44
N GLN GA 87 21.61 -37.42 -51.94
CA GLN GA 87 22.95 -37.98 -51.95
C GLN GA 87 23.46 -38.11 -53.38
N VAL GA 88 22.56 -38.39 -54.32
CA VAL GA 88 22.95 -38.47 -55.73
C VAL GA 88 23.52 -37.13 -56.19
N TRP GA 89 22.83 -36.04 -55.87
CA TRP GA 89 23.37 -34.72 -56.20
C TRP GA 89 24.69 -34.50 -55.52
N LYS GA 90 24.73 -34.79 -54.23
CA LYS GA 90 25.92 -34.57 -53.44
C LYS GA 90 27.12 -35.14 -54.13
N ASN GA 91 26.97 -36.36 -54.65
CA ASN GA 91 28.04 -37.03 -55.34
C ASN GA 91 28.29 -36.43 -56.72
N LYS GA 92 27.23 -36.15 -57.48
CA LYS GA 92 27.43 -35.55 -58.79
C LYS GA 92 28.20 -34.25 -58.67
N ASN GA 93 27.97 -33.53 -57.57
CA ASN GA 93 28.64 -32.28 -57.30
C ASN GA 93 30.06 -32.46 -56.71
N SER GA 94 30.20 -33.31 -55.70
CA SER GA 94 31.44 -33.38 -54.92
C SER GA 94 32.40 -34.52 -55.23
N SER GA 95 31.92 -35.60 -55.85
CA SER GA 95 32.76 -36.79 -55.97
C SER GA 95 33.00 -37.17 -57.45
N PRO GA 96 34.04 -37.97 -57.74
CA PRO GA 96 34.31 -38.64 -58.99
C PRO GA 96 33.16 -39.55 -59.40
N ASP GA 97 32.93 -39.67 -60.71
CA ASP GA 97 31.86 -40.53 -61.20
C ASP GA 97 31.85 -41.93 -60.55
N PRO GA 98 33.02 -42.63 -60.42
CA PRO GA 98 33.15 -43.92 -59.76
C PRO GA 98 32.64 -43.90 -58.33
N ASN GA 99 32.71 -42.75 -57.67
CA ASN GA 99 32.24 -42.64 -56.30
C ASN GA 99 30.75 -42.42 -56.28
N THR GA 100 30.23 -41.77 -57.31
CA THR GA 100 28.80 -41.57 -57.41
C THR GA 100 28.15 -42.92 -57.56
N ALA GA 101 28.70 -43.73 -58.45
CA ALA GA 101 28.19 -45.08 -58.68
C ALA GA 101 28.36 -45.93 -57.44
N ASN GA 102 29.53 -45.87 -56.81
CA ASN GA 102 29.80 -46.66 -55.62
C ASN GA 102 28.86 -46.27 -54.50
N GLU GA 103 28.76 -44.97 -54.24
CA GLU GA 103 27.93 -44.50 -53.16
C GLU GA 103 26.49 -44.92 -53.37
N ALA GA 104 26.00 -44.82 -54.60
CA ALA GA 104 24.62 -45.20 -54.84
C ALA GA 104 24.39 -46.64 -54.38
N SER GA 105 25.30 -47.54 -54.74
CA SER GA 105 25.18 -48.94 -54.36
C SER GA 105 25.39 -49.15 -52.86
N LYS GA 106 26.35 -48.45 -52.29
CA LYS GA 106 26.65 -48.59 -50.87
C LYS GA 106 25.53 -48.02 -50.03
N THR GA 107 24.87 -46.97 -50.52
CA THR GA 107 23.74 -46.39 -49.82
C THR GA 107 22.57 -47.34 -49.89
N ASP GA 108 22.31 -47.93 -51.04
CA ASP GA 108 21.27 -48.92 -51.10
C ASP GA 108 21.49 -49.95 -50.00
N LEU GA 109 22.75 -50.38 -49.84
CA LEU GA 109 23.07 -51.28 -48.75
C LEU GA 109 22.76 -50.63 -47.40
N GLU GA 110 23.23 -49.39 -47.19
CA GLU GA 110 22.98 -48.67 -45.94
C GLU GA 110 21.52 -48.67 -45.57
N SER GA 111 20.68 -48.42 -46.56
CA SER GA 111 19.25 -48.30 -46.37
C SER GA 111 18.66 -49.53 -45.71
N LYS GA 112 19.41 -50.64 -45.72
CA LYS GA 112 18.99 -51.89 -45.10
C LYS GA 112 18.76 -51.70 -43.61
N TYR GA 113 19.29 -50.61 -43.04
CA TYR GA 113 19.04 -50.31 -41.64
C TYR GA 113 17.55 -50.25 -41.38
N SER GA 114 16.78 -49.93 -42.42
CA SER GA 114 15.34 -49.86 -42.33
C SER GA 114 14.72 -51.06 -42.99
N ASP GA 115 13.62 -51.52 -42.41
CA ASP GA 115 12.82 -52.62 -42.94
C ASP GA 115 12.28 -52.34 -44.33
N VAL GA 116 12.28 -51.08 -44.68
CA VAL GA 116 11.80 -50.59 -45.94
C VAL GA 116 12.63 -51.07 -47.11
N TYR GA 117 13.94 -51.07 -46.94
CA TYR GA 117 14.84 -51.32 -48.05
C TYR GA 117 14.62 -52.65 -48.75
N GLY GA 118 14.63 -52.60 -50.08
CA GLY GA 118 14.50 -53.77 -50.92
C GLY GA 118 14.63 -53.37 -52.38
N LEU GA 119 14.27 -54.27 -53.29
CA LEU GA 119 14.38 -54.03 -54.73
C LEU GA 119 13.84 -52.66 -55.10
N ASP GA 120 12.70 -52.29 -54.50
CA ASP GA 120 12.07 -51.03 -54.82
C ASP GA 120 13.06 -49.88 -54.70
N VAL GA 121 13.91 -49.91 -53.68
CA VAL GA 121 14.86 -48.84 -53.46
C VAL GA 121 15.92 -48.83 -54.53
N THR GA 122 16.46 -50.00 -54.84
CA THR GA 122 17.53 -50.09 -55.82
C THR GA 122 17.05 -49.62 -57.18
N VAL GA 123 15.81 -49.94 -57.51
CA VAL GA 123 15.22 -49.49 -58.77
C VAL GA 123 15.10 -47.98 -58.78
N LEU GA 124 14.54 -47.44 -57.70
CA LEU GA 124 14.32 -46.02 -57.60
C LEU GA 124 15.59 -45.20 -57.71
N ASP GA 125 16.64 -45.64 -57.03
CA ASP GA 125 17.85 -44.84 -57.05
C ASP GA 125 18.47 -44.85 -58.44
N ALA GA 126 18.44 -45.99 -59.11
CA ALA GA 126 18.98 -46.06 -60.45
C ALA GA 126 18.30 -45.01 -61.34
N ILE GA 127 16.99 -44.86 -61.14
CA ILE GA 127 16.23 -43.87 -61.89
C ILE GA 127 16.69 -42.46 -61.55
N TYR GA 128 16.80 -42.16 -60.26
CA TYR GA 128 17.19 -40.81 -59.86
C TYR GA 128 18.53 -40.44 -60.46
N ASN GA 129 19.49 -41.36 -60.42
CA ASN GA 129 20.82 -41.09 -60.93
C ASN GA 129 20.78 -40.78 -62.42
N ALA GA 130 20.01 -41.58 -63.15
CA ALA GA 130 19.92 -41.44 -64.59
C ALA GA 130 18.99 -40.31 -65.04
N VAL GA 131 18.01 -39.96 -64.23
CA VAL GA 131 16.94 -39.08 -64.70
C VAL GA 131 16.87 -37.68 -64.09
N ILE GA 132 17.03 -37.54 -62.78
CA ILE GA 132 16.59 -36.32 -62.13
C ILE GA 132 17.74 -35.37 -61.71
N PRO GA 133 17.71 -34.10 -62.16
CA PRO GA 133 18.65 -33.04 -61.84
C PRO GA 133 18.34 -32.47 -60.45
N ILE GA 134 18.63 -33.25 -59.43
CA ILE GA 134 18.28 -32.94 -58.04
C ILE GA 134 18.93 -31.68 -57.51
N ILE GA 135 18.13 -30.88 -56.81
CA ILE GA 135 18.59 -29.66 -56.16
C ILE GA 135 19.10 -29.96 -54.76
N MET GA 136 20.28 -29.46 -54.44
CA MET GA 136 20.86 -29.61 -53.11
C MET GA 136 22.08 -28.70 -52.95
N ARG HA 7 31.88 -17.38 -25.08
CA ARG HA 7 30.68 -16.96 -25.80
C ARG HA 7 29.57 -18.03 -25.78
N GLN HA 8 29.92 -19.25 -26.20
CA GLN HA 8 28.94 -20.34 -26.32
C GLN HA 8 28.53 -20.89 -24.97
N ASP HA 9 29.15 -20.37 -23.92
CA ASP HA 9 28.87 -20.78 -22.56
C ASP HA 9 27.54 -20.21 -22.05
N SER HA 10 27.09 -19.10 -22.63
CA SER HA 10 25.83 -18.52 -22.18
C SER HA 10 25.07 -17.74 -23.24
N LYS HA 11 25.77 -17.22 -24.24
CA LYS HA 11 25.13 -16.30 -25.16
C LYS HA 11 24.00 -16.98 -25.93
N ASP HA 12 24.04 -18.29 -26.03
CA ASP HA 12 23.09 -19.00 -26.85
C ASP HA 12 21.70 -18.93 -26.29
N ARG HA 13 21.54 -19.35 -25.05
CA ARG HA 13 20.23 -19.34 -24.43
C ARG HA 13 19.70 -17.93 -24.28
N TYR HA 14 20.59 -16.96 -24.02
CA TYR HA 14 20.13 -15.60 -23.85
C TYR HA 14 19.52 -15.03 -25.10
N GLN HA 15 20.20 -15.19 -26.22
CA GLN HA 15 19.69 -14.63 -27.44
C GLN HA 15 18.69 -15.51 -28.13
N TYR HA 16 18.88 -16.81 -28.03
CA TYR HA 16 17.93 -17.68 -28.66
C TYR HA 16 16.53 -17.35 -28.15
N LYS HA 17 16.41 -17.13 -26.84
CA LYS HA 17 15.12 -16.70 -26.30
C LYS HA 17 14.63 -15.44 -27.01
N GLN HA 18 15.54 -14.47 -27.20
CA GLN HA 18 15.17 -13.24 -27.90
C GLN HA 18 14.65 -13.53 -29.29
N TYR HA 19 15.28 -14.47 -29.98
CA TYR HA 19 14.80 -14.84 -31.30
C TYR HA 19 13.37 -15.24 -31.30
N ILE HA 20 13.02 -16.17 -30.43
CA ILE HA 20 11.67 -16.67 -30.43
C ILE HA 20 10.70 -15.56 -30.12
N TYR HA 21 11.04 -14.73 -29.14
CA TYR HA 21 10.16 -13.64 -28.80
C TYR HA 21 9.78 -12.87 -30.07
N ARG HA 22 10.79 -12.58 -30.89
CA ARG HA 22 10.56 -11.90 -32.17
C ARG HA 22 9.61 -12.70 -33.08
N SER HA 23 9.85 -14.01 -33.20
CA SER HA 23 9.01 -14.88 -34.02
C SER HA 23 7.57 -14.95 -33.55
N ILE HA 24 7.40 -14.96 -32.23
CA ILE HA 24 6.06 -15.02 -31.67
C ILE HA 24 5.27 -13.82 -32.10
N GLY HA 25 5.88 -12.64 -32.00
CA GLY HA 25 5.26 -11.42 -32.48
C GLY HA 25 4.79 -10.53 -31.35
N GLY HA 26 4.73 -9.22 -31.63
CA GLY HA 26 4.36 -8.24 -30.60
C GLY HA 26 2.86 -8.23 -30.32
N ILE HA 27 2.11 -9.03 -31.06
CA ILE HA 27 0.67 -9.10 -30.89
C ILE HA 27 0.28 -10.10 -29.81
N VAL HA 28 1.25 -10.93 -29.40
CA VAL HA 28 0.96 -11.96 -28.42
C VAL HA 28 1.30 -11.48 -27.01
N PRO HA 29 0.32 -11.53 -26.07
CA PRO HA 29 0.48 -11.12 -24.69
C PRO HA 29 1.70 -11.81 -24.07
N PRO HA 30 2.41 -11.10 -23.18
CA PRO HA 30 3.69 -11.50 -22.59
C PRO HA 30 3.60 -12.79 -21.80
N GLU HA 31 2.41 -13.12 -21.26
CA GLU HA 31 2.22 -14.36 -20.52
C GLU HA 31 2.33 -15.55 -21.44
N MET HA 32 2.22 -15.30 -22.73
CA MET HA 32 2.42 -16.32 -23.72
C MET HA 32 3.74 -16.12 -24.42
N ALA HA 33 4.07 -14.87 -24.73
CA ALA HA 33 5.27 -14.62 -25.50
C ALA HA 33 6.51 -15.11 -24.78
N GLU HA 34 6.67 -14.75 -23.51
CA GLU HA 34 7.87 -15.13 -22.78
C GLU HA 34 7.84 -16.57 -22.32
N THR HA 35 6.66 -17.03 -21.90
CA THR HA 35 6.55 -18.37 -21.35
C THR HA 35 6.80 -19.42 -22.41
N VAL HA 36 6.30 -19.16 -23.61
CA VAL HA 36 6.55 -20.04 -24.74
C VAL HA 36 8.01 -19.98 -25.12
N THR HA 37 8.55 -18.77 -25.18
CA THR HA 37 9.95 -18.57 -25.51
C THR HA 37 10.86 -19.36 -24.60
N ALA HA 38 10.66 -19.22 -23.29
CA ALA HA 38 11.51 -19.89 -22.34
C ALA HA 38 11.44 -21.40 -22.49
N ASN HA 39 10.24 -21.92 -22.75
CA ASN HA 39 10.07 -23.35 -22.91
C ASN HA 39 10.78 -23.87 -24.13
N GLN HA 40 10.59 -23.21 -25.25
CA GLN HA 40 11.19 -23.62 -26.50
C GLN HA 40 12.71 -23.56 -26.40
N THR HA 41 13.22 -22.55 -25.71
CA THR HA 41 14.65 -22.43 -25.52
C THR HA 41 15.19 -23.60 -24.73
N ALA HA 42 14.50 -23.97 -23.66
CA ALA HA 42 14.94 -25.09 -22.86
C ALA HA 42 15.07 -26.33 -23.74
N GLN HA 43 14.12 -26.50 -24.66
CA GLN HA 43 14.21 -27.61 -25.60
C GLN HA 43 15.42 -27.46 -26.51
N TRP HA 44 15.75 -26.22 -26.89
CA TRP HA 44 16.93 -26.00 -27.72
C TRP HA 44 18.16 -26.43 -26.98
N GLU HA 45 18.26 -26.03 -25.74
CA GLU HA 45 19.44 -26.35 -24.96
C GLU HA 45 19.62 -27.86 -24.87
N ALA HA 46 18.55 -28.56 -24.50
CA ALA HA 46 18.60 -30.01 -24.34
C ALA HA 46 18.82 -30.72 -25.66
N GLY HA 47 18.13 -30.28 -26.70
CA GLY HA 47 18.19 -30.89 -28.02
C GLY HA 47 19.55 -30.68 -28.67
N PHE HA 48 20.08 -29.48 -28.51
CA PHE HA 48 21.34 -29.08 -29.10
C PHE HA 48 22.54 -29.79 -28.48
N THR HA 49 22.59 -29.78 -27.15
CA THR HA 49 23.74 -30.28 -26.41
C THR HA 49 24.36 -31.59 -26.96
N PRO HA 50 23.60 -32.69 -27.16
CA PRO HA 50 24.10 -33.98 -27.62
C PRO HA 50 25.02 -33.85 -28.83
N TYR HA 51 24.67 -32.97 -29.76
CA TYR HA 51 25.47 -32.81 -30.97
C TYR HA 51 26.66 -31.92 -30.69
N HIS HA 52 26.45 -30.98 -29.80
CA HIS HA 52 27.50 -30.07 -29.40
C HIS HA 52 28.61 -30.87 -28.75
N LYS HA 53 28.24 -31.80 -27.88
CA LYS HA 53 29.20 -32.65 -27.21
C LYS HA 53 30.02 -33.43 -28.20
N LEU HA 54 29.36 -33.99 -29.22
CA LEU HA 54 30.09 -34.71 -30.26
C LEU HA 54 31.10 -33.83 -30.95
N ARG HA 55 30.67 -32.64 -31.36
CA ARG HA 55 31.55 -31.74 -32.07
C ARG HA 55 32.77 -31.38 -31.25
N LEU HA 56 32.57 -31.12 -29.97
CA LEU HA 56 33.67 -30.80 -29.08
C LEU HA 56 34.60 -31.99 -28.94
N ALA HA 57 34.02 -33.19 -28.80
CA ALA HA 57 34.82 -34.40 -28.69
C ALA HA 57 35.64 -34.61 -29.95
N ILE HA 58 35.03 -34.38 -31.10
CA ILE HA 58 35.71 -34.55 -32.38
C ILE HA 58 36.92 -33.66 -32.47
N LYS HA 59 36.75 -32.39 -32.08
CA LYS HA 59 37.86 -31.46 -32.08
C LYS HA 59 39.06 -32.06 -31.36
N GLU HA 60 38.82 -32.58 -30.16
CA GLU HA 60 39.89 -33.17 -29.36
C GLU HA 60 40.48 -34.43 -30.00
N ILE HA 61 39.63 -35.22 -30.66
CA ILE HA 61 40.12 -36.43 -31.30
C ILE HA 61 41.12 -36.09 -32.39
N CYS HA 62 40.80 -35.10 -33.21
CA CYS HA 62 41.71 -34.74 -34.27
C CYS HA 62 43.04 -34.23 -33.75
N LYS HA 63 43.01 -33.44 -32.69
CA LYS HA 63 44.26 -33.01 -32.08
C LYS HA 63 45.04 -34.19 -31.55
N THR HA 64 44.33 -35.13 -30.92
CA THR HA 64 44.93 -36.33 -30.37
C THR HA 64 45.60 -37.15 -31.44
N ASP HA 65 44.89 -37.34 -32.55
CA ASP HA 65 45.40 -38.10 -33.67
C ASP HA 65 46.49 -37.34 -34.41
N GLY HA 66 46.40 -36.01 -34.42
CA GLY HA 66 47.37 -35.19 -35.12
C GLY HA 66 46.99 -35.11 -36.59
N ILE HA 67 45.70 -34.91 -36.82
CA ILE HA 67 45.16 -34.91 -38.16
C ILE HA 67 44.53 -33.55 -38.52
N PRO HA 68 44.31 -33.25 -39.82
CA PRO HA 68 43.90 -31.97 -40.40
C PRO HA 68 42.68 -31.32 -39.77
N ASN HA 69 42.72 -29.99 -39.63
CA ASN HA 69 41.60 -29.21 -39.09
C ASN HA 69 40.51 -29.07 -40.12
N ILE HA 70 40.88 -28.93 -41.39
CA ILE HA 70 39.89 -28.71 -42.41
C ILE HA 70 38.88 -29.82 -42.47
N LYS HA 71 39.36 -31.02 -42.18
CA LYS HA 71 38.56 -32.21 -42.30
C LYS HA 71 37.50 -32.29 -41.24
N TRP HA 72 37.51 -31.34 -40.30
CA TRP HA 72 36.46 -31.25 -39.31
C TRP HA 72 35.12 -31.08 -39.97
N GLY HA 73 35.09 -30.43 -41.13
CA GLY HA 73 33.82 -30.28 -41.81
C GLY HA 73 33.18 -31.66 -41.98
N MET HA 74 34.00 -32.67 -42.27
CA MET HA 74 33.49 -34.01 -42.45
C MET HA 74 33.48 -34.84 -41.19
N TYR HA 75 34.47 -34.65 -40.32
CA TYR HA 75 34.44 -35.42 -39.08
C TYR HA 75 33.16 -35.06 -38.35
N ILE HA 76 32.82 -33.78 -38.38
CA ILE HA 76 31.59 -33.29 -37.79
C ILE HA 76 30.39 -33.82 -38.55
N ALA HA 77 30.35 -33.62 -39.86
CA ALA HA 77 29.21 -34.10 -40.65
C ALA HA 77 28.98 -35.60 -40.43
N PHE HA 78 30.06 -36.34 -40.44
CA PHE HA 78 30.04 -37.77 -40.25
C PHE HA 78 29.46 -38.11 -38.88
N GLY HA 79 30.02 -37.48 -37.85
CA GLY HA 79 29.57 -37.70 -36.48
C GLY HA 79 28.11 -37.34 -36.29
N GLU HA 80 27.73 -36.14 -36.74
CA GLU HA 80 26.37 -35.65 -36.59
C GLU HA 80 25.38 -36.55 -37.32
N LYS HA 81 25.73 -36.99 -38.53
CA LYS HA 81 24.87 -37.87 -39.27
C LYS HA 81 24.64 -39.16 -38.50
N LEU HA 82 25.72 -39.72 -37.98
CA LEU HA 82 25.59 -40.95 -37.25
C LEU HA 82 24.77 -40.76 -35.99
N LEU HA 83 24.95 -39.66 -35.26
CA LEU HA 83 24.15 -39.50 -34.06
C LEU HA 83 22.67 -39.49 -34.41
N LYS HA 84 22.30 -38.80 -35.49
CA LYS HA 84 20.92 -38.84 -35.91
C LYS HA 84 20.49 -40.28 -36.09
N SER HA 85 21.35 -41.07 -36.72
CA SER HA 85 21.08 -42.49 -36.91
C SER HA 85 20.93 -43.23 -35.60
N TYR HA 86 21.77 -42.90 -34.62
CA TYR HA 86 21.71 -43.58 -33.32
C TYR HA 86 20.44 -43.23 -32.59
N LEU HA 87 19.95 -42.02 -32.79
CA LEU HA 87 18.68 -41.65 -32.19
C LEU HA 87 17.55 -42.45 -32.85
N LYS HA 88 17.64 -42.61 -34.17
CA LYS HA 88 16.65 -43.39 -34.91
C LYS HA 88 16.65 -44.86 -34.49
N MET HA 89 17.83 -45.37 -34.12
CA MET HA 89 17.96 -46.76 -33.66
C MET HA 89 17.12 -47.05 -32.43
N LYS HA 90 16.71 -46.00 -31.72
CA LYS HA 90 15.90 -46.20 -30.53
C LYS HA 90 14.47 -46.52 -30.93
N ALA HA 91 14.19 -46.38 -32.23
CA ALA HA 91 12.92 -46.77 -32.80
C ALA HA 91 13.10 -48.07 -33.58
N GLY HA 92 14.18 -48.14 -34.35
CA GLY HA 92 14.46 -49.28 -35.23
C GLY HA 92 14.79 -50.57 -34.51
N SER HA 93 15.44 -50.47 -33.35
CA SER HA 93 15.93 -51.64 -32.64
C SER HA 93 16.99 -52.34 -33.47
N ALA HA 94 17.41 -53.52 -33.02
CA ALA HA 94 18.45 -54.25 -33.72
C ALA HA 94 19.58 -53.30 -34.10
N SER HA 95 20.02 -52.50 -33.13
CA SER HA 95 20.99 -51.45 -33.40
C SER HA 95 22.27 -52.02 -33.96
N SER HA 96 22.61 -53.23 -33.56
CA SER HA 96 23.85 -53.84 -34.05
C SER HA 96 23.91 -53.83 -35.57
N ASP HA 97 22.76 -54.07 -36.21
CA ASP HA 97 22.74 -54.15 -37.65
C ASP HA 97 22.59 -52.77 -38.26
N MET HA 98 21.80 -51.93 -37.62
CA MET HA 98 21.63 -50.58 -38.13
C MET HA 98 22.95 -49.85 -38.10
N ILE HA 99 23.70 -50.04 -37.02
CA ILE HA 99 25.00 -49.41 -36.84
C ILE HA 99 25.91 -49.80 -37.94
N ALA HA 100 26.01 -51.10 -38.19
CA ALA HA 100 26.88 -51.59 -39.23
C ALA HA 100 26.50 -50.99 -40.58
N GLU HA 101 25.19 -50.93 -40.87
CA GLU HA 101 24.76 -50.42 -42.16
C GLU HA 101 25.07 -48.94 -42.34
N TYR HA 102 24.86 -48.14 -41.29
CA TYR HA 102 25.16 -46.73 -41.38
C TYR HA 102 26.63 -46.51 -41.63
N ILE HA 103 27.45 -47.27 -40.92
CA ILE HA 103 28.88 -47.20 -41.08
C ILE HA 103 29.29 -47.68 -42.47
N ASN HA 104 28.68 -48.77 -42.94
CA ASN HA 104 29.05 -49.34 -44.23
C ASN HA 104 29.14 -48.27 -45.31
N ASN HA 105 28.10 -47.46 -45.47
CA ASN HA 105 28.13 -46.43 -46.50
C ASN HA 105 28.84 -45.17 -46.03
N ALA HA 106 28.66 -44.83 -44.76
CA ALA HA 106 29.27 -43.63 -44.23
C ALA HA 106 30.77 -43.69 -44.45
N ILE HA 107 31.34 -44.88 -44.35
CA ILE HA 107 32.76 -45.10 -44.59
C ILE HA 107 33.06 -45.34 -46.07
N SER HA 108 32.33 -46.28 -46.69
CA SER HA 108 32.64 -46.74 -48.05
C SER HA 108 32.59 -45.65 -49.09
N ALA HA 109 31.60 -44.76 -49.00
CA ALA HA 109 31.48 -43.69 -49.97
C ALA HA 109 32.46 -42.61 -49.61
N PHE HA 110 33.73 -42.92 -49.73
CA PHE HA 110 34.78 -42.09 -49.20
C PHE HA 110 34.68 -40.65 -49.64
N SER HA 111 34.56 -40.44 -50.93
CA SER HA 111 34.65 -39.11 -51.50
C SER HA 111 33.49 -38.19 -51.12
N SER HA 112 32.41 -38.76 -50.59
CA SER HA 112 31.23 -37.95 -50.29
C SER HA 112 30.72 -38.11 -48.86
N ARG HA 113 31.04 -39.21 -48.20
CA ARG HA 113 30.57 -39.44 -46.84
C ARG HA 113 31.67 -39.30 -45.81
N THR HA 114 32.93 -39.37 -46.25
CA THR HA 114 34.03 -39.25 -45.33
C THR HA 114 34.90 -38.09 -45.77
N GLY HA 115 35.71 -38.32 -46.79
CA GLY HA 115 36.70 -37.33 -47.23
C GLY HA 115 37.89 -37.38 -46.28
N ILE HA 116 37.78 -38.29 -45.32
CA ILE HA 116 38.69 -38.49 -44.23
C ILE HA 116 39.09 -39.95 -44.18
N SER HA 117 40.28 -40.22 -43.67
CA SER HA 117 40.72 -41.61 -43.58
C SER HA 117 39.67 -42.48 -42.94
N GLN HA 118 39.42 -43.63 -43.53
CA GLN HA 118 38.44 -44.56 -43.02
C GLN HA 118 38.79 -44.97 -41.60
N GLU HA 119 40.09 -44.96 -41.28
CA GLU HA 119 40.53 -45.36 -39.95
C GLU HA 119 40.06 -44.37 -38.91
N THR HA 120 40.12 -43.08 -39.24
CA THR HA 120 39.72 -42.05 -38.32
C THR HA 120 38.22 -41.89 -38.34
N ALA HA 121 37.62 -42.16 -39.51
CA ALA HA 121 36.18 -42.10 -39.64
C ALA HA 121 35.55 -43.15 -38.74
N GLN HA 122 36.15 -44.34 -38.73
CA GLN HA 122 35.65 -45.40 -37.86
C GLN HA 122 35.82 -45.03 -36.40
N LYS HA 123 36.96 -44.42 -36.06
CA LYS HA 123 37.15 -44.01 -34.68
C LYS HA 123 36.03 -43.09 -34.26
N ILE HA 124 35.66 -42.16 -35.13
CA ILE HA 124 34.55 -41.28 -34.83
C ILE HA 124 33.27 -42.08 -34.72
N ALA HA 125 33.06 -43.03 -35.63
CA ALA HA 125 31.87 -43.86 -35.54
C ALA HA 125 31.80 -44.55 -34.17
N ASP HA 126 32.95 -44.94 -33.65
CA ASP HA 126 33.02 -45.62 -32.35
C ASP HA 126 32.74 -44.64 -31.21
N PHE HA 127 33.31 -43.44 -31.30
CA PHE HA 127 33.10 -42.43 -30.27
C PHE HA 127 31.64 -42.01 -30.23
N ILE HA 128 31.03 -41.88 -31.39
CA ILE HA 128 29.64 -41.52 -31.50
C ILE HA 128 28.77 -42.63 -30.93
N THR HA 129 29.10 -43.88 -31.24
CA THR HA 129 28.36 -45.04 -30.72
C THR HA 129 28.23 -44.97 -29.21
N SER HA 130 29.32 -44.57 -28.54
CA SER HA 130 29.35 -44.52 -27.08
C SER HA 130 28.36 -43.50 -26.51
N ASN HA 131 27.81 -42.65 -27.37
CA ASN HA 131 26.86 -41.63 -26.95
C ASN HA 131 25.44 -42.20 -26.82
N TYR HA 132 25.29 -43.48 -27.15
CA TYR HA 132 24.02 -44.20 -27.05
C TYR HA 132 23.04 -43.78 -28.13
N ARG IA 6 -31.24 -25.57 -53.81
CA ARG IA 6 -30.13 -24.72 -54.25
C ARG IA 6 -29.39 -24.10 -53.08
N LYS IA 7 -30.05 -23.19 -52.38
CA LYS IA 7 -29.41 -22.41 -51.33
C LYS IA 7 -28.71 -23.26 -50.27
N LEU IA 8 -29.26 -24.43 -49.97
CA LEU IA 8 -28.72 -25.25 -48.90
C LEU IA 8 -27.46 -26.01 -49.29
N ARG IA 9 -27.06 -25.94 -50.55
CA ARG IA 9 -25.82 -26.59 -50.95
C ARG IA 9 -24.89 -25.58 -51.63
N GLN IA 10 -25.50 -24.54 -52.21
CA GLN IA 10 -24.77 -23.55 -52.98
C GLN IA 10 -24.25 -22.39 -52.14
N ASP IA 11 -25.08 -21.88 -51.21
CA ASP IA 11 -24.75 -20.66 -50.50
C ASP IA 11 -23.62 -20.88 -49.54
N SER IA 12 -23.33 -22.13 -49.26
CA SER IA 12 -22.27 -22.52 -48.36
C SER IA 12 -20.95 -21.95 -48.81
N THR IA 13 -20.84 -21.64 -50.09
CA THR IA 13 -19.63 -21.07 -50.63
C THR IA 13 -19.33 -19.74 -49.97
N ASP IA 14 -20.35 -18.92 -49.81
CA ASP IA 14 -20.19 -17.57 -49.31
C ASP IA 14 -20.12 -17.53 -47.80
N ARG IA 15 -20.81 -18.47 -47.16
CA ARG IA 15 -20.80 -18.51 -45.72
C ARG IA 15 -19.43 -19.01 -45.25
N TYR IA 16 -18.93 -20.05 -45.91
CA TYR IA 16 -17.61 -20.55 -45.63
C TYR IA 16 -16.60 -19.44 -45.93
N LYS IA 17 -16.74 -18.79 -47.09
CA LYS IA 17 -15.90 -17.66 -47.47
C LYS IA 17 -15.87 -16.62 -46.37
N THR IA 18 -17.04 -16.26 -45.86
CA THR IA 18 -17.16 -15.25 -44.82
C THR IA 18 -16.16 -15.50 -43.71
N LYS IA 19 -16.19 -16.70 -43.13
CA LYS IA 19 -15.28 -16.97 -42.04
C LYS IA 19 -13.85 -17.03 -42.46
N LEU IA 20 -13.57 -17.69 -43.56
CA LEU IA 20 -12.19 -17.92 -43.89
C LEU IA 20 -11.50 -16.58 -44.04
N TYR IA 21 -12.20 -15.62 -44.65
CA TYR IA 21 -11.65 -14.28 -44.73
C TYR IA 21 -11.49 -13.66 -43.36
N LEU IA 22 -12.54 -13.69 -42.55
CA LEU IA 22 -12.49 -13.05 -41.24
C LEU IA 22 -11.42 -13.68 -40.36
N TRP IA 23 -11.24 -14.98 -40.44
CA TRP IA 23 -10.25 -15.66 -39.64
C TRP IA 23 -8.91 -14.99 -39.87
N ARG IA 24 -8.59 -14.80 -41.14
CA ARG IA 24 -7.33 -14.18 -41.53
C ARG IA 24 -7.33 -12.67 -41.28
N ASN IA 25 -8.46 -12.03 -41.52
CA ASN IA 25 -8.57 -10.57 -41.37
C ASN IA 25 -8.22 -10.13 -39.97
N LEU IA 26 -8.57 -10.95 -38.99
CA LEU IA 26 -8.33 -10.64 -37.60
C LEU IA 26 -6.87 -10.87 -37.22
N GLY IA 27 -6.07 -11.35 -38.17
CA GLY IA 27 -4.65 -11.55 -37.97
C GLY IA 27 -3.85 -10.35 -38.47
N GLY IA 28 -4.53 -9.37 -39.07
CA GLY IA 28 -3.87 -8.19 -39.60
C GLY IA 28 -3.19 -8.46 -40.94
N LEU IA 29 -3.64 -9.50 -41.62
CA LEU IA 29 -3.08 -9.92 -42.90
C LEU IA 29 -3.52 -9.03 -44.05
N ILE IA 30 -2.84 -9.17 -45.19
CA ILE IA 30 -3.09 -8.36 -46.37
C ILE IA 30 -4.41 -8.76 -47.07
N PRO IA 31 -5.35 -7.82 -47.27
CA PRO IA 31 -6.64 -8.01 -47.91
C PRO IA 31 -6.57 -8.81 -49.20
N GLU IA 32 -5.55 -8.54 -50.02
CA GLU IA 32 -5.42 -9.22 -51.29
C GLU IA 32 -5.00 -10.67 -51.11
N ASP IA 33 -3.98 -10.90 -50.29
CA ASP IA 33 -3.52 -12.26 -50.05
C ASP IA 33 -4.62 -13.07 -49.44
N MET IA 34 -5.39 -12.45 -48.56
CA MET IA 34 -6.48 -13.15 -47.93
C MET IA 34 -7.51 -13.51 -48.95
N ALA IA 35 -7.92 -12.55 -49.76
CA ALA IA 35 -8.94 -12.82 -50.75
C ALA IA 35 -8.53 -14.00 -51.62
N ILE IA 36 -7.25 -14.07 -51.97
CA ILE IA 36 -6.74 -15.16 -52.78
C ILE IA 36 -6.76 -16.48 -52.02
N SER IA 37 -6.21 -16.50 -50.80
CA SER IA 37 -6.17 -17.72 -50.01
C SER IA 37 -7.57 -18.25 -49.74
N VAL IA 38 -8.48 -17.33 -49.46
CA VAL IA 38 -9.84 -17.70 -49.19
C VAL IA 38 -10.47 -18.28 -50.44
N THR IA 39 -10.31 -17.61 -51.57
CA THR IA 39 -10.89 -18.10 -52.81
C THR IA 39 -10.50 -19.55 -53.04
N GLU IA 40 -9.23 -19.87 -52.85
CA GLU IA 40 -8.77 -21.23 -53.07
C GLU IA 40 -9.41 -22.17 -52.05
N SER IA 41 -9.51 -21.72 -50.81
CA SER IA 41 -10.11 -22.51 -49.73
C SER IA 41 -11.57 -22.81 -49.98
N ILE IA 42 -12.34 -21.80 -50.37
CA ILE IA 42 -13.77 -21.98 -50.55
C ILE IA 42 -14.02 -22.88 -51.74
N THR IA 43 -13.14 -22.79 -52.74
CA THR IA 43 -13.25 -23.63 -53.90
C THR IA 43 -12.99 -25.07 -53.53
N ALA IA 44 -11.88 -25.32 -52.83
CA ALA IA 44 -11.54 -26.67 -52.45
C ALA IA 44 -12.61 -27.25 -51.57
N ASP IA 45 -13.06 -26.47 -50.60
CA ASP IA 45 -14.10 -26.90 -49.70
C ASP IA 45 -15.38 -27.26 -50.43
N TRP IA 46 -15.94 -26.28 -51.12
CA TRP IA 46 -17.22 -26.49 -51.76
C TRP IA 46 -17.15 -27.59 -52.80
N LYS IA 47 -16.14 -27.50 -53.68
CA LYS IA 47 -16.02 -28.45 -54.75
C LYS IA 47 -15.86 -29.86 -54.26
N GLN IA 48 -14.86 -30.09 -53.42
CA GLN IA 48 -14.56 -31.43 -53.01
C GLN IA 48 -15.68 -31.99 -52.19
N TYR IA 49 -16.20 -31.18 -51.27
CA TYR IA 49 -17.25 -31.66 -50.41
C TYR IA 49 -18.49 -32.03 -51.16
N ASN IA 50 -19.05 -31.09 -51.91
CA ASN IA 50 -20.32 -31.36 -52.55
C ASN IA 50 -20.21 -32.41 -53.62
N ASP IA 51 -19.08 -32.47 -54.32
CA ASP IA 51 -18.96 -33.45 -55.38
C ASP IA 51 -19.05 -34.87 -54.80
N MET IA 52 -18.18 -35.17 -53.86
CA MET IA 52 -18.16 -36.49 -53.25
C MET IA 52 -19.43 -36.75 -52.44
N MET IA 53 -19.78 -35.80 -51.58
CA MET IA 53 -20.92 -35.97 -50.71
C MET IA 53 -22.22 -36.08 -51.46
N SER IA 54 -22.44 -35.22 -52.46
CA SER IA 54 -23.72 -35.23 -53.14
C SER IA 54 -23.93 -36.53 -53.84
N LYS IA 55 -22.90 -37.04 -54.51
CA LYS IA 55 -23.09 -38.29 -55.22
C LYS IA 55 -23.52 -39.40 -54.27
N VAL IA 56 -22.86 -39.51 -53.13
CA VAL IA 56 -23.21 -40.54 -52.16
C VAL IA 56 -24.54 -40.23 -51.51
N ARG IA 57 -24.70 -39.02 -51.01
CA ARG IA 57 -25.89 -38.62 -50.30
C ARG IA 57 -27.13 -38.75 -51.17
N ASN IA 58 -27.01 -38.40 -52.44
CA ASN IA 58 -28.14 -38.46 -53.35
C ASN IA 58 -28.55 -39.89 -53.57
N GLU IA 59 -27.59 -40.75 -53.89
CA GLU IA 59 -27.90 -42.16 -54.08
C GLU IA 59 -28.43 -42.74 -52.79
N THR IA 60 -27.83 -42.32 -51.68
CA THR IA 60 -28.21 -42.83 -50.38
C THR IA 60 -29.62 -42.41 -50.04
N LEU IA 61 -29.94 -41.16 -50.27
CA LEU IA 61 -31.24 -40.64 -49.96
C LEU IA 61 -32.33 -41.33 -50.80
N ASP IA 62 -32.07 -41.46 -52.10
CA ASP IA 62 -33.05 -42.07 -53.00
C ASP IA 62 -33.29 -43.55 -52.69
N ILE IA 63 -32.22 -44.29 -52.41
CA ILE IA 63 -32.33 -45.70 -52.12
C ILE IA 63 -33.05 -45.93 -50.80
N LEU IA 64 -32.66 -45.19 -49.78
CA LEU IA 64 -33.27 -45.34 -48.49
C LEU IA 64 -34.75 -44.96 -48.55
N LYS IA 65 -35.07 -43.91 -49.29
CA LYS IA 65 -36.46 -43.52 -49.43
C LYS IA 65 -37.25 -44.60 -50.14
N THR IA 66 -36.66 -45.17 -51.19
CA THR IA 66 -37.28 -46.25 -51.94
C THR IA 66 -37.59 -47.43 -51.03
N ASN IA 67 -36.68 -47.71 -50.10
CA ASN IA 67 -36.79 -48.84 -49.20
C ASN IA 67 -37.60 -48.54 -47.94
N LYS IA 68 -38.29 -47.40 -47.93
CA LYS IA 68 -39.18 -47.01 -46.83
C LYS IA 68 -38.44 -46.76 -45.53
N VAL IA 69 -37.29 -46.14 -45.63
CA VAL IA 69 -36.50 -45.74 -44.48
C VAL IA 69 -37.04 -44.43 -43.91
N ALA IA 70 -37.24 -44.40 -42.58
CA ALA IA 70 -37.79 -43.21 -41.92
C ALA IA 70 -36.74 -42.12 -41.87
N THR IA 71 -37.15 -40.87 -41.80
CA THR IA 71 -36.18 -39.77 -41.87
C THR IA 71 -35.15 -39.82 -40.75
N GLU IA 72 -35.55 -40.34 -39.60
CA GLU IA 72 -34.65 -40.49 -38.47
C GLU IA 72 -33.66 -41.63 -38.65
N ASP IA 73 -33.86 -42.43 -39.68
CA ASP IA 73 -32.99 -43.56 -39.93
C ASP IA 73 -31.85 -43.19 -40.88
N TYR IA 74 -32.07 -42.20 -41.72
CA TYR IA 74 -31.12 -41.85 -42.76
C TYR IA 74 -29.73 -41.55 -42.18
N ILE IA 75 -29.68 -40.86 -41.04
CA ILE IA 75 -28.38 -40.60 -40.41
C ILE IA 75 -27.48 -41.80 -40.33
N GLY IA 76 -28.01 -42.94 -39.94
CA GLY IA 76 -27.15 -44.08 -39.78
C GLY IA 76 -26.61 -44.48 -41.11
N TYR IA 77 -27.52 -44.53 -42.07
CA TYR IA 77 -27.16 -45.03 -43.37
C TYR IA 77 -26.33 -44.03 -44.14
N ILE IA 78 -26.51 -42.75 -43.86
CA ILE IA 78 -25.71 -41.71 -44.48
C ILE IA 78 -24.33 -41.66 -43.86
N ALA IA 79 -24.27 -41.68 -42.53
CA ALA IA 79 -22.98 -41.69 -41.86
C ALA IA 79 -22.16 -42.88 -42.37
N PHE IA 80 -22.82 -44.03 -42.49
CA PHE IA 80 -22.19 -45.17 -43.12
C PHE IA 80 -21.94 -44.91 -44.59
N ALA IA 81 -22.91 -44.31 -45.26
CA ALA IA 81 -22.77 -44.12 -46.69
C ALA IA 81 -21.47 -43.48 -47.04
N GLU IA 82 -21.12 -42.42 -46.33
CA GLU IA 82 -19.90 -41.73 -46.62
C GLU IA 82 -18.71 -42.52 -46.11
N GLU IA 83 -18.75 -42.97 -44.86
CA GLU IA 83 -17.63 -43.74 -44.34
C GLU IA 83 -17.27 -44.88 -45.27
N LEU IA 84 -18.28 -45.62 -45.70
CA LEU IA 84 -18.11 -46.76 -46.58
C LEU IA 84 -17.58 -46.32 -47.92
N ALA IA 85 -18.17 -45.26 -48.45
CA ALA IA 85 -17.78 -44.74 -49.75
C ALA IA 85 -16.31 -44.35 -49.76
N HIS IA 86 -15.85 -43.82 -48.63
CA HIS IA 86 -14.46 -43.43 -48.50
C HIS IA 86 -13.57 -44.66 -48.48
N GLN IA 87 -13.99 -45.69 -47.74
CA GLN IA 87 -13.23 -46.93 -47.71
C GLN IA 87 -13.18 -47.54 -49.11
N VAL IA 88 -14.25 -47.35 -49.91
CA VAL IA 88 -14.24 -47.84 -51.28
C VAL IA 88 -13.12 -47.19 -52.06
N TRP IA 89 -12.98 -45.86 -51.96
CA TRP IA 89 -11.87 -45.19 -52.62
C TRP IA 89 -10.55 -45.70 -52.11
N LYS IA 90 -10.45 -45.78 -50.79
CA LYS IA 90 -9.22 -46.21 -50.16
C LYS IA 90 -8.71 -47.48 -50.80
N ASN IA 91 -9.62 -48.42 -51.01
CA ASN IA 91 -9.28 -49.68 -51.61
C ASN IA 91 -9.00 -49.55 -53.10
N LYS IA 92 -9.84 -48.80 -53.82
CA LYS IA 92 -9.60 -48.62 -55.25
C LYS IA 92 -8.21 -48.03 -55.49
N ASN IA 93 -7.78 -47.18 -54.57
CA ASN IA 93 -6.48 -46.56 -54.62
C ASN IA 93 -5.34 -47.46 -54.13
N SER IA 94 -5.51 -48.08 -52.95
CA SER IA 94 -4.41 -48.76 -52.28
C SER IA 94 -4.36 -50.30 -52.40
N SER IA 95 -5.48 -50.94 -52.72
CA SER IA 95 -5.51 -52.40 -52.64
C SER IA 95 -5.82 -53.04 -54.01
N PRO IA 96 -5.50 -54.33 -54.18
CA PRO IA 96 -5.90 -55.20 -55.27
C PRO IA 96 -7.42 -55.28 -55.38
N ASP IA 97 -7.92 -55.43 -56.60
CA ASP IA 97 -9.36 -55.53 -56.80
C ASP IA 97 -10.04 -56.54 -55.86
N PRO IA 98 -9.49 -57.78 -55.66
CA PRO IA 98 -9.99 -58.79 -54.74
C PRO IA 98 -10.11 -58.27 -53.32
N ASN IA 99 -9.27 -57.30 -52.94
CA ASN IA 99 -9.32 -56.76 -51.60
C ASN IA 99 -10.37 -55.70 -51.51
N THR IA 100 -10.62 -55.00 -52.63
CA THR IA 100 -11.67 -54.01 -52.65
C THR IA 100 -12.99 -54.71 -52.44
N ALA IA 101 -13.19 -55.80 -53.18
CA ALA IA 101 -14.39 -56.59 -53.06
C ALA IA 101 -14.51 -57.20 -51.67
N ASN IA 102 -13.41 -57.77 -51.16
CA ASN IA 102 -13.42 -58.37 -49.85
C ASN IA 102 -13.73 -57.36 -48.78
N GLU IA 103 -13.01 -56.24 -48.80
CA GLU IA 103 -13.20 -55.22 -47.81
C GLU IA 103 -14.63 -54.72 -47.81
N ALA IA 104 -15.21 -54.53 -48.99
CA ALA IA 104 -16.58 -54.04 -49.02
C ALA IA 104 -17.50 -54.97 -48.24
N SER IA 105 -17.35 -56.27 -48.46
CA SER IA 105 -18.16 -57.26 -47.76
C SER IA 105 -17.83 -57.34 -46.27
N LYS IA 106 -16.54 -57.28 -45.95
CA LYS IA 106 -16.11 -57.38 -44.57
C LYS IA 106 -16.53 -56.14 -43.79
N THR IA 107 -16.54 -54.99 -44.45
CA THR IA 107 -16.98 -53.76 -43.82
C THR IA 107 -18.46 -53.81 -43.58
N ASP IA 108 -19.24 -54.29 -44.54
CA ASP IA 108 -20.65 -54.46 -44.31
C ASP IA 108 -20.84 -55.25 -43.02
N LEU IA 109 -20.05 -56.32 -42.87
CA LEU IA 109 -20.09 -57.08 -41.63
C LEU IA 109 -19.70 -56.19 -40.44
N GLU IA 110 -18.59 -55.47 -40.54
CA GLU IA 110 -18.14 -54.58 -39.47
C GLU IA 110 -19.23 -53.65 -39.01
N SER IA 111 -19.95 -53.09 -39.96
CA SER IA 111 -21.00 -52.12 -39.71
C SER IA 111 -22.04 -52.65 -38.74
N LYS IA 112 -22.07 -53.97 -38.55
CA LYS IA 112 -22.99 -54.62 -37.64
C LYS IA 112 -22.78 -54.14 -36.21
N TYR IA 113 -21.62 -53.51 -35.95
CA TYR IA 113 -21.38 -52.93 -34.63
C TYR IA 113 -22.49 -51.96 -34.28
N SER IA 114 -23.12 -51.39 -35.30
CA SER IA 114 -24.21 -50.47 -35.13
C SER IA 114 -25.53 -51.13 -35.45
N ASP IA 115 -26.55 -50.76 -34.69
CA ASP IA 115 -27.92 -51.22 -34.90
C ASP IA 115 -28.46 -50.86 -36.28
N VAL IA 116 -27.81 -49.92 -36.91
CA VAL IA 116 -28.16 -49.42 -38.21
C VAL IA 116 -28.00 -50.46 -39.30
N TYR IA 117 -26.92 -51.22 -39.23
CA TYR IA 117 -26.56 -52.11 -40.32
C TYR IA 117 -27.63 -53.12 -40.68
N GLY IA 118 -27.85 -53.26 -41.98
CA GLY IA 118 -28.78 -54.23 -42.53
C GLY IA 118 -28.73 -54.19 -44.05
N LEU IA 119 -29.71 -54.81 -44.70
CA LEU IA 119 -29.76 -54.88 -46.16
C LEU IA 119 -29.49 -53.52 -46.79
N ASP IA 120 -30.06 -52.48 -46.21
CA ASP IA 120 -29.92 -51.14 -46.75
C ASP IA 120 -28.44 -50.81 -46.97
N VAL IA 121 -27.59 -51.19 -46.03
CA VAL IA 121 -26.18 -50.89 -46.13
C VAL IA 121 -25.53 -51.66 -47.26
N THR IA 122 -25.83 -52.95 -47.33
CA THR IA 122 -25.21 -53.80 -48.34
C THR IA 122 -25.59 -53.32 -49.73
N VAL IA 123 -26.83 -52.88 -49.90
CA VAL IA 123 -27.28 -52.35 -51.17
C VAL IA 123 -26.52 -51.07 -51.51
N LEU IA 124 -26.45 -50.18 -50.54
CA LEU IA 124 -25.81 -48.90 -50.76
C LEU IA 124 -24.35 -49.03 -51.13
N ASP IA 125 -23.62 -49.92 -50.45
CA ASP IA 125 -22.20 -50.02 -50.74
C ASP IA 125 -21.98 -50.57 -52.14
N ALA IA 126 -22.79 -51.56 -52.53
CA ALA IA 126 -22.65 -52.10 -53.87
C ALA IA 126 -22.78 -51.00 -54.91
N ILE IA 127 -23.69 -50.07 -54.65
CA ILE IA 127 -23.89 -48.93 -55.55
C ILE IA 127 -22.65 -48.05 -55.57
N TYR IA 128 -22.14 -47.70 -54.40
CA TYR IA 128 -20.98 -46.82 -54.33
C TYR IA 128 -19.81 -47.39 -55.10
N ASN IA 129 -19.57 -48.69 -54.92
CA ASN IA 129 -18.45 -49.34 -55.59
C ASN IA 129 -18.60 -49.28 -57.09
N ALA IA 130 -19.80 -49.56 -57.57
CA ALA IA 130 -20.07 -49.59 -58.99
C ALA IA 130 -20.27 -48.20 -59.61
N VAL IA 131 -20.69 -47.22 -58.82
CA VAL IA 131 -21.13 -45.95 -59.40
C VAL IA 131 -20.27 -44.72 -59.12
N ILE IA 132 -19.82 -44.54 -57.89
CA ILE IA 132 -19.34 -43.22 -57.51
C ILE IA 132 -17.81 -43.10 -57.40
N PRO IA 133 -17.19 -42.14 -58.12
CA PRO IA 133 -15.78 -41.80 -58.11
C PRO IA 133 -15.43 -40.98 -56.88
N ILE IA 134 -15.44 -41.64 -55.73
CA ILE IA 134 -15.27 -41.00 -54.42
C ILE IA 134 -13.94 -40.31 -54.24
N ILE IA 135 -13.98 -39.11 -53.68
CA ILE IA 135 -12.80 -38.33 -53.35
C ILE IA 135 -12.29 -38.68 -51.96
N MET IA 136 -11.00 -38.94 -51.85
CA MET IA 136 -10.36 -39.23 -50.57
C MET IA 136 -8.85 -39.21 -50.72
N ARG JA 7 10.84 -32.30 -26.94
CA ARG JA 7 9.99 -31.35 -27.63
C ARG JA 7 8.49 -31.54 -27.29
N GLN JA 8 8.00 -32.76 -27.45
CA GLN JA 8 6.57 -33.05 -27.24
C GLN JA 8 6.19 -33.05 -25.78
N ASP JA 9 7.18 -32.88 -24.92
CA ASP JA 9 6.98 -32.84 -23.50
C ASP JA 9 6.35 -31.53 -23.02
N SER JA 10 6.51 -30.46 -23.81
CA SER JA 10 5.92 -29.20 -23.41
C SER JA 10 5.55 -28.27 -24.55
N LYS JA 11 6.22 -28.41 -25.69
CA LYS JA 11 6.06 -27.42 -26.74
C LYS JA 11 4.61 -27.39 -27.25
N ASP JA 12 3.88 -28.47 -27.06
CA ASP JA 12 2.55 -28.58 -27.64
C ASP JA 12 1.60 -27.61 -26.99
N ARG JA 13 1.46 -27.67 -25.67
CA ARG JA 13 0.54 -26.80 -24.97
C ARG JA 13 0.96 -25.34 -25.11
N TYR JA 14 2.26 -25.09 -25.15
CA TYR JA 14 2.72 -23.71 -25.25
C TYR JA 14 2.30 -23.06 -26.55
N GLN JA 15 2.53 -23.75 -27.64
CA GLN JA 15 2.22 -23.16 -28.92
C GLN JA 15 0.77 -23.36 -29.31
N TYR JA 16 0.21 -24.48 -28.94
CA TYR JA 16 -1.17 -24.69 -29.28
C TYR JA 16 -1.99 -23.53 -28.76
N LYS JA 17 -1.72 -23.10 -27.52
CA LYS JA 17 -2.40 -21.92 -27.00
C LYS JA 17 -2.21 -20.73 -27.94
N GLN JA 18 -0.97 -20.53 -28.41
CA GLN JA 18 -0.70 -19.44 -29.34
C GLN JA 18 -1.54 -19.54 -30.59
N TYR JA 19 -1.72 -20.76 -31.09
CA TYR JA 19 -2.56 -20.95 -32.25
C TYR JA 19 -3.94 -20.41 -32.06
N ILE JA 20 -4.57 -20.82 -30.98
CA ILE JA 20 -5.92 -20.41 -30.76
C ILE JA 20 -6.01 -18.91 -30.64
N TYR JA 21 -5.09 -18.32 -29.90
CA TYR JA 21 -5.10 -16.88 -29.75
C TYR JA 21 -5.21 -16.23 -31.12
N ARG JA 22 -4.40 -16.71 -32.07
CA ARG JA 22 -4.44 -16.20 -33.43
C ARG JA 22 -5.83 -16.41 -34.08
N SER JA 23 -6.40 -17.60 -33.91
CA SER JA 23 -7.74 -17.89 -34.46
C SER JA 23 -8.83 -17.02 -33.87
N ILE JA 24 -8.73 -16.75 -32.58
CA ILE JA 24 -9.72 -15.93 -31.92
C ILE JA 24 -9.74 -14.55 -32.55
N GLY JA 25 -8.57 -13.99 -32.76
CA GLY JA 25 -8.46 -12.71 -33.45
C GLY JA 25 -8.11 -11.57 -32.52
N GLY JA 26 -7.46 -10.54 -33.08
CA GLY JA 26 -7.01 -9.40 -32.28
C GLY JA 26 -8.14 -8.45 -31.90
N ILE JA 27 -9.35 -8.74 -32.38
CA ILE JA 27 -10.50 -7.92 -32.08
C ILE JA 27 -11.17 -8.32 -30.77
N VAL JA 28 -10.80 -9.50 -30.27
CA VAL JA 28 -11.43 -10.02 -29.07
C VAL JA 28 -10.60 -9.65 -27.82
N PRO JA 29 -11.22 -8.98 -26.83
CA PRO JA 29 -10.60 -8.54 -25.59
C PRO JA 29 -9.90 -9.74 -24.93
N PRO JA 30 -8.74 -9.49 -24.28
CA PRO JA 30 -7.85 -10.48 -23.70
C PRO JA 30 -8.51 -11.34 -22.63
N GLU JA 31 -9.53 -10.81 -21.96
CA GLU JA 31 -10.24 -11.58 -20.94
C GLU JA 31 -11.01 -12.72 -21.57
N MET JA 32 -11.20 -12.63 -22.88
CA MET JA 32 -11.82 -13.69 -23.64
C MET JA 32 -10.78 -14.41 -24.45
N ALA JA 33 -9.88 -13.66 -25.05
CA ALA JA 33 -8.92 -14.28 -25.95
C ALA JA 33 -8.07 -15.33 -25.23
N GLU JA 34 -7.49 -14.95 -24.09
CA GLU JA 34 -6.60 -15.87 -23.39
C GLU JA 34 -7.37 -16.92 -22.62
N THR JA 35 -8.49 -16.53 -22.03
CA THR JA 35 -9.23 -17.44 -21.17
C THR JA 35 -9.84 -18.58 -21.99
N VAL JA 36 -10.32 -18.24 -23.18
CA VAL JA 36 -10.84 -19.23 -24.08
C VAL JA 36 -9.71 -20.12 -24.58
N THR JA 37 -8.60 -19.49 -24.95
CA THR JA 37 -7.44 -20.21 -25.43
C THR JA 37 -6.99 -21.25 -24.42
N ALA JA 38 -6.81 -20.84 -23.18
CA ALA JA 38 -6.33 -21.75 -22.16
C ALA JA 38 -7.27 -22.92 -21.97
N ASN JA 39 -8.57 -22.64 -22.01
CA ASN JA 39 -9.56 -23.69 -21.83
C ASN JA 39 -9.52 -24.71 -22.95
N GLN JA 40 -9.52 -24.21 -24.18
CA GLN JA 40 -9.52 -25.08 -25.33
C GLN JA 40 -8.25 -25.92 -25.37
N THR JA 41 -7.14 -25.33 -24.96
CA THR JA 41 -5.88 -26.06 -24.91
C THR JA 41 -5.97 -27.20 -23.93
N ALA JA 42 -6.53 -26.93 -22.76
CA ALA JA 42 -6.65 -27.98 -21.76
C ALA JA 42 -7.43 -29.16 -22.33
N GLN JA 43 -8.45 -28.85 -23.14
CA GLN JA 43 -9.19 -29.91 -23.79
C GLN JA 43 -8.33 -30.64 -24.81
N TRP JA 44 -7.42 -29.90 -25.48
CA TRP JA 44 -6.52 -30.55 -26.43
C TRP JA 44 -5.64 -31.52 -25.70
N GLU JA 45 -5.08 -31.10 -24.60
CA GLU JA 45 -4.18 -31.94 -23.85
C GLU JA 45 -4.88 -33.24 -23.44
N ALA JA 46 -6.06 -33.11 -22.84
CA ALA JA 46 -6.82 -34.25 -22.36
C ALA JA 46 -7.31 -35.13 -23.51
N GLY JA 47 -7.80 -34.50 -24.56
CA GLY JA 47 -8.35 -35.21 -25.71
C GLY JA 47 -7.28 -35.94 -26.49
N PHE JA 48 -6.14 -35.30 -26.65
CA PHE JA 48 -5.02 -35.80 -27.41
C PHE JA 48 -4.35 -37.00 -26.73
N THR JA 49 -4.04 -36.84 -25.45
CA THR JA 49 -3.26 -37.82 -24.71
C THR JA 49 -3.63 -39.30 -24.99
N PRO JA 50 -4.91 -39.74 -24.88
CA PRO JA 50 -5.32 -41.12 -25.08
C PRO JA 50 -4.75 -41.74 -26.35
N TYR JA 51 -4.71 -40.96 -27.43
CA TYR JA 51 -4.20 -41.47 -28.69
C TYR JA 51 -2.70 -41.44 -28.71
N HIS JA 52 -2.16 -40.45 -28.05
CA HIS JA 52 -0.73 -40.30 -27.94
C HIS JA 52 -0.16 -41.51 -27.21
N LYS JA 53 -0.83 -41.91 -26.14
CA LYS JA 53 -0.42 -43.06 -25.35
C LYS JA 53 -0.38 -44.31 -26.21
N LEU JA 54 -1.42 -44.50 -27.02
CA LEU JA 54 -1.46 -45.64 -27.92
C LEU JA 54 -0.29 -45.64 -28.87
N ARG JA 55 -0.04 -44.50 -29.51
CA ARG JA 55 1.05 -44.41 -30.47
C ARG JA 55 2.38 -44.75 -29.84
N LEU JA 56 2.61 -44.24 -28.63
CA LEU JA 56 3.84 -44.52 -27.93
C LEU JA 56 3.94 -46.00 -27.59
N ALA JA 57 2.83 -46.58 -27.15
CA ALA JA 57 2.78 -48.00 -26.83
C ALA JA 57 3.08 -48.84 -28.06
N ILE JA 58 2.51 -48.44 -29.19
CA ILE JA 58 2.69 -49.16 -30.44
C ILE JA 58 4.16 -49.18 -30.83
N LYS JA 59 4.82 -48.03 -30.72
CA LYS JA 59 6.23 -47.96 -31.01
C LYS JA 59 7.00 -49.04 -30.26
N GLU JA 60 6.74 -49.15 -28.97
CA GLU JA 60 7.42 -50.14 -28.14
C GLU JA 60 7.05 -51.57 -28.52
N ILE JA 61 5.78 -51.79 -28.92
CA ILE JA 61 5.37 -53.13 -29.30
C ILE JA 61 6.15 -53.60 -30.51
N CYS JA 62 6.30 -52.74 -31.51
CA CYS JA 62 7.02 -53.14 -32.69
C CYS JA 62 8.47 -53.47 -32.39
N LYS JA 63 9.11 -52.68 -31.54
CA LYS JA 63 10.47 -52.99 -31.15
C LYS JA 63 10.52 -54.33 -30.42
N THR JA 64 9.54 -54.56 -29.55
CA THR JA 64 9.45 -55.79 -28.78
C THR JA 64 9.30 -56.99 -29.69
N ASP JA 65 8.41 -56.86 -30.67
CA ASP JA 65 8.16 -57.92 -31.63
C ASP JA 65 9.33 -58.08 -32.60
N GLY JA 66 10.02 -56.98 -32.90
CA GLY JA 66 11.12 -56.99 -33.85
C GLY JA 66 10.58 -56.91 -35.26
N ILE JA 67 9.62 -56.02 -35.44
CA ILE JA 67 8.92 -55.87 -36.69
C ILE JA 67 9.13 -54.47 -37.30
N PRO JA 68 8.87 -54.28 -38.61
CA PRO JA 68 9.16 -53.11 -39.43
C PRO JA 68 8.68 -51.77 -38.88
N ASN JA 69 9.50 -50.72 -39.04
CA ASN JA 69 9.15 -49.37 -38.61
C ASN JA 69 8.16 -48.75 -39.56
N ILE JA 70 8.29 -49.04 -40.85
CA ILE JA 70 7.42 -48.40 -41.81
C ILE JA 70 5.97 -48.70 -41.55
N LYS JA 71 5.73 -49.89 -41.03
CA LYS JA 71 4.39 -50.36 -40.82
C LYS JA 71 3.70 -49.65 -39.68
N TRP JA 72 4.43 -48.77 -39.00
CA TRP JA 72 3.84 -47.95 -37.97
C TRP JA 72 2.74 -47.10 -38.55
N GLY JA 73 2.85 -46.73 -39.82
CA GLY JA 73 1.80 -45.95 -40.43
C GLY JA 73 0.47 -46.67 -40.23
N MET JA 74 0.49 -48.00 -40.34
CA MET JA 74 -0.71 -48.79 -40.18
C MET JA 74 -0.94 -49.27 -38.76
N TYR JA 75 0.11 -49.59 -38.03
CA TYR JA 75 -0.10 -50.02 -36.66
C TYR JA 75 -0.78 -48.87 -35.93
N ILE JA 76 -0.33 -47.64 -36.23
CA ILE JA 76 -0.91 -46.44 -35.68
C ILE JA 76 -2.32 -46.25 -36.19
N ALA JA 77 -2.51 -46.24 -37.52
CA ALA JA 77 -3.83 -46.06 -38.08
C ALA JA 77 -4.83 -47.06 -37.52
N PHE JA 78 -4.39 -48.30 -37.44
CA PHE JA 78 -5.18 -49.39 -36.94
C PHE JA 78 -5.57 -49.12 -35.49
N GLY JA 79 -4.57 -48.82 -34.66
CA GLY JA 79 -4.79 -48.55 -33.25
C GLY JA 79 -5.71 -47.35 -33.04
N GLU JA 80 -5.42 -46.26 -33.72
CA GLU JA 80 -6.20 -45.03 -33.58
C GLU JA 80 -7.64 -45.25 -34.01
N LYS JA 81 -7.85 -45.98 -35.11
CA LYS JA 81 -9.19 -46.25 -35.57
C LYS JA 81 -9.95 -47.03 -34.52
N LEU JA 82 -9.31 -48.05 -33.98
CA LEU JA 82 -9.97 -48.84 -32.97
C LEU JA 82 -10.27 -48.02 -31.72
N LEU JA 83 -9.35 -47.17 -31.28
CA LEU JA 83 -9.68 -46.40 -30.09
C LEU JA 83 -10.91 -45.55 -30.32
N LYS JA 84 -11.03 -44.94 -31.49
CA LYS JA 84 -12.24 -44.20 -31.80
C LYS JA 84 -13.44 -45.10 -31.61
N SER JA 85 -13.32 -46.33 -32.11
CA SER JA 85 -14.38 -47.32 -31.97
C SER JA 85 -14.66 -47.64 -30.51
N TYR JA 86 -13.62 -47.75 -29.69
CA TYR JA 86 -13.80 -48.06 -28.28
C TYR JA 86 -14.49 -46.93 -27.54
N LEU JA 87 -14.22 -45.71 -27.97
CA LEU JA 87 -14.90 -44.58 -27.38
C LEU JA 87 -16.39 -44.62 -27.75
N LYS JA 88 -16.66 -44.98 -29.00
CA LYS JA 88 -18.04 -45.11 -29.47
C LYS JA 88 -18.79 -46.22 -28.73
N MET JA 89 -18.08 -47.27 -28.35
CA MET JA 89 -18.67 -48.39 -27.60
C MET JA 89 -19.27 -47.94 -26.28
N LYS JA 90 -18.87 -46.78 -25.80
CA LYS JA 90 -19.39 -46.29 -24.53
C LYS JA 90 -20.79 -45.74 -24.74
N ALA JA 91 -21.19 -45.64 -26.00
CA ALA JA 91 -22.54 -45.27 -26.38
C ALA JA 91 -23.29 -46.51 -26.87
N GLY JA 92 -22.61 -47.32 -27.68
CA GLY JA 92 -23.21 -48.50 -28.30
C GLY JA 92 -23.55 -49.63 -27.32
N SER JA 93 -22.75 -49.78 -26.28
CA SER JA 93 -22.88 -50.90 -25.36
C SER JA 93 -22.60 -52.20 -26.09
N ALA JA 94 -22.84 -53.32 -25.41
CA ALA JA 94 -22.56 -54.61 -26.01
C ALA JA 94 -21.20 -54.59 -26.68
N SER JA 95 -20.20 -54.08 -25.95
CA SER JA 95 -18.88 -53.87 -26.52
C SER JA 95 -18.29 -55.16 -27.03
N SER JA 96 -18.63 -56.27 -26.40
CA SER JA 96 -18.08 -57.55 -26.82
C SER JA 96 -18.32 -57.79 -28.31
N ASP JA 97 -19.50 -57.38 -28.79
CA ASP JA 97 -19.85 -57.63 -30.18
C ASP JA 97 -19.30 -56.54 -31.06
N MET JA 98 -19.32 -55.30 -30.58
CA MET JA 98 -18.80 -54.21 -31.36
C MET JA 98 -17.31 -54.42 -31.60
N ILE JA 99 -16.62 -54.87 -30.56
CA ILE JA 99 -15.18 -55.11 -30.63
C ILE JA 99 -14.88 -56.13 -31.68
N ALA JA 100 -15.60 -57.24 -31.63
CA ALA JA 100 -15.38 -58.29 -32.60
C ALA JA 100 -15.61 -57.77 -34.01
N GLU JA 101 -16.66 -56.98 -34.21
CA GLU JA 101 -16.97 -56.51 -35.55
C GLU JA 101 -15.92 -55.55 -36.08
N TYR JA 102 -15.43 -54.65 -35.22
CA TYR JA 102 -14.41 -53.72 -35.66
C TYR JA 102 -13.17 -54.46 -36.06
N ILE JA 103 -12.80 -55.45 -35.25
CA ILE JA 103 -11.65 -56.27 -35.54
C ILE JA 103 -11.86 -57.09 -36.81
N ASN JA 104 -13.06 -57.65 -36.97
CA ASN JA 104 -13.33 -58.50 -38.13
C ASN JA 104 -12.87 -57.85 -39.43
N ASN JA 105 -13.27 -56.61 -39.68
CA ASN JA 105 -12.86 -55.95 -40.92
C ASN JA 105 -11.48 -55.32 -40.80
N ALA JA 106 -11.19 -54.76 -39.62
CA ALA JA 106 -9.91 -54.12 -39.43
C ALA JA 106 -8.79 -55.09 -39.74
N ILE JA 107 -8.99 -56.35 -39.42
CA ILE JA 107 -8.04 -57.41 -39.71
C ILE JA 107 -8.21 -57.98 -41.12
N SER JA 108 -9.46 -58.38 -41.45
CA SER JA 108 -9.73 -59.11 -42.70
C SER JA 108 -9.35 -58.35 -43.95
N ALA JA 109 -9.62 -57.05 -43.98
CA ALA JA 109 -9.30 -56.27 -45.16
C ALA JA 109 -7.81 -55.94 -45.12
N PHE JA 110 -7.02 -56.97 -45.27
CA PHE JA 110 -5.59 -56.87 -45.01
C PHE JA 110 -4.94 -55.72 -45.76
N SER JA 111 -5.17 -55.67 -47.05
CA SER JA 111 -4.45 -54.75 -47.91
C SER JA 111 -4.78 -53.29 -47.66
N SER JA 112 -5.87 -53.01 -46.94
CA SER JA 112 -6.27 -51.62 -46.73
C SER JA 112 -6.51 -51.24 -45.27
N ARG JA 113 -6.75 -52.23 -44.42
CA ARG JA 113 -6.99 -51.93 -43.01
C ARG JA 113 -5.84 -52.33 -42.12
N THR JA 114 -4.96 -53.20 -42.62
CA THR JA 114 -3.82 -53.65 -41.85
C THR JA 114 -2.55 -53.30 -42.59
N GLY JA 115 -2.24 -54.11 -43.59
CA GLY JA 115 -0.98 -53.98 -44.32
C GLY JA 115 0.14 -54.59 -43.48
N ILE JA 116 -0.28 -55.12 -42.33
CA ILE JA 116 0.55 -55.68 -41.29
C ILE JA 116 0.04 -57.06 -40.94
N SER JA 117 0.93 -57.92 -40.48
CA SER JA 117 0.51 -59.27 -40.11
C SER JA 117 -0.70 -59.22 -39.21
N GLN JA 118 -1.67 -60.08 -39.51
CA GLN JA 118 -2.88 -60.16 -38.73
C GLN JA 118 -2.56 -60.49 -37.29
N GLU JA 119 -1.46 -61.21 -37.07
CA GLU JA 119 -1.07 -61.62 -35.72
C GLU JA 119 -0.68 -60.41 -34.90
N THR JA 120 0.04 -59.48 -35.52
CA THR JA 120 0.48 -58.29 -34.82
C THR JA 120 -0.64 -57.28 -34.77
N ALA JA 121 -1.49 -57.29 -35.80
CA ALA JA 121 -2.63 -56.40 -35.83
C ALA JA 121 -3.55 -56.73 -34.67
N GLN JA 122 -3.76 -58.03 -34.44
CA GLN JA 122 -4.59 -58.45 -33.32
C GLN JA 122 -3.95 -58.06 -32.00
N LYS JA 123 -2.63 -58.21 -31.89
CA LYS JA 123 -1.98 -57.81 -30.66
C LYS JA 123 -2.27 -56.35 -30.37
N ILE JA 124 -2.20 -55.51 -31.41
CA ILE JA 124 -2.53 -54.11 -31.23
C ILE JA 124 -3.99 -53.97 -30.84
N ALA JA 125 -4.88 -54.72 -31.49
CA ALA JA 125 -6.29 -54.66 -31.13
C ALA JA 125 -6.47 -54.97 -29.64
N ASP JA 126 -5.66 -55.91 -29.12
CA ASP JA 126 -5.76 -56.29 -27.73
C ASP JA 126 -5.19 -55.20 -26.81
N PHE JA 127 -4.07 -54.60 -27.21
CA PHE JA 127 -3.46 -53.53 -26.43
C PHE JA 127 -4.38 -52.32 -26.37
N ILE JA 128 -5.02 -52.03 -27.49
CA ILE JA 128 -5.95 -50.92 -27.56
C ILE JA 128 -7.17 -51.20 -26.68
N THR JA 129 -7.67 -52.44 -26.74
CA THR JA 129 -8.82 -52.83 -25.92
C THR JA 129 -8.59 -52.50 -24.45
N SER JA 130 -7.37 -52.74 -23.97
CA SER JA 130 -7.03 -52.52 -22.57
C SER JA 130 -7.13 -51.04 -22.18
N ASN JA 131 -7.25 -50.16 -23.16
CA ASN JA 131 -7.34 -48.72 -22.91
C ASN JA 131 -8.77 -48.31 -22.55
N TYR JA 132 -9.69 -49.28 -22.56
CA TYR JA 132 -11.11 -49.09 -22.21
C TYR JA 132 -11.85 -48.30 -23.29
N ARG KA 6 -49.80 -5.03 -48.24
CA ARG KA 6 -48.53 -5.07 -48.94
C ARG KA 6 -47.35 -4.87 -47.99
N LYS KA 7 -47.23 -3.66 -47.47
CA LYS KA 7 -46.06 -3.28 -46.67
C LYS KA 7 -45.79 -4.22 -45.52
N LEU KA 8 -46.84 -4.78 -44.91
CA LEU KA 8 -46.67 -5.60 -43.73
C LEU KA 8 -46.18 -7.01 -44.03
N ARG KA 9 -46.05 -7.37 -45.30
CA ARG KA 9 -45.50 -8.67 -45.64
C ARG KA 9 -44.32 -8.52 -46.59
N GLN KA 10 -44.33 -7.42 -47.34
CA GLN KA 10 -43.33 -7.17 -48.38
C GLN KA 10 -42.09 -6.45 -47.85
N ASP KA 11 -42.28 -5.44 -47.00
CA ASP KA 11 -41.18 -4.56 -46.62
C ASP KA 11 -40.21 -5.28 -45.71
N SER KA 12 -40.65 -6.41 -45.19
CA SER KA 12 -39.85 -7.23 -44.30
C SER KA 12 -38.55 -7.62 -44.97
N THR KA 13 -38.55 -7.62 -46.30
CA THR KA 13 -37.36 -7.96 -47.04
C THR KA 13 -36.23 -7.00 -46.72
N ASP KA 14 -36.55 -5.71 -46.66
CA ASP KA 14 -35.56 -4.68 -46.51
C ASP KA 14 -35.19 -4.49 -45.05
N ARG KA 15 -36.14 -4.73 -44.17
CA ARG KA 15 -35.87 -4.58 -42.75
C ARG KA 15 -34.98 -5.72 -42.29
N TYR KA 16 -35.30 -6.92 -42.74
CA TYR KA 16 -34.48 -8.08 -42.45
C TYR KA 16 -33.09 -7.83 -43.06
N LYS KA 17 -33.07 -7.41 -44.33
CA LYS KA 17 -31.82 -7.07 -45.01
C LYS KA 17 -30.99 -6.11 -44.19
N THR KA 18 -31.63 -5.05 -43.67
CA THR KA 18 -30.94 -4.05 -42.90
C THR KA 18 -30.08 -4.68 -41.82
N LYS KA 19 -30.67 -5.53 -41.00
CA LYS KA 19 -29.87 -6.15 -39.94
C LYS KA 19 -28.86 -7.11 -40.44
N LEU KA 20 -29.23 -7.94 -41.39
CA LEU KA 20 -28.31 -8.99 -41.76
C LEU KA 20 -27.02 -8.37 -42.26
N TYR KA 21 -27.15 -7.27 -43.01
CA TYR KA 21 -25.98 -6.55 -43.44
C TYR KA 21 -25.23 -5.98 -42.26
N LEU KA 22 -25.92 -5.25 -41.39
CA LEU KA 22 -25.27 -4.61 -40.26
C LEU KA 22 -24.59 -5.61 -39.34
N TRP KA 23 -25.22 -6.76 -39.14
CA TRP KA 23 -24.65 -7.78 -38.29
C TRP KA 23 -23.25 -8.08 -38.76
N ARG KA 24 -23.12 -8.31 -40.06
CA ARG KA 24 -21.85 -8.62 -40.67
C ARG KA 24 -20.93 -7.40 -40.77
N ASN KA 25 -21.51 -6.24 -41.06
CA ASN KA 25 -20.75 -5.00 -41.24
C ASN KA 25 -19.94 -4.67 -40.00
N LEU KA 26 -20.51 -4.98 -38.84
CA LEU KA 26 -19.86 -4.68 -37.58
C LEU KA 26 -18.75 -5.67 -37.27
N GLY KA 27 -18.58 -6.68 -38.14
CA GLY KA 27 -17.51 -7.65 -38.01
C GLY KA 27 -16.29 -7.25 -38.82
N GLY KA 28 -16.39 -6.14 -39.58
CA GLY KA 28 -15.29 -5.68 -40.41
C GLY KA 28 -15.17 -6.48 -41.71
N LEU KA 29 -16.24 -7.13 -42.09
CA LEU KA 29 -16.29 -7.98 -43.28
C LEU KA 29 -16.36 -7.17 -44.57
N ILE KA 30 -16.10 -7.84 -45.69
CA ILE KA 30 -16.08 -7.21 -47.00
C ILE KA 30 -17.50 -6.83 -47.49
N PRO KA 31 -17.75 -5.55 -47.83
CA PRO KA 31 -19.02 -5.02 -48.31
C PRO KA 31 -19.67 -5.87 -49.40
N GLU KA 32 -18.86 -6.38 -50.33
CA GLU KA 32 -19.39 -7.18 -51.41
C GLU KA 32 -19.84 -8.54 -50.95
N ASP KA 33 -18.99 -9.23 -50.18
CA ASP KA 33 -19.36 -10.54 -49.67
C ASP KA 33 -20.59 -10.43 -48.81
N MET KA 34 -20.67 -9.36 -48.04
CA MET KA 34 -21.82 -9.19 -47.19
C MET KA 34 -23.05 -8.99 -48.02
N ALA KA 35 -22.98 -8.10 -48.99
CA ALA KA 35 -24.15 -7.83 -49.81
C ALA KA 35 -24.67 -9.14 -50.42
N ILE KA 36 -23.74 -9.99 -50.84
CA ILE KA 36 -24.10 -11.28 -51.42
C ILE KA 36 -24.73 -12.21 -50.39
N SER KA 37 -24.07 -12.38 -49.24
CA SER KA 37 -24.58 -13.26 -48.20
C SER KA 37 -25.94 -12.81 -47.72
N VAL KA 38 -26.09 -11.51 -47.59
CA VAL KA 38 -27.35 -10.94 -47.14
C VAL KA 38 -28.42 -11.20 -48.17
N THR KA 39 -28.12 -10.92 -49.43
CA THR KA 39 -29.10 -11.13 -50.48
C THR KA 39 -29.67 -12.54 -50.41
N GLU KA 40 -28.79 -13.52 -50.25
CA GLU KA 40 -29.25 -14.90 -50.18
C GLU KA 40 -30.10 -15.13 -48.94
N SER KA 41 -29.68 -14.54 -47.81
CA SER KA 41 -30.39 -14.66 -46.56
C SER KA 41 -31.79 -14.06 -46.62
N ILE KA 42 -31.90 -12.85 -47.16
CA ILE KA 42 -33.19 -12.18 -47.20
C ILE KA 42 -34.12 -12.89 -48.14
N THR KA 43 -33.56 -13.48 -49.19
CA THR KA 43 -34.36 -14.24 -50.12
C THR KA 43 -34.90 -15.49 -49.45
N ALA KA 44 -34.02 -16.25 -48.80
CA ALA KA 44 -34.44 -17.47 -48.16
C ALA KA 44 -35.46 -17.16 -47.08
N ASP KA 45 -35.18 -16.14 -46.29
CA ASP KA 45 -36.08 -15.75 -45.23
C ASP KA 45 -37.44 -15.37 -45.77
N TRP KA 46 -37.47 -14.36 -46.62
CA TRP KA 46 -38.73 -13.84 -47.09
C TRP KA 46 -39.50 -14.90 -47.86
N LYS KA 47 -38.82 -15.54 -48.81
CA LYS KA 47 -39.48 -16.52 -49.66
C LYS KA 47 -40.06 -17.65 -48.87
N GLN KA 48 -39.23 -18.32 -48.08
CA GLN KA 48 -39.67 -19.50 -47.40
C GLN KA 48 -40.73 -19.16 -46.39
N TYR KA 49 -40.50 -18.09 -45.64
CA TYR KA 49 -41.45 -17.72 -44.62
C TYR KA 49 -42.79 -17.39 -45.18
N ASN KA 50 -42.85 -16.40 -46.07
CA ASN KA 50 -44.14 -15.94 -46.54
C ASN KA 50 -44.85 -16.99 -47.36
N ASP KA 51 -44.13 -17.81 -48.10
CA ASP KA 51 -44.80 -18.81 -48.90
C ASP KA 51 -45.56 -19.78 -48.02
N MET KA 52 -44.85 -20.42 -47.10
CA MET KA 52 -45.48 -21.39 -46.22
C MET KA 52 -46.48 -20.73 -45.28
N MET KA 53 -46.05 -19.65 -44.63
CA MET KA 53 -46.88 -18.98 -43.66
C MET KA 53 -48.14 -18.39 -44.27
N SER KA 54 -48.02 -17.72 -45.41
CA SER KA 54 -49.18 -17.06 -45.97
C SER KA 54 -50.23 -18.06 -46.35
N LYS KA 55 -49.82 -19.16 -46.95
CA LYS KA 55 -50.82 -20.13 -47.36
C LYS KA 55 -51.61 -20.62 -46.16
N VAL KA 56 -50.92 -20.95 -45.06
CA VAL KA 56 -51.61 -21.42 -43.87
C VAL KA 56 -52.37 -20.30 -43.20
N ARG KA 57 -51.70 -19.18 -42.98
CA ARG KA 57 -52.29 -18.05 -42.30
C ARG KA 57 -53.52 -17.54 -43.02
N ASN KA 58 -53.47 -17.50 -44.35
CA ASN KA 58 -54.59 -17.00 -45.12
C ASN KA 58 -55.78 -17.92 -44.99
N GLU KA 59 -55.56 -19.22 -45.17
CA GLU KA 59 -56.64 -20.17 -45.01
C GLU KA 59 -57.15 -20.14 -43.59
N THR KA 60 -56.22 -20.01 -42.65
CA THR KA 60 -56.56 -20.00 -41.25
C THR KA 60 -57.38 -18.79 -40.91
N LEU KA 61 -56.96 -17.64 -41.39
CA LEU KA 61 -57.66 -16.41 -41.10
C LEU KA 61 -59.06 -16.42 -41.68
N ASP KA 62 -59.20 -16.86 -42.93
CA ASP KA 62 -60.51 -16.87 -43.59
C ASP KA 62 -61.47 -17.86 -42.95
N ILE KA 63 -60.98 -19.04 -42.59
CA ILE KA 63 -61.82 -20.05 -41.98
C ILE KA 63 -62.26 -19.63 -40.59
N LEU KA 64 -61.34 -19.13 -39.80
CA LEU KA 64 -61.67 -18.71 -38.47
C LEU KA 64 -62.64 -17.55 -38.50
N LYS KA 65 -62.44 -16.62 -39.43
CA LYS KA 65 -63.36 -15.49 -39.55
C LYS KA 65 -64.75 -15.98 -39.94
N THR KA 66 -64.79 -16.93 -40.87
CA THR KA 66 -66.05 -17.51 -41.31
C THR KA 66 -66.79 -18.14 -40.13
N ASN KA 67 -66.04 -18.77 -39.24
CA ASN KA 67 -66.61 -19.48 -38.11
C ASN KA 67 -66.84 -18.58 -36.88
N LYS KA 68 -66.75 -17.26 -37.08
CA LYS KA 68 -67.03 -16.28 -36.03
C LYS KA 68 -66.02 -16.34 -34.88
N VAL KA 69 -64.77 -16.55 -35.20
CA VAL KA 69 -63.69 -16.56 -34.25
C VAL KA 69 -63.26 -15.12 -33.94
N ALA KA 70 -63.14 -14.79 -32.64
CA ALA KA 70 -62.78 -13.42 -32.23
C ALA KA 70 -61.32 -13.20 -32.50
N THR KA 71 -60.92 -11.94 -32.68
CA THR KA 71 -59.53 -11.67 -33.07
C THR KA 71 -58.52 -12.17 -32.05
N GLU KA 72 -58.91 -12.19 -30.79
CA GLU KA 72 -58.05 -12.68 -29.72
C GLU KA 72 -57.95 -14.20 -29.72
N ASP KA 73 -58.76 -14.86 -30.52
CA ASP KA 73 -58.77 -16.30 -30.57
C ASP KA 73 -57.83 -16.83 -31.67
N TYR KA 74 -57.60 -16.01 -32.69
CA TYR KA 74 -56.84 -16.45 -33.85
C TYR KA 74 -55.45 -16.96 -33.45
N ILE KA 75 -54.80 -16.29 -32.51
CA ILE KA 75 -53.49 -16.77 -32.05
C ILE KA 75 -53.44 -18.26 -31.77
N GLY KA 76 -54.44 -18.78 -31.10
CA GLY KA 76 -54.37 -20.18 -30.75
C GLY KA 76 -54.43 -21.00 -31.99
N TYR KA 77 -55.36 -20.63 -32.85
CA TYR KA 77 -55.62 -21.42 -34.03
C TYR KA 77 -54.52 -21.23 -35.06
N ILE KA 78 -53.90 -20.07 -35.06
CA ILE KA 78 -52.78 -19.81 -35.96
C ILE KA 78 -51.53 -20.51 -35.47
N ALA KA 79 -51.23 -20.39 -34.18
CA ALA KA 79 -50.08 -21.07 -33.63
C ALA KA 79 -50.20 -22.56 -33.92
N PHE KA 80 -51.41 -23.10 -33.73
CA PHE KA 80 -51.68 -24.46 -34.12
C PHE KA 80 -51.62 -24.61 -35.62
N ALA KA 81 -52.17 -23.65 -36.34
CA ALA KA 81 -52.24 -23.77 -37.79
C ALA KA 81 -50.89 -24.10 -38.37
N GLU KA 82 -49.88 -23.36 -37.93
CA GLU KA 82 -48.56 -23.59 -38.47
C GLU KA 82 -47.97 -24.86 -37.90
N GLU KA 83 -48.02 -25.01 -36.56
CA GLU KA 83 -47.46 -26.22 -35.97
C GLU KA 83 -48.00 -27.46 -36.65
N LEU KA 84 -49.32 -27.50 -36.82
CA LEU KA 84 -49.99 -28.62 -37.43
C LEU KA 84 -49.58 -28.77 -38.87
N ALA KA 85 -49.56 -27.66 -39.59
CA ALA KA 85 -49.20 -27.66 -40.99
C ALA KA 85 -47.80 -28.23 -41.19
N HIS KA 86 -46.91 -27.93 -40.26
CA HIS KA 86 -45.55 -28.44 -40.33
C HIS KA 86 -45.53 -29.94 -40.09
N GLN KA 87 -46.31 -30.39 -39.12
CA GLN KA 87 -46.41 -31.83 -38.87
C GLN KA 87 -46.99 -32.53 -40.09
N VAL KA 88 -47.89 -31.85 -40.82
CA VAL KA 88 -48.43 -32.42 -42.05
C VAL KA 88 -47.31 -32.69 -43.04
N TRP KA 89 -46.43 -31.71 -43.25
CA TRP KA 89 -45.28 -31.93 -44.13
C TRP KA 89 -44.43 -33.05 -43.61
N LYS KA 90 -44.13 -33.00 -42.32
CA LYS KA 90 -43.27 -33.98 -41.70
C LYS KA 90 -43.72 -35.37 -42.07
N ASN KA 91 -45.02 -35.60 -42.00
CA ASN KA 91 -45.57 -36.89 -42.33
C ASN KA 91 -45.58 -37.16 -43.83
N LYS KA 92 -45.95 -36.16 -44.63
CA LYS KA 92 -45.94 -36.36 -46.08
C LYS KA 92 -44.54 -36.76 -46.55
N ASN KA 93 -43.53 -36.22 -45.88
CA ASN KA 93 -42.15 -36.51 -46.17
C ASN KA 93 -41.65 -37.84 -45.57
N SER KA 94 -41.92 -38.06 -44.27
CA SER KA 94 -41.29 -39.17 -43.55
C SER KA 94 -42.14 -40.43 -43.33
N SER KA 95 -43.47 -40.32 -43.41
CA SER KA 95 -44.31 -41.43 -43.01
C SER KA 95 -45.19 -41.94 -44.16
N PRO KA 96 -45.70 -43.18 -44.06
CA PRO KA 96 -46.73 -43.77 -44.91
C PRO KA 96 -48.01 -42.95 -44.88
N ASP KA 97 -48.73 -42.93 -45.99
CA ASP KA 97 -49.98 -42.18 -46.05
C ASP KA 97 -50.92 -42.45 -44.84
N PRO KA 98 -51.14 -43.72 -44.42
CA PRO KA 98 -51.94 -44.10 -43.27
C PRO KA 98 -51.47 -43.42 -41.99
N ASN KA 99 -50.17 -43.11 -41.91
CA ASN KA 99 -49.64 -42.47 -40.72
C ASN KA 99 -49.85 -40.99 -40.80
N THR KA 100 -49.87 -40.44 -42.02
CA THR KA 100 -50.15 -39.03 -42.19
C THR KA 100 -51.57 -38.77 -41.73
N ALA KA 101 -52.49 -39.61 -42.18
CA ALA KA 101 -53.88 -39.50 -41.79
C ALA KA 101 -54.05 -39.72 -40.29
N ASN KA 102 -53.40 -40.75 -39.76
CA ASN KA 102 -53.50 -41.05 -38.35
C ASN KA 102 -52.96 -39.92 -37.52
N GLU KA 103 -51.76 -39.47 -37.84
CA GLU KA 103 -51.13 -38.41 -37.09
C GLU KA 103 -51.99 -37.16 -37.09
N ALA KA 104 -52.56 -36.82 -38.24
CA ALA KA 104 -53.38 -35.63 -38.28
C ALA KA 104 -54.50 -35.71 -37.25
N SER KA 105 -55.17 -36.86 -37.18
CA SER KA 105 -56.25 -37.06 -36.21
C SER KA 105 -55.73 -37.12 -34.78
N LYS KA 106 -54.61 -37.79 -34.57
CA LYS KA 106 -54.05 -37.93 -33.24
C LYS KA 106 -53.53 -36.60 -32.73
N THR KA 107 -53.01 -35.78 -33.63
CA THR KA 107 -52.54 -34.46 -33.26
C THR KA 107 -53.71 -33.57 -32.91
N ASP KA 108 -54.79 -33.63 -33.68
CA ASP KA 108 -55.97 -32.88 -33.30
C ASP KA 108 -56.32 -33.22 -31.87
N LEU KA 109 -56.27 -34.51 -31.53
CA LEU KA 109 -56.49 -34.92 -30.15
C LEU KA 109 -55.45 -34.28 -29.23
N GLU KA 110 -54.16 -34.40 -29.58
CA GLU KA 110 -53.09 -33.82 -28.77
C GLU KA 110 -53.34 -32.37 -28.45
N SER KA 111 -53.79 -31.63 -29.44
CA SER KA 111 -54.02 -30.20 -29.34
C SER KA 111 -54.96 -29.86 -28.20
N LYS KA 112 -55.70 -30.86 -27.72
CA LYS KA 112 -56.64 -30.71 -26.61
C LYS KA 112 -55.91 -30.25 -25.35
N TYR KA 113 -54.59 -30.40 -25.32
CA TYR KA 113 -53.80 -29.92 -24.19
C TYR KA 113 -54.06 -28.43 -23.98
N SER KA 114 -54.44 -27.75 -25.06
CA SER KA 114 -54.75 -26.35 -25.01
C SER KA 114 -56.25 -26.13 -25.08
N ASP KA 115 -56.70 -25.12 -24.36
CA ASP KA 115 -58.10 -24.70 -24.34
C ASP KA 115 -58.60 -24.28 -25.72
N VAL KA 116 -57.67 -24.01 -26.59
CA VAL KA 116 -57.91 -23.58 -27.94
C VAL KA 116 -58.58 -24.65 -28.78
N TYR KA 117 -58.14 -25.88 -28.63
CA TYR KA 117 -58.57 -26.94 -29.51
C TYR KA 117 -60.07 -27.16 -29.55
N GLY KA 118 -60.59 -27.32 -30.77
CA GLY KA 118 -61.98 -27.61 -31.01
C GLY KA 118 -62.21 -27.81 -32.50
N LEU KA 119 -63.48 -27.81 -32.92
CA LEU KA 119 -63.84 -28.03 -34.32
C LEU KA 119 -62.97 -27.20 -35.26
N ASP KA 120 -62.73 -25.96 -34.88
CA ASP KA 120 -61.95 -25.06 -35.72
C ASP KA 120 -60.63 -25.71 -36.12
N VAL KA 121 -59.98 -26.39 -35.19
CA VAL KA 121 -58.70 -27.01 -35.46
C VAL KA 121 -58.84 -28.16 -36.43
N THR KA 122 -59.83 -29.01 -36.19
CA THR KA 122 -60.01 -30.20 -37.02
C THR KA 122 -60.31 -29.79 -38.47
N VAL KA 123 -61.09 -28.71 -38.62
CA VAL KA 123 -61.39 -28.19 -39.95
C VAL KA 123 -60.12 -27.69 -40.61
N LEU KA 124 -59.37 -26.89 -39.89
CA LEU KA 124 -58.17 -26.29 -40.43
C LEU KA 124 -57.16 -27.32 -40.87
N ASP KA 125 -56.94 -28.36 -40.08
CA ASP KA 125 -55.93 -29.33 -40.44
C ASP KA 125 -56.34 -30.08 -41.69
N ALA KA 126 -57.61 -30.44 -41.78
CA ALA KA 126 -58.08 -31.14 -42.97
C ALA KA 126 -57.75 -30.33 -44.21
N ILE KA 127 -57.91 -29.01 -44.12
CA ILE KA 127 -57.58 -28.12 -45.22
C ILE KA 127 -56.10 -28.16 -45.53
N TYR KA 128 -55.26 -28.03 -44.51
CA TYR KA 128 -53.82 -28.02 -44.73
C TYR KA 128 -53.37 -29.28 -45.44
N ASN KA 129 -53.88 -30.42 -44.99
CA ASN KA 129 -53.48 -31.69 -45.57
C ASN KA 129 -53.86 -31.77 -47.05
N ALA KA 130 -55.07 -31.33 -47.35
CA ALA KA 130 -55.59 -31.39 -48.71
C ALA KA 130 -55.06 -30.26 -49.61
N VAL KA 131 -54.69 -29.12 -49.03
CA VAL KA 131 -54.44 -27.93 -49.84
C VAL KA 131 -52.99 -27.44 -49.91
N ILE KA 132 -52.28 -27.39 -48.79
CA ILE KA 132 -51.08 -26.58 -48.76
C ILE KA 132 -49.76 -27.39 -48.79
N PRO KA 133 -48.86 -27.09 -49.75
CA PRO KA 133 -47.55 -27.68 -49.92
C PRO KA 133 -46.56 -27.06 -48.94
N ILE KA 134 -46.72 -27.42 -47.67
CA ILE KA 134 -45.97 -26.84 -46.56
C ILE KA 134 -44.47 -27.07 -46.64
N ILE KA 135 -43.71 -26.01 -46.37
CA ILE KA 135 -42.26 -26.05 -46.31
C ILE KA 135 -41.78 -26.44 -44.92
N MET KA 136 -40.88 -27.41 -44.85
CA MET KA 136 -40.28 -27.84 -43.59
C MET KA 136 -39.10 -28.75 -43.85
N ARG LA 7 -14.82 -31.78 -23.78
CA ARG LA 7 -15.10 -30.62 -24.62
C ARG LA 7 -16.32 -29.83 -24.13
N GLN LA 8 -17.46 -30.52 -23.97
CA GLN LA 8 -18.73 -29.88 -23.59
C GLN LA 8 -18.74 -29.45 -22.14
N ASP LA 9 -17.68 -29.78 -21.43
CA ASP LA 9 -17.54 -29.44 -20.03
C ASP LA 9 -17.21 -27.97 -19.82
N SER LA 10 -16.63 -27.32 -20.83
CA SER LA 10 -16.31 -25.91 -20.68
C SER LA 10 -16.28 -25.11 -21.98
N LYS LA 11 -16.06 -25.78 -23.10
CA LYS LA 11 -15.83 -25.05 -24.33
C LYS LA 11 -17.07 -24.23 -24.73
N ASP LA 12 -18.22 -24.62 -24.24
CA ASP LA 12 -19.46 -24.00 -24.68
C ASP LA 12 -19.54 -22.56 -24.19
N ARG LA 13 -19.43 -22.37 -22.90
CA ARG LA 13 -19.53 -21.03 -22.34
C ARG LA 13 -18.40 -20.14 -22.83
N TYR LA 14 -17.22 -20.72 -23.03
CA TYR LA 14 -16.09 -19.92 -23.47
C TYR LA 14 -16.31 -19.33 -24.84
N GLN LA 15 -16.72 -20.16 -25.78
CA GLN LA 15 -16.90 -19.69 -27.13
C GLN LA 15 -18.22 -19.04 -27.35
N TYR LA 16 -19.25 -19.54 -26.71
CA TYR LA 16 -20.54 -18.93 -26.88
C TYR LA 16 -20.43 -17.44 -26.57
N LYS LA 17 -19.73 -17.09 -25.48
CA LYS LA 17 -19.50 -15.70 -25.19
C LYS LA 17 -18.85 -14.99 -26.39
N GLN LA 18 -17.84 -15.63 -26.98
CA GLN LA 18 -17.17 -15.07 -28.15
C GLN LA 18 -18.16 -14.81 -29.27
N TYR LA 19 -19.08 -15.73 -29.48
CA TYR LA 19 -20.10 -15.55 -30.49
C TYR LA 19 -20.84 -14.26 -30.33
N ILE LA 20 -21.38 -14.07 -29.14
CA ILE LA 20 -22.18 -12.90 -28.91
C ILE LA 20 -21.37 -11.65 -29.12
N TYR LA 21 -20.15 -11.64 -28.62
CA TYR LA 21 -19.31 -10.47 -28.79
C TYR LA 21 -19.30 -10.07 -30.26
N ARG LA 22 -19.11 -11.07 -31.14
CA ARG LA 22 -19.13 -10.83 -32.57
C ARG LA 22 -20.46 -10.25 -33.04
N SER LA 23 -21.58 -10.83 -32.57
CA SER LA 23 -22.91 -10.34 -32.94
C SER LA 23 -23.18 -8.92 -32.48
N ILE LA 24 -22.69 -8.58 -31.30
CA ILE LA 24 -22.88 -7.25 -30.76
C ILE LA 24 -22.25 -6.24 -31.68
N GLY LA 25 -21.01 -6.52 -32.10
CA GLY LA 25 -20.34 -5.68 -33.08
C GLY LA 25 -19.23 -4.85 -32.45
N GLY LA 26 -18.24 -4.49 -33.27
CA GLY LA 26 -17.06 -3.76 -32.78
C GLY LA 26 -17.36 -2.29 -32.53
N ILE LA 27 -18.57 -1.86 -32.85
CA ILE LA 27 -18.97 -0.47 -32.67
C ILE LA 27 -19.49 -0.23 -31.26
N VAL LA 28 -19.76 -1.30 -30.52
CA VAL LA 28 -20.33 -1.18 -29.19
C VAL LA 28 -19.21 -1.20 -28.14
N PRO LA 29 -19.13 -0.16 -27.28
CA PRO LA 29 -18.15 -0.02 -26.21
C PRO LA 29 -18.14 -1.29 -25.35
N PRO LA 30 -16.96 -1.69 -24.87
CA PRO LA 30 -16.70 -2.93 -24.15
C PRO LA 30 -17.50 -3.09 -22.87
N GLU LA 31 -17.89 -1.96 -22.25
CA GLU LA 31 -18.69 -2.00 -21.04
C GLU LA 31 -20.09 -2.53 -21.33
N MET LA 32 -20.44 -2.52 -22.62
CA MET LA 32 -21.68 -3.09 -23.06
C MET LA 32 -21.42 -4.40 -23.77
N ALA LA 33 -20.38 -4.43 -24.59
CA ALA LA 33 -20.16 -5.61 -25.40
C ALA LA 33 -19.93 -6.84 -24.53
N GLU LA 34 -19.03 -6.75 -23.55
CA GLU LA 34 -18.71 -7.90 -22.73
C GLU LA 34 -19.78 -8.17 -21.68
N THR LA 35 -20.33 -7.12 -21.10
CA THR LA 35 -21.27 -7.28 -20.02
C THR LA 35 -22.56 -7.92 -20.51
N VAL LA 36 -22.98 -7.53 -21.70
CA VAL LA 36 -24.14 -8.13 -22.33
C VAL LA 36 -23.85 -9.56 -22.69
N THR LA 37 -22.67 -9.79 -23.28
CA THR LA 37 -22.24 -11.11 -23.66
C THR LA 37 -22.29 -12.07 -22.49
N ALA LA 38 -21.67 -11.67 -21.39
CA ALA LA 38 -21.59 -12.54 -20.23
C ALA LA 38 -22.98 -12.88 -19.72
N ASN LA 39 -23.88 -11.90 -19.72
CA ASN LA 39 -25.22 -12.11 -19.23
C ASN LA 39 -25.99 -13.08 -20.10
N GLN LA 40 -25.94 -12.86 -21.39
CA GLN LA 40 -26.66 -13.70 -22.33
C GLN LA 40 -26.13 -15.13 -22.26
N THR LA 41 -24.82 -15.28 -22.09
CA THR LA 41 -24.23 -16.60 -21.97
C THR LA 41 -24.76 -17.31 -20.75
N ALA LA 42 -24.82 -16.61 -19.62
CA ALA LA 42 -25.33 -17.22 -18.41
C ALA LA 42 -26.73 -17.76 -18.65
N GLN LA 43 -27.53 -17.02 -19.41
CA GLN LA 43 -28.86 -17.50 -19.76
C GLN LA 43 -28.77 -18.74 -20.64
N TRP LA 44 -27.76 -18.78 -21.53
CA TRP LA 44 -27.59 -19.96 -22.38
C TRP LA 44 -27.31 -21.16 -21.52
N GLU LA 45 -26.41 -21.01 -20.59
CA GLU LA 45 -26.02 -22.12 -19.74
C GLU LA 45 -27.23 -22.67 -19.00
N ALA LA 46 -27.98 -21.78 -18.36
CA ALA LA 46 -29.15 -22.17 -17.58
C ALA LA 46 -30.27 -22.72 -18.46
N GLY LA 47 -30.50 -22.07 -19.58
CA GLY LA 47 -31.57 -22.46 -20.49
C GLY LA 47 -31.28 -23.79 -21.17
N PHE LA 48 -30.03 -23.98 -21.56
CA PHE LA 48 -29.58 -25.16 -22.26
C PHE LA 48 -29.59 -26.40 -21.39
N THR LA 49 -29.00 -26.29 -20.21
CA THR LA 49 -28.80 -27.43 -19.31
C THR LA 49 -29.99 -28.42 -19.23
N PRO LA 50 -31.24 -27.99 -18.93
CA PRO LA 50 -32.39 -28.86 -18.78
C PRO LA 50 -32.54 -29.86 -19.92
N TYR LA 51 -32.26 -29.43 -21.14
CA TYR LA 51 -32.40 -30.29 -22.29
C TYR LA 51 -31.19 -31.16 -22.43
N HIS LA 52 -30.05 -30.62 -22.05
CA HIS LA 52 -28.82 -31.34 -22.09
C HIS LA 52 -28.90 -32.54 -21.15
N LYS LA 53 -29.46 -32.30 -19.97
CA LYS LA 53 -29.63 -33.36 -18.98
C LYS LA 53 -30.49 -34.47 -19.54
N LEU LA 54 -31.59 -34.11 -20.21
CA LEU LA 54 -32.44 -35.12 -20.82
C LEU LA 54 -31.68 -35.95 -21.82
N ARG LA 55 -30.96 -35.29 -22.72
CA ARG LA 55 -30.23 -35.99 -23.75
C ARG LA 55 -29.23 -36.98 -23.17
N LEU LA 56 -28.52 -36.55 -22.13
CA LEU LA 56 -27.56 -37.42 -21.48
C LEU LA 56 -28.26 -38.60 -20.82
N ALA LA 57 -29.40 -38.33 -20.17
CA ALA LA 57 -30.18 -39.37 -19.54
C ALA LA 57 -30.65 -40.38 -20.58
N ILE LA 58 -31.11 -39.88 -21.72
CA ILE LA 58 -31.61 -40.74 -22.78
C ILE LA 58 -30.53 -41.68 -23.26
N LYS LA 59 -29.33 -41.15 -23.46
CA LYS LA 59 -28.21 -41.98 -23.87
C LYS LA 59 -28.07 -43.19 -22.96
N GLU LA 60 -28.09 -42.95 -21.65
CA GLU LA 60 -27.95 -44.02 -20.68
C GLU LA 60 -29.14 -44.97 -20.71
N ILE LA 61 -30.34 -44.45 -20.95
CA ILE LA 61 -31.52 -45.31 -20.99
C ILE LA 61 -31.41 -46.31 -22.12
N CYS LA 62 -30.98 -45.86 -23.28
CA CYS LA 62 -30.87 -46.77 -24.41
C CYS LA 62 -29.83 -47.86 -24.15
N LYS LA 63 -28.71 -47.50 -23.54
CA LYS LA 63 -27.72 -48.50 -23.19
C LYS LA 63 -28.29 -49.49 -22.18
N THR LA 64 -29.04 -48.97 -21.22
CA THR LA 64 -29.67 -49.78 -20.18
C THR LA 64 -30.65 -50.76 -20.79
N ASP LA 65 -31.48 -50.28 -21.70
CA ASP LA 65 -32.46 -51.09 -22.39
C ASP LA 65 -31.81 -52.05 -23.38
N GLY LA 66 -30.70 -51.62 -23.97
CA GLY LA 66 -30.00 -52.43 -24.96
C GLY LA 66 -30.66 -52.22 -26.31
N ILE LA 67 -30.95 -50.98 -26.61
CA ILE LA 67 -31.67 -50.62 -27.82
C ILE LA 67 -30.82 -49.71 -28.73
N PRO LA 68 -31.18 -49.59 -30.04
CA PRO LA 68 -30.44 -48.94 -31.12
C PRO LA 68 -29.96 -47.53 -30.84
N ASN LA 69 -28.74 -47.20 -31.29
CA ASN LA 69 -28.15 -45.87 -31.15
C ASN LA 69 -28.78 -44.92 -32.14
N ILE LA 70 -29.09 -45.40 -33.34
CA ILE LA 70 -29.61 -44.51 -34.36
C ILE LA 70 -30.88 -43.85 -33.93
N LYS LA 71 -31.66 -44.57 -33.14
CA LYS LA 71 -32.95 -44.12 -32.72
C LYS LA 71 -32.88 -42.99 -31.73
N TRP LA 72 -31.67 -42.63 -31.32
CA TRP LA 72 -31.47 -41.49 -30.47
C TRP LA 72 -31.97 -40.24 -31.14
N GLY LA 73 -31.92 -40.19 -32.46
CA GLY LA 73 -32.43 -39.03 -33.14
C GLY LA 73 -33.87 -38.78 -32.69
N MET LA 74 -34.64 -39.86 -32.49
CA MET LA 74 -36.02 -39.74 -32.07
C MET LA 74 -36.20 -39.78 -30.58
N TYR LA 75 -35.38 -40.57 -29.87
CA TYR LA 75 -35.54 -40.58 -28.42
C TYR LA 75 -35.28 -39.17 -27.92
N ILE LA 76 -34.28 -38.52 -28.52
CA ILE LA 76 -33.96 -37.15 -28.21
C ILE LA 76 -35.07 -36.23 -28.65
N ALA LA 77 -35.47 -36.29 -29.92
CA ALA LA 77 -36.55 -35.43 -30.41
C ALA LA 77 -37.79 -35.56 -29.57
N PHE LA 78 -38.14 -36.78 -29.24
CA PHE LA 78 -39.30 -37.10 -28.45
C PHE LA 78 -39.18 -36.46 -27.07
N GLY LA 79 -38.05 -36.70 -26.42
CA GLY LA 79 -37.79 -36.16 -25.09
C GLY LA 79 -37.80 -34.64 -25.08
N GLU LA 80 -37.07 -34.04 -26.01
CA GLU LA 80 -36.98 -32.59 -26.09
C GLU LA 80 -38.33 -31.96 -26.35
N LYS LA 81 -39.12 -32.56 -27.24
CA LYS LA 81 -40.45 -32.04 -27.53
C LYS LA 81 -41.28 -32.06 -26.28
N LEU LA 82 -41.25 -33.17 -25.57
CA LEU LA 82 -42.03 -33.26 -24.36
C LEU LA 82 -41.57 -32.27 -23.31
N LEU LA 83 -40.27 -32.08 -23.14
CA LEU LA 83 -39.85 -31.12 -22.13
C LEU LA 83 -40.41 -29.74 -22.45
N LYS LA 84 -40.38 -29.35 -23.72
CA LYS LA 84 -40.98 -28.08 -24.09
C LYS LA 84 -42.41 -28.06 -23.62
N SER LA 85 -43.11 -29.17 -23.83
CA SER LA 85 -44.49 -29.30 -23.39
C SER LA 85 -44.62 -29.18 -21.88
N TYR LA 86 -43.69 -29.77 -21.13
CA TYR LA 86 -43.74 -29.73 -19.68
C TYR LA 86 -43.50 -28.33 -19.17
N LEU LA 87 -42.67 -27.57 -19.88
CA LEU LA 87 -42.46 -26.18 -19.51
C LEU LA 87 -43.75 -25.39 -19.75
N LYS LA 88 -44.42 -25.68 -20.86
CA LYS LA 88 -45.68 -25.03 -21.19
C LYS LA 88 -46.76 -25.35 -20.17
N MET LA 89 -46.73 -26.55 -19.61
CA MET LA 89 -47.68 -26.97 -18.59
C MET LA 89 -47.66 -26.09 -17.37
N LYS LA 90 -46.58 -25.34 -17.18
CA LYS LA 90 -46.47 -24.47 -16.02
C LYS LA 90 -47.32 -23.23 -16.25
N ALA LA 91 -47.82 -23.09 -17.47
CA ALA LA 91 -48.76 -22.03 -17.82
C ALA LA 91 -50.16 -22.64 -17.95
N GLY LA 92 -50.24 -23.79 -18.60
CA GLY LA 92 -51.51 -24.46 -18.90
C GLY LA 92 -52.24 -25.01 -17.68
N SER LA 93 -51.48 -25.46 -16.68
CA SER LA 93 -52.04 -26.15 -15.53
C SER LA 93 -52.70 -27.44 -15.96
N ALA LA 94 -53.39 -28.08 -15.04
CA ALA LA 94 -54.03 -29.36 -15.36
C ALA LA 94 -53.06 -30.25 -16.10
N SER LA 95 -51.83 -30.34 -15.58
CA SER LA 95 -50.76 -31.04 -16.29
C SER LA 95 -51.14 -32.48 -16.55
N SER LA 96 -51.90 -33.07 -15.65
CA SER LA 96 -52.28 -34.47 -15.81
C SER LA 96 -52.90 -34.71 -17.19
N ASP LA 97 -53.70 -33.76 -17.65
CA ASP LA 97 -54.39 -33.94 -18.92
C ASP LA 97 -53.50 -33.52 -20.06
N MET LA 98 -52.72 -32.47 -19.87
CA MET LA 98 -51.84 -32.02 -20.92
C MET LA 98 -50.81 -33.11 -21.22
N ILE LA 99 -50.31 -33.74 -20.16
CA ILE LA 99 -49.32 -34.79 -20.27
C ILE LA 99 -49.86 -35.92 -21.09
N ALA LA 100 -51.06 -36.37 -20.75
CA ALA LA 100 -51.68 -37.45 -21.46
C ALA LA 100 -51.83 -37.10 -22.93
N GLU LA 101 -52.27 -35.88 -23.22
CA GLU LA 101 -52.49 -35.50 -24.62
C GLU LA 101 -51.21 -35.44 -25.42
N TYR LA 102 -50.14 -34.91 -24.83
CA TYR LA 102 -48.88 -34.83 -25.53
C TYR LA 102 -48.39 -36.23 -25.84
N ILE LA 103 -48.50 -37.12 -24.88
CA ILE LA 103 -48.09 -38.49 -25.05
C ILE LA 103 -48.99 -39.18 -26.09
N ASN LA 104 -50.30 -38.94 -26.02
CA ASN LA 104 -51.23 -39.59 -26.95
C ASN LA 104 -50.74 -39.55 -28.39
N ASN LA 105 -50.40 -38.36 -28.87
CA ASN LA 105 -49.93 -38.26 -30.26
C ASN LA 105 -48.45 -38.55 -30.38
N ALA LA 106 -47.67 -38.13 -29.40
CA ALA LA 106 -46.25 -38.35 -29.45
C ALA LA 106 -45.95 -39.83 -29.62
N ILE LA 107 -46.79 -40.67 -29.00
CA ILE LA 107 -46.68 -42.11 -29.12
C ILE LA 107 -47.42 -42.65 -30.35
N SER LA 108 -48.70 -42.27 -30.49
CA SER LA 108 -49.57 -42.86 -31.51
C SER LA 108 -49.08 -42.66 -32.93
N ALA LA 109 -48.56 -41.48 -33.23
CA ALA LA 109 -48.08 -41.21 -34.57
C ALA LA 109 -46.72 -41.83 -34.73
N PHE LA 110 -46.69 -43.14 -34.70
CA PHE LA 110 -45.45 -43.87 -34.57
C PHE LA 110 -44.42 -43.46 -35.61
N SER LA 111 -44.82 -43.46 -36.86
CA SER LA 111 -43.90 -43.28 -37.96
C SER LA 111 -43.27 -41.89 -38.02
N SER LA 112 -43.84 -40.92 -37.30
CA SER LA 112 -43.33 -39.55 -37.39
C SER LA 112 -43.03 -38.91 -36.03
N ARG LA 113 -43.61 -39.43 -34.96
CA ARG LA 113 -43.37 -38.86 -33.64
C ARG LA 113 -42.50 -39.75 -32.77
N THR LA 114 -42.39 -41.03 -33.13
CA THR LA 114 -41.58 -41.94 -32.36
C THR LA 114 -40.52 -42.54 -33.26
N GLY LA 115 -40.92 -43.51 -34.07
CA GLY LA 115 -39.98 -44.25 -34.90
C GLY LA 115 -39.27 -45.28 -34.03
N ILE LA 116 -39.68 -45.29 -32.77
CA ILE LA 116 -39.15 -46.09 -31.69
C ILE LA 116 -40.27 -46.83 -31.01
N SER LA 117 -39.95 -47.98 -30.43
CA SER LA 117 -40.99 -48.74 -29.73
C SER LA 117 -41.76 -47.86 -28.78
N GLN LA 118 -43.07 -48.00 -28.81
CA GLN LA 118 -43.93 -47.23 -27.94
C GLN LA 118 -43.59 -47.49 -26.49
N GLU LA 119 -43.08 -48.69 -26.20
CA GLU LA 119 -42.73 -49.05 -24.84
C GLU LA 119 -41.57 -48.21 -24.33
N THR LA 120 -40.60 -48.00 -25.19
CA THR LA 120 -39.43 -47.23 -24.82
C THR LA 120 -39.73 -45.75 -24.91
N ALA LA 121 -40.62 -45.39 -25.84
CA ALA LA 121 -41.03 -44.01 -25.99
C ALA LA 121 -41.73 -43.56 -24.72
N GLN LA 122 -42.58 -44.43 -24.17
CA GLN LA 122 -43.28 -44.12 -22.94
C GLN LA 122 -42.29 -44.01 -21.80
N LYS LA 123 -41.31 -44.90 -21.75
CA LYS LA 123 -40.31 -44.81 -20.70
C LYS LA 123 -39.66 -43.44 -20.73
N ILE LA 124 -39.33 -42.97 -21.92
CA ILE LA 124 -38.75 -41.64 -22.04
C ILE LA 124 -39.78 -40.61 -21.58
N ALA LA 125 -41.02 -40.75 -21.98
CA ALA LA 125 -42.04 -39.81 -21.54
C ALA LA 125 -42.08 -39.75 -20.02
N ASP LA 126 -41.88 -40.89 -19.35
CA ASP LA 126 -41.89 -40.95 -17.91
C ASP LA 126 -40.64 -40.30 -17.31
N PHE LA 127 -39.48 -40.56 -17.91
CA PHE LA 127 -38.24 -39.96 -17.44
C PHE LA 127 -38.28 -38.45 -17.58
N ILE LA 128 -38.83 -37.99 -18.69
CA ILE LA 128 -38.96 -36.57 -18.94
C ILE LA 128 -39.92 -35.95 -17.94
N THR LA 129 -41.04 -36.63 -17.67
CA THR LA 129 -42.01 -36.15 -16.70
C THR LA 129 -41.36 -35.82 -15.37
N SER LA 130 -40.43 -36.67 -14.94
CA SER LA 130 -39.76 -36.51 -13.65
C SER LA 130 -38.93 -35.22 -13.58
N ASN LA 131 -38.71 -34.59 -14.74
CA ASN LA 131 -37.93 -33.36 -14.81
C ASN LA 131 -38.75 -32.14 -14.44
N TYR LA 132 -40.05 -32.36 -14.17
CA TYR LA 132 -40.99 -31.31 -13.77
C TYR LA 132 -41.35 -30.40 -14.93
N ARG MA 6 -51.86 23.07 -46.06
CA ARG MA 6 -51.00 22.17 -46.82
C ARG MA 6 -49.76 21.76 -46.03
N LYS MA 7 -48.87 22.71 -45.81
CA LYS MA 7 -47.58 22.42 -45.21
C LYS MA 7 -47.67 21.67 -43.88
N LEU MA 8 -48.71 21.95 -43.10
CA LEU MA 8 -48.81 21.35 -41.77
C LEU MA 8 -49.27 19.90 -41.79
N ARG MA 9 -49.62 19.37 -42.95
CA ARG MA 9 -49.99 17.96 -43.03
C ARG MA 9 -49.14 17.25 -44.07
N GLN MA 10 -48.68 18.02 -45.05
CA GLN MA 10 -47.94 17.48 -46.18
C GLN MA 10 -46.43 17.38 -45.94
N ASP MA 11 -45.84 18.41 -45.33
CA ASP MA 11 -44.39 18.50 -45.22
C ASP MA 11 -43.85 17.48 -44.27
N SER MA 12 -44.75 16.92 -43.46
CA SER MA 12 -44.40 15.92 -42.48
C SER MA 12 -43.71 14.75 -43.14
N THR MA 13 -43.96 14.56 -44.43
CA THR MA 13 -43.36 13.47 -45.17
C THR MA 13 -41.85 13.60 -45.15
N ASP MA 14 -41.36 14.82 -45.36
CA ASP MA 14 -39.93 15.07 -45.52
C ASP MA 14 -39.25 15.19 -44.17
N ARG MA 15 -39.98 15.69 -43.20
CA ARG MA 15 -39.41 15.85 -41.87
C ARG MA 15 -39.26 14.48 -41.23
N TYR MA 16 -40.30 13.66 -41.37
CA TYR MA 16 -40.23 12.30 -40.89
C TYR MA 16 -39.10 11.57 -41.64
N LYS MA 17 -39.09 11.72 -42.98
CA LYS MA 17 -38.02 11.16 -43.81
C LYS MA 17 -36.66 11.53 -43.29
N THR MA 18 -36.47 12.81 -42.98
CA THR MA 18 -35.20 13.30 -42.50
C THR MA 18 -34.66 12.44 -41.38
N LYS MA 19 -35.46 12.23 -40.34
CA LYS MA 19 -34.97 11.41 -39.23
C LYS MA 19 -34.80 9.97 -39.58
N LEU MA 20 -35.75 9.41 -40.29
CA LEU MA 20 -35.69 7.98 -40.48
C LEU MA 20 -34.41 7.64 -41.21
N TYR MA 21 -34.04 8.47 -42.17
CA TYR MA 21 -32.77 8.29 -42.83
C TYR MA 21 -31.60 8.45 -41.88
N LEU MA 22 -31.59 9.56 -41.14
CA LEU MA 22 -30.47 9.83 -40.24
C LEU MA 22 -30.32 8.76 -39.17
N TRP MA 23 -31.44 8.25 -38.68
CA TRP MA 23 -31.41 7.23 -37.66
C TRP MA 23 -30.56 6.09 -38.16
N ARG MA 24 -30.83 5.67 -39.38
CA ARG MA 24 -30.11 4.57 -39.99
C ARG MA 24 -28.70 4.98 -40.44
N ASN MA 25 -28.56 6.20 -40.93
CA ASN MA 25 -27.28 6.69 -41.44
C ASN MA 25 -26.21 6.65 -40.37
N LEU MA 26 -26.61 6.89 -39.15
CA LEU MA 26 -25.68 6.92 -38.03
C LEU MA 26 -25.30 5.51 -37.58
N GLY MA 27 -25.89 4.51 -38.23
CA GLY MA 27 -25.57 3.11 -37.95
C GLY MA 27 -24.53 2.58 -38.93
N GLY MA 28 -24.13 3.41 -39.90
CA GLY MA 28 -23.14 3.01 -40.90
C GLY MA 28 -23.75 2.12 -41.98
N LEU MA 29 -25.06 2.20 -42.14
CA LEU MA 29 -25.81 1.40 -43.08
C LEU MA 29 -25.65 1.90 -44.52
N ILE MA 30 -26.04 1.07 -45.48
CA ILE MA 30 -25.93 1.38 -46.90
C ILE MA 30 -26.94 2.45 -47.35
N PRO MA 31 -26.48 3.57 -47.95
CA PRO MA 31 -27.28 4.68 -48.45
C PRO MA 31 -28.50 4.23 -49.25
N GLU MA 32 -28.31 3.24 -50.11
CA GLU MA 32 -29.40 2.76 -50.95
C GLU MA 32 -30.45 2.02 -50.14
N ASP MA 33 -30.01 1.09 -49.30
CA ASP MA 33 -30.95 0.34 -48.50
C ASP MA 33 -31.72 1.26 -47.59
N MET MA 34 -31.02 2.27 -47.08
CA MET MA 34 -31.67 3.21 -46.20
C MET MA 34 -32.71 3.98 -46.95
N ALA MA 35 -32.34 4.51 -48.10
CA ALA MA 35 -33.27 5.31 -48.87
C ALA MA 35 -34.54 4.51 -49.15
N ILE MA 36 -34.38 3.21 -49.42
CA ILE MA 36 -35.51 2.34 -49.67
C ILE MA 36 -36.34 2.12 -48.41
N SER MA 37 -35.69 1.75 -47.31
CA SER MA 37 -36.39 1.50 -46.07
C SER MA 37 -37.13 2.73 -45.59
N VAL MA 38 -36.48 3.87 -45.74
CA VAL MA 38 -37.08 5.12 -45.34
C VAL MA 38 -38.28 5.42 -46.20
N THR MA 39 -38.13 5.30 -47.51
CA THR MA 39 -39.24 5.56 -48.41
C THR MA 39 -40.47 4.80 -47.99
N GLU MA 40 -40.31 3.52 -47.67
CA GLU MA 40 -41.44 2.72 -47.26
C GLU MA 40 -42.01 3.22 -45.94
N SER MA 41 -41.12 3.59 -45.02
CA SER MA 41 -41.52 4.09 -43.71
C SER MA 41 -42.30 5.39 -43.80
N ILE MA 42 -41.80 6.33 -44.59
CA ILE MA 42 -42.45 7.63 -44.68
C ILE MA 42 -43.78 7.49 -45.36
N THR MA 43 -43.88 6.54 -46.29
CA THR MA 43 -45.13 6.29 -46.97
C THR MA 43 -46.14 5.73 -45.99
N ALA MA 44 -45.75 4.69 -45.26
CA ALA MA 44 -46.66 4.06 -44.33
C ALA MA 44 -47.09 5.05 -43.28
N ASP MA 45 -46.14 5.82 -42.76
CA ASP MA 45 -46.42 6.81 -41.75
C ASP MA 45 -47.39 7.85 -42.25
N TRP MA 46 -47.01 8.55 -43.30
CA TRP MA 46 -47.81 9.64 -43.79
C TRP MA 46 -49.18 9.16 -44.24
N LYS MA 47 -49.19 8.12 -45.06
CA LYS MA 47 -50.43 7.62 -45.62
C LYS MA 47 -51.39 7.17 -44.54
N GLN MA 48 -50.95 6.26 -43.70
CA GLN MA 48 -51.84 5.67 -42.73
C GLN MA 48 -52.30 6.72 -41.76
N TYR MA 49 -51.36 7.54 -41.29
CA TYR MA 49 -51.71 8.53 -40.31
C TYR MA 49 -52.70 9.53 -40.83
N ASN MA 50 -52.36 10.21 -41.90
CA ASN MA 50 -53.23 11.28 -42.37
C ASN MA 50 -54.55 10.77 -42.86
N ASP MA 51 -54.58 9.59 -43.46
CA ASP MA 51 -55.84 9.09 -43.98
C ASP MA 51 -56.83 8.89 -42.84
N MET MA 52 -56.46 8.10 -41.86
CA MET MA 52 -57.33 7.82 -40.74
C MET MA 52 -57.57 9.07 -39.89
N MET MA 53 -56.49 9.76 -39.54
CA MET MA 53 -56.58 10.91 -38.68
C MET MA 53 -57.36 12.04 -39.31
N SER MA 54 -57.12 12.34 -40.58
CA SER MA 54 -57.76 13.49 -41.19
C SER MA 54 -59.25 13.27 -41.26
N LYS MA 55 -59.68 12.07 -41.62
CA LYS MA 55 -61.11 11.84 -41.72
C LYS MA 55 -61.79 12.09 -40.38
N VAL MA 56 -61.20 11.57 -39.30
CA VAL MA 56 -61.79 11.77 -37.98
C VAL MA 56 -61.63 13.20 -37.52
N ARG MA 57 -60.41 13.73 -37.61
CA ARG MA 57 -60.10 15.07 -37.16
C ARG MA 57 -60.94 16.10 -37.88
N ASN MA 58 -61.14 15.92 -39.18
CA ASN MA 58 -61.89 16.88 -39.96
C ASN MA 58 -63.34 16.88 -39.53
N GLU MA 59 -63.94 15.69 -39.44
CA GLU MA 59 -65.32 15.62 -38.99
C GLU MA 59 -65.42 16.14 -37.58
N THR MA 60 -64.43 15.82 -36.77
CA THR MA 60 -64.43 16.21 -35.38
C THR MA 60 -64.33 17.71 -35.26
N LEU MA 61 -63.43 18.31 -36.01
CA LEU MA 61 -63.22 19.73 -35.97
C LEU MA 61 -64.47 20.47 -36.41
N ASP MA 62 -65.07 20.04 -37.53
CA ASP MA 62 -66.25 20.72 -38.07
C ASP MA 62 -67.45 20.61 -37.14
N ILE MA 63 -67.67 19.42 -36.57
CA ILE MA 63 -68.79 19.21 -35.67
C ILE MA 63 -68.65 20.00 -34.40
N LEU MA 64 -67.47 19.94 -33.82
CA LEU MA 64 -67.23 20.66 -32.58
C LEU MA 64 -67.34 22.16 -32.80
N LYS MA 65 -66.84 22.65 -33.93
CA LYS MA 65 -66.96 24.07 -34.22
C LYS MA 65 -68.42 24.45 -34.40
N THR MA 66 -69.18 23.61 -35.08
CA THR MA 66 -70.60 23.83 -35.28
C THR MA 66 -71.32 23.95 -33.95
N ASN MA 67 -70.91 23.11 -32.99
CA ASN MA 67 -71.54 23.05 -31.69
C ASN MA 67 -70.98 24.06 -30.68
N LYS MA 68 -70.19 25.03 -31.18
CA LYS MA 68 -69.65 26.11 -30.35
C LYS MA 68 -68.67 25.63 -29.30
N VAL MA 69 -67.84 24.67 -29.67
CA VAL MA 69 -66.79 24.15 -28.81
C VAL MA 69 -65.58 25.07 -28.87
N ALA MA 70 -65.04 25.44 -27.69
CA ALA MA 70 -63.90 26.36 -27.62
C ALA MA 70 -62.65 25.63 -28.05
N THR MA 71 -61.65 26.35 -28.54
CA THR MA 71 -60.47 25.69 -29.09
C THR MA 71 -59.74 24.82 -28.06
N GLU MA 72 -59.82 25.23 -26.79
CA GLU MA 72 -59.22 24.46 -25.71
C GLU MA 72 -59.99 23.20 -25.37
N ASP MA 73 -61.17 23.06 -25.95
CA ASP MA 73 -62.01 21.91 -25.68
C ASP MA 73 -61.77 20.79 -26.69
N TYR MA 74 -61.33 21.15 -27.89
CA TYR MA 74 -61.20 20.19 -28.96
C TYR MA 74 -60.30 19.02 -28.58
N ILE MA 75 -59.21 19.28 -27.86
CA ILE MA 75 -58.35 18.19 -27.40
C ILE MA 75 -59.10 17.03 -26.80
N GLY MA 76 -60.07 17.30 -25.96
CA GLY MA 76 -60.73 16.20 -25.31
C GLY MA 76 -61.49 15.42 -26.32
N TYR MA 77 -62.19 16.14 -27.16
CA TYR MA 77 -63.07 15.52 -28.11
C TYR MA 77 -62.30 14.87 -29.24
N ILE MA 78 -61.13 15.41 -29.56
CA ILE MA 78 -60.27 14.83 -30.57
C ILE MA 78 -59.58 13.60 -30.03
N ALA MA 79 -59.02 13.70 -28.83
CA ALA MA 79 -58.38 12.54 -28.23
C ALA MA 79 -59.38 11.40 -28.16
N PHE MA 80 -60.62 11.72 -27.76
CA PHE MA 80 -61.69 10.74 -27.82
C PHE MA 80 -62.00 10.40 -29.25
N ALA MA 81 -62.05 11.38 -30.12
CA ALA MA 81 -62.45 11.13 -31.50
C ALA MA 81 -61.67 9.99 -32.09
N GLU MA 82 -60.36 10.02 -31.92
CA GLU MA 82 -59.54 8.98 -32.47
C GLU MA 82 -59.68 7.70 -31.67
N GLU MA 83 -59.55 7.79 -30.36
CA GLU MA 83 -59.67 6.59 -29.53
C GLU MA 83 -60.95 5.83 -29.88
N LEU MA 84 -62.05 6.56 -29.93
CA LEU MA 84 -63.35 6.00 -30.22
C LEU MA 84 -63.38 5.43 -31.62
N ALA MA 85 -62.87 6.20 -32.57
CA ALA MA 85 -62.85 5.80 -33.96
C ALA MA 85 -62.10 4.49 -34.14
N HIS MA 86 -61.04 4.32 -33.36
CA HIS MA 86 -60.27 3.09 -33.41
C HIS MA 86 -61.06 1.93 -32.85
N GLN MA 87 -61.75 2.17 -31.74
CA GLN MA 87 -62.60 1.14 -31.17
C GLN MA 87 -63.69 0.75 -32.16
N VAL MA 88 -64.16 1.72 -32.96
CA VAL MA 88 -65.16 1.42 -33.97
C VAL MA 88 -64.61 0.41 -34.96
N TRP MA 89 -63.39 0.63 -35.45
CA TRP MA 89 -62.77 -0.35 -36.34
C TRP MA 89 -62.63 -1.67 -35.65
N LYS MA 90 -62.11 -1.63 -34.43
CA LYS MA 90 -61.86 -2.84 -33.68
C LYS MA 90 -63.09 -3.72 -33.70
N ASN MA 91 -64.24 -3.11 -33.47
CA ASN MA 91 -65.49 -3.84 -33.46
C ASN MA 91 -65.92 -4.26 -34.86
N LYS MA 92 -65.82 -3.36 -35.83
CA LYS MA 92 -66.20 -3.72 -37.19
C LYS MA 92 -65.40 -4.94 -37.67
N ASN MA 93 -64.15 -5.02 -37.20
CA ASN MA 93 -63.27 -6.11 -37.53
C ASN MA 93 -63.52 -7.38 -36.69
N SER MA 94 -63.60 -7.22 -35.36
CA SER MA 94 -63.60 -8.37 -34.46
C SER MA 94 -64.95 -8.82 -33.89
N SER MA 95 -65.96 -7.95 -33.89
CA SER MA 95 -67.19 -8.29 -33.19
C SER MA 95 -68.40 -8.32 -34.12
N PRO MA 96 -69.50 -8.98 -33.71
CA PRO MA 96 -70.82 -8.95 -34.32
C PRO MA 96 -71.37 -7.53 -34.38
N ASP MA 97 -72.15 -7.23 -35.41
CA ASP MA 97 -72.73 -5.90 -35.54
C ASP MA 97 -73.40 -5.39 -34.25
N PRO MA 98 -74.23 -6.21 -33.53
CA PRO MA 98 -74.86 -5.88 -32.26
C PRO MA 98 -73.83 -5.44 -31.22
N ASN MA 99 -72.62 -5.96 -31.29
CA ASN MA 99 -71.59 -5.61 -30.33
C ASN MA 99 -70.94 -4.32 -30.73
N THR MA 100 -70.88 -4.05 -32.03
CA THR MA 100 -70.32 -2.78 -32.49
C THR MA 100 -71.22 -1.67 -32.00
N ALA MA 101 -72.53 -1.85 -32.18
CA ALA MA 101 -73.50 -0.88 -31.72
C ALA MA 101 -73.47 -0.75 -30.21
N ASN MA 102 -73.43 -1.88 -29.50
CA ASN MA 102 -73.41 -1.86 -28.06
C ASN MA 102 -72.17 -1.17 -27.54
N GLU MA 103 -71.01 -1.57 -28.05
CA GLU MA 103 -69.77 -1.01 -27.61
C GLU MA 103 -69.75 0.48 -27.83
N ALA MA 104 -70.23 0.95 -28.97
CA ALA MA 104 -70.21 2.36 -29.22
C ALA MA 104 -70.95 3.11 -28.12
N SER MA 105 -72.12 2.61 -27.73
CA SER MA 105 -72.91 3.23 -26.68
C SER MA 105 -72.26 3.08 -25.31
N LYS MA 106 -71.71 1.90 -25.04
CA LYS MA 106 -71.08 1.64 -23.75
C LYS MA 106 -69.81 2.45 -23.59
N THR MA 107 -69.10 2.67 -24.70
CA THR MA 107 -67.90 3.48 -24.67
C THR MA 107 -68.26 4.92 -24.43
N ASP MA 108 -69.30 5.41 -25.10
CA ASP MA 108 -69.75 6.76 -24.81
C ASP MA 108 -69.94 6.90 -23.30
N LEU MA 109 -70.57 5.89 -22.69
CA LEU MA 109 -70.71 5.90 -21.25
C LEU MA 109 -69.34 5.90 -20.57
N GLU MA 110 -68.45 5.00 -20.98
CA GLU MA 110 -67.10 4.93 -20.40
C GLU MA 110 -66.42 6.27 -20.40
N SER MA 111 -66.54 6.98 -21.50
CA SER MA 111 -65.89 8.26 -21.70
C SER MA 111 -66.23 9.25 -20.61
N LYS MA 112 -67.30 8.97 -19.85
CA LYS MA 112 -67.74 9.80 -18.74
C LYS MA 112 -66.66 9.90 -17.68
N TYR MA 113 -65.68 8.99 -17.71
CA TYR MA 113 -64.56 9.06 -16.79
C TYR MA 113 -63.88 10.42 -16.90
N SER MA 114 -64.01 11.03 -18.07
CA SER MA 114 -63.44 12.34 -18.31
C SER MA 114 -64.53 13.40 -18.31
N ASP MA 115 -64.19 14.56 -17.80
CA ASP MA 115 -65.06 15.73 -17.79
C ASP MA 115 -65.48 16.17 -19.18
N VAL MA 116 -64.74 15.71 -20.16
CA VAL MA 116 -64.96 16.01 -21.54
C VAL MA 116 -66.27 15.46 -22.08
N TYR MA 117 -66.59 14.23 -21.68
CA TYR MA 117 -67.72 13.52 -22.26
C TYR MA 117 -69.04 14.25 -22.15
N GLY MA 118 -69.78 14.26 -23.25
CA GLY MA 118 -71.10 14.84 -23.32
C GLY MA 118 -71.70 14.61 -24.70
N LEU MA 119 -72.78 15.31 -25.01
CA LEU MA 119 -73.47 15.15 -26.30
C LEU MA 119 -72.49 15.17 -27.46
N ASP MA 120 -71.51 16.06 -27.40
CA ASP MA 120 -70.54 16.18 -28.46
C ASP MA 120 -69.93 14.83 -28.81
N VAL MA 121 -69.63 14.03 -27.79
CA VAL MA 121 -69.00 12.73 -28.02
C VAL MA 121 -69.96 11.78 -28.69
N THR MA 122 -71.19 11.73 -28.19
CA THR MA 122 -72.17 10.79 -28.72
C THR MA 122 -72.46 11.10 -30.18
N VAL MA 123 -72.50 12.39 -30.53
CA VAL MA 123 -72.70 12.79 -31.91
C VAL MA 123 -71.53 12.35 -32.77
N LEU MA 124 -70.32 12.63 -32.29
CA LEU MA 124 -69.14 12.31 -33.05
C LEU MA 124 -69.00 10.83 -33.32
N ASP MA 125 -69.26 10.00 -32.33
CA ASP MA 125 -69.08 8.57 -32.54
C ASP MA 125 -70.08 8.05 -33.55
N ALA MA 126 -71.32 8.52 -33.47
CA ALA MA 126 -72.32 8.08 -34.43
C ALA MA 126 -71.83 8.35 -35.85
N ILE MA 127 -71.19 9.50 -36.04
CA ILE MA 127 -70.64 9.86 -37.34
C ILE MA 127 -69.54 8.90 -37.74
N TYR MA 128 -68.59 8.65 -36.84
CA TYR MA 128 -67.48 7.76 -37.16
C TYR MA 128 -67.98 6.40 -37.60
N ASN MA 129 -68.95 5.86 -36.88
CA ASN MA 129 -69.47 4.54 -37.18
C ASN MA 129 -70.09 4.51 -38.57
N ALA MA 130 -70.87 5.54 -38.87
CA ALA MA 130 -71.58 5.60 -40.14
C ALA MA 130 -70.69 6.07 -41.30
N VAL MA 131 -69.64 6.82 -41.03
CA VAL MA 131 -68.92 7.49 -42.11
C VAL MA 131 -67.49 7.02 -42.39
N ILE MA 132 -66.68 6.78 -41.37
CA ILE MA 132 -65.25 6.71 -41.60
C ILE MA 132 -64.67 5.28 -41.55
N PRO MA 133 -63.97 4.84 -42.62
CA PRO MA 133 -63.28 3.57 -42.76
C PRO MA 133 -61.95 3.60 -42.01
N ILE MA 134 -62.04 3.59 -40.69
CA ILE MA 134 -60.89 3.76 -39.80
C ILE MA 134 -59.84 2.67 -39.93
N ILE MA 135 -58.58 3.10 -39.97
CA ILE MA 135 -57.44 2.19 -40.02
C ILE MA 135 -57.01 1.80 -38.61
N MET MA 136 -56.82 0.50 -38.39
CA MET MA 136 -56.35 -0.02 -37.12
C MET MA 136 -55.96 -1.49 -37.25
N ARG NA 7 -34.42 -15.63 -18.91
CA ARG NA 7 -34.13 -14.66 -19.96
C ARG NA 7 -34.57 -13.23 -19.57
N GLN NA 8 -35.83 -13.08 -19.17
CA GLN NA 8 -36.41 -11.76 -18.86
C GLN NA 8 -35.89 -11.22 -17.54
N ASP NA 9 -35.10 -12.02 -16.85
CA ASP NA 9 -34.52 -11.64 -15.58
C ASP NA 9 -33.38 -10.65 -15.74
N SER NA 10 -32.74 -10.62 -16.91
CA SER NA 10 -31.65 -9.68 -17.10
C SER NA 10 -31.44 -9.23 -18.55
N LYS NA 11 -31.85 -10.05 -19.51
CA LYS NA 11 -31.49 -9.77 -20.88
C LYS NA 11 -32.08 -8.45 -21.36
N ASP NA 12 -33.15 -8.00 -20.71
CA ASP NA 12 -33.85 -6.82 -21.18
C ASP NA 12 -33.01 -5.58 -21.02
N ARG NA 13 -32.55 -5.30 -19.82
CA ARG NA 13 -31.77 -4.11 -19.58
C ARG NA 13 -30.45 -4.15 -20.34
N TYR NA 14 -29.88 -5.34 -20.48
CA TYR NA 14 -28.61 -5.45 -21.17
C TYR NA 14 -28.71 -5.04 -22.63
N GLN NA 15 -29.70 -5.58 -23.32
CA GLN NA 15 -29.83 -5.29 -24.72
C GLN NA 15 -30.57 -4.00 -24.98
N TYR NA 16 -31.54 -3.70 -24.17
CA TYR NA 16 -32.25 -2.48 -24.38
C TYR NA 16 -31.26 -1.32 -24.41
N LYS NA 17 -30.30 -1.33 -23.49
CA LYS NA 17 -29.26 -0.31 -23.54
C LYS NA 17 -28.57 -0.31 -24.91
N GLN NA 18 -28.25 -1.50 -25.41
CA GLN NA 18 -27.62 -1.60 -26.73
C GLN NA 18 -28.48 -0.97 -27.81
N TYR NA 19 -29.78 -1.18 -27.72
CA TYR NA 19 -30.68 -0.57 -28.69
C TYR NA 19 -30.51 0.92 -28.75
N ILE NA 20 -30.60 1.55 -27.60
CA ILE NA 20 -30.54 2.99 -27.58
C ILE NA 20 -29.22 3.47 -28.14
N TYR NA 21 -28.13 2.82 -27.74
CA TYR NA 21 -26.83 3.21 -28.23
C TYR NA 21 -26.88 3.32 -29.76
N ARG NA 22 -27.46 2.31 -30.39
CA ARG NA 22 -27.62 2.31 -31.84
C ARG NA 22 -28.45 3.50 -32.32
N SER NA 23 -29.57 3.78 -31.66
CA SER NA 23 -30.43 4.90 -32.02
C SER NA 23 -29.75 6.24 -31.87
N ILE NA 24 -28.93 6.38 -30.84
CA ILE NA 24 -28.24 7.62 -30.60
C ILE NA 24 -27.32 7.92 -31.78
N GLY NA 25 -26.59 6.91 -32.22
CA GLY NA 25 -25.75 7.03 -33.39
C GLY NA 25 -24.28 7.11 -33.06
N GLY NA 26 -23.44 6.69 -34.01
CA GLY NA 26 -22.00 6.63 -33.79
C GLY NA 26 -21.34 8.01 -33.86
N ILE NA 27 -22.13 9.03 -34.17
CA ILE NA 27 -21.63 10.39 -34.27
C ILE NA 27 -21.61 11.08 -32.92
N VAL NA 28 -22.31 10.49 -31.95
CA VAL NA 28 -22.42 11.11 -30.63
C VAL NA 28 -21.35 10.57 -29.69
N PRO NA 29 -20.53 11.47 -29.09
CA PRO NA 29 -19.45 11.13 -28.16
C PRO NA 29 -20.00 10.23 -27.04
N PRO NA 30 -19.18 9.28 -26.57
CA PRO NA 30 -19.55 8.24 -25.61
C PRO NA 30 -20.03 8.78 -24.28
N GLU NA 31 -19.58 9.98 -23.90
CA GLU NA 31 -20.01 10.60 -22.65
C GLU NA 31 -21.48 10.97 -22.72
N MET NA 32 -22.01 11.02 -23.93
CA MET NA 32 -23.41 11.24 -24.14
C MET NA 32 -24.09 9.96 -24.56
N ALA NA 33 -23.43 9.21 -25.43
CA ALA NA 33 -24.08 8.03 -25.96
C ALA NA 33 -24.44 7.03 -24.86
N GLU NA 34 -23.47 6.70 -24.00
CA GLU NA 34 -23.71 5.72 -22.96
C GLU NA 34 -24.51 6.28 -21.81
N THR NA 35 -24.25 7.52 -21.45
CA THR NA 35 -24.87 8.11 -20.28
C THR NA 35 -26.36 8.30 -20.52
N VAL NA 36 -26.71 8.70 -21.73
CA VAL NA 36 -28.10 8.84 -22.11
C VAL NA 36 -28.76 7.47 -22.17
N THR NA 37 -28.05 6.52 -22.78
CA THR NA 37 -28.54 5.16 -22.88
C THR NA 37 -28.89 4.59 -21.53
N ALA NA 38 -27.97 4.68 -20.59
CA ALA NA 38 -28.18 4.12 -19.27
C ALA NA 38 -29.38 4.75 -18.60
N ASN NA 39 -29.53 6.05 -18.75
CA ASN NA 39 -30.63 6.75 -18.13
C ASN NA 39 -31.96 6.33 -18.69
N GLN NA 40 -32.05 6.29 -20.00
CA GLN NA 40 -33.28 5.93 -20.67
C GLN NA 40 -33.67 4.50 -20.32
N THR NA 41 -32.68 3.62 -20.22
CA THR NA 41 -32.93 2.25 -19.85
C THR NA 41 -33.52 2.16 -18.47
N ALA NA 42 -32.95 2.90 -17.53
CA ALA NA 42 -33.47 2.89 -16.18
C ALA NA 42 -34.95 3.26 -16.18
N GLN NA 43 -35.31 4.22 -17.02
CA GLN NA 43 -36.70 4.59 -17.16
C GLN NA 43 -37.52 3.44 -17.74
N TRP NA 44 -36.91 2.68 -18.67
CA TRP NA 44 -37.61 1.53 -19.24
C TRP NA 44 -37.90 0.54 -18.16
N GLU NA 45 -36.91 0.24 -17.35
CA GLU NA 45 -37.07 -0.75 -16.32
C GLU NA 45 -38.21 -0.36 -15.38
N ALA NA 46 -38.17 0.89 -14.90
CA ALA NA 46 -39.17 1.38 -13.97
C ALA NA 46 -40.56 1.48 -14.60
N GLY NA 47 -40.60 1.99 -15.83
CA GLY NA 47 -41.84 2.18 -16.55
C GLY NA 47 -42.50 0.88 -16.93
N PHE NA 48 -41.69 -0.07 -17.36
CA PHE NA 48 -42.13 -1.37 -17.81
C PHE NA 48 -42.68 -2.23 -16.68
N THR NA 49 -41.91 -2.33 -15.59
CA THR NA 49 -42.23 -3.23 -14.49
C THR NA 49 -43.72 -3.29 -14.10
N PRO NA 50 -44.43 -2.16 -13.81
CA PRO NA 50 -45.82 -2.14 -13.38
C PRO NA 50 -46.72 -3.00 -14.24
N TYR NA 51 -46.49 -2.99 -15.56
CA TYR NA 51 -47.32 -3.75 -16.47
C TYR NA 51 -46.88 -5.19 -16.50
N HIS NA 52 -45.59 -5.38 -16.33
CA HIS NA 52 -45.01 -6.69 -16.31
C HIS NA 52 -45.58 -7.46 -15.12
N LYS NA 53 -45.66 -6.78 -13.97
CA LYS NA 53 -46.20 -7.38 -12.77
C LYS NA 53 -47.63 -7.82 -12.99
N LEU NA 54 -48.44 -6.98 -13.64
CA LEU NA 54 -49.81 -7.34 -13.95
C LEU NA 54 -49.88 -8.58 -14.79
N ARG NA 55 -49.09 -8.62 -15.86
CA ARG NA 55 -49.11 -9.75 -16.77
C ARG NA 55 -48.76 -11.05 -16.05
N LEU NA 56 -47.75 -10.99 -15.19
CA LEU NA 56 -47.35 -12.16 -14.44
C LEU NA 56 -48.45 -12.58 -13.48
N ALA NA 57 -49.09 -11.60 -12.83
CA ALA NA 57 -50.18 -11.88 -11.92
C ALA NA 57 -51.33 -12.53 -12.66
N ILE NA 58 -51.63 -12.03 -13.85
CA ILE NA 58 -52.72 -12.54 -14.66
C ILE NA 58 -52.50 -14.00 -14.99
N LYS NA 59 -51.27 -14.33 -15.39
CA LYS NA 59 -50.93 -15.70 -15.69
C LYS NA 59 -51.34 -16.62 -14.54
N GLU NA 60 -50.95 -16.24 -13.33
CA GLU NA 60 -51.27 -17.03 -12.15
C GLU NA 60 -52.76 -17.09 -11.87
N ILE NA 61 -53.47 -15.99 -12.13
CA ILE NA 61 -54.92 -15.98 -11.89
C ILE NA 61 -55.61 -16.99 -12.76
N CYS NA 62 -55.24 -17.04 -14.04
CA CYS NA 62 -55.88 -17.98 -14.92
C CYS NA 62 -55.63 -19.43 -14.51
N LYS NA 63 -54.40 -19.72 -14.09
CA LYS NA 63 -54.12 -21.06 -13.59
C LYS NA 63 -54.95 -21.37 -12.36
N THR NA 64 -55.06 -20.37 -11.48
CA THR NA 64 -55.83 -20.50 -10.24
C THR NA 64 -57.29 -20.77 -10.54
N ASP NA 65 -57.85 -20.02 -11.47
CA ASP NA 65 -59.23 -20.17 -11.87
C ASP NA 65 -59.44 -21.46 -12.67
N GLY NA 66 -58.42 -21.86 -13.43
CA GLY NA 66 -58.53 -23.04 -14.26
C GLY NA 66 -59.19 -22.68 -15.56
N ILE NA 67 -58.78 -21.56 -16.12
CA ILE NA 67 -59.38 -21.01 -17.32
C ILE NA 67 -58.36 -20.93 -18.47
N PRO NA 68 -58.83 -20.80 -19.74
CA PRO NA 68 -58.09 -20.88 -20.99
C PRO NA 68 -56.84 -20.00 -21.08
N ASN NA 69 -55.77 -20.54 -21.68
CA ASN NA 69 -54.52 -19.82 -21.89
C ASN NA 69 -54.66 -18.82 -23.02
N ILE NA 70 -55.43 -19.19 -24.05
CA ILE NA 70 -55.53 -18.30 -25.20
C ILE NA 70 -56.08 -16.96 -24.83
N LYS NA 71 -56.95 -16.96 -23.85
CA LYS NA 71 -57.65 -15.78 -23.45
C LYS NA 71 -56.76 -14.79 -22.75
N TRP NA 72 -55.51 -15.18 -22.51
CA TRP NA 72 -54.53 -14.27 -21.96
C TRP NA 72 -54.36 -13.08 -22.86
N GLY NA 73 -54.54 -13.25 -24.15
CA GLY NA 73 -54.42 -12.12 -25.04
C GLY NA 73 -55.34 -11.01 -24.55
N MET NA 74 -56.53 -11.38 -24.06
CA MET NA 74 -57.48 -10.40 -23.57
C MET NA 74 -57.35 -10.13 -22.09
N TYR NA 75 -57.03 -11.13 -21.29
CA TYR NA 75 -56.87 -10.86 -19.87
C TYR NA 75 -55.77 -9.83 -19.73
N ILE NA 76 -54.71 -9.99 -20.53
CA ILE NA 76 -53.62 -9.05 -20.56
C ILE NA 76 -54.06 -7.71 -21.11
N ALA NA 77 -54.67 -7.71 -22.30
CA ALA NA 77 -55.13 -6.45 -22.89
C ALA NA 77 -56.03 -5.69 -21.94
N PHE NA 78 -56.95 -6.41 -21.33
CA PHE NA 78 -57.90 -5.86 -20.39
C PHE NA 78 -57.17 -5.24 -19.21
N GLY NA 79 -56.27 -6.02 -18.61
CA GLY NA 79 -55.51 -5.56 -17.46
C GLY NA 79 -54.65 -4.34 -17.79
N GLU NA 80 -53.90 -4.43 -18.89
CA GLU NA 80 -53.01 -3.36 -19.31
C GLU NA 80 -53.79 -2.08 -19.60
N LYS NA 81 -54.93 -2.21 -20.26
CA LYS NA 81 -55.75 -1.05 -20.56
C LYS NA 81 -56.19 -0.38 -19.28
N LEU NA 82 -56.66 -1.19 -18.33
CA LEU NA 82 -57.10 -0.63 -17.08
C LEU NA 82 -55.96 0.01 -16.32
N LEU NA 83 -54.78 -0.58 -16.31
CA LEU NA 83 -53.70 0.07 -15.57
C LEU NA 83 -53.43 1.44 -16.14
N LYS NA 84 -53.42 1.56 -17.47
CA LYS NA 84 -53.26 2.86 -18.08
C LYS NA 84 -54.30 3.81 -17.51
N SER NA 85 -55.53 3.33 -17.42
CA SER NA 85 -56.62 4.11 -16.85
C SER NA 85 -56.36 4.48 -15.40
N TYR NA 86 -55.81 3.56 -14.62
CA TYR NA 86 -55.55 3.82 -13.20
C TYR NA 86 -54.46 4.86 -13.04
N LEU NA 87 -53.50 4.86 -13.96
CA LEU NA 87 -52.48 5.88 -13.94
C LEU NA 87 -53.09 7.24 -14.25
N LYS NA 88 -54.00 7.27 -15.21
CA LYS NA 88 -54.71 8.49 -15.58
C LYS NA 88 -55.56 9.03 -14.43
N MET NA 89 -56.10 8.12 -13.63
CA MET NA 89 -56.92 8.50 -12.47
C MET NA 89 -56.15 9.35 -11.48
N LYS NA 90 -54.82 9.32 -11.55
CA LYS NA 90 -54.02 10.11 -10.63
C LYS NA 90 -54.04 11.57 -11.06
N ALA NA 91 -54.59 11.81 -12.24
CA ALA NA 91 -54.81 13.16 -12.74
C ALA NA 91 -56.30 13.50 -12.64
N GLY NA 92 -57.15 12.54 -13.00
CA GLY NA 92 -58.60 12.74 -13.04
C GLY NA 92 -59.24 12.90 -11.68
N SER NA 93 -58.72 12.22 -10.67
CA SER NA 93 -59.33 12.17 -9.35
C SER NA 93 -60.67 11.49 -9.43
N ALA NA 94 -61.42 11.52 -8.34
CA ALA NA 94 -62.71 10.85 -8.31
C ALA NA 94 -62.59 9.46 -8.92
N SER NA 95 -61.56 8.72 -8.48
CA SER NA 95 -61.25 7.44 -9.09
C SER NA 95 -62.41 6.48 -8.98
N SER NA 96 -63.19 6.60 -7.93
CA SER NA 96 -64.32 5.70 -7.74
C SER NA 96 -65.21 5.69 -8.97
N ASP NA 97 -65.41 6.85 -9.58
CA ASP NA 97 -66.30 6.96 -10.72
C ASP NA 97 -65.57 6.59 -11.99
N MET NA 98 -64.32 7.00 -12.10
CA MET NA 98 -63.56 6.67 -13.29
C MET NA 98 -63.42 5.16 -13.40
N ILE NA 99 -63.17 4.51 -12.27
CA ILE NA 99 -63.00 3.07 -12.22
C ILE NA 99 -64.24 2.39 -12.72
N ALA NA 100 -65.38 2.80 -12.20
CA ALA NA 100 -66.63 2.21 -12.60
C ALA NA 100 -66.84 2.37 -14.09
N GLU NA 101 -66.54 3.56 -14.62
CA GLU NA 101 -66.78 3.82 -16.03
C GLU NA 101 -65.88 2.98 -16.93
N TYR NA 102 -64.61 2.85 -16.55
CA TYR NA 102 -63.69 2.05 -17.35
C TYR NA 102 -64.15 0.61 -17.38
N ILE NA 103 -64.57 0.11 -16.23
CA ILE NA 103 -65.06 -1.24 -16.12
C ILE NA 103 -66.36 -1.39 -16.91
N ASN NA 104 -67.25 -0.41 -16.80
CA ASN NA 104 -68.55 -0.51 -17.47
C ASN NA 104 -68.41 -0.96 -18.93
N ASN NA 105 -67.56 -0.29 -19.69
CA ASN NA 105 -67.40 -0.67 -21.10
C ASN NA 105 -66.41 -1.81 -21.27
N ALA NA 106 -65.36 -1.80 -20.46
CA ALA NA 106 -64.35 -2.84 -20.57
C ALA NA 106 -64.99 -4.21 -20.41
N ILE NA 107 -66.02 -4.29 -19.57
CA ILE NA 107 -66.77 -5.51 -19.37
C ILE NA 107 -67.92 -5.65 -20.38
N SER NA 108 -68.75 -4.61 -20.51
CA SER NA 108 -69.98 -4.70 -21.30
C SER NA 108 -69.74 -5.02 -22.76
N ALA NA 109 -68.72 -4.44 -23.35
CA ALA NA 109 -68.44 -4.70 -24.76
C ALA NA 109 -67.73 -6.03 -24.87
N PHE NA 110 -68.45 -7.08 -24.55
CA PHE NA 110 -67.85 -8.38 -24.37
C PHE NA 110 -67.00 -8.81 -25.54
N SER NA 111 -67.56 -8.74 -26.73
CA SER NA 111 -66.93 -9.30 -27.90
C SER NA 111 -65.65 -8.58 -28.31
N SER NA 112 -65.42 -7.37 -27.80
CA SER NA 112 -64.26 -6.61 -28.22
C SER NA 112 -63.37 -6.11 -27.07
N ARG NA 113 -63.93 -6.02 -25.87
CA ARG NA 113 -63.16 -5.54 -24.73
C ARG NA 113 -62.80 -6.64 -23.76
N THR NA 114 -63.51 -7.76 -23.84
CA THR NA 114 -63.24 -8.86 -22.94
C THR NA 114 -62.91 -10.09 -23.75
N GLY NA 115 -63.93 -10.72 -24.30
CA GLY NA 115 -63.77 -11.99 -25.01
C GLY NA 115 -63.62 -13.11 -23.97
N ILE NA 116 -63.71 -12.69 -22.72
CA ILE NA 116 -63.52 -13.50 -21.54
C ILE NA 116 -64.71 -13.33 -20.62
N SER NA 117 -65.00 -14.34 -19.82
CA SER NA 117 -66.12 -14.23 -18.91
C SER NA 117 -66.06 -12.95 -18.12
N GLN NA 118 -67.20 -12.27 -18.02
CA GLN NA 118 -67.27 -11.03 -17.27
C GLN NA 118 -66.86 -11.24 -15.82
N GLU NA 119 -67.09 -12.46 -15.32
CA GLU NA 119 -66.75 -12.77 -13.94
C GLU NA 119 -65.25 -12.72 -13.73
N THR NA 120 -64.51 -13.25 -14.68
CA THR NA 120 -63.07 -13.29 -14.58
C THR NA 120 -62.49 -11.95 -14.99
N ALA NA 121 -63.17 -11.27 -15.90
CA ALA NA 121 -62.74 -9.95 -16.31
C ALA NA 121 -62.80 -9.00 -15.13
N GLN NA 122 -63.87 -9.11 -14.36
CA GLN NA 122 -64.00 -8.28 -13.17
C GLN NA 122 -62.93 -8.62 -12.15
N LYS NA 123 -62.65 -9.90 -11.99
CA LYS NA 123 -61.60 -10.29 -11.06
C LYS NA 123 -60.30 -9.60 -11.44
N ILE NA 124 -59.99 -9.58 -12.73
CA ILE NA 124 -58.81 -8.89 -13.18
C ILE NA 124 -58.93 -7.40 -12.90
N ALA NA 125 -60.10 -6.83 -13.16
CA ALA NA 125 -60.29 -5.42 -12.87
C ALA NA 125 -60.00 -5.14 -11.40
N ASP NA 126 -60.35 -6.07 -10.52
CA ASP NA 126 -60.12 -5.91 -9.09
C ASP NA 126 -58.64 -6.07 -8.75
N PHE NA 127 -57.97 -7.04 -9.36
CA PHE NA 127 -56.55 -7.25 -9.14
C PHE NA 127 -55.75 -6.06 -9.61
N ILE NA 128 -56.14 -5.51 -10.75
CA ILE NA 128 -55.48 -4.34 -11.30
C ILE NA 128 -55.70 -3.14 -10.39
N THR NA 129 -56.93 -2.97 -9.90
CA THR NA 129 -57.25 -1.87 -8.99
C THR NA 129 -56.27 -1.83 -7.82
N SER NA 130 -55.94 -3.00 -7.29
CA SER NA 130 -55.06 -3.09 -6.12
C SER NA 130 -53.65 -2.56 -6.41
N ASN NA 131 -53.34 -2.35 -7.69
CA ASN NA 131 -52.03 -1.86 -8.09
C ASN NA 131 -51.92 -0.34 -7.95
N TYR NA 132 -53.02 0.30 -7.54
CA TYR NA 132 -53.10 1.74 -7.31
C TYR NA 132 -53.10 2.52 -8.61
N ARG OA 6 -37.07 46.80 -50.10
CA ARG OA 6 -37.05 45.46 -50.70
C ARG OA 6 -36.14 44.50 -49.94
N LYS OA 7 -34.84 44.76 -50.01
CA LYS OA 7 -33.85 43.83 -49.45
C LYS OA 7 -34.09 43.48 -47.99
N LEU OA 8 -34.62 44.43 -47.21
CA LEU OA 8 -34.78 44.20 -45.78
C LEU OA 8 -35.98 43.33 -45.44
N ARG OA 9 -36.79 42.97 -46.42
CA ARG OA 9 -37.90 42.06 -46.15
C ARG OA 9 -37.84 40.85 -47.07
N GLN OA 10 -37.21 41.04 -48.23
CA GLN OA 10 -37.15 40.02 -49.25
C GLN OA 10 -35.95 39.08 -49.11
N ASP OA 11 -34.78 39.62 -48.79
CA ASP OA 11 -33.55 38.84 -48.83
C ASP OA 11 -33.51 37.85 -47.70
N SER OA 12 -34.39 38.04 -46.74
CA SER OA 12 -34.49 37.18 -45.58
C SER OA 12 -34.74 35.74 -46.00
N THR OA 13 -35.30 35.57 -47.20
CA THR OA 13 -35.58 34.25 -47.71
C THR OA 13 -34.30 33.46 -47.84
N ASP OA 14 -33.25 34.11 -48.36
CA ASP OA 14 -32.00 33.42 -48.67
C ASP OA 14 -31.12 33.30 -47.45
N ARG OA 15 -31.23 34.27 -46.55
CA ARG OA 15 -30.44 34.23 -45.35
C ARG OA 15 -30.96 33.15 -44.43
N TYR OA 16 -32.29 33.09 -44.30
CA TYR OA 16 -32.92 32.04 -43.54
C TYR OA 16 -32.58 30.70 -44.19
N LYS OA 17 -32.73 30.63 -45.52
CA LYS OA 17 -32.38 29.44 -46.28
C LYS OA 17 -30.97 28.98 -45.95
N THR OA 18 -30.03 29.92 -45.96
CA THR OA 18 -28.64 29.62 -45.70
C THR OA 18 -28.48 28.76 -44.46
N LYS OA 19 -29.04 29.21 -43.34
CA LYS OA 19 -28.89 28.44 -42.12
C LYS OA 19 -29.65 27.14 -42.15
N LEU OA 20 -30.87 27.17 -42.62
CA LEU OA 20 -31.67 25.98 -42.51
C LEU OA 20 -30.98 24.84 -43.23
N TYR OA 21 -30.39 25.15 -44.37
CA TYR OA 21 -29.61 24.15 -45.08
C TYR OA 21 -28.40 23.72 -44.28
N LEU OA 22 -27.62 24.69 -43.81
CA LEU OA 22 -26.40 24.36 -43.08
C LEU OA 22 -26.68 23.58 -41.81
N TRP OA 23 -27.77 23.90 -41.13
CA TRP OA 23 -28.12 23.21 -39.92
C TRP OA 23 -28.19 21.73 -40.22
N ARG OA 24 -28.89 21.40 -41.29
CA ARG OA 24 -29.06 20.02 -41.68
C ARG OA 24 -27.78 19.44 -42.32
N ASN OA 25 -27.07 20.25 -43.08
CA ASN OA 25 -25.87 19.80 -43.79
C ASN OA 25 -24.84 19.27 -42.82
N LEU OA 26 -24.78 19.88 -41.65
CA LEU OA 26 -23.81 19.50 -40.64
C LEU OA 26 -24.21 18.21 -39.91
N GLY OA 27 -25.39 17.69 -40.27
CA GLY OA 27 -25.87 16.43 -39.71
C GLY OA 27 -25.53 15.26 -40.62
N GLY OA 28 -24.92 15.55 -41.79
CA GLY OA 28 -24.55 14.50 -42.74
C GLY OA 28 -25.77 14.02 -43.55
N LEU OA 29 -26.80 14.84 -43.61
CA LEU OA 29 -28.03 14.52 -44.31
C LEU OA 29 -27.90 14.63 -45.82
N ILE OA 30 -28.88 14.08 -46.53
CA ILE OA 30 -28.88 14.05 -47.99
C ILE OA 30 -29.16 15.44 -48.60
N PRO OA 31 -28.27 15.97 -49.46
CA PRO OA 31 -28.38 17.26 -50.13
C PRO OA 31 -29.75 17.52 -50.73
N GLU OA 32 -30.34 16.51 -51.34
CA GLU OA 32 -31.65 16.67 -51.97
C GLU OA 32 -32.76 16.82 -50.95
N ASP OA 33 -32.78 15.93 -49.96
CA ASP OA 33 -33.81 16.01 -48.92
C ASP OA 33 -33.71 17.32 -48.20
N MET OA 34 -32.48 17.77 -47.98
CA MET OA 34 -32.29 19.02 -47.29
C MET OA 34 -32.82 20.15 -48.12
N ALA OA 35 -32.44 20.19 -49.38
CA ALA OA 35 -32.89 21.28 -50.24
C ALA OA 35 -34.41 21.35 -50.22
N ILE OA 36 -35.06 20.21 -50.22
CA ILE OA 36 -36.53 20.15 -50.17
C ILE OA 36 -37.06 20.65 -48.84
N SER OA 37 -36.54 20.12 -47.74
CA SER OA 37 -37.01 20.51 -46.41
C SER OA 37 -36.80 21.98 -46.18
N VAL OA 38 -35.66 22.48 -46.63
CA VAL OA 38 -35.35 23.88 -46.47
C VAL OA 38 -36.31 24.72 -47.29
N THR OA 39 -36.51 24.35 -48.54
CA THR OA 39 -37.42 25.10 -49.40
C THR OA 39 -38.76 25.29 -48.71
N GLU OA 40 -39.29 24.22 -48.13
CA GLU OA 40 -40.57 24.33 -47.48
C GLU OA 40 -40.49 25.23 -46.26
N SER OA 41 -39.39 25.12 -45.51
CA SER OA 41 -39.18 25.94 -44.33
C SER OA 41 -39.08 27.42 -44.65
N ILE OA 42 -38.30 27.76 -45.67
CA ILE OA 42 -38.09 29.17 -46.00
C ILE OA 42 -39.37 29.76 -46.53
N THR OA 43 -40.16 28.94 -47.21
CA THR OA 43 -41.43 29.39 -47.71
C THR OA 43 -42.37 29.68 -46.57
N ALA OA 44 -42.50 28.73 -45.66
CA ALA OA 44 -43.41 28.90 -44.53
C ALA OA 44 -42.98 30.09 -43.70
N ASP OA 45 -41.69 30.19 -43.44
CA ASP OA 45 -41.16 31.28 -42.67
C ASP OA 45 -41.44 32.62 -43.31
N TRP OA 46 -40.94 32.80 -44.52
CA TRP OA 46 -41.05 34.08 -45.17
C TRP OA 46 -42.49 34.45 -45.40
N LYS OA 47 -43.27 33.52 -45.97
CA LYS OA 47 -44.65 33.78 -46.30
C LYS OA 47 -45.46 34.15 -45.08
N GLN OA 48 -45.47 33.28 -44.09
CA GLN OA 48 -46.33 33.49 -42.96
C GLN OA 48 -45.90 34.73 -42.21
N TYR OA 49 -44.60 34.88 -42.01
CA TYR OA 49 -44.12 35.99 -41.25
C TYR OA 49 -44.45 37.31 -41.91
N ASN OA 50 -43.99 37.50 -43.13
CA ASN OA 50 -44.16 38.79 -43.76
C ASN OA 50 -45.61 39.11 -44.03
N ASP OA 51 -46.42 38.11 -44.34
CA ASP OA 51 -47.81 38.40 -44.63
C ASP OA 51 -48.49 39.00 -43.41
N MET OA 52 -48.46 38.28 -42.29
CA MET OA 52 -49.10 38.73 -41.08
C MET OA 52 -48.41 39.97 -40.52
N MET OA 53 -47.09 39.93 -40.42
CA MET OA 53 -46.34 41.02 -39.84
C MET OA 53 -46.44 42.29 -40.65
N SER OA 54 -46.32 42.20 -41.97
CA SER OA 54 -46.31 43.41 -42.77
C SER OA 54 -47.63 44.11 -42.67
N LYS OA 55 -48.73 43.37 -42.72
CA LYS OA 55 -50.01 44.04 -42.66
C LYS OA 55 -50.15 44.83 -41.37
N VAL OA 56 -49.77 44.21 -40.24
CA VAL OA 56 -49.87 44.90 -38.97
C VAL OA 56 -48.84 45.99 -38.86
N ARG OA 57 -47.59 45.67 -39.15
CA ARG OA 57 -46.49 46.61 -39.04
C ARG OA 57 -46.70 47.82 -39.90
N ASN OA 58 -47.22 47.62 -41.11
CA ASN OA 58 -47.43 48.73 -42.03
C ASN OA 58 -48.51 49.65 -41.51
N GLU OA 59 -49.63 49.08 -41.09
CA GLU OA 59 -50.69 49.91 -40.54
C GLU OA 59 -50.22 50.58 -39.28
N THR OA 60 -49.45 49.84 -38.50
CA THR OA 60 -48.94 50.32 -37.24
C THR OA 60 -47.99 51.48 -37.46
N LEU OA 61 -47.08 51.30 -38.39
CA LEU OA 61 -46.10 52.32 -38.69
C LEU OA 61 -46.76 53.60 -39.20
N ASP OA 62 -47.70 53.45 -40.14
CA ASP OA 62 -48.35 54.62 -40.72
C ASP OA 62 -49.21 55.38 -39.71
N ILE OA 63 -49.94 54.65 -38.87
CA ILE OA 63 -50.79 55.27 -37.87
C ILE OA 63 -49.96 55.99 -36.82
N LEU OA 64 -48.94 55.31 -36.33
CA LEU OA 64 -48.12 55.91 -35.31
C LEU OA 64 -47.39 57.13 -35.84
N LYS OA 65 -46.93 57.07 -37.09
CA LYS OA 65 -46.27 58.22 -37.70
C LYS OA 65 -47.25 59.37 -37.84
N THR OA 66 -48.47 59.06 -38.25
CA THR OA 66 -49.52 60.06 -38.39
C THR OA 66 -49.77 60.76 -37.07
N ASN OA 67 -49.72 59.99 -35.98
CA ASN OA 67 -50.02 60.49 -34.65
C ASN OA 67 -48.79 61.09 -33.95
N LYS OA 68 -47.71 61.32 -34.70
CA LYS OA 68 -46.50 61.97 -34.19
C LYS OA 68 -45.79 61.14 -33.13
N VAL OA 69 -45.75 59.85 -33.33
CA VAL OA 69 -45.05 58.93 -32.47
C VAL OA 69 -43.56 58.92 -32.82
N ALA OA 70 -42.69 59.05 -31.80
CA ALA OA 70 -41.24 59.11 -32.03
C ALA OA 70 -40.75 57.73 -32.38
N THR OA 71 -39.63 57.63 -33.09
CA THR OA 71 -39.16 56.33 -33.55
C THR OA 71 -38.88 55.36 -32.42
N GLU OA 72 -38.47 55.89 -31.27
CA GLU OA 72 -38.21 55.07 -30.10
C GLU OA 72 -39.47 54.59 -29.43
N ASP OA 73 -40.61 55.10 -29.87
CA ASP OA 73 -41.88 54.73 -29.27
C ASP OA 73 -42.53 53.56 -30.03
N TYR OA 74 -42.20 53.42 -31.31
CA TYR OA 74 -42.85 52.43 -32.15
C TYR OA 74 -42.73 51.03 -31.56
N ILE OA 75 -41.57 50.68 -31.01
CA ILE OA 75 -41.42 49.36 -30.38
C ILE OA 75 -42.56 48.98 -29.48
N GLY OA 76 -43.02 49.89 -28.66
CA GLY OA 76 -44.05 49.51 -27.72
C GLY OA 76 -45.30 49.20 -28.48
N TYR OA 77 -45.62 50.08 -29.41
CA TYR OA 77 -46.85 49.97 -30.13
C TYR OA 77 -46.83 48.86 -31.14
N ILE OA 78 -45.65 48.54 -31.65
CA ILE OA 78 -45.48 47.43 -32.57
C ILE OA 78 -45.51 46.11 -31.82
N ALA OA 79 -44.79 46.02 -30.72
CA ALA OA 79 -44.81 44.80 -29.92
C ALA OA 79 -46.26 44.50 -29.52
N PHE OA 80 -46.98 45.55 -29.11
CA PHE OA 80 -48.41 45.41 -28.87
C PHE OA 80 -49.14 45.13 -30.16
N ALA OA 81 -48.78 45.82 -31.23
CA ALA OA 81 -49.51 45.67 -32.46
C ALA OA 81 -49.65 44.22 -32.85
N GLU OA 82 -48.56 43.49 -32.78
CA GLU OA 82 -48.60 42.11 -33.16
C GLU OA 82 -49.28 41.29 -32.07
N GLU OA 83 -48.87 41.46 -30.82
CA GLU OA 83 -49.50 40.69 -29.75
C GLU OA 83 -51.01 40.81 -29.82
N LEU OA 84 -51.48 42.04 -29.95
CA LEU OA 84 -52.91 42.32 -30.01
C LEU OA 84 -53.52 41.71 -31.24
N ALA OA 85 -52.86 41.88 -32.38
CA ALA OA 85 -53.35 41.36 -33.63
C ALA OA 85 -53.53 39.85 -33.56
N HIS OA 86 -52.63 39.19 -32.86
CA HIS OA 86 -52.71 37.75 -32.69
C HIS OA 86 -53.89 37.39 -31.82
N GLN OA 87 -54.10 38.13 -30.74
CA GLN OA 87 -55.25 37.91 -29.89
C GLN OA 87 -56.54 38.12 -30.69
N VAL OA 88 -56.51 39.06 -31.64
CA VAL OA 88 -57.68 39.28 -32.49
C VAL OA 88 -58.01 38.01 -33.27
N TRP OA 89 -57.00 37.39 -33.87
CA TRP OA 89 -57.24 36.13 -34.57
C TRP OA 89 -57.74 35.09 -33.61
N LYS OA 90 -57.08 34.98 -32.47
CA LYS OA 90 -57.42 33.98 -31.48
C LYS OA 90 -58.89 34.01 -31.21
N ASN OA 91 -59.44 35.21 -31.05
CA ASN OA 91 -60.84 35.38 -30.77
C ASN OA 91 -61.69 35.12 -32.01
N LYS OA 92 -61.29 35.63 -33.16
CA LYS OA 92 -62.07 35.39 -34.37
C LYS OA 92 -62.21 33.89 -34.62
N ASN OA 93 -61.17 33.14 -34.25
CA ASN OA 93 -61.16 31.70 -34.40
C ASN OA 93 -61.91 30.97 -33.26
N SER OA 94 -61.63 31.33 -32.01
CA SER OA 94 -62.10 30.54 -30.87
C SER OA 94 -63.33 31.06 -30.12
N SER OA 95 -63.64 32.35 -30.24
CA SER OA 95 -64.68 32.92 -29.38
C SER OA 95 -65.85 33.50 -30.20
N PRO OA 96 -67.02 33.68 -29.56
CA PRO OA 96 -68.18 34.41 -30.06
C PRO OA 96 -67.82 35.85 -30.40
N ASP OA 97 -68.47 36.41 -31.41
CA ASP OA 97 -68.21 37.79 -31.80
C ASP OA 97 -68.20 38.77 -30.60
N PRO OA 98 -69.19 38.71 -29.66
CA PRO OA 98 -69.25 39.53 -28.45
C PRO OA 98 -67.99 39.41 -27.61
N ASN OA 99 -67.33 38.26 -27.66
CA ASN OA 99 -66.11 38.06 -26.88
C ASN OA 99 -64.94 38.63 -27.61
N THR OA 100 -64.99 38.63 -28.93
CA THR OA 100 -63.92 39.24 -29.71
C THR OA 100 -63.90 40.73 -29.41
N ALA OA 101 -65.09 41.34 -29.45
CA ALA OA 101 -65.22 42.75 -29.16
C ALA OA 101 -64.82 43.04 -27.71
N ASN OA 102 -65.30 42.21 -26.78
CA ASN OA 102 -65.00 42.41 -25.38
C ASN OA 102 -63.51 42.29 -25.13
N GLU OA 103 -62.92 41.21 -25.61
CA GLU OA 103 -61.52 40.97 -25.41
C GLU OA 103 -60.68 42.11 -25.96
N ALA OA 104 -61.04 42.61 -27.14
CA ALA OA 104 -60.26 43.69 -27.70
C ALA OA 104 -60.20 44.87 -26.74
N SER OA 105 -61.36 45.23 -26.17
CA SER OA 105 -61.43 46.33 -25.22
C SER OA 105 -60.73 46.01 -23.90
N LYS OA 106 -60.91 44.79 -23.42
CA LYS OA 106 -60.31 44.38 -22.16
C LYS OA 106 -58.80 44.29 -22.28
N THR OA 107 -58.32 43.88 -23.46
CA THR OA 107 -56.90 43.82 -23.71
C THR OA 107 -56.32 45.20 -23.78
N ASP OA 108 -57.00 46.12 -24.45
CA ASP OA 108 -56.53 47.49 -24.44
C ASP OA 108 -56.31 47.92 -22.99
N LEU OA 109 -57.27 47.58 -22.13
CA LEU OA 109 -57.09 47.87 -20.71
C LEU OA 109 -55.87 47.15 -20.16
N GLU OA 110 -55.75 45.84 -20.43
CA GLU OA 110 -54.61 45.06 -19.94
C GLU OA 110 -53.30 45.71 -20.30
N SER OA 111 -53.20 46.20 -21.52
CA SER OA 111 -51.99 46.79 -22.05
C SER OA 111 -51.49 47.94 -21.18
N LYS OA 112 -52.36 48.46 -20.31
CA LYS OA 112 -52.02 49.52 -19.39
C LYS OA 112 -50.89 49.11 -18.45
N TYR OA 113 -50.64 47.80 -18.35
CA TYR OA 113 -49.52 47.30 -17.56
C TYR OA 113 -48.23 47.96 -18.02
N SER OA 114 -48.21 48.37 -19.28
CA SER OA 114 -47.06 49.03 -19.86
C SER OA 114 -47.33 50.51 -20.02
N ASP OA 115 -46.28 51.29 -19.82
CA ASP OA 115 -46.31 52.74 -19.99
C ASP OA 115 -46.67 53.15 -21.41
N VAL OA 116 -46.54 52.21 -22.32
CA VAL OA 116 -46.81 52.39 -23.71
C VAL OA 116 -48.27 52.67 -24.00
N TYR OA 117 -49.14 51.94 -23.32
CA TYR OA 117 -50.55 51.97 -23.64
C TYR OA 117 -51.18 53.36 -23.59
N GLY OA 118 -51.98 53.65 -24.61
CA GLY OA 118 -52.72 54.89 -24.71
C GLY OA 118 -53.60 54.87 -25.96
N LEU OA 119 -54.13 56.03 -26.33
CA LEU OA 119 -55.01 56.14 -27.50
C LEU OA 119 -54.44 55.41 -28.70
N ASP OA 120 -53.14 55.54 -28.91
CA ASP OA 120 -52.50 54.91 -30.05
C ASP OA 120 -52.85 53.43 -30.13
N VAL OA 121 -52.87 52.75 -28.98
CA VAL OA 121 -53.15 51.34 -28.97
C VAL OA 121 -54.60 51.05 -29.32
N THR OA 122 -55.50 51.82 -28.73
CA THR OA 122 -56.92 51.59 -28.97
C THR OA 122 -57.26 51.80 -30.44
N VAL OA 123 -56.63 52.80 -31.06
CA VAL OA 123 -56.82 53.05 -32.47
C VAL OA 123 -56.31 51.88 -33.29
N LEU OA 124 -55.10 51.46 -33.00
CA LEU OA 124 -54.47 50.39 -33.74
C LEU OA 124 -55.27 49.09 -33.68
N ASP OA 125 -55.76 48.73 -32.51
CA ASP OA 125 -56.46 47.47 -32.41
C ASP OA 125 -57.75 47.50 -33.20
N ALA OA 126 -58.46 48.63 -33.14
CA ALA OA 126 -59.70 48.75 -33.89
C ALA OA 126 -59.43 48.48 -35.36
N ILE OA 127 -58.30 48.98 -35.85
CA ILE OA 127 -57.91 48.76 -37.24
C ILE OA 127 -57.65 47.28 -37.50
N TYR OA 128 -56.87 46.64 -36.63
CA TYR OA 128 -56.54 45.24 -36.84
C TYR OA 128 -57.80 44.39 -36.93
N ASN OA 129 -58.74 44.65 -36.02
CA ASN OA 129 -59.97 43.87 -35.98
C ASN OA 129 -60.76 44.03 -37.27
N ALA OA 130 -60.85 45.26 -37.74
CA ALA OA 130 -61.62 45.58 -38.93
C ALA OA 130 -60.88 45.24 -40.23
N VAL OA 131 -59.55 45.25 -40.21
CA VAL OA 131 -58.81 45.20 -41.46
C VAL OA 131 -57.99 43.94 -41.75
N ILE OA 132 -57.28 43.41 -40.75
CA ILE OA 132 -56.23 42.46 -41.07
C ILE OA 132 -56.56 40.99 -40.76
N PRO OA 133 -56.46 40.08 -41.75
CA PRO OA 133 -56.66 38.65 -41.65
C PRO OA 133 -55.43 37.99 -41.03
N ILE OA 134 -55.26 38.21 -39.74
CA ILE OA 134 -54.07 37.78 -38.99
C ILE OA 134 -53.88 36.27 -38.96
N ILE OA 135 -52.63 35.85 -39.18
CA ILE OA 135 -52.24 34.45 -39.12
C ILE OA 135 -51.86 34.07 -37.68
N MET OA 136 -52.41 32.96 -37.20
CA MET OA 136 -52.08 32.44 -35.88
C MET OA 136 -52.64 31.03 -35.71
N ARG PA 7 -39.92 9.51 -16.33
CA ARG PA 7 -39.34 9.96 -17.59
C ARG PA 7 -38.81 11.41 -17.50
N GLN PA 8 -39.65 12.34 -17.06
CA GLN PA 8 -39.29 13.76 -17.00
C GLN PA 8 -38.32 14.07 -15.88
N ASP PA 9 -38.01 13.06 -15.10
CA ASP PA 9 -37.09 13.18 -13.99
C ASP PA 9 -35.64 13.27 -14.44
N SER PA 10 -35.34 12.74 -15.65
CA SER PA 10 -33.97 12.80 -16.13
C SER PA 10 -33.82 12.83 -17.64
N LYS PA 11 -34.80 12.30 -18.36
CA LYS PA 11 -34.63 12.11 -19.79
C LYS PA 11 -34.44 13.46 -20.51
N ASP PA 12 -34.90 14.53 -19.89
CA ASP PA 12 -34.89 15.82 -20.57
C ASP PA 12 -33.48 16.32 -20.76
N ARG PA 13 -32.73 16.43 -19.68
CA ARG PA 13 -31.38 16.94 -19.77
C ARG PA 13 -30.50 16.01 -20.60
N TYR PA 14 -30.74 14.71 -20.52
CA TYR PA 14 -29.92 13.77 -21.26
C TYR PA 14 -30.05 13.96 -22.76
N GLN PA 15 -31.28 14.03 -23.23
CA GLN PA 15 -31.49 14.14 -24.65
C GLN PA 15 -31.40 15.57 -25.14
N TYR PA 16 -31.84 16.50 -24.33
CA TYR PA 16 -31.76 17.86 -24.76
C TYR PA 16 -30.32 18.18 -25.14
N LYS PA 17 -29.37 17.73 -24.31
CA LYS PA 17 -27.97 17.91 -24.67
C LYS PA 17 -27.69 17.30 -26.05
N GLN PA 18 -28.20 16.10 -26.30
CA GLN PA 18 -28.02 15.47 -27.60
C GLN PA 18 -28.55 16.33 -28.72
N TYR PA 19 -29.69 16.96 -28.50
CA TYR PA 19 -30.25 17.85 -29.51
C TYR PA 19 -29.28 18.91 -29.91
N ILE PA 20 -28.76 19.62 -28.94
CA ILE PA 20 -27.89 20.72 -29.24
C ILE PA 20 -26.67 20.24 -29.99
N TYR PA 21 -26.10 19.13 -29.53
CA TYR PA 21 -24.94 18.60 -30.20
C TYR PA 21 -25.21 18.51 -31.70
N ARG PA 22 -26.38 17.96 -32.04
CA ARG PA 22 -26.79 17.85 -33.44
C ARG PA 22 -26.86 19.23 -34.12
N SER PA 23 -27.47 20.21 -33.44
CA SER PA 23 -27.58 21.56 -33.99
C SER PA 23 -26.25 22.24 -34.20
N ILE PA 24 -25.32 22.00 -33.28
CA ILE PA 24 -24.01 22.59 -33.38
C ILE PA 24 -23.33 22.13 -34.67
N GLY PA 25 -23.41 20.83 -34.91
CA GLY PA 25 -22.90 20.27 -36.15
C GLY PA 25 -21.61 19.49 -35.96
N GLY PA 26 -21.36 18.52 -36.85
CA GLY PA 26 -20.20 17.65 -36.73
C GLY PA 26 -18.91 18.34 -37.16
N ILE PA 27 -19.02 19.57 -37.63
CA ILE PA 27 -17.86 20.34 -38.07
C ILE PA 27 -17.19 21.06 -36.91
N VAL PA 28 -17.89 21.14 -35.79
CA VAL PA 28 -17.38 21.89 -34.65
C VAL PA 28 -16.64 20.94 -33.68
N PRO PA 29 -15.36 21.24 -33.37
CA PRO PA 29 -14.52 20.47 -32.48
C PRO PA 29 -15.25 20.25 -31.14
N PRO PA 30 -15.05 19.06 -30.52
CA PRO PA 30 -15.75 18.58 -29.33
C PRO PA 30 -15.56 19.49 -28.12
N GLU PA 31 -14.45 20.22 -28.06
CA GLU PA 31 -14.20 21.13 -26.96
C GLU PA 31 -15.17 22.30 -27.00
N MET PA 32 -15.80 22.48 -28.14
CA MET PA 32 -16.83 23.47 -28.29
C MET PA 32 -18.18 22.80 -28.36
N ALA PA 33 -18.26 21.69 -29.08
CA ALA PA 33 -19.56 21.07 -29.28
C ALA PA 33 -20.19 20.64 -27.96
N GLU PA 34 -19.44 19.93 -27.13
CA GLU PA 34 -19.99 19.43 -25.88
C GLU PA 34 -20.09 20.52 -24.82
N THR PA 35 -19.10 21.39 -24.77
CA THR PA 35 -19.04 22.39 -23.72
C THR PA 35 -20.16 23.40 -23.89
N VAL PA 36 -20.45 23.75 -25.13
CA VAL PA 36 -21.56 24.64 -25.43
C VAL PA 36 -22.87 23.94 -25.13
N THR PA 37 -22.97 22.69 -25.56
CA THR PA 37 -24.15 21.89 -25.31
C THR PA 37 -24.49 21.83 -23.84
N ALA PA 38 -23.52 21.49 -23.03
CA ALA PA 38 -23.76 21.34 -21.60
C ALA PA 38 -24.22 22.64 -20.99
N ASN PA 39 -23.63 23.75 -21.43
CA ASN PA 39 -23.99 25.05 -20.89
C ASN PA 39 -25.41 25.42 -21.24
N GLN PA 40 -25.76 25.27 -22.51
CA GLN PA 40 -27.08 25.62 -22.98
C GLN PA 40 -28.13 24.78 -22.29
N THR PA 41 -27.81 23.51 -22.07
CA THR PA 41 -28.73 22.61 -21.38
C THR PA 41 -28.98 23.10 -19.98
N ALA PA 42 -27.92 23.47 -19.27
CA ALA PA 42 -28.08 23.96 -17.91
C ALA PA 42 -29.05 25.12 -17.89
N GLN PA 43 -28.96 25.99 -18.91
CA GLN PA 43 -29.90 27.09 -19.01
C GLN PA 43 -31.30 26.59 -19.26
N TRP PA 44 -31.44 25.50 -20.03
CA TRP PA 44 -32.76 24.93 -20.28
C TRP PA 44 -33.35 24.46 -18.98
N GLU PA 45 -32.56 23.75 -18.21
CA GLU PA 45 -33.06 23.21 -16.96
C GLU PA 45 -33.57 24.32 -16.05
N ALA PA 46 -32.73 25.36 -15.87
CA ALA PA 46 -33.07 26.47 -15.00
C ALA PA 46 -34.24 27.28 -15.53
N GLY PA 47 -34.22 27.54 -16.84
CA GLY PA 47 -35.24 28.34 -17.49
C GLY PA 47 -36.59 27.66 -17.51
N PHE PA 48 -36.56 26.36 -17.78
CA PHE PA 48 -37.74 25.53 -17.89
C PHE PA 48 -38.46 25.33 -16.56
N THR PA 49 -37.69 24.95 -15.55
CA THR PA 49 -38.24 24.58 -14.25
C THR PA 49 -39.39 25.48 -13.74
N PRO PA 50 -39.26 26.82 -13.65
CA PRO PA 50 -40.27 27.73 -13.14
C PRO PA 50 -41.65 27.46 -13.72
N TYR PA 51 -41.71 27.17 -15.01
CA TYR PA 51 -42.98 26.94 -15.66
C TYR PA 51 -43.45 25.53 -15.40
N HIS PA 52 -42.50 24.63 -15.30
CA HIS PA 52 -42.79 23.25 -15.02
C HIS PA 52 -43.44 23.15 -13.65
N LYS PA 53 -42.89 23.89 -12.68
CA LYS PA 53 -43.45 23.91 -11.34
C LYS PA 53 -44.88 24.37 -11.34
N LEU PA 54 -45.16 25.43 -12.11
CA LEU PA 54 -46.53 25.93 -12.22
C LEU PA 54 -47.46 24.87 -12.76
N ARG PA 55 -47.06 24.22 -13.84
CA ARG PA 55 -47.90 23.21 -14.47
C ARG PA 55 -48.21 22.08 -13.51
N LEU PA 56 -47.21 21.64 -12.76
CA LEU PA 56 -47.41 20.58 -11.80
C LEU PA 56 -48.34 21.04 -10.69
N ALA PA 57 -48.16 22.27 -10.23
CA ALA PA 57 -49.02 22.83 -9.19
C ALA PA 57 -50.46 22.91 -9.68
N ILE PA 58 -50.64 23.33 -10.93
CA ILE PA 58 -51.97 23.46 -11.52
C ILE PA 58 -52.67 22.12 -11.53
N LYS PA 59 -51.96 21.07 -11.94
CA LYS PA 59 -52.52 19.75 -11.94
C LYS PA 59 -53.15 19.42 -10.59
N GLU PA 60 -52.39 19.66 -9.53
CA GLU PA 60 -52.87 19.38 -8.18
C GLU PA 60 -54.04 20.27 -7.78
N ILE PA 61 -54.03 21.53 -8.24
CA ILE PA 61 -55.12 22.43 -7.89
C ILE PA 61 -56.42 21.92 -8.46
N CYS PA 62 -56.41 21.49 -9.71
CA CYS PA 62 -57.64 21.00 -10.31
C CYS PA 62 -58.17 19.78 -9.61
N LYS PA 63 -57.28 18.86 -9.22
CA LYS PA 63 -57.73 17.70 -8.46
C LYS PA 63 -58.31 18.13 -7.13
N THR PA 64 -57.67 19.10 -6.49
CA THR PA 64 -58.11 19.62 -5.20
C THR PA 64 -59.50 20.23 -5.31
N ASP PA 65 -59.69 21.04 -6.36
CA ASP PA 65 -60.95 21.70 -6.61
C ASP PA 65 -62.01 20.70 -7.08
N GLY PA 66 -61.57 19.66 -7.79
CA GLY PA 66 -62.50 18.67 -8.33
C GLY PA 66 -63.09 19.18 -9.63
N ILE PA 67 -62.21 19.74 -10.45
CA ILE PA 67 -62.62 20.37 -11.69
C ILE PA 67 -61.98 19.67 -12.92
N PRO PA 68 -62.52 19.88 -14.14
CA PRO PA 68 -62.22 19.20 -15.39
C PRO PA 68 -60.74 19.13 -15.76
N ASN PA 69 -60.31 17.99 -16.31
CA ASN PA 69 -58.94 17.79 -16.77
C ASN PA 69 -58.71 18.51 -18.08
N ILE PA 70 -59.72 18.53 -18.94
CA ILE PA 70 -59.52 19.13 -20.26
C ILE PA 70 -59.13 20.57 -20.16
N LYS PA 71 -59.64 21.23 -19.13
CA LYS PA 71 -59.45 22.64 -18.96
C LYS PA 71 -58.02 22.98 -18.56
N TRP PA 72 -57.21 21.95 -18.34
CA TRP PA 72 -55.81 22.17 -18.08
C TRP PA 72 -55.16 22.89 -19.23
N GLY PA 73 -55.65 22.68 -20.44
CA GLY PA 73 -55.09 23.38 -21.57
C GLY PA 73 -55.09 24.88 -21.27
N MET PA 74 -56.16 25.36 -20.63
CA MET PA 74 -56.27 26.77 -20.30
C MET PA 74 -55.72 27.12 -18.94
N TYR PA 75 -55.88 26.23 -17.95
CA TYR PA 75 -55.32 26.55 -16.65
C TYR PA 75 -53.82 26.73 -16.83
N ILE PA 76 -53.23 25.87 -17.65
CA ILE PA 76 -51.83 25.94 -17.97
C ILE PA 76 -51.52 27.19 -18.78
N ALA PA 77 -52.24 27.39 -19.88
CA ALA PA 77 -52.00 28.58 -20.71
C ALA PA 77 -52.11 29.86 -19.89
N PHE PA 78 -53.13 29.91 -19.06
CA PHE PA 78 -53.40 31.04 -18.21
C PHE PA 78 -52.23 31.26 -17.25
N GLY PA 79 -51.84 30.19 -16.56
CA GLY PA 79 -50.75 30.25 -15.60
C GLY PA 79 -49.44 30.66 -16.26
N GLU PA 80 -49.11 29.99 -17.37
CA GLU PA 80 -47.86 30.25 -18.08
C GLU PA 80 -47.81 31.68 -18.58
N LYS PA 81 -48.92 32.18 -19.12
CA LYS PA 81 -48.97 33.54 -19.61
C LYS PA 81 -48.70 34.50 -18.47
N LEU PA 82 -49.34 34.27 -17.34
CA LEU PA 82 -49.14 35.15 -16.22
C LEU PA 82 -47.72 35.09 -15.72
N LEU PA 83 -47.11 33.91 -15.65
CA LEU PA 83 -45.74 33.88 -15.16
C LEU PA 83 -44.85 34.73 -16.06
N LYS PA 84 -45.03 34.64 -17.37
CA LYS PA 84 -44.26 35.49 -18.26
C LYS PA 84 -44.45 36.94 -17.85
N SER PA 85 -45.69 37.30 -17.55
CA SER PA 85 -46.02 38.64 -17.10
C SER PA 85 -45.31 38.98 -15.79
N TYR PA 86 -45.25 38.03 -14.86
CA TYR PA 86 -44.60 38.28 -13.58
C TYR PA 86 -43.12 38.47 -13.74
N LEU PA 87 -42.54 37.78 -14.70
CA LEU PA 87 -41.12 37.97 -14.98
C LEU PA 87 -40.90 39.37 -15.55
N LYS PA 88 -41.81 39.81 -16.42
CA LYS PA 88 -41.74 41.15 -17.00
C LYS PA 88 -41.89 42.23 -15.94
N MET PA 89 -42.68 41.96 -14.92
CA MET PA 89 -42.90 42.89 -13.81
C MET PA 89 -41.61 43.25 -13.10
N LYS PA 90 -40.58 42.42 -13.26
CA LYS PA 90 -39.31 42.69 -12.61
C LYS PA 90 -38.57 43.79 -13.36
N ALA PA 91 -39.11 44.15 -14.51
CA ALA PA 91 -38.61 45.28 -15.29
C ALA PA 91 -39.58 46.45 -15.14
N GLY PA 92 -40.88 46.15 -15.22
CA GLY PA 92 -41.94 47.16 -15.19
C GLY PA 92 -42.11 47.87 -13.86
N SER PA 93 -41.87 47.15 -12.76
CA SER PA 93 -42.12 47.67 -11.43
C SER PA 93 -43.60 47.92 -11.25
N ALA PA 94 -43.98 48.53 -10.14
CA ALA PA 94 -45.38 48.78 -9.86
C ALA PA 94 -46.19 47.52 -10.14
N SER PA 95 -45.71 46.39 -9.63
CA SER PA 95 -46.31 45.11 -9.97
C SER PA 95 -47.75 45.06 -9.56
N SER PA 96 -48.11 45.76 -8.50
CA SER PA 96 -49.48 45.74 -8.03
C SER PA 96 -50.45 46.11 -9.15
N ASP PA 97 -50.05 47.06 -10.00
CA ASP PA 97 -50.92 47.52 -11.06
C ASP PA 97 -50.80 46.62 -12.27
N MET PA 98 -49.59 46.17 -12.55
CA MET PA 98 -49.40 45.30 -13.69
C MET PA 98 -50.17 44.00 -13.48
N ILE PA 99 -50.12 43.49 -12.25
CA ILE PA 99 -50.80 42.26 -11.89
C ILE PA 99 -52.27 42.40 -12.13
N ALA PA 100 -52.85 43.48 -11.62
CA ALA PA 100 -54.26 43.70 -11.79
C ALA PA 100 -54.62 43.75 -13.26
N GLU PA 101 -53.81 44.44 -14.06
CA GLU PA 101 -54.14 44.58 -15.47
C GLU PA 101 -54.06 43.27 -16.23
N TYR PA 102 -53.06 42.46 -15.93
CA TYR PA 102 -52.93 41.17 -16.59
C TYR PA 102 -54.12 40.31 -16.27
N ILE PA 103 -54.51 40.31 -15.00
CA ILE PA 103 -55.66 39.55 -14.55
C ILE PA 103 -56.93 40.10 -15.19
N ASN PA 104 -57.07 41.43 -15.23
CA ASN PA 104 -58.29 42.03 -15.78
C ASN PA 104 -58.71 41.40 -17.09
N ASN PA 105 -57.81 41.31 -18.05
CA ASN PA 105 -58.16 40.72 -19.33
C ASN PA 105 -58.06 39.21 -19.32
N ALA PA 106 -57.05 38.69 -18.61
CA ALA PA 106 -56.86 37.26 -18.56
C ALA PA 106 -58.13 36.59 -18.07
N ILE PA 107 -58.83 37.25 -17.14
CA ILE PA 107 -60.09 36.76 -16.61
C ILE PA 107 -61.28 37.19 -17.48
N SER PA 108 -61.37 38.49 -17.78
CA SER PA 108 -62.56 39.05 -18.44
C SER PA 108 -62.84 38.45 -19.80
N ALA PA 109 -61.81 38.22 -20.59
CA ALA PA 109 -62.01 37.66 -21.91
C ALA PA 109 -62.21 36.17 -21.78
N PHE PA 110 -63.33 35.81 -21.17
CA PHE PA 110 -63.55 34.45 -20.74
C PHE PA 110 -63.33 33.44 -21.85
N SER PA 111 -63.98 33.68 -22.98
CA SER PA 111 -64.03 32.69 -24.04
C SER PA 111 -62.67 32.44 -24.71
N SER PA 112 -61.71 33.32 -24.48
CA SER PA 112 -60.42 33.18 -25.15
C SER PA 112 -59.20 33.21 -24.23
N ARG PA 113 -59.36 33.77 -23.03
CA ARG PA 113 -58.25 33.85 -22.10
C ARG PA 113 -58.41 32.89 -20.93
N THR PA 114 -59.63 32.43 -20.69
CA THR PA 114 -59.87 31.51 -19.60
C THR PA 114 -60.46 30.23 -20.14
N GLY PA 115 -61.74 30.26 -20.45
CA GLY PA 115 -62.48 29.07 -20.86
C GLY PA 115 -62.79 28.24 -19.63
N ILE PA 116 -62.38 28.80 -18.49
CA ILE PA 116 -62.47 28.21 -17.17
C ILE PA 116 -63.13 29.18 -16.23
N SER PA 117 -63.78 28.66 -15.21
CA SER PA 117 -64.44 29.54 -14.25
C SER PA 117 -63.50 30.62 -13.78
N GLN PA 118 -64.01 31.85 -13.75
CA GLN PA 118 -63.22 32.98 -13.30
C GLN PA 118 -62.74 32.76 -11.88
N GLU PA 119 -63.51 32.00 -11.10
CA GLU PA 119 -63.15 31.75 -9.71
C GLU PA 119 -61.88 30.92 -9.63
N THR PA 120 -61.78 29.93 -10.50
CA THR PA 120 -60.63 29.05 -10.49
C THR PA 120 -59.48 29.71 -11.23
N ALA PA 121 -59.81 30.54 -12.21
CA ALA PA 121 -58.80 31.25 -12.95
C ALA PA 121 -58.08 32.20 -12.02
N GLN PA 122 -58.85 32.87 -11.15
CA GLN PA 122 -58.26 33.77 -10.19
C GLN PA 122 -57.39 33.00 -9.21
N LYS PA 123 -57.86 31.83 -8.77
CA LYS PA 123 -57.06 31.03 -7.86
C LYS PA 123 -55.72 30.74 -8.49
N ILE PA 124 -55.70 30.40 -9.77
CA ILE PA 124 -54.45 30.18 -10.46
C ILE PA 124 -53.65 31.47 -10.50
N ALA PA 125 -54.30 32.58 -10.80
CA ALA PA 125 -53.60 33.86 -10.81
C ALA PA 125 -52.91 34.10 -9.46
N ASP PA 126 -53.56 33.69 -8.38
CA ASP PA 126 -53.01 33.87 -7.04
C ASP PA 126 -51.84 32.92 -6.79
N PHE PA 127 -51.99 31.66 -7.22
CA PHE PA 127 -50.93 30.69 -7.06
C PHE PA 127 -49.70 31.08 -7.86
N ILE PA 128 -49.92 31.59 -9.05
CA ILE PA 128 -48.83 32.04 -9.90
C ILE PA 128 -48.15 33.25 -9.27
N THR PA 129 -48.94 34.19 -8.73
CA THR PA 129 -48.39 35.37 -8.08
C THR PA 129 -47.36 34.99 -7.02
N SER PA 130 -47.65 33.93 -6.27
CA SER PA 130 -46.79 33.49 -5.18
C SER PA 130 -45.41 33.02 -5.68
N ASN PA 131 -45.29 32.84 -7.00
CA ASN PA 131 -44.04 32.38 -7.60
C ASN PA 131 -43.07 33.53 -7.81
N TYR PA 132 -43.50 34.76 -7.46
CA TYR PA 132 -42.70 35.97 -7.57
C TYR PA 132 -42.50 36.42 -9.01
#